data_8FXP
#
_entry.id   8FXP
#
_cell.length_a   1.00
_cell.length_b   1.00
_cell.length_c   1.00
_cell.angle_alpha   90.00
_cell.angle_beta   90.00
_cell.angle_gamma   90.00
#
_symmetry.space_group_name_H-M   'P 1'
#
loop_
_entity.id
_entity.type
_entity.pdbx_description
1 polymer 'Linking protein 1, gp16'
2 polymer 'Minor capsid protein, gp10'
3 polymer 'Linking protein 2, gp128'
4 polymer 'Major capsid protein, gp9'
#
loop_
_entity_poly.entity_id
_entity_poly.type
_entity_poly.pdbx_seq_one_letter_code
_entity_poly.pdbx_strand_id
1 'polypeptide(L)'
;MDCRNLCGAAAPSRLVQPGCFICRGVAVSIPPAAPGPATSVFDTPPSTFSLRPDGTIIAGTGIRGDHASVGTDGTIEMFI
VPFIGDVTGSELTHPYAVELQDGEELAIAFGVTLKSGYGARITEYYDVSLFLENGGNSKELTLQPANTKSGYVWSDGHGY
NITDSDGDLHTVQNVTRPVWFEMTEPGIVGVIMEARYKATGLVSSSISITVNVTYAD
;
0,f,0A,0B,0C,0D
2 'polypeptide(L)'
;MNFNVGVDFPSFIAWDGEESFPVKVDGFNQFGFTFKTIAALTAATTFNIFYHEPSDADPCVPGPAIRVPEVPFCDTVLLS
EDGLAAVTLPETVTPDSFCAGTVPCMNGQWISIAPATGSETNAANVQITVTMKGATR
;
1,2,3,4,5,6,7,8,9,l,m,p,q,s,t,u,v,z,0E,0F,AD,AE,AH,AI,AK,AL,AM,AN,0G,0H
3 'polypeptide(L)' MVKLNCRPLCQAPTASRLVSPPCFICRGVAPSAPVTPG a,b,c,d,e,AO,AP,AR,AS,AQ,AT
4 'polypeptide(L)'
;MANKESELNGLDDIHSDIEKLSAHVEKFSDGMDEKYKELTARFDGVKGDNDAIRKAVADATKEYAELSAKHQFFTEELAA
MKARLDTPIMRSQAELDDHDRKTAIQLQRNMHEFRGGDPKEFVADESNLVDLKAYRSAVRKMLKVGIESKERVIASMTDV
ERKAFEASTIGPAFFTPQVLALEVDCNIECASLLDLYGQIEVSRSTFTYMKIADYGQLGEYTCDAKCDAEFGEPGNIRHL
EGKTYDYRGVFCFNRKNLQEANYDFLSFMIGAAQRSHRINRNQALMIGKGVNEPKGWLTENCFPVFQTLPVDVNGTSTPA
FLAQDWRRFVTSFPAEYGEARSVMHQNVFGYLAAMVDANGRFLFGDGDLTFTPDLVRERIRISNCLPDPTEGNTKGGTGQ
DAFAAGSFVAAQAAWKTAFYAVEKRPMFFEQYEGGSSAWCVKYQFGAEDGGFVGCCEHGRILQIG
;
g,h,i,j,k,n,o,r,w,x,y,AA,AB,AC,AF,AG,AJ
#
# COMPACT_ATOMS: atom_id res chain seq x y z
N MET A 1 97.76 -36.27 30.99
CA MET A 1 98.80 -35.59 31.76
C MET A 1 99.48 -34.52 30.91
N ASP A 2 99.41 -34.68 29.60
CA ASP A 2 100.08 -33.79 28.66
C ASP A 2 99.12 -32.70 28.17
N CYS A 3 99.70 -31.61 27.68
CA CYS A 3 98.98 -30.57 26.97
C CYS A 3 99.96 -29.84 26.06
N ARG A 4 99.42 -29.20 25.03
CA ARG A 4 100.22 -28.51 24.02
C ARG A 4 99.71 -27.09 23.86
N ASN A 5 100.56 -26.21 23.33
CA ASN A 5 100.23 -24.80 23.29
C ASN A 5 100.99 -24.10 22.17
N LEU A 6 100.66 -22.82 22.00
CA LEU A 6 100.96 -21.99 20.85
C LEU A 6 101.09 -20.54 21.31
N CYS A 7 100.74 -19.60 20.41
CA CYS A 7 100.51 -18.22 20.82
C CYS A 7 101.75 -17.43 21.22
N GLY A 8 102.49 -16.93 20.24
CA GLY A 8 103.66 -16.14 20.54
C GLY A 8 104.50 -15.79 19.32
N ALA A 9 104.74 -16.76 18.45
CA ALA A 9 105.53 -16.54 17.23
C ALA A 9 106.93 -16.09 17.57
N ALA A 10 107.22 -16.04 18.85
CA ALA A 10 108.51 -15.60 19.26
C ALA A 10 108.81 -14.42 18.41
N ALA A 11 109.88 -14.52 17.65
CA ALA A 11 110.27 -13.44 16.80
C ALA A 11 111.12 -14.01 15.71
N PRO A 12 111.23 -13.28 14.62
CA PRO A 12 112.02 -13.74 13.47
C PRO A 12 113.50 -13.49 13.70
N SER A 13 114.33 -14.26 13.00
CA SER A 13 115.76 -14.26 13.23
C SER A 13 116.50 -13.79 11.98
N ARG A 14 117.83 -13.82 12.06
CA ARG A 14 118.71 -13.42 10.97
C ARG A 14 119.56 -14.60 10.54
N LEU A 15 120.21 -14.51 9.39
CA LEU A 15 120.96 -15.65 8.84
C LEU A 15 122.41 -15.36 8.52
N VAL A 16 122.68 -14.22 7.92
CA VAL A 16 124.05 -13.78 7.63
C VAL A 16 125.12 -14.83 7.37
N GLN A 17 125.47 -15.00 6.10
CA GLN A 17 126.57 -15.92 5.80
C GLN A 17 127.40 -15.34 4.66
N PRO A 18 128.34 -14.45 4.96
CA PRO A 18 129.23 -13.96 3.91
C PRO A 18 130.39 -14.90 3.65
N GLY A 19 131.29 -14.51 2.76
CA GLY A 19 132.45 -15.33 2.44
C GLY A 19 133.54 -15.25 3.48
N MET B 1 76.60 11.44 -38.79
CA MET B 1 75.20 11.21 -39.10
C MET B 1 74.33 11.51 -37.88
N ASN B 2 74.47 12.71 -37.34
CA ASN B 2 73.69 13.10 -36.16
C ASN B 2 72.25 13.37 -36.55
N PHE B 3 71.34 12.56 -36.01
CA PHE B 3 69.92 12.76 -36.26
C PHE B 3 69.46 14.12 -35.73
N ASN B 4 68.38 14.64 -36.31
CA ASN B 4 67.77 15.86 -35.82
C ASN B 4 67.10 15.53 -34.48
N VAL B 5 67.81 15.80 -33.39
CA VAL B 5 67.36 15.41 -32.06
C VAL B 5 66.80 16.59 -31.28
N GLY B 6 66.50 17.70 -31.96
CA GLY B 6 65.74 18.76 -31.32
C GLY B 6 64.39 18.22 -30.89
N VAL B 7 63.54 17.90 -31.88
CA VAL B 7 62.43 17.01 -31.61
C VAL B 7 63.00 15.68 -31.12
N ASP B 8 62.16 14.89 -30.43
CA ASP B 8 62.67 13.66 -29.83
C ASP B 8 63.74 13.97 -28.79
N PHE B 9 63.30 14.42 -27.62
CA PHE B 9 64.06 14.89 -26.46
C PHE B 9 64.63 16.29 -26.63
N PRO B 10 63.78 17.30 -26.62
CA PRO B 10 64.37 18.63 -26.63
C PRO B 10 64.70 18.98 -25.20
N SER B 11 64.80 20.26 -24.89
CA SER B 11 65.15 20.68 -23.54
C SER B 11 65.18 22.18 -23.40
N PHE B 12 65.25 22.68 -22.17
CA PHE B 12 65.30 24.12 -21.94
C PHE B 12 66.15 24.51 -20.75
N ILE B 13 66.39 25.80 -20.58
CA ILE B 13 67.16 26.26 -19.45
C ILE B 13 66.26 26.31 -18.22
N ALA B 14 66.83 26.00 -17.07
CA ALA B 14 66.12 26.06 -15.79
C ALA B 14 66.70 27.07 -14.83
N TRP B 15 68.01 27.23 -14.80
CA TRP B 15 68.66 28.16 -13.88
C TRP B 15 70.00 28.56 -14.49
N ASP B 16 70.09 29.82 -14.93
CA ASP B 16 71.28 30.34 -15.60
C ASP B 16 72.31 30.88 -14.63
N GLY B 17 72.24 30.51 -13.36
CA GLY B 17 73.11 31.07 -12.35
C GLY B 17 72.66 32.40 -11.80
N GLU B 18 71.58 32.98 -12.34
CA GLU B 18 71.12 34.29 -11.88
C GLU B 18 69.64 34.25 -11.49
N GLU B 19 68.85 33.44 -12.20
CA GLU B 19 67.41 33.42 -11.98
C GLU B 19 66.83 32.11 -12.48
N SER B 20 65.68 31.75 -11.92
CA SER B 20 65.00 30.52 -12.29
C SER B 20 63.95 30.77 -13.37
N PHE B 21 63.52 29.68 -14.00
CA PHE B 21 62.49 29.72 -15.04
C PHE B 21 61.70 28.41 -15.02
N PRO B 22 60.41 28.45 -14.70
CA PRO B 22 59.60 27.22 -14.74
C PRO B 22 59.44 26.75 -16.19
N VAL B 23 59.79 25.49 -16.43
CA VAL B 23 59.79 24.92 -17.78
C VAL B 23 58.66 23.92 -17.88
N LYS B 24 57.71 24.20 -18.78
CA LYS B 24 56.53 23.36 -18.92
C LYS B 24 56.91 21.91 -19.22
N VAL B 25 56.34 21.00 -18.43
CA VAL B 25 56.57 19.58 -18.61
C VAL B 25 55.21 18.88 -18.62
N ASP B 26 54.15 19.65 -18.38
CA ASP B 26 52.80 19.08 -18.41
C ASP B 26 52.52 18.40 -19.74
N GLY B 27 52.97 19.01 -20.83
CA GLY B 27 52.86 18.36 -22.12
C GLY B 27 53.78 17.18 -22.31
N PHE B 28 54.59 16.85 -21.31
CA PHE B 28 55.51 15.74 -21.36
C PHE B 28 55.19 14.74 -20.25
N ASN B 29 55.76 13.55 -20.35
CA ASN B 29 55.52 12.49 -19.38
C ASN B 29 56.76 12.03 -18.65
N GLN B 30 57.95 12.17 -19.23
CA GLN B 30 59.20 11.83 -18.56
C GLN B 30 60.17 12.99 -18.76
N PHE B 31 61.03 13.20 -17.78
CA PHE B 31 61.96 14.33 -17.81
C PHE B 31 63.06 14.07 -16.78
N GLY B 32 64.01 14.99 -16.74
CA GLY B 32 65.12 14.90 -15.82
C GLY B 32 65.95 16.16 -15.85
N PHE B 33 66.97 16.20 -15.01
CA PHE B 33 67.77 17.39 -14.79
C PHE B 33 69.21 17.14 -15.22
N THR B 34 69.87 18.20 -15.67
CA THR B 34 71.28 18.16 -16.03
C THR B 34 71.95 19.41 -15.47
N PHE B 35 72.85 19.23 -14.52
CA PHE B 35 73.61 20.33 -13.95
C PHE B 35 74.92 20.52 -14.71
N LYS B 36 75.57 21.66 -14.46
CA LYS B 36 76.87 21.92 -15.05
C LYS B 36 77.58 22.96 -14.19
N THR B 37 78.84 22.69 -13.90
CA THR B 37 79.66 23.59 -13.09
C THR B 37 80.64 24.33 -14.00
N ILE B 38 80.69 25.65 -13.86
CA ILE B 38 81.57 26.48 -14.68
C ILE B 38 82.86 26.85 -13.93
N ALA B 39 82.84 26.86 -12.61
CA ALA B 39 84.02 27.20 -11.82
C ALA B 39 84.02 26.36 -10.55
N ALA B 40 85.19 26.28 -9.93
CA ALA B 40 85.32 25.53 -8.69
C ALA B 40 84.45 26.15 -7.60
N LEU B 41 83.75 25.29 -6.86
CA LEU B 41 82.82 25.72 -5.83
C LEU B 41 83.56 25.89 -4.51
N THR B 42 82.82 26.20 -3.45
CA THR B 42 83.38 26.35 -2.11
C THR B 42 82.85 25.35 -1.11
N ALA B 43 81.59 24.91 -1.25
CA ALA B 43 80.99 23.96 -0.33
C ALA B 43 79.83 23.29 -1.05
N ALA B 44 79.19 22.34 -0.36
CA ALA B 44 78.05 21.63 -0.93
C ALA B 44 76.96 22.62 -1.34
N THR B 45 76.46 22.46 -2.55
CA THR B 45 75.51 23.39 -3.14
C THR B 45 74.13 22.75 -3.12
N THR B 46 73.26 23.24 -2.25
CA THR B 46 71.91 22.69 -2.10
C THR B 46 70.95 23.50 -2.95
N PHE B 47 69.98 22.82 -3.55
CA PHE B 47 68.99 23.44 -4.42
C PHE B 47 67.60 22.93 -4.06
N ASN B 48 66.71 23.87 -3.78
CA ASN B 48 65.32 23.56 -3.52
C ASN B 48 64.57 23.35 -4.84
N ILE B 49 63.61 22.43 -4.81
CA ILE B 49 62.80 22.11 -5.97
C ILE B 49 61.36 22.56 -5.68
N PHE B 50 60.67 22.97 -6.74
CA PHE B 50 59.29 23.39 -6.61
C PHE B 50 58.52 22.96 -7.86
N TYR B 51 57.22 22.78 -7.70
CA TYR B 51 56.33 22.49 -8.81
C TYR B 51 55.23 23.54 -8.86
N HIS B 52 54.74 23.82 -10.06
CA HIS B 52 53.76 24.87 -10.23
C HIS B 52 52.43 24.31 -10.71
N GLU B 53 51.42 25.16 -10.67
CA GLU B 53 50.06 24.85 -11.06
C GLU B 53 49.54 25.98 -11.93
N PRO B 54 48.63 25.71 -12.86
CA PRO B 54 48.21 26.75 -13.80
C PRO B 54 47.44 27.84 -13.09
N SER B 55 47.83 29.09 -13.35
CA SER B 55 47.12 30.22 -12.78
C SER B 55 45.69 30.25 -13.30
N ASP B 56 44.74 30.46 -12.39
CA ASP B 56 43.34 30.57 -12.81
C ASP B 56 43.14 31.70 -13.80
N ALA B 57 44.03 32.70 -13.78
CA ALA B 57 43.96 33.77 -14.76
C ALA B 57 44.20 33.26 -16.18
N ASP B 58 45.16 32.34 -16.33
CA ASP B 58 45.49 31.82 -17.64
C ASP B 58 46.03 30.39 -17.51
N PRO B 59 45.44 29.43 -18.21
CA PRO B 59 45.91 28.03 -18.09
C PRO B 59 47.27 27.78 -18.71
N CYS B 60 47.90 28.78 -19.33
CA CYS B 60 49.21 28.61 -19.97
C CYS B 60 50.25 29.52 -19.33
N VAL B 61 50.14 29.74 -18.02
CA VAL B 61 51.11 30.56 -17.29
C VAL B 61 51.32 29.96 -15.91
N PRO B 62 52.54 29.96 -15.38
CA PRO B 62 52.78 29.41 -14.04
C PRO B 62 52.06 30.20 -12.96
N GLY B 63 51.63 29.48 -11.92
CA GLY B 63 51.13 30.10 -10.71
C GLY B 63 52.27 30.33 -9.73
N PRO B 64 52.05 30.03 -8.46
CA PRO B 64 53.13 30.07 -7.48
C PRO B 64 53.99 28.83 -7.59
N ALA B 65 55.06 28.80 -6.80
CA ALA B 65 56.00 27.67 -6.78
C ALA B 65 55.72 26.85 -5.53
N ILE B 66 54.73 25.96 -5.64
CA ILE B 66 54.37 25.10 -4.53
C ILE B 66 55.53 24.15 -4.24
N ARG B 67 55.64 23.71 -2.99
CA ARG B 67 56.77 22.93 -2.53
C ARG B 67 56.55 21.46 -2.89
N VAL B 68 57.40 20.94 -3.77
CA VAL B 68 57.30 19.51 -4.12
C VAL B 68 57.65 18.66 -2.91
N PRO B 69 56.88 17.61 -2.60
CA PRO B 69 57.17 16.81 -1.42
C PRO B 69 58.13 15.67 -1.70
N GLU B 70 59.13 15.51 -0.82
CA GLU B 70 60.04 14.38 -0.94
C GLU B 70 59.30 13.07 -0.69
N VAL B 71 59.53 12.09 -1.53
CA VAL B 71 58.86 10.80 -1.47
C VAL B 71 59.89 9.73 -1.14
N PRO B 72 59.62 8.84 -0.18
CA PRO B 72 60.56 7.76 0.10
C PRO B 72 60.24 6.50 -0.68
N PHE B 73 61.09 5.49 -0.55
CA PHE B 73 60.86 4.20 -1.19
C PHE B 73 61.50 3.12 -0.31
N CYS B 74 61.79 1.97 -0.91
CA CYS B 74 62.21 0.76 -0.19
C CYS B 74 63.24 1.05 0.92
N ASP B 75 64.40 1.59 0.55
CA ASP B 75 65.49 1.79 1.48
C ASP B 75 65.68 3.23 1.91
N THR B 76 64.75 4.11 1.55
CA THR B 76 64.84 5.51 1.98
C THR B 76 64.70 5.58 3.50
N VAL B 77 65.81 5.80 4.20
CA VAL B 77 65.83 5.78 5.65
C VAL B 77 66.48 7.05 6.18
N LEU B 78 66.60 8.06 5.31
CA LEU B 78 67.28 9.31 5.63
C LEU B 78 66.41 10.50 5.23
N LEU B 79 65.14 10.44 5.60
CA LEU B 79 64.19 11.48 5.24
C LEU B 79 64.64 12.84 5.76
N SER B 80 64.28 13.89 5.03
CA SER B 80 64.62 15.26 5.40
C SER B 80 63.65 15.80 6.45
N GLU B 81 63.65 17.12 6.66
CA GLU B 81 62.87 17.74 7.72
C GLU B 81 61.38 17.65 7.36
N ASP B 82 60.85 16.43 7.52
CA ASP B 82 59.53 15.88 7.24
C ASP B 82 59.33 15.58 5.76
N GLY B 83 60.30 15.91 4.89
CA GLY B 83 60.20 15.56 3.48
C GLY B 83 59.87 16.72 2.57
N LEU B 84 60.90 17.30 1.95
CA LEU B 84 60.74 18.34 0.94
C LEU B 84 61.81 18.09 -0.12
N ALA B 85 61.37 17.65 -1.30
CA ALA B 85 62.30 17.26 -2.35
C ALA B 85 63.26 18.39 -2.70
N ALA B 86 64.54 18.17 -2.42
CA ALA B 86 65.59 19.13 -2.70
C ALA B 86 66.90 18.37 -2.83
N VAL B 87 67.75 18.82 -3.76
CA VAL B 87 68.96 18.07 -4.06
C VAL B 87 70.18 18.86 -3.62
N THR B 88 71.37 18.27 -3.77
CA THR B 88 72.60 18.95 -3.39
C THR B 88 73.74 18.41 -4.23
N LEU B 89 74.30 19.26 -5.08
CA LEU B 89 75.54 18.91 -5.74
C LEU B 89 76.69 18.97 -4.73
N PRO B 90 77.43 17.90 -4.55
CA PRO B 90 78.50 17.91 -3.54
C PRO B 90 79.67 18.76 -3.98
N GLU B 91 80.60 18.96 -3.07
CA GLU B 91 81.85 19.65 -3.37
C GLU B 91 82.75 18.69 -4.15
N THR B 92 84.00 19.11 -4.41
CA THR B 92 84.97 18.33 -5.18
C THR B 92 84.42 17.95 -6.55
N VAL B 93 83.75 18.90 -7.20
CA VAL B 93 83.25 18.71 -8.55
C VAL B 93 83.90 19.78 -9.43
N THR B 94 84.79 19.36 -10.31
CA THR B 94 85.51 20.27 -11.18
C THR B 94 84.60 20.73 -12.31
N PRO B 95 84.98 21.80 -13.03
CA PRO B 95 84.26 22.16 -14.25
C PRO B 95 84.29 21.05 -15.30
N ASP B 96 83.62 21.29 -16.44
CA ASP B 96 83.38 20.30 -17.49
C ASP B 96 82.97 18.95 -16.89
N SER B 97 82.12 18.99 -15.87
CA SER B 97 81.65 17.77 -15.21
C SER B 97 80.19 17.98 -14.84
N PHE B 98 79.30 17.39 -15.63
CA PHE B 98 77.87 17.54 -15.44
C PHE B 98 77.34 16.46 -14.49
N CYS B 99 76.20 16.76 -13.88
CA CYS B 99 75.53 15.82 -12.98
C CYS B 99 74.12 15.52 -13.50
N ALA B 100 73.49 14.53 -12.86
CA ALA B 100 72.17 14.05 -13.27
C ALA B 100 71.24 14.03 -12.07
N GLY B 101 69.98 14.35 -12.31
CA GLY B 101 68.97 14.33 -11.26
C GLY B 101 67.59 14.13 -11.83
N THR B 102 66.67 13.75 -10.96
CA THR B 102 65.28 13.51 -11.35
C THR B 102 64.40 13.54 -10.11
N VAL B 103 63.11 13.65 -10.34
CA VAL B 103 62.09 13.56 -9.30
C VAL B 103 61.27 12.30 -9.57
N PRO B 104 61.07 11.43 -8.59
CA PRO B 104 60.38 10.15 -8.89
C PRO B 104 58.93 10.33 -9.26
N CYS B 105 58.22 11.25 -8.62
CA CYS B 105 56.79 11.43 -8.82
C CYS B 105 56.50 12.85 -9.26
N MET B 106 55.94 13.00 -10.45
CA MET B 106 55.59 14.31 -10.96
C MET B 106 54.34 14.84 -10.26
N ASN B 107 54.25 16.17 -10.19
CA ASN B 107 53.09 16.83 -9.60
C ASN B 107 52.92 18.19 -10.24
N GLY B 108 51.72 18.50 -10.69
CA GLY B 108 51.43 19.82 -11.23
C GLY B 108 51.63 19.91 -12.73
N GLN B 109 52.18 21.03 -13.19
CA GLN B 109 52.37 21.30 -14.61
C GLN B 109 53.82 21.43 -15.01
N TRP B 110 54.64 22.11 -14.20
CA TRP B 110 56.05 22.28 -14.53
C TRP B 110 56.86 22.41 -13.25
N ILE B 111 58.18 22.37 -13.42
CA ILE B 111 59.11 22.31 -12.31
C ILE B 111 59.93 23.61 -12.27
N SER B 112 60.61 23.83 -11.15
CA SER B 112 61.47 24.98 -10.98
C SER B 112 62.52 24.66 -9.93
N ILE B 113 63.71 25.22 -10.11
CA ILE B 113 64.84 25.00 -9.22
C ILE B 113 65.31 26.34 -8.69
N ALA B 114 65.57 26.39 -7.38
CA ALA B 114 66.05 27.61 -6.76
C ALA B 114 67.25 27.30 -5.88
N PRO B 115 68.21 28.22 -5.79
CA PRO B 115 69.32 28.02 -4.85
C PRO B 115 68.82 28.02 -3.42
N ALA B 116 69.14 26.94 -2.70
CA ALA B 116 68.77 26.87 -1.30
C ALA B 116 69.46 27.98 -0.51
N THR B 117 68.77 28.49 0.51
CA THR B 117 69.27 29.60 1.30
C THR B 117 70.62 29.25 1.93
N GLY B 118 71.68 29.92 1.48
CA GLY B 118 73.03 29.64 1.91
C GLY B 118 73.94 29.14 0.81
N SER B 119 73.37 28.61 -0.28
CA SER B 119 74.14 28.13 -1.41
C SER B 119 74.10 29.09 -2.59
N GLU B 120 73.58 30.32 -2.39
CA GLU B 120 73.40 31.25 -3.49
C GLU B 120 74.74 31.62 -4.14
N THR B 121 75.71 32.03 -3.32
CA THR B 121 77.00 32.43 -3.87
C THR B 121 77.67 31.28 -4.62
N ASN B 122 77.49 30.05 -4.15
CA ASN B 122 77.98 28.90 -4.90
C ASN B 122 77.14 28.65 -6.15
N ALA B 123 75.81 28.82 -6.03
CA ALA B 123 74.94 28.66 -7.19
C ALA B 123 75.25 29.67 -8.28
N ALA B 124 75.95 30.76 -7.95
CA ALA B 124 76.31 31.75 -8.97
C ALA B 124 77.18 31.16 -10.07
N ASN B 125 77.81 30.01 -9.85
CA ASN B 125 78.70 29.40 -10.83
C ASN B 125 78.19 28.04 -11.29
N VAL B 126 76.88 27.85 -11.32
CA VAL B 126 76.28 26.61 -11.80
C VAL B 126 75.19 26.95 -12.80
N GLN B 127 74.97 26.04 -13.74
CA GLN B 127 73.94 26.18 -14.76
C GLN B 127 73.15 24.88 -14.82
N ILE B 128 71.84 24.97 -14.66
CA ILE B 128 70.97 23.80 -14.55
C ILE B 128 69.94 23.85 -15.67
N THR B 129 69.76 22.72 -16.36
CA THR B 129 68.79 22.60 -17.43
C THR B 129 67.92 21.37 -17.19
N VAL B 130 66.80 21.32 -17.90
CA VAL B 130 65.85 20.22 -17.81
C VAL B 130 65.64 19.64 -19.20
N THR B 131 65.52 18.31 -19.28
CA THR B 131 65.34 17.63 -20.55
C THR B 131 64.17 16.66 -20.44
N MET B 132 63.30 16.68 -21.46
CA MET B 132 62.08 15.92 -21.47
C MET B 132 62.24 14.65 -22.31
N LYS B 133 61.16 13.90 -22.49
CA LYS B 133 61.26 12.59 -23.10
C LYS B 133 59.93 12.19 -23.75
N GLY B 134 59.96 11.88 -25.04
CA GLY B 134 58.97 11.02 -25.67
C GLY B 134 57.58 11.53 -25.97
N ALA B 135 57.15 12.57 -25.26
CA ALA B 135 55.73 12.86 -25.10
C ALA B 135 54.96 12.94 -26.43
N THR B 136 53.66 12.69 -26.32
CA THR B 136 52.71 12.80 -27.42
C THR B 136 51.97 14.12 -27.47
N ARG B 137 52.14 14.96 -26.45
CA ARG B 137 51.39 16.22 -26.30
C ARG B 137 49.89 15.97 -26.08
N MET C 1 85.95 -45.65 34.53
CA MET C 1 86.49 -45.52 33.19
C MET C 1 86.44 -44.05 32.76
N ASN C 2 86.79 -43.17 33.70
CA ASN C 2 86.82 -41.74 33.39
C ASN C 2 87.93 -41.45 32.39
N PHE C 3 87.54 -41.03 31.19
CA PHE C 3 88.54 -40.66 30.19
C PHE C 3 89.37 -39.47 30.68
N ASN C 4 90.53 -39.30 30.05
CA ASN C 4 91.31 -38.11 30.33
C ASN C 4 90.61 -36.93 29.67
N VAL C 5 89.70 -36.29 30.42
CA VAL C 5 88.96 -35.13 29.93
C VAL C 5 89.81 -33.90 30.25
N GLY C 6 91.06 -34.15 30.66
CA GLY C 6 91.98 -33.05 30.86
C GLY C 6 92.24 -32.29 29.58
N VAL C 7 92.61 -32.99 28.51
CA VAL C 7 92.65 -32.34 27.21
C VAL C 7 91.27 -32.53 26.61
N ASP C 8 90.32 -31.74 27.11
CA ASP C 8 88.96 -31.55 26.63
C ASP C 8 88.33 -30.52 27.53
N PHE C 9 87.49 -29.65 26.98
CA PHE C 9 86.71 -28.66 27.72
C PHE C 9 87.46 -28.13 28.95
N PRO C 10 88.67 -27.60 28.76
CA PRO C 10 89.50 -27.23 29.91
C PRO C 10 88.90 -26.05 30.67
N SER C 11 88.86 -26.19 31.98
CA SER C 11 88.27 -25.17 32.86
C SER C 11 89.35 -24.26 33.42
N PHE C 12 88.97 -23.02 33.68
CA PHE C 12 89.87 -22.02 34.23
C PHE C 12 89.11 -21.15 35.22
N ILE C 13 89.82 -20.68 36.24
CA ILE C 13 89.19 -19.88 37.28
C ILE C 13 88.83 -18.51 36.73
N ALA C 14 87.64 -18.02 37.08
CA ALA C 14 87.17 -16.71 36.66
C ALA C 14 86.95 -15.75 37.82
N TRP C 15 86.36 -16.22 38.91
CA TRP C 15 86.08 -15.37 40.07
C TRP C 15 86.07 -16.29 41.30
N ASP C 16 87.16 -16.26 42.06
CA ASP C 16 87.26 -17.05 43.29
C ASP C 16 86.82 -16.23 44.51
N GLY C 17 85.63 -15.64 44.41
CA GLY C 17 85.09 -14.88 45.51
C GLY C 17 85.59 -13.45 45.61
N GLU C 18 86.89 -13.22 45.36
CA GLU C 18 87.44 -11.87 45.51
C GLU C 18 88.47 -11.51 44.44
N GLU C 19 88.50 -12.21 43.31
CA GLU C 19 89.50 -11.90 42.30
C GLU C 19 89.02 -12.39 40.94
N SER C 20 88.94 -11.48 39.96
CA SER C 20 88.58 -11.84 38.61
C SER C 20 89.80 -12.35 37.84
N PHE C 21 89.53 -12.99 36.70
CA PHE C 21 90.61 -13.56 35.90
C PHE C 21 90.23 -13.57 34.42
N PRO C 22 90.88 -12.73 33.60
CA PRO C 22 90.57 -12.75 32.16
C PRO C 22 91.11 -13.99 31.48
N VAL C 23 90.22 -14.87 31.05
CA VAL C 23 90.60 -16.12 30.40
C VAL C 23 90.60 -15.91 28.89
N LYS C 24 91.52 -16.57 28.20
CA LYS C 24 91.63 -16.45 26.76
C LYS C 24 90.59 -17.33 26.08
N VAL C 25 89.87 -16.76 25.11
CA VAL C 25 88.87 -17.48 24.34
C VAL C 25 89.21 -17.45 22.85
N ASP C 26 90.48 -17.27 22.51
CA ASP C 26 90.88 -17.17 21.10
C ASP C 26 90.80 -18.52 20.41
N GLY C 27 91.60 -19.48 20.86
CA GLY C 27 91.58 -20.79 20.23
C GLY C 27 90.26 -21.51 20.43
N PHE C 28 89.64 -21.31 21.59
CA PHE C 28 88.39 -21.97 21.89
C PHE C 28 87.25 -21.26 21.17
N ASN C 29 86.19 -22.02 20.84
CA ASN C 29 85.08 -21.49 20.06
C ASN C 29 83.73 -21.59 20.74
N GLN C 30 83.60 -22.39 21.79
CA GLN C 30 82.37 -22.45 22.58
C GLN C 30 82.76 -22.56 24.04
N PHE C 31 81.96 -21.93 24.91
CA PHE C 31 82.33 -21.84 26.31
C PHE C 31 81.14 -21.47 27.18
N GLY C 32 80.98 -22.16 28.30
CA GLY C 32 79.90 -21.91 29.23
C GLY C 32 80.34 -21.08 30.42
N PHE C 33 79.51 -21.14 31.46
CA PHE C 33 79.75 -20.39 32.69
C PHE C 33 79.10 -21.14 33.83
N THR C 34 79.85 -21.38 34.90
CA THR C 34 79.38 -22.18 36.03
C THR C 34 79.46 -21.32 37.28
N PHE C 35 78.29 -21.14 37.91
CA PHE C 35 78.13 -20.35 39.13
C PHE C 35 77.87 -21.32 40.27
N LYS C 36 78.64 -21.19 41.35
CA LYS C 36 78.49 -22.07 42.50
C LYS C 36 78.60 -21.24 43.77
N THR C 37 77.60 -21.35 44.64
CA THR C 37 77.65 -20.69 45.93
C THR C 37 78.28 -21.62 46.95
N ILE C 38 79.12 -21.05 47.82
CA ILE C 38 79.79 -21.83 48.86
C ILE C 38 79.01 -21.83 50.17
N ALA C 39 78.05 -20.94 50.33
CA ALA C 39 77.23 -20.87 51.53
C ALA C 39 75.87 -20.33 51.13
N ALA C 40 75.09 -19.90 52.12
CA ALA C 40 73.81 -19.29 51.84
C ALA C 40 73.99 -17.84 51.40
N LEU C 41 73.00 -17.31 50.71
CA LEU C 41 73.02 -15.94 50.21
C LEU C 41 72.14 -15.06 51.08
N THR C 42 72.31 -13.75 50.91
CA THR C 42 71.51 -12.76 51.63
C THR C 42 70.55 -12.04 50.71
N ALA C 43 71.05 -11.44 49.63
CA ALA C 43 70.24 -10.81 48.61
C ALA C 43 70.61 -11.40 47.25
N ALA C 44 69.81 -11.07 46.24
CA ALA C 44 70.12 -11.49 44.88
C ALA C 44 71.44 -10.84 44.45
N THR C 45 72.14 -11.52 43.55
CA THR C 45 73.45 -11.07 43.11
C THR C 45 73.44 -10.81 41.61
N THR C 46 74.23 -9.83 41.20
CA THR C 46 74.34 -9.46 39.79
C THR C 46 75.81 -9.42 39.39
N PHE C 47 76.07 -9.76 38.13
CA PHE C 47 77.42 -9.85 37.61
C PHE C 47 77.47 -9.25 36.22
N ASN C 48 78.46 -8.40 36.00
CA ASN C 48 78.71 -7.81 34.70
C ASN C 48 79.78 -8.61 33.96
N ILE C 49 79.56 -8.80 32.67
CA ILE C 49 80.50 -9.51 31.81
C ILE C 49 81.27 -8.48 30.99
N PHE C 50 82.58 -8.68 30.90
CA PHE C 50 83.47 -7.78 30.17
C PHE C 50 84.32 -8.59 29.21
N TYR C 51 84.88 -7.89 28.22
CA TYR C 51 85.75 -8.52 27.24
C TYR C 51 86.92 -7.60 26.96
N HIS C 52 88.04 -8.20 26.59
CA HIS C 52 89.29 -7.50 26.38
C HIS C 52 89.77 -7.69 24.95
N GLU C 53 90.73 -6.86 24.57
CA GLU C 53 91.36 -6.89 23.27
C GLU C 53 92.87 -7.08 23.43
N PRO C 54 93.57 -7.52 22.39
CA PRO C 54 95.03 -7.60 22.47
C PRO C 54 95.64 -6.21 22.64
N SER C 55 96.25 -5.98 23.81
CA SER C 55 96.87 -4.68 24.05
C SER C 55 97.95 -4.40 23.02
N ASP C 56 98.03 -3.15 22.58
CA ASP C 56 98.99 -2.79 21.55
C ASP C 56 100.43 -3.04 22.01
N ALA C 57 100.67 -2.99 23.32
CA ALA C 57 102.01 -3.25 23.84
C ALA C 57 102.39 -4.71 23.65
N ASP C 58 101.49 -5.63 24.02
CA ASP C 58 101.72 -7.06 23.90
C ASP C 58 100.49 -7.70 23.30
N PRO C 59 100.56 -8.25 22.08
CA PRO C 59 99.39 -8.93 21.50
C PRO C 59 99.04 -10.24 22.17
N CYS C 60 99.74 -10.62 23.24
CA CYS C 60 99.45 -11.85 23.97
C CYS C 60 98.88 -11.58 25.36
N VAL C 61 98.55 -10.32 25.66
CA VAL C 61 97.98 -9.97 26.96
C VAL C 61 96.64 -9.28 26.75
N PRO C 62 95.71 -9.38 27.69
CA PRO C 62 94.42 -8.69 27.54
C PRO C 62 94.60 -7.19 27.61
N GLY C 63 93.67 -6.47 26.97
CA GLY C 63 93.62 -5.03 27.08
C GLY C 63 92.74 -4.62 28.24
N PRO C 64 92.06 -3.49 28.10
CA PRO C 64 91.12 -3.06 29.14
C PRO C 64 89.90 -3.97 29.21
N ALA C 65 89.02 -3.72 30.17
CA ALA C 65 87.80 -4.51 30.33
C ALA C 65 86.64 -3.71 29.75
N ILE C 66 86.30 -3.99 28.51
CA ILE C 66 85.21 -3.31 27.83
C ILE C 66 83.91 -4.06 28.08
N ARG C 67 82.85 -3.32 28.33
CA ARG C 67 81.56 -3.92 28.64
C ARG C 67 80.98 -4.61 27.41
N VAL C 68 80.25 -5.68 27.64
CA VAL C 68 79.72 -6.53 26.58
C VAL C 68 78.26 -6.15 26.33
N PRO C 69 77.87 -5.90 25.09
CA PRO C 69 76.45 -5.62 24.80
C PRO C 69 75.64 -6.90 24.73
N GLU C 70 74.39 -6.81 25.15
CA GLU C 70 73.47 -7.94 25.08
C GLU C 70 72.71 -7.92 23.76
N VAL C 71 72.56 -9.11 23.18
CA VAL C 71 71.78 -9.29 21.95
C VAL C 71 70.49 -10.00 22.33
N PRO C 72 69.34 -9.55 21.83
CA PRO C 72 68.08 -10.24 22.15
C PRO C 72 67.74 -11.32 21.15
N PHE C 73 67.33 -12.49 21.64
CA PHE C 73 66.82 -13.53 20.75
C PHE C 73 65.42 -13.16 20.28
N CYS C 74 64.85 -14.04 19.46
CA CYS C 74 63.44 -13.90 19.12
C CYS C 74 62.60 -14.12 20.37
N ASP C 75 61.50 -13.36 20.46
CA ASP C 75 60.57 -13.43 21.60
C ASP C 75 61.29 -13.11 22.91
N THR C 76 61.76 -11.87 22.99
CA THR C 76 62.27 -11.31 24.24
C THR C 76 61.30 -10.26 24.75
N VAL C 77 61.27 -10.10 26.08
CA VAL C 77 60.30 -9.22 26.70
C VAL C 77 60.94 -7.99 27.34
N LEU C 78 62.19 -8.07 27.76
CA LEU C 78 62.87 -6.94 28.39
C LEU C 78 64.33 -6.97 28.02
N LEU C 79 64.90 -5.78 27.84
CA LEU C 79 66.31 -5.61 27.57
C LEU C 79 66.91 -4.72 28.66
N SER C 80 68.15 -5.01 29.04
CA SER C 80 68.86 -4.20 30.02
C SER C 80 68.86 -2.74 29.57
N GLU C 81 68.64 -1.85 30.54
CA GLU C 81 68.57 -0.41 30.29
C GLU C 81 69.71 0.08 29.40
N ASP C 82 70.90 -0.48 29.59
CA ASP C 82 72.07 -0.11 28.82
C ASP C 82 72.29 -0.98 27.59
N GLY C 83 71.49 -2.03 27.41
CA GLY C 83 71.73 -2.96 26.33
C GLY C 83 72.98 -3.80 26.52
N LEU C 84 73.54 -3.83 27.73
CA LEU C 84 74.77 -4.53 28.02
C LEU C 84 74.47 -5.80 28.81
N ALA C 85 75.05 -6.91 28.36
CA ALA C 85 74.73 -8.20 28.94
C ALA C 85 75.21 -8.31 30.38
N ALA C 86 74.38 -8.92 31.22
CA ALA C 86 74.71 -9.15 32.62
C ALA C 86 73.88 -10.32 33.12
N VAL C 87 74.41 -11.03 34.11
CA VAL C 87 73.74 -12.19 34.66
C VAL C 87 73.36 -11.89 36.10
N THR C 88 72.43 -12.68 36.64
CA THR C 88 72.02 -12.54 38.02
C THR C 88 71.75 -13.90 38.63
N LEU C 89 72.25 -14.11 39.84
CA LEU C 89 71.94 -15.29 40.62
C LEU C 89 70.87 -14.94 41.64
N PRO C 90 69.73 -15.62 41.63
CA PRO C 90 68.64 -15.24 42.53
C PRO C 90 68.93 -15.66 43.97
N GLU C 91 68.18 -15.05 44.88
CA GLU C 91 68.23 -15.43 46.28
C GLU C 91 67.63 -16.84 46.45
N THR C 92 67.89 -17.43 47.61
CA THR C 92 67.39 -18.76 47.98
C THR C 92 67.94 -19.83 47.01
N VAL C 93 69.25 -19.90 46.95
CA VAL C 93 69.95 -20.90 46.17
C VAL C 93 70.88 -21.68 47.08
N THR C 94 70.74 -23.01 47.08
CA THR C 94 71.52 -23.85 47.97
C THR C 94 72.96 -23.96 47.49
N PRO C 95 73.92 -24.06 48.42
CA PRO C 95 75.32 -24.22 48.00
C PRO C 95 75.66 -25.67 47.66
N ASP C 96 74.77 -26.36 46.96
CA ASP C 96 75.10 -27.66 46.38
C ASP C 96 74.42 -27.86 45.03
N SER C 97 74.02 -26.78 44.36
CA SER C 97 73.32 -26.85 43.07
C SER C 97 73.91 -25.76 42.17
N PHE C 98 74.75 -26.19 41.23
CA PHE C 98 75.38 -25.26 40.29
C PHE C 98 74.34 -24.58 39.40
N CYS C 99 74.75 -23.45 38.82
CA CYS C 99 73.95 -22.75 37.83
C CYS C 99 74.78 -22.56 36.57
N ALA C 100 74.12 -22.58 35.42
CA ALA C 100 74.79 -22.50 34.13
C ALA C 100 74.38 -21.23 33.40
N GLY C 101 75.33 -20.65 32.68
CA GLY C 101 75.08 -19.46 31.89
C GLY C 101 75.96 -19.43 30.67
N THR C 102 75.59 -18.59 29.70
CA THR C 102 76.35 -18.48 28.46
C THR C 102 75.96 -17.25 27.67
N VAL C 103 76.94 -16.46 27.26
CA VAL C 103 76.68 -15.34 26.34
C VAL C 103 76.48 -15.92 24.93
N PRO C 104 75.40 -15.56 24.24
CA PRO C 104 75.14 -16.14 22.93
C PRO C 104 76.01 -15.59 21.81
N CYS C 105 76.85 -14.59 22.07
CA CYS C 105 77.66 -13.99 21.03
C CYS C 105 78.94 -13.47 21.66
N MET C 106 80.06 -14.12 21.36
CA MET C 106 81.34 -13.70 21.90
C MET C 106 81.84 -12.45 21.17
N ASN C 107 82.89 -11.85 21.74
CA ASN C 107 83.56 -10.71 21.13
C ASN C 107 84.87 -10.43 21.84
N GLY C 108 85.95 -10.27 21.09
CA GLY C 108 87.24 -10.01 21.67
C GLY C 108 88.07 -11.27 21.81
N GLN C 109 89.01 -11.21 22.76
CA GLN C 109 89.92 -12.32 23.02
C GLN C 109 89.88 -12.83 24.46
N TRP C 110 89.38 -12.03 25.40
CA TRP C 110 89.40 -12.42 26.81
C TRP C 110 88.05 -12.07 27.43
N ILE C 111 87.47 -13.02 28.17
CA ILE C 111 86.22 -12.79 28.88
C ILE C 111 86.52 -12.65 30.36
N SER C 112 85.73 -11.84 31.04
CA SER C 112 85.90 -11.62 32.47
C SER C 112 84.54 -11.38 33.11
N ILE C 113 84.42 -11.77 34.37
CA ILE C 113 83.19 -11.60 35.12
C ILE C 113 83.51 -10.78 36.37
N ALA C 114 82.65 -9.81 36.68
CA ALA C 114 82.85 -8.98 37.85
C ALA C 114 81.54 -8.82 38.61
N PRO C 115 81.59 -8.74 39.93
CA PRO C 115 80.36 -8.48 40.69
C PRO C 115 79.84 -7.09 40.37
N ALA C 116 78.62 -7.03 39.84
CA ALA C 116 77.98 -5.76 39.55
C ALA C 116 77.90 -4.92 40.82
N THR C 117 78.13 -3.62 40.68
CA THR C 117 78.21 -2.73 41.83
C THR C 117 76.99 -2.89 42.73
N GLY C 118 77.22 -2.80 44.03
CA GLY C 118 76.19 -2.99 45.02
C GLY C 118 75.92 -4.43 45.41
N SER C 119 76.63 -5.40 44.81
CA SER C 119 76.46 -6.81 45.10
C SER C 119 77.80 -7.49 45.38
N GLU C 120 78.62 -6.87 46.24
CA GLU C 120 79.96 -7.38 46.53
C GLU C 120 80.05 -8.14 47.84
N THR C 121 79.02 -8.14 48.68
CA THR C 121 79.11 -8.91 49.90
C THR C 121 78.85 -10.39 49.66
N ASN C 122 77.72 -10.71 49.01
CA ASN C 122 77.45 -12.10 48.66
C ASN C 122 78.46 -12.64 47.68
N ALA C 123 79.05 -11.77 46.85
CA ALA C 123 79.97 -12.21 45.81
C ALA C 123 81.09 -13.08 46.36
N ALA C 124 81.54 -12.78 47.59
CA ALA C 124 82.58 -13.58 48.22
C ALA C 124 82.20 -15.06 48.26
N ASN C 125 80.98 -15.35 48.72
CA ASN C 125 80.52 -16.73 48.77
C ASN C 125 80.18 -17.29 47.39
N VAL C 126 80.27 -16.48 46.34
CA VAL C 126 80.03 -16.94 44.98
C VAL C 126 81.36 -17.29 44.34
N GLN C 127 81.35 -18.31 43.49
CA GLN C 127 82.52 -18.73 42.73
C GLN C 127 82.09 -18.98 41.30
N ILE C 128 82.75 -18.33 40.36
CA ILE C 128 82.40 -18.40 38.96
C ILE C 128 83.59 -18.94 38.20
N THR C 129 83.35 -19.89 37.29
CA THR C 129 84.44 -20.37 36.46
C THR C 129 83.90 -20.77 35.09
N VAL C 130 84.81 -20.94 34.14
CA VAL C 130 84.45 -21.07 32.74
C VAL C 130 85.06 -22.35 32.17
N THR C 131 84.25 -23.09 31.42
CA THR C 131 84.72 -24.23 30.64
C THR C 131 84.79 -23.84 29.18
N MET C 132 85.52 -24.65 28.41
CA MET C 132 85.77 -24.41 27.00
C MET C 132 85.22 -25.57 26.18
N LYS C 133 85.29 -25.44 24.85
CA LYS C 133 84.84 -26.59 24.06
C LYS C 133 85.77 -27.01 22.94
N GLY C 134 86.31 -26.05 22.17
CA GLY C 134 86.99 -26.36 20.94
C GLY C 134 88.46 -25.94 20.93
N ALA C 135 89.21 -26.53 20.00
CA ALA C 135 90.63 -26.27 19.90
C ALA C 135 90.99 -25.39 18.71
N THR C 136 90.55 -25.76 17.51
CA THR C 136 90.70 -25.00 16.26
C THR C 136 92.15 -24.82 15.83
N ARG C 137 93.11 -25.35 16.58
CA ARG C 137 94.52 -25.20 16.24
C ARG C 137 95.38 -26.12 17.11
N MET D 1 77.93 -19.25 17.64
CA MET D 1 76.92 -20.22 18.02
C MET D 1 77.38 -21.04 19.22
N ASN D 2 77.83 -20.35 20.27
CA ASN D 2 78.31 -21.04 21.46
C ASN D 2 77.14 -21.58 22.27
N PHE D 3 77.12 -22.89 22.45
CA PHE D 3 76.06 -23.54 23.21
C PHE D 3 76.23 -23.28 24.70
N ASN D 4 75.11 -23.28 25.40
CA ASN D 4 75.15 -23.20 26.86
C ASN D 4 75.67 -24.55 27.37
N VAL D 5 76.96 -24.60 27.65
CA VAL D 5 77.64 -25.85 27.99
C VAL D 5 77.98 -25.91 29.47
N GLY D 6 77.44 -24.98 30.27
CA GLY D 6 77.54 -25.10 31.71
C GLY D 6 76.94 -26.41 32.18
N VAL D 7 75.63 -26.55 32.05
CA VAL D 7 74.99 -27.85 32.09
C VAL D 7 75.66 -28.68 31.01
N ASP D 8 75.78 -29.99 31.20
CA ASP D 8 76.51 -30.81 30.25
C ASP D 8 77.97 -30.38 30.17
N PHE D 9 78.78 -30.81 31.15
CA PHE D 9 80.17 -30.47 31.45
C PHE D 9 80.32 -29.14 32.17
N PRO D 10 79.85 -29.02 33.42
CA PRO D 10 80.18 -27.85 34.23
C PRO D 10 81.60 -27.90 34.73
N SER D 11 81.99 -26.93 35.56
CA SER D 11 83.34 -26.85 36.07
C SER D 11 83.32 -26.19 37.44
N PHE D 12 84.29 -26.56 38.27
CA PHE D 12 84.33 -26.11 39.66
C PHE D 12 85.76 -25.87 40.09
N ILE D 13 85.91 -25.06 41.13
CA ILE D 13 87.23 -24.75 41.68
C ILE D 13 87.66 -25.86 42.62
N ALA D 14 88.90 -26.30 42.48
CA ALA D 14 89.50 -27.28 43.37
C ALA D 14 90.63 -26.72 44.21
N TRP D 15 91.53 -25.95 43.61
CA TRP D 15 92.66 -25.35 44.32
C TRP D 15 92.83 -23.92 43.82
N ASP D 16 92.55 -22.95 44.67
CA ASP D 16 92.60 -21.54 44.33
C ASP D 16 93.97 -20.92 44.54
N GLY D 17 95.00 -21.73 44.76
CA GLY D 17 96.31 -21.23 45.07
C GLY D 17 96.58 -21.04 46.55
N GLU D 18 95.56 -21.14 47.40
CA GLU D 18 95.73 -20.97 48.83
C GLU D 18 95.14 -22.12 49.61
N GLU D 19 94.02 -22.67 49.14
CA GLU D 19 93.31 -23.71 49.88
C GLU D 19 92.62 -24.65 48.91
N SER D 20 92.30 -25.84 49.41
CA SER D 20 91.65 -26.87 48.63
C SER D 20 90.13 -26.80 48.80
N PHE D 21 89.43 -27.58 47.97
CA PHE D 21 87.97 -27.61 48.00
C PHE D 21 87.45 -28.98 47.59
N PRO D 22 86.74 -29.69 48.47
CA PRO D 22 86.09 -30.94 48.05
C PRO D 22 84.95 -30.63 47.08
N VAL D 23 84.99 -31.27 45.92
CA VAL D 23 84.03 -31.03 44.85
C VAL D 23 83.30 -32.33 44.54
N LYS D 24 82.00 -32.35 44.80
CA LYS D 24 81.20 -33.56 44.68
C LYS D 24 81.27 -34.14 43.27
N VAL D 25 81.43 -35.46 43.19
CA VAL D 25 81.51 -36.16 41.91
C VAL D 25 80.53 -37.33 41.90
N ASP D 26 79.58 -37.33 42.83
CA ASP D 26 78.65 -38.45 42.94
C ASP D 26 77.74 -38.54 41.71
N GLY D 27 76.99 -37.47 41.44
CA GLY D 27 76.06 -37.49 40.32
C GLY D 27 76.70 -37.57 38.95
N PHE D 28 78.02 -37.46 38.88
CA PHE D 28 78.77 -37.58 37.65
C PHE D 28 79.47 -38.93 37.61
N ASN D 29 79.85 -39.36 36.42
CA ASN D 29 80.53 -40.64 36.26
C ASN D 29 81.91 -40.54 35.61
N GLN D 30 82.25 -39.40 35.00
CA GLN D 30 83.61 -39.17 34.54
C GLN D 30 84.03 -37.77 34.92
N PHE D 31 85.33 -37.56 35.09
CA PHE D 31 85.83 -36.23 35.43
C PHE D 31 87.34 -36.17 35.21
N GLY D 32 87.87 -34.97 35.38
CA GLY D 32 89.30 -34.76 35.23
C GLY D 32 89.69 -33.39 35.76
N PHE D 33 90.98 -33.09 35.71
CA PHE D 33 91.43 -31.83 36.28
C PHE D 33 92.38 -31.12 35.35
N THR D 34 92.53 -29.82 35.57
CA THR D 34 93.45 -29.07 34.77
C THR D 34 94.37 -28.34 35.68
N PHE D 35 95.43 -27.78 35.13
CA PHE D 35 96.38 -27.10 35.94
C PHE D 35 96.86 -25.90 35.18
N LYS D 36 96.65 -24.72 35.75
CA LYS D 36 97.03 -23.49 35.08
C LYS D 36 97.97 -22.69 35.97
N THR D 37 99.04 -22.17 35.39
CA THR D 37 100.01 -21.39 36.15
C THR D 37 99.76 -19.90 35.95
N ILE D 38 99.86 -19.14 37.04
CA ILE D 38 99.72 -17.69 36.96
C ILE D 38 101.07 -17.00 36.73
N ALA D 39 102.17 -17.65 37.13
CA ALA D 39 103.50 -17.11 36.91
C ALA D 39 104.43 -18.26 36.59
N ALA D 40 105.64 -17.92 36.12
CA ALA D 40 106.64 -18.94 35.82
C ALA D 40 107.08 -19.63 37.11
N LEU D 41 107.04 -20.96 37.10
CA LEU D 41 107.40 -21.72 38.28
C LEU D 41 108.89 -21.61 38.57
N THR D 42 109.30 -22.19 39.70
CA THR D 42 110.71 -22.23 40.09
C THR D 42 111.31 -23.62 40.05
N ALA D 43 110.51 -24.66 40.24
CA ALA D 43 110.96 -26.04 40.20
C ALA D 43 109.75 -26.93 39.96
N ALA D 44 109.95 -28.24 40.03
CA ALA D 44 108.84 -29.17 39.91
C ALA D 44 107.91 -29.01 41.10
N THR D 45 106.61 -28.97 40.82
CA THR D 45 105.59 -28.75 41.85
C THR D 45 104.72 -29.99 41.95
N THR D 46 104.80 -30.67 43.09
CA THR D 46 104.12 -31.94 43.29
C THR D 46 102.81 -31.72 44.05
N PHE D 47 101.78 -32.46 43.65
CA PHE D 47 100.44 -32.33 44.23
C PHE D 47 99.93 -33.71 44.63
N ASN D 48 99.46 -33.80 45.87
CA ASN D 48 98.80 -34.99 46.38
C ASN D 48 97.30 -34.90 46.15
N ILE D 49 96.69 -36.07 45.98
CA ILE D 49 95.26 -36.20 45.71
C ILE D 49 94.62 -36.95 46.88
N PHE D 50 93.39 -36.59 47.21
CA PHE D 50 92.65 -37.24 48.28
C PHE D 50 91.21 -37.43 47.85
N TYR D 51 90.57 -38.44 48.43
CA TYR D 51 89.14 -38.67 48.24
C TYR D 51 88.45 -38.68 49.59
N HIS D 52 87.16 -38.35 49.59
CA HIS D 52 86.41 -38.25 50.82
C HIS D 52 85.23 -39.21 50.80
N GLU D 53 84.63 -39.38 51.98
CA GLU D 53 83.44 -40.18 52.19
C GLU D 53 82.41 -39.37 52.96
N PRO D 54 81.13 -39.69 52.81
CA PRO D 54 80.10 -38.91 53.52
C PRO D 54 80.22 -39.09 55.02
N SER D 55 80.39 -37.99 55.74
CA SER D 55 80.41 -38.03 57.19
C SER D 55 79.10 -38.59 57.71
N ASP D 56 79.21 -39.46 58.72
CA ASP D 56 78.01 -40.13 59.24
C ASP D 56 76.96 -39.15 59.73
N ALA D 57 77.38 -37.97 60.18
CA ALA D 57 76.42 -36.97 60.65
C ALA D 57 75.51 -36.49 59.53
N ASP D 58 76.02 -36.44 58.31
CA ASP D 58 75.24 -35.95 57.18
C ASP D 58 75.79 -36.53 55.88
N PRO D 59 74.96 -37.22 55.09
CA PRO D 59 75.46 -37.81 53.84
C PRO D 59 75.75 -36.80 52.76
N CYS D 60 75.67 -35.50 53.08
CA CYS D 60 75.95 -34.43 52.12
C CYS D 60 77.08 -33.53 52.59
N VAL D 61 77.95 -34.02 53.46
CA VAL D 61 79.09 -33.23 53.93
C VAL D 61 80.33 -34.11 53.85
N PRO D 62 81.48 -33.60 53.42
CA PRO D 62 82.69 -34.42 53.36
C PRO D 62 83.12 -34.91 54.73
N GLY D 63 83.57 -36.15 54.79
CA GLY D 63 84.20 -36.70 55.96
C GLY D 63 85.66 -36.34 56.01
N PRO D 64 86.52 -37.32 56.30
CA PRO D 64 87.96 -37.09 56.28
C PRO D 64 88.47 -37.06 54.83
N ALA D 65 89.77 -36.89 54.70
CA ALA D 65 90.45 -36.83 53.39
C ALA D 65 91.40 -38.02 53.31
N ILE D 66 90.89 -39.16 52.86
CA ILE D 66 91.70 -40.36 52.75
C ILE D 66 92.58 -40.23 51.50
N ARG D 67 93.77 -40.83 51.56
CA ARG D 67 94.70 -40.72 50.45
C ARG D 67 94.32 -41.72 49.37
N VAL D 68 93.99 -41.20 48.18
CA VAL D 68 93.62 -42.07 47.06
C VAL D 68 94.77 -43.01 46.75
N PRO D 69 94.53 -44.30 46.49
CA PRO D 69 95.64 -45.22 46.19
C PRO D 69 95.99 -45.24 44.71
N GLU D 70 97.27 -45.08 44.41
CA GLU D 70 97.73 -45.14 43.02
C GLU D 70 97.61 -46.58 42.50
N VAL D 71 97.24 -46.71 41.24
CA VAL D 71 97.03 -48.02 40.63
C VAL D 71 97.83 -48.13 39.34
N PRO D 72 98.56 -49.23 39.14
CA PRO D 72 99.33 -49.39 37.90
C PRO D 72 98.57 -50.12 36.81
N PHE D 73 99.14 -50.17 35.61
CA PHE D 73 98.58 -50.93 34.51
C PHE D 73 99.72 -51.43 33.63
N CYS D 74 99.40 -51.76 32.37
CA CYS D 74 100.27 -52.53 31.49
C CYS D 74 101.74 -52.14 31.54
N ASP D 75 102.05 -50.88 31.23
CA ASP D 75 103.44 -50.45 31.10
C ASP D 75 103.93 -49.64 32.29
N THR D 76 103.09 -49.38 33.28
CA THR D 76 103.53 -48.66 34.48
C THR D 76 104.47 -49.55 35.28
N VAL D 77 105.75 -49.18 35.31
CA VAL D 77 106.77 -49.98 35.98
C VAL D 77 107.60 -49.09 36.88
N LEU D 78 107.09 -47.90 37.20
CA LEU D 78 107.79 -46.89 37.99
C LEU D 78 106.95 -46.46 39.18
N LEU D 79 106.39 -47.45 39.88
CA LEU D 79 105.44 -47.17 40.96
C LEU D 79 106.10 -46.39 42.09
N SER D 80 105.28 -45.58 42.76
CA SER D 80 105.71 -44.76 43.89
C SER D 80 105.79 -45.61 45.17
N GLU D 81 105.86 -44.94 46.32
CA GLU D 81 106.03 -45.63 47.60
C GLU D 81 104.73 -46.38 47.92
N ASP D 82 104.63 -47.58 47.35
CA ASP D 82 103.56 -48.58 47.47
C ASP D 82 102.23 -48.10 46.90
N GLY D 83 102.15 -46.89 46.37
CA GLY D 83 100.92 -46.43 45.74
C GLY D 83 100.25 -45.27 46.44
N LEU D 84 100.39 -44.09 45.84
CA LEU D 84 99.64 -42.91 46.27
C LEU D 84 99.59 -41.96 45.08
N ALA D 85 98.39 -41.70 44.58
CA ALA D 85 98.23 -40.88 43.39
C ALA D 85 98.72 -39.47 43.65
N ALA D 86 99.86 -39.11 43.04
CA ALA D 86 100.46 -37.80 43.19
C ALA D 86 101.02 -37.37 41.85
N VAL D 87 100.64 -36.17 41.41
CA VAL D 87 101.08 -35.66 40.12
C VAL D 87 102.16 -34.61 40.37
N THR D 88 102.80 -34.18 39.29
CA THR D 88 103.86 -33.18 39.41
C THR D 88 103.88 -32.33 38.16
N LEU D 89 103.53 -31.06 38.31
CA LEU D 89 103.71 -30.11 37.24
C LEU D 89 105.19 -29.82 37.08
N PRO D 90 105.79 -30.13 35.94
CA PRO D 90 107.24 -29.94 35.79
C PRO D 90 107.60 -28.47 35.67
N GLU D 91 108.90 -28.21 35.76
CA GLU D 91 109.41 -26.87 35.56
C GLU D 91 109.33 -26.52 34.07
N THR D 92 109.55 -25.23 33.77
CA THR D 92 109.53 -24.70 32.41
C THR D 92 108.19 -24.93 31.73
N VAL D 93 107.12 -24.71 32.48
CA VAL D 93 105.76 -24.68 31.95
C VAL D 93 105.26 -23.25 32.13
N THR D 94 105.36 -22.45 31.08
CA THR D 94 105.08 -21.03 31.16
C THR D 94 103.60 -20.78 31.41
N PRO D 95 103.23 -19.56 31.84
CA PRO D 95 101.81 -19.19 31.87
C PRO D 95 101.16 -19.24 30.50
N ASP D 96 99.86 -18.92 30.45
CA ASP D 96 99.00 -19.12 29.28
C ASP D 96 99.24 -20.50 28.66
N SER D 97 99.48 -21.49 29.51
CA SER D 97 99.70 -22.86 29.07
C SER D 97 99.10 -23.78 30.11
N PHE D 98 98.00 -24.44 29.77
CA PHE D 98 97.28 -25.30 30.68
C PHE D 98 97.83 -26.73 30.62
N CYS D 99 97.44 -27.54 31.60
CA CYS D 99 97.89 -28.92 31.69
C CYS D 99 96.73 -29.80 32.13
N ALA D 100 96.84 -31.09 31.80
CA ALA D 100 95.74 -32.04 31.97
C ALA D 100 96.05 -33.05 33.06
N GLY D 101 94.99 -33.62 33.63
CA GLY D 101 95.17 -34.71 34.57
C GLY D 101 93.89 -35.49 34.78
N THR D 102 94.05 -36.71 35.29
CA THR D 102 92.91 -37.57 35.59
C THR D 102 93.37 -38.70 36.50
N VAL D 103 92.41 -39.35 37.13
CA VAL D 103 92.64 -40.51 37.98
C VAL D 103 92.05 -41.73 37.28
N PRO D 104 92.80 -42.84 37.18
CA PRO D 104 92.27 -43.99 36.42
C PRO D 104 91.01 -44.59 37.01
N CYS D 105 91.01 -44.90 38.31
CA CYS D 105 89.88 -45.53 38.96
C CYS D 105 89.37 -44.62 40.07
N MET D 106 88.13 -44.17 39.94
CA MET D 106 87.53 -43.32 40.97
C MET D 106 87.16 -44.15 42.19
N ASN D 107 87.13 -43.49 43.34
CA ASN D 107 86.78 -44.15 44.60
C ASN D 107 86.38 -43.09 45.62
N GLY D 108 85.30 -43.36 46.34
CA GLY D 108 84.81 -42.42 47.33
C GLY D 108 83.62 -41.61 46.83
N GLN D 109 83.52 -40.35 47.28
CA GLN D 109 82.41 -39.49 46.92
C GLN D 109 82.83 -38.18 46.28
N TRP D 110 84.01 -37.66 46.61
CA TRP D 110 84.53 -36.47 45.93
C TRP D 110 86.03 -36.36 46.18
N ILE D 111 86.66 -35.52 45.38
CA ILE D 111 88.11 -35.42 45.31
C ILE D 111 88.56 -34.08 45.86
N SER D 112 89.83 -34.03 46.27
CA SER D 112 90.49 -32.80 46.68
C SER D 112 91.96 -32.90 46.30
N ILE D 113 92.56 -31.74 46.01
CA ILE D 113 93.95 -31.66 45.60
C ILE D 113 94.67 -30.73 46.58
N ALA D 114 95.92 -31.08 46.90
CA ALA D 114 96.71 -30.25 47.78
C ALA D 114 98.15 -30.26 47.29
N PRO D 115 98.93 -29.22 47.59
CA PRO D 115 100.36 -29.27 47.27
C PRO D 115 101.06 -30.31 48.12
N ALA D 116 101.87 -31.15 47.47
CA ALA D 116 102.72 -32.06 48.22
C ALA D 116 103.75 -31.25 49.00
N THR D 117 104.14 -31.80 50.16
CA THR D 117 105.07 -31.11 51.05
C THR D 117 106.32 -30.68 50.32
N GLY D 118 106.65 -29.40 50.42
CA GLY D 118 107.75 -28.81 49.70
C GLY D 118 107.36 -28.05 48.45
N SER D 119 106.19 -28.36 47.88
CA SER D 119 105.69 -27.69 46.69
C SER D 119 104.70 -26.59 47.01
N GLU D 120 104.65 -26.14 48.26
CA GLU D 120 103.61 -25.19 48.68
C GLU D 120 103.84 -23.81 48.08
N THR D 121 105.07 -23.29 48.20
CA THR D 121 105.35 -21.94 47.76
C THR D 121 105.12 -21.78 46.25
N ASN D 122 105.38 -22.84 45.48
CA ASN D 122 105.10 -22.78 44.06
C ASN D 122 103.62 -23.01 43.78
N ALA D 123 102.97 -23.85 44.58
CA ALA D 123 101.53 -24.03 44.44
C ALA D 123 100.76 -22.74 44.73
N ALA D 124 101.37 -21.81 45.47
CA ALA D 124 100.77 -20.50 45.66
C ALA D 124 100.61 -19.72 44.37
N ASN D 125 101.16 -20.22 43.26
CA ASN D 125 101.08 -19.56 41.96
C ASN D 125 100.44 -20.46 40.91
N VAL D 126 99.49 -21.31 41.32
CA VAL D 126 98.84 -22.25 40.41
C VAL D 126 97.36 -22.33 40.76
N GLN D 127 96.56 -22.69 39.77
CA GLN D 127 95.12 -22.87 39.92
C GLN D 127 94.75 -24.24 39.38
N ILE D 128 93.95 -24.98 40.13
CA ILE D 128 93.54 -26.33 39.77
C ILE D 128 92.03 -26.36 39.72
N THR D 129 91.47 -26.71 38.56
CA THR D 129 90.03 -26.80 38.37
C THR D 129 89.65 -28.21 37.97
N VAL D 130 88.39 -28.55 38.21
CA VAL D 130 87.87 -29.88 37.90
C VAL D 130 86.75 -29.73 36.88
N THR D 131 86.63 -30.74 36.02
CA THR D 131 85.58 -30.74 35.00
C THR D 131 85.03 -32.15 34.87
N MET D 132 83.71 -32.28 34.98
CA MET D 132 83.05 -33.58 34.96
C MET D 132 82.47 -33.87 33.58
N LYS D 133 81.80 -35.02 33.47
CA LYS D 133 81.34 -35.54 32.20
C LYS D 133 80.40 -36.71 32.45
N GLY D 134 79.36 -36.80 31.61
CA GLY D 134 78.47 -37.94 31.61
C GLY D 134 77.37 -37.92 32.65
N ALA D 135 77.28 -36.88 33.47
CA ALA D 135 76.36 -36.85 34.60
C ALA D 135 74.94 -37.25 34.22
N THR D 136 74.34 -38.10 35.06
CA THR D 136 72.93 -38.42 34.97
C THR D 136 72.18 -38.13 36.26
N ARG D 137 72.87 -38.11 37.40
CA ARG D 137 72.31 -37.80 38.72
C ARG D 137 71.28 -38.84 39.18
N MET E 1 148.61 -51.05 -74.76
CA MET E 1 147.76 -50.30 -73.85
C MET E 1 148.25 -50.43 -72.41
N ASN E 2 149.51 -50.05 -72.18
CA ASN E 2 150.08 -50.13 -70.84
C ASN E 2 149.51 -49.04 -69.96
N PHE E 3 149.20 -49.39 -68.72
CA PHE E 3 148.77 -48.40 -67.75
C PHE E 3 149.98 -47.69 -67.17
N ASN E 4 149.74 -46.50 -66.61
CA ASN E 4 150.77 -45.89 -65.79
C ASN E 4 150.84 -46.67 -64.49
N VAL E 5 151.71 -47.69 -64.46
CA VAL E 5 151.77 -48.61 -63.33
C VAL E 5 152.72 -48.05 -62.30
N GLY E 6 153.04 -46.77 -62.42
CA GLY E 6 153.68 -46.04 -61.35
C GLY E 6 152.72 -45.38 -60.38
N VAL E 7 151.42 -45.42 -60.68
CA VAL E 7 150.40 -44.95 -59.77
C VAL E 7 150.15 -46.07 -58.77
N ASP E 8 150.86 -47.18 -58.96
CA ASP E 8 150.87 -48.31 -58.05
C ASP E 8 152.29 -48.86 -58.06
N PHE E 9 152.54 -49.83 -57.17
CA PHE E 9 153.79 -50.56 -57.11
C PHE E 9 155.01 -49.68 -57.36
N PRO E 10 155.19 -48.58 -56.64
CA PRO E 10 156.33 -47.70 -56.91
C PRO E 10 157.62 -48.31 -56.41
N SER E 11 158.67 -48.20 -57.23
CA SER E 11 159.96 -48.81 -56.93
C SER E 11 160.94 -47.76 -56.46
N PHE E 12 161.88 -48.20 -55.63
CA PHE E 12 162.92 -47.32 -55.10
C PHE E 12 164.21 -48.11 -54.98
N ILE E 13 165.34 -47.40 -55.08
CA ILE E 13 166.63 -48.06 -55.06
C ILE E 13 166.93 -48.60 -53.67
N ALA E 14 167.46 -49.82 -53.61
CA ALA E 14 167.87 -50.46 -52.37
C ALA E 14 169.37 -50.69 -52.30
N TRP E 15 169.99 -51.14 -53.38
CA TRP E 15 171.43 -51.41 -53.43
C TRP E 15 171.88 -51.20 -54.87
N ASP E 16 172.49 -50.07 -55.15
CA ASP E 16 173.01 -49.77 -56.49
C ASP E 16 174.45 -50.24 -56.63
N GLY E 17 174.70 -51.50 -56.28
CA GLY E 17 176.04 -52.05 -56.38
C GLY E 17 176.94 -51.72 -55.21
N GLU E 18 176.96 -50.45 -54.78
CA GLU E 18 177.88 -50.06 -53.71
C GLU E 18 177.27 -49.06 -52.73
N GLU E 19 175.95 -48.93 -52.67
CA GLU E 19 175.35 -47.99 -51.73
C GLU E 19 173.92 -48.42 -51.42
N SER E 20 173.59 -48.49 -50.14
CA SER E 20 172.25 -48.83 -49.70
C SER E 20 171.37 -47.58 -49.62
N PHE E 21 170.09 -47.79 -49.40
CA PHE E 21 169.14 -46.69 -49.30
C PHE E 21 167.98 -47.06 -48.39
N PRO E 22 167.81 -46.37 -47.26
CA PRO E 22 166.66 -46.66 -46.39
C PRO E 22 165.35 -46.22 -47.04
N VAL E 23 164.55 -47.18 -47.47
CA VAL E 23 163.31 -46.90 -48.18
C VAL E 23 162.15 -46.98 -47.19
N LYS E 24 161.21 -46.05 -47.30
CA LYS E 24 160.11 -45.94 -46.37
C LYS E 24 158.98 -46.88 -46.77
N VAL E 25 158.46 -47.62 -45.80
CA VAL E 25 157.36 -48.56 -46.00
C VAL E 25 156.17 -48.20 -45.11
N ASP E 26 156.09 -46.95 -44.66
CA ASP E 26 155.03 -46.56 -43.72
C ASP E 26 153.66 -46.61 -44.37
N GLY E 27 153.45 -45.78 -45.41
CA GLY E 27 152.17 -45.80 -46.08
C GLY E 27 151.88 -47.12 -46.75
N PHE E 28 152.91 -47.77 -47.27
CA PHE E 28 152.73 -49.00 -48.01
C PHE E 28 152.47 -50.16 -47.04
N ASN E 29 151.92 -51.26 -47.57
CA ASN E 29 151.58 -52.40 -46.74
C ASN E 29 152.06 -53.74 -47.28
N GLN E 30 152.55 -53.80 -48.53
CA GLN E 30 153.17 -55.01 -49.06
C GLN E 30 154.31 -54.57 -49.96
N PHE E 31 155.44 -55.26 -49.85
CA PHE E 31 156.64 -54.87 -50.58
C PHE E 31 157.51 -56.09 -50.81
N GLY E 32 158.12 -56.16 -52.00
CA GLY E 32 158.94 -57.27 -52.39
C GLY E 32 160.38 -56.88 -52.60
N PHE E 33 161.09 -57.73 -53.34
CA PHE E 33 162.51 -57.55 -53.60
C PHE E 33 162.79 -57.91 -55.06
N THR E 34 163.81 -57.27 -55.63
CA THR E 34 164.25 -57.58 -56.98
C THR E 34 165.78 -57.55 -56.99
N PHE E 35 166.39 -58.70 -57.25
CA PHE E 35 167.84 -58.84 -57.34
C PHE E 35 168.20 -59.14 -58.79
N LYS E 36 168.86 -58.19 -59.45
CA LYS E 36 169.26 -58.33 -60.84
C LYS E 36 170.76 -58.14 -60.94
N THR E 37 171.43 -59.08 -61.60
CA THR E 37 172.87 -58.98 -61.71
C THR E 37 173.25 -58.28 -63.00
N ILE E 38 174.43 -57.66 -63.00
CA ILE E 38 174.94 -56.98 -64.18
C ILE E 38 176.04 -57.76 -64.87
N ALA E 39 176.68 -58.70 -64.19
CA ALA E 39 177.76 -59.49 -64.76
C ALA E 39 177.74 -60.86 -64.09
N ALA E 40 178.84 -61.59 -64.19
CA ALA E 40 178.96 -62.84 -63.46
C ALA E 40 179.52 -62.58 -62.07
N LEU E 41 179.21 -63.48 -61.15
CA LEU E 41 179.71 -63.40 -59.78
C LEU E 41 180.90 -64.32 -59.61
N THR E 42 181.51 -64.27 -58.43
CA THR E 42 182.65 -65.13 -58.09
C THR E 42 182.24 -66.28 -57.20
N ALA E 43 181.66 -65.97 -56.04
CA ALA E 43 181.07 -66.97 -55.15
C ALA E 43 179.66 -66.52 -54.81
N ALA E 44 178.97 -67.31 -53.98
CA ALA E 44 177.68 -66.89 -53.48
C ALA E 44 177.81 -65.58 -52.71
N THR E 45 176.75 -64.79 -52.74
CA THR E 45 176.76 -63.47 -52.14
C THR E 45 175.70 -63.41 -51.06
N THR E 46 176.01 -62.71 -49.97
CA THR E 46 175.13 -62.66 -48.81
C THR E 46 174.76 -61.23 -48.50
N PHE E 47 173.62 -61.06 -47.83
CA PHE E 47 173.11 -59.74 -47.50
C PHE E 47 172.37 -59.82 -46.16
N ASN E 48 172.59 -58.81 -45.34
CA ASN E 48 171.91 -58.67 -44.06
C ASN E 48 170.78 -57.65 -44.21
N ILE E 49 169.61 -58.01 -43.72
CA ILE E 49 168.45 -57.12 -43.75
C ILE E 49 168.48 -56.25 -42.51
N PHE E 50 168.15 -54.97 -42.68
CA PHE E 50 168.13 -54.01 -41.58
C PHE E 50 166.84 -53.21 -41.67
N TYR E 51 166.50 -52.57 -40.56
CA TYR E 51 165.35 -51.68 -40.53
C TYR E 51 165.67 -50.48 -39.66
N HIS E 52 164.90 -49.42 -39.85
CA HIS E 52 165.09 -48.17 -39.15
C HIS E 52 163.76 -47.69 -38.61
N GLU E 53 163.80 -47.17 -37.39
CA GLU E 53 162.71 -46.56 -36.66
C GLU E 53 162.79 -45.05 -36.78
N PRO E 54 161.67 -44.34 -36.59
CA PRO E 54 161.74 -42.88 -36.59
C PRO E 54 162.67 -42.35 -35.51
N SER E 55 163.77 -41.74 -35.92
CA SER E 55 164.71 -41.17 -34.96
C SER E 55 164.05 -40.01 -34.22
N ASP E 56 164.35 -39.90 -32.93
CA ASP E 56 163.70 -38.88 -32.10
C ASP E 56 163.96 -37.47 -32.62
N ALA E 57 165.05 -37.27 -33.36
CA ALA E 57 165.35 -35.95 -33.90
C ALA E 57 164.28 -35.52 -34.90
N ASP E 58 163.84 -36.43 -35.77
CA ASP E 58 162.83 -36.09 -36.75
C ASP E 58 162.05 -37.35 -37.08
N PRO E 59 160.72 -37.32 -36.99
CA PRO E 59 159.92 -38.50 -37.33
C PRO E 59 159.87 -38.81 -38.82
N CYS E 60 160.43 -37.95 -39.67
CA CYS E 60 160.36 -38.11 -41.12
C CYS E 60 161.69 -38.60 -41.69
N VAL E 61 162.58 -39.08 -40.84
CA VAL E 61 163.90 -39.56 -41.27
C VAL E 61 164.21 -40.90 -40.60
N PRO E 62 164.92 -41.79 -41.29
CA PRO E 62 165.26 -43.09 -40.69
C PRO E 62 166.24 -42.94 -39.54
N GLY E 63 166.11 -43.81 -38.54
CA GLY E 63 167.03 -43.87 -37.44
C GLY E 63 168.20 -44.78 -37.71
N PRO E 64 168.67 -45.48 -36.67
CA PRO E 64 169.80 -46.40 -36.85
C PRO E 64 169.44 -47.63 -37.66
N ALA E 65 170.41 -48.51 -37.88
CA ALA E 65 170.23 -49.72 -38.69
C ALA E 65 170.24 -50.91 -37.75
N ILE E 66 169.06 -51.48 -37.51
CA ILE E 66 168.90 -52.64 -36.65
C ILE E 66 168.60 -53.85 -37.51
N ARG E 67 169.25 -54.97 -37.21
CA ARG E 67 168.98 -56.20 -37.92
C ARG E 67 167.53 -56.64 -37.70
N VAL E 68 167.04 -57.47 -38.59
CA VAL E 68 165.67 -57.97 -38.57
C VAL E 68 165.71 -59.44 -38.13
N PRO E 69 164.94 -59.83 -37.12
CA PRO E 69 164.93 -61.25 -36.72
C PRO E 69 164.19 -62.10 -37.73
N GLU E 70 164.82 -63.20 -38.15
CA GLU E 70 164.18 -64.11 -39.07
C GLU E 70 163.16 -64.95 -38.34
N VAL E 71 161.92 -64.95 -38.84
CA VAL E 71 160.85 -65.73 -38.23
C VAL E 71 160.77 -67.08 -38.93
N PRO E 72 160.59 -68.17 -38.18
CA PRO E 72 160.42 -69.47 -38.83
C PRO E 72 158.96 -69.77 -39.13
N PHE E 73 158.74 -70.37 -40.30
CA PHE E 73 157.42 -70.84 -40.67
C PHE E 73 157.13 -72.13 -39.93
N CYS E 74 156.04 -72.81 -40.31
CA CYS E 74 155.94 -74.22 -40.01
C CYS E 74 157.01 -74.99 -40.78
N ASP E 75 157.13 -76.27 -40.47
CA ASP E 75 158.03 -77.23 -41.14
C ASP E 75 159.34 -76.58 -41.60
N THR E 76 159.99 -75.89 -40.67
CA THR E 76 161.27 -75.26 -40.93
C THR E 76 162.41 -76.12 -40.39
N VAL E 77 163.49 -76.22 -41.16
CA VAL E 77 164.58 -77.11 -40.83
C VAL E 77 165.80 -76.39 -40.27
N LEU E 78 166.02 -75.12 -40.65
CA LEU E 78 167.20 -74.40 -40.21
C LEU E 78 166.79 -73.03 -39.69
N LEU E 79 167.70 -72.44 -38.91
CA LEU E 79 167.54 -71.09 -38.40
C LEU E 79 168.88 -70.39 -38.47
N SER E 80 168.86 -69.11 -38.83
CA SER E 80 170.08 -68.31 -38.82
C SER E 80 170.70 -68.35 -37.44
N GLU E 81 172.02 -68.60 -37.41
CA GLU E 81 172.76 -68.82 -36.17
C GLU E 81 172.46 -67.80 -35.09
N ASP E 82 172.17 -66.56 -35.50
CA ASP E 82 171.81 -65.51 -34.56
C ASP E 82 170.30 -65.33 -34.42
N GLY E 83 169.51 -65.93 -35.30
CA GLY E 83 168.09 -65.67 -35.36
C GLY E 83 167.72 -64.43 -36.15
N LEU E 84 168.69 -63.75 -36.75
CA LEU E 84 168.46 -62.53 -37.50
C LEU E 84 168.35 -62.85 -38.98
N ALA E 85 167.45 -62.15 -39.66
CA ALA E 85 167.20 -62.41 -41.08
C ALA E 85 168.41 -62.07 -41.93
N ALA E 86 168.61 -62.87 -42.97
CA ALA E 86 169.66 -62.65 -43.95
C ALA E 86 169.32 -63.43 -45.20
N VAL E 87 169.63 -62.85 -46.36
CA VAL E 87 169.27 -63.44 -47.65
C VAL E 87 170.52 -63.52 -48.51
N THR E 88 170.72 -64.67 -49.15
CA THR E 88 171.88 -64.88 -50.01
C THR E 88 171.43 -65.23 -51.42
N LEU E 89 172.14 -64.67 -52.40
CA LEU E 89 171.99 -65.07 -53.79
C LEU E 89 173.11 -66.03 -54.14
N PRO E 90 172.81 -67.25 -54.56
CA PRO E 90 173.88 -68.23 -54.79
C PRO E 90 174.71 -67.88 -56.01
N GLU E 91 175.84 -68.58 -56.13
CA GLU E 91 176.68 -68.45 -57.30
C GLU E 91 175.96 -69.01 -58.52
N THR E 92 176.53 -68.74 -59.70
CA THR E 92 176.01 -69.21 -60.98
C THR E 92 174.59 -68.68 -61.23
N VAL E 93 174.50 -67.36 -61.29
CA VAL E 93 173.28 -66.66 -61.69
C VAL E 93 173.59 -65.81 -62.91
N THR E 94 172.75 -65.91 -63.93
CA THR E 94 172.96 -65.12 -65.13
C THR E 94 172.48 -63.69 -64.90
N PRO E 95 173.14 -62.70 -65.50
CA PRO E 95 172.70 -61.32 -65.32
C PRO E 95 171.58 -60.95 -66.28
N ASP E 96 170.63 -61.88 -66.48
CA ASP E 96 169.42 -61.58 -67.24
C ASP E 96 168.20 -62.27 -66.64
N SER E 97 168.23 -62.60 -65.36
CA SER E 97 167.13 -63.31 -64.72
C SER E 97 167.08 -62.86 -63.26
N PHE E 98 166.11 -62.04 -62.93
CA PHE E 98 165.98 -61.47 -61.59
C PHE E 98 165.63 -62.56 -60.57
N CYS E 99 165.80 -62.21 -59.30
CA CYS E 99 165.40 -63.05 -58.19
C CYS E 99 164.48 -62.26 -57.26
N ALA E 100 163.55 -62.96 -56.63
CA ALA E 100 162.53 -62.35 -55.79
C ALA E 100 162.69 -62.78 -54.34
N GLY E 101 162.19 -61.93 -53.45
CA GLY E 101 162.22 -62.23 -52.03
C GLY E 101 161.39 -61.23 -51.27
N THR E 102 160.98 -61.63 -50.06
CA THR E 102 160.13 -60.78 -49.24
C THR E 102 160.15 -61.28 -47.80
N VAL E 103 160.45 -60.39 -46.88
CA VAL E 103 160.39 -60.74 -45.45
C VAL E 103 158.94 -60.95 -45.04
N PRO E 104 158.58 -62.08 -44.42
CA PRO E 104 157.17 -62.36 -44.14
C PRO E 104 156.57 -61.56 -42.99
N CYS E 105 157.39 -60.86 -42.20
CA CYS E 105 156.86 -60.06 -41.10
C CYS E 105 157.72 -58.82 -40.96
N MET E 106 157.13 -57.66 -41.25
CA MET E 106 157.86 -56.41 -41.21
C MET E 106 158.11 -55.98 -39.76
N ASN E 107 158.99 -54.99 -39.62
CA ASN E 107 159.25 -54.32 -38.35
C ASN E 107 160.02 -53.03 -38.62
N GLY E 108 159.51 -51.91 -38.14
CA GLY E 108 160.14 -50.63 -38.39
C GLY E 108 159.43 -49.84 -39.47
N GLN E 109 160.04 -48.70 -39.81
CA GLN E 109 159.48 -47.82 -40.83
C GLN E 109 160.34 -47.71 -42.08
N TRP E 110 161.62 -48.09 -42.02
CA TRP E 110 162.45 -48.12 -43.21
C TRP E 110 163.14 -49.47 -43.33
N ILE E 111 163.15 -50.02 -44.54
CA ILE E 111 163.82 -51.27 -44.85
C ILE E 111 165.13 -50.95 -45.56
N SER E 112 166.14 -51.78 -45.31
CA SER E 112 167.44 -51.59 -45.95
C SER E 112 168.14 -52.94 -46.09
N ILE E 113 169.02 -53.04 -47.09
CA ILE E 113 169.79 -54.24 -47.34
C ILE E 113 171.26 -53.85 -47.38
N ALA E 114 172.10 -54.65 -46.70
CA ALA E 114 173.52 -54.37 -46.69
C ALA E 114 174.28 -55.61 -47.14
N PRO E 115 175.38 -55.45 -47.87
CA PRO E 115 176.20 -56.61 -48.25
C PRO E 115 176.86 -57.21 -47.02
N ALA E 116 176.50 -58.45 -46.70
CA ALA E 116 177.09 -59.12 -45.55
C ALA E 116 178.59 -59.24 -45.74
N THR E 117 179.32 -59.10 -44.63
CA THR E 117 180.77 -59.01 -44.67
C THR E 117 181.39 -60.23 -45.33
N GLY E 118 182.60 -60.05 -45.85
CA GLY E 118 183.32 -61.10 -46.54
C GLY E 118 182.83 -61.43 -47.92
N SER E 119 181.76 -60.78 -48.39
CA SER E 119 181.23 -61.00 -49.73
C SER E 119 180.81 -59.68 -50.36
N GLU E 120 181.61 -58.64 -50.15
CA GLU E 120 181.26 -57.30 -50.59
C GLU E 120 181.82 -56.95 -51.97
N THR E 121 182.75 -57.75 -52.50
CA THR E 121 183.27 -57.46 -53.83
C THR E 121 182.26 -57.81 -54.92
N ASN E 122 181.44 -58.84 -54.68
CA ASN E 122 180.40 -59.19 -55.65
C ASN E 122 179.21 -58.24 -55.60
N ALA E 123 179.04 -57.53 -54.49
CA ALA E 123 177.89 -56.63 -54.34
C ALA E 123 177.80 -55.62 -55.47
N ALA E 124 178.96 -55.20 -55.99
CA ALA E 124 178.97 -54.25 -57.11
C ALA E 124 178.19 -54.79 -58.29
N ASN E 125 178.38 -56.07 -58.61
CA ASN E 125 177.70 -56.67 -59.75
C ASN E 125 176.20 -56.83 -59.54
N VAL E 126 175.72 -56.70 -58.32
CA VAL E 126 174.31 -56.92 -58.00
C VAL E 126 173.62 -55.57 -57.89
N GLN E 127 172.37 -55.54 -58.33
CA GLN E 127 171.50 -54.37 -58.19
C GLN E 127 170.20 -54.84 -57.56
N ILE E 128 169.88 -54.29 -56.39
CA ILE E 128 168.68 -54.66 -55.65
C ILE E 128 167.76 -53.46 -55.57
N THR E 129 166.48 -53.67 -55.85
CA THR E 129 165.51 -52.59 -55.62
C THR E 129 164.18 -53.18 -55.19
N VAL E 130 163.37 -52.34 -54.56
CA VAL E 130 162.18 -52.75 -53.84
C VAL E 130 160.94 -52.12 -54.46
N THR E 131 159.89 -52.91 -54.61
CA THR E 131 158.60 -52.45 -55.06
C THR E 131 157.62 -52.40 -53.90
N MET E 132 156.53 -51.67 -54.09
CA MET E 132 155.50 -51.49 -53.07
C MET E 132 154.17 -52.02 -53.59
N LYS E 133 153.14 -52.01 -52.73
CA LYS E 133 151.86 -52.49 -53.24
C LYS E 133 150.69 -51.56 -52.99
N GLY E 134 150.54 -51.02 -51.77
CA GLY E 134 149.38 -50.26 -51.39
C GLY E 134 149.72 -48.86 -50.89
N ALA E 135 148.69 -48.02 -50.83
CA ALA E 135 148.88 -46.62 -50.44
C ALA E 135 148.39 -46.33 -49.03
N THR E 136 147.13 -46.68 -48.73
CA THR E 136 146.56 -46.63 -47.38
C THR E 136 146.41 -45.22 -46.85
N ARG E 137 146.92 -44.23 -47.58
CA ARG E 137 146.85 -42.82 -47.18
C ARG E 137 147.45 -41.94 -48.26
N MET F 1 151.03 -59.87 -43.92
CA MET F 1 151.44 -60.87 -44.90
C MET F 1 151.69 -60.23 -46.27
N ASN F 2 152.91 -59.72 -46.46
CA ASN F 2 153.31 -59.15 -47.74
C ASN F 2 153.73 -60.27 -48.68
N PHE F 3 152.97 -60.45 -49.76
CA PHE F 3 153.30 -61.49 -50.72
C PHE F 3 154.63 -61.19 -51.40
N ASN F 4 155.29 -62.24 -51.86
CA ASN F 4 156.52 -62.07 -52.63
C ASN F 4 156.15 -61.48 -53.98
N VAL F 5 156.27 -60.17 -54.10
CA VAL F 5 155.86 -59.47 -55.31
C VAL F 5 157.05 -59.13 -56.20
N GLY F 6 158.18 -59.80 -56.00
CA GLY F 6 159.23 -59.77 -57.01
C GLY F 6 158.69 -60.40 -58.27
N VAL F 7 158.46 -61.71 -58.25
CA VAL F 7 157.56 -62.30 -59.22
C VAL F 7 156.22 -61.60 -59.06
N ASP F 8 155.45 -61.53 -60.16
CA ASP F 8 154.25 -60.71 -60.16
C ASP F 8 154.60 -59.24 -59.92
N PHE F 9 155.09 -58.59 -60.98
CA PHE F 9 155.47 -57.17 -61.06
C PHE F 9 156.79 -56.86 -60.37
N PRO F 10 157.92 -57.34 -60.90
CA PRO F 10 159.23 -56.90 -60.39
C PRO F 10 159.58 -55.48 -60.81
N SER F 11 160.81 -55.07 -60.52
CA SER F 11 161.26 -53.73 -60.86
C SER F 11 162.75 -53.76 -61.18
N PHE F 12 163.21 -52.74 -61.88
CA PHE F 12 164.61 -52.65 -62.28
C PHE F 12 165.04 -51.19 -62.25
N ILE F 13 166.36 -50.99 -62.13
CA ILE F 13 166.93 -49.65 -62.12
C ILE F 13 167.13 -49.18 -63.55
N ALA F 14 166.68 -47.96 -63.84
CA ALA F 14 166.82 -47.38 -65.17
C ALA F 14 167.81 -46.22 -65.22
N TRP F 15 167.95 -45.46 -64.14
CA TRP F 15 168.83 -44.30 -64.13
C TRP F 15 169.29 -44.09 -62.69
N ASP F 16 170.56 -44.38 -62.43
CA ASP F 16 171.13 -44.30 -61.09
C ASP F 16 171.57 -42.88 -60.73
N GLY F 17 171.15 -41.87 -61.50
CA GLY F 17 171.66 -40.53 -61.33
C GLY F 17 173.00 -40.27 -61.98
N GLU F 18 173.67 -41.31 -62.47
CA GLU F 18 174.99 -41.16 -63.10
C GLU F 18 175.07 -41.77 -64.48
N GLU F 19 174.39 -42.90 -64.71
CA GLU F 19 174.48 -43.59 -65.99
C GLU F 19 173.17 -44.31 -66.27
N SER F 20 172.86 -44.47 -67.55
CA SER F 20 171.62 -45.11 -67.96
C SER F 20 171.79 -46.62 -68.04
N PHE F 21 170.67 -47.31 -68.16
CA PHE F 21 170.66 -48.77 -68.25
C PHE F 21 169.48 -49.25 -69.09
N PRO F 22 169.73 -49.90 -70.23
CA PRO F 22 168.63 -50.50 -70.99
C PRO F 22 168.06 -51.69 -70.24
N VAL F 23 166.76 -51.65 -70.00
CA VAL F 23 166.08 -52.65 -69.17
C VAL F 23 164.98 -53.31 -70.00
N LYS F 24 165.04 -54.63 -70.09
CA LYS F 24 164.16 -55.37 -71.00
C LYS F 24 162.70 -55.27 -70.58
N VAL F 25 161.82 -55.19 -71.59
CA VAL F 25 160.39 -55.09 -71.35
C VAL F 25 159.66 -56.08 -72.24
N ASP F 26 160.39 -56.71 -73.17
CA ASP F 26 159.76 -57.55 -74.18
C ASP F 26 159.00 -58.70 -73.56
N GLY F 27 159.53 -59.30 -72.49
CA GLY F 27 158.85 -60.42 -71.85
C GLY F 27 157.57 -60.05 -71.15
N PHE F 28 157.32 -58.77 -70.93
CA PHE F 28 156.12 -58.28 -70.26
C PHE F 28 155.18 -57.64 -71.27
N ASN F 29 153.99 -57.26 -70.81
CA ASN F 29 153.01 -56.60 -71.65
C ASN F 29 152.54 -55.26 -71.11
N GLN F 30 152.88 -54.89 -69.87
CA GLN F 30 152.64 -53.55 -69.36
C GLN F 30 153.85 -53.12 -68.55
N PHE F 31 154.07 -51.81 -68.47
CA PHE F 31 155.21 -51.29 -67.72
C PHE F 31 155.01 -49.80 -67.46
N GLY F 32 155.87 -49.27 -66.60
CA GLY F 32 155.84 -47.86 -66.27
C GLY F 32 157.08 -47.46 -65.50
N PHE F 33 157.21 -46.17 -65.24
CA PHE F 33 158.41 -45.70 -64.60
C PHE F 33 158.15 -45.29 -63.20
N THR F 34 159.20 -44.84 -62.54
CA THR F 34 159.09 -44.42 -61.18
C THR F 34 160.26 -43.52 -60.96
N PHE F 35 159.99 -42.33 -60.48
CA PHE F 35 161.06 -41.39 -60.28
C PHE F 35 161.16 -41.12 -58.83
N LYS F 36 162.28 -40.55 -58.44
CA LYS F 36 162.52 -40.25 -57.03
C LYS F 36 163.63 -39.23 -56.93
N THR F 37 163.37 -38.16 -56.18
CA THR F 37 164.38 -37.13 -55.96
C THR F 37 165.07 -37.36 -54.62
N ILE F 38 166.40 -37.20 -54.62
CA ILE F 38 167.18 -37.40 -53.41
C ILE F 38 167.55 -36.08 -52.74
N ALA F 39 167.41 -34.95 -53.43
CA ALA F 39 167.70 -33.64 -52.85
C ALA F 39 166.81 -32.61 -53.54
N ALA F 40 166.84 -31.39 -53.01
CA ALA F 40 166.07 -30.31 -53.59
C ALA F 40 166.63 -29.94 -54.96
N LEU F 41 165.78 -30.03 -55.98
CA LEU F 41 166.21 -29.73 -57.34
C LEU F 41 166.43 -28.22 -57.50
N THR F 42 166.85 -27.83 -58.70
CA THR F 42 167.11 -26.43 -59.01
C THR F 42 166.21 -25.85 -60.09
N ALA F 43 165.67 -26.69 -60.97
CA ALA F 43 164.79 -26.23 -62.05
C ALA F 43 164.03 -27.43 -62.58
N ALA F 44 163.14 -27.19 -63.53
CA ALA F 44 162.43 -28.28 -64.18
C ALA F 44 163.43 -29.18 -64.90
N THR F 45 163.44 -30.46 -64.54
CA THR F 45 164.45 -31.40 -65.01
C THR F 45 163.85 -32.26 -66.11
N THR F 46 164.35 -32.10 -67.33
CA THR F 46 163.83 -32.81 -68.48
C THR F 46 164.69 -34.04 -68.79
N PHE F 47 164.03 -35.12 -69.20
CA PHE F 47 164.66 -36.39 -69.47
C PHE F 47 164.15 -36.94 -70.80
N ASN F 48 165.08 -37.35 -71.66
CA ASN F 48 164.74 -37.96 -72.94
C ASN F 48 164.60 -39.46 -72.78
N ILE F 49 163.80 -40.06 -73.66
CA ILE F 49 163.50 -41.49 -73.64
C ILE F 49 164.00 -42.09 -74.94
N PHE F 50 164.57 -43.29 -74.85
CA PHE F 50 165.04 -44.02 -76.03
C PHE F 50 164.62 -45.47 -75.90
N TYR F 51 164.42 -46.11 -77.05
CA TYR F 51 164.13 -47.53 -77.13
C TYR F 51 165.16 -48.20 -78.02
N HIS F 52 165.46 -49.45 -77.72
CA HIS F 52 166.47 -50.19 -78.45
C HIS F 52 165.83 -51.30 -79.28
N GLU F 53 166.67 -51.98 -80.05
CA GLU F 53 166.27 -53.10 -80.89
C GLU F 53 167.37 -54.14 -80.81
N PRO F 54 167.04 -55.42 -81.01
CA PRO F 54 168.07 -56.46 -80.89
C PRO F 54 169.13 -56.33 -81.97
N SER F 55 170.35 -55.97 -81.56
CA SER F 55 171.44 -55.84 -82.52
C SER F 55 171.70 -57.19 -83.20
N ASP F 56 172.09 -57.12 -84.48
CA ASP F 56 172.37 -58.35 -85.23
C ASP F 56 173.44 -59.21 -84.58
N ALA F 57 174.29 -58.61 -83.73
CA ALA F 57 175.31 -59.39 -83.04
C ALA F 57 174.68 -60.48 -82.16
N ASP F 58 173.75 -60.10 -81.29
CA ASP F 58 173.09 -61.04 -80.40
C ASP F 58 171.62 -60.66 -80.31
N PRO F 59 170.71 -61.63 -80.44
CA PRO F 59 169.27 -61.32 -80.32
C PRO F 59 168.85 -60.85 -78.94
N CYS F 60 169.77 -60.71 -77.98
CA CYS F 60 169.44 -60.23 -76.66
C CYS F 60 170.34 -59.08 -76.21
N VAL F 61 171.23 -58.59 -77.08
CA VAL F 61 172.13 -57.49 -76.73
C VAL F 61 171.45 -56.19 -77.12
N PRO F 62 171.60 -55.12 -76.33
CA PRO F 62 171.04 -53.83 -76.74
C PRO F 62 171.71 -53.30 -77.99
N GLY F 63 170.89 -52.89 -78.96
CA GLY F 63 171.37 -52.24 -80.15
C GLY F 63 171.59 -50.75 -79.90
N PRO F 64 171.24 -49.92 -80.87
CA PRO F 64 171.31 -48.47 -80.68
C PRO F 64 170.15 -48.00 -79.82
N ALA F 65 170.11 -46.70 -79.57
CA ALA F 65 169.08 -46.07 -78.75
C ALA F 65 168.30 -45.11 -79.65
N ILE F 66 167.30 -45.64 -80.36
CA ILE F 66 166.46 -44.80 -81.19
C ILE F 66 165.60 -43.93 -80.30
N ARG F 67 165.40 -42.68 -80.70
CA ARG F 67 164.59 -41.75 -79.92
C ARG F 67 163.12 -42.05 -80.18
N VAL F 68 162.41 -42.50 -79.14
CA VAL F 68 161.00 -42.85 -79.30
C VAL F 68 160.21 -41.60 -79.65
N PRO F 69 159.31 -41.64 -80.63
CA PRO F 69 158.54 -40.44 -80.99
C PRO F 69 157.27 -40.32 -80.17
N GLU F 70 157.00 -39.09 -79.73
CA GLU F 70 155.79 -38.82 -78.97
C GLU F 70 154.55 -39.11 -79.81
N VAL F 71 153.57 -39.76 -79.21
CA VAL F 71 152.31 -40.09 -79.86
C VAL F 71 151.22 -39.22 -79.25
N PRO F 72 150.39 -38.56 -80.04
CA PRO F 72 149.34 -37.72 -79.47
C PRO F 72 148.01 -38.43 -79.35
N PHE F 73 147.08 -37.83 -78.61
CA PHE F 73 145.68 -38.24 -78.61
C PHE F 73 144.84 -36.99 -78.74
N CYS F 74 143.52 -37.16 -78.63
CA CYS F 74 142.57 -36.11 -79.02
C CYS F 74 142.90 -34.76 -78.39
N ASP F 75 142.97 -34.70 -77.07
CA ASP F 75 143.12 -33.44 -76.36
C ASP F 75 144.56 -32.95 -76.33
N THR F 76 145.49 -33.70 -76.91
CA THR F 76 146.87 -33.23 -77.02
C THR F 76 146.95 -32.11 -78.03
N VAL F 77 147.29 -30.91 -77.57
CA VAL F 77 147.37 -29.73 -78.42
C VAL F 77 148.70 -29.01 -78.30
N LEU F 78 149.65 -29.55 -77.55
CA LEU F 78 150.92 -28.89 -77.25
C LEU F 78 152.09 -29.86 -77.47
N LEU F 79 152.06 -30.56 -78.59
CA LEU F 79 153.11 -31.52 -78.92
C LEU F 79 154.47 -30.84 -79.00
N SER F 80 155.51 -31.65 -78.82
CA SER F 80 156.89 -31.16 -78.85
C SER F 80 157.37 -30.99 -80.29
N GLU F 81 158.68 -30.79 -80.48
CA GLU F 81 159.25 -30.51 -81.79
C GLU F 81 159.14 -31.75 -82.68
N ASP F 82 157.96 -31.92 -83.27
CA ASP F 82 157.47 -32.99 -84.13
C ASP F 82 157.13 -34.25 -83.36
N GLY F 83 157.39 -34.31 -82.05
CA GLY F 83 157.01 -35.45 -81.25
C GLY F 83 158.17 -36.40 -80.96
N LEU F 84 158.74 -36.26 -79.77
CA LEU F 84 159.75 -37.19 -79.29
C LEU F 84 159.52 -37.35 -77.79
N ALA F 85 159.14 -38.55 -77.37
CA ALA F 85 158.74 -38.77 -75.99
C ALA F 85 159.84 -38.37 -75.01
N ALA F 86 159.59 -37.29 -74.28
CA ALA F 86 160.53 -36.78 -73.28
C ALA F 86 159.72 -36.13 -72.16
N VAL F 87 160.04 -36.48 -70.93
CA VAL F 87 159.26 -36.04 -69.78
C VAL F 87 160.06 -34.96 -69.04
N THR F 88 159.41 -34.34 -68.05
CA THR F 88 160.08 -33.31 -67.26
C THR F 88 159.53 -33.37 -65.84
N LEU F 89 160.37 -33.77 -64.90
CA LEU F 89 160.04 -33.65 -63.49
C LEU F 89 160.02 -32.18 -63.12
N PRO F 90 158.90 -31.62 -62.70
CA PRO F 90 158.83 -30.19 -62.43
C PRO F 90 159.60 -29.81 -61.17
N GLU F 91 159.91 -28.52 -61.07
CA GLU F 91 160.51 -27.98 -59.88
C GLU F 91 159.46 -27.95 -58.76
N THR F 92 159.93 -27.61 -57.54
CA THR F 92 159.09 -27.59 -56.34
C THR F 92 158.53 -28.98 -56.05
N VAL F 93 159.34 -30.00 -56.29
CA VAL F 93 159.04 -31.37 -55.91
C VAL F 93 160.07 -31.75 -54.85
N THR F 94 159.66 -31.72 -53.59
CA THR F 94 160.58 -31.95 -52.49
C THR F 94 161.07 -33.39 -52.46
N PRO F 95 162.17 -33.66 -51.76
CA PRO F 95 162.58 -35.05 -51.52
C PRO F 95 161.50 -35.87 -50.83
N ASP F 96 161.75 -37.18 -50.68
CA ASP F 96 160.76 -38.17 -50.26
C ASP F 96 159.42 -37.91 -50.92
N SER F 97 159.45 -37.63 -52.22
CA SER F 97 158.23 -37.41 -53.00
C SER F 97 158.50 -37.91 -54.41
N PHE F 98 157.85 -38.98 -54.80
CA PHE F 98 158.09 -39.64 -56.08
C PHE F 98 157.05 -39.24 -57.11
N CYS F 99 157.35 -39.55 -58.37
CA CYS F 99 156.44 -39.31 -59.48
C CYS F 99 156.37 -40.55 -60.37
N ALA F 100 155.46 -40.52 -61.34
CA ALA F 100 155.21 -41.69 -62.17
C ALA F 100 154.91 -41.26 -63.60
N GLY F 101 155.29 -42.11 -64.55
CA GLY F 101 155.05 -41.83 -65.96
C GLY F 101 155.05 -43.11 -66.76
N THR F 102 154.68 -42.97 -68.03
CA THR F 102 154.67 -44.10 -68.95
C THR F 102 154.54 -43.57 -70.37
N VAL F 103 154.84 -44.44 -71.32
CA VAL F 103 154.64 -44.16 -72.75
C VAL F 103 153.41 -44.94 -73.21
N PRO F 104 152.46 -44.30 -73.89
CA PRO F 104 151.21 -45.00 -74.25
C PRO F 104 151.42 -46.16 -75.20
N CYS F 105 152.19 -45.95 -76.27
CA CYS F 105 152.39 -46.96 -77.31
C CYS F 105 153.80 -47.53 -77.19
N MET F 106 153.90 -48.83 -76.98
CA MET F 106 155.19 -49.48 -76.89
C MET F 106 155.82 -49.63 -78.27
N ASN F 107 157.15 -49.67 -78.30
CA ASN F 107 157.90 -49.87 -79.53
C ASN F 107 159.35 -50.22 -79.23
N GLY F 108 159.86 -51.27 -79.86
CA GLY F 108 161.22 -51.72 -79.61
C GLY F 108 161.28 -52.95 -78.73
N GLN F 109 162.37 -53.08 -77.98
CA GLN F 109 162.57 -54.23 -77.10
C GLN F 109 162.85 -53.84 -75.66
N TRP F 110 163.58 -52.74 -75.44
CA TRP F 110 163.79 -52.25 -74.09
C TRP F 110 163.98 -50.74 -74.14
N ILE F 111 163.89 -50.11 -72.97
CA ILE F 111 163.85 -48.66 -72.85
C ILE F 111 165.03 -48.20 -72.02
N SER F 112 165.43 -46.95 -72.26
CA SER F 112 166.46 -46.29 -71.48
C SER F 112 166.09 -44.81 -71.34
N ILE F 113 166.43 -44.24 -70.20
CA ILE F 113 166.18 -42.83 -69.92
C ILE F 113 167.52 -42.11 -69.84
N ALA F 114 167.58 -40.92 -70.42
CA ALA F 114 168.82 -40.16 -70.41
C ALA F 114 168.54 -38.73 -69.95
N PRO F 115 169.44 -38.15 -69.18
CA PRO F 115 169.28 -36.74 -68.82
C PRO F 115 169.38 -35.85 -70.04
N ALA F 116 168.28 -35.20 -70.41
CA ALA F 116 168.31 -34.27 -71.52
C ALA F 116 169.27 -33.13 -71.21
N THR F 117 169.91 -32.61 -72.25
CA THR F 117 170.96 -31.61 -72.10
C THR F 117 170.48 -30.41 -71.32
N GLY F 118 171.20 -30.08 -70.24
CA GLY F 118 170.89 -28.96 -69.39
C GLY F 118 170.50 -29.33 -67.98
N SER F 119 170.09 -30.58 -67.75
CA SER F 119 169.66 -31.03 -66.43
C SER F 119 170.54 -32.14 -65.88
N GLU F 120 171.79 -32.24 -66.35
CA GLU F 120 172.66 -33.33 -65.92
C GLU F 120 173.00 -33.24 -64.45
N THR F 121 173.47 -32.07 -64.00
CA THR F 121 173.81 -31.89 -62.60
C THR F 121 172.57 -32.08 -61.71
N ASN F 122 171.40 -31.71 -62.22
CA ASN F 122 170.16 -32.01 -61.49
C ASN F 122 169.83 -33.48 -61.57
N ALA F 123 170.09 -34.12 -62.72
CA ALA F 123 169.87 -35.56 -62.85
C ALA F 123 170.73 -36.33 -61.85
N ALA F 124 171.85 -35.76 -61.42
CA ALA F 124 172.67 -36.39 -60.39
C ALA F 124 171.90 -36.56 -59.08
N ASN F 125 170.85 -35.76 -58.86
CA ASN F 125 170.06 -35.82 -57.65
C ASN F 125 168.74 -36.56 -57.84
N VAL F 126 168.62 -37.36 -58.90
CA VAL F 126 167.39 -38.08 -59.18
C VAL F 126 167.73 -39.54 -59.47
N GLN F 127 166.76 -40.41 -59.20
CA GLN F 127 166.86 -41.84 -59.46
C GLN F 127 165.58 -42.28 -60.15
N ILE F 128 165.71 -42.99 -61.26
CA ILE F 128 164.58 -43.45 -62.04
C ILE F 128 164.62 -44.96 -62.11
N THR F 129 163.50 -45.60 -61.79
CA THR F 129 163.38 -47.05 -61.88
C THR F 129 162.17 -47.41 -62.74
N VAL F 130 162.10 -48.67 -63.14
CA VAL F 130 161.05 -49.15 -64.01
C VAL F 130 160.36 -50.32 -63.32
N THR F 131 159.05 -50.43 -63.55
CA THR F 131 158.28 -51.54 -63.00
C THR F 131 157.33 -52.06 -64.06
N MET F 132 157.39 -53.35 -64.33
CA MET F 132 156.56 -53.97 -65.35
C MET F 132 155.36 -54.65 -64.70
N LYS F 133 154.56 -55.34 -65.52
CA LYS F 133 153.27 -55.87 -65.10
C LYS F 133 152.71 -56.77 -66.18
N GLY F 134 152.11 -57.89 -65.75
CA GLY F 134 151.24 -58.69 -66.59
C GLY F 134 151.90 -59.82 -67.35
N ALA F 135 153.22 -59.94 -67.29
CA ALA F 135 153.94 -60.89 -68.14
C ALA F 135 153.39 -62.30 -68.02
N THR F 136 153.39 -63.00 -69.15
CA THR F 136 153.21 -64.44 -69.20
C THR F 136 154.41 -65.13 -69.81
N ARG F 137 155.46 -64.38 -70.15
CA ARG F 137 156.70 -64.88 -70.75
C ARG F 137 156.47 -65.45 -72.15
N MET G 1 142.50 -82.73 -3.33
CA MET G 1 142.15 -81.50 -4.04
C MET G 1 141.72 -80.42 -3.06
N ASN G 2 142.64 -79.99 -2.21
CA ASN G 2 142.33 -78.93 -1.26
C ASN G 2 142.16 -77.60 -1.97
N PHE G 3 141.10 -76.88 -1.62
CA PHE G 3 140.89 -75.55 -2.17
C PHE G 3 141.83 -74.57 -1.49
N ASN G 4 141.98 -73.39 -2.11
CA ASN G 4 142.65 -72.31 -1.43
C ASN G 4 141.71 -71.78 -0.36
N VAL G 5 141.80 -72.32 0.84
CA VAL G 5 140.90 -71.99 1.93
C VAL G 5 141.51 -70.96 2.87
N GLY G 6 142.45 -70.16 2.38
CA GLY G 6 142.94 -69.03 3.14
C GLY G 6 142.26 -67.75 2.70
N VAL G 7 141.61 -67.78 1.53
CA VAL G 7 140.85 -66.64 1.05
C VAL G 7 139.47 -66.71 1.69
N ASP G 8 139.28 -67.70 2.56
CA ASP G 8 138.07 -67.87 3.34
C ASP G 8 138.48 -68.39 4.71
N PHE G 9 137.75 -67.97 5.73
CA PHE G 9 138.02 -68.37 7.11
C PHE G 9 139.47 -68.19 7.52
N PRO G 10 140.04 -66.99 7.36
CA PRO G 10 141.44 -66.79 7.75
C PRO G 10 141.54 -66.50 9.25
N SER G 11 142.29 -67.33 9.96
CA SER G 11 142.39 -67.19 11.40
C SER G 11 143.55 -66.25 11.76
N PHE G 12 143.61 -65.92 13.06
CA PHE G 12 144.66 -65.06 13.59
C PHE G 12 144.97 -65.50 15.01
N ILE G 13 146.19 -65.22 15.45
CA ILE G 13 146.61 -65.60 16.79
C ILE G 13 145.88 -64.73 17.80
N ALA G 14 145.36 -65.36 18.86
CA ALA G 14 144.68 -64.65 19.93
C ALA G 14 145.43 -64.78 21.25
N TRP G 15 145.85 -65.99 21.62
CA TRP G 15 146.60 -66.20 22.84
C TRP G 15 147.60 -67.31 22.58
N ASP G 16 148.87 -66.95 22.43
CA ASP G 16 149.94 -67.92 22.19
C ASP G 16 150.68 -68.21 23.49
N GLY G 17 149.95 -68.81 24.41
CA GLY G 17 150.54 -69.20 25.69
C GLY G 17 150.75 -68.12 26.73
N GLU G 18 151.37 -66.99 26.34
CA GLU G 18 151.68 -65.95 27.31
C GLU G 18 151.44 -64.55 26.76
N GLU G 19 150.75 -64.40 25.64
CA GLU G 19 150.56 -63.08 25.05
C GLU G 19 149.20 -63.03 24.35
N SER G 20 148.46 -61.97 24.62
CA SER G 20 147.17 -61.74 23.98
C SER G 20 147.34 -60.95 22.69
N PHE G 21 146.31 -60.99 21.85
CA PHE G 21 146.35 -60.33 20.56
C PHE G 21 144.95 -59.87 20.14
N PRO G 22 144.68 -58.56 20.16
CA PRO G 22 143.39 -58.06 19.67
C PRO G 22 143.25 -58.31 18.17
N VAL G 23 142.21 -59.03 17.78
CA VAL G 23 141.97 -59.41 16.39
C VAL G 23 140.83 -58.56 15.83
N LYS G 24 141.03 -58.02 14.64
CA LYS G 24 140.03 -57.20 13.99
C LYS G 24 138.96 -58.09 13.35
N VAL G 25 137.69 -57.79 13.63
CA VAL G 25 136.59 -58.62 13.16
C VAL G 25 135.54 -57.77 12.45
N ASP G 26 135.97 -56.66 11.84
CA ASP G 26 135.01 -55.70 11.30
C ASP G 26 134.35 -56.22 10.03
N GLY G 27 135.14 -56.46 8.98
CA GLY G 27 134.56 -56.91 7.72
C GLY G 27 133.89 -58.25 7.86
N PHE G 28 134.42 -59.12 8.70
CA PHE G 28 133.82 -60.42 8.96
C PHE G 28 132.52 -60.25 9.72
N ASN G 29 131.60 -61.22 9.55
CA ASN G 29 130.30 -61.16 10.20
C ASN G 29 130.03 -62.35 11.11
N GLN G 30 130.94 -63.31 11.18
CA GLN G 30 130.81 -64.47 12.07
C GLN G 30 132.20 -64.88 12.52
N PHE G 31 132.28 -65.49 13.70
CA PHE G 31 133.56 -65.90 14.25
C PHE G 31 133.35 -66.87 15.39
N GLY G 32 134.24 -67.84 15.50
CA GLY G 32 134.16 -68.85 16.54
C GLY G 32 135.36 -68.82 17.48
N PHE G 33 135.82 -70.00 17.90
CA PHE G 33 136.98 -70.09 18.78
C PHE G 33 137.57 -71.48 18.68
N THR G 34 138.89 -71.56 18.86
CA THR G 34 139.61 -72.83 18.82
C THR G 34 140.64 -72.83 19.94
N PHE G 35 140.47 -73.75 20.89
CA PHE G 35 141.38 -73.94 22.01
C PHE G 35 142.22 -75.19 21.76
N LYS G 36 143.50 -75.11 22.11
CA LYS G 36 144.40 -76.24 21.91
C LYS G 36 145.48 -76.20 23.00
N THR G 37 145.56 -77.26 23.79
CA THR G 37 146.62 -77.35 24.78
C THR G 37 147.87 -77.95 24.16
N ILE G 38 149.01 -77.67 24.79
CA ILE G 38 150.29 -78.17 24.30
C ILE G 38 150.87 -79.26 25.20
N ALA G 39 150.37 -79.41 26.42
CA ALA G 39 150.85 -80.42 27.34
C ALA G 39 149.69 -80.82 28.25
N ALA G 40 150.00 -81.50 29.35
CA ALA G 40 148.98 -81.89 30.30
C ALA G 40 148.64 -80.73 31.22
N LEU G 41 147.40 -80.71 31.67
CA LEU G 41 146.89 -79.64 32.53
C LEU G 41 146.76 -80.11 33.97
N THR G 42 146.61 -79.15 34.87
CA THR G 42 146.52 -79.42 36.30
C THR G 42 145.08 -79.37 36.80
N ALA G 43 144.41 -78.24 36.59
CA ALA G 43 143.00 -78.07 36.92
C ALA G 43 142.30 -77.43 35.73
N ALA G 44 140.98 -77.28 35.84
CA ALA G 44 140.26 -76.54 34.83
C ALA G 44 140.75 -75.09 34.77
N THR G 45 140.50 -74.42 33.65
CA THR G 45 141.05 -73.10 33.45
C THR G 45 140.01 -72.21 32.78
N THR G 46 139.91 -70.97 33.26
CA THR G 46 138.95 -70.02 32.73
C THR G 46 139.66 -68.90 31.99
N PHE G 47 139.03 -68.41 30.94
CA PHE G 47 139.56 -67.33 30.13
C PHE G 47 138.51 -66.25 29.99
N ASN G 48 138.90 -65.00 30.24
CA ASN G 48 138.01 -63.86 30.18
C ASN G 48 138.06 -63.24 28.80
N ILE G 49 136.91 -63.09 28.18
CA ILE G 49 136.81 -62.48 26.86
C ILE G 49 136.63 -60.99 27.03
N PHE G 50 137.33 -60.22 26.19
CA PHE G 50 137.22 -58.77 26.17
C PHE G 50 137.06 -58.31 24.73
N TYR G 51 136.64 -57.07 24.57
CA TYR G 51 136.49 -56.48 23.25
C TYR G 51 137.05 -55.06 23.26
N HIS G 52 137.14 -54.48 22.08
CA HIS G 52 137.77 -53.18 21.91
C HIS G 52 136.91 -52.31 21.01
N GLU G 53 137.02 -51.01 21.22
CA GLU G 53 136.44 -49.99 20.37
C GLU G 53 137.57 -49.17 19.74
N PRO G 54 137.34 -48.57 18.57
CA PRO G 54 138.39 -47.76 17.96
C PRO G 54 138.74 -46.56 18.82
N SER G 55 139.96 -46.55 19.36
CA SER G 55 140.42 -45.41 20.13
C SER G 55 140.39 -44.16 19.26
N ASP G 56 139.91 -43.06 19.83
CA ASP G 56 139.69 -41.83 19.06
C ASP G 56 140.93 -41.41 18.29
N ALA G 57 142.12 -41.78 18.77
CA ALA G 57 143.35 -41.40 18.07
C ALA G 57 143.39 -41.99 16.67
N ASP G 58 143.09 -43.28 16.53
CA ASP G 58 143.13 -43.94 15.23
C ASP G 58 141.95 -44.91 15.14
N PRO G 59 141.14 -44.81 14.08
CA PRO G 59 139.94 -45.66 14.00
C PRO G 59 140.23 -47.11 13.63
N CYS G 60 141.46 -47.44 13.21
CA CYS G 60 141.81 -48.82 12.87
C CYS G 60 142.71 -49.46 13.92
N VAL G 61 142.77 -48.90 15.13
CA VAL G 61 143.55 -49.51 16.19
C VAL G 61 142.63 -49.75 17.40
N PRO G 62 142.82 -50.84 18.14
CA PRO G 62 141.96 -51.10 19.29
C PRO G 62 142.23 -50.14 20.43
N GLY G 63 141.17 -49.80 21.15
CA GLY G 63 141.29 -49.02 22.35
C GLY G 63 141.63 -49.89 23.53
N PRO G 64 140.97 -49.68 24.67
CA PRO G 64 141.19 -50.56 25.81
C PRO G 64 140.48 -51.90 25.62
N ALA G 65 140.59 -52.78 26.61
CA ALA G 65 139.95 -54.10 26.57
C ALA G 65 138.75 -54.06 27.50
N ILE G 66 137.57 -53.81 26.94
CA ILE G 66 136.35 -53.69 27.71
C ILE G 66 135.76 -55.08 27.90
N ARG G 67 135.28 -55.34 29.12
CA ARG G 67 134.72 -56.64 29.45
C ARG G 67 133.46 -56.92 28.64
N VAL G 68 133.22 -58.19 28.37
CA VAL G 68 132.11 -58.64 27.53
C VAL G 68 130.98 -59.11 28.44
N PRO G 69 129.77 -58.59 28.32
CA PRO G 69 128.67 -59.05 29.18
C PRO G 69 128.12 -60.37 28.68
N GLU G 70 127.88 -61.30 29.60
CA GLU G 70 127.32 -62.59 29.26
C GLU G 70 125.83 -62.47 29.01
N VAL G 71 125.38 -62.97 27.86
CA VAL G 71 123.96 -62.99 27.54
C VAL G 71 123.44 -64.42 27.68
N PRO G 72 122.31 -64.62 28.37
CA PRO G 72 121.76 -65.97 28.48
C PRO G 72 120.74 -66.27 27.39
N PHE G 73 120.64 -67.54 27.01
CA PHE G 73 119.59 -67.99 26.09
C PHE G 73 118.34 -68.31 26.90
N CYS G 74 117.37 -68.95 26.25
CA CYS G 74 116.29 -69.56 26.98
C CYS G 74 116.83 -70.71 27.83
N ASP G 75 115.95 -71.27 28.66
CA ASP G 75 116.20 -72.43 29.52
C ASP G 75 117.63 -72.45 30.08
N THR G 76 118.04 -71.31 30.62
CA THR G 76 119.33 -71.18 31.29
C THR G 76 119.15 -71.39 32.79
N VAL G 77 120.19 -71.92 33.43
CA VAL G 77 120.07 -72.33 34.83
C VAL G 77 120.98 -71.49 35.71
N LEU G 78 122.02 -70.91 35.13
CA LEU G 78 122.97 -70.11 35.91
C LEU G 78 123.42 -68.90 35.11
N LEU G 79 123.89 -67.90 35.84
CA LEU G 79 124.50 -66.71 35.27
C LEU G 79 125.76 -66.40 36.07
N SER G 80 126.82 -66.00 35.39
CA SER G 80 128.03 -65.57 36.08
C SER G 80 127.69 -64.46 37.06
N GLU G 81 128.22 -64.57 38.27
CA GLU G 81 127.94 -63.66 39.38
C GLU G 81 127.98 -62.20 38.95
N ASP G 82 128.86 -61.88 38.01
CA ASP G 82 129.01 -60.53 37.50
C ASP G 82 128.27 -60.29 36.19
N GLY G 83 127.78 -61.35 35.53
CA GLY G 83 127.16 -61.20 34.24
C GLY G 83 128.12 -61.02 33.10
N LEU G 84 129.42 -61.16 33.36
CA LEU G 84 130.45 -60.92 32.35
C LEU G 84 130.84 -62.24 31.70
N ALA G 85 130.87 -62.25 30.37
CA ALA G 85 131.10 -63.48 29.63
C ALA G 85 132.53 -63.97 29.77
N ALA G 86 132.67 -65.28 29.97
CA ALA G 86 133.97 -65.91 30.06
C ALA G 86 133.81 -67.39 29.75
N VAL G 87 134.87 -67.98 29.20
CA VAL G 87 134.85 -69.37 28.81
C VAL G 87 135.61 -70.18 29.85
N THR G 88 135.28 -71.47 29.94
CA THR G 88 135.94 -72.38 30.87
C THR G 88 136.26 -73.68 30.14
N LEU G 89 137.48 -74.18 30.35
CA LEU G 89 137.90 -75.45 29.79
C LEU G 89 138.16 -76.43 30.92
N PRO G 90 137.52 -77.60 30.89
CA PRO G 90 137.65 -78.54 32.00
C PRO G 90 139.03 -79.18 32.06
N GLU G 91 139.36 -79.68 33.24
CA GLU G 91 140.57 -80.47 33.41
C GLU G 91 140.42 -81.79 32.63
N THR G 92 141.57 -82.44 32.40
CA THR G 92 141.64 -83.71 31.68
C THR G 92 141.20 -83.52 30.23
N VAL G 93 141.85 -82.57 29.55
CA VAL G 93 141.69 -82.35 28.12
C VAL G 93 143.05 -82.60 27.47
N THR G 94 143.13 -83.66 26.68
CA THR G 94 144.39 -84.05 26.07
C THR G 94 144.81 -83.05 24.98
N PRO G 95 146.11 -82.85 24.79
CA PRO G 95 146.60 -81.98 23.71
C PRO G 95 146.57 -82.65 22.33
N ASP G 96 145.51 -83.39 22.06
CA ASP G 96 145.24 -83.92 20.73
C ASP G 96 143.77 -83.84 20.37
N SER G 97 143.02 -82.94 20.99
CA SER G 97 141.59 -82.78 20.71
C SER G 97 141.23 -81.32 20.96
N PHE G 98 140.95 -80.60 19.88
CA PHE G 98 140.64 -79.18 19.98
C PHE G 98 139.29 -78.96 20.65
N CYS G 99 139.10 -77.75 21.16
CA CYS G 99 137.84 -77.31 21.75
C CYS G 99 137.36 -76.06 21.04
N ALA G 100 136.04 -75.93 20.91
CA ALA G 100 135.42 -74.84 20.16
C ALA G 100 134.50 -74.03 21.07
N GLY G 101 134.31 -72.77 20.68
CA GLY G 101 133.41 -71.88 21.40
C GLY G 101 133.00 -70.73 20.52
N THR G 102 131.96 -70.03 20.96
CA THR G 102 131.44 -68.89 20.21
C THR G 102 130.54 -68.01 21.05
N VAL G 103 130.83 -66.72 21.11
CA VAL G 103 129.92 -65.76 21.75
C VAL G 103 128.77 -65.49 20.78
N PRO G 104 127.52 -65.64 21.23
CA PRO G 104 126.40 -65.55 20.27
C PRO G 104 126.11 -64.15 19.78
N CYS G 105 126.61 -63.12 20.45
CA CYS G 105 126.30 -61.75 20.05
C CYS G 105 127.50 -60.88 20.35
N MET G 106 128.19 -60.44 19.29
CA MET G 106 129.41 -59.68 19.42
C MET G 106 129.11 -58.22 19.74
N ASN G 107 130.17 -57.49 20.10
CA ASN G 107 130.09 -56.05 20.28
C ASN G 107 131.52 -55.51 20.28
N GLY G 108 131.77 -54.50 19.47
CA GLY G 108 133.11 -53.94 19.32
C GLY G 108 133.72 -54.32 18.00
N GLN G 109 134.96 -53.85 17.81
CA GLN G 109 135.70 -54.09 16.58
C GLN G 109 136.85 -55.07 16.73
N TRP G 110 137.38 -55.26 17.95
CA TRP G 110 138.45 -56.22 18.18
C TRP G 110 138.05 -57.14 19.33
N ILE G 111 138.46 -58.40 19.23
CA ILE G 111 138.22 -59.39 20.27
C ILE G 111 139.55 -59.76 20.90
N SER G 112 139.51 -60.13 22.18
CA SER G 112 140.73 -60.49 22.89
C SER G 112 140.39 -61.52 23.96
N ILE G 113 141.34 -62.40 24.23
CA ILE G 113 141.21 -63.43 25.26
C ILE G 113 142.31 -63.20 26.30
N ALA G 114 141.94 -63.23 27.57
CA ALA G 114 142.89 -62.98 28.64
C ALA G 114 142.83 -64.10 29.67
N PRO G 115 143.97 -64.49 30.23
CA PRO G 115 143.97 -65.54 31.27
C PRO G 115 143.32 -65.01 32.53
N ALA G 116 142.23 -65.66 32.95
CA ALA G 116 141.57 -65.28 34.19
C ALA G 116 142.54 -65.47 35.36
N THR G 117 142.61 -64.44 36.22
CA THR G 117 143.53 -64.47 37.34
C THR G 117 143.32 -65.71 38.20
N GLY G 118 144.41 -66.27 38.68
CA GLY G 118 144.39 -67.54 39.38
C GLY G 118 144.44 -68.76 38.49
N SER G 119 144.38 -68.58 37.18
CA SER G 119 144.50 -69.65 36.20
C SER G 119 145.49 -69.26 35.11
N GLU G 120 146.59 -68.63 35.52
CA GLU G 120 147.54 -68.04 34.57
C GLU G 120 148.76 -68.93 34.30
N THR G 121 149.09 -69.83 35.22
CA THR G 121 150.24 -70.70 34.97
C THR G 121 149.92 -71.73 33.89
N ASN G 122 148.70 -72.28 33.90
CA ASN G 122 148.31 -73.21 32.85
C ASN G 122 148.15 -72.54 31.50
N ALA G 123 147.98 -71.22 31.48
CA ALA G 123 147.78 -70.49 30.22
C ALA G 123 148.93 -70.74 29.25
N ALA G 124 150.15 -70.92 29.78
CA ALA G 124 151.29 -71.21 28.92
C ALA G 124 151.04 -72.45 28.07
N ASN G 125 150.42 -73.47 28.65
CA ASN G 125 150.10 -74.68 27.89
C ASN G 125 148.96 -74.47 26.91
N VAL G 126 148.25 -73.35 26.98
CA VAL G 126 147.06 -73.12 26.18
C VAL G 126 147.40 -72.21 25.01
N GLN G 127 146.85 -72.53 23.84
CA GLN G 127 146.93 -71.69 22.65
C GLN G 127 145.53 -71.57 22.08
N ILE G 128 145.03 -70.35 21.98
CA ILE G 128 143.68 -70.10 21.50
C ILE G 128 143.75 -69.19 20.30
N THR G 129 143.08 -69.58 19.22
CA THR G 129 143.00 -68.72 18.04
C THR G 129 141.57 -68.72 17.52
N VAL G 130 141.28 -67.75 16.65
CA VAL G 130 139.92 -67.48 16.22
C VAL G 130 139.89 -67.35 14.70
N THR G 131 138.92 -68.02 14.07
CA THR G 131 138.67 -67.85 12.65
C THR G 131 137.35 -67.12 12.46
N MET G 132 137.20 -66.53 11.27
CA MET G 132 136.05 -65.72 10.94
C MET G 132 135.44 -66.21 9.63
N LYS G 133 134.28 -65.67 9.27
CA LYS G 133 133.50 -66.25 8.19
C LYS G 133 133.25 -65.31 7.02
N GLY G 134 132.68 -64.12 7.24
CA GLY G 134 132.19 -63.31 6.15
C GLY G 134 133.19 -62.28 5.66
N ALA G 135 132.93 -61.71 4.49
CA ALA G 135 133.81 -60.68 3.96
C ALA G 135 133.13 -59.31 3.93
N THR G 136 131.98 -59.19 3.27
CA THR G 136 131.14 -57.99 3.29
C THR G 136 131.84 -56.76 2.72
N ARG G 137 133.08 -56.92 2.28
CA ARG G 137 133.87 -55.80 1.76
C ARG G 137 135.15 -56.30 1.11
N MET H 1 124.34 -63.54 15.42
CA MET H 1 123.84 -64.87 15.08
C MET H 1 125.01 -65.69 14.53
N ASN H 2 126.22 -65.36 14.96
CA ASN H 2 127.40 -66.06 14.50
C ASN H 2 127.35 -67.52 14.94
N PHE H 3 127.31 -68.42 13.96
CA PHE H 3 127.31 -69.84 14.27
C PHE H 3 128.67 -70.27 14.84
N ASN H 4 128.65 -71.32 15.64
CA ASN H 4 129.90 -71.82 16.21
C ASN H 4 130.75 -72.37 15.08
N VAL H 5 131.76 -71.60 14.68
CA VAL H 5 132.60 -71.95 13.54
C VAL H 5 133.97 -72.45 13.99
N GLY H 6 134.16 -72.66 15.30
CA GLY H 6 135.32 -73.40 15.76
C GLY H 6 135.25 -74.80 15.20
N VAL H 7 134.28 -75.60 15.67
CA VAL H 7 133.86 -76.76 14.91
C VAL H 7 133.39 -76.25 13.55
N ASP H 8 133.45 -77.12 12.53
CA ASP H 8 133.19 -76.66 11.17
C ASP H 8 134.22 -75.62 10.75
N PHE H 9 135.43 -76.08 10.39
CA PHE H 9 136.62 -75.33 10.00
C PHE H 9 137.34 -74.68 11.17
N PRO H 10 137.95 -75.47 12.06
CA PRO H 10 138.83 -74.90 13.10
C PRO H 10 140.17 -74.44 12.55
N SER H 11 141.07 -74.03 13.43
CA SER H 11 142.38 -73.58 13.01
C SER H 11 143.37 -73.72 14.16
N PHE H 12 144.65 -73.67 13.83
CA PHE H 12 145.73 -73.74 14.80
C PHE H 12 146.85 -72.80 14.37
N ILE H 13 147.83 -72.64 15.24
CA ILE H 13 149.01 -71.83 14.96
C ILE H 13 150.09 -72.71 14.35
N ALA H 14 150.73 -72.22 13.29
CA ALA H 14 151.83 -72.92 12.64
C ALA H 14 153.18 -72.29 12.93
N TRP H 15 153.24 -70.98 13.08
CA TRP H 15 154.50 -70.28 13.32
C TRP H 15 154.19 -69.02 14.11
N ASP H 16 154.66 -68.96 15.35
CA ASP H 16 154.36 -67.87 16.26
C ASP H 16 155.37 -66.72 16.18
N GLY H 17 156.25 -66.74 15.20
CA GLY H 17 157.30 -65.76 15.11
C GLY H 17 158.61 -66.18 15.76
N GLU H 18 158.61 -67.28 16.51
CA GLU H 18 159.82 -67.75 17.17
C GLU H 18 160.09 -69.22 16.89
N GLU H 19 159.03 -69.99 16.64
CA GLU H 19 159.17 -71.44 16.53
C GLU H 19 158.02 -72.01 15.71
N SER H 20 158.31 -73.10 15.01
CA SER H 20 157.32 -73.81 14.20
C SER H 20 156.63 -74.88 15.03
N PHE H 21 155.58 -75.47 14.45
CA PHE H 21 154.79 -76.48 15.14
C PHE H 21 154.19 -77.45 14.14
N PRO H 22 154.26 -78.76 14.40
CA PRO H 22 153.48 -79.71 13.60
C PRO H 22 152.00 -79.55 13.88
N VAL H 23 151.21 -79.52 12.80
CA VAL H 23 149.76 -79.33 12.90
C VAL H 23 149.07 -80.46 12.14
N LYS H 24 148.43 -81.36 12.88
CA LYS H 24 147.85 -82.56 12.28
C LYS H 24 146.70 -82.19 11.35
N VAL H 25 146.74 -82.73 10.13
CA VAL H 25 145.70 -82.49 9.13
C VAL H 25 145.18 -83.77 8.50
N ASP H 26 145.66 -84.94 8.92
CA ASP H 26 145.23 -86.17 8.29
C ASP H 26 143.75 -86.45 8.55
N GLY H 27 143.22 -85.98 9.68
CA GLY H 27 141.79 -86.13 9.93
C GLY H 27 140.92 -85.23 9.09
N PHE H 28 141.53 -84.29 8.36
CA PHE H 28 140.80 -83.39 7.48
C PHE H 28 140.97 -83.86 6.04
N ASN H 29 140.45 -83.06 5.10
CA ASN H 29 140.70 -83.29 3.69
C ASN H 29 141.09 -82.04 2.92
N GLN H 30 140.85 -80.85 3.46
CA GLN H 30 141.33 -79.61 2.83
C GLN H 30 141.93 -78.73 3.91
N PHE H 31 142.89 -77.90 3.52
CA PHE H 31 143.54 -76.99 4.47
C PHE H 31 144.29 -75.92 3.69
N GLY H 32 144.66 -74.85 4.41
CA GLY H 32 145.40 -73.75 3.82
C GLY H 32 146.12 -72.97 4.90
N PHE H 33 147.00 -72.09 4.46
CA PHE H 33 147.84 -71.28 5.35
C PHE H 33 147.44 -69.82 5.27
N THR H 34 147.44 -69.16 6.43
CA THR H 34 147.11 -67.75 6.56
C THR H 34 148.30 -67.04 7.20
N PHE H 35 148.91 -66.12 6.47
CA PHE H 35 150.02 -65.32 6.94
C PHE H 35 149.51 -63.96 7.40
N LYS H 36 150.10 -63.44 8.47
CA LYS H 36 149.72 -62.13 8.99
C LYS H 36 150.95 -61.47 9.60
N THR H 37 151.32 -60.31 9.07
CA THR H 37 152.48 -59.59 9.57
C THR H 37 152.09 -58.71 10.76
N ILE H 38 152.97 -58.67 11.75
CA ILE H 38 152.74 -57.82 12.91
C ILE H 38 153.44 -56.48 12.79
N ALA H 39 154.44 -56.36 11.92
CA ALA H 39 155.16 -55.12 11.74
C ALA H 39 155.58 -55.00 10.29
N ALA H 40 156.16 -53.85 9.94
CA ALA H 40 156.61 -53.62 8.58
C ALA H 40 157.84 -54.46 8.28
N LEU H 41 157.81 -55.16 7.14
CA LEU H 41 158.92 -56.00 6.75
C LEU H 41 160.08 -55.15 6.22
N THR H 42 161.19 -55.81 5.94
CA THR H 42 162.36 -55.17 5.35
C THR H 42 162.72 -55.70 3.97
N ALA H 43 162.44 -56.98 3.70
CA ALA H 43 162.70 -57.57 2.40
C ALA H 43 161.71 -58.71 2.19
N ALA H 44 161.70 -59.25 0.97
CA ALA H 44 160.85 -60.40 0.69
C ALA H 44 161.22 -61.56 1.59
N THR H 45 160.21 -62.18 2.20
CA THR H 45 160.43 -63.22 3.20
C THR H 45 160.02 -64.56 2.62
N THR H 46 160.98 -65.45 2.45
CA THR H 46 160.72 -66.78 1.91
C THR H 46 160.49 -67.76 3.05
N PHE H 47 159.48 -68.61 2.88
CA PHE H 47 159.12 -69.62 3.86
C PHE H 47 159.15 -70.99 3.20
N ASN H 48 159.90 -71.91 3.79
CA ASN H 48 159.94 -73.30 3.36
C ASN H 48 158.83 -74.08 4.04
N ILE H 49 158.35 -75.11 3.34
CA ILE H 49 157.27 -75.95 3.81
C ILE H 49 157.82 -77.35 4.06
N PHE H 50 157.31 -78.01 5.08
CA PHE H 50 157.71 -79.37 5.41
C PHE H 50 156.49 -80.20 5.75
N TYR H 51 156.57 -81.48 5.41
CA TYR H 51 155.59 -82.47 5.85
C TYR H 51 156.34 -83.57 6.59
N HIS H 52 155.60 -84.30 7.43
CA HIS H 52 156.22 -85.31 8.27
C HIS H 52 155.44 -86.61 8.15
N GLU H 53 155.89 -87.61 8.88
CA GLU H 53 155.30 -88.94 8.90
C GLU H 53 155.22 -89.40 10.34
N PRO H 54 154.31 -90.34 10.64
CA PRO H 54 154.22 -90.82 12.03
C PRO H 54 155.48 -91.53 12.46
N SER H 55 156.18 -90.97 13.44
CA SER H 55 157.36 -91.60 13.99
C SER H 55 157.05 -93.02 14.43
N ASP H 56 157.88 -93.97 13.99
CA ASP H 56 157.60 -95.38 14.25
C ASP H 56 157.48 -95.72 15.72
N ALA H 57 157.93 -94.83 16.60
CA ALA H 57 157.73 -95.03 18.03
C ALA H 57 156.24 -95.03 18.38
N ASP H 58 155.51 -94.02 17.89
CA ASP H 58 154.09 -93.89 18.17
C ASP H 58 153.42 -93.29 16.95
N PRO H 59 152.28 -93.85 16.50
CA PRO H 59 151.60 -93.29 15.32
C PRO H 59 151.02 -91.89 15.53
N CYS H 60 151.25 -91.26 16.68
CA CYS H 60 150.69 -89.95 16.97
C CYS H 60 151.75 -88.98 17.49
N VAL H 61 153.02 -89.19 17.13
CA VAL H 61 154.10 -88.32 17.59
C VAL H 61 154.88 -87.82 16.38
N PRO H 62 155.30 -86.55 16.37
CA PRO H 62 156.08 -86.04 15.24
C PRO H 62 157.37 -86.81 15.01
N GLY H 63 157.66 -87.08 13.73
CA GLY H 63 158.88 -87.73 13.33
C GLY H 63 159.88 -86.76 12.71
N PRO H 64 160.39 -87.08 11.51
CA PRO H 64 161.33 -86.16 10.86
C PRO H 64 160.64 -84.96 10.22
N ALA H 65 161.42 -84.10 9.57
CA ALA H 65 160.89 -82.91 8.88
C ALA H 65 161.25 -83.04 7.39
N ILE H 66 160.39 -83.70 6.64
CA ILE H 66 160.61 -83.90 5.22
C ILE H 66 160.12 -82.68 4.45
N ARG H 67 160.88 -82.25 3.46
CA ARG H 67 160.54 -81.08 2.66
C ARG H 67 159.60 -81.49 1.54
N VAL H 68 158.41 -80.90 1.52
CA VAL H 68 157.42 -81.27 0.50
C VAL H 68 157.89 -80.81 -0.86
N PRO H 69 157.79 -81.63 -1.90
CA PRO H 69 158.22 -81.21 -3.25
C PRO H 69 157.14 -80.35 -3.90
N GLU H 70 157.57 -79.24 -4.50
CA GLU H 70 156.66 -78.42 -5.29
C GLU H 70 156.11 -79.23 -6.46
N VAL H 71 154.83 -79.05 -6.75
CA VAL H 71 154.16 -79.71 -7.86
C VAL H 71 153.72 -78.63 -8.84
N PRO H 72 154.19 -78.66 -10.09
CA PRO H 72 153.77 -77.65 -11.06
C PRO H 72 152.54 -78.08 -11.84
N PHE H 73 151.90 -77.08 -12.45
CA PHE H 73 150.73 -77.36 -13.26
C PHE H 73 151.06 -76.96 -14.67
N CYS H 74 150.04 -76.76 -15.50
CA CYS H 74 150.31 -76.47 -16.90
C CYS H 74 150.93 -75.12 -17.07
N ASP H 75 150.34 -74.12 -16.50
CA ASP H 75 150.78 -72.75 -16.69
C ASP H 75 151.99 -72.38 -15.83
N THR H 76 152.73 -73.36 -15.31
CA THR H 76 153.92 -73.10 -14.52
C THR H 76 155.14 -73.05 -15.43
N VAL H 77 155.91 -71.98 -15.32
CA VAL H 77 157.07 -71.77 -16.19
C VAL H 77 158.30 -71.40 -15.38
N LEU H 78 158.14 -71.24 -14.06
CA LEU H 78 159.17 -70.70 -13.19
C LEU H 78 159.47 -71.66 -12.04
N LEU H 79 159.67 -72.93 -12.38
CA LEU H 79 159.95 -73.95 -11.37
C LEU H 79 161.17 -73.57 -10.53
N SER H 80 161.14 -73.98 -9.27
CA SER H 80 162.23 -73.72 -8.33
C SER H 80 163.35 -74.74 -8.53
N GLU H 81 164.28 -74.81 -7.58
CA GLU H 81 165.41 -75.72 -7.70
C GLU H 81 164.94 -77.16 -7.60
N ASP H 82 164.56 -77.74 -8.73
CA ASP H 82 163.98 -79.07 -8.96
C ASP H 82 162.55 -79.19 -8.44
N GLY H 83 162.05 -78.18 -7.74
CA GLY H 83 160.69 -78.22 -7.22
C GLY H 83 160.64 -78.53 -5.73
N LEU H 84 160.50 -77.49 -4.93
CA LEU H 84 160.34 -77.62 -3.48
C LEU H 84 159.34 -76.55 -3.05
N ALA H 85 158.18 -76.99 -2.56
CA ALA H 85 157.11 -76.06 -2.21
C ALA H 85 157.61 -75.01 -1.23
N ALA H 86 157.67 -73.77 -1.68
CA ALA H 86 158.14 -72.65 -0.87
C ALA H 86 157.38 -71.41 -1.28
N VAL H 87 156.98 -70.62 -0.29
CA VAL H 87 156.24 -69.40 -0.53
C VAL H 87 157.15 -68.22 -0.23
N THR H 88 156.70 -67.02 -0.60
CA THR H 88 157.46 -65.81 -0.30
C THR H 88 156.47 -64.66 -0.14
N LEU H 89 156.32 -64.21 1.10
CA LEU H 89 155.59 -62.98 1.35
C LEU H 89 156.41 -61.81 0.80
N PRO H 90 155.94 -61.13 -0.24
CA PRO H 90 156.72 -60.03 -0.81
C PRO H 90 156.77 -58.84 0.12
N GLU H 91 157.64 -57.89 -0.24
CA GLU H 91 157.70 -56.64 0.49
C GLU H 91 156.45 -55.81 0.20
N THR H 92 156.35 -54.65 0.86
CA THR H 92 155.21 -53.74 0.72
C THR H 92 153.92 -54.44 1.12
N VAL H 93 153.95 -55.11 2.26
CA VAL H 93 152.77 -55.74 2.86
C VAL H 93 152.72 -55.25 4.29
N THR H 94 151.94 -54.20 4.55
CA THR H 94 151.83 -53.59 5.85
C THR H 94 151.03 -54.49 6.78
N PRO H 95 151.06 -54.22 8.11
CA PRO H 95 150.12 -54.89 9.01
C PRO H 95 148.66 -54.61 8.65
N ASP H 96 147.74 -55.25 9.37
CA ASP H 96 146.31 -55.30 9.04
C ASP H 96 146.12 -55.62 7.56
N SER H 97 147.01 -56.44 7.01
CA SER H 97 146.93 -56.86 5.62
C SER H 97 147.49 -58.29 5.55
N PHE H 98 146.59 -59.26 5.55
CA PHE H 98 146.97 -60.66 5.61
C PHE H 98 147.11 -61.26 4.22
N CYS H 99 147.81 -62.39 4.16
CA CYS H 99 147.98 -63.16 2.94
C CYS H 99 147.57 -64.61 3.21
N ALA H 100 147.50 -65.41 2.15
CA ALA H 100 147.08 -66.79 2.31
C ALA H 100 147.51 -67.61 1.10
N GLY H 101 147.78 -68.89 1.36
CA GLY H 101 148.20 -69.80 0.32
C GLY H 101 147.80 -71.23 0.64
N THR H 102 148.25 -72.14 -0.22
CA THR H 102 147.95 -73.56 -0.05
C THR H 102 148.88 -74.37 -0.95
N VAL H 103 148.91 -75.67 -0.72
CA VAL H 103 149.68 -76.59 -1.54
C VAL H 103 148.73 -77.30 -2.50
N PRO H 104 149.10 -77.51 -3.76
CA PRO H 104 148.17 -78.20 -4.68
C PRO H 104 147.85 -79.63 -4.26
N CYS H 105 148.87 -80.44 -4.02
CA CYS H 105 148.68 -81.84 -3.64
C CYS H 105 149.30 -82.07 -2.27
N MET H 106 148.56 -82.75 -1.41
CA MET H 106 149.01 -83.03 -0.05
C MET H 106 149.82 -84.32 -0.01
N ASN H 107 150.69 -84.41 1.00
CA ASN H 107 151.49 -85.61 1.21
C ASN H 107 151.93 -85.66 2.66
N GLY H 108 151.68 -86.80 3.31
CA GLY H 108 152.08 -86.98 4.69
C GLY H 108 150.90 -87.00 5.65
N GLN H 109 151.14 -86.58 6.88
CA GLN H 109 150.11 -86.54 7.91
C GLN H 109 149.88 -85.15 8.44
N TRP H 110 150.94 -84.39 8.71
CA TRP H 110 150.82 -83.03 9.22
C TRP H 110 151.88 -82.15 8.56
N ILE H 111 151.62 -80.84 8.56
CA ILE H 111 152.45 -79.87 7.87
C ILE H 111 153.14 -78.97 8.89
N SER H 112 154.16 -78.26 8.42
CA SER H 112 154.86 -77.26 9.20
C SER H 112 155.51 -76.25 8.26
N ILE H 113 155.71 -75.03 8.75
CA ILE H 113 156.35 -73.98 7.98
C ILE H 113 157.55 -73.48 8.75
N ALA H 114 158.61 -73.14 8.03
CA ALA H 114 159.81 -72.60 8.64
C ALA H 114 160.31 -71.43 7.81
N PRO H 115 160.98 -70.47 8.43
CA PRO H 115 161.58 -69.38 7.65
C PRO H 115 162.73 -69.90 6.81
N ALA H 116 162.67 -69.67 5.50
CA ALA H 116 163.81 -69.97 4.65
C ALA H 116 164.98 -69.09 5.07
N THR H 117 166.19 -69.65 4.93
CA THR H 117 167.40 -68.98 5.42
C THR H 117 167.50 -67.56 4.89
N GLY H 118 167.77 -66.63 5.81
CA GLY H 118 167.87 -65.22 5.50
C GLY H 118 166.65 -64.40 5.91
N SER H 119 165.48 -65.02 6.01
CA SER H 119 164.26 -64.33 6.37
C SER H 119 163.91 -64.50 7.84
N GLU H 120 164.85 -64.97 8.66
CA GLU H 120 164.53 -65.30 10.06
C GLU H 120 164.20 -64.04 10.85
N THR H 121 165.06 -63.03 10.79
CA THR H 121 164.79 -61.78 11.50
C THR H 121 163.47 -61.17 11.05
N ASN H 122 163.13 -61.32 9.78
CA ASN H 122 161.84 -60.82 9.29
C ASN H 122 160.71 -61.76 9.66
N ALA H 123 160.96 -63.07 9.67
CA ALA H 123 159.95 -64.02 10.11
C ALA H 123 159.56 -63.78 11.56
N ALA H 124 160.47 -63.19 12.35
CA ALA H 124 160.15 -62.85 13.72
C ALA H 124 159.06 -61.80 13.83
N ASN H 125 158.64 -61.19 12.72
CA ASN H 125 157.58 -60.18 12.72
C ASN H 125 156.36 -60.62 11.91
N VAL H 126 156.25 -61.91 11.62
CA VAL H 126 155.09 -62.44 10.92
C VAL H 126 154.65 -63.73 11.61
N GLN H 127 153.34 -63.96 11.60
CA GLN H 127 152.74 -65.15 12.19
C GLN H 127 152.04 -65.94 11.11
N ILE H 128 152.03 -67.26 11.27
CA ILE H 128 151.44 -68.17 10.30
C ILE H 128 150.48 -69.09 11.04
N THR H 129 149.26 -69.20 10.53
CA THR H 129 148.28 -70.14 11.06
C THR H 129 147.82 -71.03 9.92
N VAL H 130 147.16 -72.14 10.29
CA VAL H 130 146.61 -73.07 9.31
C VAL H 130 145.12 -73.24 9.61
N THR H 131 144.31 -73.23 8.56
CA THR H 131 142.87 -73.43 8.68
C THR H 131 142.47 -74.60 7.81
N MET H 132 141.76 -75.55 8.42
CA MET H 132 141.35 -76.77 7.72
C MET H 132 139.89 -76.68 7.31
N LYS H 133 139.42 -77.75 6.68
CA LYS H 133 138.10 -77.77 6.06
C LYS H 133 137.78 -79.19 5.62
N GLY H 134 136.49 -79.55 5.70
CA GLY H 134 136.00 -80.78 5.11
C GLY H 134 136.10 -82.01 5.97
N ALA H 135 136.62 -81.90 7.20
CA ALA H 135 136.82 -83.05 8.06
C ALA H 135 135.57 -83.92 8.14
N THR H 136 135.78 -85.23 8.07
CA THR H 136 134.73 -86.21 8.32
C THR H 136 135.11 -87.26 9.34
N ARG H 137 136.40 -87.43 9.65
CA ARG H 137 136.90 -88.33 10.69
C ARG H 137 136.64 -89.80 10.39
N MET I 1 95.40 4.11 -81.54
CA MET I 1 95.61 3.84 -80.13
C MET I 1 97.07 3.54 -79.85
N ASN I 2 97.86 4.59 -79.64
CA ASN I 2 99.29 4.42 -79.41
C ASN I 2 99.55 4.11 -77.94
N PHE I 3 100.39 3.11 -77.69
CA PHE I 3 100.88 2.86 -76.35
C PHE I 3 102.10 3.73 -76.06
N ASN I 4 102.30 4.03 -74.79
CA ASN I 4 103.52 4.70 -74.38
C ASN I 4 104.66 3.72 -74.58
N VAL I 5 105.45 3.93 -75.62
CA VAL I 5 106.54 3.03 -75.96
C VAL I 5 107.84 3.72 -75.59
N GLY I 6 107.77 4.58 -74.57
CA GLY I 6 108.97 5.08 -73.94
C GLY I 6 109.27 4.29 -72.69
N VAL I 7 108.23 3.66 -72.12
CA VAL I 7 108.42 2.77 -70.97
C VAL I 7 108.90 1.40 -71.43
N ASP I 8 108.95 1.15 -72.73
CA ASP I 8 109.57 -0.03 -73.30
C ASP I 8 110.30 0.43 -74.55
N PHE I 9 111.47 -0.14 -74.79
CA PHE I 9 112.32 0.26 -75.91
C PHE I 9 112.70 1.75 -75.84
N PRO I 10 113.42 2.17 -74.80
CA PRO I 10 113.92 3.56 -74.78
C PRO I 10 115.17 3.69 -75.64
N SER I 11 115.18 4.68 -76.53
CA SER I 11 116.27 4.86 -77.46
C SER I 11 117.20 5.99 -76.99
N PHE I 12 118.46 5.89 -77.40
CA PHE I 12 119.49 6.85 -77.03
C PHE I 12 120.28 7.24 -78.27
N ILE I 13 120.74 8.49 -78.28
CA ILE I 13 121.56 8.98 -79.38
C ILE I 13 122.94 8.32 -79.32
N ALA I 14 123.46 7.94 -80.48
CA ALA I 14 124.78 7.34 -80.57
C ALA I 14 125.74 8.19 -81.40
N TRP I 15 125.31 8.66 -82.57
CA TRP I 15 126.15 9.46 -83.45
C TRP I 15 125.26 10.50 -84.12
N ASP I 16 125.35 11.74 -83.68
CA ASP I 16 124.62 12.85 -84.27
C ASP I 16 125.43 13.57 -85.34
N GLY I 17 125.98 12.82 -86.29
CA GLY I 17 126.72 13.43 -87.37
C GLY I 17 128.16 13.79 -87.05
N GLU I 18 128.40 14.35 -85.86
CA GLU I 18 129.76 14.80 -85.53
C GLU I 18 130.17 14.50 -84.09
N GLU I 19 129.42 13.67 -83.37
CA GLU I 19 129.76 13.42 -81.97
C GLU I 19 129.27 12.03 -81.56
N SER I 20 130.19 11.23 -81.03
CA SER I 20 129.85 9.92 -80.53
C SER I 20 129.19 10.03 -79.16
N PHE I 21 128.54 8.95 -78.75
CA PHE I 21 127.80 8.96 -77.49
C PHE I 21 127.79 7.57 -76.85
N PRO I 22 128.51 7.38 -75.74
CA PRO I 22 128.47 6.09 -75.04
C PRO I 22 127.12 5.86 -74.40
N VAL I 23 126.48 4.75 -74.74
CA VAL I 23 125.18 4.38 -74.20
C VAL I 23 125.36 3.17 -73.29
N LYS I 24 124.69 3.20 -72.14
CA LYS I 24 124.83 2.14 -71.14
C LYS I 24 123.78 1.07 -71.40
N VAL I 25 124.23 -0.16 -71.61
CA VAL I 25 123.35 -1.29 -71.87
C VAL I 25 123.31 -2.24 -70.68
N ASP I 26 123.61 -1.74 -69.47
CA ASP I 26 123.70 -2.61 -68.30
C ASP I 26 122.33 -3.20 -67.94
N GLY I 27 121.37 -2.34 -67.60
CA GLY I 27 120.07 -2.84 -67.18
C GLY I 27 119.34 -3.58 -68.28
N PHE I 28 119.45 -3.11 -69.51
CA PHE I 28 118.81 -3.73 -70.64
C PHE I 28 119.60 -4.96 -71.09
N ASN I 29 118.93 -5.84 -71.84
CA ASN I 29 119.60 -7.07 -72.26
C ASN I 29 119.27 -7.48 -73.70
N GLN I 30 118.65 -6.60 -74.49
CA GLN I 30 118.61 -6.72 -75.94
C GLN I 30 118.62 -5.31 -76.51
N PHE I 31 119.39 -5.11 -77.58
CA PHE I 31 119.55 -3.79 -78.16
C PHE I 31 120.00 -3.93 -79.60
N GLY I 32 119.54 -3.00 -80.44
CA GLY I 32 119.88 -3.02 -81.85
C GLY I 32 120.59 -1.76 -82.32
N PHE I 33 120.34 -1.38 -83.57
CA PHE I 33 121.09 -0.31 -84.21
C PHE I 33 120.27 0.22 -85.38
N THR I 34 120.11 1.54 -85.44
CA THR I 34 119.32 2.18 -86.49
C THR I 34 120.16 3.29 -87.11
N PHE I 35 120.37 3.20 -88.42
CA PHE I 35 121.13 4.18 -89.19
C PHE I 35 120.17 4.95 -90.07
N LYS I 36 120.28 6.28 -90.05
CA LYS I 36 119.45 7.17 -90.86
C LYS I 36 120.34 8.21 -91.52
N THR I 37 120.32 8.25 -92.84
CA THR I 37 121.02 9.30 -93.55
C THR I 37 120.13 10.52 -93.68
N ILE I 38 120.76 11.70 -93.68
CA ILE I 38 120.04 12.96 -93.77
C ILE I 38 120.27 13.67 -95.10
N ALA I 39 121.33 13.33 -95.84
CA ALA I 39 121.62 13.96 -97.11
C ALA I 39 122.10 12.88 -98.06
N ALA I 40 122.65 13.32 -99.20
CA ALA I 40 123.13 12.38 -100.21
C ALA I 40 124.49 11.81 -99.82
N LEU I 41 124.73 10.59 -100.25
CA LEU I 41 126.00 9.92 -100.01
C LEU I 41 126.99 10.23 -101.13
N THR I 42 128.28 10.07 -100.82
CA THR I 42 129.34 10.22 -101.81
C THR I 42 130.00 8.89 -102.12
N ALA I 43 130.52 8.21 -101.10
CA ALA I 43 131.04 6.86 -101.22
C ALA I 43 130.44 6.02 -100.09
N ALA I 44 130.81 4.74 -100.05
CA ALA I 44 130.40 3.90 -98.93
C ALA I 44 131.04 4.42 -97.65
N THR I 45 130.44 4.04 -96.52
CA THR I 45 130.91 4.50 -95.23
C THR I 45 130.97 3.32 -94.29
N THR I 46 131.84 3.40 -93.29
CA THR I 46 131.97 2.34 -92.30
C THR I 46 132.03 2.95 -90.91
N PHE I 47 131.63 2.17 -89.93
CA PHE I 47 131.62 2.60 -88.54
C PHE I 47 132.21 1.48 -87.68
N ASN I 48 133.10 1.88 -86.77
CA ASN I 48 133.76 0.97 -85.85
C ASN I 48 133.02 0.96 -84.52
N ILE I 49 132.80 -0.23 -84.00
CA ILE I 49 132.11 -0.41 -82.72
C ILE I 49 133.14 -0.54 -81.61
N PHE I 50 132.87 0.11 -80.49
CA PHE I 50 133.73 0.06 -79.32
C PHE I 50 132.88 -0.23 -78.10
N TYR I 51 133.53 -0.70 -77.05
CA TYR I 51 132.84 -1.00 -75.80
C TYR I 51 133.70 -0.54 -74.64
N HIS I 52 133.03 -0.24 -73.53
CA HIS I 52 133.66 0.33 -72.36
C HIS I 52 133.45 -0.57 -71.16
N GLU I 53 134.35 -0.45 -70.20
CA GLU I 53 134.27 -1.13 -68.91
C GLU I 53 134.07 -0.12 -67.80
N PRO I 54 133.54 -0.55 -66.65
CA PRO I 54 133.38 0.40 -65.54
C PRO I 54 134.71 0.93 -65.04
N SER I 55 134.95 2.22 -65.25
CA SER I 55 136.16 2.85 -64.77
C SER I 55 136.20 2.77 -63.25
N ASP I 56 137.36 2.41 -62.71
CA ASP I 56 137.52 2.26 -61.26
C ASP I 56 137.10 3.52 -60.49
N ALA I 57 137.05 4.67 -61.16
CA ALA I 57 136.59 5.89 -60.50
C ALA I 57 135.16 5.74 -60.00
N ASP I 58 134.22 5.49 -60.91
CA ASP I 58 132.81 5.35 -60.57
C ASP I 58 132.28 4.13 -61.29
N PRO I 59 131.63 3.19 -60.59
CA PRO I 59 131.20 1.94 -61.24
C PRO I 59 130.10 2.12 -62.28
N CYS I 60 129.30 3.18 -62.24
CA CYS I 60 128.30 3.43 -63.26
C CYS I 60 128.64 4.67 -64.09
N VAL I 61 129.91 4.82 -64.43
CA VAL I 61 130.35 5.75 -65.48
C VAL I 61 131.30 4.99 -66.41
N PRO I 62 131.33 5.30 -67.71
CA PRO I 62 132.16 4.52 -68.62
C PRO I 62 133.64 4.77 -68.42
N GLY I 63 134.44 3.78 -68.84
CA GLY I 63 135.88 3.91 -68.84
C GLY I 63 136.42 4.21 -70.21
N PRO I 64 137.46 3.50 -70.64
CA PRO I 64 138.02 3.69 -71.97
C PRO I 64 137.15 3.02 -73.03
N ALA I 65 137.62 3.06 -74.27
CA ALA I 65 136.90 2.52 -75.41
C ALA I 65 137.76 1.47 -76.08
N ILE I 66 137.38 0.20 -75.94
CA ILE I 66 138.08 -0.91 -76.54
C ILE I 66 137.28 -1.41 -77.74
N ARG I 67 137.98 -1.77 -78.80
CA ARG I 67 137.32 -2.32 -79.98
C ARG I 67 136.62 -3.63 -79.63
N VAL I 68 135.63 -4.00 -80.43
CA VAL I 68 134.78 -5.16 -80.17
C VAL I 68 135.14 -6.24 -81.18
N PRO I 69 135.64 -7.40 -80.74
CA PRO I 69 135.97 -8.48 -81.67
C PRO I 69 134.71 -9.18 -82.17
N GLU I 70 134.55 -9.22 -83.49
CA GLU I 70 133.40 -9.90 -84.06
C GLU I 70 133.57 -11.41 -83.97
N VAL I 71 132.49 -12.09 -83.63
CA VAL I 71 132.43 -13.54 -83.67
C VAL I 71 131.60 -13.95 -84.88
N PRO I 72 132.14 -14.75 -85.80
CA PRO I 72 131.35 -15.16 -86.97
C PRO I 72 130.49 -16.36 -86.65
N PHE I 73 129.32 -16.40 -87.30
CA PHE I 73 128.41 -17.51 -87.14
C PHE I 73 128.93 -18.71 -87.92
N CYS I 74 128.14 -19.78 -87.96
CA CYS I 74 128.32 -20.76 -89.01
C CYS I 74 127.99 -20.13 -90.35
N ASP I 75 128.56 -20.70 -91.41
CA ASP I 75 128.36 -20.21 -92.78
C ASP I 75 128.81 -18.75 -92.91
N THR I 76 130.09 -18.53 -92.66
CA THR I 76 130.74 -17.26 -92.96
C THR I 76 131.84 -17.48 -93.98
N VAL I 77 132.05 -16.50 -94.84
CA VAL I 77 132.96 -16.65 -95.96
C VAL I 77 134.24 -15.86 -95.79
N LEU I 78 134.27 -14.85 -94.94
CA LEU I 78 135.48 -14.05 -94.74
C LEU I 78 135.55 -13.63 -93.27
N LEU I 79 136.67 -13.00 -92.93
CA LEU I 79 136.90 -12.44 -91.61
C LEU I 79 137.55 -11.08 -91.78
N SER I 80 136.94 -10.06 -91.19
CA SER I 80 137.51 -8.71 -91.20
C SER I 80 138.96 -8.77 -90.74
N GLU I 81 139.85 -8.16 -91.53
CA GLU I 81 141.30 -8.34 -91.44
C GLU I 81 141.81 -8.45 -90.01
N ASP I 82 141.30 -7.62 -89.11
CA ASP I 82 141.70 -7.69 -87.71
C ASP I 82 140.80 -8.59 -86.88
N GLY I 83 139.58 -8.85 -87.33
CA GLY I 83 138.60 -9.58 -86.54
C GLY I 83 137.78 -8.73 -85.61
N LEU I 84 137.89 -7.41 -85.72
CA LEU I 84 137.14 -6.49 -84.86
C LEU I 84 135.86 -6.07 -85.57
N ALA I 85 134.74 -6.16 -84.85
CA ALA I 85 133.44 -5.88 -85.45
C ALA I 85 133.37 -4.46 -85.97
N ALA I 86 132.79 -4.31 -87.17
CA ALA I 86 132.59 -3.00 -87.78
C ALA I 86 131.51 -3.13 -88.83
N VAL I 87 130.65 -2.12 -88.91
CA VAL I 87 129.50 -2.16 -89.79
C VAL I 87 129.76 -1.24 -90.98
N THR I 88 129.05 -1.49 -92.08
CA THR I 88 129.20 -0.70 -93.30
C THR I 88 127.85 -0.24 -93.80
N LEU I 89 127.74 1.06 -94.06
CA LEU I 89 126.59 1.63 -94.74
C LEU I 89 126.98 1.83 -96.21
N PRO I 90 126.39 1.08 -97.13
CA PRO I 90 126.84 1.15 -98.53
C PRO I 90 126.44 2.45 -99.20
N GLU I 91 126.99 2.65 -100.39
CA GLU I 91 126.62 3.78 -101.22
C GLU I 91 125.21 3.58 -101.79
N THR I 92 124.63 4.67 -102.30
CA THR I 92 123.29 4.65 -102.90
C THR I 92 122.24 4.25 -101.88
N VAL I 93 122.18 5.00 -100.78
CA VAL I 93 121.15 4.84 -99.76
C VAL I 93 120.46 6.19 -99.59
N THR I 94 119.19 6.25 -99.96
CA THR I 94 118.44 7.50 -99.92
C THR I 94 118.15 7.92 -98.48
N PRO I 95 118.15 9.23 -98.20
CA PRO I 95 117.92 9.69 -96.83
C PRO I 95 116.45 9.71 -96.44
N ASP I 96 115.71 8.67 -96.80
CA ASP I 96 114.37 8.44 -96.26
C ASP I 96 114.13 6.95 -96.03
N SER I 97 115.18 6.19 -95.75
CA SER I 97 115.06 4.74 -95.56
C SER I 97 116.07 4.31 -94.50
N PHE I 98 115.55 3.84 -93.37
CA PHE I 98 116.38 3.40 -92.26
C PHE I 98 117.23 2.20 -92.67
N CYS I 99 118.19 1.87 -91.80
CA CYS I 99 118.95 0.64 -91.91
C CYS I 99 119.13 0.03 -90.54
N ALA I 100 119.03 -1.30 -90.44
CA ALA I 100 119.06 -2.00 -89.18
C ALA I 100 120.37 -2.75 -89.01
N GLY I 101 120.78 -2.91 -87.75
CA GLY I 101 121.98 -3.66 -87.42
C GLY I 101 121.96 -4.14 -85.99
N THR I 102 122.73 -5.18 -85.72
CA THR I 102 122.77 -5.75 -84.37
C THR I 102 124.00 -6.63 -84.22
N VAL I 103 124.82 -6.33 -83.22
CA VAL I 103 125.93 -7.22 -82.84
C VAL I 103 125.35 -8.45 -82.15
N PRO I 104 125.78 -9.65 -82.50
CA PRO I 104 125.16 -10.85 -81.94
C PRO I 104 125.58 -11.19 -80.52
N CYS I 105 126.68 -10.62 -80.02
CA CYS I 105 127.15 -10.96 -78.68
C CYS I 105 127.82 -9.73 -78.08
N MET I 106 127.20 -9.18 -77.03
CA MET I 106 127.69 -7.95 -76.42
C MET I 106 128.86 -8.24 -75.50
N ASN I 107 129.51 -7.15 -75.05
CA ASN I 107 130.59 -7.20 -74.09
C ASN I 107 130.85 -5.79 -73.58
N GLY I 108 130.99 -5.64 -72.26
CA GLY I 108 131.13 -4.33 -71.66
C GLY I 108 129.80 -3.75 -71.22
N GLN I 109 129.88 -2.58 -70.61
CA GLN I 109 128.69 -1.92 -70.08
C GLN I 109 128.29 -0.66 -70.84
N TRP I 110 129.11 -0.20 -71.78
CA TRP I 110 128.75 0.92 -72.62
C TRP I 110 129.17 0.63 -74.06
N ILE I 111 128.27 0.87 -75.00
CA ILE I 111 128.56 0.70 -76.42
C ILE I 111 128.82 2.06 -77.03
N SER I 112 129.63 2.10 -78.07
CA SER I 112 129.93 3.36 -78.75
C SER I 112 130.21 3.08 -80.21
N ILE I 113 129.82 4.03 -81.06
CA ILE I 113 130.02 3.93 -82.50
C ILE I 113 130.86 5.11 -82.95
N ALA I 114 131.89 4.83 -83.74
CA ALA I 114 132.76 5.89 -84.23
C ALA I 114 132.88 5.81 -85.73
N PRO I 115 132.99 6.95 -86.42
CA PRO I 115 133.20 6.92 -87.87
C PRO I 115 134.56 6.33 -88.20
N ALA I 116 134.55 5.25 -88.97
CA ALA I 116 135.81 4.63 -89.38
C ALA I 116 136.62 5.61 -90.20
N THR I 117 137.93 5.64 -89.94
CA THR I 117 138.81 6.61 -90.57
C THR I 117 138.74 6.50 -92.10
N GLY I 118 139.03 7.62 -92.77
CA GLY I 118 138.85 7.72 -94.19
C GLY I 118 137.42 7.82 -94.67
N SER I 119 136.45 7.83 -93.76
CA SER I 119 135.04 7.96 -94.10
C SER I 119 134.36 8.91 -93.13
N GLU I 120 135.06 9.96 -92.71
CA GLU I 120 134.53 10.87 -91.71
C GLU I 120 133.72 12.02 -92.32
N THR I 121 134.01 12.40 -93.56
CA THR I 121 133.25 13.47 -94.18
C THR I 121 131.79 13.08 -94.38
N ASN I 122 131.55 11.82 -94.77
CA ASN I 122 130.17 11.36 -94.94
C ASN I 122 129.46 11.20 -93.61
N ALA I 123 130.22 11.00 -92.53
CA ALA I 123 129.62 10.73 -91.22
C ALA I 123 128.66 11.85 -90.80
N ALA I 124 128.94 13.08 -91.22
CA ALA I 124 128.06 14.19 -90.91
C ALA I 124 126.64 13.92 -91.36
N ASN I 125 126.48 13.35 -92.55
CA ASN I 125 125.16 13.05 -93.08
C ASN I 125 124.55 11.77 -92.49
N VAL I 126 125.26 11.08 -91.61
CA VAL I 126 124.78 9.86 -91.00
C VAL I 126 124.38 10.15 -89.56
N GLN I 127 123.28 9.56 -89.11
CA GLN I 127 122.83 9.66 -87.73
C GLN I 127 122.49 8.25 -87.25
N ILE I 128 123.17 7.82 -86.20
CA ILE I 128 123.02 6.46 -85.69
C ILE I 128 122.46 6.53 -84.28
N THR I 129 121.48 5.68 -83.99
CA THR I 129 120.95 5.61 -82.63
C THR I 129 120.51 4.20 -82.33
N VAL I 130 120.41 3.90 -81.03
CA VAL I 130 120.14 2.55 -80.56
C VAL I 130 118.98 2.58 -79.58
N THR I 131 118.11 1.59 -79.68
CA THR I 131 117.10 1.32 -78.67
C THR I 131 117.52 0.08 -77.88
N MET I 132 116.75 -0.24 -76.84
CA MET I 132 117.01 -1.40 -76.02
C MET I 132 115.71 -2.18 -75.85
N LYS I 133 115.81 -3.38 -75.29
CA LYS I 133 114.57 -4.13 -75.13
C LYS I 133 114.33 -4.60 -73.71
N GLY I 134 115.35 -5.10 -73.02
CA GLY I 134 115.15 -5.64 -71.69
C GLY I 134 115.18 -4.59 -70.61
N ALA I 135 114.64 -4.94 -69.45
CA ALA I 135 114.68 -4.05 -68.29
C ALA I 135 115.47 -4.65 -67.14
N THR I 136 115.13 -5.86 -66.71
CA THR I 136 115.82 -6.65 -65.69
C THR I 136 115.77 -6.02 -64.30
N ARG I 137 115.21 -4.82 -64.15
CA ARG I 137 115.16 -4.12 -62.88
C ARG I 137 114.32 -2.86 -63.00
N MET J 1 121.77 -12.95 -76.78
CA MET J 1 120.90 -13.35 -77.88
C MET J 1 120.01 -12.18 -78.30
N ASN J 2 120.59 -10.99 -78.36
CA ASN J 2 119.84 -9.79 -78.73
C ASN J 2 119.43 -9.88 -80.19
N PHE J 3 118.13 -9.94 -80.43
CA PHE J 3 117.62 -9.99 -81.79
C PHE J 3 117.86 -8.65 -82.50
N ASN J 4 117.78 -8.68 -83.83
CA ASN J 4 117.88 -7.46 -84.61
C ASN J 4 116.61 -6.66 -84.39
N VAL J 5 116.68 -5.68 -83.48
CA VAL J 5 115.53 -4.87 -83.13
C VAL J 5 115.52 -3.54 -83.89
N GLY J 6 116.43 -3.38 -84.85
CA GLY J 6 116.34 -2.26 -85.78
C GLY J 6 115.01 -2.32 -86.52
N VAL J 7 114.86 -3.33 -87.39
CA VAL J 7 113.52 -3.72 -87.79
C VAL J 7 112.78 -4.13 -86.54
N ASP J 8 111.45 -4.00 -86.56
CA ASP J 8 110.67 -4.24 -85.35
C ASP J 8 111.07 -3.26 -84.26
N PHE J 9 110.58 -2.02 -84.38
CA PHE J 9 110.79 -0.86 -83.51
C PHE J 9 112.14 -0.18 -83.72
N PRO J 10 112.38 0.44 -84.88
CA PRO J 10 113.56 1.31 -85.02
C PRO J 10 113.38 2.63 -84.28
N SER J 11 114.36 3.53 -84.39
CA SER J 11 114.26 4.82 -83.74
C SER J 11 115.11 5.83 -84.51
N PHE J 12 114.87 7.11 -84.22
CA PHE J 12 115.56 8.20 -84.88
C PHE J 12 115.78 9.33 -83.89
N ILE J 13 116.64 10.27 -84.27
CA ILE J 13 116.91 11.44 -83.45
C ILE J 13 115.81 12.47 -83.68
N ALA J 14 115.22 12.95 -82.58
CA ALA J 14 114.18 13.97 -82.64
C ALA J 14 114.67 15.34 -82.21
N TRP J 15 115.44 15.42 -81.13
CA TRP J 15 115.96 16.68 -80.61
C TRP J 15 117.37 16.43 -80.10
N ASP J 16 118.36 17.00 -80.79
CA ASP J 16 119.77 16.80 -80.48
C ASP J 16 120.28 17.75 -79.42
N GLY J 17 119.43 18.62 -78.87
CA GLY J 17 119.88 19.66 -77.97
C GLY J 17 120.19 20.99 -78.65
N GLU J 18 120.23 21.02 -79.98
CA GLU J 18 120.52 22.25 -80.71
C GLU J 18 119.50 22.58 -81.80
N GLU J 19 118.77 21.60 -82.32
CA GLU J 19 117.77 21.84 -83.33
C GLU J 19 116.88 20.62 -83.45
N SER J 20 115.64 20.83 -83.88
CA SER J 20 114.66 19.76 -83.98
C SER J 20 114.72 19.11 -85.35
N PHE J 21 114.02 17.97 -85.47
CA PHE J 21 114.01 17.23 -86.71
C PHE J 21 112.65 16.54 -86.90
N PRO J 22 112.01 16.73 -88.05
CA PRO J 22 110.80 15.96 -88.36
C PRO J 22 111.15 14.52 -88.67
N VAL J 23 110.46 13.59 -88.01
CA VAL J 23 110.67 12.16 -88.21
C VAL J 23 109.36 11.52 -88.62
N LYS J 24 109.33 10.96 -89.83
CA LYS J 24 108.11 10.43 -90.41
C LYS J 24 107.52 9.34 -89.55
N VAL J 25 106.21 9.44 -89.27
CA VAL J 25 105.47 8.42 -88.55
C VAL J 25 104.33 7.84 -89.36
N ASP J 26 104.15 8.27 -90.61
CA ASP J 26 103.05 7.78 -91.42
C ASP J 26 103.12 6.28 -91.63
N GLY J 27 104.31 5.75 -91.88
CA GLY J 27 104.50 4.33 -92.09
C GLY J 27 104.38 3.47 -90.85
N PHE J 28 103.95 4.05 -89.73
CA PHE J 28 103.83 3.35 -88.47
C PHE J 28 102.44 3.59 -87.90
N ASN J 29 102.13 2.94 -86.78
CA ASN J 29 100.84 3.10 -86.12
C ASN J 29 100.94 3.40 -84.63
N GLN J 30 102.04 3.07 -83.97
CA GLN J 30 102.25 3.47 -82.58
C GLN J 30 103.64 4.07 -82.46
N PHE J 31 103.84 4.93 -81.46
CA PHE J 31 105.13 5.58 -81.29
C PHE J 31 105.16 6.30 -79.95
N GLY J 32 106.36 6.71 -79.55
CA GLY J 32 106.58 7.40 -78.29
C GLY J 32 107.92 8.08 -78.27
N PHE J 33 108.11 8.90 -77.23
CA PHE J 33 109.28 9.74 -77.06
C PHE J 33 110.09 9.27 -75.86
N THR J 34 111.42 9.32 -76.01
CA THR J 34 112.37 8.97 -74.96
C THR J 34 113.28 10.18 -74.73
N PHE J 35 113.22 10.73 -73.52
CA PHE J 35 114.02 11.89 -73.14
C PHE J 35 115.19 11.44 -72.28
N LYS J 36 116.31 12.17 -72.38
CA LYS J 36 117.50 11.84 -71.62
C LYS J 36 118.29 13.10 -71.35
N THR J 37 118.69 13.30 -70.09
CA THR J 37 119.48 14.46 -69.71
C THR J 37 120.96 14.14 -69.79
N ILE J 38 121.73 15.06 -70.36
CA ILE J 38 123.18 14.88 -70.43
C ILE J 38 123.90 15.51 -69.25
N ALA J 39 123.24 16.41 -68.52
CA ALA J 39 123.81 17.02 -67.34
C ALA J 39 122.66 17.40 -66.40
N ALA J 40 123.02 17.92 -65.24
CA ALA J 40 122.00 18.39 -64.29
C ALA J 40 121.29 19.61 -64.85
N LEU J 41 119.98 19.68 -64.63
CA LEU J 41 119.18 20.78 -65.15
C LEU J 41 119.11 21.90 -64.11
N THR J 42 118.38 22.96 -64.47
CA THR J 42 118.21 24.11 -63.59
C THR J 42 116.80 24.30 -63.09
N ALA J 43 115.79 23.87 -63.86
CA ALA J 43 114.39 24.02 -63.46
C ALA J 43 113.56 23.05 -64.30
N ALA J 44 112.26 23.07 -64.07
CA ALA J 44 111.34 22.29 -64.90
C ALA J 44 111.31 22.89 -66.30
N THR J 45 111.65 22.08 -67.29
CA THR J 45 111.79 22.56 -68.67
C THR J 45 110.65 22.04 -69.51
N THR J 46 110.04 22.93 -70.29
CA THR J 46 108.86 22.62 -71.07
C THR J 46 109.23 22.48 -72.54
N PHE J 47 108.49 21.60 -73.23
CA PHE J 47 108.66 21.38 -74.66
C PHE J 47 107.30 21.36 -75.34
N ASN J 48 107.22 22.09 -76.46
CA ASN J 48 106.03 22.12 -77.28
C ASN J 48 106.11 21.03 -78.34
N ILE J 49 104.95 20.47 -78.66
CA ILE J 49 104.83 19.39 -79.64
C ILE J 49 104.10 19.92 -80.85
N PHE J 50 104.57 19.53 -82.04
CA PHE J 50 103.96 19.95 -83.29
C PHE J 50 103.86 18.74 -84.21
N TYR J 51 102.94 18.83 -85.16
CA TYR J 51 102.79 17.83 -86.20
C TYR J 51 102.74 18.54 -87.55
N HIS J 52 103.24 17.86 -88.58
CA HIS J 52 103.34 18.45 -89.91
C HIS J 52 102.36 17.78 -90.86
N GLU J 53 102.20 18.42 -92.02
CA GLU J 53 101.39 17.96 -93.13
C GLU J 53 102.26 17.84 -94.37
N PRO J 54 101.93 16.93 -95.29
CA PRO J 54 102.74 16.80 -96.50
C PRO J 54 102.63 18.02 -97.39
N SER J 55 103.73 18.76 -97.52
CA SER J 55 103.75 19.93 -98.39
C SER J 55 103.37 19.52 -99.81
N ASP J 56 102.27 20.08 -100.31
CA ASP J 56 101.73 19.66 -101.60
C ASP J 56 102.72 19.81 -102.74
N ALA J 57 103.82 20.54 -102.54
CA ALA J 57 104.90 20.53 -103.53
C ALA J 57 105.49 19.13 -103.69
N ASP J 58 105.58 18.38 -102.59
CA ASP J 58 106.11 17.02 -102.61
C ASP J 58 105.52 16.23 -101.45
N PRO J 59 104.85 15.10 -101.73
CA PRO J 59 104.19 14.34 -100.67
C PRO J 59 105.14 13.69 -99.67
N CYS J 60 106.45 13.93 -99.77
CA CYS J 60 107.41 13.32 -98.85
C CYS J 60 108.36 14.37 -98.25
N VAL J 61 107.92 15.62 -98.18
CA VAL J 61 108.75 16.69 -97.64
C VAL J 61 107.97 17.44 -96.56
N PRO J 62 108.65 18.15 -95.65
CA PRO J 62 107.93 18.82 -94.56
C PRO J 62 107.13 20.03 -95.04
N GLY J 63 105.91 20.13 -94.52
CA GLY J 63 105.08 21.30 -94.70
C GLY J 63 105.25 22.27 -93.55
N PRO J 64 104.15 22.88 -93.09
CA PRO J 64 104.25 23.71 -91.88
C PRO J 64 104.32 22.88 -90.61
N ALA J 65 104.37 23.55 -89.46
CA ALA J 65 104.43 22.89 -88.15
C ALA J 65 103.18 23.25 -87.37
N ILE J 66 102.14 22.43 -87.51
CA ILE J 66 100.91 22.63 -86.77
C ILE J 66 101.09 22.10 -85.36
N ARG J 67 100.55 22.82 -84.38
CA ARG J 67 100.74 22.48 -82.97
C ARG J 67 99.61 21.54 -82.54
N VAL J 68 99.97 20.28 -82.30
CA VAL J 68 98.99 19.27 -81.87
C VAL J 68 98.31 19.72 -80.59
N PRO J 69 96.98 19.60 -80.47
CA PRO J 69 96.29 20.07 -79.26
C PRO J 69 96.13 18.97 -78.21
N GLU J 70 96.22 19.40 -76.95
CA GLU J 70 96.07 18.48 -75.83
C GLU J 70 94.65 17.94 -75.76
N VAL J 71 94.52 16.66 -75.46
CA VAL J 71 93.24 15.96 -75.43
C VAL J 71 93.05 15.39 -74.03
N PRO J 72 91.90 15.62 -73.39
CA PRO J 72 91.68 15.10 -72.03
C PRO J 72 90.98 13.75 -71.99
N PHE J 73 90.86 13.19 -70.79
CA PHE J 73 90.05 12.01 -70.53
C PHE J 73 89.48 12.14 -69.12
N CYS J 74 89.02 11.02 -68.54
CA CYS J 74 88.15 11.04 -67.36
C CYS J 74 88.58 12.05 -66.32
N ASP J 75 89.76 11.85 -65.73
CA ASP J 75 90.20 12.60 -64.56
C ASP J 75 91.07 13.79 -64.92
N THR J 76 91.37 13.98 -66.20
CA THR J 76 92.11 15.17 -66.62
C THR J 76 91.26 16.41 -66.41
N VAL J 77 91.56 17.17 -65.36
CA VAL J 77 90.82 18.38 -65.03
C VAL J 77 91.82 19.52 -64.93
N LEU J 78 92.96 19.35 -65.57
CA LEU J 78 94.05 20.32 -65.50
C LEU J 78 94.42 20.78 -66.91
N LEU J 79 93.40 21.08 -67.71
CA LEU J 79 93.62 21.47 -69.10
C LEU J 79 94.56 22.66 -69.19
N SER J 80 95.32 22.69 -70.27
CA SER J 80 96.27 23.78 -70.53
C SER J 80 95.55 24.98 -71.10
N GLU J 81 96.30 25.94 -71.64
CA GLU J 81 95.72 27.17 -72.19
C GLU J 81 94.93 26.80 -73.45
N ASP J 82 93.67 26.44 -73.22
CA ASP J 82 92.64 26.00 -74.17
C ASP J 82 92.99 24.69 -74.85
N GLY J 83 94.14 24.09 -74.54
CA GLY J 83 94.49 22.80 -75.12
C GLY J 83 95.59 22.86 -76.14
N LEU J 84 96.77 22.34 -75.76
CA LEU J 84 97.88 22.19 -76.69
C LEU J 84 98.81 21.14 -76.10
N ALA J 85 99.12 20.12 -76.88
CA ALA J 85 99.97 19.04 -76.39
C ALA J 85 101.38 19.55 -76.15
N ALA J 86 101.77 19.63 -74.88
CA ALA J 86 103.10 20.06 -74.50
C ALA J 86 103.48 19.33 -73.22
N VAL J 87 104.76 18.99 -73.10
CA VAL J 87 105.25 18.22 -71.96
C VAL J 87 106.21 19.10 -71.16
N THR J 88 106.55 18.62 -69.97
CA THR J 88 107.48 19.36 -69.12
C THR J 88 108.22 18.36 -68.24
N LEU J 89 109.53 18.32 -68.39
CA LEU J 89 110.36 17.50 -67.52
C LEU J 89 110.71 18.28 -66.26
N PRO J 90 110.34 17.81 -65.08
CA PRO J 90 110.61 18.59 -63.86
C PRO J 90 112.08 18.57 -63.49
N GLU J 91 112.42 19.25 -62.39
CA GLU J 91 113.76 19.16 -61.83
C GLU J 91 113.93 17.81 -61.15
N THR J 92 115.11 17.59 -60.57
CA THR J 92 115.46 16.31 -59.93
C THR J 92 115.35 15.16 -60.92
N VAL J 93 115.82 15.40 -62.14
CA VAL J 93 115.92 14.36 -63.17
C VAL J 93 117.39 14.36 -63.57
N THR J 94 118.17 13.49 -62.96
CA THR J 94 119.62 13.46 -63.13
C THR J 94 119.97 12.75 -64.42
N PRO J 95 121.23 12.87 -64.88
CA PRO J 95 121.72 11.96 -65.92
C PRO J 95 121.57 10.50 -65.53
N ASP J 96 121.80 9.59 -66.47
CA ASP J 96 121.49 8.17 -66.36
C ASP J 96 120.11 7.95 -65.75
N SER J 97 119.19 8.88 -66.05
CA SER J 97 117.79 8.76 -65.61
C SER J 97 116.93 9.34 -66.73
N PHE J 98 116.44 8.46 -67.59
CA PHE J 98 115.68 8.83 -68.77
C PHE J 98 114.19 8.87 -68.46
N CYS J 99 113.44 9.55 -69.33
CA CYS J 99 112.01 9.71 -69.16
C CYS J 99 111.29 9.30 -70.43
N ALA J 100 109.98 9.10 -70.29
CA ALA J 100 109.15 8.52 -71.35
C ALA J 100 107.91 9.37 -71.56
N GLY J 101 107.47 9.46 -72.82
CA GLY J 101 106.25 10.21 -73.10
C GLY J 101 105.60 9.73 -74.37
N THR J 102 104.39 10.26 -74.62
CA THR J 102 103.65 9.95 -75.83
C THR J 102 102.51 10.96 -75.98
N VAL J 103 101.89 10.93 -77.15
CA VAL J 103 100.73 11.77 -77.45
C VAL J 103 99.49 10.89 -77.50
N PRO J 104 98.38 11.29 -76.88
CA PRO J 104 97.20 10.40 -76.85
C PRO J 104 96.62 10.09 -78.22
N CYS J 105 96.42 11.10 -79.06
CA CYS J 105 95.79 10.93 -80.36
C CYS J 105 96.73 11.40 -81.47
N MET J 106 96.82 10.60 -82.52
CA MET J 106 97.69 10.94 -83.65
C MET J 106 97.02 11.95 -84.57
N ASN J 107 97.84 12.73 -85.25
CA ASN J 107 97.36 13.71 -86.23
C ASN J 107 98.48 14.18 -87.15
N GLY J 108 98.19 14.26 -88.45
CA GLY J 108 99.18 14.71 -89.40
C GLY J 108 99.97 13.57 -90.02
N GLN J 109 101.23 13.82 -90.34
CA GLN J 109 102.09 12.82 -90.92
C GLN J 109 103.36 12.55 -90.11
N TRP J 110 103.86 13.52 -89.38
CA TRP J 110 104.98 13.28 -88.48
C TRP J 110 105.03 14.35 -87.40
N ILE J 111 105.73 14.01 -86.32
CA ILE J 111 105.77 14.82 -85.11
C ILE J 111 107.13 15.52 -85.03
N SER J 112 107.18 16.52 -84.16
CA SER J 112 108.41 17.25 -83.88
C SER J 112 108.29 17.88 -82.50
N ILE J 113 109.42 17.99 -81.81
CA ILE J 113 109.48 18.54 -80.47
C ILE J 113 110.38 19.75 -80.48
N ALA J 114 109.94 20.83 -79.83
CA ALA J 114 110.72 22.06 -79.78
C ALA J 114 110.80 22.57 -78.34
N PRO J 115 111.91 23.16 -77.96
CA PRO J 115 112.00 23.76 -76.62
C PRO J 115 111.00 24.89 -76.47
N ALA J 116 110.19 24.82 -75.41
CA ALA J 116 109.28 25.90 -75.10
C ALA J 116 110.08 27.13 -74.68
N THR J 117 109.56 28.31 -75.04
CA THR J 117 110.23 29.57 -74.77
C THR J 117 110.61 29.68 -73.30
N GLY J 118 111.91 29.87 -73.04
CA GLY J 118 112.47 29.94 -71.71
C GLY J 118 113.25 28.70 -71.32
N SER J 119 112.95 27.55 -71.93
CA SER J 119 113.64 26.31 -71.64
C SER J 119 114.69 25.96 -72.70
N GLU J 120 115.19 26.96 -73.42
CA GLU J 120 116.12 26.70 -74.51
C GLU J 120 117.50 26.31 -74.00
N THR J 121 118.08 27.15 -73.14
CA THR J 121 119.43 26.88 -72.63
C THR J 121 119.48 25.54 -71.90
N ASN J 122 118.40 25.14 -71.24
CA ASN J 122 118.36 23.84 -70.60
C ASN J 122 118.10 22.74 -71.62
N ALA J 123 117.30 23.02 -72.65
CA ALA J 123 117.13 22.07 -73.74
C ALA J 123 118.46 21.76 -74.42
N ALA J 124 119.43 22.68 -74.34
CA ALA J 124 120.75 22.43 -74.88
C ALA J 124 121.45 21.26 -74.23
N ASN J 125 120.93 20.75 -73.12
CA ASN J 125 121.54 19.62 -72.41
C ASN J 125 120.64 18.40 -72.37
N VAL J 126 119.68 18.29 -73.28
CA VAL J 126 118.76 17.16 -73.31
C VAL J 126 118.72 16.58 -74.71
N GLN J 127 118.55 15.26 -74.79
CA GLN J 127 118.45 14.53 -76.03
C GLN J 127 117.12 13.78 -76.05
N ILE J 128 116.35 13.95 -77.13
CA ILE J 128 115.04 13.33 -77.26
C ILE J 128 115.03 12.50 -78.54
N THR J 129 114.57 11.25 -78.42
CA THR J 129 114.45 10.36 -79.56
C THR J 129 113.02 9.86 -79.64
N VAL J 130 112.67 9.27 -80.78
CA VAL J 130 111.33 8.74 -81.02
C VAL J 130 111.46 7.29 -81.46
N THR J 131 110.62 6.43 -80.89
CA THR J 131 110.60 5.01 -81.24
C THR J 131 109.18 4.61 -81.62
N MET J 132 109.06 3.85 -82.70
CA MET J 132 107.76 3.46 -83.24
C MET J 132 107.44 2.02 -82.88
N LYS J 133 106.29 1.53 -83.36
CA LYS J 133 105.74 0.27 -82.91
C LYS J 133 104.61 -0.14 -83.85
N GLY J 134 104.58 -1.44 -84.20
CA GLY J 134 103.44 -2.06 -84.81
C GLY J 134 103.37 -1.98 -86.32
N ALA J 135 104.28 -1.24 -86.96
CA ALA J 135 104.15 -0.90 -88.37
C ALA J 135 103.91 -2.12 -89.25
N THR J 136 103.14 -1.90 -90.31
CA THR J 136 102.94 -2.90 -91.36
C THR J 136 103.37 -2.39 -92.73
N ARG J 137 103.51 -1.08 -92.90
CA ARG J 137 103.94 -0.44 -94.16
C ARG J 137 102.93 -0.63 -95.28
N MET K 1 35.03 37.38 -105.11
CA MET K 1 34.26 38.05 -104.07
C MET K 1 34.77 37.68 -102.68
N VAL K 2 35.40 38.64 -102.01
CA VAL K 2 35.92 38.42 -100.67
C VAL K 2 34.77 38.50 -99.68
N LYS K 3 34.86 37.69 -98.63
CA LYS K 3 33.87 37.70 -97.55
C LYS K 3 34.59 37.50 -96.22
N LEU K 4 34.22 38.31 -95.23
CA LEU K 4 34.85 38.21 -93.93
C LEU K 4 34.02 37.34 -92.99
N ASN K 5 34.69 36.81 -91.97
CA ASN K 5 34.02 36.10 -90.88
C ASN K 5 34.87 36.35 -89.65
N CYS K 6 34.49 37.36 -88.87
CA CYS K 6 35.36 37.95 -87.87
C CYS K 6 34.90 37.54 -86.47
N ARG K 7 35.81 37.68 -85.50
CA ARG K 7 35.48 37.24 -84.15
C ARG K 7 36.34 37.96 -83.13
N PRO K 8 35.79 38.26 -81.94
CA PRO K 8 36.61 38.92 -80.90
C PRO K 8 37.60 37.99 -80.23
N LEU K 9 38.37 38.52 -79.28
CA LEU K 9 39.34 37.73 -78.53
C LEU K 9 39.26 37.90 -77.03
N CYS K 10 38.76 39.02 -76.52
CA CYS K 10 38.70 39.30 -75.09
C CYS K 10 37.26 39.14 -74.61
N GLN K 11 37.06 38.27 -73.63
CA GLN K 11 35.76 38.10 -73.00
C GLN K 11 35.63 39.02 -71.79
N ALA K 12 34.39 39.37 -71.48
CA ALA K 12 34.10 40.27 -70.37
C ALA K 12 33.26 39.57 -69.33
N PRO K 13 33.35 39.98 -68.06
CA PRO K 13 32.52 39.36 -67.03
C PRO K 13 31.04 39.65 -67.26
N THR K 14 30.20 38.83 -66.64
CA THR K 14 28.75 38.98 -66.73
C THR K 14 28.20 38.95 -65.30
N ALA K 15 28.20 40.11 -64.66
CA ALA K 15 27.68 40.26 -63.31
C ALA K 15 26.34 40.99 -63.34
N SER K 16 25.45 40.60 -62.43
CA SER K 16 24.11 41.16 -62.41
C SER K 16 23.48 40.87 -61.05
N ARG K 17 22.84 41.89 -60.47
CA ARG K 17 22.17 41.71 -59.20
C ARG K 17 21.02 40.72 -59.34
N LEU K 18 20.68 40.06 -58.23
CA LEU K 18 19.68 39.01 -58.22
C LEU K 18 18.48 39.44 -57.39
N VAL K 19 17.99 40.66 -57.62
CA VAL K 19 16.93 41.27 -56.83
C VAL K 19 15.75 40.32 -56.65
N SER K 20 15.10 40.40 -55.50
CA SER K 20 14.04 39.50 -55.11
C SER K 20 12.93 40.32 -54.46
N PRO K 21 11.70 39.79 -54.40
CA PRO K 21 10.63 40.47 -53.67
C PRO K 21 11.06 40.86 -52.27
N PRO K 22 10.97 42.13 -51.93
CA PRO K 22 11.44 42.60 -50.62
C PRO K 22 10.51 42.23 -49.48
N CYS K 23 10.80 42.74 -48.29
CA CYS K 23 9.94 42.53 -47.13
C CYS K 23 8.50 42.87 -47.46
N PHE K 24 7.58 41.99 -47.04
CA PHE K 24 6.16 42.18 -47.33
C PHE K 24 5.66 43.49 -46.74
N ILE K 25 4.96 44.27 -47.55
CA ILE K 25 4.40 45.55 -47.12
C ILE K 25 2.88 45.48 -47.29
N CYS K 26 2.19 46.27 -46.48
CA CYS K 26 0.73 46.32 -46.49
C CYS K 26 0.26 47.62 -47.13
N ARG K 27 -0.79 47.51 -47.94
CA ARG K 27 -1.35 48.66 -48.65
C ARG K 27 -2.22 49.46 -47.68
N GLY K 28 -1.54 50.24 -46.84
CA GLY K 28 -2.21 51.05 -45.84
C GLY K 28 -1.28 51.60 -44.79
N MET L 1 -30.75 10.68 26.68
CA MET L 1 -29.61 11.33 26.07
C MET L 1 -30.02 12.03 24.77
N VAL L 2 -29.87 13.36 24.75
CA VAL L 2 -30.28 14.14 23.58
C VAL L 2 -29.32 13.89 22.43
N LYS L 3 -29.86 13.56 21.27
CA LYS L 3 -29.09 13.38 20.03
C LYS L 3 -29.46 14.51 19.08
N LEU L 4 -28.72 15.61 19.17
CA LEU L 4 -29.00 16.78 18.34
C LEU L 4 -28.82 16.46 16.87
N ASN L 5 -29.79 16.88 16.06
CA ASN L 5 -29.71 16.78 14.60
C ASN L 5 -30.12 18.13 14.02
N CYS L 6 -29.29 18.67 13.14
CA CYS L 6 -29.51 20.01 12.62
C CYS L 6 -29.22 20.05 11.13
N ARG L 7 -30.02 20.83 10.40
CA ARG L 7 -29.86 21.05 8.97
C ARG L 7 -30.17 22.52 8.69
N PRO L 8 -29.40 23.17 7.83
CA PRO L 8 -29.69 24.56 7.48
C PRO L 8 -30.97 24.66 6.65
N LEU L 9 -31.58 25.84 6.71
CA LEU L 9 -32.80 26.12 5.96
C LEU L 9 -32.51 26.74 4.60
N CYS L 10 -31.71 27.79 4.57
CA CYS L 10 -31.40 28.46 3.32
C CYS L 10 -30.31 27.71 2.55
N GLN L 11 -30.32 27.90 1.23
CA GLN L 11 -29.31 27.31 0.37
C GLN L 11 -28.06 28.18 0.43
N ALA L 12 -27.09 27.95 -0.45
CA ALA L 12 -25.83 28.69 -0.41
C ALA L 12 -25.56 29.32 -1.77
N PRO L 13 -25.18 30.60 -1.82
CA PRO L 13 -24.87 31.25 -3.09
C PRO L 13 -23.47 30.87 -3.57
N THR L 14 -23.42 30.05 -4.61
CA THR L 14 -22.16 29.54 -5.15
C THR L 14 -21.73 30.43 -6.33
N ALA L 15 -20.72 31.26 -6.11
CA ALA L 15 -20.19 32.14 -7.14
C ALA L 15 -18.67 32.11 -7.03
N SER L 16 -18.01 31.50 -8.02
CA SER L 16 -16.58 31.34 -8.00
C SER L 16 -15.98 31.93 -9.28
N ARG L 17 -14.86 32.61 -9.12
CA ARG L 17 -14.15 33.23 -10.25
C ARG L 17 -13.32 32.17 -10.95
N LEU L 18 -13.79 31.70 -12.11
CA LEU L 18 -13.12 30.65 -12.85
C LEU L 18 -11.87 31.24 -13.50
N VAL L 19 -10.81 31.37 -12.70
CA VAL L 19 -9.57 31.95 -13.17
C VAL L 19 -8.98 31.11 -14.30
N SER L 20 -8.17 31.75 -15.14
CA SER L 20 -7.47 31.11 -16.22
C SER L 20 -6.02 31.58 -16.23
N PRO L 21 -5.09 30.76 -16.71
CA PRO L 21 -3.70 31.19 -16.82
C PRO L 21 -3.59 32.43 -17.69
N PRO L 22 -2.96 33.48 -17.19
CA PRO L 22 -2.79 34.69 -18.00
C PRO L 22 -1.88 34.43 -19.20
N CYS L 23 -1.84 35.40 -20.10
CA CYS L 23 -1.00 35.27 -21.27
C CYS L 23 0.46 35.13 -20.87
N PHE L 24 1.15 34.21 -21.53
CA PHE L 24 2.52 33.87 -21.17
C PHE L 24 3.42 35.10 -21.20
N ILE L 25 4.17 35.29 -20.13
CA ILE L 25 5.15 36.37 -20.02
C ILE L 25 6.51 35.75 -19.73
N CYS L 26 7.44 35.90 -20.66
CA CYS L 26 8.77 35.37 -20.47
C CYS L 26 9.54 36.17 -19.43
N ARG L 27 10.27 35.44 -18.58
CA ARG L 27 10.82 35.97 -17.32
C ARG L 27 12.00 36.86 -17.60
N GLY L 28 11.80 38.18 -17.52
CA GLY L 28 12.87 39.13 -17.72
C GLY L 28 12.56 40.19 -18.75
N MET M 1 41.00 1.16 20.17
CA MET M 1 40.66 1.43 18.79
C MET M 1 39.15 1.54 18.62
N VAL M 2 38.50 2.23 19.56
CA VAL M 2 37.05 2.34 19.53
C VAL M 2 36.63 3.17 18.32
N LYS M 3 35.82 2.58 17.45
CA LYS M 3 35.32 3.24 16.26
C LYS M 3 33.94 3.83 16.53
N LEU M 4 33.77 5.10 16.20
CA LEU M 4 32.52 5.79 16.47
C LEU M 4 31.49 5.50 15.38
N ASN M 5 30.25 5.92 15.65
CA ASN M 5 29.15 5.81 14.71
C ASN M 5 28.03 6.73 15.16
N CYS M 6 27.58 7.63 14.28
CA CYS M 6 26.66 8.67 14.70
C CYS M 6 25.66 8.96 13.58
N ARG M 7 24.39 9.08 13.96
CA ARG M 7 23.32 9.44 13.05
C ARG M 7 22.50 10.59 13.63
N PRO M 8 21.90 11.42 12.80
CA PRO M 8 21.10 12.54 13.31
C PRO M 8 19.70 12.08 13.72
N LEU M 9 19.04 12.93 14.49
CA LEU M 9 17.71 12.62 15.00
C LEU M 9 16.60 13.05 14.04
N CYS M 10 16.57 14.33 13.68
CA CYS M 10 15.54 14.87 12.79
C CYS M 10 16.19 15.41 11.53
N GLN M 11 15.67 15.00 10.38
CA GLN M 11 16.21 15.42 9.09
C GLN M 11 15.50 16.68 8.60
N ALA M 12 16.22 17.49 7.84
CA ALA M 12 15.67 18.69 7.25
C ALA M 12 15.39 18.48 5.76
N PRO M 13 14.34 19.10 5.23
CA PRO M 13 14.01 18.93 3.81
C PRO M 13 14.97 19.71 2.92
N THR M 14 14.80 19.55 1.62
CA THR M 14 15.69 20.15 0.63
C THR M 14 14.84 20.80 -0.46
N ALA M 15 14.90 22.13 -0.55
CA ALA M 15 14.24 22.87 -1.61
C ALA M 15 15.25 23.33 -2.66
N SER M 16 14.72 23.72 -3.81
CA SER M 16 15.55 24.20 -4.91
C SER M 16 14.66 24.91 -5.92
N ARG M 17 15.28 25.64 -6.84
CA ARG M 17 14.59 26.39 -7.86
C ARG M 17 14.78 25.71 -9.22
N LEU M 18 14.00 26.18 -10.21
CA LEU M 18 13.90 25.50 -11.50
C LEU M 18 14.00 26.50 -12.65
N VAL M 19 15.04 27.33 -12.63
CA VAL M 19 15.27 28.31 -13.69
C VAL M 19 15.20 27.63 -15.05
N SER M 20 14.74 28.35 -16.07
CA SER M 20 14.39 27.75 -17.34
C SER M 20 14.80 28.69 -18.46
N PRO M 21 15.11 28.18 -19.65
CA PRO M 21 15.65 29.03 -20.73
C PRO M 21 14.72 30.21 -21.01
N PRO M 22 15.30 31.40 -21.18
CA PRO M 22 14.49 32.61 -21.28
C PRO M 22 13.80 32.77 -22.63
N CYS M 23 13.32 34.00 -22.83
CA CYS M 23 12.64 34.39 -24.05
C CYS M 23 13.57 34.20 -25.24
N PHE M 24 13.01 33.93 -26.42
CA PHE M 24 13.83 33.99 -27.62
C PHE M 24 14.14 35.44 -27.94
N ILE M 25 15.42 35.73 -28.16
CA ILE M 25 15.87 37.05 -28.52
C ILE M 25 16.64 36.93 -29.84
N CYS M 26 16.74 38.05 -30.55
CA CYS M 26 17.52 38.14 -31.77
C CYS M 26 18.84 38.83 -31.49
N ARG M 27 19.94 38.17 -31.83
CA ARG M 27 21.27 38.76 -31.72
C ARG M 27 21.60 39.57 -32.97
N GLY M 28 20.69 40.48 -33.33
CA GLY M 28 20.83 41.28 -34.54
C GLY M 28 19.77 40.98 -35.57
N VAL M 29 18.93 41.97 -35.86
CA VAL M 29 17.89 41.87 -36.88
C VAL M 29 18.32 42.72 -38.08
N ALA M 30 17.92 42.29 -39.27
CA ALA M 30 18.29 43.08 -40.44
C ALA M 30 17.53 44.40 -40.47
N PRO M 31 16.19 44.43 -40.66
CA PRO M 31 15.53 45.73 -40.79
C PRO M 31 15.45 46.44 -39.45
N SER M 32 16.31 47.42 -39.27
CA SER M 32 16.43 48.12 -37.99
C SER M 32 16.77 49.58 -38.26
N ALA M 33 17.07 50.32 -37.20
CA ALA M 33 17.40 51.73 -37.30
C ALA M 33 18.41 52.06 -36.22
N PRO M 34 19.26 53.07 -36.42
CA PRO M 34 20.21 53.51 -35.40
C PRO M 34 19.52 54.10 -34.17
N MET N 1 -35.10 55.06 -93.92
CA MET N 1 -34.29 55.74 -92.90
C MET N 1 -32.86 55.23 -92.90
N VAL N 2 -31.91 56.16 -92.81
CA VAL N 2 -30.50 55.80 -92.85
C VAL N 2 -30.12 55.14 -91.52
N LYS N 3 -29.68 53.89 -91.59
CA LYS N 3 -29.30 53.11 -90.40
C LYS N 3 -27.78 53.15 -90.28
N LEU N 4 -27.27 54.11 -89.52
CA LEU N 4 -25.83 54.25 -89.35
C LEU N 4 -25.24 53.07 -88.59
N ASN N 5 -24.47 52.24 -89.29
CA ASN N 5 -23.75 51.11 -88.69
C ASN N 5 -22.30 51.57 -88.54
N CYS N 6 -21.90 51.84 -87.31
CA CYS N 6 -20.78 52.74 -87.03
C CYS N 6 -19.77 51.99 -86.16
N ARG N 7 -18.55 51.84 -86.66
CA ARG N 7 -17.52 51.03 -86.00
C ARG N 7 -16.21 51.79 -85.91
N PRO N 8 -15.49 51.66 -84.79
CA PRO N 8 -14.20 52.34 -84.66
C PRO N 8 -13.05 51.54 -85.27
N LEU N 9 -11.97 52.26 -85.60
CA LEU N 9 -10.76 51.67 -86.15
C LEU N 9 -9.72 51.41 -85.07
N CYS N 10 -9.29 52.47 -84.37
CA CYS N 10 -8.37 52.34 -83.25
C CYS N 10 -9.16 52.21 -81.95
N GLN N 11 -8.61 51.41 -81.02
CA GLN N 11 -9.26 51.22 -79.72
C GLN N 11 -8.20 50.83 -78.71
N ALA N 12 -8.27 51.42 -77.54
CA ALA N 12 -7.36 51.10 -76.45
C ALA N 12 -7.97 50.05 -75.55
N PRO N 13 -7.14 49.24 -74.88
CA PRO N 13 -7.68 48.28 -73.90
C PRO N 13 -8.22 49.00 -72.68
N THR N 14 -9.05 48.27 -71.94
CA THR N 14 -9.74 48.83 -70.77
C THR N 14 -8.80 48.75 -69.57
N ALA N 15 -8.17 49.87 -69.24
CA ALA N 15 -7.25 49.94 -68.10
C ALA N 15 -8.03 49.77 -66.81
N SER N 16 -7.90 48.60 -66.18
CA SER N 16 -8.63 48.29 -64.97
C SER N 16 -7.66 47.89 -63.87
N ARG N 17 -8.11 48.06 -62.63
CA ARG N 17 -7.30 47.78 -61.45
C ARG N 17 -7.86 46.58 -60.70
N LEU N 18 -7.06 46.07 -59.77
CA LEU N 18 -7.43 44.93 -58.94
C LEU N 18 -7.39 45.37 -57.47
N VAL N 19 -8.56 45.53 -56.87
CA VAL N 19 -8.63 45.74 -55.43
C VAL N 19 -8.62 44.38 -54.75
N SER N 20 -7.87 44.29 -53.65
CA SER N 20 -7.78 43.05 -52.89
C SER N 20 -7.94 43.36 -51.42
N PRO N 21 -8.55 42.45 -50.66
CA PRO N 21 -8.74 42.69 -49.23
C PRO N 21 -7.42 42.99 -48.53
N PRO N 22 -7.29 44.19 -47.96
CA PRO N 22 -6.05 44.55 -47.28
C PRO N 22 -5.80 43.67 -46.06
N CYS N 23 -4.66 43.89 -45.43
CA CYS N 23 -4.29 43.12 -44.24
C CYS N 23 -5.32 43.31 -43.15
N PHE N 24 -5.85 42.21 -42.64
CA PHE N 24 -6.87 42.27 -41.61
C PHE N 24 -6.34 42.95 -40.36
N ILE N 25 -7.08 43.94 -39.88
CA ILE N 25 -6.78 44.64 -38.63
C ILE N 25 -7.96 44.42 -37.69
N CYS N 26 -7.66 43.93 -36.49
CA CYS N 26 -8.74 43.67 -35.55
C CYS N 26 -9.07 44.93 -34.75
N ARG N 27 -10.17 44.86 -34.00
CA ARG N 27 -10.90 46.03 -33.53
C ARG N 27 -11.29 45.89 -32.06
N GLY N 28 -10.30 45.73 -31.18
CA GLY N 28 -10.64 45.22 -29.87
C GLY N 28 -9.59 44.40 -29.12
N VAL N 29 -8.32 44.51 -29.53
CA VAL N 29 -7.21 43.87 -28.80
C VAL N 29 -7.42 43.99 -27.30
N ALA N 30 -7.31 42.85 -26.59
CA ALA N 30 -7.60 42.84 -25.16
C ALA N 30 -6.54 43.56 -24.35
N PRO N 31 -5.27 43.11 -24.33
CA PRO N 31 -4.30 43.79 -23.45
C PRO N 31 -3.86 45.13 -24.02
N SER N 32 -4.83 45.97 -24.36
CA SER N 32 -4.57 47.26 -24.99
C SER N 32 -4.16 48.28 -23.94
N ALA N 33 -4.05 49.54 -24.35
CA ALA N 33 -3.67 50.63 -23.48
C ALA N 33 -4.36 51.89 -23.99
N PRO N 34 -4.78 52.80 -23.09
CA PRO N 34 -5.46 54.04 -23.47
C PRO N 34 -4.62 54.90 -24.40
N MET O 1 -65.74 46.83 -27.56
CA MET O 1 -64.63 45.93 -27.25
C MET O 1 -63.93 45.47 -28.52
N VAL O 2 -63.77 46.41 -29.47
CA VAL O 2 -63.18 46.10 -30.76
C VAL O 2 -61.76 45.58 -30.58
N LYS O 3 -61.41 44.55 -31.36
CA LYS O 3 -60.10 43.92 -31.29
C LYS O 3 -59.13 44.57 -32.27
N LEU O 4 -57.89 44.74 -31.84
CA LEU O 4 -56.85 45.39 -32.64
C LEU O 4 -55.90 44.33 -33.19
N ASN O 5 -56.19 43.84 -34.39
CA ASN O 5 -55.26 43.00 -35.14
C ASN O 5 -54.30 43.93 -35.89
N CYS O 6 -53.05 43.98 -35.46
CA CYS O 6 -52.18 45.08 -35.85
C CYS O 6 -50.90 44.55 -36.48
N ARG O 7 -50.52 45.14 -37.61
CA ARG O 7 -49.42 44.68 -38.45
C ARG O 7 -48.81 45.87 -39.16
N PRO O 8 -47.51 45.82 -39.48
CA PRO O 8 -46.84 47.00 -40.04
C PRO O 8 -46.87 47.05 -41.56
N LEU O 9 -46.30 48.12 -42.13
CA LEU O 9 -46.11 48.22 -43.57
C LEU O 9 -44.69 48.53 -43.99
N CYS O 10 -43.75 48.60 -43.04
CA CYS O 10 -42.32 48.74 -43.35
C CYS O 10 -41.70 47.37 -43.06
N GLN O 11 -41.44 46.62 -44.13
CA GLN O 11 -41.14 45.19 -44.02
C GLN O 11 -40.09 44.88 -42.96
N ALA O 12 -38.88 45.39 -43.15
CA ALA O 12 -37.83 45.10 -42.19
C ALA O 12 -36.74 46.17 -42.22
N PRO O 13 -36.33 46.70 -41.07
CA PRO O 13 -35.19 47.63 -41.03
C PRO O 13 -33.88 46.88 -40.91
N THR O 14 -32.77 47.62 -40.73
CA THR O 14 -31.51 46.99 -40.38
C THR O 14 -31.72 46.04 -39.20
N ALA O 15 -31.29 44.79 -39.38
CA ALA O 15 -31.77 43.73 -38.49
C ALA O 15 -30.66 42.92 -37.85
N SER O 16 -29.39 43.34 -37.98
CA SER O 16 -28.39 42.62 -37.20
C SER O 16 -27.49 43.51 -36.36
N ARG O 17 -26.96 44.57 -36.96
CA ARG O 17 -25.78 45.23 -36.40
C ARG O 17 -24.68 44.21 -36.08
N LEU O 18 -24.67 43.10 -36.82
CA LEU O 18 -23.96 41.88 -36.47
C LEU O 18 -22.52 42.14 -36.04
N VAL O 19 -22.15 41.56 -34.90
CA VAL O 19 -20.81 41.67 -34.35
C VAL O 19 -20.28 40.28 -34.04
N SER O 20 -18.97 40.11 -34.16
CA SER O 20 -18.30 38.85 -33.96
C SER O 20 -17.30 38.96 -32.81
N PRO O 21 -16.87 37.84 -32.23
CA PRO O 21 -15.86 37.89 -31.17
C PRO O 21 -14.58 38.55 -31.67
N PRO O 22 -14.15 39.62 -31.02
CA PRO O 22 -12.95 40.33 -31.46
C PRO O 22 -11.69 39.64 -30.95
N CYS O 23 -10.55 40.23 -31.30
CA CYS O 23 -9.25 39.72 -30.88
C CYS O 23 -9.08 39.94 -29.38
N PHE O 24 -9.23 38.86 -28.61
CA PHE O 24 -9.09 38.89 -27.16
C PHE O 24 -7.98 37.93 -26.77
N ILE O 25 -6.96 38.44 -26.09
CA ILE O 25 -5.75 37.67 -25.86
C ILE O 25 -5.73 37.07 -24.45
N CYS O 26 -5.71 37.92 -23.43
CA CYS O 26 -5.52 37.45 -22.07
C CYS O 26 -6.11 38.45 -21.10
N ARG O 27 -5.88 38.21 -19.81
CA ARG O 27 -6.34 39.07 -18.74
C ARG O 27 -5.20 39.65 -17.91
N GLY O 28 -3.96 39.41 -18.30
CA GLY O 28 -2.82 39.91 -17.56
C GLY O 28 -2.67 41.41 -17.60
N MET P 1 64.54 24.23 -38.15
CA MET P 1 64.08 23.72 -39.44
C MET P 1 62.83 22.85 -39.25
N ASP P 2 62.46 22.63 -37.99
CA ASP P 2 61.23 21.96 -37.63
C ASP P 2 60.78 22.54 -36.30
N CYS P 3 59.57 23.09 -36.24
CA CYS P 3 59.23 23.94 -35.12
C CYS P 3 57.92 23.48 -34.50
N ARG P 4 57.75 23.77 -33.21
CA ARG P 4 56.70 23.14 -32.41
C ARG P 4 55.84 24.14 -31.65
N ASN P 5 55.01 23.64 -30.74
CA ASN P 5 54.11 24.45 -29.93
C ASN P 5 53.91 23.75 -28.58
N LEU P 6 53.41 24.51 -27.60
CA LEU P 6 53.24 23.98 -26.25
C LEU P 6 51.78 23.89 -25.83
N CYS P 7 51.03 24.98 -25.87
CA CYS P 7 49.65 25.01 -25.40
C CYS P 7 48.68 24.88 -26.57
N GLY P 8 47.49 24.38 -26.26
CA GLY P 8 46.44 24.26 -27.25
C GLY P 8 46.11 25.57 -27.92
N ALA P 9 45.73 26.57 -27.13
CA ALA P 9 45.50 27.94 -27.58
C ALA P 9 44.44 28.03 -28.68
N ALA P 10 43.64 26.98 -28.85
CA ALA P 10 42.55 26.99 -29.82
C ALA P 10 41.23 27.41 -29.20
N ALA P 11 41.26 28.00 -28.00
CA ALA P 11 40.07 28.38 -27.25
C ALA P 11 39.10 29.23 -28.07
N PRO P 12 39.49 30.43 -28.54
CA PRO P 12 38.49 31.29 -29.19
C PRO P 12 38.22 30.88 -30.62
N SER P 13 37.09 30.19 -30.85
CA SER P 13 36.57 29.94 -32.19
C SER P 13 35.08 30.28 -32.11
N ARG P 14 34.76 31.55 -32.27
CA ARG P 14 33.41 32.04 -32.03
C ARG P 14 32.57 31.81 -33.27
N LEU P 15 31.76 30.75 -33.25
CA LEU P 15 30.89 30.47 -34.37
C LEU P 15 29.72 31.45 -34.41
N VAL P 16 29.43 31.97 -35.59
CA VAL P 16 28.35 32.93 -35.77
C VAL P 16 27.26 32.28 -36.59
N GLN P 17 26.02 32.69 -36.31
CA GLN P 17 24.87 32.13 -36.98
C GLN P 17 24.04 33.24 -37.61
N PRO P 18 23.30 32.94 -38.68
CA PRO P 18 22.46 33.97 -39.30
C PRO P 18 21.35 34.44 -38.37
N GLY P 19 21.44 35.67 -37.91
CA GLY P 19 20.38 36.25 -37.09
C GLY P 19 19.08 36.35 -37.85
N CYS P 20 18.05 36.91 -37.23
CA CYS P 20 16.79 37.08 -37.94
C CYS P 20 16.97 38.17 -38.99
N PHE P 21 17.37 37.76 -40.20
CA PHE P 21 17.68 38.68 -41.29
C PHE P 21 16.50 38.71 -42.24
N ILE P 22 15.81 39.84 -42.29
CA ILE P 22 14.59 39.95 -43.08
C ILE P 22 14.44 41.36 -43.66
N PHE Q 174 -54.42 11.31 5.55
CA PHE Q 174 -55.15 10.04 5.58
C PHE Q 174 -54.72 9.14 4.43
N PHE Q 175 -54.34 9.73 3.30
CA PHE Q 175 -53.91 9.02 2.12
C PHE Q 175 -52.51 8.46 2.28
N THR Q 176 -52.17 7.54 1.39
CA THR Q 176 -50.85 6.89 1.39
C THR Q 176 -50.05 7.38 0.18
N PRO Q 177 -49.13 8.33 0.35
CA PRO Q 177 -48.23 8.67 -0.74
C PRO Q 177 -47.38 7.48 -1.12
N GLN Q 178 -47.29 7.19 -2.41
CA GLN Q 178 -46.71 5.96 -2.90
C GLN Q 178 -45.20 6.12 -3.06
N VAL Q 179 -44.45 5.19 -2.51
CA VAL Q 179 -43.00 5.17 -2.62
C VAL Q 179 -42.63 4.49 -3.93
N LEU Q 180 -41.49 4.90 -4.48
CA LEU Q 180 -41.02 4.42 -5.77
C LEU Q 180 -39.61 3.90 -5.64
N ALA Q 181 -39.11 3.29 -6.71
CA ALA Q 181 -37.70 2.95 -6.79
C ALA Q 181 -36.87 4.21 -6.65
N LEU Q 182 -35.77 4.11 -5.90
CA LEU Q 182 -35.08 5.32 -5.48
C LEU Q 182 -33.64 4.99 -5.10
N GLU Q 183 -32.71 5.81 -5.59
CA GLU Q 183 -31.37 5.84 -5.00
C GLU Q 183 -30.73 7.18 -5.40
N VAL Q 184 -30.73 8.12 -4.47
CA VAL Q 184 -29.99 9.37 -4.63
C VAL Q 184 -28.90 9.41 -3.55
N ASP Q 185 -27.65 9.47 -3.99
CA ASP Q 185 -26.51 9.34 -3.09
C ASP Q 185 -25.68 10.61 -3.00
N CYS Q 186 -25.13 11.08 -4.12
CA CYS Q 186 -24.20 12.21 -4.16
C CYS Q 186 -23.13 12.11 -3.07
N ASN Q 187 -22.44 10.96 -3.05
CA ASN Q 187 -21.30 10.74 -2.18
C ASN Q 187 -20.11 10.31 -3.03
N ILE Q 188 -18.98 10.98 -2.83
CA ILE Q 188 -17.82 10.80 -3.69
C ILE Q 188 -16.66 10.25 -2.87
N GLU Q 189 -15.61 9.82 -3.56
CA GLU Q 189 -14.44 9.24 -2.94
C GLU Q 189 -13.20 9.84 -3.60
N CYS Q 190 -12.03 9.28 -3.30
CA CYS Q 190 -10.77 9.68 -3.89
C CYS Q 190 -10.39 8.72 -5.02
N ALA Q 191 -9.19 8.90 -5.55
CA ALA Q 191 -8.59 7.93 -6.46
C ALA Q 191 -7.94 6.82 -5.62
N SER Q 192 -7.16 5.97 -6.27
CA SER Q 192 -6.50 4.84 -5.58
C SER Q 192 -5.03 4.85 -5.97
N LEU Q 193 -4.21 5.51 -5.16
CA LEU Q 193 -2.76 5.55 -5.39
C LEU Q 193 -2.08 4.39 -4.67
N LEU Q 194 -2.57 3.18 -4.90
CA LEU Q 194 -2.14 2.00 -4.17
C LEU Q 194 -1.26 1.09 -5.01
N ASP Q 195 -1.72 0.75 -6.22
CA ASP Q 195 -0.94 -0.11 -7.10
C ASP Q 195 0.46 0.44 -7.36
N LEU Q 196 0.62 1.77 -7.32
CA LEU Q 196 1.93 2.36 -7.55
C LEU Q 196 2.92 1.95 -6.46
N TYR Q 197 2.48 1.96 -5.20
CA TYR Q 197 3.36 1.62 -4.10
C TYR Q 197 3.79 0.16 -4.18
N GLY Q 198 4.86 -0.17 -3.46
CA GLY Q 198 5.30 -1.55 -3.38
C GLY Q 198 4.40 -2.37 -2.48
N GLN Q 199 4.18 -3.62 -2.86
CA GLN Q 199 3.30 -4.52 -2.14
C GLN Q 199 4.12 -5.44 -1.24
N ILE Q 200 3.77 -5.48 0.05
CA ILE Q 200 4.38 -6.41 0.99
C ILE Q 200 3.29 -7.12 1.76
N GLU Q 201 3.48 -8.44 1.96
CA GLU Q 201 2.50 -9.28 2.64
C GLU Q 201 3.20 -10.00 3.79
N VAL Q 202 3.27 -9.34 4.94
CA VAL Q 202 3.87 -9.91 6.13
C VAL Q 202 2.82 -10.72 6.87
N SER Q 203 3.25 -11.85 7.43
CA SER Q 203 2.37 -12.71 8.21
C SER Q 203 2.35 -12.37 9.69
N ARG Q 204 3.49 -11.98 10.25
CA ARG Q 204 3.56 -11.59 11.65
C ARG Q 204 3.30 -10.09 11.77
N SER Q 205 3.55 -9.52 12.94
CA SER Q 205 3.20 -8.13 13.21
C SER Q 205 4.36 -7.16 13.00
N THR Q 206 5.60 -7.65 12.91
CA THR Q 206 6.75 -6.80 12.73
C THR Q 206 7.66 -7.41 11.67
N PHE Q 207 8.43 -6.55 11.00
CA PHE Q 207 9.32 -6.99 9.93
C PHE Q 207 10.64 -6.26 10.03
N THR Q 208 11.69 -6.86 9.45
CA THR Q 208 13.03 -6.31 9.47
C THR Q 208 13.67 -6.45 8.09
N TYR Q 209 14.35 -5.40 7.65
CA TYR Q 209 15.04 -5.37 6.36
C TYR Q 209 16.39 -4.69 6.55
N MET Q 210 17.06 -4.39 5.44
CA MET Q 210 18.33 -3.67 5.48
C MET Q 210 18.38 -2.68 4.33
N LYS Q 211 19.28 -1.71 4.43
CA LYS Q 211 19.39 -0.65 3.43
C LYS Q 211 20.84 -0.19 3.34
N ILE Q 212 21.45 -0.37 2.18
CA ILE Q 212 22.83 0.09 1.98
C ILE Q 212 22.87 1.61 2.07
N ALA Q 213 23.57 2.14 3.08
CA ALA Q 213 23.72 3.57 3.20
C ALA Q 213 24.56 4.13 2.06
N ASP Q 214 25.78 3.64 1.92
CA ASP Q 214 26.67 4.04 0.84
C ASP Q 214 27.68 2.92 0.62
N TYR Q 215 28.72 3.19 -0.14
CA TYR Q 215 29.76 2.22 -0.40
C TYR Q 215 31.12 2.63 0.14
N GLY Q 216 31.47 3.90 0.05
CA GLY Q 216 32.78 4.35 0.49
C GLY Q 216 33.83 4.17 -0.58
N GLN Q 217 34.81 5.07 -0.61
CA GLN Q 217 35.83 5.05 -1.64
C GLN Q 217 37.08 4.31 -1.18
N LEU Q 218 37.89 3.90 -2.16
CA LEU Q 218 39.17 3.25 -1.92
C LEU Q 218 40.22 4.07 -2.66
N GLY Q 219 41.20 4.59 -1.91
CA GLY Q 219 42.22 5.49 -2.44
C GLY Q 219 42.74 5.12 -3.82
N GLU Q 220 42.63 6.06 -4.75
CA GLU Q 220 42.67 5.74 -6.18
C GLU Q 220 43.97 6.18 -6.83
N TYR Q 221 44.37 5.40 -7.84
CA TYR Q 221 45.28 5.80 -8.90
C TYR Q 221 46.59 6.39 -8.37
N THR Q 222 47.35 5.52 -7.72
CA THR Q 222 48.76 5.76 -7.46
C THR Q 222 49.59 4.97 -8.47
N CYS Q 223 50.62 5.62 -9.00
CA CYS Q 223 51.45 5.02 -10.05
C CYS Q 223 52.69 4.34 -9.47
N ASP Q 224 53.54 5.10 -8.81
CA ASP Q 224 54.69 4.55 -8.11
C ASP Q 224 54.30 4.23 -6.67
N ALA Q 225 55.15 3.48 -5.99
CA ALA Q 225 54.89 3.17 -4.59
C ALA Q 225 54.97 4.43 -3.75
N LYS Q 226 53.81 4.95 -3.33
CA LYS Q 226 53.73 6.07 -2.41
C LYS Q 226 53.13 5.69 -1.07
N CYS Q 227 52.20 4.74 -1.05
CA CYS Q 227 51.67 4.14 0.18
C CYS Q 227 51.06 5.20 1.09
N ASP Q 228 50.00 5.83 0.58
CA ASP Q 228 49.13 6.65 1.42
C ASP Q 228 47.69 6.21 1.24
N ALA Q 229 47.36 5.73 0.03
CA ALA Q 229 46.01 5.29 -0.30
C ALA Q 229 45.98 3.77 -0.31
N GLU Q 230 45.77 3.19 0.87
CA GLU Q 230 45.71 1.74 1.02
C GLU Q 230 44.31 1.22 1.24
N PHE Q 231 43.62 1.71 2.27
CA PHE Q 231 42.39 1.11 2.77
C PHE Q 231 41.14 1.91 2.46
N GLY Q 232 41.18 3.23 2.57
CA GLY Q 232 39.98 4.01 2.33
C GLY Q 232 39.00 3.89 3.48
N GLU Q 233 37.72 3.78 3.14
CA GLU Q 233 36.66 3.67 4.14
C GLU Q 233 35.50 2.88 3.57
N PRO Q 234 34.86 2.03 4.39
CA PRO Q 234 33.74 1.21 3.89
C PRO Q 234 32.39 1.91 4.02
N GLY Q 235 31.32 1.21 3.66
CA GLY Q 235 29.97 1.70 3.81
C GLY Q 235 29.27 1.12 5.03
N ASN Q 236 27.95 1.29 5.05
CA ASN Q 236 27.11 0.82 6.15
C ASN Q 236 26.00 -0.07 5.60
N ILE Q 237 25.34 -0.79 6.51
CA ILE Q 237 24.32 -1.76 6.11
C ILE Q 237 22.96 -1.36 6.65
N ARG Q 238 22.94 -0.70 7.80
CA ARG Q 238 21.75 -0.03 8.35
C ARG Q 238 20.52 -0.93 8.37
N HIS Q 239 20.60 -1.96 9.21
CA HIS Q 239 19.46 -2.86 9.39
C HIS Q 239 18.32 -2.12 10.07
N LEU Q 240 17.11 -2.24 9.51
CA LEU Q 240 15.94 -1.49 9.96
C LEU Q 240 14.78 -2.44 10.20
N GLU Q 241 13.69 -1.90 10.75
CA GLU Q 241 12.53 -2.71 11.14
C GLU Q 241 11.27 -1.96 10.74
N GLY Q 242 10.13 -2.44 11.26
CA GLY Q 242 8.85 -1.79 11.02
C GLY Q 242 7.64 -2.58 11.49
N LYS Q 243 6.68 -1.89 12.10
CA LYS Q 243 5.49 -2.50 12.67
C LYS Q 243 4.26 -2.26 11.80
N THR Q 244 3.08 -2.63 12.31
CA THR Q 244 1.80 -2.45 11.65
C THR Q 244 0.76 -1.99 12.69
N TYR Q 245 -0.48 -1.78 12.25
CA TYR Q 245 -1.51 -1.16 13.09
C TYR Q 245 -2.85 -1.85 12.87
N ASP Q 246 -3.88 -1.33 13.53
CA ASP Q 246 -5.17 -2.01 13.61
C ASP Q 246 -6.29 -1.00 13.87
N TYR Q 247 -7.51 -1.39 13.54
CA TYR Q 247 -8.68 -0.53 13.76
C TYR Q 247 -9.27 -0.65 15.17
N ARG Q 248 -9.79 -1.82 15.51
CA ARG Q 248 -10.50 -2.05 16.77
C ARG Q 248 -11.68 -1.07 16.92
N GLY Q 249 -12.68 -1.27 16.07
CA GLY Q 249 -13.88 -0.46 16.13
C GLY Q 249 -15.12 -1.24 16.55
N VAL Q 250 -16.17 -0.54 16.98
CA VAL Q 250 -17.41 -1.16 17.45
C VAL Q 250 -18.60 -0.28 17.08
N PHE Q 251 -19.79 -0.86 17.22
CA PHE Q 251 -21.05 -0.15 17.12
C PHE Q 251 -22.12 -1.00 17.77
N CYS Q 252 -23.32 -0.43 17.94
CA CYS Q 252 -24.35 -1.19 18.63
C CYS Q 252 -25.74 -0.63 18.34
N PHE Q 253 -26.72 -1.53 18.28
CA PHE Q 253 -28.13 -1.19 18.29
C PHE Q 253 -28.83 -2.07 19.32
N ASN Q 254 -30.05 -1.72 19.73
CA ASN Q 254 -30.55 -2.54 20.82
C ASN Q 254 -31.20 -3.83 20.35
N ARG Q 255 -32.48 -3.80 19.96
CA ARG Q 255 -33.10 -4.86 19.17
C ARG Q 255 -34.18 -4.28 18.26
N LYS Q 256 -34.76 -3.15 18.66
CA LYS Q 256 -36.04 -2.67 18.14
C LYS Q 256 -35.87 -1.61 17.06
N ASN Q 257 -35.06 -0.60 17.32
CA ASN Q 257 -34.71 0.37 16.28
C ASN Q 257 -34.05 -0.29 15.08
N LEU Q 258 -33.65 -1.55 15.19
CA LEU Q 258 -33.17 -2.32 14.05
C LEU Q 258 -34.21 -3.30 13.52
N GLN Q 259 -35.16 -3.73 14.34
CA GLN Q 259 -36.15 -4.72 13.91
C GLN Q 259 -37.30 -4.06 13.15
N GLU Q 260 -38.00 -3.14 13.80
CA GLU Q 260 -39.13 -2.47 13.19
C GLU Q 260 -38.72 -1.48 12.10
N ALA Q 261 -37.43 -1.18 11.99
CA ALA Q 261 -36.95 -0.09 11.14
C ALA Q 261 -37.49 -0.21 9.72
N ASN Q 262 -37.91 0.94 9.17
CA ASN Q 262 -38.32 0.98 7.77
C ASN Q 262 -37.17 0.57 6.86
N TYR Q 263 -35.97 1.04 7.16
CA TYR Q 263 -34.77 0.71 6.41
C TYR Q 263 -34.03 -0.45 7.09
N ASP Q 264 -32.83 -0.77 6.60
CA ASP Q 264 -31.97 -1.77 7.20
C ASP Q 264 -30.66 -1.09 7.57
N PHE Q 265 -30.44 -0.88 8.88
CA PHE Q 265 -29.23 -0.21 9.33
C PHE Q 265 -27.99 -1.08 9.21
N LEU Q 266 -28.15 -2.39 9.23
CA LEU Q 266 -27.01 -3.31 9.31
C LEU Q 266 -26.10 -3.19 8.09
N SER Q 267 -26.62 -3.51 6.90
CA SER Q 267 -25.82 -3.45 5.70
C SER Q 267 -25.26 -2.06 5.44
N PHE Q 268 -26.04 -1.02 5.76
CA PHE Q 268 -25.53 0.34 5.66
C PHE Q 268 -24.33 0.54 6.56
N MET Q 269 -24.36 -0.02 7.77
CA MET Q 269 -23.23 0.12 8.68
C MET Q 269 -22.02 -0.64 8.18
N ILE Q 270 -22.22 -1.84 7.62
CA ILE Q 270 -21.11 -2.58 7.02
C ILE Q 270 -20.47 -1.76 5.90
N GLY Q 271 -21.31 -1.17 5.04
CA GLY Q 271 -20.79 -0.37 3.95
C GLY Q 271 -20.01 0.85 4.43
N ALA Q 272 -20.58 1.57 5.41
CA ALA Q 272 -19.89 2.73 5.97
C ALA Q 272 -18.59 2.33 6.65
N ALA Q 273 -18.56 1.15 7.28
CA ALA Q 273 -17.33 0.69 7.90
C ALA Q 273 -16.26 0.40 6.87
N GLN Q 274 -16.63 -0.29 5.78
CA GLN Q 274 -15.67 -0.55 4.72
C GLN Q 274 -15.18 0.76 4.08
N ARG Q 275 -16.06 1.75 3.98
CA ARG Q 275 -15.68 3.03 3.39
C ARG Q 275 -14.71 3.78 4.30
N SER Q 276 -15.04 3.87 5.59
CA SER Q 276 -14.12 4.45 6.56
C SER Q 276 -12.87 3.61 6.76
N HIS Q 277 -12.86 2.38 6.25
CA HIS Q 277 -11.63 1.60 6.15
C HIS Q 277 -10.76 2.11 5.01
N ARG Q 278 -11.31 2.07 3.79
CA ARG Q 278 -10.54 2.42 2.61
C ARG Q 278 -10.04 3.86 2.66
N ILE Q 279 -10.95 4.81 2.83
CA ILE Q 279 -10.56 6.22 2.69
C ILE Q 279 -9.66 6.64 3.84
N ASN Q 280 -9.92 6.14 5.05
CA ASN Q 280 -9.06 6.50 6.17
C ASN Q 280 -7.68 5.89 6.02
N ARG Q 281 -7.60 4.64 5.53
CA ARG Q 281 -6.29 4.04 5.31
C ARG Q 281 -5.51 4.82 4.27
N ASN Q 282 -6.18 5.29 3.21
CA ASN Q 282 -5.46 6.04 2.18
C ASN Q 282 -5.02 7.41 2.70
N GLN Q 283 -5.91 8.14 3.38
CA GLN Q 283 -5.55 9.46 3.88
C GLN Q 283 -4.42 9.36 4.89
N ALA Q 284 -4.40 8.31 5.71
CA ALA Q 284 -3.28 8.10 6.61
C ALA Q 284 -2.02 7.76 5.85
N LEU Q 285 -2.13 6.85 4.87
CA LEU Q 285 -0.98 6.48 4.06
C LEU Q 285 -0.33 7.69 3.42
N MET Q 286 -1.11 8.74 3.17
CA MET Q 286 -0.53 9.95 2.58
C MET Q 286 -0.10 10.99 3.61
N ILE Q 287 -0.84 11.19 4.70
CA ILE Q 287 -0.48 12.24 5.65
C ILE Q 287 -0.51 11.75 7.09
N GLY Q 288 -0.47 10.43 7.29
CA GLY Q 288 -0.46 9.86 8.63
C GLY Q 288 0.68 10.36 9.49
N LYS Q 289 0.38 10.78 10.72
CA LYS Q 289 1.37 11.44 11.57
C LYS Q 289 2.15 10.45 12.43
N GLY Q 290 2.65 9.37 11.83
CA GLY Q 290 3.66 8.57 12.49
C GLY Q 290 3.20 7.76 13.69
N VAL Q 291 2.63 8.43 14.68
CA VAL Q 291 2.29 7.77 15.94
C VAL Q 291 1.12 6.82 15.71
N ASN Q 292 1.31 5.56 16.10
CA ASN Q 292 0.37 4.45 15.94
C ASN Q 292 -0.33 4.47 14.58
N GLU Q 293 0.41 4.84 13.54
CA GLU Q 293 -0.09 4.86 12.16
C GLU Q 293 1.08 5.12 11.22
N PRO Q 294 1.04 4.63 9.98
CA PRO Q 294 2.17 4.85 9.08
C PRO Q 294 2.40 6.33 8.83
N LYS Q 295 3.67 6.70 8.78
CA LYS Q 295 4.03 8.10 8.56
C LYS Q 295 3.69 8.51 7.14
N GLY Q 296 2.82 9.51 7.01
CA GLY Q 296 2.43 9.97 5.69
C GLY Q 296 3.62 10.56 4.94
N TRP Q 297 3.84 10.07 3.72
CA TRP Q 297 5.01 10.49 2.96
C TRP Q 297 4.94 11.94 2.51
N LEU Q 298 3.78 12.58 2.60
CA LEU Q 298 3.72 14.02 2.37
C LEU Q 298 4.37 14.76 3.53
N THR Q 299 3.99 14.41 4.76
CA THR Q 299 4.60 14.97 5.95
C THR Q 299 5.97 14.38 6.25
N GLU Q 300 6.38 13.34 5.51
CA GLU Q 300 7.72 12.79 5.67
C GLU Q 300 8.78 13.86 5.44
N ASN Q 301 8.59 14.67 4.40
CA ASN Q 301 9.33 15.93 4.22
C ASN Q 301 10.82 15.69 4.00
N CYS Q 302 11.17 14.66 3.24
CA CYS Q 302 12.55 14.47 2.80
C CYS Q 302 12.66 14.23 1.30
N PHE Q 303 11.56 14.35 0.56
CA PHE Q 303 11.63 14.28 -0.89
C PHE Q 303 12.20 15.58 -1.44
N PRO Q 304 13.10 15.51 -2.42
CA PRO Q 304 13.63 16.75 -3.03
C PRO Q 304 12.52 17.52 -3.73
N VAL Q 305 12.28 18.74 -3.24
CA VAL Q 305 11.22 19.59 -3.75
C VAL Q 305 11.84 20.77 -4.49
N PHE Q 306 11.18 21.20 -5.55
CA PHE Q 306 11.64 22.27 -6.42
C PHE Q 306 10.57 23.35 -6.51
N GLN Q 307 10.97 24.60 -6.29
CA GLN Q 307 10.05 25.73 -6.32
C GLN Q 307 10.30 26.54 -7.58
N THR Q 308 9.23 27.10 -8.14
CA THR Q 308 9.32 27.87 -9.37
C THR Q 308 9.75 29.30 -9.06
N LEU Q 309 9.84 30.11 -10.11
CA LEU Q 309 10.27 31.50 -9.95
C LEU Q 309 9.08 32.44 -10.10
N PRO Q 310 9.10 33.57 -9.41
CA PRO Q 310 8.01 34.55 -9.56
C PRO Q 310 8.19 35.39 -10.80
N VAL Q 311 7.08 35.69 -11.45
CA VAL Q 311 7.08 36.55 -12.62
C VAL Q 311 6.92 38.00 -12.15
N ASP Q 312 7.55 38.92 -12.87
CA ASP Q 312 7.52 40.34 -12.52
C ASP Q 312 6.56 41.03 -13.50
N VAL Q 313 5.32 41.23 -13.05
CA VAL Q 313 4.29 41.87 -13.86
C VAL Q 313 4.02 43.25 -13.28
N ASN Q 314 4.24 44.28 -14.10
CA ASN Q 314 4.01 45.67 -13.71
C ASN Q 314 4.81 46.04 -12.46
N GLY Q 315 6.04 45.52 -12.37
CA GLY Q 315 6.88 45.77 -11.23
C GLY Q 315 6.49 45.01 -9.98
N THR Q 316 5.61 44.03 -10.09
CA THR Q 316 5.16 43.24 -8.95
C THR Q 316 5.66 41.82 -9.14
N SER Q 317 6.48 41.34 -8.21
CA SER Q 317 6.94 39.96 -8.23
C SER Q 317 5.86 39.07 -7.62
N THR Q 318 5.31 38.17 -8.43
CA THR Q 318 4.20 37.33 -8.01
C THR Q 318 4.52 35.89 -8.37
N PRO Q 319 4.33 34.96 -7.43
CA PRO Q 319 4.57 33.55 -7.76
C PRO Q 319 3.61 33.07 -8.83
N ALA Q 320 4.16 32.35 -9.81
CA ALA Q 320 3.39 31.88 -10.95
C ALA Q 320 3.90 30.49 -11.34
N PHE Q 321 3.41 29.99 -12.47
CA PHE Q 321 3.76 28.64 -12.90
C PHE Q 321 3.45 28.52 -14.39
N LEU Q 322 4.45 28.11 -15.17
CA LEU Q 322 4.33 28.04 -16.62
C LEU Q 322 4.58 26.62 -17.09
N ALA Q 323 3.95 26.27 -18.23
CA ALA Q 323 4.10 24.93 -18.78
C ALA Q 323 5.55 24.61 -19.11
N GLN Q 324 6.34 25.63 -19.46
CA GLN Q 324 7.77 25.43 -19.67
C GLN Q 324 8.42 24.86 -18.41
N ASP Q 325 8.12 25.47 -17.25
CA ASP Q 325 8.64 24.97 -15.99
C ASP Q 325 8.15 23.55 -15.72
N TRP Q 326 6.91 23.25 -16.10
CA TRP Q 326 6.36 21.92 -15.89
C TRP Q 326 7.13 20.87 -16.69
N ARG Q 327 7.33 21.14 -17.98
CA ARG Q 327 8.09 20.21 -18.82
C ARG Q 327 9.51 20.08 -18.32
N ARG Q 328 10.11 21.18 -17.84
CA ARG Q 328 11.47 21.11 -17.30
C ARG Q 328 11.51 20.21 -16.07
N PHE Q 329 10.55 20.39 -15.16
CA PHE Q 329 10.49 19.55 -13.97
C PHE Q 329 10.29 18.08 -14.35
N VAL Q 330 9.50 17.82 -15.39
CA VAL Q 330 9.26 16.44 -15.81
C VAL Q 330 10.54 15.82 -16.34
N THR Q 331 11.21 16.53 -17.24
CA THR Q 331 12.38 15.97 -17.92
C THR Q 331 13.65 16.00 -17.08
N SER Q 332 13.65 16.71 -15.95
CA SER Q 332 14.85 16.82 -15.13
C SER Q 332 15.03 15.65 -14.17
N PHE Q 333 14.34 14.53 -14.40
CA PHE Q 333 14.46 13.38 -13.52
C PHE Q 333 15.71 12.56 -13.85
N PRO Q 334 16.36 11.98 -12.84
CA PRO Q 334 17.51 11.11 -13.11
C PRO Q 334 17.06 9.78 -13.69
N ALA Q 335 16.92 9.74 -15.02
CA ALA Q 335 16.34 8.58 -15.72
C ALA Q 335 16.94 7.26 -15.27
N GLU Q 336 18.21 7.23 -14.86
CA GLU Q 336 18.83 6.00 -14.41
C GLU Q 336 18.10 5.40 -13.21
N TYR Q 337 17.37 6.22 -12.44
CA TYR Q 337 16.51 5.68 -11.40
C TYR Q 337 15.45 4.75 -11.96
N GLY Q 338 14.99 5.02 -13.18
CA GLY Q 338 13.92 4.30 -13.81
C GLY Q 338 12.77 5.22 -14.15
N GLU Q 339 11.66 4.63 -14.56
CA GLU Q 339 10.46 5.40 -14.88
C GLU Q 339 9.79 5.85 -13.60
N ALA Q 340 9.46 7.13 -13.53
CA ALA Q 340 8.87 7.73 -12.34
C ALA Q 340 7.49 8.28 -12.71
N ARG Q 341 6.44 7.62 -12.23
CA ARG Q 341 5.09 8.11 -12.45
C ARG Q 341 4.87 9.41 -11.68
N SER Q 342 4.15 10.33 -12.31
CA SER Q 342 3.84 11.63 -11.72
C SER Q 342 2.36 11.69 -11.37
N VAL Q 343 2.04 12.45 -10.34
CA VAL Q 343 0.68 12.56 -9.83
C VAL Q 343 0.40 14.01 -9.46
N MET Q 344 -0.86 14.41 -9.64
CA MET Q 344 -1.29 15.78 -9.36
C MET Q 344 -2.81 15.82 -9.33
N HIS Q 345 -3.34 16.93 -8.81
CA HIS Q 345 -4.77 17.15 -8.78
C HIS Q 345 -5.28 17.49 -10.19
N GLN Q 346 -6.57 17.27 -10.40
CA GLN Q 346 -7.16 17.50 -11.73
C GLN Q 346 -7.22 18.99 -12.06
N ASN Q 347 -7.35 19.85 -11.05
CA ASN Q 347 -7.34 21.29 -11.32
C ASN Q 347 -6.01 21.73 -11.92
N VAL Q 348 -4.92 21.05 -11.55
CA VAL Q 348 -3.63 21.36 -12.17
C VAL Q 348 -3.66 21.02 -13.65
N PHE Q 349 -4.20 19.84 -13.98
CA PHE Q 349 -4.31 19.46 -15.39
C PHE Q 349 -5.18 20.44 -16.15
N GLY Q 350 -6.24 20.94 -15.52
CA GLY Q 350 -7.05 21.97 -16.15
C GLY Q 350 -6.27 23.25 -16.39
N TYR Q 351 -5.54 23.70 -15.37
CA TYR Q 351 -4.72 24.91 -15.52
C TYR Q 351 -3.69 24.75 -16.63
N LEU Q 352 -3.16 23.54 -16.81
CA LEU Q 352 -2.18 23.32 -17.87
C LEU Q 352 -2.84 23.28 -19.24
N ALA Q 353 -3.93 22.53 -19.38
CA ALA Q 353 -4.61 22.39 -20.66
C ALA Q 353 -5.27 23.70 -21.10
N ALA Q 354 -5.17 24.73 -20.28
CA ALA Q 354 -5.76 26.03 -20.56
C ALA Q 354 -4.71 27.12 -20.56
N MET Q 355 -3.52 26.82 -21.07
CA MET Q 355 -2.45 27.79 -21.18
C MET Q 355 -2.43 28.38 -22.58
N VAL Q 356 -2.15 29.69 -22.67
CA VAL Q 356 -2.24 30.41 -23.93
C VAL Q 356 -0.92 31.15 -24.17
N ASP Q 357 -0.58 31.30 -25.45
CA ASP Q 357 0.62 32.01 -25.85
C ASP Q 357 0.38 33.52 -25.80
N ALA Q 358 1.38 34.27 -26.26
CA ALA Q 358 1.22 35.72 -26.40
C ALA Q 358 0.39 36.10 -27.61
N ASN Q 359 0.06 35.13 -28.47
CA ASN Q 359 -0.78 35.41 -29.64
C ASN Q 359 -2.25 35.15 -29.36
N GLY Q 360 -2.57 34.04 -28.69
CA GLY Q 360 -3.95 33.67 -28.44
C GLY Q 360 -4.18 32.19 -28.66
N ARG Q 361 -3.15 31.51 -29.15
CA ARG Q 361 -3.24 30.08 -29.42
C ARG Q 361 -3.01 29.27 -28.16
N PHE Q 362 -3.71 28.14 -28.05
CA PHE Q 362 -3.49 27.21 -26.96
C PHE Q 362 -2.13 26.53 -27.12
N LEU Q 363 -1.40 26.41 -26.01
CA LEU Q 363 -0.14 25.68 -26.03
C LEU Q 363 -0.32 24.19 -26.25
N PHE Q 364 -1.52 23.67 -26.07
CA PHE Q 364 -1.77 22.24 -26.18
C PHE Q 364 -3.12 22.02 -26.87
N GLY Q 365 -3.13 21.08 -27.81
CA GLY Q 365 -4.34 20.75 -28.55
C GLY Q 365 -4.98 21.96 -29.21
N ASP Q 366 -4.24 22.62 -30.09
CA ASP Q 366 -4.71 23.85 -30.70
C ASP Q 366 -5.81 23.55 -31.71
N GLY Q 367 -7.04 23.97 -31.39
CA GLY Q 367 -8.15 23.84 -32.31
C GLY Q 367 -8.97 22.58 -32.13
N ASP Q 368 -9.19 22.17 -30.88
CA ASP Q 368 -10.02 21.00 -30.60
C ASP Q 368 -10.95 21.19 -29.41
N LEU Q 369 -10.96 22.36 -28.78
CA LEU Q 369 -11.86 22.72 -27.68
C LEU Q 369 -11.52 21.97 -26.39
N THR Q 370 -10.63 20.99 -26.48
CA THR Q 370 -10.25 20.16 -25.35
C THR Q 370 -8.79 19.78 -25.49
N PHE Q 371 -8.30 19.04 -24.50
CA PHE Q 371 -6.97 18.45 -24.57
C PHE Q 371 -6.98 17.17 -23.73
N THR Q 372 -7.01 16.03 -24.41
CA THR Q 372 -7.23 14.74 -23.74
C THR Q 372 -6.36 13.66 -24.36
N PRO Q 373 -5.10 13.59 -23.97
CA PRO Q 373 -4.29 12.41 -24.30
C PRO Q 373 -4.56 11.30 -23.29
N ASP Q 374 -4.05 10.11 -23.60
CA ASP Q 374 -4.14 9.00 -22.67
C ASP Q 374 -3.09 9.18 -21.59
N LEU Q 375 -3.53 9.40 -20.35
CA LEU Q 375 -2.58 9.68 -19.27
C LEU Q 375 -1.99 8.39 -18.73
N VAL Q 376 -1.50 7.54 -19.63
CA VAL Q 376 -0.76 6.33 -19.27
C VAL Q 376 0.61 6.31 -19.97
N ARG Q 377 0.63 6.57 -21.26
CA ARG Q 377 1.90 6.86 -21.94
C ARG Q 377 2.38 8.25 -21.60
N GLU Q 378 1.49 9.15 -21.19
CA GLU Q 378 1.88 10.46 -20.71
C GLU Q 378 2.47 10.41 -19.30
N ARG Q 379 2.26 9.30 -18.59
CA ARG Q 379 2.89 9.07 -17.29
C ARG Q 379 2.44 10.10 -16.26
N ILE Q 380 1.11 10.25 -16.13
CA ILE Q 380 0.52 11.20 -15.20
C ILE Q 380 -0.75 10.58 -14.62
N ARG Q 381 -0.97 10.80 -13.33
CA ARG Q 381 -2.15 10.26 -12.65
C ARG Q 381 -2.72 11.32 -11.72
N ILE Q 382 -4.03 11.28 -11.54
CA ILE Q 382 -4.78 12.30 -10.82
C ILE Q 382 -5.31 11.73 -9.52
N SER Q 383 -5.22 12.52 -8.45
CA SER Q 383 -5.85 12.22 -7.17
C SER Q 383 -6.60 13.48 -6.73
N ASN Q 384 -7.93 13.41 -6.72
CA ASN Q 384 -8.75 14.57 -6.43
C ASN Q 384 -8.68 15.00 -4.97
N CYS Q 385 -7.96 14.28 -4.12
CA CYS Q 385 -7.74 14.70 -2.74
C CYS Q 385 -6.26 14.85 -2.44
N LEU Q 386 -5.55 15.50 -3.35
CA LEU Q 386 -4.24 16.06 -3.12
C LEU Q 386 -4.37 17.51 -2.71
N PRO Q 387 -3.29 18.15 -2.23
CA PRO Q 387 -3.41 19.54 -1.76
C PRO Q 387 -4.03 20.53 -2.74
N ASP Q 388 -4.14 20.16 -4.02
CA ASP Q 388 -4.80 20.99 -5.02
C ASP Q 388 -4.21 22.40 -5.05
N PRO Q 389 -3.04 22.58 -5.66
CA PRO Q 389 -2.36 23.89 -5.64
C PRO Q 389 -3.25 25.06 -5.97
N THR Q 390 -4.27 24.87 -6.81
CA THR Q 390 -5.22 25.93 -7.07
C THR Q 390 -5.97 26.25 -5.79
N GLU Q 391 -5.69 27.41 -5.18
CA GLU Q 391 -6.40 27.80 -3.98
C GLU Q 391 -7.88 27.94 -4.32
N GLY Q 392 -8.70 27.04 -3.78
CA GLY Q 392 -10.07 26.90 -4.23
C GLY Q 392 -10.11 26.23 -5.60
N ASN Q 393 -11.16 25.47 -5.86
CA ASN Q 393 -11.25 24.75 -7.12
C ASN Q 393 -11.24 25.74 -8.29
N THR Q 394 -10.14 25.77 -9.03
CA THR Q 394 -9.97 26.61 -10.21
C THR Q 394 -10.43 28.05 -9.96
N LYS Q 395 -9.98 28.61 -8.83
CA LYS Q 395 -10.22 30.03 -8.54
C LYS Q 395 -8.93 30.72 -8.10
N GLY Q 396 -7.79 30.09 -8.34
CA GLY Q 396 -6.50 30.72 -8.16
C GLY Q 396 -5.59 30.41 -9.33
N GLY Q 397 -4.84 31.40 -9.80
CA GLY Q 397 -4.00 31.21 -10.96
C GLY Q 397 -3.89 32.41 -11.88
N THR Q 398 -4.68 33.45 -11.63
CA THR Q 398 -4.51 34.69 -12.37
C THR Q 398 -3.19 35.37 -11.98
N GLY Q 399 -2.82 36.37 -12.77
CA GLY Q 399 -1.61 37.14 -12.51
C GLY Q 399 -1.56 37.71 -11.11
N GLN Q 400 -2.45 38.65 -10.81
CA GLN Q 400 -2.54 39.24 -9.49
C GLN Q 400 -3.70 38.62 -8.72
N ASP Q 401 -3.56 38.58 -7.39
CA ASP Q 401 -4.61 38.08 -6.51
C ASP Q 401 -4.90 36.59 -6.76
N ALA Q 402 -3.83 35.79 -6.75
CA ALA Q 402 -3.93 34.37 -7.04
C ALA Q 402 -2.58 33.71 -6.80
N PHE Q 403 -2.60 32.38 -6.68
CA PHE Q 403 -1.40 31.56 -6.55
C PHE Q 403 -0.55 31.98 -5.34
N ALA Q 404 -1.12 31.77 -4.17
CA ALA Q 404 -0.36 31.90 -2.93
C ALA Q 404 0.87 31.02 -2.99
N ALA Q 405 1.99 31.53 -2.48
CA ALA Q 405 3.27 30.87 -2.62
C ALA Q 405 3.38 29.69 -1.66
N GLY Q 406 4.48 28.95 -1.79
CA GLY Q 406 4.75 27.83 -0.91
C GLY Q 406 3.76 26.69 -0.97
N SER Q 407 2.95 26.63 -2.03
CA SER Q 407 1.92 25.60 -2.15
C SER Q 407 2.46 24.41 -2.94
N PHE Q 408 2.24 23.21 -2.40
CA PHE Q 408 2.54 21.99 -3.12
C PHE Q 408 1.85 21.99 -4.49
N VAL Q 409 2.55 21.51 -5.50
CA VAL Q 409 2.03 21.47 -6.87
C VAL Q 409 1.79 20.04 -7.33
N ALA Q 410 2.84 19.22 -7.35
CA ALA Q 410 2.70 17.87 -7.87
C ALA Q 410 3.81 16.99 -7.33
N ALA Q 411 3.68 15.69 -7.55
CA ALA Q 411 4.70 14.73 -7.15
C ALA Q 411 5.09 13.88 -8.35
N GLN Q 412 6.24 13.24 -8.26
CA GLN Q 412 6.64 12.25 -9.25
C GLN Q 412 7.69 11.36 -8.60
N ALA Q 413 7.55 10.05 -8.77
CA ALA Q 413 8.45 9.13 -8.09
C ALA Q 413 8.43 7.77 -8.77
N ALA Q 414 9.46 6.98 -8.46
CA ALA Q 414 9.48 5.56 -8.82
C ALA Q 414 8.79 4.81 -7.69
N TRP Q 415 7.45 4.84 -7.73
CA TRP Q 415 6.65 4.37 -6.61
C TRP Q 415 6.83 2.89 -6.32
N LYS Q 416 7.34 2.12 -7.29
CA LYS Q 416 7.61 0.71 -7.03
C LYS Q 416 8.70 0.49 -5.99
N THR Q 417 9.49 1.53 -5.68
CA THR Q 417 10.47 1.43 -4.62
C THR Q 417 10.55 2.71 -3.77
N ALA Q 418 9.68 3.68 -4.01
CA ALA Q 418 9.71 4.92 -3.23
C ALA Q 418 8.92 4.77 -1.93
N PHE Q 419 7.80 4.08 -1.97
CA PHE Q 419 6.96 3.87 -0.80
C PHE Q 419 6.40 2.45 -0.86
N TYR Q 420 6.23 1.85 0.33
CA TYR Q 420 5.77 0.48 0.43
C TYR Q 420 4.57 0.42 1.36
N ALA Q 421 3.63 -0.46 1.03
CA ALA Q 421 2.47 -0.75 1.86
C ALA Q 421 2.47 -2.22 2.24
N VAL Q 422 2.23 -2.50 3.51
CA VAL Q 422 2.24 -3.84 4.07
C VAL Q 422 0.80 -4.19 4.47
N GLU Q 423 0.35 -5.36 4.04
CA GLU Q 423 -0.99 -5.84 4.34
C GLU Q 423 -0.88 -7.14 5.13
N LYS Q 424 -1.56 -7.21 6.28
CA LYS Q 424 -1.52 -8.40 7.13
C LYS Q 424 -2.82 -9.18 7.12
N ARG Q 425 -3.96 -8.50 7.31
CA ARG Q 425 -5.22 -9.18 7.46
C ARG Q 425 -6.37 -8.29 7.00
N PRO Q 426 -7.31 -8.84 6.21
CA PRO Q 426 -8.48 -8.04 5.81
C PRO Q 426 -9.41 -7.74 6.97
N MET Q 427 -10.54 -7.10 6.70
CA MET Q 427 -11.45 -6.71 7.76
C MET Q 427 -12.18 -7.92 8.33
N PHE Q 428 -12.27 -7.97 9.65
CA PHE Q 428 -13.07 -8.96 10.36
C PHE Q 428 -14.16 -8.24 11.12
N PHE Q 429 -15.31 -8.92 11.24
CA PHE Q 429 -16.51 -8.42 11.90
C PHE Q 429 -17.11 -9.55 12.70
N GLU Q 430 -17.49 -9.27 13.95
CA GLU Q 430 -18.12 -10.28 14.78
C GLU Q 430 -18.97 -9.61 15.85
N GLN Q 431 -20.02 -10.30 16.27
CA GLN Q 431 -20.87 -9.78 17.34
C GLN Q 431 -20.14 -9.90 18.66
N TYR Q 432 -19.97 -8.77 19.36
CA TYR Q 432 -19.31 -8.75 20.65
C TYR Q 432 -20.20 -9.48 21.65
N GLU Q 433 -19.84 -10.71 21.98
CA GLU Q 433 -20.71 -11.55 22.81
C GLU Q 433 -20.85 -10.98 24.21
N GLY Q 434 -19.72 -10.76 24.89
CA GLY Q 434 -19.75 -10.12 26.19
C GLY Q 434 -20.38 -8.75 26.12
N GLY Q 435 -21.37 -8.50 26.98
CA GLY Q 435 -22.08 -7.24 27.00
C GLY Q 435 -23.33 -7.21 26.14
N SER Q 436 -23.38 -8.06 25.12
CA SER Q 436 -24.56 -8.16 24.26
C SER Q 436 -25.60 -9.05 24.96
N SER Q 437 -26.55 -8.42 25.65
CA SER Q 437 -27.72 -9.11 26.17
C SER Q 437 -28.66 -9.43 25.00
N ALA Q 438 -29.89 -9.85 25.30
CA ALA Q 438 -30.94 -9.99 24.30
C ALA Q 438 -31.70 -8.70 24.09
N TRP Q 439 -31.36 -7.68 24.87
CA TRP Q 439 -31.97 -6.38 24.77
C TRP Q 439 -31.17 -5.46 23.88
N CYS Q 440 -29.85 -5.58 23.92
CA CYS Q 440 -28.98 -4.84 23.01
C CYS Q 440 -28.12 -5.81 22.23
N VAL Q 441 -27.33 -5.24 21.33
CA VAL Q 441 -26.42 -6.01 20.49
C VAL Q 441 -25.34 -5.07 19.98
N LYS Q 442 -24.12 -5.59 19.93
CA LYS Q 442 -22.94 -4.79 19.68
C LYS Q 442 -21.97 -5.59 18.82
N TYR Q 443 -21.40 -4.93 17.82
CA TYR Q 443 -20.52 -5.60 16.89
C TYR Q 443 -19.17 -4.90 16.92
N GLN Q 444 -18.16 -5.65 16.50
CA GLN Q 444 -16.77 -5.26 16.62
C GLN Q 444 -16.07 -5.67 15.32
N PHE Q 445 -15.06 -4.90 14.95
CA PHE Q 445 -14.41 -5.10 13.67
C PHE Q 445 -12.97 -4.59 13.75
N GLY Q 446 -12.21 -4.97 12.74
CA GLY Q 446 -10.81 -4.53 12.67
C GLY Q 446 -10.11 -5.07 11.45
N ALA Q 447 -8.87 -4.62 11.28
CA ALA Q 447 -8.01 -5.06 10.18
C ALA Q 447 -6.56 -4.85 10.60
N GLU Q 448 -5.63 -5.10 9.67
CA GLU Q 448 -4.21 -4.92 9.96
C GLU Q 448 -3.46 -4.54 8.70
N ASP Q 449 -2.99 -3.30 8.65
CA ASP Q 449 -2.25 -2.78 7.51
C ASP Q 449 -1.20 -1.80 8.01
N GLY Q 450 -0.39 -1.31 7.08
CA GLY Q 450 0.60 -0.30 7.42
C GLY Q 450 1.38 0.09 6.19
N GLY Q 451 2.40 0.91 6.40
CA GLY Q 451 3.23 1.34 5.29
C GLY Q 451 4.41 2.14 5.79
N PHE Q 452 5.31 2.43 4.85
CA PHE Q 452 6.52 3.18 5.15
C PHE Q 452 7.12 3.70 3.85
N VAL Q 453 8.16 4.52 3.99
CA VAL Q 453 8.87 5.10 2.86
C VAL Q 453 10.15 4.31 2.64
N GLY Q 454 10.35 3.82 1.42
CA GLY Q 454 11.54 3.06 1.09
C GLY Q 454 12.82 3.87 1.18
N CYS Q 455 12.99 4.82 0.28
CA CYS Q 455 14.19 5.67 0.26
C CYS Q 455 13.82 6.94 -0.48
N CYS Q 456 13.68 8.05 0.25
CA CYS Q 456 13.21 9.30 -0.36
C CYS Q 456 14.33 9.97 -1.17
N GLU Q 457 14.84 9.22 -2.13
CA GLU Q 457 15.69 9.73 -3.19
C GLU Q 457 15.22 9.18 -4.54
N HIS Q 458 13.95 8.79 -4.60
CA HIS Q 458 13.35 8.22 -5.80
C HIS Q 458 12.21 9.07 -6.32
N GLY Q 459 12.05 10.29 -5.82
CA GLY Q 459 10.94 11.12 -6.22
C GLY Q 459 11.17 12.61 -6.07
N ARG Q 460 10.87 13.34 -7.15
CA ARG Q 460 10.86 14.79 -7.10
C ARG Q 460 9.48 15.29 -6.72
N ILE Q 461 9.44 16.48 -6.13
CA ILE Q 461 8.21 17.18 -5.79
C ILE Q 461 8.29 18.56 -6.41
N LEU Q 462 7.17 19.03 -6.95
CA LEU Q 462 7.07 20.38 -7.48
C LEU Q 462 6.19 21.20 -6.55
N GLN Q 463 6.71 22.34 -6.11
CA GLN Q 463 6.04 23.31 -5.26
C GLN Q 463 6.04 24.66 -5.98
N ILE Q 464 5.57 25.70 -5.28
CA ILE Q 464 5.60 27.05 -5.84
C ILE Q 464 6.96 27.69 -5.59
N PHE R 174 10.83 -12.97 22.77
CA PHE R 174 9.81 -13.99 22.58
C PHE R 174 9.18 -13.98 21.20
N PHE R 175 9.21 -12.86 20.52
CA PHE R 175 8.58 -12.71 19.21
C PHE R 175 9.65 -12.57 18.14
N THR R 176 9.53 -13.35 17.08
CA THR R 176 10.50 -13.33 15.98
C THR R 176 10.05 -12.31 14.95
N PRO R 177 10.76 -11.19 14.79
CA PRO R 177 10.37 -10.23 13.75
C PRO R 177 10.56 -10.82 12.37
N GLN R 178 9.58 -10.62 11.51
CA GLN R 178 9.53 -11.27 10.20
C GLN R 178 10.53 -10.59 9.27
N VAL R 179 11.75 -11.12 9.24
CA VAL R 179 12.75 -10.62 8.30
C VAL R 179 12.31 -10.95 6.87
N LEU R 180 12.07 -9.91 6.09
CA LEU R 180 11.55 -10.08 4.74
C LEU R 180 12.69 -10.03 3.73
N ALA R 181 12.34 -10.07 2.45
CA ALA R 181 13.31 -10.32 1.38
C ALA R 181 13.42 -9.13 0.43
N LEU R 182 13.53 -7.92 0.97
CA LEU R 182 13.83 -6.75 0.16
C LEU R 182 15.21 -6.22 0.52
N GLU R 183 15.73 -5.37 -0.37
CA GLU R 183 16.99 -4.67 -0.12
C GLU R 183 16.97 -3.38 -0.92
N VAL R 184 16.62 -2.28 -0.28
CA VAL R 184 16.57 -0.99 -0.95
C VAL R 184 17.98 -0.43 -1.06
N ASP R 185 18.33 0.07 -2.25
CA ASP R 185 19.67 0.54 -2.54
C ASP R 185 19.73 2.05 -2.74
N CYS R 186 18.94 2.58 -3.69
CA CYS R 186 18.87 3.99 -4.02
C CYS R 186 20.25 4.65 -4.11
N ASN R 187 21.16 4.09 -4.89
CA ASN R 187 22.50 4.63 -4.96
C ASN R 187 22.92 4.51 -6.39
N ILE R 188 22.82 5.61 -7.12
CA ILE R 188 23.10 5.54 -8.54
C ILE R 188 24.55 5.36 -8.90
N GLU R 189 24.80 5.14 -10.18
CA GLU R 189 26.16 5.04 -10.65
C GLU R 189 26.59 6.45 -10.91
N CYS R 190 26.68 6.83 -12.18
CA CYS R 190 26.98 8.22 -12.51
C CYS R 190 26.61 8.45 -13.94
N ALA R 191 26.81 7.44 -14.77
CA ALA R 191 26.52 7.55 -16.17
C ALA R 191 26.98 6.30 -16.82
N SER R 192 27.82 6.45 -17.83
CA SER R 192 28.36 5.32 -18.55
C SER R 192 28.99 6.01 -19.70
N LEU R 193 30.05 5.44 -20.26
CA LEU R 193 30.77 6.17 -21.30
C LEU R 193 31.95 5.41 -21.87
N LEU R 194 32.06 4.10 -21.63
CA LEU R 194 33.26 3.33 -21.94
C LEU R 194 33.04 2.32 -23.06
N ASP R 195 32.34 2.72 -24.12
CA ASP R 195 32.13 1.82 -25.25
C ASP R 195 32.51 2.49 -26.56
N LEU R 196 32.39 3.81 -26.64
CA LEU R 196 32.62 4.51 -27.89
C LEU R 196 34.10 4.71 -28.18
N TYR R 197 34.93 4.74 -27.15
CA TYR R 197 36.37 4.96 -27.34
C TYR R 197 36.99 3.81 -28.12
N GLY R 198 38.11 4.10 -28.78
CA GLY R 198 38.87 3.05 -29.43
C GLY R 198 39.65 2.24 -28.41
N GLN R 199 39.38 0.95 -28.32
CA GLN R 199 39.98 0.10 -27.31
C GLN R 199 41.24 -0.54 -27.86
N ILE R 200 42.31 -0.55 -27.05
CA ILE R 200 43.54 -1.23 -27.42
C ILE R 200 44.04 -2.04 -26.23
N GLU R 201 44.08 -3.36 -26.39
CA GLU R 201 44.80 -4.22 -25.47
C GLU R 201 46.30 -4.01 -25.66
N VAL R 202 47.03 -3.95 -24.55
CA VAL R 202 48.43 -3.54 -24.55
C VAL R 202 49.22 -4.51 -23.68
N SER R 203 50.50 -4.22 -23.52
CA SER R 203 51.44 -5.04 -22.78
C SER R 203 52.31 -4.07 -21.97
N ARG R 204 53.50 -4.53 -21.57
CA ARG R 204 54.42 -3.73 -20.76
C ARG R 204 54.41 -2.26 -21.17
N SER R 205 54.44 -1.39 -20.15
CA SER R 205 54.10 0.02 -20.30
C SER R 205 55.03 0.78 -21.24
N THR R 206 54.74 2.06 -21.45
CA THR R 206 55.51 2.96 -22.31
C THR R 206 55.57 2.42 -23.74
N PHE R 207 54.38 2.40 -24.36
CA PHE R 207 54.23 2.00 -25.75
C PHE R 207 54.48 3.21 -26.66
N THR R 208 54.52 2.97 -27.97
CA THR R 208 54.68 4.07 -28.92
C THR R 208 54.04 3.67 -30.25
N TYR R 209 53.91 4.64 -31.14
CA TYR R 209 53.19 4.47 -32.40
C TYR R 209 53.42 5.70 -33.27
N MET R 210 52.81 5.67 -34.45
CA MET R 210 53.01 6.67 -35.49
C MET R 210 51.97 7.77 -35.41
N LYS R 211 52.26 8.90 -36.08
CA LYS R 211 51.48 10.11 -35.91
C LYS R 211 51.29 10.89 -37.21
N ILE R 212 51.59 10.31 -38.38
CA ILE R 212 52.05 11.04 -39.56
C ILE R 212 51.30 12.35 -39.74
N ALA R 213 52.05 13.44 -39.84
CA ALA R 213 51.47 14.77 -39.68
C ALA R 213 50.69 15.18 -40.91
N ASP R 214 51.35 15.26 -42.05
CA ASP R 214 50.71 15.77 -43.26
C ASP R 214 51.49 15.29 -44.47
N TYR R 215 50.76 14.77 -45.47
CA TYR R 215 51.38 14.50 -46.75
C TYR R 215 51.79 15.81 -47.39
N GLY R 216 53.04 15.86 -47.88
CA GLY R 216 53.55 17.07 -48.48
C GLY R 216 53.11 17.24 -49.92
N GLN R 217 53.45 18.40 -50.48
CA GLN R 217 53.18 18.65 -51.89
C GLN R 217 54.26 17.99 -52.73
N LEU R 218 53.86 17.04 -53.57
CA LEU R 218 54.82 16.27 -54.35
C LEU R 218 55.04 16.86 -55.74
N GLY R 219 53.97 16.97 -56.54
CA GLY R 219 54.10 17.38 -57.91
C GLY R 219 54.09 18.89 -58.09
N GLU R 220 54.39 19.31 -59.32
CA GLU R 220 54.44 20.73 -59.66
C GLU R 220 53.68 21.06 -60.94
N TYR R 221 53.36 20.07 -61.78
CA TYR R 221 52.50 20.26 -62.95
C TYR R 221 53.11 21.27 -63.93
N THR R 222 54.25 20.88 -64.49
CA THR R 222 55.00 21.71 -65.41
C THR R 222 54.65 21.34 -66.86
N CYS R 223 55.36 21.95 -67.81
CA CYS R 223 55.11 21.77 -69.23
C CYS R 223 55.88 20.57 -69.77
N ASP R 224 55.45 20.10 -70.95
CA ASP R 224 55.98 18.87 -71.53
C ASP R 224 57.01 19.18 -72.61
N ALA R 225 58.15 19.69 -72.17
CA ALA R 225 59.32 19.75 -73.04
C ALA R 225 60.56 19.19 -72.39
N LYS R 226 60.74 19.41 -71.09
CA LYS R 226 61.92 18.93 -70.37
C LYS R 226 61.67 17.52 -69.87
N CYS R 227 62.59 16.60 -70.19
CA CYS R 227 62.47 15.23 -69.73
C CYS R 227 63.01 15.09 -68.31
N ASP R 228 62.53 15.94 -67.41
CA ASP R 228 62.94 15.87 -66.01
C ASP R 228 61.91 16.62 -65.17
N ALA R 229 61.60 16.07 -64.01
CA ALA R 229 60.62 16.64 -63.10
C ALA R 229 61.33 17.53 -62.08
N GLU R 230 60.62 17.96 -61.04
CA GLU R 230 61.19 18.78 -59.98
C GLU R 230 60.70 18.27 -58.62
N PHE R 231 61.26 18.86 -57.57
CA PHE R 231 61.03 18.39 -56.21
C PHE R 231 59.86 19.13 -55.57
N GLY R 232 59.36 18.56 -54.47
CA GLY R 232 58.27 19.12 -53.70
C GLY R 232 58.63 19.20 -52.23
N GLU R 233 57.63 18.95 -51.38
CA GLU R 233 57.82 19.00 -49.94
C GLU R 233 57.50 17.65 -49.32
N PRO R 234 58.25 17.24 -48.29
CA PRO R 234 58.01 15.94 -47.65
C PRO R 234 57.07 16.02 -46.47
N GLY R 235 56.74 14.86 -45.89
CA GLY R 235 55.89 14.78 -44.72
C GLY R 235 56.65 14.28 -43.51
N ASN R 236 55.93 14.20 -42.39
CA ASN R 236 56.49 13.80 -41.11
C ASN R 236 55.86 12.49 -40.65
N ILE R 237 56.54 11.83 -39.71
CA ILE R 237 56.07 10.57 -39.12
C ILE R 237 55.80 10.74 -37.62
N ARG R 238 56.79 11.26 -36.89
CA ARG R 238 56.65 11.60 -35.47
C ARG R 238 56.24 10.39 -34.63
N HIS R 239 57.16 9.43 -34.54
CA HIS R 239 56.96 8.30 -33.65
C HIS R 239 56.87 8.81 -32.22
N LEU R 240 55.67 8.82 -31.66
CA LEU R 240 55.45 9.31 -30.31
C LEU R 240 54.89 8.20 -29.43
N GLU R 241 55.07 8.36 -28.12
CA GLU R 241 54.80 7.30 -27.17
C GLU R 241 53.59 7.64 -26.31
N GLY R 242 53.25 6.71 -25.43
CA GLY R 242 52.17 6.83 -24.48
C GLY R 242 52.37 5.86 -23.33
N LYS R 243 52.05 6.30 -22.13
CA LYS R 243 52.22 5.51 -20.93
C LYS R 243 50.87 5.02 -20.42
N THR R 244 50.92 4.01 -19.55
CA THR R 244 49.73 3.49 -18.89
C THR R 244 49.88 3.68 -17.39
N TYR R 245 48.74 3.73 -16.71
CA TYR R 245 48.70 3.90 -15.27
C TYR R 245 48.14 2.65 -14.61
N ASP R 246 48.17 2.64 -13.28
CA ASP R 246 47.75 1.47 -12.53
C ASP R 246 47.06 1.90 -11.25
N TYR R 247 46.18 1.02 -10.77
CA TYR R 247 45.41 1.23 -9.56
C TYR R 247 45.60 0.02 -8.67
N ARG R 248 45.66 0.23 -7.36
CA ARG R 248 45.72 -0.87 -6.42
C ARG R 248 45.24 -0.40 -5.05
N GLY R 249 44.87 -1.38 -4.22
CA GLY R 249 44.32 -1.09 -2.91
C GLY R 249 44.28 -2.35 -2.07
N VAL R 250 44.03 -2.16 -0.78
CA VAL R 250 44.01 -3.25 0.20
C VAL R 250 42.91 -3.01 1.21
N PHE R 251 42.57 -4.07 1.94
CA PHE R 251 41.58 -4.07 3.01
C PHE R 251 41.65 -5.42 3.70
N CYS R 252 41.36 -5.44 5.00
CA CYS R 252 41.48 -6.67 5.76
C CYS R 252 40.25 -6.90 6.62
N PHE R 253 39.99 -8.17 6.89
CA PHE R 253 38.88 -8.64 7.70
C PHE R 253 39.40 -9.49 8.85
N ASN R 254 38.54 -9.67 9.85
CA ASN R 254 38.78 -10.68 10.88
C ASN R 254 38.25 -12.03 10.39
N ARG R 255 38.61 -13.09 11.10
CA ARG R 255 38.21 -14.43 10.69
C ARG R 255 36.84 -14.82 11.25
N LYS R 256 36.70 -14.82 12.57
CA LYS R 256 35.43 -15.17 13.18
C LYS R 256 34.35 -14.14 12.83
N ASN R 257 34.67 -12.85 12.99
CA ASN R 257 33.72 -11.80 12.67
C ASN R 257 33.17 -11.95 11.26
N LEU R 258 33.97 -12.47 10.34
CA LEU R 258 33.47 -12.72 8.99
C LEU R 258 32.65 -14.00 8.92
N GLN R 259 32.89 -14.95 9.81
CA GLN R 259 32.15 -16.21 9.77
C GLN R 259 30.68 -16.00 10.10
N GLU R 260 30.39 -15.42 11.27
CA GLU R 260 29.03 -15.06 11.64
C GLU R 260 28.67 -13.72 11.00
N ALA R 261 27.61 -13.07 11.47
CA ALA R 261 27.12 -11.82 10.89
C ALA R 261 26.74 -12.04 9.43
N ASN R 262 25.63 -12.79 9.27
CA ASN R 262 25.19 -13.41 8.02
C ASN R 262 25.48 -12.60 6.77
N TYR R 263 25.22 -11.31 6.78
CA TYR R 263 25.48 -10.48 5.60
C TYR R 263 26.94 -10.56 5.20
N ASP R 264 27.19 -11.11 4.01
CA ASP R 264 28.55 -11.39 3.55
C ASP R 264 29.25 -10.10 3.20
N PHE R 265 30.15 -9.65 4.09
CA PHE R 265 30.95 -8.46 3.80
C PHE R 265 31.90 -8.70 2.64
N LEU R 266 32.37 -9.94 2.47
CA LEU R 266 33.38 -10.24 1.45
C LEU R 266 32.88 -9.88 0.06
N SER R 267 31.72 -10.42 -0.32
CA SER R 267 31.16 -10.11 -1.63
C SER R 267 30.79 -8.63 -1.74
N PHE R 268 30.35 -8.02 -0.64
CA PHE R 268 30.02 -6.61 -0.64
C PHE R 268 31.24 -5.78 -1.05
N MET R 269 32.40 -6.08 -0.48
CA MET R 269 33.61 -5.36 -0.83
C MET R 269 34.10 -5.75 -2.23
N ILE R 270 33.96 -7.02 -2.60
CA ILE R 270 34.40 -7.43 -3.93
C ILE R 270 33.59 -6.70 -5.00
N GLY R 271 32.37 -6.29 -4.67
CA GLY R 271 31.58 -5.48 -5.58
C GLY R 271 31.93 -4.00 -5.53
N ALA R 272 31.90 -3.43 -4.32
CA ALA R 272 32.26 -2.03 -4.15
C ALA R 272 33.75 -1.85 -4.00
N ALA R 273 34.49 -2.59 -4.79
CA ALA R 273 35.83 -2.22 -5.23
C ALA R 273 35.88 -2.05 -6.73
N GLN R 274 35.29 -2.97 -7.49
CA GLN R 274 35.21 -2.79 -8.93
C GLN R 274 34.33 -1.61 -9.30
N ARG R 275 33.28 -1.34 -8.52
CA ARG R 275 32.43 -0.19 -8.84
C ARG R 275 33.20 1.11 -8.70
N SER R 276 33.92 1.26 -7.58
CA SER R 276 34.74 2.45 -7.37
C SER R 276 35.82 2.56 -8.44
N HIS R 277 36.47 1.44 -8.76
CA HIS R 277 37.48 1.45 -9.81
C HIS R 277 36.91 1.95 -11.14
N ARG R 278 35.74 1.45 -11.51
CA ARG R 278 35.14 1.82 -12.78
C ARG R 278 34.75 3.29 -12.81
N ILE R 279 34.13 3.78 -11.73
CA ILE R 279 33.69 5.17 -11.74
C ILE R 279 34.89 6.11 -11.76
N ASN R 280 35.96 5.76 -11.03
CA ASN R 280 37.14 6.61 -11.04
C ASN R 280 37.88 6.52 -12.37
N ARG R 281 37.84 5.36 -13.03
CA ARG R 281 38.40 5.24 -14.36
C ARG R 281 37.70 6.18 -15.34
N ASN R 282 36.36 6.16 -15.32
CA ASN R 282 35.60 7.06 -16.19
C ASN R 282 35.90 8.52 -15.87
N GLN R 283 35.91 8.87 -14.58
CA GLN R 283 36.21 10.24 -14.18
C GLN R 283 37.58 10.68 -14.68
N ALA R 284 38.57 9.80 -14.56
CA ALA R 284 39.91 10.11 -15.03
C ALA R 284 39.93 10.31 -16.53
N LEU R 285 39.52 9.28 -17.29
CA LEU R 285 39.56 9.40 -18.75
C LEU R 285 38.75 10.58 -19.26
N MET R 286 37.83 11.10 -18.45
CA MET R 286 37.16 12.34 -18.82
C MET R 286 38.02 13.56 -18.51
N ILE R 287 38.40 13.74 -17.25
CA ILE R 287 39.10 14.95 -16.82
C ILE R 287 40.37 14.63 -16.04
N GLY R 288 41.01 13.50 -16.33
CA GLY R 288 42.24 13.14 -15.64
C GLY R 288 43.34 14.18 -15.75
N LYS R 289 43.79 14.70 -14.61
CA LYS R 289 44.73 15.82 -14.58
C LYS R 289 46.16 15.29 -14.48
N GLY R 290 46.70 14.91 -15.63
CA GLY R 290 48.14 14.67 -15.73
C GLY R 290 48.68 13.59 -14.81
N VAL R 291 49.37 14.03 -13.76
CA VAL R 291 50.04 13.12 -12.84
C VAL R 291 49.07 12.05 -12.35
N ASN R 292 49.49 10.78 -12.50
CA ASN R 292 48.80 9.59 -12.01
C ASN R 292 47.34 9.54 -12.45
N GLU R 293 46.95 10.38 -13.40
CA GLU R 293 45.59 10.44 -13.92
C GLU R 293 45.67 10.45 -15.44
N PRO R 294 45.14 9.44 -16.12
CA PRO R 294 45.20 9.45 -17.60
C PRO R 294 44.60 10.75 -18.14
N LYS R 295 45.31 11.35 -19.10
CA LYS R 295 45.00 12.70 -19.54
C LYS R 295 43.58 12.79 -20.09
N GLY R 296 42.71 13.48 -19.35
CA GLY R 296 41.35 13.69 -19.80
C GLY R 296 41.29 14.59 -21.02
N TRP R 297 40.51 14.18 -22.02
CA TRP R 297 40.41 14.97 -23.24
C TRP R 297 39.76 16.33 -23.01
N LEU R 298 39.12 16.55 -21.86
CA LEU R 298 38.63 17.88 -21.53
C LEU R 298 39.78 18.82 -21.24
N THR R 299 40.66 18.45 -20.32
CA THR R 299 41.76 19.32 -19.93
C THR R 299 42.90 19.33 -20.93
N GLU R 300 42.96 18.34 -21.82
CA GLU R 300 43.97 18.38 -22.89
C GLU R 300 43.80 19.63 -23.74
N ASN R 301 42.56 19.97 -24.07
CA ASN R 301 42.21 21.28 -24.62
C ASN R 301 42.88 21.55 -25.98
N CYS R 302 43.05 20.51 -26.79
CA CYS R 302 43.47 20.68 -28.17
C CYS R 302 42.33 20.42 -29.15
N PHE R 303 41.13 20.16 -28.65
CA PHE R 303 39.97 20.03 -29.51
C PHE R 303 39.55 21.40 -30.04
N PRO R 304 38.96 21.45 -31.23
CA PRO R 304 38.35 22.71 -31.67
C PRO R 304 37.12 23.04 -30.85
N VAL R 305 37.20 24.11 -30.05
CA VAL R 305 36.12 24.48 -29.14
C VAL R 305 35.47 25.75 -29.67
N PHE R 306 34.16 25.71 -29.82
CA PHE R 306 33.37 26.84 -30.31
C PHE R 306 32.57 27.42 -29.15
N GLN R 307 32.64 28.75 -29.00
CA GLN R 307 31.90 29.46 -27.96
C GLN R 307 30.91 30.39 -28.63
N THR R 308 29.63 30.25 -28.28
CA THR R 308 28.60 31.09 -28.86
C THR R 308 28.71 32.52 -28.33
N LEU R 309 28.39 33.48 -29.19
CA LEU R 309 28.48 34.87 -28.78
C LEU R 309 27.26 35.24 -27.95
N PRO R 310 27.41 36.12 -26.95
CA PRO R 310 26.31 36.40 -26.03
C PRO R 310 25.18 37.16 -26.69
N VAL R 311 24.11 37.40 -25.94
CA VAL R 311 22.95 38.14 -26.42
C VAL R 311 22.75 39.35 -25.52
N ASP R 312 22.32 40.46 -26.12
CA ASP R 312 22.14 41.73 -25.40
C ASP R 312 20.66 41.89 -25.08
N VAL R 313 20.30 41.57 -23.84
CA VAL R 313 18.94 41.76 -23.36
C VAL R 313 18.88 43.12 -22.65
N ASN R 314 18.09 44.04 -23.22
CA ASN R 314 17.98 45.43 -22.75
C ASN R 314 19.33 45.99 -22.32
N GLY R 315 20.32 45.85 -23.20
CA GLY R 315 21.64 46.40 -22.95
C GLY R 315 22.37 45.74 -21.80
N THR R 316 22.60 44.44 -21.88
CA THR R 316 23.31 43.73 -20.83
C THR R 316 24.44 42.86 -21.41
N SER R 317 24.30 42.45 -22.67
CA SER R 317 25.23 41.54 -23.31
C SER R 317 25.41 40.27 -22.49
N THR R 318 24.28 39.64 -22.15
CA THR R 318 24.28 38.50 -21.26
C THR R 318 24.60 37.21 -22.04
N PRO R 319 25.49 36.37 -21.52
CA PRO R 319 25.75 35.09 -22.17
C PRO R 319 24.51 34.21 -22.17
N ALA R 320 24.37 33.42 -23.23
CA ALA R 320 23.20 32.56 -23.39
C ALA R 320 23.53 31.49 -24.42
N PHE R 321 22.51 30.70 -24.76
CA PHE R 321 22.68 29.59 -25.69
C PHE R 321 21.31 29.21 -26.23
N LEU R 322 21.15 29.29 -27.56
CA LEU R 322 19.87 28.99 -28.20
C LEU R 322 20.05 27.81 -29.14
N ALA R 323 18.91 27.31 -29.64
CA ALA R 323 18.91 26.08 -30.42
C ALA R 323 19.64 26.23 -31.75
N GLN R 324 19.69 27.45 -32.30
CA GLN R 324 20.38 27.67 -33.57
C GLN R 324 21.86 27.30 -33.46
N ASP R 325 22.52 27.79 -32.41
CA ASP R 325 23.92 27.45 -32.19
C ASP R 325 24.11 25.94 -32.08
N TRP R 326 23.21 25.26 -31.38
CA TRP R 326 23.34 23.81 -31.22
C TRP R 326 23.18 23.09 -32.55
N ARG R 327 22.14 23.46 -33.32
CA ARG R 327 21.92 22.80 -34.61
C ARG R 327 23.11 23.01 -35.53
N ARG R 328 23.70 24.20 -35.52
CA ARG R 328 24.88 24.42 -36.36
C ARG R 328 26.07 23.63 -35.86
N PHE R 329 26.33 23.68 -34.55
CA PHE R 329 27.46 22.95 -33.97
C PHE R 329 27.35 21.45 -34.26
N VAL R 330 26.12 20.93 -34.40
CA VAL R 330 25.97 19.54 -34.78
C VAL R 330 26.19 19.36 -36.27
N THR R 331 25.63 20.25 -37.09
CA THR R 331 25.73 20.09 -38.54
C THR R 331 27.10 20.52 -39.07
N SER R 332 27.76 21.47 -38.41
CA SER R 332 29.01 22.01 -38.91
C SER R 332 30.14 20.98 -38.88
N PHE R 333 29.86 19.79 -38.37
CA PHE R 333 30.88 18.75 -38.34
C PHE R 333 31.23 18.33 -39.76
N PRO R 334 32.51 18.35 -40.13
CA PRO R 334 32.89 17.91 -41.49
C PRO R 334 32.53 16.46 -41.75
N ALA R 335 31.62 16.23 -42.69
CA ALA R 335 31.14 14.88 -42.96
C ALA R 335 32.23 13.96 -43.49
N GLU R 336 33.32 14.53 -44.01
CA GLU R 336 34.40 13.70 -44.53
C GLU R 336 35.09 12.89 -43.44
N TYR R 337 34.94 13.28 -42.17
CA TYR R 337 35.48 12.48 -41.08
C TYR R 337 34.63 11.24 -40.81
N GLY R 338 33.31 11.35 -41.01
CA GLY R 338 32.44 10.22 -40.76
C GLY R 338 31.38 10.51 -39.72
N GLU R 339 30.82 9.45 -39.14
CA GLU R 339 29.74 9.61 -38.17
C GLU R 339 30.30 10.06 -36.82
N ALA R 340 29.76 11.17 -36.30
CA ALA R 340 30.15 11.69 -35.00
C ALA R 340 28.92 11.72 -34.09
N ARG R 341 29.10 11.27 -32.85
CA ARG R 341 28.05 11.28 -31.85
C ARG R 341 28.28 12.43 -30.87
N SER R 342 27.18 12.89 -30.27
CA SER R 342 27.20 14.01 -29.35
C SER R 342 26.94 13.54 -27.93
N VAL R 343 27.64 14.14 -26.97
CA VAL R 343 27.53 13.80 -25.57
C VAL R 343 27.39 15.08 -24.75
N MET R 344 26.53 15.01 -23.73
CA MET R 344 26.21 16.15 -22.88
C MET R 344 25.42 15.64 -21.68
N HIS R 345 25.04 16.57 -20.81
CA HIS R 345 24.25 16.25 -19.62
C HIS R 345 22.77 16.11 -19.97
N GLN R 346 22.04 15.36 -19.15
CA GLN R 346 20.59 15.33 -19.31
C GLN R 346 19.97 16.65 -18.87
N ASN R 347 20.65 17.38 -17.99
CA ASN R 347 20.21 18.74 -17.67
C ASN R 347 20.22 19.61 -18.92
N VAL R 348 21.28 19.51 -19.72
CA VAL R 348 21.34 20.26 -20.96
C VAL R 348 20.26 19.80 -21.93
N PHE R 349 19.98 18.50 -21.94
CA PHE R 349 18.93 17.99 -22.83
C PHE R 349 17.57 18.53 -22.44
N GLY R 350 17.26 18.53 -21.14
CA GLY R 350 16.03 19.14 -20.69
C GLY R 350 15.98 20.63 -20.97
N TYR R 351 17.11 21.31 -20.83
CA TYR R 351 17.20 22.72 -21.18
C TYR R 351 16.83 22.93 -22.64
N LEU R 352 17.37 22.11 -23.54
CA LEU R 352 17.02 22.21 -24.95
C LEU R 352 15.53 21.93 -25.17
N ALA R 353 15.02 20.86 -24.57
CA ALA R 353 13.61 20.53 -24.70
C ALA R 353 12.70 21.57 -24.05
N ALA R 354 13.26 22.50 -23.27
CA ALA R 354 12.50 23.55 -22.62
C ALA R 354 12.59 24.89 -23.34
N MET R 355 13.10 24.90 -24.58
CA MET R 355 13.26 26.15 -25.30
C MET R 355 11.91 26.70 -25.74
N VAL R 356 11.84 28.03 -25.83
CA VAL R 356 10.60 28.74 -26.11
C VAL R 356 10.89 29.92 -27.01
N ASP R 357 10.02 30.13 -28.00
CA ASP R 357 10.18 31.25 -28.92
C ASP R 357 9.75 32.55 -28.25
N ALA R 358 9.80 33.65 -29.00
CA ALA R 358 9.37 34.93 -28.47
C ALA R 358 7.86 34.97 -28.26
N ASN R 359 7.10 34.28 -29.12
CA ASN R 359 5.65 34.27 -28.98
C ASN R 359 5.17 33.38 -27.84
N GLY R 360 5.98 32.43 -27.40
CA GLY R 360 5.63 31.58 -26.27
C GLY R 360 5.57 30.10 -26.58
N ARG R 361 5.64 29.69 -27.84
CA ARG R 361 5.55 28.28 -28.18
C ARG R 361 6.87 27.58 -27.93
N PHE R 362 6.78 26.28 -27.61
CA PHE R 362 7.98 25.47 -27.49
C PHE R 362 8.68 25.35 -28.84
N LEU R 363 10.01 25.29 -28.79
CA LEU R 363 10.78 25.11 -30.01
C LEU R 363 10.72 23.69 -30.54
N PHE R 364 10.22 22.74 -29.76
CA PHE R 364 10.11 21.35 -30.17
C PHE R 364 8.83 20.76 -29.61
N GLY R 365 8.15 19.94 -30.42
CA GLY R 365 6.94 19.32 -29.93
C GLY R 365 5.83 20.31 -29.69
N ASP R 366 5.21 20.82 -30.76
CA ASP R 366 4.25 21.91 -30.62
C ASP R 366 3.00 21.38 -29.92
N GLY R 367 3.15 21.07 -28.64
CA GLY R 367 2.11 20.58 -27.75
C GLY R 367 2.21 19.08 -27.57
N ASP R 368 2.96 18.65 -26.57
CA ASP R 368 2.95 17.27 -26.14
C ASP R 368 3.16 17.10 -24.64
N LEU R 369 3.25 18.20 -23.88
CA LEU R 369 3.57 18.22 -22.46
C LEU R 369 5.00 17.76 -22.19
N THR R 370 5.71 17.33 -23.24
CA THR R 370 7.06 16.81 -23.13
C THR R 370 7.62 16.60 -24.52
N PHE R 371 8.93 16.78 -24.65
CA PHE R 371 9.65 16.54 -25.90
C PHE R 371 10.55 15.33 -25.69
N THR R 372 10.15 14.19 -26.24
CA THR R 372 10.86 12.93 -26.04
C THR R 372 11.30 12.34 -27.39
N PRO R 373 12.41 12.81 -27.94
CA PRO R 373 12.93 12.22 -29.18
C PRO R 373 13.83 11.03 -28.92
N ASP R 374 13.77 10.08 -29.84
CA ASP R 374 14.63 8.89 -29.78
C ASP R 374 16.07 9.31 -30.02
N LEU R 375 16.91 9.19 -28.98
CA LEU R 375 18.25 9.77 -29.04
C LEU R 375 19.23 8.92 -29.82
N VAL R 376 19.02 7.60 -29.90
CA VAL R 376 19.92 6.78 -30.69
C VAL R 376 19.78 7.12 -32.18
N ARG R 377 18.60 7.57 -32.60
CA ARG R 377 18.42 8.14 -33.93
C ARG R 377 18.77 9.63 -33.97
N GLU R 378 19.46 10.12 -32.94
CA GLU R 378 19.90 11.51 -32.89
C GLU R 378 21.38 11.62 -32.54
N ARG R 379 22.09 10.50 -32.44
CA ARG R 379 23.52 10.46 -32.14
C ARG R 379 23.85 11.13 -30.80
N ILE R 380 22.89 11.21 -29.90
CA ILE R 380 23.07 11.79 -28.59
C ILE R 380 23.25 10.66 -27.58
N ARG R 381 24.17 10.84 -26.65
CA ARG R 381 24.63 9.78 -25.74
C ARG R 381 24.69 10.30 -24.30
N ILE R 382 23.55 10.82 -23.83
CA ILE R 382 23.41 11.52 -22.55
C ILE R 382 24.15 10.82 -21.42
N SER R 383 24.92 11.58 -20.65
CA SER R 383 25.71 11.05 -19.54
C SER R 383 25.85 12.15 -18.49
N ASN R 384 25.25 11.95 -17.34
CA ASN R 384 25.26 13.03 -16.37
C ASN R 384 26.57 13.27 -15.66
N CYS R 385 27.44 12.26 -15.55
CA CYS R 385 28.67 12.57 -14.79
C CYS R 385 29.52 13.54 -15.59
N LEU R 386 29.06 13.93 -16.77
CA LEU R 386 29.78 14.95 -17.50
C LEU R 386 29.35 16.25 -16.91
N PRO R 387 30.29 17.17 -16.73
CA PRO R 387 29.99 18.47 -16.12
C PRO R 387 28.93 19.22 -16.91
N ASP R 388 27.81 19.58 -16.23
CA ASP R 388 26.86 20.42 -16.93
C ASP R 388 27.09 21.90 -16.60
N PRO R 389 26.79 22.78 -17.53
CA PRO R 389 26.98 24.16 -17.09
C PRO R 389 25.65 24.64 -16.57
N THR R 390 24.78 23.70 -16.23
CA THR R 390 23.51 24.08 -15.66
C THR R 390 23.65 24.09 -14.16
N GLU R 391 24.88 23.97 -13.69
CA GLU R 391 25.12 23.91 -12.26
C GLU R 391 24.14 22.89 -11.85
N GLY R 392 24.39 21.64 -12.21
CA GLY R 392 23.35 20.66 -11.99
C GLY R 392 22.08 21.23 -12.60
N ASN R 393 21.16 21.69 -11.75
CA ASN R 393 20.06 22.50 -12.20
C ASN R 393 20.06 23.80 -11.39
N THR R 394 18.98 24.57 -11.47
CA THR R 394 18.79 25.77 -10.64
C THR R 394 19.83 26.85 -10.98
N LYS R 395 20.38 26.79 -12.19
CA LYS R 395 21.28 27.84 -12.66
C LYS R 395 21.45 27.70 -14.15
N GLY R 396 21.71 28.82 -14.82
CA GLY R 396 21.85 28.84 -16.26
C GLY R 396 20.53 28.99 -16.98
N GLY R 397 20.55 29.62 -18.16
CA GLY R 397 19.32 29.85 -18.89
C GLY R 397 18.41 30.81 -18.16
N THR R 398 18.81 32.07 -18.11
CA THR R 398 18.18 33.06 -17.25
C THR R 398 17.90 34.34 -18.03
N GLY R 399 17.03 35.17 -17.46
CA GLY R 399 16.99 36.56 -17.88
C GLY R 399 18.27 37.28 -17.52
N GLN R 400 18.84 36.97 -16.36
CA GLN R 400 20.11 37.52 -15.92
C GLN R 400 20.59 36.71 -14.72
N ASP R 401 21.87 36.90 -14.39
CA ASP R 401 22.48 36.35 -13.16
C ASP R 401 22.53 34.82 -13.18
N ALA R 402 23.09 34.27 -14.26
CA ALA R 402 23.35 32.83 -14.36
C ALA R 402 24.11 32.55 -15.65
N PHE R 403 24.34 31.26 -15.89
CA PHE R 403 24.88 30.61 -17.08
C PHE R 403 26.40 30.69 -17.20
N ALA R 404 27.10 31.40 -16.31
CA ALA R 404 28.53 31.20 -16.03
C ALA R 404 29.36 31.16 -17.32
N ALA R 405 29.42 32.32 -17.98
CA ALA R 405 30.18 32.47 -19.23
C ALA R 405 31.53 31.78 -19.15
N GLY R 406 31.87 31.07 -20.23
CA GLY R 406 33.09 30.29 -20.28
C GLY R 406 32.94 28.84 -19.89
N SER R 407 31.74 28.39 -19.53
CA SER R 407 31.55 27.04 -19.05
C SER R 407 31.36 26.05 -20.20
N PHE R 408 31.87 24.84 -20.00
CA PHE R 408 31.72 23.77 -20.98
C PHE R 408 30.24 23.42 -21.16
N VAL R 409 29.90 23.01 -22.38
CA VAL R 409 28.52 22.65 -22.69
C VAL R 409 28.42 21.20 -23.15
N ALA R 410 29.09 20.86 -24.25
CA ALA R 410 28.87 19.55 -24.84
C ALA R 410 30.06 19.17 -25.72
N ALA R 411 30.06 17.92 -26.17
CA ALA R 411 31.10 17.42 -27.06
C ALA R 411 30.45 16.66 -28.21
N GLN R 412 31.18 16.54 -29.31
CA GLN R 412 30.70 15.73 -30.43
C GLN R 412 31.91 15.22 -31.21
N ALA R 413 32.04 13.90 -31.30
CA ALA R 413 33.26 13.32 -31.85
C ALA R 413 32.96 11.96 -32.46
N ALA R 414 33.91 11.48 -33.28
CA ALA R 414 33.94 10.11 -33.75
C ALA R 414 34.87 9.34 -32.83
N TRP R 415 34.33 8.89 -31.70
CA TRP R 415 35.13 8.43 -30.58
C TRP R 415 35.94 7.17 -30.90
N LYS R 416 35.55 6.41 -31.92
CA LYS R 416 36.33 5.24 -32.30
C LYS R 416 37.73 5.61 -32.76
N THR R 417 37.95 6.86 -33.15
CA THR R 417 39.28 7.34 -33.49
C THR R 417 39.63 8.67 -32.86
N ALA R 418 38.69 9.29 -32.14
CA ALA R 418 38.98 10.57 -31.49
C ALA R 418 39.69 10.38 -30.16
N PHE R 419 39.44 9.26 -29.48
CA PHE R 419 40.05 9.01 -28.17
C PHE R 419 40.17 7.51 -27.98
N TYR R 420 41.27 7.08 -27.37
CA TYR R 420 41.58 5.68 -27.20
C TYR R 420 41.76 5.35 -25.72
N ALA R 421 41.21 4.21 -25.32
CA ALA R 421 41.41 3.62 -24.00
C ALA R 421 42.33 2.42 -24.14
N VAL R 422 43.14 2.18 -23.09
CA VAL R 422 44.24 1.24 -23.13
C VAL R 422 44.07 0.28 -21.96
N GLU R 423 44.07 -1.02 -22.26
CA GLU R 423 43.90 -2.05 -21.24
C GLU R 423 45.18 -2.85 -21.13
N LYS R 424 45.78 -2.90 -19.92
CA LYS R 424 47.01 -3.64 -19.70
C LYS R 424 46.79 -4.84 -18.79
N ARG R 425 46.27 -4.60 -17.58
CA ARG R 425 45.92 -5.69 -16.68
C ARG R 425 44.58 -5.36 -16.01
N PRO R 426 43.57 -6.20 -16.19
CA PRO R 426 42.25 -5.89 -15.61
C PRO R 426 42.26 -5.99 -14.09
N MET R 427 41.09 -5.79 -13.47
CA MET R 427 41.00 -5.91 -12.02
C MET R 427 41.38 -7.31 -11.58
N PHE R 428 42.07 -7.39 -10.45
CA PHE R 428 42.52 -8.66 -9.89
C PHE R 428 42.59 -8.52 -8.38
N PHE R 429 42.16 -9.57 -7.68
CA PHE R 429 42.15 -9.62 -6.24
C PHE R 429 42.96 -10.83 -5.78
N GLU R 430 43.52 -10.72 -4.57
CA GLU R 430 44.28 -11.82 -4.01
C GLU R 430 44.41 -11.65 -2.52
N GLN R 431 44.24 -12.75 -1.78
CA GLN R 431 44.53 -12.74 -0.36
C GLN R 431 46.01 -12.48 -0.15
N TYR R 432 46.33 -11.43 0.61
CA TYR R 432 47.71 -10.99 0.80
C TYR R 432 48.41 -11.99 1.71
N GLU R 433 48.89 -13.08 1.12
CA GLU R 433 49.70 -14.04 1.85
C GLU R 433 50.95 -13.36 2.38
N GLY R 434 51.10 -13.33 3.70
CA GLY R 434 52.10 -12.50 4.32
C GLY R 434 51.46 -11.21 4.79
N GLY R 435 51.65 -10.86 6.06
CA GLY R 435 50.89 -9.80 6.66
C GLY R 435 49.55 -10.22 7.20
N SER R 436 49.18 -11.48 7.06
CA SER R 436 47.92 -12.01 7.57
C SER R 436 48.21 -13.00 8.70
N SER R 437 47.36 -12.98 9.72
CA SER R 437 47.53 -13.83 10.88
C SER R 437 46.62 -15.04 10.78
N ALA R 438 46.55 -15.84 11.85
CA ALA R 438 45.64 -16.97 11.90
C ALA R 438 44.19 -16.53 12.08
N TRP R 439 43.95 -15.25 12.36
CA TRP R 439 42.60 -14.75 12.55
C TRP R 439 42.30 -13.49 11.73
N CYS R 440 43.29 -12.92 11.05
CA CYS R 440 43.08 -11.79 10.16
C CYS R 440 43.44 -12.18 8.74
N VAL R 441 42.69 -11.62 7.78
CA VAL R 441 42.95 -11.85 6.37
C VAL R 441 43.07 -10.50 5.68
N LYS R 442 44.21 -10.26 5.05
CA LYS R 442 44.44 -9.04 4.29
C LYS R 442 44.34 -9.36 2.82
N TYR R 443 43.60 -8.54 2.08
CA TYR R 443 43.42 -8.68 0.66
C TYR R 443 44.18 -7.58 -0.06
N GLN R 444 44.31 -7.74 -1.38
CA GLN R 444 45.14 -6.84 -2.16
C GLN R 444 44.71 -6.96 -3.61
N PHE R 445 44.44 -5.83 -4.24
CA PHE R 445 43.82 -5.83 -5.56
C PHE R 445 44.40 -4.70 -6.40
N GLY R 446 44.18 -4.79 -7.70
CA GLY R 446 44.64 -3.75 -8.60
C GLY R 446 44.14 -3.96 -10.02
N ALA R 447 44.68 -3.13 -10.90
CA ALA R 447 44.38 -3.15 -12.34
C ALA R 447 45.35 -2.20 -13.03
N GLU R 448 45.39 -2.28 -14.35
CA GLU R 448 46.30 -1.45 -15.15
C GLU R 448 45.61 -0.99 -16.42
N ASP R 449 45.54 0.32 -16.61
CA ASP R 449 44.87 0.89 -17.77
C ASP R 449 45.35 2.31 -17.98
N GLY R 450 45.08 2.82 -19.17
CA GLY R 450 45.43 4.18 -19.53
C GLY R 450 44.54 4.73 -20.62
N GLY R 451 44.89 5.88 -21.16
CA GLY R 451 44.11 6.47 -22.23
C GLY R 451 44.82 7.66 -22.82
N PHE R 452 44.39 8.02 -24.02
CA PHE R 452 44.98 9.15 -24.72
C PHE R 452 44.01 9.59 -25.82
N VAL R 453 44.37 10.66 -26.51
CA VAL R 453 43.53 11.22 -27.55
C VAL R 453 43.92 10.58 -28.88
N GLY R 454 42.96 10.53 -29.80
CA GLY R 454 43.26 10.19 -31.17
C GLY R 454 43.77 11.45 -31.83
N CYS R 455 43.19 11.82 -32.97
CA CYS R 455 43.40 13.15 -33.52
C CYS R 455 42.34 14.07 -32.92
N CYS R 456 42.77 15.06 -32.13
CA CYS R 456 41.83 15.99 -31.56
C CYS R 456 41.37 17.05 -32.56
N GLU R 457 41.66 16.87 -33.84
CA GLU R 457 40.97 17.59 -34.90
C GLU R 457 39.80 16.81 -35.47
N HIS R 458 39.44 15.69 -34.82
CA HIS R 458 38.29 14.89 -35.25
C HIS R 458 37.02 15.36 -34.55
N GLY R 459 37.02 15.31 -33.22
CA GLY R 459 35.89 15.80 -32.45
C GLY R 459 36.00 17.28 -32.16
N ARG R 460 34.88 17.84 -31.71
CA ARG R 460 34.80 19.26 -31.42
C ARG R 460 34.01 19.47 -30.14
N ILE R 461 34.18 20.65 -29.56
CA ILE R 461 33.65 20.98 -28.24
C ILE R 461 32.78 22.22 -28.36
N LEU R 462 31.68 22.24 -27.60
CA LEU R 462 30.81 23.41 -27.51
C LEU R 462 30.90 23.97 -26.10
N GLN R 463 31.22 25.26 -26.02
CA GLN R 463 31.42 25.98 -24.75
C GLN R 463 30.70 27.31 -24.82
N ILE R 464 30.94 28.19 -23.86
CA ILE R 464 30.32 29.52 -23.87
C ILE R 464 31.37 30.61 -24.05
N THR S 176 66.08 3.52 -35.77
CA THR S 176 66.32 2.65 -34.62
C THR S 176 67.79 2.29 -34.49
N PRO S 177 68.30 2.25 -33.27
CA PRO S 177 69.70 1.90 -33.04
C PRO S 177 69.91 0.40 -33.06
N GLN S 178 71.17 0.01 -33.05
CA GLN S 178 71.58 -1.38 -33.01
C GLN S 178 72.02 -1.76 -31.60
N VAL S 179 71.62 -2.93 -31.14
CA VAL S 179 71.99 -3.44 -29.83
C VAL S 179 72.89 -4.66 -30.03
N LEU S 180 74.15 -4.55 -29.61
CA LEU S 180 75.08 -5.66 -29.69
C LEU S 180 75.11 -6.42 -28.36
N ALA S 181 75.98 -7.43 -28.28
CA ALA S 181 75.98 -8.32 -27.13
C ALA S 181 77.31 -8.35 -26.40
N LEU S 182 77.88 -7.18 -26.11
CA LEU S 182 79.12 -7.08 -25.37
C LEU S 182 78.87 -6.41 -24.03
N GLU S 183 79.79 -6.59 -23.08
CA GLU S 183 79.61 -6.08 -21.73
C GLU S 183 80.98 -5.78 -21.15
N VAL S 184 81.41 -4.51 -21.24
CA VAL S 184 82.69 -4.12 -20.65
C VAL S 184 82.60 -4.26 -19.12
N ASP S 185 83.77 -4.40 -18.50
CA ASP S 185 83.83 -4.73 -17.07
C ASP S 185 84.39 -3.59 -16.22
N CYS S 186 85.62 -3.15 -16.48
CA CYS S 186 86.27 -2.09 -15.71
C CYS S 186 86.16 -2.31 -14.20
N ASN S 187 86.45 -3.53 -13.77
CA ASN S 187 86.34 -3.86 -12.35
C ASN S 187 87.35 -4.94 -12.01
N ILE S 188 88.40 -4.58 -11.30
CA ILE S 188 89.36 -5.55 -10.78
C ILE S 188 88.78 -6.16 -9.51
N GLU S 189 88.80 -7.49 -9.43
CA GLU S 189 88.36 -8.11 -8.19
C GLU S 189 89.50 -8.15 -7.19
N CYS S 190 90.45 -9.04 -7.42
CA CYS S 190 91.81 -9.03 -6.86
C CYS S 190 92.51 -10.26 -7.41
N ALA S 191 93.73 -10.52 -6.95
CA ALA S 191 94.20 -11.89 -7.01
C ALA S 191 93.45 -12.72 -5.97
N SER S 192 93.55 -14.04 -6.09
CA SER S 192 92.79 -14.92 -5.22
C SER S 192 93.67 -16.08 -4.75
N LEU S 193 93.46 -16.48 -3.50
CA LEU S 193 94.17 -17.61 -2.92
C LEU S 193 93.23 -18.73 -2.50
N LEU S 194 91.94 -18.61 -2.79
CA LEU S 194 90.98 -19.67 -2.49
C LEU S 194 91.20 -20.91 -3.34
N ASP S 195 92.19 -20.90 -4.23
CA ASP S 195 92.56 -22.08 -5.00
C ASP S 195 93.73 -22.84 -4.37
N LEU S 196 94.50 -22.19 -3.50
CA LEU S 196 95.66 -22.81 -2.88
C LEU S 196 95.31 -23.55 -1.60
N TYR S 197 94.45 -22.98 -0.77
CA TYR S 197 94.04 -23.64 0.45
C TYR S 197 93.27 -24.93 0.13
N GLY S 198 93.43 -25.93 0.99
CA GLY S 198 92.70 -27.17 0.82
C GLY S 198 91.21 -26.96 0.93
N GLN S 199 90.48 -27.26 -0.14
CA GLN S 199 89.04 -27.05 -0.17
C GLN S 199 88.32 -28.26 0.40
N ILE S 200 87.33 -28.00 1.26
CA ILE S 200 86.55 -29.08 1.85
C ILE S 200 85.08 -28.68 1.83
N GLU S 201 84.26 -29.44 1.13
CA GLU S 201 82.82 -29.31 1.23
C GLU S 201 82.34 -30.01 2.50
N VAL S 202 81.49 -29.32 3.26
CA VAL S 202 81.08 -29.79 4.58
C VAL S 202 79.56 -29.75 4.71
N SER S 203 79.09 -30.01 5.92
CA SER S 203 77.67 -30.07 6.23
C SER S 203 77.47 -29.20 7.47
N ARG S 204 76.35 -29.39 8.16
CA ARG S 204 75.98 -28.61 9.33
C ARG S 204 77.17 -28.36 10.26
N SER S 205 77.18 -27.21 10.93
CA SER S 205 78.38 -26.63 11.52
C SER S 205 79.00 -27.47 12.64
N THR S 206 80.10 -26.97 13.19
CA THR S 206 80.88 -27.65 14.23
C THR S 206 81.48 -28.96 13.71
N PHE S 207 82.35 -28.82 12.71
CA PHE S 207 83.09 -29.95 12.19
C PHE S 207 84.17 -30.38 13.19
N THR S 208 84.53 -31.66 13.14
CA THR S 208 85.56 -32.18 14.03
C THR S 208 86.39 -33.23 13.30
N TYR S 209 87.64 -33.40 13.74
CA TYR S 209 88.61 -34.17 12.98
C TYR S 209 89.85 -34.41 13.84
N MET S 210 90.81 -35.13 13.27
CA MET S 210 92.03 -35.56 13.94
C MET S 210 93.13 -34.49 13.83
N LYS S 211 94.28 -34.85 14.39
CA LYS S 211 95.41 -33.95 14.35
C LYS S 211 96.73 -34.70 14.26
N ILE S 212 96.77 -35.98 14.62
CA ILE S 212 98.05 -36.77 14.67
C ILE S 212 99.17 -35.90 15.17
N ALA S 213 99.44 -36.03 16.43
CA ALA S 213 100.40 -35.08 17.01
C ALA S 213 101.83 -35.46 16.71
N ASP S 214 102.25 -36.64 17.16
CA ASP S 214 103.62 -37.09 16.94
C ASP S 214 103.64 -38.61 17.07
N TYR S 215 104.03 -39.29 16.00
CA TYR S 215 104.20 -40.74 16.08
C TYR S 215 105.29 -41.07 17.08
N GLY S 216 105.02 -42.05 17.94
CA GLY S 216 105.95 -42.42 18.98
C GLY S 216 106.97 -43.44 18.49
N GLN S 217 108.21 -43.27 18.95
CA GLN S 217 109.27 -44.22 18.64
C GLN S 217 108.93 -45.57 19.28
N LEU S 218 108.54 -46.54 18.46
CA LEU S 218 107.97 -47.77 18.98
C LEU S 218 109.02 -48.86 19.19
N GLY S 219 109.73 -49.23 18.13
CA GLY S 219 110.75 -50.25 18.24
C GLY S 219 111.95 -49.76 19.02
N GLU S 220 112.75 -50.71 19.49
CA GLU S 220 113.92 -50.36 20.28
C GLU S 220 115.12 -51.08 19.70
N TYR S 221 114.97 -51.59 18.47
CA TYR S 221 116.04 -52.32 17.80
C TYR S 221 116.35 -53.67 18.43
N THR S 222 116.96 -54.57 17.68
CA THR S 222 117.19 -55.85 18.31
C THR S 222 118.26 -56.69 17.69
N CYS S 223 118.72 -57.68 18.45
CA CYS S 223 119.70 -58.60 17.94
C CYS S 223 119.02 -59.93 17.91
N ASP S 224 119.79 -60.99 18.11
CA ASP S 224 119.19 -62.30 18.22
C ASP S 224 119.46 -62.68 19.64
N ALA S 225 119.70 -61.68 20.48
CA ALA S 225 120.04 -61.95 21.87
C ALA S 225 118.90 -62.43 22.75
N LYS S 226 117.71 -62.60 22.19
CA LYS S 226 116.56 -63.03 22.96
C LYS S 226 115.31 -63.00 22.13
N CYS S 227 114.15 -63.14 22.76
CA CYS S 227 112.92 -63.01 22.00
C CYS S 227 111.97 -62.07 22.70
N ASP S 228 112.46 -61.26 23.63
CA ASP S 228 111.59 -60.29 24.27
C ASP S 228 112.03 -58.89 23.84
N ALA S 229 111.07 -57.98 23.75
CA ALA S 229 111.33 -56.62 23.32
C ALA S 229 111.13 -55.65 24.48
N GLU S 230 111.25 -54.36 24.18
CA GLU S 230 111.02 -53.30 25.15
C GLU S 230 110.07 -52.27 24.54
N PHE S 231 109.19 -51.73 25.38
CA PHE S 231 108.16 -50.82 24.90
C PHE S 231 108.77 -49.49 24.46
N GLY S 232 107.96 -48.70 23.76
CA GLY S 232 108.37 -47.38 23.33
C GLY S 232 107.32 -46.35 23.70
N GLU S 233 107.66 -45.09 23.45
CA GLU S 233 106.75 -44.01 23.82
C GLU S 233 105.58 -43.94 22.84
N PRO S 234 104.37 -43.61 23.32
CA PRO S 234 103.21 -43.56 22.44
C PRO S 234 102.96 -42.16 21.88
N GLY S 235 101.98 -42.05 20.97
CA GLY S 235 101.61 -40.79 20.38
C GLY S 235 100.26 -40.28 20.89
N ASN S 236 99.87 -39.14 20.35
CA ASN S 236 98.61 -38.49 20.72
C ASN S 236 97.80 -38.21 19.46
N ILE S 237 96.52 -37.89 19.65
CA ILE S 237 95.57 -37.71 18.55
C ILE S 237 94.95 -36.33 18.57
N ARG S 238 94.36 -35.93 19.69
CA ARG S 238 93.82 -34.57 19.89
C ARG S 238 92.75 -34.23 18.85
N HIS S 239 91.61 -34.92 18.96
CA HIS S 239 90.52 -34.70 18.03
C HIS S 239 89.95 -33.30 18.20
N LEU S 240 90.42 -32.36 17.39
CA LEU S 240 90.00 -30.97 17.51
C LEU S 240 88.86 -30.66 16.56
N GLU S 241 88.22 -29.52 16.77
CA GLU S 241 87.02 -29.17 16.02
C GLU S 241 86.98 -27.66 15.78
N GLY S 242 85.99 -27.23 15.02
CA GLY S 242 85.84 -25.84 14.68
C GLY S 242 84.47 -25.53 14.13
N LYS S 243 84.07 -24.27 14.26
CA LYS S 243 82.78 -23.77 13.80
C LYS S 243 82.94 -22.92 12.55
N THR S 244 82.04 -23.10 11.61
CA THR S 244 82.00 -22.30 10.39
C THR S 244 81.10 -21.09 10.57
N TYR S 245 81.39 -20.03 9.80
CA TYR S 245 80.68 -18.77 9.93
C TYR S 245 79.70 -18.57 8.78
N ASP S 246 78.87 -17.54 8.92
CA ASP S 246 77.76 -17.30 8.00
C ASP S 246 77.89 -15.93 7.35
N TYR S 247 77.16 -15.75 6.25
CA TYR S 247 77.10 -14.48 5.53
C TYR S 247 75.68 -14.34 4.99
N ARG S 248 75.08 -13.17 5.20
CA ARG S 248 73.72 -12.96 4.73
C ARG S 248 73.50 -11.48 4.44
N GLY S 249 72.50 -11.22 3.60
CA GLY S 249 72.21 -9.86 3.18
C GLY S 249 70.79 -9.75 2.68
N VAL S 250 70.31 -8.51 2.58
CA VAL S 250 68.96 -8.22 2.10
C VAL S 250 69.03 -7.04 1.14
N PHE S 251 68.02 -6.94 0.28
CA PHE S 251 67.94 -5.81 -0.63
C PHE S 251 66.53 -5.71 -1.22
N CYS S 252 66.19 -4.49 -1.66
CA CYS S 252 64.84 -4.17 -2.13
C CYS S 252 64.79 -4.17 -3.65
N PHE S 253 63.55 -4.14 -4.15
CA PHE S 253 63.26 -3.94 -5.57
C PHE S 253 61.84 -3.40 -5.69
N ASN S 254 61.58 -2.72 -6.79
CA ASN S 254 60.21 -2.39 -7.14
C ASN S 254 59.62 -3.54 -7.96
N ARG S 255 58.31 -3.48 -8.20
CA ARG S 255 57.64 -4.51 -8.99
C ARG S 255 57.64 -4.19 -10.47
N LYS S 256 57.09 -3.03 -10.85
CA LYS S 256 57.08 -2.65 -12.25
C LYS S 256 58.49 -2.35 -12.75
N ASN S 257 59.30 -1.67 -11.94
CA ASN S 257 60.67 -1.35 -12.32
C ASN S 257 61.49 -2.59 -12.67
N LEU S 258 61.00 -3.77 -12.36
CA LEU S 258 61.65 -5.02 -12.75
C LEU S 258 61.09 -5.61 -14.04
N GLN S 259 59.85 -5.28 -14.40
CA GLN S 259 59.27 -5.80 -15.63
C GLN S 259 59.85 -5.09 -16.86
N GLU S 260 59.68 -3.77 -16.94
CA GLU S 260 60.31 -2.98 -17.99
C GLU S 260 61.76 -2.72 -17.61
N ALA S 261 62.41 -1.76 -18.29
CA ALA S 261 63.85 -1.52 -18.13
C ALA S 261 64.63 -2.77 -18.53
N ASN S 262 64.61 -3.02 -19.84
CA ASN S 262 64.94 -4.28 -20.50
C ASN S 262 66.04 -5.10 -19.83
N TYR S 263 67.15 -4.48 -19.46
CA TYR S 263 68.23 -5.24 -18.84
C TYR S 263 67.80 -5.80 -17.50
N ASP S 264 68.27 -7.01 -17.20
CA ASP S 264 67.84 -7.74 -16.01
C ASP S 264 68.72 -7.35 -14.82
N PHE S 265 68.12 -6.67 -13.85
CA PHE S 265 68.85 -6.31 -12.63
C PHE S 265 69.05 -7.52 -11.72
N LEU S 266 68.18 -8.53 -11.84
CA LEU S 266 68.20 -9.64 -10.89
C LEU S 266 69.50 -10.43 -10.98
N SER S 267 69.85 -10.88 -12.17
CA SER S 267 71.08 -11.65 -12.35
C SER S 267 72.30 -10.82 -12.01
N PHE S 268 72.27 -9.53 -12.35
CA PHE S 268 73.39 -8.65 -12.00
C PHE S 268 73.56 -8.55 -10.48
N MET S 269 72.45 -8.46 -9.75
CA MET S 269 72.54 -8.41 -8.29
C MET S 269 73.04 -9.74 -7.73
N ILE S 270 72.57 -10.86 -8.29
CA ILE S 270 73.08 -12.16 -7.88
C ILE S 270 74.58 -12.23 -8.06
N GLY S 271 75.07 -11.78 -9.23
CA GLY S 271 76.50 -11.83 -9.49
C GLY S 271 77.29 -10.92 -8.59
N ALA S 272 76.78 -9.70 -8.34
CA ALA S 272 77.47 -8.79 -7.44
C ALA S 272 77.48 -9.30 -6.01
N ALA S 273 76.46 -10.06 -5.61
CA ALA S 273 76.43 -10.62 -4.27
C ALA S 273 77.45 -11.75 -4.13
N GLN S 274 77.47 -12.64 -5.13
CA GLN S 274 78.50 -13.68 -5.14
C GLN S 274 79.90 -13.07 -5.13
N ARG S 275 80.11 -12.01 -5.91
CA ARG S 275 81.44 -11.40 -6.00
C ARG S 275 81.83 -10.72 -4.69
N SER S 276 80.91 -9.99 -4.07
CA SER S 276 81.19 -9.35 -2.79
C SER S 276 81.48 -10.39 -1.72
N HIS S 277 80.66 -11.45 -1.66
CA HIS S 277 80.92 -12.51 -0.69
C HIS S 277 82.26 -13.18 -0.95
N ARG S 278 82.64 -13.33 -2.21
CA ARG S 278 83.91 -13.95 -2.55
C ARG S 278 85.08 -13.10 -2.10
N ILE S 279 85.04 -11.80 -2.39
CA ILE S 279 86.14 -10.93 -1.96
C ILE S 279 86.17 -10.83 -0.44
N ASN S 280 85.01 -10.90 0.21
CA ASN S 280 85.00 -10.87 1.67
C ASN S 280 85.62 -12.13 2.26
N ARG S 281 85.28 -13.29 1.68
CA ARG S 281 85.92 -14.54 2.07
C ARG S 281 87.42 -14.48 1.90
N ASN S 282 87.87 -13.95 0.76
CA ASN S 282 89.31 -13.86 0.50
C ASN S 282 90.00 -12.94 1.51
N GLN S 283 89.38 -11.79 1.80
CA GLN S 283 89.95 -10.88 2.79
C GLN S 283 89.99 -11.52 4.17
N ALA S 284 88.93 -12.25 4.53
CA ALA S 284 88.83 -12.82 5.87
C ALA S 284 89.83 -13.94 6.08
N LEU S 285 90.00 -14.80 5.08
CA LEU S 285 90.96 -15.89 5.21
C LEU S 285 92.39 -15.41 5.45
N MET S 286 92.65 -14.11 5.31
CA MET S 286 93.95 -13.53 5.61
C MET S 286 93.94 -12.66 6.86
N ILE S 287 92.95 -11.79 7.00
CA ILE S 287 92.93 -10.83 8.11
C ILE S 287 91.61 -10.90 8.86
N GLY S 288 91.03 -12.09 8.95
CA GLY S 288 89.75 -12.29 9.61
C GLY S 288 89.87 -12.32 11.11
N LYS S 289 89.94 -11.13 11.72
CA LYS S 289 90.38 -10.97 13.12
C LYS S 289 89.32 -11.52 14.07
N GLY S 290 89.35 -12.84 14.26
CA GLY S 290 88.67 -13.46 15.39
C GLY S 290 87.16 -13.52 15.36
N VAL S 291 86.52 -12.71 16.19
CA VAL S 291 85.09 -12.82 16.48
C VAL S 291 84.25 -12.83 15.20
N ASN S 292 83.51 -13.92 15.00
CA ASN S 292 82.73 -14.21 13.80
C ASN S 292 83.50 -13.79 12.55
N GLU S 293 84.80 -14.04 12.54
CA GLU S 293 85.71 -13.69 11.47
C GLU S 293 86.69 -14.84 11.29
N PRO S 294 86.66 -15.55 10.16
CA PRO S 294 87.58 -16.68 9.98
C PRO S 294 89.01 -16.27 10.22
N LYS S 295 89.65 -16.89 11.21
CA LYS S 295 90.95 -16.41 11.69
C LYS S 295 91.99 -16.49 10.58
N GLY S 296 92.35 -15.33 10.03
CA GLY S 296 93.34 -15.32 8.96
C GLY S 296 94.68 -15.81 9.45
N TRP S 297 95.39 -16.53 8.57
CA TRP S 297 96.70 -17.05 8.94
C TRP S 297 97.74 -15.96 9.10
N LEU S 298 97.44 -14.72 8.71
CA LEU S 298 98.34 -13.62 8.99
C LEU S 298 98.34 -13.28 10.48
N THR S 299 97.16 -13.17 11.07
CA THR S 299 97.05 -12.78 12.47
C THR S 299 97.13 -13.96 13.44
N GLU S 300 96.98 -15.19 12.94
CA GLU S 300 97.21 -16.34 13.80
C GLU S 300 98.65 -16.35 14.32
N ASN S 301 99.59 -15.97 13.47
CA ASN S 301 100.98 -15.72 13.85
C ASN S 301 101.65 -16.96 14.44
N CYS S 302 101.24 -18.14 14.00
CA CYS S 302 101.89 -19.38 14.40
C CYS S 302 102.84 -19.92 13.33
N PHE S 303 102.89 -19.29 12.16
CA PHE S 303 103.85 -19.71 11.15
C PHE S 303 105.25 -19.22 11.53
N PRO S 304 106.27 -20.05 11.35
CA PRO S 304 107.64 -19.57 11.56
C PRO S 304 107.95 -18.39 10.66
N VAL S 305 108.62 -17.39 11.23
CA VAL S 305 108.93 -16.16 10.52
C VAL S 305 110.43 -15.89 10.60
N PHE S 306 111.00 -15.47 9.49
CA PHE S 306 112.36 -14.94 9.45
C PHE S 306 112.30 -13.47 9.05
N GLN S 307 113.38 -12.76 9.32
CA GLN S 307 113.41 -11.33 9.04
C GLN S 307 114.75 -10.94 8.46
N THR S 308 114.75 -9.84 7.70
CA THR S 308 115.98 -9.30 7.14
C THR S 308 116.79 -8.61 8.22
N LEU S 309 118.07 -8.59 8.03
CA LEU S 309 119.01 -7.89 8.88
C LEU S 309 119.22 -6.47 8.35
N PRO S 310 119.44 -5.50 9.24
CA PRO S 310 119.66 -4.13 8.77
C PRO S 310 121.04 -3.97 8.17
N VAL S 311 121.33 -2.79 7.60
CA VAL S 311 122.63 -2.49 7.03
C VAL S 311 123.11 -1.18 7.64
N ASP S 312 124.38 -1.16 8.03
CA ASP S 312 124.95 0.00 8.72
C ASP S 312 125.57 0.94 7.69
N VAL S 313 124.70 1.64 6.96
CA VAL S 313 125.17 2.67 6.04
C VAL S 313 125.59 3.90 6.84
N ASN S 314 126.84 4.34 6.62
CA ASN S 314 127.49 5.41 7.37
C ASN S 314 127.10 5.42 8.85
N GLY S 315 127.14 4.27 9.49
CA GLY S 315 126.95 4.18 10.93
C GLY S 315 125.57 4.55 11.46
N THR S 316 124.51 3.98 10.88
CA THR S 316 123.17 4.22 11.39
C THR S 316 122.45 2.91 11.65
N SER S 317 122.84 1.85 10.94
CA SER S 317 122.20 0.54 11.02
C SER S 317 120.71 0.64 10.71
N THR S 318 120.40 1.28 9.59
CA THR S 318 119.01 1.45 9.18
C THR S 318 118.45 0.12 8.66
N PRO S 319 117.17 -0.13 8.90
CA PRO S 319 116.54 -1.33 8.33
C PRO S 319 116.51 -1.25 6.81
N ALA S 320 116.82 -2.38 6.17
CA ALA S 320 116.82 -2.45 4.72
C ALA S 320 116.54 -3.88 4.30
N PHE S 321 116.45 -4.08 2.98
CA PHE S 321 116.10 -5.39 2.45
C PHE S 321 116.69 -5.50 1.05
N LEU S 322 117.66 -6.38 0.88
CA LEU S 322 118.33 -6.61 -0.40
C LEU S 322 118.08 -8.05 -0.85
N ALA S 323 118.60 -8.38 -2.03
CA ALA S 323 118.35 -9.68 -2.62
C ALA S 323 118.88 -10.83 -1.78
N GLN S 324 119.88 -10.57 -0.94
CA GLN S 324 120.46 -11.62 -0.12
C GLN S 324 119.41 -12.25 0.79
N ASP S 325 118.61 -11.41 1.38
CA ASP S 325 117.66 -11.94 2.28
C ASP S 325 116.78 -12.88 1.53
N TRP S 326 116.05 -12.34 0.57
CA TRP S 326 115.10 -13.16 -0.15
C TRP S 326 115.73 -14.46 -0.63
N ARG S 327 116.97 -14.40 -1.08
CA ARG S 327 117.58 -15.64 -1.47
C ARG S 327 117.51 -16.54 -0.31
N ARG S 328 117.98 -16.03 0.80
CA ARG S 328 118.04 -16.90 1.97
C ARG S 328 116.67 -17.48 2.31
N PHE S 329 115.65 -16.62 2.35
CA PHE S 329 114.32 -17.04 2.77
C PHE S 329 113.73 -18.09 1.83
N VAL S 330 114.13 -18.05 0.55
CA VAL S 330 113.57 -19.02 -0.39
C VAL S 330 114.25 -20.37 -0.25
N THR S 331 115.56 -20.40 0.00
CA THR S 331 116.28 -21.66 0.06
C THR S 331 116.21 -22.33 1.42
N SER S 332 115.99 -21.57 2.48
CA SER S 332 115.99 -22.13 3.84
C SER S 332 114.78 -23.01 4.12
N PHE S 333 113.95 -23.28 3.13
CA PHE S 333 112.76 -24.10 3.34
C PHE S 333 113.12 -25.58 3.28
N PRO S 334 112.71 -26.38 4.27
CA PRO S 334 112.94 -27.82 4.18
C PRO S 334 112.16 -28.45 3.04
N ALA S 335 112.88 -28.96 2.04
CA ALA S 335 112.23 -29.50 0.85
C ALA S 335 111.38 -30.74 1.14
N GLU S 336 111.55 -31.34 2.33
CA GLU S 336 110.76 -32.52 2.67
C GLU S 336 109.26 -32.22 2.66
N TYR S 337 108.87 -30.96 2.88
CA TYR S 337 107.46 -30.61 2.86
C TYR S 337 106.87 -30.70 1.46
N GLY S 338 107.68 -30.63 0.43
CA GLY S 338 107.20 -30.63 -0.94
C GLY S 338 107.15 -29.22 -1.49
N GLU S 339 106.49 -29.11 -2.65
CA GLU S 339 106.32 -27.81 -3.29
C GLU S 339 105.43 -26.93 -2.42
N ALA S 340 105.92 -25.73 -2.10
CA ALA S 340 105.17 -24.78 -1.29
C ALA S 340 105.14 -23.44 -2.02
N ARG S 341 103.95 -22.91 -2.25
CA ARG S 341 103.79 -21.71 -3.05
C ARG S 341 104.10 -20.45 -2.24
N SER S 342 104.67 -19.46 -2.92
CA SER S 342 105.04 -18.19 -2.31
C SER S 342 104.21 -17.06 -2.91
N VAL S 343 103.86 -16.10 -2.07
CA VAL S 343 103.01 -14.98 -2.47
C VAL S 343 103.53 -13.68 -1.85
N MET S 344 103.25 -12.58 -2.53
CA MET S 344 103.68 -11.24 -2.13
C MET S 344 102.88 -10.23 -2.97
N HIS S 345 103.23 -8.95 -2.80
CA HIS S 345 102.58 -7.86 -3.52
C HIS S 345 103.36 -7.51 -4.77
N GLN S 346 102.65 -6.96 -5.77
CA GLN S 346 103.32 -6.62 -7.03
C GLN S 346 104.30 -5.47 -6.85
N ASN S 347 104.07 -4.60 -5.88
CA ASN S 347 105.07 -3.58 -5.56
C ASN S 347 106.36 -4.23 -5.09
N VAL S 348 106.24 -5.28 -4.27
CA VAL S 348 107.42 -6.01 -3.81
C VAL S 348 108.13 -6.63 -5.01
N PHE S 349 107.37 -7.30 -5.89
CA PHE S 349 107.95 -7.90 -7.08
C PHE S 349 108.69 -6.87 -7.92
N GLY S 350 108.08 -5.70 -8.10
CA GLY S 350 108.72 -4.66 -8.90
C GLY S 350 109.98 -4.12 -8.26
N TYR S 351 109.95 -3.86 -6.96
CA TYR S 351 111.15 -3.39 -6.28
C TYR S 351 112.24 -4.44 -6.29
N LEU S 352 111.86 -5.71 -6.23
CA LEU S 352 112.83 -6.79 -6.44
C LEU S 352 113.46 -6.68 -7.81
N ALA S 353 112.63 -6.57 -8.84
CA ALA S 353 113.13 -6.32 -10.19
C ALA S 353 113.93 -5.03 -10.25
N ALA S 354 113.58 -4.05 -9.43
CA ALA S 354 114.21 -2.73 -9.46
C ALA S 354 115.59 -2.71 -8.82
N MET S 355 116.17 -3.88 -8.53
CA MET S 355 117.51 -3.92 -7.99
C MET S 355 118.54 -3.84 -9.10
N VAL S 356 119.80 -3.61 -8.71
CA VAL S 356 120.87 -3.36 -9.66
C VAL S 356 122.19 -3.68 -8.98
N ASP S 357 123.14 -4.21 -9.74
CA ASP S 357 124.46 -4.49 -9.22
C ASP S 357 125.29 -3.20 -9.12
N ALA S 358 126.51 -3.33 -8.64
CA ALA S 358 127.40 -2.17 -8.58
C ALA S 358 127.92 -1.79 -9.97
N ASN S 359 128.06 -2.76 -10.86
CA ASN S 359 128.54 -2.47 -12.20
C ASN S 359 127.58 -1.59 -12.97
N GLY S 360 126.28 -1.71 -12.70
CA GLY S 360 125.28 -0.94 -13.42
C GLY S 360 124.32 -1.84 -14.17
N ARG S 361 124.44 -3.14 -13.95
CA ARG S 361 123.60 -4.13 -14.60
C ARG S 361 122.38 -4.46 -13.76
N PHE S 362 121.29 -4.79 -14.44
CA PHE S 362 120.14 -5.37 -13.77
C PHE S 362 120.55 -6.66 -13.06
N LEU S 363 119.77 -7.03 -12.05
CA LEU S 363 119.94 -8.35 -11.44
C LEU S 363 119.22 -9.42 -12.25
N PHE S 364 117.94 -9.22 -12.54
CA PHE S 364 117.12 -10.23 -13.19
C PHE S 364 117.39 -10.20 -14.69
N GLY S 365 118.11 -11.18 -15.19
CA GLY S 365 118.45 -11.21 -16.61
C GLY S 365 119.21 -9.97 -16.99
N ASP S 366 120.23 -9.62 -16.20
CA ASP S 366 121.05 -8.42 -16.45
C ASP S 366 120.80 -7.70 -17.78
N GLY S 367 119.76 -6.86 -17.85
CA GLY S 367 119.45 -6.10 -19.05
C GLY S 367 118.78 -6.92 -20.13
N ASP S 368 117.55 -7.40 -19.88
CA ASP S 368 116.82 -8.21 -20.86
C ASP S 368 115.36 -7.80 -20.82
N LEU S 369 114.86 -7.20 -21.92
CA LEU S 369 113.46 -6.74 -21.98
C LEU S 369 112.56 -7.95 -22.24
N THR S 370 112.53 -8.83 -21.25
CA THR S 370 111.72 -10.06 -21.34
C THR S 370 110.95 -10.33 -20.06
N PHE S 371 110.95 -9.41 -19.09
CA PHE S 371 110.62 -9.68 -17.69
C PHE S 371 109.46 -10.65 -17.49
N THR S 372 108.31 -10.38 -18.13
CA THR S 372 107.11 -11.21 -18.14
C THR S 372 106.78 -11.79 -16.76
N PRO S 373 106.17 -11.02 -15.86
CA PRO S 373 105.87 -11.57 -14.53
C PRO S 373 104.87 -12.71 -14.67
N ASP S 374 105.40 -13.83 -15.16
CA ASP S 374 104.56 -14.92 -15.67
C ASP S 374 103.87 -15.68 -14.54
N LEU S 375 104.58 -15.90 -13.43
CA LEU S 375 104.03 -16.56 -12.24
C LEU S 375 103.40 -17.91 -12.57
N VAL S 376 103.81 -18.52 -13.68
CA VAL S 376 103.04 -19.61 -14.30
C VAL S 376 102.77 -20.73 -13.29
N ARG S 377 103.83 -21.39 -12.81
CA ARG S 377 103.63 -22.39 -11.77
C ARG S 377 104.65 -22.23 -10.65
N GLU S 378 105.85 -21.78 -10.99
CA GLU S 378 106.95 -21.81 -10.04
C GLU S 378 106.80 -20.68 -9.04
N ARG S 379 107.80 -20.50 -8.18
CA ARG S 379 107.65 -19.73 -6.95
C ARG S 379 107.79 -18.24 -7.22
N ILE S 380 106.73 -17.69 -7.82
CA ILE S 380 106.44 -16.26 -7.87
C ILE S 380 104.92 -16.15 -8.03
N ARG S 381 104.30 -15.30 -7.24
CA ARG S 381 102.86 -15.07 -7.34
C ARG S 381 102.53 -13.74 -6.68
N ILE S 382 101.51 -13.07 -7.19
CA ILE S 382 101.21 -11.69 -6.85
C ILE S 382 99.78 -11.58 -6.37
N SER S 383 99.58 -10.81 -5.30
CA SER S 383 98.25 -10.41 -4.85
C SER S 383 98.35 -9.00 -4.27
N ASN S 384 97.57 -8.08 -4.83
CA ASN S 384 97.62 -6.69 -4.40
C ASN S 384 96.72 -6.41 -3.20
N CYS S 385 95.79 -7.31 -2.88
CA CYS S 385 95.03 -7.19 -1.64
C CYS S 385 95.78 -7.77 -0.44
N LEU S 386 97.09 -7.96 -0.56
CA LEU S 386 98.00 -8.23 0.54
C LEU S 386 98.64 -6.94 1.02
N PRO S 387 99.12 -6.92 2.27
CA PRO S 387 99.76 -5.69 2.78
C PRO S 387 101.15 -5.52 2.18
N ASP S 388 101.33 -4.44 1.41
CA ASP S 388 102.70 -4.35 0.93
C ASP S 388 103.57 -3.55 1.90
N PRO S 389 104.85 -3.91 2.01
CA PRO S 389 105.77 -3.10 2.82
C PRO S 389 106.31 -1.89 2.09
N THR S 390 105.87 -1.63 0.86
CA THR S 390 106.33 -0.47 0.12
C THR S 390 105.56 0.80 0.45
N GLU S 391 104.55 0.70 1.31
CA GLU S 391 103.70 1.84 1.67
C GLU S 391 103.21 2.56 0.41
N GLY S 392 102.44 1.83 -0.38
CA GLY S 392 102.17 2.27 -1.74
C GLY S 392 103.43 2.08 -2.56
N ASN S 393 104.10 3.17 -2.89
CA ASN S 393 105.41 3.11 -3.52
C ASN S 393 106.21 4.34 -3.09
N THR S 394 107.38 4.52 -3.70
CA THR S 394 108.32 5.58 -3.32
C THR S 394 108.53 5.62 -1.81
N LYS S 395 108.40 4.46 -1.21
CA LYS S 395 108.47 4.42 0.22
C LYS S 395 109.12 3.15 0.60
N GLY S 396 110.31 3.27 1.18
CA GLY S 396 111.06 2.07 1.51
C GLY S 396 111.73 1.64 0.23
N GLY S 397 113.01 1.27 0.34
CA GLY S 397 113.79 0.89 -0.83
C GLY S 397 113.85 2.00 -1.86
N THR S 398 113.40 3.18 -1.48
CA THR S 398 113.40 4.27 -2.41
C THR S 398 114.63 5.10 -2.15
N GLY S 399 115.22 5.67 -3.18
CA GLY S 399 116.34 6.57 -2.95
C GLY S 399 116.05 7.60 -1.88
N GLN S 400 114.77 7.90 -1.65
CA GLN S 400 114.35 8.83 -0.61
C GLN S 400 114.15 8.03 0.69
N ASP S 401 113.43 8.61 1.66
CA ASP S 401 113.46 8.21 3.07
C ASP S 401 113.52 6.71 3.28
N ALA S 402 114.29 6.32 4.30
CA ALA S 402 114.59 4.92 4.59
C ALA S 402 113.35 4.11 4.99
N PHE S 403 113.55 2.82 5.21
CA PHE S 403 112.46 1.88 5.40
C PHE S 403 112.20 1.61 6.87
N ALA S 404 110.95 1.27 7.20
CA ALA S 404 110.53 0.93 8.54
C ALA S 404 110.59 -0.58 8.73
N ALA S 405 110.98 -1.02 9.93
CA ALA S 405 111.22 -2.42 10.19
C ALA S 405 109.94 -3.12 10.64
N GLY S 406 110.06 -4.42 10.91
CA GLY S 406 108.97 -5.23 11.42
C GLY S 406 107.78 -5.39 10.50
N SER S 407 107.93 -5.04 9.23
CA SER S 407 106.83 -5.10 8.29
C SER S 407 106.83 -6.42 7.52
N PHE S 408 105.63 -6.91 7.22
CA PHE S 408 105.47 -8.14 6.47
C PHE S 408 105.95 -7.95 5.03
N VAL S 409 106.54 -9.01 4.47
CA VAL S 409 107.07 -8.94 3.11
C VAL S 409 106.39 -9.95 2.21
N ALA S 410 106.52 -11.24 2.54
CA ALA S 410 106.00 -12.29 1.68
C ALA S 410 105.74 -13.53 2.52
N ALA S 411 105.02 -14.48 1.93
CA ALA S 411 104.71 -15.74 2.59
C ALA S 411 105.08 -16.88 1.66
N GLN S 412 105.32 -18.06 2.25
CA GLN S 412 105.65 -19.24 1.45
C GLN S 412 105.19 -20.47 2.22
N ALA S 413 104.15 -21.13 1.72
CA ALA S 413 103.55 -22.24 2.45
C ALA S 413 102.99 -23.25 1.46
N ALA S 414 102.89 -24.51 1.92
CA ALA S 414 102.21 -25.56 1.17
C ALA S 414 100.72 -25.50 1.48
N TRP S 415 100.07 -24.48 0.87
CA TRP S 415 98.70 -24.16 1.20
C TRP S 415 97.74 -25.32 0.94
N LYS S 416 98.11 -26.27 0.08
CA LYS S 416 97.28 -27.45 -0.09
C LYS S 416 97.30 -28.34 1.15
N THR S 417 98.24 -28.13 2.07
CA THR S 417 98.28 -28.86 3.33
C THR S 417 98.49 -27.97 4.54
N ALA S 418 98.78 -26.67 4.35
CA ALA S 418 99.05 -25.79 5.47
C ALA S 418 97.83 -25.00 5.93
N PHE S 419 96.83 -24.83 5.08
CA PHE S 419 95.65 -24.06 5.42
C PHE S 419 94.47 -24.56 4.60
N TYR S 420 93.31 -24.67 5.23
CA TYR S 420 92.14 -25.24 4.60
C TYR S 420 90.97 -24.28 4.70
N ALA S 421 90.12 -24.30 3.67
CA ALA S 421 88.87 -23.56 3.65
C ALA S 421 87.73 -24.54 3.47
N VAL S 422 86.65 -24.31 4.22
CA VAL S 422 85.50 -25.20 4.22
C VAL S 422 84.27 -24.42 3.78
N GLU S 423 83.46 -25.06 2.95
CA GLU S 423 82.23 -24.48 2.42
C GLU S 423 81.07 -25.41 2.72
N LYS S 424 80.02 -24.88 3.35
CA LYS S 424 78.89 -25.71 3.75
C LYS S 424 77.71 -25.62 2.81
N ARG S 425 77.35 -24.43 2.35
CA ARG S 425 76.13 -24.26 1.59
C ARG S 425 76.32 -23.21 0.51
N PRO S 426 76.14 -23.57 -0.76
CA PRO S 426 76.22 -22.56 -1.83
C PRO S 426 75.20 -21.44 -1.59
N MET S 427 75.61 -20.23 -1.95
CA MET S 427 74.78 -19.05 -1.68
C MET S 427 73.37 -19.24 -2.23
N PHE S 428 72.40 -18.74 -1.49
CA PHE S 428 71.01 -18.87 -1.86
C PHE S 428 70.30 -17.53 -1.67
N PHE S 429 69.36 -17.26 -2.57
CA PHE S 429 68.51 -16.08 -2.52
C PHE S 429 67.07 -16.52 -2.31
N GLU S 430 66.27 -15.64 -1.71
CA GLU S 430 64.87 -15.95 -1.48
C GLU S 430 64.10 -14.66 -1.30
N GLN S 431 62.93 -14.58 -1.94
CA GLN S 431 62.04 -13.45 -1.74
C GLN S 431 61.49 -13.49 -0.31
N TYR S 432 61.66 -12.39 0.42
CA TYR S 432 61.28 -12.32 1.83
C TYR S 432 59.75 -12.25 1.90
N GLU S 433 59.12 -13.42 1.86
CA GLU S 433 57.68 -13.51 1.99
C GLU S 433 57.26 -12.98 3.35
N GLY S 434 56.41 -11.96 3.34
CA GLY S 434 56.17 -11.18 4.53
C GLY S 434 57.19 -10.07 4.59
N GLY S 435 56.75 -8.82 4.69
CA GLY S 435 57.62 -7.69 4.49
C GLY S 435 57.75 -7.26 3.05
N SER S 436 57.15 -7.99 2.12
CA SER S 436 57.10 -7.62 0.71
C SER S 436 55.64 -7.58 0.27
N SER S 437 55.29 -6.53 -0.47
CA SER S 437 53.90 -6.30 -0.85
C SER S 437 53.75 -6.15 -2.36
N ALA S 438 52.58 -5.69 -2.81
CA ALA S 438 52.38 -5.45 -4.24
C ALA S 438 53.27 -4.33 -4.76
N TRP S 439 53.78 -3.47 -3.89
CA TRP S 439 54.57 -2.34 -4.33
C TRP S 439 56.07 -2.65 -4.43
N CYS S 440 56.58 -3.57 -3.63
CA CYS S 440 58.01 -3.82 -3.57
C CYS S 440 58.26 -5.31 -3.40
N VAL S 441 59.54 -5.68 -3.45
CA VAL S 441 60.01 -7.04 -3.25
C VAL S 441 61.27 -6.97 -2.40
N LYS S 442 61.32 -7.78 -1.35
CA LYS S 442 62.49 -7.84 -0.47
C LYS S 442 63.15 -9.20 -0.64
N TYR S 443 64.43 -9.20 -0.96
CA TYR S 443 65.20 -10.43 -1.09
C TYR S 443 66.19 -10.58 0.04
N GLN S 444 66.50 -11.84 0.33
CA GLN S 444 67.35 -12.23 1.45
C GLN S 444 68.22 -13.38 0.97
N PHE S 445 69.54 -13.22 1.09
CA PHE S 445 70.49 -14.21 0.62
C PHE S 445 71.42 -14.61 1.75
N GLY S 446 72.03 -15.77 1.60
CA GLY S 446 72.89 -16.31 2.64
C GLY S 446 73.80 -17.41 2.13
N ALA S 447 74.80 -17.72 2.95
CA ALA S 447 75.81 -18.73 2.65
C ALA S 447 76.59 -19.03 3.92
N GLU S 448 77.32 -20.15 3.90
CA GLU S 448 78.02 -20.64 5.08
C GLU S 448 79.42 -21.08 4.68
N ASP S 449 80.44 -20.44 5.25
CA ASP S 449 81.82 -20.76 4.92
C ASP S 449 82.72 -20.49 6.11
N GLY S 450 83.90 -21.08 6.08
CA GLY S 450 84.88 -20.87 7.13
C GLY S 450 86.24 -21.32 6.68
N GLY S 451 87.20 -21.22 7.58
CA GLY S 451 88.56 -21.63 7.28
C GLY S 451 89.36 -21.85 8.54
N PHE S 452 90.42 -22.64 8.41
CA PHE S 452 91.32 -22.92 9.51
C PHE S 452 92.70 -23.22 8.96
N VAL S 453 93.65 -23.39 9.86
CA VAL S 453 95.03 -23.64 9.49
C VAL S 453 95.30 -25.13 9.56
N GLY S 454 96.18 -25.61 8.69
CA GLY S 454 96.66 -26.96 8.78
C GLY S 454 97.82 -27.03 9.75
N CYS S 455 98.93 -27.62 9.33
CA CYS S 455 100.16 -27.58 10.13
C CYS S 455 100.89 -26.29 9.77
N CYS S 456 100.73 -25.28 10.62
CA CYS S 456 101.39 -24.02 10.28
C CYS S 456 102.89 -24.05 10.51
N GLU S 457 103.45 -25.19 10.90
CA GLU S 457 104.89 -25.37 10.83
C GLU S 457 105.36 -25.49 9.39
N HIS S 458 104.47 -25.80 8.46
CA HIS S 458 104.84 -25.95 7.06
C HIS S 458 105.32 -24.63 6.48
N GLY S 459 104.44 -23.62 6.47
CA GLY S 459 104.75 -22.37 5.83
C GLY S 459 105.58 -21.45 6.71
N ARG S 460 106.10 -20.40 6.06
CA ARG S 460 106.99 -19.45 6.69
C ARG S 460 106.71 -18.05 6.15
N ILE S 461 107.11 -17.06 6.94
CA ILE S 461 106.81 -15.65 6.68
C ILE S 461 108.13 -14.89 6.63
N LEU S 462 108.17 -13.84 5.81
CA LEU S 462 109.31 -12.94 5.74
C LEU S 462 108.90 -11.57 6.26
N GLN S 463 109.72 -11.02 7.16
CA GLN S 463 109.44 -9.74 7.81
C GLN S 463 110.72 -8.93 7.83
N ILE S 464 110.72 -7.84 8.58
CA ILE S 464 111.88 -6.97 8.69
C ILE S 464 112.40 -6.97 10.13
N THR T 176 74.58 -31.47 17.83
CA THR T 176 75.51 -32.55 17.49
C THR T 176 76.64 -32.06 16.58
N PRO T 177 77.87 -32.40 16.94
CA PRO T 177 79.02 -31.99 16.11
C PRO T 177 79.09 -32.79 14.82
N GLN T 178 79.66 -32.16 13.80
CA GLN T 178 79.91 -32.82 12.53
C GLN T 178 81.34 -33.37 12.52
N VAL T 179 81.52 -34.53 11.90
CA VAL T 179 82.82 -35.19 11.83
C VAL T 179 83.22 -35.30 10.36
N LEU T 180 84.26 -34.56 9.98
CA LEU T 180 84.86 -34.73 8.67
C LEU T 180 85.98 -35.75 8.77
N ALA T 181 86.57 -36.09 7.61
CA ALA T 181 87.58 -37.14 7.54
C ALA T 181 88.96 -36.60 7.20
N LEU T 182 89.23 -35.35 7.58
CA LEU T 182 90.54 -34.76 7.38
C LEU T 182 91.42 -34.98 8.60
N GLU T 183 92.72 -35.13 8.36
CA GLU T 183 93.70 -35.32 9.43
C GLU T 183 94.98 -34.60 9.04
N VAL T 184 95.33 -33.57 9.78
CA VAL T 184 96.62 -32.91 9.60
C VAL T 184 97.70 -33.76 10.24
N ASP T 185 98.81 -33.94 9.53
CA ASP T 185 99.90 -34.77 10.01
C ASP T 185 100.87 -33.95 10.87
N CYS T 186 101.47 -32.92 10.28
CA CYS T 186 102.34 -31.98 10.99
C CYS T 186 103.47 -32.70 11.72
N ASN T 187 104.18 -33.56 10.98
CA ASN T 187 105.30 -34.30 11.54
C ASN T 187 106.27 -34.63 10.42
N ILE T 188 107.50 -34.11 10.52
CA ILE T 188 108.50 -34.30 9.48
C ILE T 188 109.16 -35.67 9.68
N GLU T 189 109.27 -36.43 8.58
CA GLU T 189 109.96 -37.70 8.65
C GLU T 189 111.46 -37.49 8.52
N CYS T 190 111.89 -37.24 7.28
CA CYS T 190 113.15 -36.64 6.87
C CYS T 190 113.11 -36.60 5.36
N ALA T 191 114.21 -36.24 4.72
CA ALA T 191 114.39 -36.71 3.36
C ALA T 191 114.78 -38.19 3.40
N SER T 192 114.65 -38.87 2.27
CA SER T 192 114.88 -40.30 2.21
C SER T 192 115.87 -40.63 1.12
N LEU T 193 116.61 -41.73 1.33
CA LEU T 193 117.62 -42.17 0.38
C LEU T 193 117.49 -43.65 0.05
N LEU T 194 116.43 -44.31 0.53
CA LEU T 194 116.23 -45.74 0.29
C LEU T 194 115.75 -46.04 -1.11
N ASP T 195 115.69 -45.05 -2.00
CA ASP T 195 115.37 -45.27 -3.39
C ASP T 195 116.58 -45.22 -4.30
N LEU T 196 117.69 -44.65 -3.83
CA LEU T 196 118.90 -44.57 -4.64
C LEU T 196 119.71 -45.86 -4.57
N TYR T 197 119.82 -46.45 -3.38
CA TYR T 197 120.57 -47.68 -3.21
C TYR T 197 119.94 -48.81 -4.03
N GLY T 198 120.78 -49.74 -4.45
CA GLY T 198 120.29 -50.90 -5.18
C GLY T 198 119.45 -51.77 -4.28
N GLN T 199 118.16 -51.90 -4.60
CA GLN T 199 117.23 -52.64 -3.75
C GLN T 199 117.29 -54.12 -4.10
N ILE T 200 117.32 -54.97 -3.06
CA ILE T 200 117.34 -56.42 -3.28
C ILE T 200 116.42 -57.09 -2.26
N GLU T 201 115.42 -57.79 -2.75
CA GLU T 201 114.59 -58.65 -1.92
C GLU T 201 115.27 -60.00 -1.73
N VAL T 202 115.23 -60.52 -0.52
CA VAL T 202 116.03 -61.69 -0.17
C VAL T 202 115.18 -62.67 0.63
N SER T 203 115.82 -63.72 1.14
CA SER T 203 115.17 -64.78 1.88
C SER T 203 116.03 -65.00 3.13
N ARG T 204 115.89 -66.16 3.75
CA ARG T 204 116.63 -66.52 4.96
C ARG T 204 118.07 -66.00 4.92
N SER T 205 118.53 -65.51 6.08
CA SER T 205 119.66 -64.60 6.20
C SER T 205 121.00 -65.15 5.70
N THR T 206 122.04 -64.31 5.80
CA THR T 206 123.40 -64.60 5.34
C THR T 206 123.43 -64.86 3.83
N PHE T 207 123.12 -63.79 3.10
CA PHE T 207 123.21 -63.80 1.64
C PHE T 207 124.68 -63.93 1.22
N THR T 208 124.88 -64.35 -0.04
CA THR T 208 126.23 -64.45 -0.59
C THR T 208 126.15 -64.27 -2.11
N TYR T 209 127.27 -63.85 -2.68
CA TYR T 209 127.31 -63.41 -4.07
C TYR T 209 128.77 -63.29 -4.50
N MET T 210 128.97 -62.92 -5.77
CA MET T 210 130.29 -62.81 -6.36
C MET T 210 130.75 -61.34 -6.33
N LYS T 211 131.97 -61.13 -6.81
CA LYS T 211 132.54 -59.79 -6.78
C LYS T 211 133.38 -59.43 -8.00
N ILE T 212 133.76 -60.40 -8.84
CA ILE T 212 134.64 -60.15 -10.00
C ILE T 212 135.61 -59.03 -9.74
N ALA T 213 136.82 -59.38 -9.33
CA ALA T 213 137.74 -58.33 -8.91
C ALA T 213 138.25 -57.52 -10.10
N ASP T 214 138.96 -58.17 -11.01
CA ASP T 214 139.55 -57.47 -12.14
C ASP T 214 139.82 -58.47 -13.25
N TYR T 215 139.25 -58.21 -14.42
CA TYR T 215 139.54 -59.04 -15.59
C TYR T 215 141.02 -58.93 -15.93
N GLY T 216 141.75 -60.04 -15.77
CA GLY T 216 143.17 -60.03 -16.04
C GLY T 216 143.47 -59.88 -17.51
N GLN T 217 144.67 -59.36 -17.78
CA GLN T 217 145.13 -59.19 -19.16
C GLN T 217 145.31 -60.56 -19.78
N LEU T 218 144.41 -60.93 -20.70
CA LEU T 218 144.40 -62.28 -21.24
C LEU T 218 145.21 -62.40 -22.53
N GLY T 219 144.85 -61.62 -23.54
CA GLY T 219 145.59 -61.61 -24.79
C GLY T 219 146.89 -60.84 -24.67
N GLU T 220 147.67 -60.89 -25.75
CA GLU T 220 148.97 -60.22 -25.79
C GLU T 220 149.20 -59.40 -27.05
N TYR T 221 148.40 -59.71 -28.07
CA TYR T 221 148.43 -59.06 -29.39
C TYR T 221 148.62 -60.17 -30.43
N THR T 222 149.43 -59.93 -31.45
CA THR T 222 149.64 -60.92 -32.50
C THR T 222 150.74 -60.56 -33.48
N CYS T 223 150.74 -61.20 -34.64
CA CYS T 223 151.73 -60.92 -35.67
C CYS T 223 151.33 -61.59 -36.96
N ASP T 224 150.33 -62.45 -36.88
CA ASP T 224 149.84 -63.16 -38.06
C ASP T 224 150.97 -63.79 -38.86
N ALA T 225 151.50 -64.87 -38.33
CA ALA T 225 152.56 -65.57 -39.04
C ALA T 225 152.83 -66.89 -38.35
N LYS T 226 153.09 -66.84 -37.05
CA LYS T 226 153.36 -68.06 -36.30
C LYS T 226 152.10 -68.86 -36.07
N CYS T 227 152.16 -69.78 -35.12
CA CYS T 227 151.00 -70.64 -34.83
C CYS T 227 150.96 -71.02 -33.35
N ASP T 228 151.11 -70.02 -32.48
CA ASP T 228 151.07 -70.21 -31.04
C ASP T 228 151.05 -68.84 -30.37
N ALA T 229 150.16 -68.68 -29.39
CA ALA T 229 150.04 -67.45 -28.64
C ALA T 229 150.78 -67.56 -27.31
N GLU T 230 150.59 -66.58 -26.45
CA GLU T 230 151.19 -66.57 -25.12
C GLU T 230 150.10 -66.33 -24.08
N PHE T 231 150.30 -66.88 -22.89
CA PHE T 231 149.29 -66.82 -21.85
C PHE T 231 149.16 -65.40 -21.29
N GLY T 232 148.09 -65.21 -20.51
CA GLY T 232 147.86 -63.96 -19.82
C GLY T 232 147.43 -64.20 -18.39
N GLU T 233 147.40 -63.12 -17.62
CA GLU T 233 147.05 -63.22 -16.22
C GLU T 233 145.54 -63.39 -16.06
N PRO T 234 145.09 -64.22 -15.12
CA PRO T 234 143.65 -64.44 -14.94
C PRO T 234 143.04 -63.48 -13.93
N GLY T 235 141.71 -63.53 -13.78
CA GLY T 235 141.01 -62.69 -12.84
C GLY T 235 140.66 -63.41 -11.56
N ASN T 236 139.90 -62.72 -10.72
CA ASN T 236 139.48 -63.24 -9.43
C ASN T 236 137.97 -63.14 -9.29
N ILE T 237 137.42 -63.91 -8.35
CA ILE T 237 135.99 -64.04 -8.16
C ILE T 237 135.54 -63.47 -6.83
N ARG T 238 136.13 -63.94 -5.73
CA ARG T 238 135.85 -63.46 -4.37
C ARG T 238 134.36 -63.58 -4.04
N HIS T 239 133.90 -64.83 -3.98
CA HIS T 239 132.52 -65.11 -3.62
C HIS T 239 132.27 -64.79 -2.15
N LEU T 240 131.96 -63.53 -1.86
CA LEU T 240 131.80 -63.07 -0.48
C LEU T 240 130.33 -63.02 -0.09
N GLU T 241 130.10 -62.88 1.22
CA GLU T 241 128.78 -62.99 1.79
C GLU T 241 128.55 -61.86 2.76
N GLY T 242 127.36 -61.86 3.37
CA GLY T 242 126.97 -60.86 4.34
C GLY T 242 125.68 -61.21 5.06
N LYS T 243 125.60 -60.86 6.34
CA LYS T 243 124.42 -61.12 7.14
C LYS T 243 123.49 -59.91 7.10
N THR T 244 122.43 -59.94 7.90
CA THR T 244 121.47 -58.85 7.96
C THR T 244 120.78 -58.88 9.33
N TYR T 245 120.31 -57.71 9.74
CA TYR T 245 119.79 -57.50 11.10
C TYR T 245 118.27 -57.38 11.09
N ASP T 246 117.71 -57.41 12.30
CA ASP T 246 116.27 -57.44 12.51
C ASP T 246 115.82 -56.22 13.30
N TYR T 247 114.51 -56.20 13.59
CA TYR T 247 113.87 -55.14 14.34
C TYR T 247 112.61 -55.72 14.95
N ARG T 248 112.35 -55.38 16.21
CA ARG T 248 111.15 -55.91 16.85
C ARG T 248 110.75 -55.00 18.00
N GLY T 249 109.55 -55.23 18.51
CA GLY T 249 109.01 -54.36 19.54
C GLY T 249 107.71 -54.93 20.09
N VAL T 250 107.30 -54.37 21.24
CA VAL T 250 106.09 -54.79 21.93
C VAL T 250 105.35 -53.56 22.43
N PHE T 251 104.07 -53.75 22.75
CA PHE T 251 103.26 -52.67 23.29
C PHE T 251 101.96 -53.24 23.86
N CYS T 252 101.41 -52.54 24.84
CA CYS T 252 100.23 -52.96 25.58
C CYS T 252 98.97 -52.30 25.02
N PHE T 253 97.83 -52.83 25.45
CA PHE T 253 96.52 -52.27 25.14
C PHE T 253 95.52 -52.79 26.16
N ASN T 254 94.46 -52.03 26.35
CA ASN T 254 93.30 -52.54 27.07
C ASN T 254 92.37 -53.22 26.07
N ARG T 255 91.30 -53.82 26.57
CA ARG T 255 90.30 -54.44 25.72
C ARG T 255 89.09 -53.53 25.49
N LYS T 256 88.51 -53.00 26.57
CA LYS T 256 87.41 -52.07 26.43
C LYS T 256 87.86 -50.79 25.74
N ASN T 257 89.05 -50.28 26.10
CA ASN T 257 89.58 -49.08 25.46
C ASN T 257 89.77 -49.24 23.96
N LEU T 258 89.65 -50.46 23.44
CA LEU T 258 89.74 -50.67 22.00
C LEU T 258 88.38 -50.61 21.33
N GLN T 259 87.30 -50.94 22.04
CA GLN T 259 85.97 -50.93 21.45
C GLN T 259 85.43 -49.51 21.33
N GLU T 260 85.31 -48.81 22.45
CA GLU T 260 84.87 -47.43 22.46
C GLU T 260 86.04 -46.53 22.05
N ALA T 261 85.90 -45.21 22.24
CA ALA T 261 86.92 -44.25 21.81
C ALA T 261 87.13 -44.37 20.30
N ASN T 262 86.08 -43.96 19.57
CA ASN T 262 85.83 -44.29 18.16
C ASN T 262 87.08 -44.41 17.29
N TYR T 263 88.04 -43.51 17.43
CA TYR T 263 89.26 -43.58 16.64
C TYR T 263 89.94 -44.93 16.79
N ASP T 264 90.52 -45.41 15.69
CA ASP T 264 91.14 -46.74 15.66
C ASP T 264 92.61 -46.60 16.04
N PHE T 265 92.95 -47.00 17.26
CA PHE T 265 94.34 -46.94 17.70
C PHE T 265 95.21 -48.00 17.03
N LEU T 266 94.61 -49.14 16.66
CA LEU T 266 95.41 -50.28 16.19
C LEU T 266 96.13 -49.96 14.89
N SER T 267 95.39 -49.48 13.88
CA SER T 267 96.01 -49.13 12.61
C SER T 267 97.01 -47.99 12.79
N PHE T 268 96.72 -47.07 13.71
CA PHE T 268 97.66 -45.98 13.98
C PHE T 268 98.97 -46.52 14.54
N MET T 269 98.91 -47.51 15.41
CA MET T 269 100.13 -48.11 15.94
C MET T 269 100.89 -48.87 14.86
N ILE T 270 100.15 -49.57 13.99
CA ILE T 270 100.78 -50.19 12.82
C ILE T 270 101.57 -49.16 12.04
N GLY T 271 100.94 -48.01 11.79
CA GLY T 271 101.61 -46.95 11.04
C GLY T 271 102.82 -46.40 11.76
N ALA T 272 102.65 -46.00 13.03
CA ALA T 272 103.78 -45.54 13.83
C ALA T 272 104.50 -46.69 14.50
N ALA T 273 104.63 -47.79 13.79
CA ALA T 273 105.68 -48.77 13.94
C ALA T 273 106.45 -48.95 12.65
N GLN T 274 105.73 -49.04 11.52
CA GLN T 274 106.41 -49.04 10.23
C GLN T 274 107.22 -47.77 10.03
N ARG T 275 106.70 -46.63 10.48
CA ARG T 275 107.39 -45.36 10.30
C ARG T 275 108.68 -45.31 11.12
N SER T 276 108.62 -45.76 12.36
CA SER T 276 109.82 -45.78 13.19
C SER T 276 110.85 -46.75 12.63
N HIS T 277 110.40 -47.93 12.18
CA HIS T 277 111.32 -48.87 11.54
C HIS T 277 111.97 -48.26 10.32
N ARG T 278 111.19 -47.51 9.53
CA ARG T 278 111.71 -46.91 8.31
C ARG T 278 112.76 -45.85 8.62
N ILE T 279 112.47 -44.95 9.58
CA ILE T 279 113.43 -43.91 9.89
C ILE T 279 114.69 -44.51 10.52
N ASN T 280 114.55 -45.58 11.30
CA ASN T 280 115.73 -46.20 11.88
C ASN T 280 116.56 -46.89 10.81
N ARG T 281 115.90 -47.54 9.84
CA ARG T 281 116.62 -48.11 8.70
C ARG T 281 117.38 -47.04 7.94
N ASN T 282 116.73 -45.89 7.70
CA ASN T 282 117.40 -44.79 7.01
C ASN T 282 118.62 -44.32 7.77
N GLN T 283 118.46 -44.11 9.09
CA GLN T 283 119.58 -43.68 9.91
C GLN T 283 120.72 -44.70 9.88
N ALA T 284 120.38 -45.99 9.93
CA ALA T 284 121.39 -47.03 9.99
C ALA T 284 122.18 -47.11 8.68
N LEU T 285 121.47 -47.28 7.56
CA LEU T 285 122.16 -47.44 6.28
C LEU T 285 123.14 -46.30 5.99
N MET T 286 123.04 -45.19 6.71
CA MET T 286 123.99 -44.11 6.58
C MET T 286 125.07 -44.17 7.65
N ILE T 287 124.69 -44.27 8.92
CA ILE T 287 125.66 -44.24 10.02
C ILE T 287 125.47 -45.44 10.94
N GLY T 288 125.11 -46.59 10.37
CA GLY T 288 124.86 -47.79 11.15
C GLY T 288 126.13 -48.48 11.58
N LYS T 289 126.73 -47.96 12.65
CA LYS T 289 128.08 -48.32 13.07
C LYS T 289 128.17 -49.75 13.60
N GLY T 290 128.47 -50.69 12.71
CA GLY T 290 128.92 -52.01 13.12
C GLY T 290 127.96 -52.89 13.87
N VAL T 291 128.20 -53.08 15.17
CA VAL T 291 127.50 -54.05 16.00
C VAL T 291 125.99 -53.88 15.88
N ASN T 292 125.32 -54.97 15.48
CA ASN T 292 123.88 -55.02 15.21
C ASN T 292 123.40 -53.76 14.51
N GLU T 293 124.19 -53.27 13.56
CA GLU T 293 123.92 -52.04 12.82
C GLU T 293 124.42 -52.21 11.39
N PRO T 294 123.54 -52.22 10.39
CA PRO T 294 124.01 -52.34 9.00
C PRO T 294 125.03 -51.26 8.70
N LYS T 295 126.21 -51.68 8.22
CA LYS T 295 127.36 -50.77 8.20
C LYS T 295 127.09 -49.59 7.28
N GLY T 296 126.84 -48.42 7.89
CA GLY T 296 126.60 -47.23 7.09
C GLY T 296 127.82 -46.84 6.30
N TRP T 297 127.60 -46.45 5.04
CA TRP T 297 128.70 -46.09 4.16
C TRP T 297 129.41 -44.82 4.59
N LEU T 298 128.84 -44.06 5.52
CA LEU T 298 129.55 -42.89 6.04
C LEU T 298 130.75 -43.31 6.89
N THR T 299 130.54 -44.27 7.79
CA THR T 299 131.61 -44.71 8.68
C THR T 299 132.51 -45.77 8.05
N GLU T 300 132.08 -46.38 6.93
CA GLU T 300 132.94 -47.34 6.26
C GLU T 300 134.22 -46.67 5.75
N ASN T 301 134.09 -45.45 5.23
CA ASN T 301 135.21 -44.60 4.84
C ASN T 301 136.07 -45.21 3.73
N CYS T 302 135.60 -46.27 3.06
CA CYS T 302 136.34 -46.80 1.92
C CYS T 302 136.04 -46.05 0.63
N PHE T 303 135.19 -45.04 0.69
CA PHE T 303 134.97 -44.19 -0.48
C PHE T 303 136.15 -43.24 -0.66
N PRO T 304 136.63 -43.06 -1.89
CA PRO T 304 137.65 -42.04 -2.14
C PRO T 304 137.16 -40.67 -1.67
N VAL T 305 138.05 -39.92 -1.04
CA VAL T 305 137.68 -38.66 -0.40
C VAL T 305 138.62 -37.56 -0.89
N PHE T 306 138.04 -36.39 -1.15
CA PHE T 306 138.80 -35.19 -1.46
C PHE T 306 138.48 -34.13 -0.42
N GLN T 307 139.36 -33.13 -0.31
CA GLN T 307 139.20 -32.10 0.70
C GLN T 307 139.52 -30.74 0.10
N THR T 308 138.83 -29.72 0.61
CA THR T 308 139.12 -28.36 0.20
C THR T 308 140.40 -27.86 0.86
N LEU T 309 141.01 -26.89 0.23
CA LEU T 309 142.23 -26.29 0.73
C LEU T 309 141.92 -25.05 1.58
N PRO T 310 142.71 -24.79 2.61
CA PRO T 310 142.51 -23.57 3.40
C PRO T 310 142.98 -22.36 2.61
N VAL T 311 142.60 -21.19 3.12
CA VAL T 311 142.95 -19.92 2.49
C VAL T 311 143.70 -19.07 3.51
N ASP T 312 144.78 -18.45 3.07
CA ASP T 312 145.63 -17.64 3.95
C ASP T 312 145.11 -16.22 3.96
N VAL T 313 144.00 -16.01 4.66
CA VAL T 313 143.47 -14.68 4.88
C VAL T 313 144.28 -14.01 5.99
N ASN T 314 144.80 -12.81 5.70
CA ASN T 314 145.73 -12.08 6.57
C ASN T 314 146.70 -13.01 7.29
N GLY T 315 147.26 -13.95 6.53
CA GLY T 315 148.29 -14.84 7.02
C GLY T 315 147.86 -15.74 8.16
N THR T 316 146.84 -16.56 7.93
CA THR T 316 146.42 -17.56 8.92
C THR T 316 146.20 -18.95 8.34
N SER T 317 146.00 -19.10 7.03
CA SER T 317 145.75 -20.40 6.40
C SER T 317 144.59 -21.12 7.07
N THR T 318 143.50 -20.38 7.29
CA THR T 318 142.33 -20.98 7.92
C THR T 318 141.52 -21.79 6.92
N PRO T 319 140.92 -22.89 7.36
CA PRO T 319 140.05 -23.66 6.47
C PRO T 319 138.85 -22.83 6.05
N ALA T 320 138.43 -23.04 4.81
CA ALA T 320 137.27 -22.34 4.26
C ALA T 320 136.73 -23.18 3.11
N PHE T 321 135.75 -22.64 2.38
CA PHE T 321 135.12 -23.38 1.31
C PHE T 321 134.51 -22.40 0.32
N LEU T 322 135.09 -22.31 -0.88
CA LEU T 322 134.55 -21.51 -1.96
C LEU T 322 133.96 -22.41 -3.02
N ALA T 323 133.23 -21.79 -3.96
CA ALA T 323 132.52 -22.56 -4.98
C ALA T 323 133.48 -23.33 -5.88
N GLN T 324 134.73 -22.86 -6.01
CA GLN T 324 135.69 -23.57 -6.85
C GLN T 324 135.94 -24.97 -6.34
N ASP T 325 135.92 -25.15 -5.02
CA ASP T 325 136.12 -26.48 -4.45
C ASP T 325 135.00 -27.43 -4.87
N TRP T 326 133.80 -26.87 -4.94
CA TRP T 326 132.69 -27.67 -5.36
C TRP T 326 132.98 -28.11 -6.74
N ARG T 327 133.12 -27.14 -7.61
CA ARG T 327 133.33 -27.46 -8.99
C ARG T 327 134.28 -28.58 -9.07
N ARG T 328 135.46 -28.34 -8.57
CA ARG T 328 136.45 -29.40 -8.79
C ARG T 328 135.94 -30.74 -8.29
N PHE T 329 135.26 -30.75 -7.14
CA PHE T 329 134.75 -32.02 -6.60
C PHE T 329 133.74 -32.67 -7.53
N VAL T 330 132.93 -31.87 -8.22
CA VAL T 330 131.94 -32.46 -9.10
C VAL T 330 132.53 -32.77 -10.47
N THR T 331 133.43 -31.91 -10.96
CA THR T 331 134.01 -32.14 -12.29
C THR T 331 135.02 -33.28 -12.29
N SER T 332 135.68 -33.53 -11.15
CA SER T 332 136.72 -34.55 -11.11
C SER T 332 136.17 -35.97 -11.20
N PHE T 333 134.86 -36.16 -11.17
CA PHE T 333 134.30 -37.50 -11.18
C PHE T 333 134.45 -38.12 -12.57
N PRO T 334 134.92 -39.37 -12.66
CA PRO T 334 134.99 -40.04 -13.96
C PRO T 334 133.60 -40.42 -14.47
N ALA T 335 133.13 -39.72 -15.51
CA ALA T 335 131.79 -39.94 -16.03
C ALA T 335 131.57 -41.35 -16.55
N GLU T 336 132.63 -42.14 -16.72
CA GLU T 336 132.47 -43.52 -17.17
C GLU T 336 131.62 -44.35 -16.21
N TYR T 337 131.54 -43.96 -14.93
CA TYR T 337 130.70 -44.69 -13.98
C TYR T 337 129.22 -44.53 -14.28
N GLY T 338 128.84 -43.54 -15.05
CA GLY T 338 127.45 -43.21 -15.26
C GLY T 338 127.02 -42.03 -14.41
N GLU T 339 125.72 -41.77 -14.42
CA GLU T 339 125.16 -40.71 -13.60
C GLU T 339 125.33 -41.06 -12.13
N ALA T 340 126.07 -40.24 -11.39
CA ALA T 340 126.31 -40.45 -9.97
C ALA T 340 125.64 -39.33 -9.18
N ARG T 341 124.79 -39.72 -8.23
CA ARG T 341 123.93 -38.78 -7.53
C ARG T 341 124.65 -38.16 -6.34
N SER T 342 124.45 -36.85 -6.16
CA SER T 342 125.12 -36.09 -5.11
C SER T 342 124.12 -35.68 -4.04
N VAL T 343 124.51 -35.84 -2.78
CA VAL T 343 123.67 -35.51 -1.64
C VAL T 343 124.47 -34.71 -0.62
N MET T 344 123.73 -33.92 0.17
CA MET T 344 124.29 -33.00 1.16
C MET T 344 123.14 -32.49 2.01
N HIS T 345 123.46 -31.65 3.00
CA HIS T 345 122.48 -31.02 3.86
C HIS T 345 122.04 -29.69 3.26
N GLN T 346 120.81 -29.28 3.59
CA GLN T 346 120.30 -28.02 3.04
C GLN T 346 121.00 -26.80 3.61
N ASN T 347 121.66 -26.94 4.77
CA ASN T 347 122.53 -25.86 5.23
C ASN T 347 123.69 -25.66 4.28
N VAL T 348 124.28 -26.76 3.80
CA VAL T 348 125.31 -26.68 2.77
C VAL T 348 124.77 -25.93 1.56
N PHE T 349 123.63 -26.40 1.04
CA PHE T 349 123.02 -25.78 -0.14
C PHE T 349 122.76 -24.30 0.09
N GLY T 350 122.37 -23.93 1.31
CA GLY T 350 122.12 -22.53 1.61
C GLY T 350 123.39 -21.71 1.61
N TYR T 351 124.47 -22.24 2.20
CA TYR T 351 125.73 -21.51 2.14
C TYR T 351 126.24 -21.42 0.72
N LEU T 352 125.91 -22.39 -0.13
CA LEU T 352 126.19 -22.26 -1.56
C LEU T 352 125.40 -21.11 -2.15
N ALA T 353 124.12 -21.00 -1.78
CA ALA T 353 123.28 -19.91 -2.27
C ALA T 353 123.79 -18.55 -1.83
N ALA T 354 124.46 -18.48 -0.67
CA ALA T 354 124.89 -17.22 -0.09
C ALA T 354 126.27 -16.78 -0.58
N MET T 355 126.69 -17.21 -1.76
CA MET T 355 128.00 -16.85 -2.28
C MET T 355 127.89 -15.62 -3.16
N VAL T 356 128.92 -14.77 -3.09
CA VAL T 356 128.90 -13.46 -3.74
C VAL T 356 130.27 -13.20 -4.35
N ASP T 357 130.27 -12.51 -5.49
CA ASP T 357 131.51 -12.18 -6.18
C ASP T 357 132.12 -10.90 -5.62
N ALA T 358 133.18 -10.42 -6.27
CA ALA T 358 133.76 -9.15 -5.88
C ALA T 358 132.89 -7.98 -6.32
N ASN T 359 132.09 -8.16 -7.37
CA ASN T 359 131.19 -7.12 -7.84
C ASN T 359 130.00 -6.90 -6.93
N GLY T 360 129.68 -7.93 -6.15
CA GLY T 360 128.50 -7.86 -5.32
C GLY T 360 127.42 -8.77 -5.86
N ARG T 361 127.52 -9.05 -7.16
CA ARG T 361 126.49 -9.85 -7.79
C ARG T 361 126.72 -11.29 -7.48
N PHE T 362 125.77 -11.93 -6.83
CA PHE T 362 126.02 -13.28 -6.45
C PHE T 362 126.24 -14.12 -7.68
N LEU T 363 126.64 -15.36 -7.48
CA LEU T 363 126.94 -16.19 -8.63
C LEU T 363 125.78 -16.89 -9.22
N PHE T 364 125.05 -17.62 -8.43
CA PHE T 364 123.97 -18.45 -8.94
C PHE T 364 122.68 -17.73 -9.28
N GLY T 365 121.88 -18.30 -10.18
CA GLY T 365 120.63 -17.73 -10.64
C GLY T 365 120.80 -16.23 -10.81
N ASP T 366 121.57 -15.83 -11.83
CA ASP T 366 122.25 -14.54 -11.78
C ASP T 366 121.26 -13.39 -11.62
N GLY T 367 121.22 -12.84 -10.41
CA GLY T 367 120.28 -11.81 -10.03
C GLY T 367 118.83 -12.15 -10.26
N ASP T 368 118.55 -13.43 -10.56
CA ASP T 368 117.19 -13.87 -10.87
C ASP T 368 116.54 -14.52 -9.69
N LEU T 369 115.73 -13.75 -8.99
CA LEU T 369 115.14 -14.29 -7.78
C LEU T 369 114.25 -15.47 -8.05
N THR T 370 114.74 -16.66 -7.79
CA THR T 370 113.96 -17.87 -7.94
C THR T 370 114.91 -19.01 -7.74
N PHE T 371 116.01 -18.76 -7.04
CA PHE T 371 117.04 -19.79 -6.82
C PHE T 371 116.42 -21.17 -6.74
N THR T 372 115.62 -21.42 -5.71
CA THR T 372 114.90 -22.70 -5.53
C THR T 372 115.68 -23.98 -5.64
N PRO T 373 115.67 -24.77 -4.58
CA PRO T 373 116.32 -26.07 -4.71
C PRO T 373 115.44 -26.88 -5.63
N ASP T 374 115.39 -26.49 -6.90
CA ASP T 374 114.61 -27.31 -7.82
C ASP T 374 114.90 -28.79 -7.63
N LEU T 375 116.17 -29.18 -7.68
CA LEU T 375 116.67 -30.50 -7.30
C LEU T 375 115.98 -31.64 -8.03
N VAL T 376 115.24 -31.34 -9.11
CA VAL T 376 114.25 -32.28 -9.64
C VAL T 376 114.86 -33.67 -9.82
N ARG T 377 115.86 -33.79 -10.71
CA ARG T 377 116.58 -35.05 -10.84
C ARG T 377 118.09 -34.88 -11.00
N GLU T 378 118.57 -33.71 -11.41
CA GLU T 378 120.00 -33.52 -11.63
C GLU T 378 120.73 -33.38 -10.28
N ARG T 379 122.03 -33.09 -10.35
CA ARG T 379 122.93 -33.26 -9.22
C ARG T 379 122.80 -32.10 -8.25
N ILE T 380 121.66 -32.07 -7.57
CA ILE T 380 121.45 -31.35 -6.32
C ILE T 380 120.37 -32.11 -5.54
N ARG T 381 120.67 -32.44 -4.29
CA ARG T 381 119.75 -33.23 -3.49
C ARG T 381 120.07 -32.99 -2.02
N ILE T 382 119.03 -33.05 -1.19
CA ILE T 382 119.11 -32.59 0.19
C ILE T 382 118.51 -33.63 1.11
N SER T 383 119.20 -33.92 2.21
CA SER T 383 118.63 -34.67 3.32
C SER T 383 119.09 -34.02 4.62
N ASN T 384 118.13 -33.62 5.46
CA ASN T 384 118.47 -32.90 6.68
C ASN T 384 118.93 -33.84 7.79
N CYS T 385 118.64 -35.14 7.69
CA CYS T 385 119.18 -36.11 8.63
C CYS T 385 120.60 -36.53 8.30
N LEU T 386 121.30 -35.74 7.49
CA LEU T 386 122.73 -35.85 7.21
C LEU T 386 123.52 -34.88 8.09
N PRO T 387 124.81 -35.09 8.26
CA PRO T 387 125.61 -34.16 9.08
C PRO T 387 125.95 -32.91 8.30
N ASP T 388 125.71 -31.75 8.92
CA ASP T 388 126.10 -30.57 8.17
C ASP T 388 127.42 -30.01 8.70
N PRO T 389 128.30 -29.53 7.81
CA PRO T 389 129.52 -28.85 8.26
C PRO T 389 129.31 -27.40 8.65
N THR T 390 128.08 -26.90 8.57
CA THR T 390 127.76 -25.55 9.01
C THR T 390 127.44 -25.49 10.50
N GLU T 391 127.46 -26.62 11.19
CA GLU T 391 127.13 -26.70 12.61
C GLU T 391 125.78 -26.01 12.87
N GLY T 392 124.75 -26.56 12.26
CA GLY T 392 123.48 -25.86 12.20
C GLY T 392 123.59 -24.72 11.21
N ASN T 393 123.64 -23.49 11.73
CA ASN T 393 123.92 -22.32 10.91
C ASN T 393 124.77 -21.36 11.72
N THR T 394 124.90 -20.12 11.23
CA THR T 394 125.71 -19.06 11.84
C THR T 394 127.02 -19.57 12.42
N LYS T 395 127.67 -20.48 11.68
CA LYS T 395 128.92 -21.08 12.11
C LYS T 395 129.63 -21.57 10.86
N GLY T 396 130.92 -21.30 10.76
CA GLY T 396 131.67 -21.73 9.60
C GLY T 396 131.07 -21.18 8.33
N GLY T 397 131.68 -20.13 7.79
CA GLY T 397 131.09 -19.38 6.73
C GLY T 397 130.43 -18.17 7.31
N THR T 398 129.92 -18.32 8.53
CA THR T 398 129.29 -17.21 9.18
C THR T 398 130.27 -16.07 9.20
N GLY T 399 129.79 -14.85 9.08
CA GLY T 399 130.74 -13.74 9.22
C GLY T 399 131.66 -13.92 10.41
N GLN T 400 131.18 -14.58 11.45
CA GLN T 400 131.95 -14.84 12.66
C GLN T 400 132.71 -16.16 12.49
N ASP T 401 133.14 -16.76 13.61
CA ASP T 401 134.21 -17.76 13.66
C ASP T 401 134.20 -18.76 12.50
N ALA T 402 135.40 -19.12 12.07
CA ALA T 402 135.62 -19.85 10.82
C ALA T 402 135.13 -21.29 10.93
N PHE T 403 135.39 -22.05 9.86
CA PHE T 403 134.91 -23.42 9.71
C PHE T 403 135.66 -24.36 10.65
N ALA T 404 135.22 -25.62 10.63
CA ALA T 404 135.88 -26.71 11.36
C ALA T 404 136.44 -27.71 10.36
N ALA T 405 137.73 -28.00 10.49
CA ALA T 405 138.39 -28.89 9.54
C ALA T 405 137.91 -30.33 9.71
N GLY T 406 138.24 -31.15 8.72
CA GLY T 406 137.88 -32.55 8.73
C GLY T 406 136.38 -32.83 8.77
N SER T 407 135.58 -31.81 8.51
CA SER T 407 134.13 -31.95 8.56
C SER T 407 133.59 -32.49 7.24
N PHE T 408 132.61 -33.36 7.33
CA PHE T 408 131.98 -33.92 6.14
C PHE T 408 131.22 -32.83 5.39
N VAL T 409 131.29 -32.88 4.06
CA VAL T 409 130.67 -31.85 3.23
C VAL T 409 129.51 -32.42 2.43
N ALA T 410 129.81 -33.40 1.57
CA ALA T 410 128.79 -33.95 0.68
C ALA T 410 129.31 -35.27 0.11
N ALA T 411 128.41 -35.99 -0.55
CA ALA T 411 128.77 -37.27 -1.17
C ALA T 411 128.24 -37.30 -2.60
N GLN T 412 128.88 -38.11 -3.44
CA GLN T 412 128.41 -38.33 -4.80
C GLN T 412 128.70 -39.76 -5.20
N ALA T 413 127.63 -40.53 -5.43
CA ALA T 413 127.76 -41.93 -5.81
C ALA T 413 126.57 -42.36 -6.62
N ALA T 414 126.81 -43.26 -7.57
CA ALA T 414 125.73 -43.93 -8.29
C ALA T 414 125.21 -45.05 -7.39
N TRP T 415 124.36 -44.64 -6.43
CA TRP T 415 123.94 -45.54 -5.37
C TRP T 415 123.26 -46.79 -5.89
N LYS T 416 122.72 -46.77 -7.11
CA LYS T 416 122.18 -47.99 -7.69
C LYS T 416 123.25 -49.05 -7.93
N THR T 417 124.53 -48.68 -7.83
CA THR T 417 125.61 -49.66 -7.90
C THR T 417 126.70 -49.43 -6.87
N ALA T 418 126.59 -48.40 -6.03
CA ALA T 418 127.60 -48.12 -5.02
C ALA T 418 127.24 -48.70 -3.66
N PHE T 419 125.94 -48.81 -3.34
CA PHE T 419 125.49 -49.33 -2.06
C PHE T 419 124.19 -50.08 -2.27
N TYR T 420 124.04 -51.21 -1.59
CA TYR T 420 122.86 -52.05 -1.76
C TYR T 420 122.10 -52.16 -0.45
N ALA T 421 120.77 -52.04 -0.55
CA ALA T 421 119.85 -52.19 0.57
C ALA T 421 119.06 -53.47 0.37
N VAL T 422 119.05 -54.33 1.40
CA VAL T 422 118.48 -55.66 1.32
C VAL T 422 117.31 -55.74 2.28
N GLU T 423 116.21 -56.31 1.81
CA GLU T 423 115.00 -56.52 2.62
C GLU T 423 114.63 -57.99 2.58
N LYS T 424 114.32 -58.56 3.74
CA LYS T 424 113.99 -59.98 3.81
C LYS T 424 112.51 -60.24 4.03
N ARG T 425 111.92 -59.61 5.03
CA ARG T 425 110.53 -59.88 5.38
C ARG T 425 109.87 -58.59 5.86
N PRO T 426 108.81 -58.13 5.20
CA PRO T 426 108.12 -56.92 5.66
C PRO T 426 107.63 -57.07 7.09
N MET T 427 107.49 -55.93 7.76
CA MET T 427 107.11 -55.92 9.17
C MET T 427 105.81 -56.68 9.38
N PHE T 428 105.71 -57.35 10.53
CA PHE T 428 104.56 -58.15 10.89
C PHE T 428 104.23 -57.91 12.36
N PHE T 429 102.94 -57.87 12.65
CA PHE T 429 102.41 -57.74 14.00
C PHE T 429 101.68 -59.00 14.38
N GLU T 430 101.60 -59.26 15.69
CA GLU T 430 100.85 -60.41 16.18
C GLU T 430 100.56 -60.21 17.67
N GLN T 431 99.37 -60.63 18.07
CA GLN T 431 98.99 -60.56 19.49
C GLN T 431 99.78 -61.60 20.25
N TYR T 432 100.51 -61.16 21.29
CA TYR T 432 101.35 -62.04 22.08
C TYR T 432 100.45 -62.88 22.97
N GLU T 433 99.92 -63.97 22.40
CA GLU T 433 99.17 -64.93 23.17
C GLU T 433 100.06 -65.51 24.27
N GLY T 434 99.54 -65.53 25.50
CA GLY T 434 100.38 -65.78 26.65
C GLY T 434 100.93 -64.47 27.14
N GLY T 435 100.73 -64.15 28.41
CA GLY T 435 100.95 -62.82 28.90
C GLY T 435 99.82 -61.85 28.61
N SER T 436 98.87 -62.25 27.77
CA SER T 436 97.67 -61.48 27.49
C SER T 436 96.50 -62.06 28.27
N SER T 437 95.59 -61.19 28.70
CA SER T 437 94.46 -61.60 29.51
C SER T 437 93.17 -61.06 28.90
N ALA T 438 92.06 -61.29 29.60
CA ALA T 438 90.77 -60.77 29.16
C ALA T 438 90.64 -59.27 29.40
N TRP T 439 91.59 -58.65 30.10
CA TRP T 439 91.55 -57.22 30.36
C TRP T 439 92.71 -56.46 29.74
N CYS T 440 93.79 -57.14 29.37
CA CYS T 440 94.94 -56.51 28.77
C CYS T 440 95.45 -57.36 27.62
N VAL T 441 96.05 -56.71 26.63
CA VAL T 441 96.53 -57.38 25.42
C VAL T 441 97.93 -56.86 25.13
N LYS T 442 98.88 -57.78 24.95
CA LYS T 442 100.25 -57.44 24.62
C LYS T 442 100.54 -57.88 23.20
N TYR T 443 101.22 -57.04 22.43
CA TYR T 443 101.49 -57.32 21.03
C TYR T 443 102.98 -57.47 20.80
N GLN T 444 103.33 -57.84 19.57
CA GLN T 444 104.72 -58.08 19.20
C GLN T 444 104.86 -57.93 17.70
N PHE T 445 105.81 -57.10 17.27
CA PHE T 445 106.04 -56.87 15.85
C PHE T 445 107.53 -57.06 15.54
N GLY T 446 107.82 -57.24 14.26
CA GLY T 446 109.18 -57.52 13.82
C GLY T 446 109.35 -57.38 12.32
N ALA T 447 110.62 -57.36 11.91
CA ALA T 447 111.01 -57.16 10.52
C ALA T 447 112.49 -57.47 10.38
N GLU T 448 112.94 -57.62 9.14
CA GLU T 448 114.31 -58.05 8.84
C GLU T 448 114.83 -57.32 7.62
N ASP T 449 115.89 -56.52 7.81
CA ASP T 449 116.46 -55.79 6.68
C ASP T 449 117.85 -55.28 7.06
N GLY T 450 118.60 -54.90 6.03
CA GLY T 450 119.93 -54.38 6.25
C GLY T 450 120.50 -53.79 4.97
N GLY T 451 121.82 -53.70 4.92
CA GLY T 451 122.47 -53.16 3.73
C GLY T 451 123.96 -53.35 3.81
N PHE T 452 124.62 -53.04 2.69
CA PHE T 452 126.07 -53.13 2.61
C PHE T 452 126.56 -52.21 1.51
N VAL T 453 127.87 -52.00 1.49
CA VAL T 453 128.51 -51.19 0.47
C VAL T 453 128.79 -52.06 -0.75
N GLY T 454 128.49 -51.52 -1.93
CA GLY T 454 128.79 -52.22 -3.15
C GLY T 454 130.20 -51.91 -3.61
N CYS T 455 130.35 -51.44 -4.84
CA CYS T 455 131.64 -51.00 -5.34
C CYS T 455 131.90 -49.60 -4.82
N CYS T 456 132.50 -49.51 -3.62
CA CYS T 456 132.72 -48.22 -2.99
C CYS T 456 133.89 -47.47 -3.62
N GLU T 457 134.39 -47.95 -4.76
CA GLU T 457 135.25 -47.16 -5.62
C GLU T 457 134.46 -46.22 -6.51
N HIS T 458 133.15 -46.42 -6.62
CA HIS T 458 132.33 -45.59 -7.50
C HIS T 458 132.19 -44.19 -6.94
N GLY T 459 131.60 -44.07 -5.75
CA GLY T 459 131.32 -42.77 -5.18
C GLY T 459 132.50 -42.16 -4.46
N ARG T 460 132.37 -40.86 -4.18
CA ARG T 460 133.42 -40.09 -3.52
C ARG T 460 132.79 -39.14 -2.52
N ILE T 461 133.62 -38.67 -1.59
CA ILE T 461 133.19 -37.86 -0.47
C ILE T 461 133.99 -36.57 -0.46
N LEU T 462 133.38 -35.50 0.05
CA LEU T 462 134.04 -34.21 0.20
C LEU T 462 134.20 -33.89 1.68
N GLN T 463 135.36 -33.33 2.03
CA GLN T 463 135.68 -32.99 3.40
C GLN T 463 136.35 -31.62 3.40
N ILE T 464 136.88 -31.23 4.55
CA ILE T 464 137.58 -29.95 4.66
C ILE T 464 139.07 -30.14 4.39
N PRO U 177 59.34 1.08 -24.66
CA PRO U 177 59.78 0.25 -25.78
C PRO U 177 58.73 -0.80 -26.17
N GLN U 178 57.51 -0.35 -26.44
CA GLN U 178 56.38 -1.25 -26.71
C GLN U 178 55.59 -0.75 -27.92
N VAL U 179 56.30 -0.51 -29.04
CA VAL U 179 55.69 0.06 -30.22
C VAL U 179 54.39 -0.65 -30.58
N LEU U 180 53.37 0.14 -30.93
CA LEU U 180 52.05 -0.35 -31.28
C LEU U 180 51.91 -0.48 -32.79
N ALA U 181 50.69 -0.74 -33.23
CA ALA U 181 50.37 -0.84 -34.66
C ALA U 181 49.37 0.23 -35.10
N LEU U 182 49.27 1.33 -34.35
CA LEU U 182 48.37 2.42 -34.68
C LEU U 182 49.14 3.53 -35.39
N GLU U 183 48.56 4.06 -36.46
CA GLU U 183 49.22 5.02 -37.34
C GLU U 183 48.30 6.20 -37.64
N VAL U 184 47.74 6.79 -36.58
CA VAL U 184 46.78 7.87 -36.72
C VAL U 184 47.33 8.97 -37.61
N ASP U 185 46.62 9.25 -38.70
CA ASP U 185 47.07 10.21 -39.71
C ASP U 185 46.36 11.56 -39.58
N CYS U 186 45.03 11.56 -39.64
CA CYS U 186 44.23 12.76 -39.47
C CYS U 186 44.58 13.83 -40.51
N ASN U 187 44.34 13.48 -41.77
CA ASN U 187 44.41 14.43 -42.87
C ASN U 187 43.18 14.26 -43.74
N ILE U 188 42.81 15.33 -44.43
CA ILE U 188 41.49 15.44 -45.02
C ILE U 188 41.59 15.33 -46.54
N GLU U 189 40.54 14.79 -47.14
CA GLU U 189 40.34 14.77 -48.58
C GLU U 189 39.29 15.80 -48.96
N CYS U 190 39.23 16.11 -50.25
CA CYS U 190 38.20 16.99 -50.78
C CYS U 190 37.02 16.16 -51.25
N ALA U 191 36.05 16.83 -51.86
CA ALA U 191 35.09 16.13 -52.71
C ALA U 191 35.70 15.96 -54.10
N SER U 192 35.06 15.13 -54.91
CA SER U 192 35.55 14.83 -56.25
C SER U 192 34.60 15.47 -57.25
N LEU U 193 34.98 16.65 -57.75
CA LEU U 193 34.19 17.34 -58.77
C LEU U 193 34.62 16.89 -60.16
N LEU U 194 34.66 15.58 -60.36
CA LEU U 194 35.12 15.00 -61.61
C LEU U 194 34.04 14.19 -62.31
N ASP U 195 33.34 13.32 -61.59
CA ASP U 195 32.24 12.57 -62.16
C ASP U 195 31.13 13.47 -62.68
N LEU U 196 31.07 14.72 -62.23
CA LEU U 196 30.08 15.65 -62.73
C LEU U 196 30.45 16.15 -64.13
N TYR U 197 31.71 16.51 -64.34
CA TYR U 197 32.14 16.92 -65.67
C TYR U 197 32.03 15.77 -66.64
N GLY U 198 31.99 16.11 -67.93
CA GLY U 198 31.89 15.10 -68.96
C GLY U 198 33.21 14.37 -69.12
N GLN U 199 33.23 13.08 -68.83
CA GLN U 199 34.45 12.29 -68.89
C GLN U 199 34.67 11.79 -70.31
N ILE U 200 35.89 11.96 -70.83
CA ILE U 200 36.22 11.48 -72.16
C ILE U 200 37.66 10.98 -72.17
N GLU U 201 37.92 10.01 -73.04
CA GLU U 201 39.19 9.30 -73.12
C GLU U 201 39.80 9.51 -74.49
N VAL U 202 41.12 9.62 -74.54
CA VAL U 202 41.84 9.82 -75.79
C VAL U 202 43.29 9.42 -75.59
N SER U 203 43.88 8.80 -76.60
CA SER U 203 45.27 8.37 -76.56
C SER U 203 46.22 9.52 -76.91
N ARG U 204 46.02 10.12 -78.08
CA ARG U 204 46.88 11.21 -78.51
C ARG U 204 46.75 12.41 -77.59
N SER U 205 47.78 13.24 -77.57
CA SER U 205 47.83 14.42 -76.71
C SER U 205 47.19 15.64 -77.34
N THR U 206 46.48 15.48 -78.46
CA THR U 206 45.85 16.60 -79.15
C THR U 206 44.54 16.12 -79.75
N PHE U 207 43.44 16.70 -79.29
CA PHE U 207 42.10 16.32 -79.72
C PHE U 207 41.44 17.51 -80.42
N THR U 208 40.41 17.21 -81.21
CA THR U 208 39.70 18.27 -81.94
C THR U 208 38.26 17.83 -82.16
N TYR U 209 37.41 18.81 -82.45
CA TYR U 209 35.97 18.58 -82.51
C TYR U 209 35.32 19.76 -83.23
N MET U 210 34.02 19.63 -83.47
CA MET U 210 33.22 20.63 -84.15
C MET U 210 32.30 21.34 -83.17
N LYS U 211 31.83 22.52 -83.57
CA LYS U 211 30.90 23.32 -82.80
C LYS U 211 30.01 24.12 -83.74
N ILE U 212 28.75 24.26 -83.35
CA ILE U 212 27.77 25.03 -84.13
C ILE U 212 27.66 26.41 -83.49
N ALA U 213 28.13 27.44 -84.21
CA ALA U 213 28.01 28.81 -83.70
C ALA U 213 26.55 29.21 -83.57
N ASP U 214 25.83 29.23 -84.69
CA ASP U 214 24.40 29.54 -84.69
C ASP U 214 23.82 29.13 -86.04
N TYR U 215 22.62 28.54 -86.01
CA TYR U 215 22.00 28.08 -87.24
C TYR U 215 21.75 29.22 -88.21
N GLY U 216 21.33 30.37 -87.70
CA GLY U 216 21.03 31.51 -88.53
C GLY U 216 19.67 31.41 -89.20
N GLN U 217 19.22 32.54 -89.74
CA GLN U 217 17.91 32.61 -90.37
C GLN U 217 17.98 32.15 -91.82
N LEU U 218 16.97 31.41 -92.23
CA LEU U 218 16.99 30.84 -93.56
C LEU U 218 15.62 30.98 -94.17
N GLY U 219 15.25 32.19 -94.58
CA GLY U 219 13.98 32.39 -95.23
C GLY U 219 13.24 33.54 -94.60
N GLU U 220 12.10 33.90 -95.17
CA GLU U 220 11.38 35.05 -94.68
C GLU U 220 9.94 35.03 -95.15
N TYR U 221 9.12 35.85 -94.53
CA TYR U 221 7.72 35.93 -94.94
C TYR U 221 7.58 36.86 -96.15
N THR U 222 7.69 36.31 -97.35
CA THR U 222 7.49 37.10 -98.55
C THR U 222 6.01 37.33 -98.80
N CYS U 223 5.70 38.16 -99.79
CA CYS U 223 4.33 38.37 -100.20
C CYS U 223 3.96 37.38 -101.29
N ASP U 224 2.64 37.21 -101.49
CA ASP U 224 2.18 36.26 -102.48
C ASP U 224 2.35 36.84 -103.89
N ALA U 225 2.20 35.97 -104.88
CA ALA U 225 2.31 36.32 -106.30
C ALA U 225 3.66 36.96 -106.60
N LYS U 226 4.72 36.23 -106.31
CA LYS U 226 6.08 36.64 -106.67
C LYS U 226 6.93 35.38 -106.84
N CYS U 227 7.17 35.00 -108.09
CA CYS U 227 8.02 33.84 -108.39
C CYS U 227 9.47 34.27 -108.14
N ASP U 228 9.86 34.23 -106.87
CA ASP U 228 11.19 34.66 -106.43
C ASP U 228 11.37 34.16 -105.01
N ALA U 229 12.53 34.44 -104.43
CA ALA U 229 12.86 34.00 -103.07
C ALA U 229 14.06 34.80 -102.60
N GLU U 230 14.59 34.45 -101.43
CA GLU U 230 15.75 35.09 -100.85
C GLU U 230 16.73 34.02 -100.38
N PHE U 231 17.99 34.44 -100.21
CA PHE U 231 19.04 33.52 -99.78
C PHE U 231 19.15 33.44 -98.27
N GLY U 232 18.70 34.46 -97.55
CA GLY U 232 18.75 34.41 -96.10
C GLY U 232 20.17 34.55 -95.59
N GLU U 233 20.53 33.70 -94.64
CA GLU U 233 21.85 33.75 -94.04
C GLU U 233 22.30 32.35 -93.63
N PRO U 234 23.45 31.87 -94.11
CA PRO U 234 23.95 30.58 -93.67
C PRO U 234 24.40 30.63 -92.22
N GLY U 235 24.67 29.44 -91.66
CA GLY U 235 25.10 29.36 -90.29
C GLY U 235 26.60 29.55 -90.14
N ASN U 236 27.21 28.81 -89.21
CA ASN U 236 28.64 28.85 -89.00
C ASN U 236 29.07 27.64 -88.20
N ILE U 237 30.12 26.96 -88.65
CA ILE U 237 30.56 25.69 -88.07
C ILE U 237 32.04 25.84 -87.74
N ARG U 238 32.32 26.09 -86.47
CA ARG U 238 33.72 26.23 -86.04
C ARG U 238 34.29 24.85 -85.72
N HIS U 239 35.61 24.74 -85.83
CA HIS U 239 36.32 23.50 -85.53
C HIS U 239 37.38 23.81 -84.49
N LEU U 240 37.13 23.40 -83.26
CA LEU U 240 38.02 23.70 -82.14
C LEU U 240 38.91 22.50 -81.84
N GLU U 241 39.91 22.75 -81.00
CA GLU U 241 40.84 21.69 -80.60
C GLU U 241 41.44 22.03 -79.26
N GLY U 242 41.99 21.01 -78.61
CA GLY U 242 42.62 21.18 -77.32
C GLY U 242 43.75 20.18 -77.15
N LYS U 243 44.60 20.45 -76.16
CA LYS U 243 45.73 19.60 -75.84
C LYS U 243 45.53 19.00 -74.46
N THR U 244 46.47 18.14 -74.07
CA THR U 244 46.52 17.56 -72.75
C THR U 244 47.71 18.16 -71.99
N TYR U 245 47.92 17.70 -70.77
CA TYR U 245 48.99 18.23 -69.95
C TYR U 245 49.66 17.13 -69.15
N ASP U 246 50.88 17.40 -68.72
CA ASP U 246 51.68 16.50 -67.93
C ASP U 246 51.81 17.02 -66.50
N TYR U 247 52.16 16.12 -65.59
CA TYR U 247 52.30 16.45 -64.18
C TYR U 247 53.27 15.44 -63.59
N ARG U 248 54.49 15.89 -63.30
CA ARG U 248 55.56 15.00 -62.89
C ARG U 248 56.21 15.49 -61.60
N GLY U 249 56.97 14.60 -60.98
CA GLY U 249 57.69 14.91 -59.76
C GLY U 249 58.84 13.95 -59.55
N VAL U 250 59.76 14.35 -58.67
CA VAL U 250 60.91 13.53 -58.31
C VAL U 250 61.18 13.68 -56.83
N PHE U 251 61.91 12.71 -56.27
CA PHE U 251 62.33 12.80 -54.89
C PHE U 251 63.53 11.89 -54.67
N CYS U 252 64.47 12.37 -53.86
CA CYS U 252 65.72 11.67 -53.60
C CYS U 252 65.69 11.01 -52.22
N PHE U 253 66.80 10.36 -51.88
CA PHE U 253 66.97 9.68 -50.61
C PHE U 253 68.48 9.56 -50.33
N ASN U 254 68.84 8.71 -49.37
CA ASN U 254 70.24 8.41 -49.10
C ASN U 254 70.57 6.93 -49.07
N ARG U 255 69.57 6.05 -48.99
CA ARG U 255 69.73 4.60 -49.06
C ARG U 255 70.42 4.06 -47.82
N LYS U 256 70.88 4.95 -46.94
CA LYS U 256 71.35 4.54 -45.63
C LYS U 256 70.24 4.66 -44.58
N ASN U 257 69.39 5.67 -44.73
CA ASN U 257 68.19 5.74 -43.92
C ASN U 257 67.10 4.81 -44.43
N LEU U 258 67.23 4.31 -45.65
CA LEU U 258 66.28 3.37 -46.22
C LEU U 258 66.58 1.94 -45.81
N GLN U 259 67.63 1.72 -45.03
CA GLN U 259 67.94 0.41 -44.48
C GLN U 259 67.77 0.34 -42.97
N GLU U 260 68.01 1.45 -42.27
CA GLU U 260 67.91 1.48 -40.82
C GLU U 260 66.52 1.84 -40.30
N ALA U 261 65.71 2.52 -41.11
CA ALA U 261 64.42 2.99 -40.63
C ALA U 261 63.49 1.85 -40.29
N ASN U 262 62.48 2.16 -39.49
CA ASN U 262 61.45 1.22 -39.07
C ASN U 262 60.15 1.43 -39.83
N TYR U 263 60.25 1.82 -41.09
CA TYR U 263 59.07 2.12 -41.91
C TYR U 263 59.48 2.01 -43.38
N ASP U 264 58.50 2.13 -44.26
CA ASP U 264 58.71 2.08 -45.70
C ASP U 264 58.35 3.46 -46.25
N PHE U 265 59.34 4.35 -46.30
CA PHE U 265 59.10 5.68 -46.83
C PHE U 265 58.76 5.66 -48.30
N LEU U 266 59.11 4.59 -49.02
CA LEU U 266 58.84 4.52 -50.46
C LEU U 266 57.35 4.47 -50.72
N SER U 267 56.66 3.46 -50.15
CA SER U 267 55.22 3.35 -50.36
C SER U 267 54.48 4.56 -49.79
N PHE U 268 54.96 5.11 -48.67
CA PHE U 268 54.38 6.34 -48.14
C PHE U 268 54.47 7.46 -49.16
N MET U 269 55.64 7.62 -49.79
CA MET U 269 55.78 8.66 -50.81
C MET U 269 54.91 8.36 -52.02
N ILE U 270 54.74 7.09 -52.37
CA ILE U 270 53.85 6.74 -53.47
C ILE U 270 52.44 7.21 -53.19
N GLY U 271 51.91 6.86 -52.01
CA GLY U 271 50.57 7.28 -51.64
C GLY U 271 50.44 8.78 -51.56
N ALA U 272 51.43 9.46 -50.97
CA ALA U 272 51.38 10.91 -50.86
C ALA U 272 51.43 11.57 -52.23
N ALA U 273 52.18 10.99 -53.17
CA ALA U 273 52.24 11.55 -54.52
C ALA U 273 50.90 11.37 -55.23
N GLN U 274 50.29 10.19 -55.09
CA GLN U 274 48.97 9.99 -55.69
C GLN U 274 47.94 10.96 -55.11
N ARG U 275 47.99 11.17 -53.79
CA ARG U 275 47.04 12.06 -53.14
C ARG U 275 47.25 13.50 -53.59
N SER U 276 48.51 13.95 -53.61
CA SER U 276 48.81 15.29 -54.09
C SER U 276 48.39 15.46 -55.54
N HIS U 277 48.59 14.43 -56.35
CA HIS U 277 48.16 14.48 -57.73
C HIS U 277 46.65 14.68 -57.83
N ARG U 278 45.88 13.87 -57.08
CA ARG U 278 44.43 14.00 -57.14
C ARG U 278 43.97 15.38 -56.69
N ILE U 279 44.50 15.85 -55.56
CA ILE U 279 44.01 17.12 -55.01
C ILE U 279 44.41 18.28 -55.92
N ASN U 280 45.64 18.26 -56.45
CA ASN U 280 46.06 19.34 -57.33
C ASN U 280 45.30 19.29 -58.65
N ARG U 281 45.00 18.09 -59.14
CA ARG U 281 44.22 17.95 -60.36
C ARG U 281 42.83 18.55 -60.19
N ASN U 282 42.15 18.22 -59.09
CA ASN U 282 40.84 18.78 -58.84
C ASN U 282 40.92 20.29 -58.66
N GLN U 283 41.88 20.76 -57.87
CA GLN U 283 42.02 22.19 -57.62
C GLN U 283 42.25 22.95 -58.91
N ALA U 284 43.16 22.46 -59.75
CA ALA U 284 43.43 23.12 -61.02
C ALA U 284 42.20 23.08 -61.93
N LEU U 285 41.66 21.88 -62.17
CA LEU U 285 40.47 21.75 -63.01
C LEU U 285 39.36 22.69 -62.56
N MET U 286 39.35 23.06 -61.29
CA MET U 286 38.44 24.11 -60.84
C MET U 286 38.97 25.50 -61.14
N ILE U 287 40.28 25.73 -60.97
CA ILE U 287 40.82 27.09 -60.92
C ILE U 287 42.03 27.25 -61.84
N GLY U 288 42.27 26.27 -62.71
CA GLY U 288 43.42 26.28 -63.60
C GLY U 288 43.66 27.58 -64.35
N LYS U 289 44.83 28.16 -64.14
CA LYS U 289 45.15 29.50 -64.66
C LYS U 289 45.81 29.36 -66.03
N GLY U 290 44.98 29.28 -67.06
CA GLY U 290 45.44 29.47 -68.43
C GLY U 290 46.54 28.54 -68.92
N VAL U 291 47.75 29.08 -69.05
CA VAL U 291 48.84 28.40 -69.74
C VAL U 291 49.12 27.06 -69.09
N ASN U 292 49.29 26.03 -69.94
CA ASN U 292 49.70 24.67 -69.55
C ASN U 292 48.82 24.06 -68.46
N GLU U 293 47.62 24.60 -68.26
CA GLU U 293 46.64 24.05 -67.33
C GLU U 293 45.28 24.08 -67.98
N PRO U 294 44.40 23.15 -67.63
CA PRO U 294 43.00 23.28 -68.06
C PRO U 294 42.40 24.52 -67.41
N LYS U 295 41.93 25.44 -68.24
CA LYS U 295 41.43 26.71 -67.72
C LYS U 295 40.26 26.47 -66.77
N GLY U 296 40.50 26.71 -65.48
CA GLY U 296 39.48 26.50 -64.47
C GLY U 296 38.26 27.36 -64.72
N TRP U 297 37.08 26.72 -64.79
CA TRP U 297 35.87 27.43 -65.16
C TRP U 297 35.53 28.55 -64.18
N LEU U 298 36.12 28.56 -62.99
CA LEU U 298 35.93 29.66 -62.07
C LEU U 298 36.59 30.93 -62.60
N THR U 299 37.91 30.90 -62.78
CA THR U 299 38.63 32.05 -63.28
C THR U 299 38.30 32.37 -64.73
N GLU U 300 37.76 31.40 -65.48
CA GLU U 300 37.37 31.66 -66.86
C GLU U 300 36.44 32.86 -66.97
N ASN U 301 35.62 33.09 -65.95
CA ASN U 301 34.78 34.28 -65.83
C ASN U 301 33.82 34.43 -67.01
N CYS U 302 33.56 33.35 -67.73
CA CYS U 302 32.56 33.36 -68.78
C CYS U 302 31.23 32.77 -68.35
N PHE U 303 31.21 32.00 -67.26
CA PHE U 303 29.94 31.62 -66.67
C PHE U 303 29.28 32.85 -66.06
N PRO U 304 27.98 33.04 -66.27
CA PRO U 304 27.30 34.21 -65.70
C PRO U 304 27.30 34.14 -64.18
N VAL U 305 27.60 35.26 -63.54
CA VAL U 305 27.65 35.36 -62.09
C VAL U 305 26.56 36.32 -61.63
N PHE U 306 25.79 35.90 -60.64
CA PHE U 306 24.76 36.73 -60.03
C PHE U 306 25.19 37.09 -58.62
N GLN U 307 25.20 38.39 -58.33
CA GLN U 307 25.56 38.90 -57.01
C GLN U 307 24.29 39.24 -56.23
N THR U 308 24.31 38.95 -54.93
CA THR U 308 23.13 39.19 -54.11
C THR U 308 23.07 40.64 -53.66
N LEU U 309 21.90 41.04 -53.18
CA LEU U 309 21.72 42.41 -52.72
C LEU U 309 22.18 42.54 -51.28
N PRO U 310 22.74 43.70 -50.92
CA PRO U 310 23.05 43.97 -49.52
C PRO U 310 21.77 44.20 -48.73
N VAL U 311 21.91 44.14 -47.41
CA VAL U 311 20.77 44.35 -46.52
C VAL U 311 21.15 45.44 -45.52
N ASP U 312 20.12 46.09 -44.98
CA ASP U 312 20.31 47.16 -44.02
C ASP U 312 20.33 46.58 -42.61
N VAL U 313 21.08 47.25 -41.73
CA VAL U 313 21.02 47.00 -40.29
C VAL U 313 21.44 48.26 -39.57
N ASN U 314 20.56 48.77 -38.70
CA ASN U 314 20.82 49.98 -37.91
C ASN U 314 21.34 51.12 -38.79
N GLY U 315 20.85 51.18 -40.02
CA GLY U 315 21.30 52.15 -41.00
C GLY U 315 22.44 51.65 -41.87
N THR U 316 23.30 50.78 -41.34
CA THR U 316 24.41 50.25 -42.12
C THR U 316 23.91 49.20 -43.12
N SER U 317 24.55 49.14 -44.28
CA SER U 317 24.09 48.32 -45.38
C SER U 317 25.06 47.19 -45.70
N THR U 318 25.54 46.51 -44.67
CA THR U 318 26.47 45.41 -44.87
C THR U 318 25.84 44.31 -45.75
N PRO U 319 26.66 43.58 -46.49
CA PRO U 319 26.11 42.50 -47.32
C PRO U 319 25.75 41.29 -46.46
N ALA U 320 24.92 40.43 -47.05
CA ALA U 320 24.44 39.23 -46.37
C ALA U 320 23.91 38.26 -47.43
N PHE U 321 23.23 37.22 -46.97
CA PHE U 321 22.67 36.22 -47.87
C PHE U 321 21.48 35.56 -47.18
N LEU U 322 20.38 35.40 -47.93
CA LEU U 322 19.13 34.90 -47.39
C LEU U 322 18.67 33.69 -48.18
N ALA U 323 17.92 32.82 -47.51
CA ALA U 323 17.36 31.64 -48.18
C ALA U 323 16.47 32.03 -49.36
N GLN U 324 15.82 33.20 -49.27
CA GLN U 324 15.06 33.71 -50.39
C GLN U 324 15.96 33.87 -51.62
N ASP U 325 17.14 34.47 -51.43
CA ASP U 325 18.07 34.63 -52.54
C ASP U 325 18.53 33.27 -53.07
N TRP U 326 18.71 32.30 -52.18
CA TRP U 326 19.12 30.97 -52.63
C TRP U 326 18.07 30.34 -53.52
N ARG U 327 16.81 30.38 -53.07
CA ARG U 327 15.72 29.84 -53.88
C ARG U 327 15.61 30.59 -55.20
N ARG U 328 15.79 31.92 -55.17
CA ARG U 328 15.77 32.71 -56.38
C ARG U 328 16.83 32.24 -57.37
N PHE U 329 18.06 32.05 -56.89
CA PHE U 329 19.14 31.62 -57.76
C PHE U 329 18.88 30.24 -58.32
N VAL U 330 18.45 29.29 -57.47
CA VAL U 330 18.30 27.92 -57.94
C VAL U 330 17.12 27.81 -58.90
N THR U 331 16.09 28.63 -58.73
CA THR U 331 14.95 28.57 -59.64
C THR U 331 15.17 29.38 -60.91
N SER U 332 16.14 30.29 -60.92
CA SER U 332 16.38 31.13 -62.08
C SER U 332 17.05 30.41 -63.21
N PHE U 333 17.28 29.10 -63.13
CA PHE U 333 17.94 28.41 -64.22
C PHE U 333 16.98 28.23 -65.38
N PRO U 334 17.43 28.42 -66.61
CA PRO U 334 16.57 28.14 -67.77
C PRO U 334 16.21 26.66 -67.84
N ALA U 335 14.93 26.36 -67.64
CA ALA U 335 14.52 24.97 -67.46
C ALA U 335 14.76 24.13 -68.70
N GLU U 336 14.61 24.74 -69.88
CA GLU U 336 14.73 23.98 -71.12
C GLU U 336 16.14 23.48 -71.38
N TYR U 337 17.15 24.06 -70.73
CA TYR U 337 18.51 23.53 -70.83
C TYR U 337 18.55 22.06 -70.40
N GLY U 338 18.08 21.79 -69.19
CA GLY U 338 18.07 20.45 -68.64
C GLY U 338 18.38 20.47 -67.16
N GLU U 339 18.58 19.28 -66.60
CA GLU U 339 18.87 19.16 -65.18
C GLU U 339 20.22 19.78 -64.86
N ALA U 340 20.21 20.79 -63.99
CA ALA U 340 21.42 21.47 -63.55
C ALA U 340 21.55 21.31 -62.05
N ARG U 341 22.58 20.57 -61.61
CA ARG U 341 22.82 20.42 -60.19
C ARG U 341 23.58 21.62 -59.67
N SER U 342 23.89 21.61 -58.37
CA SER U 342 24.55 22.74 -57.73
C SER U 342 25.68 22.22 -56.86
N VAL U 343 26.65 23.10 -56.63
CA VAL U 343 27.82 22.82 -55.80
C VAL U 343 28.00 23.94 -54.79
N MET U 344 28.43 23.58 -53.59
CA MET U 344 28.52 24.49 -52.46
C MET U 344 29.29 23.80 -51.34
N HIS U 345 29.74 24.61 -50.38
CA HIS U 345 30.48 24.11 -49.23
C HIS U 345 29.52 23.72 -48.12
N GLN U 346 29.97 22.79 -47.27
CA GLN U 346 29.16 22.39 -46.11
C GLN U 346 28.92 23.57 -45.19
N ASN U 347 29.85 24.52 -45.13
CA ASN U 347 29.65 25.72 -44.33
C ASN U 347 28.42 26.49 -44.79
N VAL U 348 28.23 26.58 -46.11
CA VAL U 348 27.08 27.31 -46.65
C VAL U 348 25.79 26.59 -46.30
N PHE U 349 25.75 25.28 -46.50
CA PHE U 349 24.55 24.52 -46.18
C PHE U 349 24.22 24.58 -44.70
N GLY U 350 25.24 24.62 -43.84
CA GLY U 350 25.00 24.77 -42.42
C GLY U 350 24.46 26.14 -42.07
N TYR U 351 25.11 27.19 -42.59
CA TYR U 351 24.63 28.55 -42.40
C TYR U 351 23.20 28.71 -42.91
N LEU U 352 22.81 27.91 -43.89
CA LEU U 352 21.45 27.98 -44.43
C LEU U 352 20.47 27.23 -43.53
N ALA U 353 20.76 25.96 -43.21
CA ALA U 353 19.87 25.17 -42.38
C ALA U 353 19.71 25.73 -40.98
N ALA U 354 20.56 26.68 -40.57
CA ALA U 354 20.45 27.33 -39.28
C ALA U 354 19.78 28.69 -39.37
N MET U 355 18.84 28.85 -40.30
CA MET U 355 18.15 30.11 -40.49
C MET U 355 16.95 30.18 -39.56
N VAL U 356 16.81 31.31 -38.87
CA VAL U 356 15.77 31.52 -37.87
C VAL U 356 14.98 32.77 -38.22
N ASP U 357 13.66 32.66 -38.14
CA ASP U 357 12.77 33.76 -38.50
C ASP U 357 12.68 34.76 -37.34
N ALA U 358 11.84 35.79 -37.53
CA ALA U 358 11.59 36.74 -36.46
C ALA U 358 10.88 36.09 -35.28
N ASN U 359 10.08 35.05 -35.54
CA ASN U 359 9.42 34.33 -34.47
C ASN U 359 10.44 33.65 -33.55
N GLY U 360 11.41 32.95 -34.15
CA GLY U 360 12.36 32.16 -33.40
C GLY U 360 12.38 30.74 -33.89
N ARG U 361 11.67 30.48 -34.98
CA ARG U 361 11.55 29.14 -35.53
C ARG U 361 12.58 28.91 -36.62
N PHE U 362 13.04 27.66 -36.72
CA PHE U 362 13.89 27.26 -37.83
C PHE U 362 13.09 27.30 -39.12
N LEU U 363 13.64 27.95 -40.16
CA LEU U 363 12.96 27.98 -41.44
C LEU U 363 12.83 26.61 -42.08
N PHE U 364 13.61 25.64 -41.63
CA PHE U 364 13.55 24.29 -42.16
C PHE U 364 13.78 23.31 -41.03
N GLY U 365 13.11 22.16 -41.12
CA GLY U 365 13.15 21.18 -40.04
C GLY U 365 12.75 21.79 -38.72
N ASP U 366 11.52 22.30 -38.65
CA ASP U 366 11.04 22.98 -37.46
C ASP U 366 10.60 21.96 -36.43
N GLY U 367 11.40 21.78 -35.40
CA GLY U 367 11.05 20.91 -34.29
C GLY U 367 11.77 19.58 -34.23
N ASP U 368 12.97 19.46 -34.80
CA ASP U 368 13.75 18.25 -34.63
C ASP U 368 15.25 18.55 -34.48
N LEU U 369 15.60 19.78 -34.10
CA LEU U 369 16.95 20.19 -33.69
C LEU U 369 17.98 20.02 -34.79
N THR U 370 17.55 19.57 -35.97
CA THR U 370 18.47 19.41 -37.09
C THR U 370 17.66 19.38 -38.38
N PHE U 371 18.30 19.79 -39.47
CA PHE U 371 17.68 19.78 -40.79
C PHE U 371 18.54 18.92 -41.70
N THR U 372 18.00 17.79 -42.15
CA THR U 372 18.77 16.81 -42.90
C THR U 372 17.92 16.18 -44.00
N PRO U 373 17.72 16.89 -45.10
CA PRO U 373 17.13 16.27 -46.29
C PRO U 373 18.20 15.69 -47.20
N ASP U 374 17.83 14.64 -47.91
CA ASP U 374 18.75 13.99 -48.84
C ASP U 374 19.07 14.96 -49.97
N LEU U 375 20.31 15.45 -50.00
CA LEU U 375 20.70 16.45 -51.00
C LEU U 375 20.62 15.89 -52.42
N VAL U 376 20.73 14.58 -52.58
CA VAL U 376 20.60 13.98 -53.90
C VAL U 376 19.22 14.27 -54.49
N ARG U 377 18.17 14.17 -53.67
CA ARG U 377 16.85 14.57 -54.11
C ARG U 377 16.78 16.07 -54.36
N GLU U 378 17.45 16.86 -53.53
CA GLU U 378 17.49 18.30 -53.67
C GLU U 378 18.60 18.78 -54.59
N ARG U 379 19.11 17.89 -55.45
CA ARG U 379 20.07 18.22 -56.52
C ARG U 379 21.19 19.14 -56.04
N ILE U 380 21.87 18.71 -54.98
CA ILE U 380 22.99 19.47 -54.41
C ILE U 380 24.13 18.49 -54.16
N ARG U 381 25.24 18.67 -54.85
CA ARG U 381 26.48 17.98 -54.52
C ARG U 381 27.33 18.90 -53.65
N ILE U 382 27.90 18.34 -52.59
CA ILE U 382 28.61 19.12 -51.60
C ILE U 382 30.10 18.99 -51.84
N SER U 383 30.85 20.01 -51.41
CA SER U 383 32.30 19.97 -51.47
C SER U 383 32.85 20.72 -50.24
N ASN U 384 34.17 20.67 -50.08
CA ASN U 384 34.76 21.30 -48.91
C ASN U 384 36.01 22.12 -49.19
N CYS U 385 36.58 22.08 -50.40
CA CYS U 385 37.66 22.99 -50.77
C CYS U 385 37.20 24.02 -51.80
N LEU U 386 35.96 24.47 -51.65
CA LEU U 386 35.49 25.66 -52.33
C LEU U 386 35.83 26.89 -51.49
N PRO U 387 35.79 28.09 -52.09
CA PRO U 387 36.18 29.31 -51.35
C PRO U 387 35.53 29.49 -49.99
N ASP U 388 34.40 28.81 -49.72
CA ASP U 388 33.76 28.82 -48.40
C ASP U 388 33.51 30.24 -47.91
N PRO U 389 32.49 30.92 -48.45
CA PRO U 389 32.30 32.34 -48.11
C PRO U 389 32.27 32.64 -46.62
N THR U 390 31.72 31.74 -45.81
CA THR U 390 31.78 31.89 -44.36
C THR U 390 33.19 31.50 -43.92
N GLU U 391 34.12 32.44 -44.07
CA GLU U 391 35.54 32.16 -43.88
C GLU U 391 35.81 31.55 -42.51
N GLY U 392 36.27 30.31 -42.50
CA GLY U 392 36.45 29.58 -41.26
C GLY U 392 35.17 29.40 -40.47
N ASN U 393 34.02 29.41 -41.15
CA ASN U 393 32.71 29.27 -40.49
C ASN U 393 32.52 30.32 -39.40
N THR U 394 33.05 31.53 -39.64
CA THR U 394 33.00 32.59 -38.63
C THR U 394 32.59 33.94 -39.21
N LYS U 395 32.15 34.01 -40.46
CA LYS U 395 31.87 35.29 -41.09
C LYS U 395 30.42 35.41 -41.54
N GLY U 396 29.48 35.06 -40.67
CA GLY U 396 28.08 35.27 -40.95
C GLY U 396 27.75 36.73 -41.20
N GLY U 397 27.87 37.55 -40.17
CA GLY U 397 27.79 38.99 -40.35
C GLY U 397 26.60 39.70 -39.73
N THR U 398 26.83 40.30 -38.57
CA THR U 398 25.91 41.29 -38.01
C THR U 398 26.70 42.53 -37.64
N GLY U 399 27.95 42.32 -37.21
CA GLY U 399 28.87 43.41 -36.94
C GLY U 399 30.06 43.40 -37.88
N GLN U 400 31.19 42.91 -37.38
CA GLN U 400 32.43 42.82 -38.17
C GLN U 400 32.59 41.47 -38.83
N ASP U 401 31.51 40.75 -39.07
CA ASP U 401 31.56 39.42 -39.66
C ASP U 401 30.96 39.40 -41.07
N ALA U 402 30.86 40.54 -41.72
CA ALA U 402 30.24 40.62 -43.04
C ALA U 402 30.93 39.68 -44.01
N PHE U 403 30.17 39.21 -45.00
CA PHE U 403 30.69 38.27 -45.98
C PHE U 403 31.76 38.86 -46.89
N ALA U 404 32.10 40.14 -46.74
CA ALA U 404 33.16 40.78 -47.53
C ALA U 404 32.84 40.66 -49.02
N ALA U 405 31.78 41.36 -49.41
CA ALA U 405 31.18 41.28 -50.74
C ALA U 405 32.23 41.12 -51.83
N GLY U 406 31.99 40.19 -52.73
CA GLY U 406 33.01 39.70 -53.62
C GLY U 406 33.57 38.35 -53.22
N SER U 407 32.78 37.51 -52.56
CA SER U 407 33.22 36.21 -52.09
C SER U 407 32.29 35.15 -52.69
N PHE U 408 32.87 34.18 -53.38
CA PHE U 408 32.09 33.13 -54.03
C PHE U 408 31.21 32.41 -53.01
N VAL U 409 30.02 32.03 -53.44
CA VAL U 409 29.08 31.33 -52.56
C VAL U 409 28.80 29.94 -53.09
N ALA U 410 28.25 29.84 -54.30
CA ALA U 410 27.87 28.53 -54.82
C ALA U 410 27.85 28.60 -56.34
N ALA U 411 27.61 27.44 -56.96
CA ALA U 411 27.49 27.40 -58.41
C ALA U 411 26.44 26.37 -58.79
N GLN U 412 26.02 26.42 -60.05
CA GLN U 412 25.04 25.45 -60.55
C GLN U 412 25.21 25.28 -62.05
N ALA U 413 25.20 24.03 -62.52
CA ALA U 413 25.34 23.78 -63.93
C ALA U 413 24.84 22.38 -64.26
N ALA U 414 24.58 22.15 -65.55
CA ALA U 414 24.37 20.82 -66.09
C ALA U 414 25.74 20.28 -66.50
N TRP U 415 26.45 19.76 -65.51
CA TRP U 415 27.87 19.44 -65.66
C TRP U 415 28.14 18.34 -66.67
N LYS U 416 27.12 17.59 -67.10
CA LYS U 416 27.31 16.62 -68.17
C LYS U 416 27.61 17.29 -69.51
N THR U 417 27.41 18.59 -69.62
CA THR U 417 27.74 19.33 -70.83
C THR U 417 28.46 20.65 -70.57
N ALA U 418 28.58 21.09 -69.32
CA ALA U 418 29.21 22.37 -69.05
C ALA U 418 30.73 22.28 -69.13
N PHE U 419 31.31 21.24 -68.53
CA PHE U 419 32.75 21.06 -68.49
C PHE U 419 33.09 19.65 -68.95
N TYR U 420 34.37 19.42 -69.24
CA TYR U 420 34.81 18.13 -69.73
C TYR U 420 36.22 17.87 -69.25
N ALA U 421 36.51 16.60 -68.96
CA ALA U 421 37.83 16.15 -68.54
C ALA U 421 38.31 15.05 -69.47
N VAL U 422 39.48 15.24 -70.05
CA VAL U 422 40.12 14.26 -70.93
C VAL U 422 41.15 13.50 -70.10
N GLU U 423 41.11 12.17 -70.20
CA GLU U 423 42.05 11.33 -69.47
C GLU U 423 42.92 10.56 -70.46
N LYS U 424 44.23 10.67 -70.29
CA LYS U 424 45.19 10.07 -71.21
C LYS U 424 45.98 8.93 -70.56
N ARG U 425 46.65 9.19 -69.44
CA ARG U 425 47.48 8.17 -68.83
C ARG U 425 47.50 8.35 -67.31
N PRO U 426 47.28 7.30 -66.55
CA PRO U 426 47.35 7.41 -65.08
C PRO U 426 48.78 7.60 -64.60
N MET U 427 48.96 7.63 -63.28
CA MET U 427 50.28 7.87 -62.70
C MET U 427 51.20 6.69 -62.96
N PHE U 428 52.49 6.98 -63.03
CA PHE U 428 53.54 5.98 -63.18
C PHE U 428 54.73 6.40 -62.34
N PHE U 429 55.37 5.41 -61.73
CA PHE U 429 56.53 5.60 -60.86
C PHE U 429 57.68 4.73 -61.37
N GLU U 430 58.89 5.28 -61.34
CA GLU U 430 60.05 4.54 -61.83
C GLU U 430 61.32 5.07 -61.17
N GLN U 431 62.27 4.16 -61.01
CA GLN U 431 63.59 4.57 -60.56
C GLN U 431 64.32 5.29 -61.69
N TYR U 432 65.02 6.37 -61.35
CA TYR U 432 65.68 7.21 -62.33
C TYR U 432 67.17 6.84 -62.34
N GLU U 433 67.51 5.83 -63.14
CA GLU U 433 68.90 5.46 -63.32
C GLU U 433 69.68 6.63 -63.91
N GLY U 434 70.88 6.86 -63.39
CA GLY U 434 71.60 8.07 -63.69
C GLY U 434 71.26 9.11 -62.65
N GLY U 435 72.27 9.78 -62.10
CA GLY U 435 72.04 10.64 -60.95
C GLY U 435 72.08 9.85 -59.66
N SER U 436 71.59 8.61 -59.72
CA SER U 436 71.70 7.71 -58.59
C SER U 436 73.16 7.34 -58.37
N SER U 437 73.78 7.89 -57.33
CA SER U 437 75.20 7.74 -57.07
C SER U 437 75.47 6.69 -56.00
N ALA U 438 74.67 5.61 -56.02
CA ALA U 438 74.80 4.47 -55.12
C ALA U 438 74.47 4.84 -53.68
N TRP U 439 74.22 6.12 -53.42
CA TRP U 439 73.64 6.55 -52.15
C TRP U 439 72.29 7.22 -52.35
N CYS U 440 72.24 8.30 -53.13
CA CYS U 440 70.99 9.03 -53.31
C CYS U 440 70.20 8.34 -54.42
N VAL U 441 69.33 7.42 -54.04
CA VAL U 441 68.39 6.82 -54.98
C VAL U 441 67.29 7.82 -55.26
N LYS U 442 67.08 8.13 -56.54
CA LYS U 442 66.20 9.21 -56.96
C LYS U 442 65.06 8.62 -57.77
N TYR U 443 63.84 8.77 -57.26
CA TYR U 443 62.66 8.23 -57.93
C TYR U 443 61.92 9.34 -58.67
N GLN U 444 61.29 8.95 -59.77
CA GLN U 444 60.59 9.84 -60.69
C GLN U 444 59.17 9.32 -60.89
N PHE U 445 58.25 10.23 -61.17
CA PHE U 445 56.87 9.83 -61.39
C PHE U 445 56.17 10.88 -62.23
N GLY U 446 55.09 10.47 -62.86
CA GLY U 446 54.35 11.39 -63.72
C GLY U 446 52.95 10.90 -64.02
N ALA U 447 52.21 11.77 -64.70
CA ALA U 447 50.86 11.47 -65.16
C ALA U 447 50.48 12.49 -66.22
N GLU U 448 49.45 12.18 -66.98
CA GLU U 448 49.03 13.07 -68.06
C GLU U 448 47.51 13.03 -68.22
N ASP U 449 46.90 14.21 -68.26
CA ASP U 449 45.46 14.37 -68.50
C ASP U 449 45.20 15.86 -68.69
N GLY U 450 43.93 16.21 -68.82
CA GLY U 450 43.58 17.61 -68.96
C GLY U 450 42.09 17.82 -68.87
N GLY U 451 41.67 19.05 -69.18
CA GLY U 451 40.26 19.37 -69.18
C GLY U 451 40.01 20.66 -69.94
N PHE U 452 38.73 20.95 -70.13
CA PHE U 452 38.29 22.15 -70.84
C PHE U 452 36.82 22.38 -70.53
N VAL U 453 36.29 23.49 -71.06
CA VAL U 453 34.92 23.89 -70.82
C VAL U 453 34.13 23.70 -72.09
N GLY U 454 32.86 23.33 -71.95
CA GLY U 454 31.92 23.33 -73.06
C GLY U 454 31.38 24.72 -73.28
N CYS U 455 30.13 24.78 -73.73
CA CYS U 455 29.44 26.06 -73.84
C CYS U 455 29.14 26.56 -72.44
N CYS U 456 29.89 27.55 -71.98
CA CYS U 456 29.75 27.99 -70.59
C CYS U 456 28.56 28.93 -70.43
N GLU U 457 27.40 28.50 -70.92
CA GLU U 457 26.13 29.15 -70.65
C GLU U 457 25.24 28.32 -69.75
N HIS U 458 25.36 26.99 -69.80
CA HIS U 458 24.60 26.09 -68.94
C HIS U 458 25.29 26.08 -67.57
N GLY U 459 24.87 27.00 -66.71
CA GLY U 459 25.48 27.11 -65.40
C GLY U 459 25.85 28.53 -65.04
N ARG U 460 25.58 28.91 -63.79
CA ARG U 460 25.88 30.22 -63.27
C ARG U 460 26.50 30.09 -61.89
N ILE U 461 26.93 31.23 -61.35
CA ILE U 461 27.66 31.29 -60.10
C ILE U 461 27.00 32.31 -59.18
N LEU U 462 26.51 31.84 -58.04
CA LEU U 462 25.98 32.73 -57.02
C LEU U 462 27.13 33.27 -56.17
N GLN U 463 27.28 34.60 -56.17
CA GLN U 463 28.27 35.31 -55.38
C GLN U 463 27.56 36.42 -54.61
N ILE U 464 28.30 37.09 -53.74
CA ILE U 464 27.75 38.22 -52.99
C ILE U 464 27.47 39.38 -53.93
N MET V 1 52.65 21.58 -75.65
CA MET V 1 53.31 21.02 -76.83
C MET V 1 52.84 21.73 -78.09
N ASN V 2 53.57 22.78 -78.48
CA ASN V 2 53.26 23.55 -79.68
C ASN V 2 54.21 23.14 -80.80
N PHE V 3 53.64 22.80 -81.95
CA PHE V 3 54.45 22.49 -83.11
C PHE V 3 54.99 23.77 -83.74
N ASN V 4 56.22 23.71 -84.22
CA ASN V 4 56.83 24.86 -84.88
C ASN V 4 56.22 25.01 -86.26
N VAL V 5 55.02 25.60 -86.29
CA VAL V 5 54.34 25.88 -87.57
C VAL V 5 54.86 27.24 -88.02
N GLY V 6 56.07 27.24 -88.55
CA GLY V 6 56.60 28.37 -89.30
C GLY V 6 56.68 28.00 -90.76
N VAL V 7 57.22 26.82 -91.02
CA VAL V 7 57.05 26.13 -92.29
C VAL V 7 55.67 25.51 -92.22
N ASP V 8 55.18 24.97 -93.33
CA ASP V 8 53.86 24.32 -93.29
C ASP V 8 52.79 25.31 -92.85
N PHE V 9 52.40 26.21 -93.76
CA PHE V 9 51.54 27.38 -93.57
C PHE V 9 52.30 28.55 -92.93
N PRO V 10 53.26 29.14 -93.63
CA PRO V 10 53.96 30.33 -93.12
C PRO V 10 53.10 31.57 -93.25
N SER V 11 53.69 32.72 -92.92
CA SER V 11 53.01 34.00 -92.98
C SER V 11 54.00 35.08 -93.39
N PHE V 12 53.50 36.11 -94.07
CA PHE V 12 54.33 37.22 -94.52
C PHE V 12 53.51 38.51 -94.49
N ILE V 13 54.20 39.62 -94.29
CA ILE V 13 53.54 40.92 -94.24
C ILE V 13 52.97 41.26 -95.60
N ALA V 14 51.78 41.86 -95.61
CA ALA V 14 51.15 42.33 -96.82
C ALA V 14 50.86 43.82 -96.81
N TRP V 15 50.57 44.41 -95.64
CA TRP V 15 50.29 45.83 -95.54
C TRP V 15 50.62 46.24 -94.10
N ASP V 16 51.78 46.89 -93.93
CA ASP V 16 52.23 47.34 -92.62
C ASP V 16 51.61 48.66 -92.20
N GLY V 17 50.68 49.20 -92.98
CA GLY V 17 50.15 50.51 -92.72
C GLY V 17 50.90 51.64 -93.39
N GLU V 18 52.03 51.34 -94.06
CA GLU V 18 52.82 52.36 -94.72
C GLU V 18 53.08 52.00 -96.18
N GLU V 19 53.25 50.71 -96.46
CA GLU V 19 53.67 50.28 -97.79
C GLU V 19 53.26 48.83 -97.98
N SER V 20 52.88 48.48 -99.20
CA SER V 20 52.58 47.11 -99.56
C SER V 20 53.86 46.36 -99.93
N PHE V 21 53.76 45.03 -99.96
CA PHE V 21 54.91 44.20 -100.28
C PHE V 21 54.46 42.96 -101.05
N PRO V 22 54.80 42.86 -102.34
CA PRO V 22 54.41 41.68 -103.11
C PRO V 22 55.07 40.42 -102.57
N VAL V 23 54.31 39.33 -102.56
CA VAL V 23 54.78 38.04 -102.05
C VAL V 23 54.40 36.97 -103.05
N LYS V 24 55.36 36.10 -103.37
CA LYS V 24 55.13 35.03 -104.32
C LYS V 24 54.26 33.94 -103.70
N VAL V 25 53.38 33.36 -104.52
CA VAL V 25 52.49 32.31 -104.05
C VAL V 25 52.57 31.11 -104.98
N ASP V 26 53.69 30.98 -105.69
CA ASP V 26 53.86 29.86 -106.63
C ASP V 26 54.10 28.56 -105.89
N GLY V 27 55.04 28.55 -104.95
CA GLY V 27 55.36 27.33 -104.23
C GLY V 27 54.17 26.72 -103.52
N PHE V 28 53.20 27.54 -103.16
CA PHE V 28 51.99 27.08 -102.52
C PHE V 28 50.81 27.07 -103.50
N ASN V 29 49.69 26.50 -103.06
CA ASN V 29 48.50 26.47 -103.89
C ASN V 29 47.24 26.87 -103.12
N GLN V 30 47.36 27.37 -101.89
CA GLN V 30 46.25 27.93 -101.16
C GLN V 30 46.77 29.12 -100.37
N PHE V 31 45.93 30.12 -100.14
CA PHE V 31 46.36 31.26 -99.34
C PHE V 31 45.15 32.08 -98.93
N GLY V 32 45.32 32.81 -97.83
CA GLY V 32 44.28 33.68 -97.30
C GLY V 32 44.86 34.89 -96.62
N PHE V 33 43.97 35.83 -96.31
CA PHE V 33 44.35 37.08 -95.66
C PHE V 33 43.97 37.04 -94.18
N THR V 34 44.66 37.88 -93.40
CA THR V 34 44.33 38.11 -92.00
C THR V 34 44.54 39.60 -91.74
N PHE V 35 43.46 40.29 -91.38
CA PHE V 35 43.47 41.71 -91.10
C PHE V 35 43.50 41.95 -89.59
N LYS V 36 44.08 43.07 -89.18
CA LYS V 36 44.17 43.39 -87.77
C LYS V 36 43.98 44.88 -87.57
N THR V 37 43.15 45.22 -86.58
CA THR V 37 42.90 46.60 -86.20
C THR V 37 43.78 46.96 -85.01
N ILE V 38 44.50 48.07 -85.11
CA ILE V 38 45.40 48.50 -84.05
C ILE V 38 44.85 49.67 -83.24
N ALA V 39 43.85 50.38 -83.75
CA ALA V 39 43.25 51.51 -83.04
C ALA V 39 41.84 51.71 -83.54
N ALA V 40 41.14 52.65 -82.91
CA ALA V 40 39.74 52.91 -83.26
C ALA V 40 39.63 53.35 -84.72
N LEU V 41 38.61 52.87 -85.40
CA LEU V 41 38.39 53.18 -86.79
C LEU V 41 37.76 54.57 -86.93
N THR V 42 37.79 55.09 -88.17
CA THR V 42 37.12 56.33 -88.51
C THR V 42 36.13 56.18 -89.65
N ALA V 43 36.27 55.17 -90.49
CA ALA V 43 35.34 54.89 -91.57
C ALA V 43 35.56 53.46 -92.04
N ALA V 44 34.54 52.91 -92.71
CA ALA V 44 34.70 51.61 -93.35
C ALA V 44 35.82 51.68 -94.37
N THR V 45 36.78 50.76 -94.25
CA THR V 45 38.07 50.92 -94.93
C THR V 45 38.16 49.95 -96.11
N THR V 46 38.56 50.47 -97.26
CA THR V 46 38.60 49.71 -98.50
C THR V 46 40.04 49.49 -98.95
N PHE V 47 40.28 48.32 -99.56
CA PHE V 47 41.59 47.95 -100.06
C PHE V 47 41.45 47.28 -101.41
N ASN V 48 42.43 47.55 -102.28
CA ASN V 48 42.53 46.97 -103.61
C ASN V 48 43.47 45.78 -103.59
N ILE V 49 43.18 44.81 -104.47
CA ILE V 49 43.96 43.58 -104.59
C ILE V 49 44.64 43.58 -105.95
N PHE V 50 45.97 43.54 -105.96
CA PHE V 50 46.74 43.46 -107.19
C PHE V 50 47.48 42.14 -107.25
N TYR V 51 47.75 41.67 -108.46
CA TYR V 51 48.54 40.48 -108.70
C TYR V 51 49.62 40.81 -109.70
N HIS V 52 50.81 40.24 -109.50
CA HIS V 52 51.98 40.52 -110.32
C HIS V 52 52.34 39.30 -111.16
N GLU V 53 53.39 39.44 -111.95
CA GLU V 53 53.86 38.39 -112.84
C GLU V 53 55.38 38.32 -112.74
N PRO V 54 56.01 37.26 -113.27
CA PRO V 54 57.48 37.27 -113.37
C PRO V 54 57.95 38.45 -114.22
N SER V 55 58.76 39.32 -113.61
CA SER V 55 59.28 40.47 -114.32
C SER V 55 60.04 40.01 -115.56
N ASP V 56 59.96 40.83 -116.62
CA ASP V 56 60.61 40.47 -117.88
C ASP V 56 62.10 40.25 -117.70
N ALA V 57 62.76 41.12 -116.93
CA ALA V 57 64.20 40.98 -116.72
C ALA V 57 64.50 39.85 -115.73
N ASP V 58 64.05 39.99 -114.49
CA ASP V 58 64.30 39.00 -113.46
C ASP V 58 63.04 38.17 -113.24
N PRO V 59 63.05 36.87 -113.49
CA PRO V 59 61.85 36.05 -113.30
C PRO V 59 61.59 35.63 -111.87
N CYS V 60 62.35 36.15 -110.90
CA CYS V 60 62.15 35.79 -109.49
C CYS V 60 61.70 37.00 -108.67
N VAL V 61 61.27 38.07 -109.33
CA VAL V 61 60.75 39.25 -108.65
C VAL V 61 59.41 39.62 -109.27
N PRO V 62 58.49 40.22 -108.52
CA PRO V 62 57.19 40.60 -109.10
C PRO V 62 57.35 41.59 -110.24
N GLY V 63 56.48 41.46 -111.23
CA GLY V 63 56.51 42.33 -112.38
C GLY V 63 55.59 43.53 -112.21
N PRO V 64 54.58 43.63 -113.07
CA PRO V 64 53.67 44.78 -113.00
C PRO V 64 52.70 44.66 -111.84
N ALA V 65 51.91 45.71 -111.61
CA ALA V 65 50.90 45.73 -110.55
C ALA V 65 49.54 45.76 -111.23
N ILE V 66 48.97 44.59 -111.47
CA ILE V 66 47.72 44.45 -112.20
C ILE V 66 46.60 44.15 -111.21
N ARG V 67 45.54 44.95 -111.25
CA ARG V 67 44.42 44.76 -110.35
C ARG V 67 43.65 43.50 -110.76
N VAL V 68 43.64 42.50 -109.88
CA VAL V 68 42.96 41.25 -110.21
C VAL V 68 41.46 41.49 -110.25
N PRO V 69 40.72 40.91 -111.20
CA PRO V 69 39.26 41.04 -111.21
C PRO V 69 38.63 40.08 -110.21
N GLU V 70 37.30 40.12 -110.15
CA GLU V 70 36.54 39.28 -109.23
C GLU V 70 35.54 38.44 -110.00
N VAL V 71 35.05 37.39 -109.33
CA VAL V 71 34.05 36.50 -109.90
C VAL V 71 32.89 36.34 -108.93
N PRO V 72 31.67 36.12 -109.41
CA PRO V 72 30.54 35.85 -108.52
C PRO V 72 30.32 34.35 -108.32
N PHE V 73 29.47 34.03 -107.35
CA PHE V 73 29.02 32.66 -107.17
C PHE V 73 27.65 32.69 -106.52
N CYS V 74 26.60 32.60 -107.35
CA CYS V 74 25.24 32.26 -106.95
C CYS V 74 24.44 33.33 -106.21
N ASP V 75 25.10 34.32 -105.62
CA ASP V 75 24.36 35.20 -104.72
C ASP V 75 24.73 36.67 -104.79
N THR V 76 25.87 37.02 -105.36
CA THR V 76 26.33 38.40 -105.27
C THR V 76 25.49 39.28 -106.19
N VAL V 77 24.69 40.16 -105.58
CA VAL V 77 23.94 41.17 -106.31
C VAL V 77 24.60 42.52 -106.25
N LEU V 78 25.62 42.69 -105.41
CA LEU V 78 26.41 43.91 -105.41
C LEU V 78 27.16 44.07 -106.72
N LEU V 79 28.05 43.11 -107.01
CA LEU V 79 28.76 43.04 -108.29
C LEU V 79 29.49 44.36 -108.58
N SER V 80 30.53 44.59 -107.77
CA SER V 80 31.33 45.81 -107.84
C SER V 80 31.53 46.25 -109.28
N GLU V 81 31.38 47.56 -109.49
CA GLU V 81 31.14 48.13 -110.82
C GLU V 81 32.06 47.58 -111.91
N ASP V 82 33.36 47.79 -111.80
CA ASP V 82 34.27 47.37 -112.85
C ASP V 82 34.86 45.99 -112.60
N GLY V 83 33.99 45.03 -112.26
CA GLY V 83 34.36 43.63 -112.07
C GLY V 83 35.67 43.39 -111.37
N LEU V 84 36.01 44.24 -110.40
CA LEU V 84 37.33 44.26 -109.79
C LEU V 84 37.23 43.82 -108.33
N ALA V 85 38.06 42.84 -107.97
CA ALA V 85 38.10 42.40 -106.58
C ALA V 85 38.54 43.54 -105.66
N ALA V 86 37.80 43.72 -104.58
CA ALA V 86 38.09 44.73 -103.59
C ALA V 86 37.57 44.25 -102.25
N VAL V 87 38.23 44.65 -101.17
CA VAL V 87 37.78 44.29 -99.83
C VAL V 87 37.37 45.57 -99.12
N THR V 88 36.27 45.50 -98.37
CA THR V 88 35.74 46.65 -97.63
C THR V 88 35.48 46.18 -96.20
N LEU V 89 36.49 46.32 -95.35
CA LEU V 89 36.30 46.01 -93.95
C LEU V 89 35.31 47.00 -93.36
N PRO V 90 34.19 46.52 -92.82
CA PRO V 90 33.19 47.45 -92.26
C PRO V 90 33.72 48.15 -91.03
N GLU V 91 33.29 49.40 -90.85
CA GLU V 91 33.68 50.15 -89.67
C GLU V 91 33.12 49.48 -88.42
N THR V 92 33.54 50.00 -87.27
CA THR V 92 33.13 49.49 -85.96
C THR V 92 33.57 48.04 -85.78
N VAL V 93 34.86 47.81 -85.98
CA VAL V 93 35.52 46.56 -85.62
C VAL V 93 36.65 46.90 -84.67
N THR V 94 36.52 46.48 -83.42
CA THR V 94 37.42 46.85 -82.35
C THR V 94 38.77 46.17 -82.53
N PRO V 95 39.78 46.50 -81.70
CA PRO V 95 40.96 45.64 -81.60
C PRO V 95 40.59 44.29 -81.03
N ASP V 96 41.58 43.41 -80.85
CA ASP V 96 41.42 42.02 -80.44
C ASP V 96 40.24 41.36 -81.15
N SER V 97 40.08 41.67 -82.44
CA SER V 97 39.03 41.06 -83.26
C SER V 97 39.59 41.00 -84.68
N PHE V 98 40.05 39.82 -85.08
CA PHE V 98 40.74 39.64 -86.35
C PHE V 98 39.75 39.13 -87.39
N CYS V 99 39.65 39.85 -88.51
CA CYS V 99 38.79 39.49 -89.61
C CYS V 99 39.64 38.90 -90.73
N ALA V 100 39.01 38.07 -91.57
CA ALA V 100 39.80 37.31 -92.53
C ALA V 100 38.97 36.91 -93.73
N GLY V 101 39.60 36.95 -94.91
CA GLY V 101 38.98 36.51 -96.14
C GLY V 101 40.04 36.11 -97.15
N THR V 102 39.60 35.78 -98.36
CA THR V 102 40.49 35.37 -99.44
C THR V 102 39.73 35.38 -100.76
N VAL V 103 40.48 35.50 -101.84
CA VAL V 103 39.93 35.48 -103.20
C VAL V 103 39.94 34.04 -103.71
N PRO V 104 38.83 33.54 -104.26
CA PRO V 104 38.78 32.14 -104.69
C PRO V 104 39.74 31.79 -105.83
N CYS V 105 39.64 32.50 -106.94
CA CYS V 105 40.49 32.23 -108.10
C CYS V 105 41.73 33.10 -108.06
N MET V 106 42.86 32.51 -108.42
CA MET V 106 44.15 33.19 -108.38
C MET V 106 44.70 33.36 -109.79
N ASN V 107 45.65 34.29 -109.90
CA ASN V 107 46.34 34.54 -111.16
C ASN V 107 47.70 35.16 -110.85
N GLY V 108 48.63 34.97 -111.76
CA GLY V 108 49.97 35.48 -111.55
C GLY V 108 50.71 34.68 -110.49
N GLN V 109 51.82 35.27 -110.02
CA GLN V 109 52.65 34.63 -109.02
C GLN V 109 52.81 35.45 -107.75
N TRP V 110 52.79 36.78 -107.83
CA TRP V 110 52.84 37.63 -106.66
C TRP V 110 51.49 38.29 -106.44
N ILE V 111 51.23 38.66 -105.18
CA ILE V 111 49.99 39.32 -104.81
C ILE V 111 50.33 40.48 -103.88
N SER V 112 49.42 41.45 -103.83
CA SER V 112 49.63 42.66 -103.03
C SER V 112 48.28 43.25 -102.68
N ILE V 113 48.24 43.95 -101.55
CA ILE V 113 47.06 44.66 -101.09
C ILE V 113 47.44 46.12 -100.87
N ALA V 114 46.61 47.03 -101.36
CA ALA V 114 46.95 48.45 -101.28
C ALA V 114 45.76 49.25 -100.75
N PRO V 115 46.03 50.28 -99.96
CA PRO V 115 44.92 51.12 -99.46
C PRO V 115 44.17 51.77 -100.60
N ALA V 116 42.89 51.40 -100.75
CA ALA V 116 42.07 52.00 -101.80
C ALA V 116 41.96 53.50 -101.57
N THR V 117 41.87 54.24 -102.66
CA THR V 117 41.83 55.69 -102.60
C THR V 117 40.63 56.15 -101.79
N GLY V 118 40.79 57.29 -101.13
CA GLY V 118 39.75 57.81 -100.26
C GLY V 118 39.60 57.07 -98.95
N SER V 119 40.47 56.10 -98.66
CA SER V 119 40.41 55.37 -97.40
C SER V 119 41.81 55.09 -96.84
N GLU V 120 42.81 55.88 -97.23
CA GLU V 120 44.18 55.65 -96.79
C GLU V 120 44.48 56.29 -95.43
N THR V 121 43.72 57.31 -95.03
CA THR V 121 43.96 57.94 -93.74
C THR V 121 43.70 56.97 -92.60
N ASN V 122 42.63 56.18 -92.70
CA ASN V 122 42.33 55.16 -91.72
C ASN V 122 42.97 53.82 -92.04
N ALA V 123 43.79 53.76 -93.09
CA ALA V 123 44.48 52.53 -93.43
C ALA V 123 45.77 52.34 -92.63
N ALA V 124 46.36 53.44 -92.15
CA ALA V 124 47.57 53.34 -91.33
C ALA V 124 47.33 52.60 -90.02
N ASN V 125 46.07 52.49 -89.59
CA ASN V 125 45.71 51.74 -88.40
C ASN V 125 45.24 50.34 -88.72
N VAL V 126 45.18 49.96 -89.98
CA VAL V 126 44.91 48.60 -90.40
C VAL V 126 46.23 47.94 -90.75
N GLN V 127 46.42 46.69 -90.33
CA GLN V 127 47.62 45.94 -90.64
C GLN V 127 47.20 44.58 -91.20
N ILE V 128 47.52 44.35 -92.45
CA ILE V 128 47.11 43.14 -93.16
C ILE V 128 48.31 42.25 -93.38
N THR V 129 48.12 40.94 -93.26
CA THR V 129 49.15 39.99 -93.63
C THR V 129 48.50 38.79 -94.29
N VAL V 130 49.33 37.92 -94.85
CA VAL V 130 48.86 36.82 -95.69
C VAL V 130 49.47 35.52 -95.19
N THR V 131 48.69 34.45 -95.25
CA THR V 131 49.14 33.12 -94.86
C THR V 131 48.89 32.15 -95.99
N MET V 132 49.93 31.42 -96.40
CA MET V 132 49.75 30.41 -97.43
C MET V 132 49.44 29.05 -96.80
N LYS V 133 49.10 28.11 -97.66
CA LYS V 133 48.59 26.81 -97.25
C LYS V 133 48.89 25.82 -98.37
N GLY V 134 49.71 24.82 -98.07
CA GLY V 134 49.95 23.73 -98.97
C GLY V 134 51.22 23.88 -99.78
N ALA V 135 52.28 23.18 -99.39
CA ALA V 135 53.52 23.23 -100.14
C ALA V 135 53.47 22.20 -101.27
N THR V 136 53.61 22.67 -102.51
CA THR V 136 53.58 21.80 -103.68
C THR V 136 54.82 22.02 -104.54
N ARG V 137 55.91 22.45 -103.92
CA ARG V 137 57.17 22.64 -104.61
C ARG V 137 57.71 21.31 -105.14
N MET W 1 41.77 26.82 -105.74
CA MET W 1 40.67 26.58 -104.81
C MET W 1 41.14 26.76 -103.37
N ASN W 2 41.62 27.96 -103.05
CA ASN W 2 42.09 28.24 -101.71
C ASN W 2 40.92 28.44 -100.76
N PHE W 3 41.04 27.87 -99.57
CA PHE W 3 39.98 27.99 -98.57
C PHE W 3 40.10 29.33 -97.84
N ASN W 4 39.09 29.63 -97.04
CA ASN W 4 39.15 30.79 -96.16
C ASN W 4 40.10 30.48 -95.01
N VAL W 5 41.39 30.39 -95.31
CA VAL W 5 42.39 29.93 -94.35
C VAL W 5 42.82 31.08 -93.46
N GLY W 6 42.14 32.21 -93.56
CA GLY W 6 42.29 33.25 -92.57
C GLY W 6 41.92 32.71 -91.21
N VAL W 7 40.63 32.43 -90.99
CA VAL W 7 40.26 31.54 -89.91
C VAL W 7 40.92 30.19 -90.17
N ASP W 8 41.04 29.37 -89.12
CA ASP W 8 41.78 28.12 -89.24
C ASP W 8 43.24 28.42 -89.59
N PHE W 9 44.02 28.83 -88.59
CA PHE W 9 45.41 29.28 -88.64
C PHE W 9 45.59 30.67 -89.23
N PRO W 10 45.11 31.71 -88.52
CA PRO W 10 45.43 33.09 -88.92
C PRO W 10 46.86 33.48 -88.58
N SER W 11 47.19 34.77 -88.75
CA SER W 11 48.51 35.27 -88.40
C SER W 11 48.41 36.75 -88.08
N PHE W 12 49.52 37.29 -87.56
CA PHE W 12 49.58 38.70 -87.18
C PHE W 12 50.99 39.22 -87.44
N ILE W 13 51.14 40.54 -87.31
CA ILE W 13 52.43 41.19 -87.44
C ILE W 13 53.07 41.26 -86.06
N ALA W 14 54.29 40.72 -85.94
CA ALA W 14 55.02 40.73 -84.68
C ALA W 14 56.13 41.77 -84.64
N TRP W 15 56.90 41.89 -85.72
CA TRP W 15 58.02 42.83 -85.75
C TRP W 15 58.11 43.40 -87.15
N ASP W 16 57.69 44.66 -87.32
CA ASP W 16 57.70 45.32 -88.61
C ASP W 16 59.09 45.70 -89.08
N GLY W 17 60.10 45.57 -88.22
CA GLY W 17 61.42 46.10 -88.50
C GLY W 17 61.74 47.37 -87.74
N GLU W 18 60.74 48.02 -87.14
CA GLU W 18 60.94 49.23 -86.37
C GLU W 18 60.35 49.19 -84.98
N GLU W 19 59.37 48.31 -84.73
CA GLU W 19 58.74 48.22 -83.41
C GLU W 19 58.04 46.87 -83.31
N SER W 20 57.88 46.40 -82.07
CA SER W 20 57.24 45.13 -81.82
C SER W 20 55.76 45.32 -81.51
N PHE W 21 55.04 44.19 -81.46
CA PHE W 21 53.62 44.19 -81.13
C PHE W 21 53.27 42.93 -80.35
N PRO W 22 53.01 43.04 -79.05
CA PRO W 22 52.54 41.87 -78.30
C PRO W 22 51.22 41.37 -78.88
N VAL W 23 51.09 40.05 -78.97
CA VAL W 23 49.95 39.42 -79.60
C VAL W 23 49.43 38.30 -78.70
N LYS W 24 48.11 38.20 -78.60
CA LYS W 24 47.50 37.22 -77.73
C LYS W 24 47.62 35.82 -78.31
N VAL W 25 47.69 34.83 -77.42
CA VAL W 25 47.78 33.42 -77.81
C VAL W 25 46.73 32.56 -77.12
N ASP W 26 45.97 33.12 -76.17
CA ASP W 26 45.08 32.31 -75.34
C ASP W 26 44.05 31.56 -76.17
N GLY W 27 43.58 32.15 -77.26
CA GLY W 27 42.54 31.52 -78.05
C GLY W 27 42.96 30.22 -78.72
N PHE W 28 44.26 29.99 -78.85
CA PHE W 28 44.79 28.82 -79.54
C PHE W 28 45.80 28.12 -78.66
N ASN W 29 46.26 26.96 -79.12
CA ASN W 29 47.15 26.11 -78.33
C ASN W 29 48.58 26.06 -78.86
N GLN W 30 48.78 26.14 -80.17
CA GLN W 30 50.11 26.04 -80.76
C GLN W 30 50.35 27.23 -81.67
N PHE W 31 51.63 27.59 -81.79
CA PHE W 31 51.99 28.77 -82.57
C PHE W 31 53.48 28.72 -82.91
N GLY W 32 53.85 29.47 -83.96
CA GLY W 32 55.20 29.53 -84.44
C GLY W 32 55.48 30.86 -85.12
N PHE W 33 56.74 31.07 -85.44
CA PHE W 33 57.11 32.33 -86.01
C PHE W 33 57.52 32.18 -87.46
N THR W 34 57.77 33.31 -88.10
CA THR W 34 58.17 33.28 -89.48
C THR W 34 59.06 34.48 -89.68
N PHE W 35 60.22 34.27 -90.26
CA PHE W 35 61.14 35.37 -90.41
C PHE W 35 61.34 35.66 -91.87
N LYS W 36 61.47 36.92 -92.20
CA LYS W 36 61.61 37.33 -93.59
C LYS W 36 62.64 38.44 -93.67
N THR W 37 63.67 38.25 -94.48
CA THR W 37 64.69 39.26 -94.68
C THR W 37 64.38 40.04 -95.95
N ILE W 38 64.29 41.37 -95.82
CA ILE W 38 63.96 42.23 -96.94
C ILE W 38 65.21 42.68 -97.69
N ALA W 39 66.39 42.52 -97.10
CA ALA W 39 67.65 42.86 -97.76
C ALA W 39 68.75 42.02 -97.14
N ALA W 40 69.91 42.06 -97.77
CA ALA W 40 71.05 41.31 -97.26
C ALA W 40 71.58 41.96 -95.99
N LEU W 41 71.73 41.16 -94.93
CA LEU W 41 72.21 41.67 -93.66
C LEU W 41 73.73 41.86 -93.71
N THR W 42 74.31 42.24 -92.57
CA THR W 42 75.75 42.36 -92.44
C THR W 42 76.34 41.44 -91.38
N ALA W 43 75.54 41.00 -90.40
CA ALA W 43 75.99 40.07 -89.39
C ALA W 43 74.76 39.31 -88.88
N ALA W 44 75.03 38.23 -88.15
CA ALA W 44 73.94 37.48 -87.53
C ALA W 44 73.14 38.39 -86.61
N THR W 45 71.82 38.27 -86.66
CA THR W 45 70.93 39.16 -85.95
C THR W 45 70.24 38.41 -84.82
N THR W 46 70.47 38.83 -83.59
CA THR W 46 69.92 38.18 -82.41
C THR W 46 68.70 38.94 -81.93
N PHE W 47 67.65 38.20 -81.60
CA PHE W 47 66.39 38.74 -81.10
C PHE W 47 66.02 38.02 -79.82
N ASN W 48 65.74 38.79 -78.78
CA ASN W 48 65.24 38.25 -77.53
C ASN W 48 63.72 38.13 -77.59
N ILE W 49 63.21 37.07 -77.00
CA ILE W 49 61.78 36.82 -76.94
C ILE W 49 61.28 37.27 -75.57
N PHE W 50 60.03 37.73 -75.54
CA PHE W 50 59.41 38.20 -74.32
C PHE W 50 57.94 37.79 -74.32
N TYR W 51 57.43 37.47 -73.14
CA TYR W 51 56.01 37.21 -72.95
C TYR W 51 55.45 38.21 -71.97
N HIS W 52 54.17 38.48 -72.11
CA HIS W 52 53.48 39.46 -71.28
C HIS W 52 52.33 38.79 -70.53
N GLU W 53 51.88 39.47 -69.49
CA GLU W 53 50.76 39.05 -68.68
C GLU W 53 49.64 40.08 -68.78
N PRO W 54 48.39 39.67 -68.63
CA PRO W 54 47.28 40.64 -68.65
C PRO W 54 47.48 41.67 -67.55
N SER W 55 47.56 42.94 -67.97
CA SER W 55 47.73 44.01 -67.01
C SER W 55 46.59 44.02 -66.01
N ASP W 56 46.94 44.26 -64.74
CA ASP W 56 45.94 44.26 -63.68
C ASP W 56 44.81 45.26 -63.94
N ALA W 57 45.07 46.30 -64.75
CA ALA W 57 44.04 47.28 -65.06
C ALA W 57 42.96 46.68 -65.95
N ASP W 58 43.37 45.98 -67.01
CA ASP W 58 42.44 45.41 -67.98
C ASP W 58 42.87 43.97 -68.24
N PRO W 59 42.01 42.98 -67.95
CA PRO W 59 42.44 41.58 -68.07
C PRO W 59 42.78 41.12 -69.47
N CYS W 60 42.68 42.00 -70.47
CA CYS W 60 43.07 41.65 -71.83
C CYS W 60 43.88 42.78 -72.46
N VAL W 61 44.83 43.32 -71.71
CA VAL W 61 45.87 44.18 -72.28
C VAL W 61 47.21 43.68 -71.75
N PRO W 62 48.22 43.52 -72.60
CA PRO W 62 49.50 42.97 -72.14
C PRO W 62 50.20 43.90 -71.16
N GLY W 63 50.81 43.30 -70.14
CA GLY W 63 51.62 44.02 -69.20
C GLY W 63 53.04 44.19 -69.70
N PRO W 64 54.01 44.17 -68.78
CA PRO W 64 55.41 44.29 -69.19
C PRO W 64 55.92 43.06 -69.91
N ALA W 65 57.18 43.07 -70.30
CA ALA W 65 57.78 42.01 -71.12
C ALA W 65 58.78 41.23 -70.27
N ILE W 66 58.35 40.09 -69.75
CA ILE W 66 59.24 39.18 -69.04
C ILE W 66 59.91 38.27 -70.07
N ARG W 67 61.23 38.10 -69.95
CA ARG W 67 61.96 37.33 -70.95
C ARG W 67 61.77 35.84 -70.68
N VAL W 68 61.32 35.10 -71.69
CA VAL W 68 61.07 33.67 -71.53
C VAL W 68 62.41 32.93 -71.43
N PRO W 69 62.55 31.95 -70.53
CA PRO W 69 63.81 31.21 -70.44
C PRO W 69 64.01 30.25 -71.60
N GLU W 70 65.15 29.57 -71.61
CA GLU W 70 65.52 28.64 -72.68
C GLU W 70 65.39 27.21 -72.18
N VAL W 71 64.96 26.32 -73.06
CA VAL W 71 64.68 24.93 -72.72
C VAL W 71 65.56 24.03 -73.59
N PRO W 72 66.48 23.26 -73.00
CA PRO W 72 67.30 22.33 -73.77
C PRO W 72 66.66 20.95 -73.87
N PHE W 73 66.82 20.32 -75.04
CA PHE W 73 66.08 19.07 -75.25
C PHE W 73 66.88 17.80 -74.95
N CYS W 74 67.79 17.43 -75.84
CA CYS W 74 68.57 16.21 -75.65
C CYS W 74 70.03 16.39 -76.02
N ASP W 75 70.29 17.11 -77.10
CA ASP W 75 71.63 17.29 -77.64
C ASP W 75 72.05 18.74 -77.68
N THR W 76 71.17 19.66 -77.28
CA THR W 76 71.54 21.05 -77.09
C THR W 76 72.69 21.16 -76.10
N VAL W 77 73.82 21.68 -76.57
CA VAL W 77 74.98 21.91 -75.72
C VAL W 77 75.32 23.39 -75.61
N LEU W 78 74.71 24.25 -76.42
CA LEU W 78 75.04 25.68 -76.38
C LEU W 78 74.54 26.33 -75.10
N LEU W 79 73.23 26.20 -74.82
CA LEU W 79 72.56 26.75 -73.65
C LEU W 79 72.57 28.28 -73.64
N SER W 80 73.17 28.92 -74.65
CA SER W 80 73.24 30.37 -74.78
C SER W 80 73.79 31.06 -73.54
N GLU W 81 74.46 30.29 -72.67
CA GLU W 81 75.21 30.77 -71.51
C GLU W 81 74.36 31.60 -70.55
N ASP W 82 73.06 31.73 -70.85
CA ASP W 82 72.19 32.54 -70.01
C ASP W 82 70.85 31.89 -69.72
N GLY W 83 70.47 30.83 -70.43
CA GLY W 83 69.19 30.18 -70.20
C GLY W 83 67.99 31.07 -70.42
N LEU W 84 68.13 32.10 -71.25
CA LEU W 84 67.05 33.03 -71.57
C LEU W 84 66.89 33.01 -73.08
N ALA W 85 65.88 32.27 -73.55
CA ALA W 85 65.73 31.97 -74.96
C ALA W 85 65.83 33.21 -75.83
N ALA W 86 66.57 33.06 -76.94
CA ALA W 86 66.70 34.08 -77.96
C ALA W 86 67.07 33.39 -79.26
N VAL W 87 66.70 34.00 -80.37
CA VAL W 87 66.89 33.39 -81.69
C VAL W 87 67.73 34.32 -82.56
N THR W 88 68.73 33.76 -83.23
CA THR W 88 69.66 34.55 -84.03
C THR W 88 69.58 34.07 -85.47
N LEU W 89 69.03 34.91 -86.33
CA LEU W 89 69.07 34.66 -87.76
C LEU W 89 70.52 34.76 -88.24
N PRO W 90 71.09 33.70 -88.79
CA PRO W 90 72.51 33.75 -89.20
C PRO W 90 72.71 34.68 -90.38
N GLU W 91 73.95 35.14 -90.51
CA GLU W 91 74.34 35.96 -91.64
C GLU W 91 74.25 35.15 -92.93
N THR W 92 74.25 35.86 -94.06
CA THR W 92 74.16 35.27 -95.39
C THR W 92 72.86 34.47 -95.55
N VAL W 93 71.77 35.21 -95.46
CA VAL W 93 70.42 34.68 -95.70
C VAL W 93 69.86 35.41 -96.92
N THR W 94 69.46 34.64 -97.94
CA THR W 94 69.00 35.23 -99.18
C THR W 94 67.67 35.97 -98.96
N PRO W 95 67.54 37.20 -99.46
CA PRO W 95 66.29 37.94 -99.24
C PRO W 95 65.16 37.51 -100.17
N ASP W 96 65.01 36.20 -100.35
CA ASP W 96 63.84 35.63 -101.03
C ASP W 96 63.45 34.32 -100.38
N SER W 97 63.69 34.20 -99.08
CA SER W 97 63.45 32.97 -98.35
C SER W 97 63.11 33.31 -96.91
N PHE W 98 62.73 32.27 -96.15
CA PHE W 98 62.20 32.45 -94.81
C PHE W 98 62.75 31.36 -93.90
N CYS W 99 62.47 31.51 -92.60
CA CYS W 99 62.87 30.52 -91.61
C CYS W 99 61.84 30.47 -90.50
N ALA W 100 61.63 29.25 -89.98
CA ALA W 100 60.69 28.98 -88.91
C ALA W 100 61.35 29.04 -87.55
N GLY W 101 60.53 29.03 -86.51
CA GLY W 101 61.01 29.04 -85.13
C GLY W 101 59.89 29.01 -84.12
N THR W 102 60.16 28.54 -82.90
CA THR W 102 59.17 28.59 -81.84
C THR W 102 59.83 28.25 -80.51
N VAL W 103 59.12 28.55 -79.44
CA VAL W 103 59.51 28.12 -78.10
C VAL W 103 58.65 26.90 -77.76
N PRO W 104 59.26 25.80 -77.29
CA PRO W 104 58.46 24.58 -77.05
C PRO W 104 57.54 24.66 -75.86
N CYS W 105 57.77 25.57 -74.91
CA CYS W 105 56.91 25.74 -73.76
C CYS W 105 56.53 27.20 -73.64
N MET W 106 55.23 27.48 -73.64
CA MET W 106 54.73 28.84 -73.58
C MET W 106 54.51 29.26 -72.12
N ASN W 107 54.31 30.56 -71.93
CA ASN W 107 54.09 31.12 -70.61
C ASN W 107 53.51 32.51 -70.78
N GLY W 108 52.43 32.81 -70.06
CA GLY W 108 51.83 34.13 -70.15
C GLY W 108 50.69 34.18 -71.15
N GLN W 109 50.50 35.34 -71.77
CA GLN W 109 49.43 35.52 -72.74
C GLN W 109 49.85 36.19 -74.04
N TRP W 110 50.96 36.92 -74.06
CA TRP W 110 51.36 37.71 -75.20
C TRP W 110 52.81 37.44 -75.53
N ILE W 111 53.14 37.56 -76.82
CA ILE W 111 54.48 37.25 -77.33
C ILE W 111 55.00 38.47 -78.07
N SER W 112 56.28 38.79 -77.86
CA SER W 112 56.91 39.93 -78.49
C SER W 112 58.37 39.61 -78.75
N ILE W 113 58.91 40.21 -79.80
CA ILE W 113 60.29 39.98 -80.23
C ILE W 113 61.01 41.32 -80.27
N ALA W 114 62.22 41.38 -79.72
CA ALA W 114 62.97 42.62 -79.69
C ALA W 114 64.42 42.36 -80.07
N PRO W 115 64.97 43.10 -81.02
CA PRO W 115 66.35 42.85 -81.44
C PRO W 115 67.34 43.10 -80.31
N ALA W 116 68.25 42.14 -80.12
CA ALA W 116 69.28 42.28 -79.11
C ALA W 116 70.17 43.48 -79.43
N THR W 117 70.62 44.16 -78.38
CA THR W 117 71.39 45.38 -78.55
C THR W 117 72.66 45.12 -79.35
N GLY W 118 73.04 46.08 -80.18
CA GLY W 118 74.21 45.96 -81.02
C GLY W 118 73.88 45.50 -82.42
N SER W 119 72.97 44.53 -82.52
CA SER W 119 72.50 44.02 -83.81
C SER W 119 71.12 44.57 -84.17
N GLU W 120 70.80 45.78 -83.71
CA GLU W 120 69.48 46.35 -83.92
C GLU W 120 69.39 47.20 -85.18
N THR W 121 70.52 47.56 -85.79
CA THR W 121 70.48 48.34 -87.03
C THR W 121 70.20 47.46 -88.25
N ASN W 122 70.54 46.17 -88.19
CA ASN W 122 70.13 45.24 -89.22
C ASN W 122 68.68 44.82 -89.04
N ALA W 123 68.16 44.91 -87.81
CA ALA W 123 66.76 44.60 -87.56
C ALA W 123 65.84 45.51 -88.36
N ALA W 124 66.33 46.68 -88.75
CA ALA W 124 65.53 47.58 -89.60
C ALA W 124 65.26 46.99 -90.97
N ASN W 125 65.85 45.84 -91.29
CA ASN W 125 65.66 45.20 -92.59
C ASN W 125 65.16 43.76 -92.44
N VAL W 126 64.36 43.50 -91.40
CA VAL W 126 63.79 42.18 -91.17
C VAL W 126 62.35 42.34 -90.73
N GLN W 127 61.54 41.33 -91.04
CA GLN W 127 60.11 41.34 -90.73
C GLN W 127 59.74 39.99 -90.14
N ILE W 128 59.15 40.00 -88.95
CA ILE W 128 58.83 38.77 -88.23
C ILE W 128 57.33 38.70 -88.05
N THR W 129 56.72 37.60 -88.49
CA THR W 129 55.29 37.38 -88.29
C THR W 129 55.09 36.12 -87.48
N VAL W 130 53.88 35.94 -86.96
CA VAL W 130 53.56 34.82 -86.09
C VAL W 130 52.27 34.16 -86.58
N THR W 131 52.23 32.84 -86.52
CA THR W 131 51.06 32.06 -86.88
C THR W 131 50.63 31.21 -85.70
N MET W 132 49.33 31.00 -85.58
CA MET W 132 48.77 30.19 -84.51
C MET W 132 48.33 28.84 -85.07
N LYS W 133 47.60 28.08 -84.27
CA LYS W 133 47.05 26.79 -84.67
C LYS W 133 45.60 26.77 -84.23
N GLY W 134 44.99 25.59 -84.25
CA GLY W 134 43.58 25.42 -83.93
C GLY W 134 43.11 26.11 -82.67
N ALA W 135 41.82 26.45 -82.61
CA ALA W 135 41.29 27.31 -81.57
C ALA W 135 40.92 26.50 -80.33
N THR W 136 41.34 26.99 -79.17
CA THR W 136 40.93 26.44 -77.89
C THR W 136 39.61 27.05 -77.43
N ARG W 137 39.56 28.38 -77.31
CA ARG W 137 38.33 29.07 -76.95
C ARG W 137 37.89 29.98 -78.09
N PHE X 174 52.93 16.34 -88.98
CA PHE X 174 53.36 14.96 -88.75
C PHE X 174 52.48 14.21 -87.77
N PHE X 175 51.88 14.89 -86.80
CA PHE X 175 51.06 14.24 -85.78
C PHE X 175 49.60 14.50 -86.11
N THR X 176 48.92 13.47 -86.59
CA THR X 176 47.50 13.56 -86.89
C THR X 176 46.71 13.74 -85.61
N PRO X 177 46.10 14.90 -85.36
CA PRO X 177 45.38 15.10 -84.10
C PRO X 177 44.12 14.24 -84.05
N GLN X 178 43.99 13.46 -82.98
CA GLN X 178 42.81 12.63 -82.79
C GLN X 178 41.55 13.48 -82.79
N VAL X 179 40.56 13.06 -83.58
CA VAL X 179 39.25 13.71 -83.60
C VAL X 179 38.24 12.77 -82.96
N LEU X 180 37.48 13.30 -82.00
CA LEU X 180 36.46 12.53 -81.32
C LEU X 180 35.09 12.89 -81.89
N ALA X 181 34.04 12.33 -81.29
CA ALA X 181 32.70 12.40 -81.86
C ALA X 181 31.75 13.19 -80.99
N LEU X 182 32.23 14.27 -80.37
CA LEU X 182 31.34 15.15 -79.65
C LEU X 182 30.74 16.19 -80.59
N GLU X 183 29.67 16.85 -80.14
CA GLU X 183 29.10 17.97 -80.87
C GLU X 183 28.45 18.90 -79.85
N VAL X 184 29.19 19.93 -79.44
CA VAL X 184 28.63 20.92 -78.53
C VAL X 184 27.63 21.79 -79.29
N ASP X 185 26.46 21.98 -78.70
CA ASP X 185 25.37 22.71 -79.35
C ASP X 185 25.39 24.19 -78.98
N CYS X 186 25.24 24.51 -77.70
CA CYS X 186 25.24 25.86 -77.16
C CYS X 186 24.12 26.73 -77.74
N ASN X 187 23.16 26.12 -78.43
CA ASN X 187 22.04 26.85 -79.01
C ASN X 187 20.81 26.72 -78.12
N ILE X 188 19.81 27.56 -78.39
CA ILE X 188 18.68 27.71 -77.49
C ILE X 188 17.43 28.10 -78.27
N GLU X 189 16.31 27.48 -77.92
CA GLU X 189 14.99 27.81 -78.46
C GLU X 189 14.11 28.40 -77.36
N CYS X 190 12.84 28.59 -77.69
CA CYS X 190 11.82 29.01 -76.74
C CYS X 190 10.74 27.92 -76.69
N ALA X 191 9.66 28.21 -75.97
CA ALA X 191 8.56 27.27 -75.82
C ALA X 191 7.73 27.27 -77.11
N SER X 192 6.60 26.56 -77.09
CA SER X 192 5.75 26.41 -78.26
C SER X 192 4.31 26.67 -77.84
N LEU X 193 3.68 27.66 -78.46
CA LEU X 193 2.33 28.08 -78.12
C LEU X 193 1.27 27.53 -79.08
N LEU X 194 1.55 26.40 -79.74
CA LEU X 194 0.70 25.94 -80.83
C LEU X 194 -0.55 25.24 -80.31
N ASP X 195 -0.35 24.14 -79.57
CA ASP X 195 -1.47 23.29 -79.17
C ASP X 195 -2.56 24.08 -78.43
N LEU X 196 -2.17 25.13 -77.71
CA LEU X 196 -3.17 25.95 -77.02
C LEU X 196 -4.11 26.62 -78.02
N TYR X 197 -3.55 27.20 -79.08
CA TYR X 197 -4.37 27.91 -80.06
C TYR X 197 -5.33 26.95 -80.74
N GLY X 198 -6.32 27.52 -81.43
CA GLY X 198 -7.28 26.74 -82.18
C GLY X 198 -6.78 26.41 -83.57
N GLN X 199 -6.49 25.15 -83.83
CA GLN X 199 -6.01 24.75 -85.15
C GLN X 199 -7.13 24.83 -86.17
N ILE X 200 -6.76 25.21 -87.40
CA ILE X 200 -7.70 25.19 -88.51
C ILE X 200 -6.91 25.10 -89.81
N GLU X 201 -7.58 24.63 -90.86
CA GLU X 201 -6.91 24.27 -92.11
C GLU X 201 -7.78 24.72 -93.28
N VAL X 202 -7.29 25.70 -94.04
CA VAL X 202 -7.95 26.12 -95.26
C VAL X 202 -7.33 25.39 -96.45
N SER X 203 -8.05 25.39 -97.56
CA SER X 203 -7.54 24.86 -98.82
C SER X 203 -7.31 25.94 -99.86
N ARG X 204 -8.07 27.03 -99.82
CA ARG X 204 -7.81 28.19 -100.66
C ARG X 204 -6.92 29.16 -99.89
N SER X 205 -6.76 30.38 -100.41
CA SER X 205 -5.88 31.36 -99.81
C SER X 205 -6.61 32.47 -99.06
N THR X 206 -7.92 32.61 -99.24
CA THR X 206 -8.71 33.62 -98.56
C THR X 206 -9.96 32.98 -97.98
N PHE X 207 -10.33 33.41 -96.77
CA PHE X 207 -11.42 32.78 -96.03
C PHE X 207 -12.34 33.84 -95.45
N THR X 208 -13.55 33.42 -95.10
CA THR X 208 -14.59 34.31 -94.58
C THR X 208 -15.47 33.52 -93.63
N TYR X 209 -15.83 34.14 -92.49
CA TYR X 209 -16.62 33.45 -91.48
C TYR X 209 -17.66 34.40 -90.90
N MET X 210 -18.35 33.95 -89.85
CA MET X 210 -19.55 34.61 -89.33
C MET X 210 -19.35 34.99 -87.87
N LYS X 211 -19.47 36.27 -87.57
CA LYS X 211 -19.44 36.82 -86.23
C LYS X 211 -20.85 37.11 -85.74
N ILE X 212 -21.06 37.03 -84.44
CA ILE X 212 -22.30 37.45 -83.79
C ILE X 212 -21.97 38.63 -82.88
N ALA X 213 -22.65 39.76 -83.08
CA ALA X 213 -22.37 40.93 -82.26
C ALA X 213 -23.05 40.83 -80.89
N ASP X 214 -24.38 40.70 -80.89
CA ASP X 214 -25.15 40.60 -79.65
C ASP X 214 -26.54 40.13 -80.01
N TYR X 215 -27.33 39.84 -78.99
CA TYR X 215 -28.69 39.37 -79.15
C TYR X 215 -29.69 40.51 -78.92
N GLY X 216 -30.97 40.18 -78.88
CA GLY X 216 -32.03 41.17 -78.95
C GLY X 216 -32.44 41.73 -77.60
N GLN X 217 -33.47 42.59 -77.65
CA GLN X 217 -34.05 43.20 -76.46
C GLN X 217 -35.54 42.94 -76.31
N LEU X 218 -36.22 42.52 -77.37
CA LEU X 218 -37.62 42.09 -77.29
C LEU X 218 -37.83 41.11 -76.14
N GLY X 219 -38.99 41.25 -75.48
CA GLY X 219 -39.25 40.46 -74.28
C GLY X 219 -39.82 41.29 -73.15
N GLU X 220 -40.22 42.52 -73.45
CA GLU X 220 -40.67 43.47 -72.44
C GLU X 220 -41.75 42.88 -71.55
N TYR X 221 -41.79 43.35 -70.31
CA TYR X 221 -42.79 42.97 -69.31
C TYR X 221 -43.88 44.01 -69.19
N THR X 222 -44.29 44.60 -70.32
CA THR X 222 -45.26 45.68 -70.34
C THR X 222 -46.58 45.26 -69.66
N CYS X 223 -47.39 46.26 -69.37
CA CYS X 223 -48.62 46.08 -68.62
C CYS X 223 -49.63 45.25 -69.43
N ASP X 224 -50.74 44.92 -68.78
CA ASP X 224 -51.75 44.07 -69.40
C ASP X 224 -52.81 44.86 -70.15
N ALA X 225 -53.08 46.10 -69.74
CA ALA X 225 -54.09 46.89 -70.43
C ALA X 225 -53.70 47.23 -71.86
N LYS X 226 -52.39 47.28 -72.14
CA LYS X 226 -51.90 47.63 -73.47
C LYS X 226 -52.01 46.41 -74.37
N CYS X 227 -52.97 46.43 -75.30
CA CYS X 227 -53.12 45.36 -76.27
C CYS X 227 -52.28 45.62 -77.52
N ASP X 228 -50.98 45.89 -77.30
CA ASP X 228 -50.06 46.18 -78.39
C ASP X 228 -48.64 45.98 -77.88
N ALA X 229 -47.95 45.00 -78.44
CA ALA X 229 -46.57 44.70 -78.03
C ALA X 229 -45.58 45.64 -78.73
N GLU X 230 -44.29 45.32 -78.65
CA GLU X 230 -43.26 46.17 -79.24
C GLU X 230 -42.11 45.31 -79.71
N PHE X 231 -41.13 45.95 -80.36
CA PHE X 231 -39.91 45.33 -80.82
C PHE X 231 -38.73 46.16 -80.32
N GLY X 232 -37.93 45.60 -79.43
CA GLY X 232 -36.83 46.35 -78.85
C GLY X 232 -35.65 46.60 -79.79
N GLU X 233 -34.89 45.54 -80.07
CA GLU X 233 -33.68 45.66 -80.87
C GLU X 233 -33.32 44.31 -81.47
N PRO X 234 -33.58 44.08 -82.76
CA PRO X 234 -33.42 42.73 -83.34
C PRO X 234 -32.08 42.04 -83.04
N GLY X 235 -30.97 42.67 -83.40
CA GLY X 235 -29.67 42.09 -83.15
C GLY X 235 -28.68 42.51 -84.22
N ASN X 236 -27.60 41.73 -84.34
CA ASN X 236 -26.56 42.06 -85.31
C ASN X 236 -25.63 40.86 -85.49
N ILE X 237 -25.31 40.56 -86.75
CA ILE X 237 -24.32 39.57 -87.11
C ILE X 237 -23.36 40.20 -88.11
N ARG X 238 -22.08 39.85 -87.99
CA ARG X 238 -21.02 40.36 -88.85
C ARG X 238 -20.48 39.24 -89.72
N HIS X 239 -19.69 39.61 -90.72
CA HIS X 239 -19.11 38.65 -91.65
C HIS X 239 -17.66 39.04 -91.90
N LEU X 240 -16.75 38.22 -91.42
CA LEU X 240 -15.32 38.52 -91.41
C LEU X 240 -14.60 37.83 -92.57
N GLU X 241 -13.37 38.27 -92.79
CA GLU X 241 -12.54 37.78 -93.89
C GLU X 241 -11.16 37.48 -93.34
N GLY X 242 -10.20 37.23 -94.23
CA GLY X 242 -8.83 37.00 -93.83
C GLY X 242 -8.03 36.21 -94.84
N LYS X 243 -6.75 36.55 -94.98
CA LYS X 243 -5.85 35.89 -95.92
C LYS X 243 -4.84 35.05 -95.16
N THR X 244 -3.99 34.35 -95.91
CA THR X 244 -2.92 33.54 -95.35
C THR X 244 -1.59 33.96 -95.97
N TYR X 245 -0.54 33.90 -95.18
CA TYR X 245 0.77 34.37 -95.59
C TYR X 245 1.68 33.21 -95.98
N ASP X 246 2.83 33.55 -96.55
CA ASP X 246 3.72 32.59 -97.18
C ASP X 246 5.15 32.82 -96.72
N TYR X 247 6.01 31.88 -97.10
CA TYR X 247 7.40 31.85 -96.68
C TYR X 247 8.20 31.21 -97.80
N ARG X 248 9.07 31.99 -98.44
CA ARG X 248 9.85 31.51 -99.57
C ARG X 248 11.33 31.68 -99.29
N GLY X 249 12.13 30.79 -99.88
CA GLY X 249 13.57 30.87 -99.72
C GLY X 249 14.27 30.06 -100.79
N VAL X 250 15.55 30.37 -100.98
CA VAL X 250 16.37 29.76 -102.03
C VAL X 250 17.82 29.78 -101.57
N PHE X 251 18.60 28.84 -102.12
CA PHE X 251 20.03 28.76 -101.81
C PHE X 251 20.67 27.77 -102.76
N CYS X 252 21.93 27.99 -103.09
CA CYS X 252 22.64 27.07 -103.95
C CYS X 252 23.84 26.50 -103.23
N PHE X 253 24.57 25.65 -103.93
CA PHE X 253 25.91 25.22 -103.56
C PHE X 253 26.74 25.08 -104.83
N ASN X 254 28.05 25.25 -104.66
CA ASN X 254 29.02 25.03 -105.73
C ASN X 254 29.20 23.52 -105.85
N ARG X 255 28.69 22.95 -106.94
CA ARG X 255 28.60 21.51 -107.14
C ARG X 255 29.85 20.77 -106.71
N LYS X 256 31.03 21.28 -107.05
CA LYS X 256 32.27 20.60 -106.67
C LYS X 256 32.74 20.99 -105.27
N ASN X 257 32.59 22.27 -104.90
CA ASN X 257 33.02 22.69 -103.57
C ASN X 257 32.18 22.07 -102.45
N LEU X 258 31.04 21.50 -102.77
CA LEU X 258 30.21 20.80 -101.80
C LEU X 258 30.48 19.32 -101.73
N GLN X 259 30.90 18.70 -102.84
CA GLN X 259 31.09 17.27 -102.88
C GLN X 259 32.37 16.84 -102.17
N GLU X 260 33.38 17.70 -102.13
CA GLU X 260 34.67 17.35 -101.54
C GLU X 260 34.74 17.62 -100.05
N ALA X 261 33.84 18.44 -99.51
CA ALA X 261 33.93 18.85 -98.12
C ALA X 261 33.78 17.66 -97.17
N ASN X 262 34.07 17.92 -95.90
CA ASN X 262 34.07 16.90 -94.86
C ASN X 262 32.81 16.91 -94.00
N TYR X 263 31.89 17.84 -94.23
CA TYR X 263 30.69 17.95 -93.40
C TYR X 263 29.58 18.50 -94.28
N ASP X 264 28.63 17.64 -94.63
CA ASP X 264 27.55 18.00 -95.56
C ASP X 264 26.78 19.22 -95.08
N PHE X 265 26.68 20.22 -95.95
CA PHE X 265 25.93 21.43 -95.63
C PHE X 265 24.43 21.24 -95.83
N LEU X 266 24.05 20.48 -96.87
CA LEU X 266 22.65 20.40 -97.26
C LEU X 266 21.79 19.83 -96.13
N SER X 267 22.22 18.71 -95.54
CA SER X 267 21.48 18.14 -94.42
C SER X 267 21.50 19.05 -93.21
N PHE X 268 22.43 19.99 -93.14
CA PHE X 268 22.46 20.99 -92.08
C PHE X 268 21.57 22.18 -92.42
N MET X 269 21.65 22.68 -93.66
CA MET X 269 20.84 23.82 -94.06
C MET X 269 19.36 23.49 -94.05
N ILE X 270 18.99 22.24 -94.35
CA ILE X 270 17.58 21.84 -94.28
C ILE X 270 17.03 22.08 -92.88
N GLY X 271 17.71 21.55 -91.86
CA GLY X 271 17.29 21.78 -90.50
C GLY X 271 17.39 23.23 -90.09
N ALA X 272 18.45 23.92 -90.52
CA ALA X 272 18.61 25.33 -90.17
C ALA X 272 17.52 26.19 -90.77
N ALA X 273 16.86 25.71 -91.82
CA ALA X 273 15.70 26.40 -92.39
C ALA X 273 14.41 26.00 -91.68
N GLN X 274 14.19 24.71 -91.46
CA GLN X 274 12.97 24.26 -90.78
C GLN X 274 12.85 24.84 -89.38
N ARG X 275 13.91 24.73 -88.58
CA ARG X 275 13.87 25.23 -87.21
C ARG X 275 13.71 26.74 -87.18
N SER X 276 14.49 27.46 -87.98
CA SER X 276 14.38 28.91 -88.01
C SER X 276 13.00 29.35 -88.47
N HIS X 277 12.38 28.60 -89.38
CA HIS X 277 11.03 28.95 -89.82
C HIS X 277 9.98 28.66 -88.76
N ARG X 278 10.11 27.54 -88.04
CA ARG X 278 9.14 27.25 -86.99
C ARG X 278 9.23 28.26 -85.86
N ILE X 279 10.45 28.60 -85.44
CA ILE X 279 10.59 29.60 -84.38
C ILE X 279 10.18 30.99 -84.85
N ASN X 280 10.42 31.32 -86.12
CA ASN X 280 9.94 32.59 -86.65
C ASN X 280 8.42 32.60 -86.77
N ARG X 281 7.82 31.43 -87.02
CA ARG X 281 6.37 31.31 -87.06
C ARG X 281 5.77 31.58 -85.69
N ASN X 282 6.37 31.02 -84.64
CA ASN X 282 5.89 31.31 -83.30
C ASN X 282 6.09 32.78 -82.93
N GLN X 283 7.27 33.32 -83.25
CA GLN X 283 7.54 34.73 -82.95
C GLN X 283 6.54 35.64 -83.65
N ALA X 284 6.19 35.32 -84.90
CA ALA X 284 5.19 36.11 -85.61
C ALA X 284 3.80 35.88 -85.03
N LEU X 285 3.48 34.64 -84.65
CA LEU X 285 2.18 34.34 -84.09
C LEU X 285 1.97 35.04 -82.75
N MET X 286 3.04 35.47 -82.10
CA MET X 286 2.88 36.23 -80.86
C MET X 286 3.04 37.74 -81.04
N ILE X 287 4.00 38.22 -81.82
CA ILE X 287 4.21 39.66 -81.95
C ILE X 287 4.34 40.09 -83.41
N GLY X 288 3.93 39.23 -84.33
CA GLY X 288 4.01 39.56 -85.75
C GLY X 288 3.10 40.70 -86.17
N LYS X 289 3.65 41.65 -86.92
CA LYS X 289 2.87 42.76 -87.40
C LYS X 289 1.82 42.29 -88.42
N GLY X 290 0.92 43.19 -88.76
CA GLY X 290 -0.13 42.84 -89.72
C GLY X 290 0.39 42.76 -91.14
N VAL X 291 1.36 43.60 -91.49
CA VAL X 291 1.90 43.63 -92.85
C VAL X 291 2.51 42.28 -93.19
N ASN X 292 1.98 41.64 -94.22
CA ASN X 292 2.45 40.36 -94.78
C ASN X 292 2.96 39.42 -93.68
N GLU X 293 2.17 39.30 -92.62
CA GLU X 293 2.54 38.55 -91.43
C GLU X 293 1.31 38.37 -90.56
N PRO X 294 1.14 37.22 -89.91
CA PRO X 294 0.02 37.07 -88.98
C PRO X 294 0.10 38.08 -87.86
N LYS X 295 -1.00 38.80 -87.65
CA LYS X 295 -1.03 39.84 -86.63
C LYS X 295 -0.91 39.22 -85.26
N GLY X 296 0.15 39.57 -84.54
CA GLY X 296 0.35 39.09 -83.18
C GLY X 296 -0.74 39.56 -82.25
N TRP X 297 -1.32 38.63 -81.48
CA TRP X 297 -2.37 39.01 -80.55
C TRP X 297 -1.85 39.94 -79.46
N LEU X 298 -0.59 39.77 -79.06
CA LEU X 298 -0.03 40.63 -78.02
C LEU X 298 -0.01 42.09 -78.48
N THR X 299 0.42 42.33 -79.71
CA THR X 299 0.38 43.68 -80.24
C THR X 299 -0.98 44.08 -80.79
N GLU X 300 -1.88 43.10 -80.99
CA GLU X 300 -3.25 43.42 -81.33
C GLU X 300 -3.92 44.21 -80.21
N ASN X 301 -3.71 43.78 -78.97
CA ASN X 301 -4.05 44.56 -77.78
C ASN X 301 -5.54 44.88 -77.72
N CYS X 302 -6.38 43.90 -77.98
CA CYS X 302 -7.82 44.03 -77.80
C CYS X 302 -8.32 43.09 -76.70
N PHE X 303 -7.46 42.75 -75.75
CA PHE X 303 -7.77 41.93 -74.59
C PHE X 303 -8.07 42.81 -73.38
N PRO X 304 -9.09 42.46 -72.60
CA PRO X 304 -9.28 43.11 -71.30
C PRO X 304 -8.02 43.03 -70.44
N VAL X 305 -7.55 44.18 -69.96
CA VAL X 305 -6.32 44.26 -69.19
C VAL X 305 -6.65 44.71 -67.77
N PHE X 306 -5.87 44.21 -66.82
CA PHE X 306 -5.95 44.58 -65.42
C PHE X 306 -4.55 44.92 -64.93
N GLN X 307 -4.44 46.05 -64.23
CA GLN X 307 -3.17 46.51 -63.71
C GLN X 307 -3.19 46.50 -62.18
N THR X 308 -2.01 46.40 -61.59
CA THR X 308 -1.88 46.27 -60.15
C THR X 308 -1.90 47.65 -59.48
N LEU X 309 -1.82 47.65 -58.16
CA LEU X 309 -1.86 48.88 -57.38
C LEU X 309 -0.48 49.17 -56.82
N PRO X 310 0.02 50.40 -56.97
CA PRO X 310 1.34 50.72 -56.41
C PRO X 310 1.30 50.73 -54.90
N VAL X 311 2.24 50.04 -54.28
CA VAL X 311 2.34 49.99 -52.83
C VAL X 311 3.21 51.12 -52.35
N ASP X 312 2.97 51.55 -51.12
CA ASP X 312 3.66 52.70 -50.55
C ASP X 312 4.88 52.25 -49.76
N VAL X 313 5.97 53.01 -49.91
CA VAL X 313 7.16 52.84 -49.10
C VAL X 313 7.38 54.18 -48.40
N ASN X 314 8.46 54.30 -47.64
CA ASN X 314 8.74 55.56 -46.98
C ASN X 314 8.88 56.68 -48.00
N GLY X 315 7.93 57.61 -48.00
CA GLY X 315 7.95 58.72 -48.92
C GLY X 315 7.18 58.49 -50.20
N THR X 316 7.61 57.55 -51.03
CA THR X 316 7.02 57.32 -52.33
C THR X 316 6.18 56.04 -52.32
N SER X 317 5.53 55.80 -53.46
CA SER X 317 4.59 54.69 -53.63
C SER X 317 4.92 53.92 -54.90
N THR X 318 6.19 53.57 -55.07
CA THR X 318 6.70 52.82 -56.22
C THR X 318 5.85 51.60 -56.53
N PRO X 319 5.72 51.24 -57.80
CA PRO X 319 4.90 50.07 -58.14
C PRO X 319 5.57 48.76 -57.74
N ALA X 320 4.76 47.72 -57.64
CA ALA X 320 5.23 46.40 -57.24
C ALA X 320 4.21 45.37 -57.68
N PHE X 321 4.45 44.12 -57.31
CA PHE X 321 3.54 43.02 -57.63
C PHE X 321 3.62 41.99 -56.51
N LEU X 322 2.50 41.75 -55.85
CA LEU X 322 2.42 40.84 -54.72
C LEU X 322 1.67 39.57 -55.10
N ALA X 323 1.98 38.48 -54.39
CA ALA X 323 1.34 37.21 -54.67
C ALA X 323 -0.17 37.27 -54.46
N GLN X 324 -0.62 38.12 -53.54
CA GLN X 324 -2.05 38.31 -53.34
C GLN X 324 -2.71 38.83 -54.61
N ASP X 325 -2.03 39.72 -55.33
CA ASP X 325 -2.54 40.17 -56.62
C ASP X 325 -2.67 39.01 -57.61
N TRP X 326 -1.69 38.10 -57.60
CA TRP X 326 -1.77 36.94 -58.48
C TRP X 326 -2.96 36.07 -58.12
N ARG X 327 -3.14 35.78 -56.84
CA ARG X 327 -4.27 34.96 -56.41
C ARG X 327 -5.59 35.64 -56.72
N ARG X 328 -5.63 36.97 -56.71
CA ARG X 328 -6.84 37.68 -57.07
C ARG X 328 -7.09 37.62 -58.57
N PHE X 329 -6.02 37.66 -59.36
CA PHE X 329 -6.16 37.68 -60.81
C PHE X 329 -6.54 36.32 -61.37
N VAL X 330 -5.98 35.25 -60.81
CA VAL X 330 -6.25 33.92 -61.36
C VAL X 330 -7.74 33.59 -61.25
N THR X 331 -8.32 33.77 -60.07
CA THR X 331 -9.74 33.47 -59.86
C THR X 331 -10.58 34.74 -59.95
N SER X 332 -10.40 35.45 -61.06
CA SER X 332 -11.23 36.59 -61.42
C SER X 332 -11.75 36.44 -62.84
N PHE X 333 -11.82 35.20 -63.32
CA PHE X 333 -12.17 34.88 -64.69
C PHE X 333 -13.56 34.29 -64.75
N PRO X 334 -14.45 34.84 -65.58
CA PRO X 334 -15.79 34.24 -65.73
C PRO X 334 -15.73 32.74 -66.01
N ALA X 335 -16.20 31.95 -65.06
CA ALA X 335 -16.09 30.50 -65.16
C ALA X 335 -16.90 29.92 -66.31
N GLU X 336 -17.91 30.64 -66.78
CA GLU X 336 -18.78 30.13 -67.84
C GLU X 336 -18.16 30.35 -69.21
N TYR X 337 -16.89 29.95 -69.36
CA TYR X 337 -16.18 30.04 -70.63
C TYR X 337 -15.49 28.74 -71.00
N GLY X 338 -15.42 27.76 -70.10
CA GLY X 338 -14.57 26.59 -70.29
C GLY X 338 -13.27 26.75 -69.53
N GLU X 339 -12.42 25.73 -69.66
CA GLU X 339 -11.11 25.79 -69.04
C GLU X 339 -10.26 26.85 -69.72
N ALA X 340 -9.66 27.73 -68.91
CA ALA X 340 -8.83 28.82 -69.41
C ALA X 340 -7.54 28.85 -68.59
N ARG X 341 -6.45 28.37 -69.17
CA ARG X 341 -5.16 28.38 -68.51
C ARG X 341 -4.50 29.75 -68.71
N SER X 342 -3.23 29.87 -68.33
CA SER X 342 -2.52 31.12 -68.43
C SER X 342 -1.09 30.86 -68.87
N VAL X 343 -0.40 31.93 -69.22
CA VAL X 343 0.97 31.87 -69.71
C VAL X 343 1.76 33.03 -69.08
N MET X 344 3.01 32.74 -68.76
CA MET X 344 3.87 33.69 -68.05
C MET X 344 5.32 33.32 -68.29
N HIS X 345 6.19 34.33 -68.30
CA HIS X 345 7.61 34.08 -68.47
C HIS X 345 8.16 33.32 -67.26
N GLN X 346 9.28 32.62 -67.48
CA GLN X 346 9.84 31.79 -66.43
C GLN X 346 10.33 32.63 -65.26
N ASN X 347 10.97 33.78 -65.53
CA ASN X 347 11.41 34.65 -64.46
C ASN X 347 10.24 35.15 -63.63
N VAL X 348 9.09 35.37 -64.28
CA VAL X 348 7.90 35.81 -63.54
C VAL X 348 7.52 34.75 -62.51
N PHE X 349 7.46 33.49 -62.92
CA PHE X 349 7.24 32.41 -61.96
C PHE X 349 8.34 32.37 -60.91
N GLY X 350 9.57 32.70 -61.29
CA GLY X 350 10.65 32.76 -60.34
C GLY X 350 10.60 33.99 -59.46
N TYR X 351 9.58 34.82 -59.66
CA TYR X 351 9.32 35.99 -58.84
C TYR X 351 8.05 35.75 -58.01
N LEU X 352 7.79 34.50 -57.71
CA LEU X 352 6.68 34.11 -56.84
C LEU X 352 7.13 33.21 -55.70
N ALA X 353 8.07 32.32 -55.94
CA ALA X 353 8.57 31.46 -54.86
C ALA X 353 9.46 32.24 -53.91
N ALA X 354 10.15 33.26 -54.40
CA ALA X 354 11.06 34.05 -53.57
C ALA X 354 10.35 35.22 -52.91
N MET X 355 9.28 34.92 -52.18
CA MET X 355 8.48 35.94 -51.52
C MET X 355 8.40 35.64 -50.03
N VAL X 356 8.51 36.69 -49.22
CA VAL X 356 8.62 36.57 -47.78
C VAL X 356 7.34 37.10 -47.13
N ASP X 357 6.97 36.49 -46.01
CA ASP X 357 5.82 36.94 -45.24
C ASP X 357 6.23 38.14 -44.40
N ALA X 358 5.39 38.51 -43.43
CA ALA X 358 5.76 39.59 -42.53
C ALA X 358 7.01 39.23 -41.73
N ASN X 359 7.06 38.03 -41.16
CA ASN X 359 8.20 37.71 -40.33
C ASN X 359 9.39 37.21 -41.14
N GLY X 360 9.34 35.97 -41.64
CA GLY X 360 10.46 35.46 -42.42
C GLY X 360 10.14 34.38 -43.44
N ARG X 361 8.87 34.05 -43.63
CA ARG X 361 8.49 32.77 -44.19
C ARG X 361 8.28 32.82 -45.69
N PHE X 362 8.67 31.74 -46.36
CA PHE X 362 8.28 31.51 -47.75
C PHE X 362 6.77 31.34 -47.84
N LEU X 363 6.14 32.08 -48.75
CA LEU X 363 4.69 32.05 -48.86
C LEU X 363 4.16 30.71 -49.37
N PHE X 364 4.98 29.93 -50.06
CA PHE X 364 4.54 28.69 -50.67
C PHE X 364 5.53 27.58 -50.39
N GLY X 365 5.01 26.42 -49.98
CA GLY X 365 5.86 25.29 -49.64
C GLY X 365 6.84 25.61 -48.54
N ASP X 366 6.33 25.90 -47.35
CA ASP X 366 7.19 26.30 -46.24
C ASP X 366 7.96 25.09 -45.72
N GLY X 367 9.28 25.12 -45.89
CA GLY X 367 10.14 24.11 -45.32
C GLY X 367 10.55 22.99 -46.26
N ASP X 368 10.84 23.33 -47.52
CA ASP X 368 11.46 22.35 -48.41
C ASP X 368 12.56 22.97 -49.28
N LEU X 369 13.00 24.18 -48.97
CA LEU X 369 14.16 24.83 -49.58
C LEU X 369 13.89 25.20 -51.04
N THR X 370 12.75 24.77 -51.58
CA THR X 370 12.37 25.11 -52.95
C THR X 370 10.90 24.76 -53.18
N PHE X 371 10.14 25.69 -53.75
CA PHE X 371 8.74 25.47 -54.01
C PHE X 371 8.54 25.15 -55.49
N THR X 372 8.14 23.92 -55.77
CA THR X 372 7.84 23.50 -57.13
C THR X 372 6.50 22.78 -57.15
N PRO X 373 5.44 23.42 -57.60
CA PRO X 373 4.13 22.76 -57.67
C PRO X 373 4.06 21.87 -58.91
N ASP X 374 2.94 21.15 -59.03
CA ASP X 374 2.76 20.23 -60.15
C ASP X 374 2.72 20.99 -61.47
N LEU X 375 2.09 22.17 -61.47
CA LEU X 375 2.18 23.16 -62.55
C LEU X 375 1.43 22.73 -63.81
N VAL X 376 0.94 21.48 -63.83
CA VAL X 376 -0.04 21.08 -64.82
C VAL X 376 -1.39 20.76 -64.18
N ARG X 377 -1.40 20.36 -62.90
CA ARG X 377 -2.63 20.45 -62.13
C ARG X 377 -3.13 21.89 -62.10
N GLU X 378 -2.22 22.85 -62.07
CA GLU X 378 -2.56 24.26 -62.21
C GLU X 378 -2.70 24.62 -63.69
N ARG X 379 -3.13 25.84 -63.94
CA ARG X 379 -3.48 26.33 -65.26
C ARG X 379 -2.41 27.27 -65.81
N ILE X 380 -1.13 26.94 -65.57
CA ILE X 380 -0.03 27.83 -65.90
C ILE X 380 0.87 27.15 -66.92
N ARG X 381 1.41 27.96 -67.83
CA ARG X 381 2.38 27.51 -68.82
C ARG X 381 3.39 28.63 -69.05
N ILE X 382 4.63 28.24 -69.33
CA ILE X 382 5.75 29.18 -69.37
C ILE X 382 6.36 29.20 -70.77
N SER X 383 6.65 30.41 -71.25
CA SER X 383 7.44 30.62 -72.46
C SER X 383 8.56 31.60 -72.13
N ASN X 384 9.80 31.20 -72.42
CA ASN X 384 10.95 32.05 -72.13
C ASN X 384 11.06 33.25 -73.05
N CYS X 385 10.22 33.34 -74.08
CA CYS X 385 10.25 34.43 -75.06
C CYS X 385 9.06 35.36 -74.89
N LEU X 386 8.73 35.68 -73.65
CA LEU X 386 7.74 36.66 -73.27
C LEU X 386 8.43 37.92 -72.73
N PRO X 387 7.72 39.04 -72.63
CA PRO X 387 8.37 40.29 -72.20
C PRO X 387 9.23 40.19 -70.95
N ASP X 388 8.83 39.38 -69.95
CA ASP X 388 9.62 39.20 -68.74
C ASP X 388 9.86 40.54 -68.05
N PRO X 389 8.84 41.09 -67.37
CA PRO X 389 9.00 42.41 -66.74
C PRO X 389 10.22 42.53 -65.86
N THR X 390 10.69 41.43 -65.28
CA THR X 390 11.97 41.39 -64.59
C THR X 390 13.02 40.86 -65.57
N GLU X 391 13.41 41.73 -66.51
CA GLU X 391 14.38 41.37 -67.53
C GLU X 391 15.62 40.74 -66.90
N GLY X 392 16.03 39.59 -67.44
CA GLY X 392 17.00 38.77 -66.75
C GLY X 392 16.45 38.39 -65.39
N ASN X 393 17.06 38.92 -64.33
CA ASN X 393 16.47 38.81 -63.01
C ASN X 393 16.66 40.08 -62.19
N THR X 394 16.99 41.19 -62.84
CA THR X 394 17.20 42.46 -62.16
C THR X 394 15.91 43.28 -62.18
N LYS X 395 15.99 44.50 -61.62
CA LYS X 395 14.89 45.47 -61.63
C LYS X 395 13.64 44.89 -60.96
N GLY X 396 13.75 44.69 -59.65
CA GLY X 396 12.71 44.02 -58.91
C GLY X 396 11.89 44.86 -57.94
N GLY X 397 12.41 45.98 -57.47
CA GLY X 397 11.60 46.87 -56.67
C GLY X 397 12.33 47.50 -55.48
N THR X 398 11.77 48.63 -55.02
CA THR X 398 12.11 49.36 -53.81
C THR X 398 13.49 50.00 -53.82
N GLY X 399 14.26 49.84 -54.88
CA GLY X 399 15.45 50.63 -55.11
C GLY X 399 15.26 51.59 -56.26
N GLN X 400 16.35 51.87 -56.96
CA GLN X 400 16.23 52.43 -58.31
C GLN X 400 16.13 51.30 -59.33
N ASP X 401 15.26 50.34 -59.00
CA ASP X 401 15.06 49.13 -59.80
C ASP X 401 13.59 48.73 -59.79
N ALA X 402 12.70 49.70 -59.74
CA ALA X 402 11.28 49.40 -59.76
C ALA X 402 10.88 48.81 -61.11
N PHE X 403 9.83 47.99 -61.10
CA PHE X 403 9.28 47.48 -62.33
C PHE X 403 8.74 48.62 -63.18
N ALA X 404 8.93 48.52 -64.49
CA ALA X 404 8.44 49.55 -65.41
C ALA X 404 6.91 49.54 -65.39
N ALA X 405 6.32 50.58 -64.79
CA ALA X 405 4.87 50.63 -64.63
C ALA X 405 4.16 50.42 -65.96
N GLY X 406 3.21 49.47 -65.97
CA GLY X 406 2.46 49.15 -67.16
C GLY X 406 3.05 48.05 -68.01
N SER X 407 4.20 47.49 -67.63
CA SER X 407 4.80 46.40 -68.39
C SER X 407 3.97 45.13 -68.27
N PHE X 408 4.05 44.29 -69.29
CA PHE X 408 3.30 43.04 -69.30
C PHE X 408 3.82 42.08 -68.24
N VAL X 409 2.91 41.32 -67.64
CA VAL X 409 3.30 40.32 -66.65
C VAL X 409 2.79 38.94 -67.07
N ALA X 410 1.48 38.79 -67.24
CA ALA X 410 0.93 37.47 -67.50
C ALA X 410 -0.28 37.58 -68.43
N ALA X 411 -0.64 36.46 -69.06
CA ALA X 411 -1.79 36.43 -69.97
C ALA X 411 -2.59 35.17 -69.73
N GLN X 412 -3.85 35.33 -69.33
CA GLN X 412 -4.74 34.20 -69.05
C GLN X 412 -5.91 34.21 -70.02
N ALA X 413 -6.16 33.07 -70.65
CA ALA X 413 -7.22 33.01 -71.66
C ALA X 413 -7.62 31.57 -71.90
N ALA X 414 -8.75 31.39 -72.57
CA ALA X 414 -9.21 30.09 -73.05
C ALA X 414 -8.78 29.95 -74.49
N TRP X 415 -7.52 29.56 -74.66
CA TRP X 415 -6.85 29.61 -75.97
C TRP X 415 -7.61 28.88 -77.06
N LYS X 416 -8.38 27.84 -76.71
CA LYS X 416 -9.07 27.07 -77.73
C LYS X 416 -10.15 27.86 -78.45
N THR X 417 -10.47 29.06 -77.98
CA THR X 417 -11.41 29.93 -78.69
C THR X 417 -10.94 31.38 -78.74
N ALA X 418 -9.72 31.68 -78.30
CA ALA X 418 -9.21 33.04 -78.27
C ALA X 418 -8.36 33.39 -79.48
N PHE X 419 -7.43 32.51 -79.87
CA PHE X 419 -6.56 32.76 -81.01
C PHE X 419 -6.46 31.50 -81.84
N TYR X 420 -6.70 31.63 -83.14
CA TYR X 420 -6.65 30.51 -84.06
C TYR X 420 -5.43 30.60 -84.96
N ALA X 421 -4.93 29.42 -85.34
CA ALA X 421 -3.80 29.29 -86.25
C ALA X 421 -4.24 28.44 -87.44
N VAL X 422 -4.02 28.95 -88.64
CA VAL X 422 -4.46 28.32 -89.88
C VAL X 422 -3.25 27.83 -90.65
N GLU X 423 -3.28 26.56 -91.04
CA GLU X 423 -2.30 26.03 -91.97
C GLU X 423 -2.80 26.23 -93.40
N LYS X 424 -1.90 26.58 -94.32
CA LYS X 424 -2.27 26.75 -95.72
C LYS X 424 -1.58 25.76 -96.63
N ARG X 425 -0.29 25.52 -96.43
CA ARG X 425 0.43 24.53 -97.21
C ARG X 425 1.63 24.03 -96.40
N PRO X 426 1.81 22.71 -96.31
CA PRO X 426 2.95 22.18 -95.57
C PRO X 426 4.27 22.64 -96.18
N MET X 427 5.30 22.68 -95.33
CA MET X 427 6.63 23.07 -95.79
C MET X 427 7.12 22.11 -96.87
N PHE X 428 7.84 22.65 -97.85
CA PHE X 428 8.32 21.87 -98.97
C PHE X 428 9.65 22.42 -99.45
N PHE X 429 10.51 21.51 -99.87
CA PHE X 429 11.81 21.82 -100.45
C PHE X 429 11.92 21.08 -101.78
N GLU X 430 12.60 21.70 -102.75
CA GLU X 430 12.79 21.08 -104.05
C GLU X 430 13.99 21.74 -104.71
N GLN X 431 14.47 21.10 -105.78
CA GLN X 431 15.57 21.68 -106.55
C GLN X 431 15.05 22.74 -107.51
N TYR X 432 15.90 23.71 -107.81
CA TYR X 432 15.58 24.76 -108.77
C TYR X 432 16.23 24.41 -110.10
N GLU X 433 15.42 23.97 -111.06
CA GLU X 433 15.96 23.56 -112.35
C GLU X 433 16.58 24.76 -113.08
N GLY X 434 15.78 25.79 -113.31
CA GLY X 434 16.30 27.00 -113.91
C GLY X 434 17.36 27.65 -113.03
N GLY X 435 18.62 27.54 -113.43
CA GLY X 435 19.73 28.03 -112.65
C GLY X 435 20.64 26.93 -112.13
N SER X 436 20.29 25.67 -112.32
CA SER X 436 21.10 24.53 -111.85
C SER X 436 21.98 24.08 -113.01
N SER X 437 23.13 24.72 -113.15
CA SER X 437 24.10 24.31 -114.15
C SER X 437 24.86 23.07 -113.66
N ALA X 438 25.71 22.54 -114.54
CA ALA X 438 26.57 21.44 -114.14
C ALA X 438 27.54 21.87 -113.04
N TRP X 439 28.02 23.10 -113.09
CA TRP X 439 28.92 23.64 -112.08
C TRP X 439 28.15 24.37 -110.99
N CYS X 440 27.10 23.74 -110.48
CA CYS X 440 26.22 24.33 -109.46
C CYS X 440 25.14 23.36 -109.04
N VAL X 441 24.39 23.74 -108.00
CA VAL X 441 23.09 23.13 -107.71
C VAL X 441 22.33 24.14 -106.87
N LYS X 442 21.01 24.19 -107.04
CA LYS X 442 20.22 25.20 -106.35
C LYS X 442 18.88 24.64 -105.92
N TYR X 443 18.50 24.95 -104.68
CA TYR X 443 17.26 24.51 -104.09
C TYR X 443 16.39 25.72 -103.71
N GLN X 444 15.08 25.50 -103.79
CA GLN X 444 14.07 26.45 -103.33
C GLN X 444 13.19 25.76 -102.29
N PHE X 445 12.44 26.56 -101.55
CA PHE X 445 11.57 26.01 -100.52
C PHE X 445 10.52 27.03 -100.11
N GLY X 446 9.40 26.52 -99.61
CA GLY X 446 8.30 27.36 -99.18
C GLY X 446 7.47 26.72 -98.08
N ALA X 447 6.63 27.55 -97.47
CA ALA X 447 5.72 27.13 -96.40
C ALA X 447 4.69 28.22 -96.18
N GLU X 448 3.41 27.82 -96.03
CA GLU X 448 2.33 28.79 -95.99
C GLU X 448 1.42 28.56 -94.79
N ASP X 449 1.19 29.63 -94.02
CA ASP X 449 0.36 29.52 -92.83
C ASP X 449 -0.15 30.90 -92.45
N GLY X 450 -0.75 31.01 -91.27
CA GLY X 450 -1.22 32.28 -90.77
C GLY X 450 -1.92 32.09 -89.43
N GLY X 451 -2.42 33.20 -88.92
CA GLY X 451 -3.11 33.16 -87.64
C GLY X 451 -3.88 34.43 -87.41
N PHE X 452 -4.83 34.35 -86.47
CA PHE X 452 -5.69 35.49 -86.18
C PHE X 452 -6.27 35.31 -84.78
N VAL X 453 -6.99 36.34 -84.33
CA VAL X 453 -7.65 36.33 -83.02
C VAL X 453 -9.11 35.98 -83.22
N GLY X 454 -9.70 35.36 -82.21
CA GLY X 454 -11.13 35.09 -82.23
C GLY X 454 -11.90 36.34 -81.83
N CYS X 455 -12.97 36.18 -81.06
CA CYS X 455 -13.65 37.33 -80.46
C CYS X 455 -12.90 37.66 -79.18
N CYS X 456 -11.99 38.63 -79.26
CA CYS X 456 -11.03 38.86 -78.20
C CYS X 456 -11.68 39.51 -76.98
N GLU X 457 -12.46 38.73 -76.25
CA GLU X 457 -12.97 39.12 -74.95
C GLU X 457 -12.76 38.04 -73.89
N HIS X 458 -12.16 36.92 -74.26
CA HIS X 458 -11.72 35.91 -73.31
C HIS X 458 -10.28 36.11 -72.88
N GLY X 459 -9.42 36.54 -73.80
CA GLY X 459 -8.05 36.87 -73.48
C GLY X 459 -7.97 38.00 -72.47
N ARG X 460 -7.26 37.75 -71.38
CA ARG X 460 -7.09 38.73 -70.32
C ARG X 460 -5.61 38.91 -70.03
N ILE X 461 -5.22 40.14 -69.77
CA ILE X 461 -3.83 40.51 -69.53
C ILE X 461 -3.71 41.04 -68.11
N LEU X 462 -2.68 40.58 -67.39
CA LEU X 462 -2.31 41.15 -66.11
C LEU X 462 -1.01 41.90 -66.31
N GLN X 463 -1.10 43.24 -66.29
CA GLN X 463 0.05 44.12 -66.33
C GLN X 463 0.42 44.52 -64.90
N ILE X 464 1.30 45.52 -64.78
CA ILE X 464 1.71 46.04 -63.49
C ILE X 464 0.74 47.09 -63.00
N PHE Y 174 -12.93 36.78 -109.23
CA PHE Y 174 -12.56 35.48 -109.80
C PHE Y 174 -12.12 34.49 -108.74
N PHE Y 175 -11.28 34.92 -107.80
CA PHE Y 175 -10.90 34.08 -106.68
C PHE Y 175 -12.02 34.10 -105.66
N THR Y 176 -12.79 33.02 -105.58
CA THR Y 176 -13.94 32.95 -104.70
C THR Y 176 -13.45 32.61 -103.30
N PRO Y 177 -13.54 33.54 -102.34
CA PRO Y 177 -13.07 33.23 -100.98
C PRO Y 177 -13.85 32.07 -100.37
N GLN Y 178 -13.14 30.99 -100.06
CA GLN Y 178 -13.79 29.85 -99.46
C GLN Y 178 -14.33 30.21 -98.09
N VAL Y 179 -15.48 29.65 -97.74
CA VAL Y 179 -16.14 29.93 -96.47
C VAL Y 179 -15.86 28.77 -95.53
N LEU Y 180 -15.23 29.07 -94.40
CA LEU Y 180 -14.98 28.07 -93.38
C LEU Y 180 -16.20 27.88 -92.50
N ALA Y 181 -16.50 26.64 -92.16
CA ALA Y 181 -17.64 26.34 -91.31
C ALA Y 181 -17.31 26.73 -89.88
N LEU Y 182 -17.58 27.98 -89.52
CA LEU Y 182 -17.22 28.50 -88.22
C LEU Y 182 -18.09 29.70 -87.90
N GLU Y 183 -18.49 29.81 -86.64
CA GLU Y 183 -19.27 30.95 -86.18
C GLU Y 183 -19.04 31.10 -84.68
N VAL Y 184 -18.32 32.15 -84.29
CA VAL Y 184 -18.03 32.39 -82.89
C VAL Y 184 -19.20 33.13 -82.25
N ASP Y 185 -19.54 32.75 -81.02
CA ASP Y 185 -20.65 33.36 -80.31
C ASP Y 185 -20.19 34.14 -79.09
N CYS Y 186 -19.47 33.51 -78.16
CA CYS Y 186 -18.96 34.15 -76.94
C CYS Y 186 -19.96 35.11 -76.31
N ASN Y 187 -21.12 34.60 -75.92
CA ASN Y 187 -22.15 35.41 -75.29
C ASN Y 187 -22.82 34.59 -74.18
N ILE Y 188 -22.40 34.85 -72.95
CA ILE Y 188 -22.92 34.17 -71.76
C ILE Y 188 -24.11 34.95 -71.22
N GLU Y 189 -25.16 34.25 -70.81
CA GLU Y 189 -26.34 35.00 -70.37
C GLU Y 189 -26.10 35.76 -69.08
N CYS Y 190 -26.26 35.10 -67.93
CA CYS Y 190 -25.57 35.47 -66.69
C CYS Y 190 -25.09 34.24 -65.94
N ALA Y 191 -26.05 33.36 -65.64
CA ALA Y 191 -25.89 32.18 -64.79
C ALA Y 191 -27.21 31.41 -64.82
N SER Y 192 -27.33 30.35 -64.00
CA SER Y 192 -28.61 29.64 -63.85
C SER Y 192 -28.93 29.49 -62.37
N LEU Y 193 -29.54 30.53 -61.79
CA LEU Y 193 -30.02 30.49 -60.40
C LEU Y 193 -31.54 30.42 -60.42
N LEU Y 194 -32.06 29.24 -60.76
CA LEU Y 194 -33.51 29.09 -60.89
C LEU Y 194 -34.08 27.99 -60.02
N ASP Y 195 -33.40 26.85 -59.94
CA ASP Y 195 -33.99 25.65 -59.36
C ASP Y 195 -34.08 25.69 -57.84
N LEU Y 196 -33.36 26.61 -57.19
CA LEU Y 196 -33.55 26.78 -55.75
C LEU Y 196 -34.97 27.24 -55.44
N TYR Y 197 -35.54 28.06 -56.31
CA TYR Y 197 -36.88 28.59 -56.10
C TYR Y 197 -37.92 27.48 -56.22
N GLY Y 198 -38.91 27.53 -55.34
CA GLY Y 198 -40.01 26.59 -55.41
C GLY Y 198 -41.01 26.96 -56.48
N GLN Y 199 -41.11 26.14 -57.53
CA GLN Y 199 -41.99 26.47 -58.64
C GLN Y 199 -43.39 25.88 -58.43
N ILE Y 200 -44.38 26.56 -59.01
CA ILE Y 200 -45.77 26.12 -58.93
C ILE Y 200 -46.47 26.45 -60.24
N GLU Y 201 -47.31 25.51 -60.68
CA GLU Y 201 -48.10 25.65 -61.89
C GLU Y 201 -49.51 26.08 -61.51
N VAL Y 202 -50.05 27.07 -62.23
CA VAL Y 202 -51.39 27.56 -61.99
C VAL Y 202 -52.12 27.59 -63.34
N SER Y 203 -53.45 27.51 -63.28
CA SER Y 203 -54.27 27.49 -64.47
C SER Y 203 -54.64 28.90 -64.92
N ARG Y 204 -55.24 29.68 -64.02
CA ARG Y 204 -55.62 31.05 -64.28
C ARG Y 204 -54.78 31.99 -63.41
N SER Y 205 -55.09 33.27 -63.46
CA SER Y 205 -54.35 34.27 -62.71
C SER Y 205 -54.99 34.53 -61.35
N THR Y 206 -54.30 35.32 -60.54
CA THR Y 206 -54.78 35.79 -59.23
C THR Y 206 -55.14 34.61 -58.33
N PHE Y 207 -54.11 33.83 -58.00
CA PHE Y 207 -54.27 32.73 -57.07
C PHE Y 207 -54.28 33.26 -55.64
N THR Y 208 -54.66 32.40 -54.69
CA THR Y 208 -54.75 32.81 -53.29
C THR Y 208 -54.42 31.63 -52.38
N TYR Y 209 -54.14 31.94 -51.12
CA TYR Y 209 -53.66 30.95 -50.16
C TYR Y 209 -53.86 31.50 -48.75
N MET Y 210 -53.44 30.70 -47.76
CA MET Y 210 -53.44 31.11 -46.36
C MET Y 210 -52.17 30.61 -45.71
N LYS Y 211 -51.79 31.26 -44.60
CA LYS Y 211 -50.57 30.85 -43.90
C LYS Y 211 -50.66 31.30 -42.44
N ILE Y 212 -50.64 30.33 -41.52
CA ILE Y 212 -50.74 30.63 -40.10
C ILE Y 212 -49.50 31.38 -39.65
N ALA Y 213 -49.71 32.57 -39.06
CA ALA Y 213 -48.59 33.35 -38.57
C ALA Y 213 -48.04 32.76 -37.27
N ASP Y 214 -48.88 32.64 -36.25
CA ASP Y 214 -48.47 32.12 -34.95
C ASP Y 214 -49.72 31.78 -34.16
N TYR Y 215 -49.52 31.28 -32.94
CA TYR Y 215 -50.61 31.05 -32.00
C TYR Y 215 -50.05 30.95 -30.58
N GLY Y 216 -50.45 31.89 -29.72
CA GLY Y 216 -49.90 31.99 -28.39
C GLY Y 216 -50.36 30.87 -27.47
N GLN Y 217 -49.83 30.89 -26.25
CA GLN Y 217 -50.19 29.91 -25.24
C GLN Y 217 -51.66 30.07 -24.84
N LEU Y 218 -52.23 28.99 -24.32
CA LEU Y 218 -53.65 28.97 -23.96
C LEU Y 218 -53.87 28.25 -22.63
N GLY Y 219 -52.98 28.45 -21.68
CA GLY Y 219 -53.13 27.87 -20.35
C GLY Y 219 -51.79 27.75 -19.63
N GLU Y 220 -51.86 27.73 -18.31
CA GLU Y 220 -50.66 27.61 -17.48
C GLU Y 220 -50.88 26.60 -16.35
N TYR Y 221 -49.94 26.53 -15.41
CA TYR Y 221 -50.14 25.70 -14.24
C TYR Y 221 -51.13 26.38 -13.31
N THR Y 222 -52.18 25.65 -12.93
CA THR Y 222 -53.41 26.25 -12.43
C THR Y 222 -53.69 25.95 -10.95
N CYS Y 223 -52.64 25.95 -10.12
CA CYS Y 223 -52.77 25.97 -8.67
C CYS Y 223 -53.83 24.96 -8.18
N ASP Y 224 -53.44 23.69 -8.26
CA ASP Y 224 -54.35 22.55 -8.24
C ASP Y 224 -55.55 22.70 -7.31
N ALA Y 225 -55.37 23.30 -6.13
CA ALA Y 225 -56.51 23.53 -5.26
C ALA Y 225 -57.40 24.63 -5.83
N LYS Y 226 -58.06 24.34 -6.96
CA LYS Y 226 -58.92 25.30 -7.64
C LYS Y 226 -59.71 24.55 -8.71
N CYS Y 227 -60.96 24.96 -8.90
CA CYS Y 227 -61.86 24.27 -9.80
C CYS Y 227 -62.43 25.18 -10.88
N ASP Y 228 -61.56 25.87 -11.61
CA ASP Y 228 -61.96 26.45 -12.88
C ASP Y 228 -60.77 26.34 -13.81
N ALA Y 229 -60.81 27.10 -14.90
CA ALA Y 229 -59.71 27.11 -15.85
C ALA Y 229 -59.53 28.55 -16.32
N GLU Y 230 -58.74 28.75 -17.37
CA GLU Y 230 -58.43 30.09 -17.83
C GLU Y 230 -58.41 30.09 -19.35
N PHE Y 231 -58.10 31.25 -19.91
CA PHE Y 231 -58.10 31.46 -21.35
C PHE Y 231 -56.75 32.00 -21.78
N GLY Y 232 -56.32 31.60 -22.97
CA GLY Y 232 -55.11 32.10 -23.57
C GLY Y 232 -55.40 32.91 -24.83
N GLU Y 233 -54.32 33.41 -25.43
CA GLU Y 233 -54.41 34.22 -26.62
C GLU Y 233 -54.15 33.36 -27.85
N PRO Y 234 -55.13 33.16 -28.71
CA PRO Y 234 -54.89 32.42 -29.95
C PRO Y 234 -54.20 33.32 -30.97
N GLY Y 235 -53.97 32.77 -32.15
CA GLY Y 235 -53.21 33.45 -33.19
C GLY Y 235 -54.08 34.04 -34.27
N ASN Y 236 -53.66 33.86 -35.52
CA ASN Y 236 -54.34 34.43 -36.68
C ASN Y 236 -53.94 33.62 -37.90
N ILE Y 237 -54.69 33.82 -38.99
CA ILE Y 237 -54.63 32.94 -40.15
C ILE Y 237 -54.02 33.64 -41.36
N ARG Y 238 -54.32 34.92 -41.56
CA ARG Y 238 -53.63 35.76 -42.55
C ARG Y 238 -53.75 35.17 -43.96
N HIS Y 239 -54.98 35.18 -44.45
CA HIS Y 239 -55.24 34.77 -45.83
C HIS Y 239 -54.69 35.80 -46.82
N LEU Y 240 -53.85 35.35 -47.75
CA LEU Y 240 -53.26 36.25 -48.74
C LEU Y 240 -53.44 35.70 -50.14
N GLU Y 241 -52.80 36.32 -51.13
CA GLU Y 241 -52.93 35.88 -52.51
C GLU Y 241 -51.72 36.37 -53.31
N GLY Y 242 -51.75 36.10 -54.62
CA GLY Y 242 -50.69 36.50 -55.52
C GLY Y 242 -51.15 36.53 -56.97
N LYS Y 243 -50.65 37.50 -57.73
CA LYS Y 243 -51.04 37.69 -59.11
C LYS Y 243 -50.01 37.08 -60.05
N THR Y 244 -50.27 37.21 -61.35
CA THR Y 244 -49.37 36.72 -62.39
C THR Y 244 -49.13 37.83 -63.40
N TYR Y 245 -47.89 37.91 -63.89
CA TYR Y 245 -47.53 38.91 -64.88
C TYR Y 245 -47.35 38.26 -66.24
N ASP Y 246 -47.19 39.10 -67.26
CA ASP Y 246 -47.10 38.64 -68.64
C ASP Y 246 -45.95 39.31 -69.35
N TYR Y 247 -45.60 38.77 -70.52
CA TYR Y 247 -44.70 39.46 -71.43
C TYR Y 247 -45.15 39.14 -72.85
N ARG Y 248 -45.02 40.14 -73.72
CA ARG Y 248 -45.43 40.02 -75.10
C ARG Y 248 -44.49 40.87 -75.97
N GLY Y 249 -44.34 40.45 -77.21
CA GLY Y 249 -43.46 41.14 -78.14
C GLY Y 249 -43.90 40.89 -79.56
N VAL Y 250 -43.53 41.83 -80.44
CA VAL Y 250 -43.86 41.75 -81.86
C VAL Y 250 -42.66 42.20 -82.67
N PHE Y 251 -42.71 41.87 -83.96
CA PHE Y 251 -41.77 42.42 -84.94
C PHE Y 251 -42.35 42.20 -86.33
N CYS Y 252 -41.69 42.78 -87.33
CA CYS Y 252 -42.14 42.62 -88.71
C CYS Y 252 -40.94 42.59 -89.65
N PHE Y 253 -41.07 41.84 -90.74
CA PHE Y 253 -40.00 41.63 -91.70
C PHE Y 253 -40.43 41.97 -93.12
N ASN Y 254 -39.58 41.63 -94.08
CA ASN Y 254 -39.93 41.63 -95.50
C ASN Y 254 -40.16 40.20 -95.96
N ARG Y 255 -40.59 40.04 -97.20
CA ARG Y 255 -40.79 38.72 -97.78
C ARG Y 255 -39.59 38.28 -98.63
N LYS Y 256 -39.25 39.07 -99.65
CA LYS Y 256 -38.14 38.69 -100.53
C LYS Y 256 -36.80 38.78 -99.80
N ASN Y 257 -36.64 39.75 -98.90
CA ASN Y 257 -35.44 39.83 -98.10
C ASN Y 257 -35.23 38.58 -97.25
N LEU Y 258 -36.31 37.87 -96.92
CA LEU Y 258 -36.19 36.58 -96.25
C LEU Y 258 -35.93 35.44 -97.22
N GLN Y 259 -35.82 35.72 -98.52
CA GLN Y 259 -35.46 34.72 -99.51
C GLN Y 259 -33.99 34.79 -99.91
N GLU Y 260 -33.44 35.99 -100.03
CA GLU Y 260 -32.00 36.17 -100.20
C GLU Y 260 -31.36 36.19 -98.81
N ALA Y 261 -30.06 36.49 -98.75
CA ALA Y 261 -29.33 36.58 -97.48
C ALA Y 261 -29.45 35.27 -96.69
N ASN Y 262 -28.83 34.23 -97.26
CA ASN Y 262 -28.98 32.84 -96.86
C ASN Y 262 -29.10 32.62 -95.37
N TYR Y 263 -28.35 33.38 -94.57
CA TYR Y 263 -28.45 33.27 -93.12
C TYR Y 263 -29.88 33.50 -92.65
N ASP Y 264 -30.44 32.52 -91.94
CA ASP Y 264 -31.84 32.54 -91.55
C ASP Y 264 -32.05 33.54 -90.44
N PHE Y 265 -32.50 34.76 -90.80
CA PHE Y 265 -32.87 35.74 -89.79
C PHE Y 265 -34.01 35.26 -88.92
N LEU Y 266 -34.92 34.45 -89.49
CA LEU Y 266 -36.06 33.96 -88.73
C LEU Y 266 -35.62 33.12 -87.54
N SER Y 267 -34.67 32.20 -87.77
CA SER Y 267 -34.17 31.38 -86.67
C SER Y 267 -33.38 32.22 -85.67
N PHE Y 268 -32.63 33.20 -86.15
CA PHE Y 268 -31.90 34.07 -85.24
C PHE Y 268 -32.84 34.84 -84.33
N MET Y 269 -33.99 35.27 -84.86
CA MET Y 269 -34.96 35.99 -84.05
C MET Y 269 -35.73 35.06 -83.13
N ILE Y 270 -36.10 33.87 -83.61
CA ILE Y 270 -36.79 32.90 -82.77
C ILE Y 270 -35.88 32.43 -81.65
N GLY Y 271 -34.56 32.58 -81.82
CA GLY Y 271 -33.62 32.25 -80.77
C GLY Y 271 -33.32 33.42 -79.87
N ALA Y 272 -33.05 34.59 -80.46
CA ALA Y 272 -32.72 35.76 -79.64
C ALA Y 272 -33.98 36.45 -79.15
N ALA Y 273 -34.91 35.68 -78.63
CA ALA Y 273 -36.02 36.15 -77.82
C ALA Y 273 -36.17 35.32 -76.55
N GLN Y 274 -35.94 34.02 -76.63
CA GLN Y 274 -36.02 33.16 -75.47
C GLN Y 274 -34.92 33.48 -74.47
N ARG Y 275 -33.72 33.79 -74.98
CA ARG Y 275 -32.61 34.14 -74.10
C ARG Y 275 -32.86 35.47 -73.40
N SER Y 276 -33.36 36.47 -74.14
CA SER Y 276 -33.66 37.76 -73.53
C SER Y 276 -34.77 37.63 -72.50
N HIS Y 277 -35.85 36.93 -72.86
CA HIS Y 277 -36.89 36.58 -71.91
C HIS Y 277 -36.30 35.96 -70.65
N ARG Y 278 -35.45 34.95 -70.82
CA ARG Y 278 -34.98 34.18 -69.67
C ARG Y 278 -34.09 35.02 -68.77
N ILE Y 279 -33.18 35.80 -69.35
CA ILE Y 279 -32.31 36.62 -68.52
C ILE Y 279 -33.11 37.72 -67.85
N ASN Y 280 -34.13 38.26 -68.51
CA ASN Y 280 -34.97 39.26 -67.86
C ASN Y 280 -35.80 38.63 -66.75
N ARG Y 281 -36.23 37.40 -66.94
CA ARG Y 281 -36.99 36.69 -65.91
C ARG Y 281 -36.14 36.46 -64.67
N ASN Y 282 -34.89 36.04 -64.87
CA ASN Y 282 -33.98 35.87 -63.73
C ASN Y 282 -33.69 37.21 -63.07
N GLN Y 283 -33.40 38.24 -63.88
CA GLN Y 283 -33.14 39.57 -63.35
C GLN Y 283 -34.32 40.07 -62.52
N ALA Y 284 -35.55 39.76 -62.95
CA ALA Y 284 -36.73 40.19 -62.22
C ALA Y 284 -36.91 39.38 -60.93
N LEU Y 285 -36.84 38.05 -61.04
CA LEU Y 285 -36.93 37.21 -59.86
C LEU Y 285 -35.88 37.57 -58.83
N MET Y 286 -34.82 38.29 -59.23
CA MET Y 286 -33.91 38.85 -58.23
C MET Y 286 -34.34 40.25 -57.78
N ILE Y 287 -34.52 41.19 -58.71
CA ILE Y 287 -34.75 42.58 -58.36
C ILE Y 287 -35.97 43.14 -59.06
N GLY Y 288 -36.93 42.28 -59.40
CA GLY Y 288 -38.17 42.73 -60.02
C GLY Y 288 -38.88 43.78 -59.21
N LYS Y 289 -38.99 44.98 -59.76
CA LYS Y 289 -39.41 46.17 -59.00
C LYS Y 289 -40.92 46.36 -59.14
N GLY Y 290 -41.66 45.64 -58.29
CA GLY Y 290 -43.05 45.96 -58.05
C GLY Y 290 -43.94 45.97 -59.28
N VAL Y 291 -44.29 47.18 -59.72
CA VAL Y 291 -45.20 47.41 -60.84
C VAL Y 291 -44.87 46.52 -62.03
N ASN Y 292 -45.88 45.83 -62.56
CA ASN Y 292 -45.78 44.96 -63.73
C ASN Y 292 -44.61 44.00 -63.66
N GLU Y 293 -44.14 43.67 -62.44
CA GLU Y 293 -42.97 42.85 -62.26
C GLU Y 293 -43.15 41.93 -61.06
N PRO Y 294 -42.74 40.67 -61.16
CA PRO Y 294 -42.66 39.83 -59.96
C PRO Y 294 -41.71 40.47 -58.97
N LYS Y 295 -42.16 40.57 -57.72
CA LYS Y 295 -41.42 41.31 -56.70
C LYS Y 295 -40.10 40.59 -56.40
N GLY Y 296 -38.99 41.19 -56.84
CA GLY Y 296 -37.68 40.64 -56.57
C GLY Y 296 -37.35 40.63 -55.09
N TRP Y 297 -36.84 39.50 -54.59
CA TRP Y 297 -36.62 39.36 -53.16
C TRP Y 297 -35.47 40.22 -52.66
N LEU Y 298 -34.62 40.73 -53.54
CA LEU Y 298 -33.58 41.67 -53.11
C LEU Y 298 -34.20 42.94 -52.55
N THR Y 299 -35.03 43.61 -53.34
CA THR Y 299 -35.72 44.81 -52.89
C THR Y 299 -36.92 44.50 -52.00
N GLU Y 300 -37.29 43.23 -51.87
CA GLU Y 300 -38.36 42.85 -50.95
C GLU Y 300 -38.09 43.38 -49.54
N ASN Y 301 -36.84 43.32 -49.11
CA ASN Y 301 -36.35 44.00 -47.92
C ASN Y 301 -37.04 43.52 -46.64
N CYS Y 302 -37.61 42.31 -46.65
CA CYS Y 302 -38.12 41.70 -45.43
C CYS Y 302 -37.32 40.49 -44.99
N PHE Y 303 -36.41 39.99 -45.80
CA PHE Y 303 -35.47 38.99 -45.33
C PHE Y 303 -34.58 39.61 -44.25
N PRO Y 304 -34.28 38.86 -43.19
CA PRO Y 304 -33.33 39.36 -42.19
C PRO Y 304 -32.03 39.87 -42.79
N VAL Y 305 -31.79 41.18 -42.66
CA VAL Y 305 -30.63 41.84 -43.23
C VAL Y 305 -29.55 41.95 -42.17
N PHE Y 306 -28.32 41.64 -42.54
CA PHE Y 306 -27.19 41.57 -41.62
C PHE Y 306 -26.07 42.44 -42.14
N GLN Y 307 -25.59 43.35 -41.31
CA GLN Y 307 -24.50 44.25 -41.66
C GLN Y 307 -23.28 43.94 -40.81
N THR Y 308 -22.15 44.51 -41.21
CA THR Y 308 -20.88 44.31 -40.53
C THR Y 308 -20.36 45.65 -40.01
N LEU Y 309 -19.27 45.58 -39.27
CA LEU Y 309 -18.75 46.81 -38.71
C LEU Y 309 -17.63 47.37 -39.58
N PRO Y 310 -17.45 48.68 -39.57
CA PRO Y 310 -16.27 49.25 -40.23
C PRO Y 310 -15.02 49.03 -39.40
N VAL Y 311 -13.87 49.19 -40.04
CA VAL Y 311 -12.58 49.04 -39.39
C VAL Y 311 -11.90 50.40 -39.41
N ASP Y 312 -11.19 50.71 -38.32
CA ASP Y 312 -10.58 52.02 -38.14
C ASP Y 312 -9.09 51.90 -38.42
N VAL Y 313 -8.73 51.99 -39.68
CA VAL Y 313 -7.33 52.04 -40.09
C VAL Y 313 -6.86 53.49 -40.04
N ASN Y 314 -5.75 53.71 -39.31
CA ASN Y 314 -5.19 55.04 -39.05
C ASN Y 314 -6.28 56.08 -38.76
N GLY Y 315 -7.24 55.68 -37.93
CA GLY Y 315 -8.30 56.56 -37.51
C GLY Y 315 -9.22 57.02 -38.63
N THR Y 316 -9.87 56.08 -39.30
CA THR Y 316 -10.79 56.41 -40.39
C THR Y 316 -12.13 55.72 -40.32
N SER Y 317 -12.28 54.65 -39.53
CA SER Y 317 -13.53 53.89 -39.43
C SER Y 317 -14.03 53.47 -40.81
N THR Y 318 -13.11 53.00 -41.64
CA THR Y 318 -13.46 52.63 -43.00
C THR Y 318 -14.25 51.33 -43.02
N PRO Y 319 -15.35 51.26 -43.77
CA PRO Y 319 -16.10 50.01 -43.87
C PRO Y 319 -15.26 48.92 -44.51
N ALA Y 320 -15.48 47.68 -44.07
CA ALA Y 320 -14.73 46.54 -44.56
C ALA Y 320 -15.50 45.27 -44.23
N PHE Y 321 -14.91 44.13 -44.57
CA PHE Y 321 -15.54 42.83 -44.35
C PHE Y 321 -14.46 41.76 -44.38
N LEU Y 322 -14.45 40.90 -43.36
CA LEU Y 322 -13.45 39.85 -43.25
C LEU Y 322 -14.12 38.49 -43.17
N ALA Y 323 -13.29 37.44 -43.27
CA ALA Y 323 -13.80 36.07 -43.32
C ALA Y 323 -14.48 35.67 -42.01
N GLN Y 324 -14.01 36.19 -40.87
CA GLN Y 324 -14.64 35.86 -39.61
C GLN Y 324 -16.12 36.24 -39.61
N ASP Y 325 -16.44 37.43 -40.11
CA ASP Y 325 -17.84 37.84 -40.21
C ASP Y 325 -18.61 36.94 -41.16
N TRP Y 326 -17.97 36.47 -42.23
CA TRP Y 326 -18.63 35.57 -43.16
C TRP Y 326 -18.98 34.25 -42.48
N ARG Y 327 -18.05 33.69 -41.73
CA ARG Y 327 -18.32 32.45 -41.01
C ARG Y 327 -19.40 32.65 -39.96
N ARG Y 328 -19.35 33.78 -39.24
CA ARG Y 328 -20.40 34.11 -38.29
C ARG Y 328 -21.76 34.15 -38.97
N PHE Y 329 -21.82 34.78 -40.15
CA PHE Y 329 -23.06 34.85 -40.92
C PHE Y 329 -23.57 33.46 -41.27
N VAL Y 330 -22.73 32.67 -41.95
CA VAL Y 330 -23.19 31.38 -42.46
C VAL Y 330 -23.54 30.43 -41.32
N THR Y 331 -22.89 30.58 -40.17
CA THR Y 331 -23.16 29.68 -39.04
C THR Y 331 -24.40 30.10 -38.27
N SER Y 332 -24.75 31.38 -38.29
CA SER Y 332 -25.87 31.89 -37.50
C SER Y 332 -27.23 31.41 -37.98
N PHE Y 333 -27.32 30.55 -38.98
CA PHE Y 333 -28.62 30.09 -39.45
C PHE Y 333 -29.16 29.01 -38.51
N PRO Y 334 -30.42 29.10 -38.09
CA PRO Y 334 -30.99 28.07 -37.20
C PRO Y 334 -31.27 26.79 -37.97
N ALA Y 335 -30.61 25.71 -37.55
CA ALA Y 335 -30.72 24.43 -38.24
C ALA Y 335 -32.11 23.81 -38.15
N GLU Y 336 -32.99 24.37 -37.32
CA GLU Y 336 -34.36 23.85 -37.23
C GLU Y 336 -35.13 24.03 -38.53
N TYR Y 337 -34.71 24.96 -39.38
CA TYR Y 337 -35.32 25.13 -40.69
C TYR Y 337 -34.83 24.09 -41.69
N GLY Y 338 -33.71 23.44 -41.41
CA GLY Y 338 -33.06 22.54 -42.35
C GLY Y 338 -31.72 23.08 -42.79
N GLU Y 339 -31.29 22.64 -43.97
CA GLU Y 339 -30.05 23.11 -44.55
C GLU Y 339 -30.30 24.40 -45.32
N ALA Y 340 -29.33 25.31 -45.25
CA ALA Y 340 -29.41 26.60 -45.93
C ALA Y 340 -28.22 26.76 -46.87
N ARG Y 341 -28.51 27.04 -48.14
CA ARG Y 341 -27.48 27.26 -49.14
C ARG Y 341 -27.22 28.75 -49.31
N SER Y 342 -25.99 29.07 -49.73
CA SER Y 342 -25.56 30.44 -49.88
C SER Y 342 -25.32 30.75 -51.35
N VAL Y 343 -25.44 32.03 -51.70
CA VAL Y 343 -25.25 32.50 -53.07
C VAL Y 343 -24.54 33.85 -53.02
N MET Y 344 -23.63 34.06 -53.98
CA MET Y 344 -22.82 35.26 -54.04
C MET Y 344 -22.24 35.39 -55.44
N HIS Y 345 -21.71 36.57 -55.73
CA HIS Y 345 -20.99 36.80 -56.97
C HIS Y 345 -19.60 36.17 -56.90
N GLN Y 346 -19.04 35.86 -58.07
CA GLN Y 346 -17.73 35.23 -58.08
C GLN Y 346 -16.63 36.20 -57.67
N ASN Y 347 -16.84 37.50 -57.88
CA ASN Y 347 -15.87 38.47 -57.39
C ASN Y 347 -15.90 38.57 -55.88
N VAL Y 348 -17.08 38.37 -55.26
CA VAL Y 348 -17.14 38.24 -53.81
C VAL Y 348 -16.33 37.03 -53.36
N PHE Y 349 -16.47 35.91 -54.09
CA PHE Y 349 -15.69 34.72 -53.78
C PHE Y 349 -14.20 34.99 -53.88
N GLY Y 350 -13.79 35.77 -54.89
CA GLY Y 350 -12.38 36.11 -55.03
C GLY Y 350 -11.90 36.99 -53.89
N TYR Y 351 -12.69 38.01 -53.55
CA TYR Y 351 -12.36 38.85 -52.39
C TYR Y 351 -12.26 38.03 -51.12
N LEU Y 352 -13.03 36.94 -51.02
CA LEU Y 352 -12.91 36.04 -49.89
C LEU Y 352 -11.60 35.27 -49.94
N ALA Y 353 -11.33 34.59 -51.06
CA ALA Y 353 -10.12 33.78 -51.18
C ALA Y 353 -8.85 34.60 -51.18
N ALA Y 354 -8.94 35.92 -51.40
CA ALA Y 354 -7.76 36.77 -51.42
C ALA Y 354 -7.49 37.43 -50.07
N MET Y 355 -8.17 37.00 -49.01
CA MET Y 355 -7.98 37.61 -47.71
C MET Y 355 -6.65 37.19 -47.12
N VAL Y 356 -6.08 38.07 -46.30
CA VAL Y 356 -4.71 37.94 -45.84
C VAL Y 356 -4.63 38.28 -44.36
N ASP Y 357 -3.85 37.51 -43.61
CA ASP Y 357 -3.65 37.76 -42.20
C ASP Y 357 -2.70 38.95 -42.01
N ALA Y 358 -2.37 39.24 -40.76
CA ALA Y 358 -1.38 40.28 -40.48
C ALA Y 358 0.03 39.85 -40.88
N ASN Y 359 0.28 38.55 -40.97
CA ASN Y 359 1.61 38.05 -41.32
C ASN Y 359 1.84 37.94 -42.82
N GLY Y 360 0.80 38.07 -43.64
CA GLY Y 360 0.93 37.96 -45.08
C GLY Y 360 0.37 36.68 -45.65
N ARG Y 361 0.18 35.66 -44.83
CA ARG Y 361 -0.36 34.39 -45.29
C ARG Y 361 -1.81 34.56 -45.73
N PHE Y 362 -2.23 33.70 -46.65
CA PHE Y 362 -3.64 33.62 -47.01
C PHE Y 362 -4.40 32.83 -45.94
N LEU Y 363 -5.65 33.24 -45.71
CA LEU Y 363 -6.44 32.58 -44.68
C LEU Y 363 -6.85 31.16 -45.05
N PHE Y 364 -6.72 30.78 -46.32
CA PHE Y 364 -7.13 29.46 -46.77
C PHE Y 364 -6.12 28.97 -47.80
N GLY Y 365 -5.71 27.70 -47.66
CA GLY Y 365 -4.69 27.18 -48.55
C GLY Y 365 -3.36 27.85 -48.30
N ASP Y 366 -2.70 27.52 -47.18
CA ASP Y 366 -1.50 28.26 -46.79
C ASP Y 366 -0.36 27.94 -47.74
N GLY Y 367 -0.47 28.45 -48.95
CA GLY Y 367 0.48 28.29 -50.03
C GLY Y 367 0.01 27.26 -51.02
N ASP Y 368 -0.71 27.72 -52.03
CA ASP Y 368 -1.01 26.89 -53.19
C ASP Y 368 -1.07 27.73 -54.46
N LEU Y 369 -0.71 29.02 -54.38
CA LEU Y 369 -0.92 30.06 -55.39
C LEU Y 369 -2.38 30.44 -55.54
N THR Y 370 -3.30 29.75 -54.85
CA THR Y 370 -4.73 29.98 -55.03
C THR Y 370 -5.50 29.10 -54.05
N PHE Y 371 -6.79 29.38 -53.93
CA PHE Y 371 -7.73 28.56 -53.17
C PHE Y 371 -8.75 27.90 -54.09
N THR Y 372 -8.30 27.44 -55.26
CA THR Y 372 -9.24 26.95 -56.27
C THR Y 372 -10.10 25.76 -55.87
N PRO Y 373 -9.60 24.73 -55.15
CA PRO Y 373 -10.50 23.58 -54.90
C PRO Y 373 -11.75 23.94 -54.12
N ASP Y 374 -11.58 24.31 -52.84
CA ASP Y 374 -12.62 24.84 -51.95
C ASP Y 374 -14.01 24.29 -52.26
N LEU Y 375 -14.11 22.96 -52.44
CA LEU Y 375 -15.17 22.36 -53.24
C LEU Y 375 -16.51 23.03 -53.00
N VAL Y 376 -17.07 23.61 -54.08
CA VAL Y 376 -18.15 24.58 -53.96
C VAL Y 376 -19.50 23.95 -53.69
N ARG Y 377 -19.58 22.63 -53.61
CA ARG Y 377 -20.82 21.95 -53.26
C ARG Y 377 -21.10 22.00 -51.76
N GLU Y 378 -20.46 22.91 -51.05
CA GLU Y 378 -20.61 23.05 -49.60
C GLU Y 378 -21.67 24.08 -49.25
N ARG Y 379 -22.75 24.10 -50.04
CA ARG Y 379 -23.86 25.04 -49.91
C ARG Y 379 -23.44 26.44 -50.36
N ILE Y 380 -22.70 26.51 -51.45
CA ILE Y 380 -22.38 27.76 -52.13
C ILE Y 380 -22.76 27.58 -53.60
N ARG Y 381 -23.40 28.60 -54.17
CA ARG Y 381 -23.79 28.55 -55.58
C ARG Y 381 -23.57 29.96 -56.15
N ILE Y 382 -22.48 30.12 -56.89
CA ILE Y 382 -22.14 31.43 -57.43
C ILE Y 382 -23.06 31.76 -58.60
N SER Y 383 -23.54 32.99 -58.62
CA SER Y 383 -24.28 33.52 -59.77
C SER Y 383 -23.87 34.98 -59.95
N ASN Y 384 -23.44 35.34 -61.15
CA ASN Y 384 -23.02 36.70 -61.43
C ASN Y 384 -24.19 37.63 -61.66
N CYS Y 385 -25.42 37.19 -61.35
CA CYS Y 385 -26.61 38.01 -61.49
C CYS Y 385 -26.88 38.85 -60.25
N LEU Y 386 -25.86 39.16 -59.48
CA LEU Y 386 -25.99 39.83 -58.21
C LEU Y 386 -25.27 41.18 -58.24
N PRO Y 387 -25.61 42.09 -57.32
CA PRO Y 387 -25.03 43.45 -57.38
C PRO Y 387 -23.51 43.50 -57.40
N ASP Y 388 -22.82 42.46 -56.95
CA ASP Y 388 -21.35 42.45 -56.95
C ASP Y 388 -20.81 43.65 -56.21
N PRO Y 389 -20.83 43.66 -54.87
CA PRO Y 389 -20.44 44.87 -54.12
C PRO Y 389 -19.08 45.41 -54.51
N THR Y 390 -18.10 44.55 -54.71
CA THR Y 390 -16.79 44.96 -55.25
C THR Y 390 -16.91 45.14 -56.76
N GLU Y 391 -17.74 46.10 -57.15
CA GLU Y 391 -18.18 46.31 -58.53
C GLU Y 391 -17.06 46.10 -59.54
N GLY Y 392 -17.30 45.19 -60.48
CA GLY Y 392 -16.21 44.66 -61.28
C GLY Y 392 -15.17 44.06 -60.37
N ASN Y 393 -13.98 44.65 -60.33
CA ASN Y 393 -12.97 44.34 -59.33
C ASN Y 393 -12.29 45.63 -58.88
N THR Y 394 -13.09 46.67 -58.61
CA THR Y 394 -12.59 48.02 -58.46
C THR Y 394 -12.78 48.64 -57.09
N LYS Y 395 -13.60 48.04 -56.22
CA LYS Y 395 -13.88 48.63 -54.91
C LYS Y 395 -13.58 47.61 -53.82
N GLY Y 396 -13.07 48.10 -52.69
CA GLY Y 396 -12.80 47.23 -51.55
C GLY Y 396 -11.55 47.60 -50.78
N GLY Y 397 -10.53 48.12 -51.46
CA GLY Y 397 -9.35 48.59 -50.76
C GLY Y 397 -9.67 49.79 -49.90
N THR Y 398 -8.88 49.96 -48.83
CA THR Y 398 -9.14 51.06 -47.90
C THR Y 398 -9.09 52.40 -48.63
N GLY Y 399 -7.89 52.80 -49.06
CA GLY Y 399 -7.69 53.85 -50.05
C GLY Y 399 -8.71 54.97 -50.01
N GLN Y 400 -9.35 55.18 -51.16
CA GLN Y 400 -10.63 55.86 -51.24
C GLN Y 400 -11.69 54.95 -51.86
N ASP Y 401 -11.34 53.71 -52.15
CA ASP Y 401 -12.17 52.79 -52.93
C ASP Y 401 -12.76 51.68 -52.07
N ALA Y 402 -13.12 52.00 -50.83
CA ALA Y 402 -13.83 51.04 -50.00
C ALA Y 402 -15.21 50.76 -50.57
N PHE Y 403 -15.82 49.68 -50.11
CA PHE Y 403 -17.17 49.35 -50.53
C PHE Y 403 -18.13 50.48 -50.17
N ALA Y 404 -19.20 50.60 -50.95
CA ALA Y 404 -20.23 51.58 -50.63
C ALA Y 404 -20.88 51.23 -49.30
N ALA Y 405 -21.27 52.25 -48.55
CA ALA Y 405 -21.80 52.06 -47.21
C ALA Y 405 -23.19 51.43 -47.32
N GLY Y 406 -23.25 50.11 -47.22
CA GLY Y 406 -24.47 49.37 -47.32
C GLY Y 406 -24.63 48.49 -48.54
N SER Y 407 -23.54 48.13 -49.21
CA SER Y 407 -23.64 47.28 -50.38
C SER Y 407 -24.08 45.87 -49.99
N PHE Y 408 -24.93 45.27 -50.82
CA PHE Y 408 -25.30 43.88 -50.62
C PHE Y 408 -24.08 43.00 -50.83
N VAL Y 409 -23.97 41.93 -50.05
CA VAL Y 409 -22.82 41.05 -50.06
C VAL Y 409 -23.17 39.66 -50.59
N ALA Y 410 -24.06 38.95 -49.91
CA ALA Y 410 -24.41 37.59 -50.29
C ALA Y 410 -25.74 37.24 -49.65
N ALA Y 411 -26.32 36.13 -50.08
CA ALA Y 411 -27.58 35.66 -49.54
C ALA Y 411 -27.43 34.21 -49.06
N GLN Y 412 -28.33 33.81 -48.17
CA GLN Y 412 -28.35 32.45 -47.68
C GLN Y 412 -29.78 32.11 -47.28
N ALA Y 413 -30.24 30.93 -47.68
CA ALA Y 413 -31.62 30.53 -47.40
C ALA Y 413 -31.83 29.08 -47.77
N ALA Y 414 -32.94 28.52 -47.30
CA ALA Y 414 -33.46 27.23 -47.77
C ALA Y 414 -34.55 27.55 -48.77
N TRP Y 415 -34.14 27.78 -50.02
CA TRP Y 415 -34.98 28.42 -51.02
C TRP Y 415 -36.15 27.56 -51.47
N LYS Y 416 -36.20 26.28 -51.09
CA LYS Y 416 -37.33 25.44 -51.48
C LYS Y 416 -38.64 25.92 -50.86
N THR Y 417 -38.57 26.75 -49.82
CA THR Y 417 -39.76 27.35 -49.22
C THR Y 417 -39.66 28.86 -49.05
N ALA Y 418 -38.49 29.46 -49.30
CA ALA Y 418 -38.34 30.89 -49.05
C ALA Y 418 -38.95 31.72 -50.17
N PHE Y 419 -38.84 31.27 -51.41
CA PHE Y 419 -39.34 32.02 -52.55
C PHE Y 419 -39.92 31.05 -53.58
N TYR Y 420 -41.02 31.47 -54.21
CA TYR Y 420 -41.72 30.65 -55.18
C TYR Y 420 -41.83 31.37 -56.51
N ALA Y 421 -41.65 30.62 -57.59
CA ALA Y 421 -41.94 31.06 -58.94
C ALA Y 421 -43.24 30.43 -59.42
N VAL Y 422 -43.96 31.13 -60.28
CA VAL Y 422 -45.28 30.71 -60.74
C VAL Y 422 -45.28 30.73 -62.25
N GLU Y 423 -45.64 29.61 -62.86
CA GLU Y 423 -45.74 29.52 -64.32
C GLU Y 423 -47.20 29.37 -64.69
N LYS Y 424 -47.72 30.25 -65.55
CA LYS Y 424 -49.12 30.20 -65.93
C LYS Y 424 -49.34 29.59 -67.31
N ARG Y 425 -48.66 30.10 -68.33
CA ARG Y 425 -48.78 29.58 -69.68
C ARG Y 425 -47.41 29.69 -70.34
N PRO Y 426 -46.93 28.61 -70.97
CA PRO Y 426 -45.57 28.62 -71.53
C PRO Y 426 -45.38 29.63 -72.66
N MET Y 427 -44.14 29.74 -73.13
CA MET Y 427 -43.82 30.71 -74.16
C MET Y 427 -44.40 30.28 -75.50
N PHE Y 428 -45.11 31.20 -76.15
CA PHE Y 428 -45.76 30.93 -77.43
C PHE Y 428 -45.31 31.96 -78.46
N PHE Y 429 -45.13 31.50 -79.69
CA PHE Y 429 -44.80 32.31 -80.84
C PHE Y 429 -45.86 32.08 -81.91
N GLU Y 430 -46.19 33.13 -82.68
CA GLU Y 430 -47.17 32.99 -83.73
C GLU Y 430 -46.97 34.05 -84.80
N GLN Y 431 -47.31 33.68 -86.03
CA GLN Y 431 -47.34 34.63 -87.15
C GLN Y 431 -48.62 35.45 -87.01
N TYR Y 432 -48.47 36.69 -86.57
CA TYR Y 432 -49.63 37.53 -86.31
C TYR Y 432 -50.39 37.82 -87.60
N GLU Y 433 -51.54 37.18 -87.76
CA GLU Y 433 -52.34 37.40 -88.96
C GLU Y 433 -52.98 38.78 -88.91
N GLY Y 434 -53.08 39.41 -90.08
CA GLY Y 434 -53.44 40.80 -90.15
C GLY Y 434 -52.24 41.70 -89.86
N GLY Y 435 -52.35 42.95 -90.31
CA GLY Y 435 -51.24 43.87 -90.23
C GLY Y 435 -50.05 43.43 -91.05
N SER Y 436 -50.24 42.37 -91.84
CA SER Y 436 -49.19 41.81 -92.68
C SER Y 436 -49.69 41.76 -94.11
N SER Y 437 -48.86 42.21 -95.04
CA SER Y 437 -49.18 42.21 -96.46
C SER Y 437 -48.64 40.95 -97.12
N ALA Y 438 -48.78 40.88 -98.43
CA ALA Y 438 -48.10 39.83 -99.19
C ALA Y 438 -46.61 40.07 -99.30
N TRP Y 439 -46.11 41.17 -98.74
CA TRP Y 439 -44.70 41.52 -98.78
C TRP Y 439 -44.05 41.64 -97.41
N CYS Y 440 -44.84 41.81 -96.35
CA CYS Y 440 -44.32 41.90 -94.99
C CYS Y 440 -45.07 40.90 -94.11
N VAL Y 441 -44.36 40.37 -93.13
CA VAL Y 441 -44.92 39.41 -92.18
C VAL Y 441 -44.63 39.92 -90.77
N LYS Y 442 -45.66 39.97 -89.93
CA LYS Y 442 -45.54 40.43 -88.57
C LYS Y 442 -45.76 39.25 -87.62
N TYR Y 443 -44.87 39.13 -86.63
CA TYR Y 443 -44.88 38.05 -85.66
C TYR Y 443 -45.16 38.61 -84.27
N GLN Y 444 -45.76 37.77 -83.43
CA GLN Y 444 -46.18 38.13 -82.09
C GLN Y 444 -45.99 36.94 -81.17
N PHE Y 445 -45.60 37.21 -79.92
CA PHE Y 445 -45.23 36.15 -79.01
C PHE Y 445 -45.40 36.64 -77.58
N GLY Y 446 -45.37 35.69 -76.65
CA GLY Y 446 -45.39 36.06 -75.24
C GLY Y 446 -45.60 34.83 -74.35
N ALA Y 447 -45.79 35.11 -73.07
CA ALA Y 447 -46.15 34.09 -72.08
C ALA Y 447 -46.52 34.77 -70.77
N GLU Y 448 -46.82 33.96 -69.76
CA GLU Y 448 -47.32 34.43 -68.47
C GLU Y 448 -46.59 33.72 -67.33
N ASP Y 449 -45.95 34.51 -66.48
CA ASP Y 449 -45.25 33.99 -65.31
C ASP Y 449 -45.23 35.05 -64.22
N GLY Y 450 -44.83 34.63 -63.03
CA GLY Y 450 -44.74 35.53 -61.90
C GLY Y 450 -43.89 34.93 -60.81
N GLY Y 451 -43.83 35.63 -59.69
CA GLY Y 451 -43.07 35.14 -58.55
C GLY Y 451 -43.36 35.89 -57.27
N PHE Y 452 -43.27 35.20 -56.15
CA PHE Y 452 -43.53 35.82 -54.85
C PHE Y 452 -42.58 35.23 -53.81
N VAL Y 453 -42.51 35.92 -52.69
CA VAL Y 453 -41.69 35.48 -51.56
C VAL Y 453 -42.58 34.72 -50.58
N GLY Y 454 -42.05 33.61 -50.05
CA GLY Y 454 -42.76 32.88 -49.01
C GLY Y 454 -42.55 33.55 -47.67
N CYS Y 455 -42.28 32.78 -46.62
CA CYS Y 455 -41.90 33.38 -45.35
C CYS Y 455 -40.46 33.85 -45.48
N CYS Y 456 -40.26 35.15 -45.60
CA CYS Y 456 -38.92 35.65 -45.82
C CYS Y 456 -38.06 35.60 -44.59
N GLU Y 457 -38.50 34.94 -43.54
CA GLU Y 457 -37.69 34.71 -42.35
C GLU Y 457 -36.87 33.43 -42.46
N HIS Y 458 -36.69 32.91 -43.69
CA HIS Y 458 -35.93 31.70 -43.92
C HIS Y 458 -34.59 32.00 -44.59
N GLY Y 459 -34.13 33.24 -44.57
CA GLY Y 459 -32.90 33.60 -45.24
C GLY Y 459 -32.29 34.85 -44.65
N ARG Y 460 -30.97 34.90 -44.68
CA ARG Y 460 -30.19 36.06 -44.27
C ARG Y 460 -29.53 36.71 -45.47
N ILE Y 461 -29.45 38.04 -45.44
CA ILE Y 461 -28.88 38.84 -46.52
C ILE Y 461 -27.77 39.67 -45.92
N LEU Y 462 -26.52 39.34 -46.25
CA LEU Y 462 -25.38 40.04 -45.67
C LEU Y 462 -25.17 41.36 -46.39
N GLN Y 463 -24.85 42.40 -45.61
CA GLN Y 463 -24.65 43.74 -46.14
C GLN Y 463 -23.40 44.32 -45.47
N ILE Y 464 -23.09 45.58 -45.78
CA ILE Y 464 -21.93 46.25 -45.19
C ILE Y 464 -22.30 46.88 -43.87
N MET Z 1 -32.54 47.84 -104.61
CA MET Z 1 -32.30 47.05 -103.41
C MET Z 1 -30.83 47.12 -103.01
N ASN Z 2 -30.33 48.34 -102.82
CA ASN Z 2 -28.94 48.52 -102.42
C ASN Z 2 -28.73 48.03 -101.00
N PHE Z 3 -27.69 47.21 -100.81
CA PHE Z 3 -27.37 46.67 -99.51
C PHE Z 3 -26.60 47.71 -98.68
N ASN Z 4 -26.33 47.36 -97.42
CA ASN Z 4 -25.47 48.16 -96.56
C ASN Z 4 -24.04 47.89 -96.99
N VAL Z 5 -23.63 48.57 -98.07
CA VAL Z 5 -22.29 48.38 -98.64
C VAL Z 5 -21.30 49.40 -98.08
N GLY Z 6 -21.72 50.21 -97.10
CA GLY Z 6 -20.77 51.01 -96.36
C GLY Z 6 -19.84 50.11 -95.58
N VAL Z 7 -20.38 49.41 -94.58
CA VAL Z 7 -19.73 48.19 -94.11
C VAL Z 7 -19.72 47.23 -95.28
N ASP Z 8 -18.80 46.26 -95.25
CA ASP Z 8 -18.62 45.41 -96.43
C ASP Z 8 -18.21 46.27 -97.62
N PHE Z 9 -16.91 46.65 -97.68
CA PHE Z 9 -16.28 47.57 -98.64
C PHE Z 9 -16.56 49.05 -98.39
N PRO Z 10 -16.06 49.62 -97.29
CA PRO Z 10 -16.09 51.08 -97.13
C PRO Z 10 -15.09 51.81 -98.01
N SER Z 11 -15.00 53.13 -97.86
CA SER Z 11 -14.08 53.94 -98.64
C SER Z 11 -13.67 55.16 -97.83
N PHE Z 12 -12.53 55.74 -98.18
CA PHE Z 12 -12.06 56.90 -97.46
C PHE Z 12 -11.22 57.75 -98.36
N ILE Z 13 -11.16 59.04 -98.07
CA ILE Z 13 -10.45 59.96 -98.94
C ILE Z 13 -8.94 59.82 -98.93
N ALA Z 14 -8.36 59.68 -100.11
CA ALA Z 14 -6.90 59.62 -100.22
C ALA Z 14 -6.30 60.97 -100.57
N TRP Z 15 -6.69 61.54 -101.70
CA TRP Z 15 -6.19 62.81 -102.18
C TRP Z 15 -7.37 63.66 -102.65
N ASP Z 16 -7.61 64.77 -101.95
CA ASP Z 16 -8.76 65.61 -102.24
C ASP Z 16 -8.52 66.51 -103.45
N GLY Z 17 -7.29 66.94 -103.65
CA GLY Z 17 -6.95 67.99 -104.59
C GLY Z 17 -6.19 69.14 -103.99
N GLU Z 18 -6.11 69.23 -102.67
CA GLU Z 18 -5.36 70.26 -101.96
C GLU Z 18 -4.35 69.68 -100.98
N GLU Z 19 -4.70 68.59 -100.31
CA GLU Z 19 -3.86 68.04 -99.25
C GLU Z 19 -4.08 66.54 -99.17
N SER Z 20 -3.00 65.79 -98.97
CA SER Z 20 -3.08 64.34 -98.88
C SER Z 20 -3.72 63.92 -97.56
N PHE Z 21 -4.00 62.62 -97.44
CA PHE Z 21 -4.63 62.08 -96.24
C PHE Z 21 -4.14 60.66 -95.96
N PRO Z 22 -3.48 60.43 -94.83
CA PRO Z 22 -3.10 59.06 -94.47
C PRO Z 22 -4.32 58.28 -94.00
N VAL Z 23 -4.50 57.08 -94.56
CA VAL Z 23 -5.67 56.25 -94.30
C VAL Z 23 -5.20 54.93 -93.71
N LYS Z 24 -5.86 54.49 -92.64
CA LYS Z 24 -5.51 53.22 -92.02
C LYS Z 24 -5.89 52.06 -92.92
N VAL Z 25 -5.00 51.06 -93.00
CA VAL Z 25 -5.25 49.88 -93.83
C VAL Z 25 -4.95 48.63 -93.02
N ASP Z 26 -4.78 48.79 -91.71
CA ASP Z 26 -4.43 47.65 -90.87
C ASP Z 26 -5.61 46.70 -90.70
N GLY Z 27 -6.79 47.24 -90.36
CA GLY Z 27 -7.94 46.41 -90.08
C GLY Z 27 -8.38 45.53 -91.23
N PHE Z 28 -7.98 45.86 -92.45
CA PHE Z 28 -8.37 45.12 -93.64
C PHE Z 28 -7.14 44.58 -94.34
N ASN Z 29 -7.37 43.77 -95.37
CA ASN Z 29 -6.29 43.03 -96.02
C ASN Z 29 -6.26 43.13 -97.54
N GLN Z 30 -7.22 43.79 -98.17
CA GLN Z 30 -7.15 44.08 -99.60
C GLN Z 30 -7.75 45.46 -99.84
N PHE Z 31 -7.02 46.29 -100.58
CA PHE Z 31 -7.44 47.66 -100.82
C PHE Z 31 -6.99 48.10 -102.20
N GLY Z 32 -7.61 49.17 -102.69
CA GLY Z 32 -7.29 49.67 -104.02
C GLY Z 32 -7.78 51.09 -104.21
N PHE Z 33 -7.26 51.72 -105.26
CA PHE Z 33 -7.52 53.12 -105.54
C PHE Z 33 -8.61 53.28 -106.60
N THR Z 34 -9.20 54.47 -106.63
CA THR Z 34 -10.16 54.86 -107.67
C THR Z 34 -9.86 56.29 -108.06
N PHE Z 35 -9.15 56.47 -109.17
CA PHE Z 35 -8.77 57.79 -109.64
C PHE Z 35 -9.92 58.40 -110.43
N LYS Z 36 -10.10 59.71 -110.28
CA LYS Z 36 -11.16 60.42 -110.99
C LYS Z 36 -10.67 61.82 -111.34
N THR Z 37 -11.08 62.31 -112.51
CA THR Z 37 -10.82 63.68 -112.89
C THR Z 37 -12.06 64.54 -112.65
N ILE Z 38 -11.85 65.84 -112.58
CA ILE Z 38 -12.95 66.79 -112.41
C ILE Z 38 -13.12 67.71 -113.60
N ALA Z 39 -12.08 67.93 -114.41
CA ALA Z 39 -12.16 68.78 -115.58
C ALA Z 39 -11.15 68.28 -116.61
N ALA Z 40 -10.99 69.06 -117.67
CA ALA Z 40 -9.97 68.74 -118.66
C ALA Z 40 -8.57 68.86 -118.05
N LEU Z 41 -7.65 68.08 -118.57
CA LEU Z 41 -6.31 67.96 -118.01
C LEU Z 41 -5.27 68.61 -118.91
N THR Z 42 -4.02 68.45 -118.49
CA THR Z 42 -2.85 68.85 -119.26
C THR Z 42 -1.85 67.71 -119.09
N ALA Z 43 -0.57 67.96 -119.40
CA ALA Z 43 0.47 66.93 -119.40
C ALA Z 43 0.29 65.92 -118.27
N ALA Z 44 0.34 64.63 -118.62
CA ALA Z 44 -0.07 63.54 -117.74
C ALA Z 44 0.51 63.69 -116.34
N THR Z 45 -0.34 63.47 -115.34
CA THR Z 45 0.09 63.73 -113.97
C THR Z 45 0.88 62.55 -113.42
N THR Z 46 1.66 62.82 -112.38
CA THR Z 46 2.48 61.82 -111.72
C THR Z 46 2.24 61.86 -110.23
N PHE Z 47 2.05 60.69 -109.63
CA PHE Z 47 1.76 60.57 -108.21
C PHE Z 47 2.76 59.60 -107.58
N ASN Z 48 3.39 60.03 -106.50
CA ASN Z 48 4.24 59.18 -105.70
C ASN Z 48 3.43 58.62 -104.54
N ILE Z 49 3.80 57.41 -104.11
CA ILE Z 49 3.11 56.70 -103.06
C ILE Z 49 4.00 56.68 -101.82
N PHE Z 50 3.36 56.71 -100.65
CA PHE Z 50 4.07 56.75 -99.38
C PHE Z 50 3.36 55.85 -98.39
N TYR Z 51 4.13 55.35 -97.42
CA TYR Z 51 3.60 54.53 -96.34
C TYR Z 51 4.05 55.10 -95.00
N HIS Z 52 3.22 54.89 -93.99
CA HIS Z 52 3.54 55.31 -92.63
C HIS Z 52 3.56 54.09 -91.71
N GLU Z 53 4.23 54.26 -90.58
CA GLU Z 53 4.33 53.27 -89.53
C GLU Z 53 3.81 53.87 -88.24
N PRO Z 54 3.46 53.04 -87.24
CA PRO Z 54 2.93 53.59 -85.99
C PRO Z 54 3.92 54.51 -85.31
N SER Z 55 3.58 55.80 -85.22
CA SER Z 55 4.43 56.74 -84.51
C SER Z 55 4.56 56.33 -83.05
N ASP Z 56 5.76 56.52 -82.49
CA ASP Z 56 5.99 56.12 -81.12
C ASP Z 56 5.14 56.93 -80.14
N ALA Z 57 4.67 58.10 -80.55
CA ALA Z 57 3.85 58.92 -79.67
C ALA Z 57 2.53 58.24 -79.35
N ASP Z 58 1.87 57.67 -80.36
CA ASP Z 58 0.60 56.99 -80.18
C ASP Z 58 0.56 55.78 -81.11
N PRO Z 59 0.18 54.60 -80.59
CA PRO Z 59 0.27 53.38 -81.40
C PRO Z 59 -0.70 53.34 -82.58
N CYS Z 60 -1.62 54.28 -82.70
CA CYS Z 60 -2.54 54.30 -83.83
C CYS Z 60 -2.62 55.70 -84.44
N VAL Z 61 -1.49 56.36 -84.56
CA VAL Z 61 -1.37 57.57 -85.38
C VAL Z 61 -0.26 57.33 -86.40
N PRO Z 62 -0.38 57.87 -87.62
CA PRO Z 62 0.66 57.63 -88.62
C PRO Z 62 1.97 58.29 -88.25
N GLY Z 63 3.07 57.62 -88.55
CA GLY Z 63 4.38 58.16 -88.33
C GLY Z 63 4.80 59.06 -89.48
N PRO Z 64 6.07 58.94 -89.89
CA PRO Z 64 6.54 59.74 -91.03
C PRO Z 64 6.00 59.24 -92.35
N ALA Z 65 6.40 59.89 -93.45
CA ALA Z 65 5.95 59.54 -94.78
C ALA Z 65 7.13 58.94 -95.54
N ILE Z 66 7.25 57.62 -95.49
CA ILE Z 66 8.29 56.91 -96.23
C ILE Z 66 7.67 56.33 -97.48
N ARG Z 67 8.49 56.12 -98.50
CA ARG Z 67 8.02 55.73 -99.82
C ARG Z 67 8.02 54.21 -99.97
N VAL Z 68 6.89 53.67 -100.43
CA VAL Z 68 6.77 52.23 -100.64
C VAL Z 68 7.61 51.82 -101.85
N PRO Z 69 8.41 50.76 -101.75
CA PRO Z 69 9.26 50.37 -102.88
C PRO Z 69 8.46 49.69 -103.98
N GLU Z 70 9.08 49.63 -105.16
CA GLU Z 70 8.47 49.02 -106.32
C GLU Z 70 8.85 47.55 -106.42
N VAL Z 71 7.88 46.73 -106.79
CA VAL Z 71 8.09 45.30 -106.99
C VAL Z 71 7.64 44.92 -108.40
N PRO Z 72 8.42 44.14 -109.13
CA PRO Z 72 8.03 43.76 -110.49
C PRO Z 72 7.27 42.44 -110.52
N PHE Z 73 6.44 42.30 -111.55
CA PHE Z 73 5.67 41.09 -111.80
C PHE Z 73 6.53 40.12 -112.62
N CYS Z 74 5.90 39.08 -113.16
CA CYS Z 74 6.65 38.10 -113.94
C CYS Z 74 7.22 38.69 -115.22
N ASP Z 75 6.44 39.60 -115.79
CA ASP Z 75 6.81 40.22 -117.01
C ASP Z 75 6.84 41.69 -116.83
N THR Z 76 6.91 42.14 -115.59
CA THR Z 76 6.87 43.57 -115.36
C THR Z 76 7.73 44.17 -116.42
N VAL Z 77 8.92 43.63 -116.57
CA VAL Z 77 9.82 44.08 -117.60
C VAL Z 77 9.54 45.51 -117.93
N LEU Z 78 10.07 46.40 -117.10
CA LEU Z 78 9.87 47.82 -117.29
C LEU Z 78 10.16 48.36 -115.95
N LEU Z 79 11.34 48.94 -115.78
CA LEU Z 79 11.66 49.38 -114.42
C LEU Z 79 12.00 50.86 -114.35
N SER Z 80 11.37 51.54 -113.39
CA SER Z 80 11.70 52.93 -113.10
C SER Z 80 13.15 53.05 -112.65
N GLU Z 81 13.64 54.30 -112.64
CA GLU Z 81 15.01 54.57 -112.23
C GLU Z 81 15.29 53.96 -110.86
N ASP Z 82 14.52 54.34 -109.85
CA ASP Z 82 14.60 53.78 -108.52
C ASP Z 82 13.62 52.61 -108.41
N GLY Z 83 13.31 52.22 -107.19
CA GLY Z 83 12.17 51.35 -106.97
C GLY Z 83 10.99 52.27 -106.72
N LEU Z 84 10.49 52.31 -105.49
CA LEU Z 84 9.55 53.35 -105.04
C LEU Z 84 8.36 53.46 -106.00
N ALA Z 85 7.56 52.39 -106.01
CA ALA Z 85 6.42 52.28 -106.92
C ALA Z 85 5.58 53.55 -106.90
N ALA Z 86 5.50 54.19 -108.06
CA ALA Z 86 4.66 55.37 -108.27
C ALA Z 86 3.65 55.07 -109.35
N VAL Z 87 2.90 56.08 -109.76
CA VAL Z 87 1.90 55.93 -110.82
C VAL Z 87 1.90 57.20 -111.66
N THR Z 88 1.49 57.05 -112.92
CA THR Z 88 1.33 58.17 -113.83
C THR Z 88 -0.06 58.12 -114.42
N LEU Z 89 -0.88 59.10 -114.09
CA LEU Z 89 -2.21 59.21 -114.68
C LEU Z 89 -2.06 59.81 -116.07
N PRO Z 90 -2.31 59.02 -117.11
CA PRO Z 90 -2.19 59.53 -118.48
C PRO Z 90 -3.26 60.58 -118.75
N GLU Z 91 -2.87 61.65 -119.42
CA GLU Z 91 -3.77 62.75 -119.69
C GLU Z 91 -4.73 62.35 -120.80
N THR Z 92 -5.53 63.33 -121.26
CA THR Z 92 -6.62 63.09 -122.21
C THR Z 92 -7.61 62.07 -121.65
N VAL Z 93 -8.17 62.43 -120.50
CA VAL Z 93 -9.17 61.60 -119.82
C VAL Z 93 -10.29 62.52 -119.33
N THR Z 94 -11.52 62.17 -119.65
CA THR Z 94 -12.69 62.98 -119.34
C THR Z 94 -13.27 62.59 -117.99
N PRO Z 95 -13.94 63.53 -117.31
CA PRO Z 95 -14.61 63.16 -116.06
C PRO Z 95 -15.87 62.33 -116.27
N ASP Z 96 -15.72 61.23 -117.02
CA ASP Z 96 -16.80 60.26 -117.17
C ASP Z 96 -16.27 58.84 -117.10
N SER Z 97 -14.98 58.66 -116.84
CA SER Z 97 -14.38 57.35 -116.65
C SER Z 97 -13.35 57.46 -115.54
N PHE Z 98 -13.02 56.31 -114.95
CA PHE Z 98 -12.18 56.26 -113.77
C PHE Z 98 -10.97 55.38 -114.01
N CYS Z 99 -9.97 55.53 -113.15
CA CYS Z 99 -8.78 54.70 -113.15
C CYS Z 99 -8.70 53.94 -111.84
N ALA Z 100 -8.24 52.69 -111.90
CA ALA Z 100 -8.25 51.77 -110.76
C ALA Z 100 -6.85 51.20 -110.56
N GLY Z 101 -6.06 51.83 -109.69
CA GLY Z 101 -4.74 51.36 -109.36
C GLY Z 101 -4.72 50.59 -108.05
N THR Z 102 -3.73 49.70 -107.93
CA THR Z 102 -3.60 48.87 -106.73
C THR Z 102 -2.16 48.38 -106.63
N VAL Z 103 -1.51 48.70 -105.52
CA VAL Z 103 -0.14 48.23 -105.28
C VAL Z 103 -0.20 46.80 -104.75
N PRO Z 104 0.58 45.86 -105.32
CA PRO Z 104 0.44 44.46 -104.89
C PRO Z 104 1.00 44.19 -103.51
N CYS Z 105 2.10 44.84 -103.13
CA CYS Z 105 2.75 44.59 -101.86
C CYS Z 105 2.63 45.81 -100.95
N MET Z 106 2.13 45.59 -99.74
CA MET Z 106 1.97 46.64 -98.76
C MET Z 106 3.03 46.53 -97.67
N ASN Z 107 3.32 47.68 -97.03
CA ASN Z 107 4.23 47.70 -95.89
C ASN Z 107 3.86 48.90 -95.04
N GLY Z 108 3.20 48.66 -93.91
CA GLY Z 108 2.81 49.70 -92.99
C GLY Z 108 1.34 49.59 -92.68
N GLN Z 109 0.80 50.69 -92.15
CA GLN Z 109 -0.61 50.76 -91.78
C GLN Z 109 -1.29 52.01 -92.30
N TRP Z 110 -0.59 52.86 -93.06
CA TRP Z 110 -1.17 54.10 -93.55
C TRP Z 110 -0.62 54.37 -94.94
N ILE Z 111 -1.47 54.19 -95.95
CA ILE Z 111 -1.11 54.54 -97.32
C ILE Z 111 -1.36 56.02 -97.53
N SER Z 112 -0.57 56.63 -98.42
CA SER Z 112 -0.77 58.03 -98.77
C SER Z 112 -0.28 58.27 -100.18
N ILE Z 113 -0.87 59.26 -100.84
CA ILE Z 113 -0.49 59.63 -102.20
C ILE Z 113 -0.10 61.10 -102.19
N ALA Z 114 0.90 61.45 -103.01
CA ALA Z 114 1.34 62.82 -103.12
C ALA Z 114 1.55 63.15 -104.59
N PRO Z 115 1.21 64.37 -105.01
CA PRO Z 115 1.48 64.77 -106.40
C PRO Z 115 2.97 64.95 -106.62
N ALA Z 116 3.53 64.14 -107.52
CA ALA Z 116 4.94 64.29 -107.85
C ALA Z 116 5.19 65.66 -108.48
N THR Z 117 6.44 66.10 -108.39
CA THR Z 117 6.80 67.42 -108.88
C THR Z 117 6.50 67.56 -110.37
N GLY Z 118 6.19 68.78 -110.77
CA GLY Z 118 5.76 69.03 -112.14
C GLY Z 118 4.40 68.47 -112.48
N SER Z 119 3.59 68.16 -111.48
CA SER Z 119 2.23 67.70 -111.68
C SER Z 119 1.21 68.36 -110.77
N GLU Z 120 1.63 68.97 -109.66
CA GLU Z 120 0.74 69.57 -108.68
C GLU Z 120 -0.32 70.46 -109.33
N THR Z 121 0.11 71.37 -110.20
CA THR Z 121 -0.84 72.24 -110.90
C THR Z 121 -1.88 71.41 -111.65
N ASN Z 122 -1.43 70.42 -112.41
CA ASN Z 122 -2.36 69.54 -113.11
C ASN Z 122 -2.99 68.51 -112.18
N ALA Z 123 -2.41 68.27 -111.01
CA ALA Z 123 -2.98 67.32 -110.07
C ALA Z 123 -4.10 67.93 -109.25
N ALA Z 124 -4.20 69.26 -109.20
CA ALA Z 124 -5.27 69.91 -108.45
C ALA Z 124 -6.65 69.54 -108.97
N ASN Z 125 -6.73 69.00 -110.18
CA ASN Z 125 -7.99 68.55 -110.76
C ASN Z 125 -8.19 67.05 -110.65
N VAL Z 126 -7.53 66.42 -109.68
CA VAL Z 126 -7.58 64.98 -109.49
C VAL Z 126 -8.21 64.66 -108.16
N GLN Z 127 -9.03 63.62 -108.12
CA GLN Z 127 -9.73 63.15 -106.94
C GLN Z 127 -9.40 61.68 -106.77
N ILE Z 128 -8.67 61.34 -105.71
CA ILE Z 128 -8.24 59.98 -105.47
C ILE Z 128 -8.81 59.50 -104.15
N THR Z 129 -9.33 58.28 -104.13
CA THR Z 129 -9.79 57.69 -102.88
C THR Z 129 -9.50 56.20 -102.91
N VAL Z 130 -9.54 55.59 -101.73
CA VAL Z 130 -9.17 54.20 -101.56
C VAL Z 130 -10.33 53.45 -100.91
N THR Z 131 -10.50 52.20 -101.33
CA THR Z 131 -11.52 51.33 -100.75
C THR Z 131 -10.90 49.99 -100.39
N MET Z 132 -11.30 49.45 -99.26
CA MET Z 132 -10.78 48.17 -98.78
C MET Z 132 -11.74 47.04 -99.12
N LYS Z 133 -11.30 45.81 -98.85
CA LYS Z 133 -12.04 44.62 -99.27
C LYS Z 133 -12.41 43.68 -98.13
N GLY Z 134 -11.59 43.53 -97.11
CA GLY Z 134 -11.84 42.58 -96.05
C GLY Z 134 -12.54 43.19 -94.86
N ALA Z 135 -12.73 42.36 -93.84
CA ALA Z 135 -13.17 42.83 -92.52
C ALA Z 135 -12.08 42.62 -91.49
N THR Z 136 -11.63 41.37 -91.31
CA THR Z 136 -10.38 41.01 -90.61
C THR Z 136 -10.15 41.87 -89.36
N ARG Z 137 -11.17 41.97 -88.53
CA ARG Z 137 -11.04 42.75 -87.30
C ARG Z 137 -10.49 41.91 -86.16
N MET AA 1 -1.55 40.72 -101.53
CA MET AA 1 -2.47 40.02 -102.41
C MET AA 1 -3.72 40.86 -102.63
N ASN AA 2 -3.61 42.16 -102.32
CA ASN AA 2 -4.74 43.06 -102.48
C ASN AA 2 -5.14 43.17 -103.95
N PHE AA 3 -6.30 42.62 -104.29
CA PHE AA 3 -6.77 42.69 -105.67
C PHE AA 3 -7.17 44.12 -106.03
N ASN AA 4 -7.28 44.37 -107.32
CA ASN AA 4 -7.71 45.68 -107.79
C ASN AA 4 -9.20 45.84 -107.48
N VAL AA 5 -9.50 46.46 -106.34
CA VAL AA 5 -10.89 46.72 -105.96
C VAL AA 5 -11.36 48.08 -106.44
N GLY AA 6 -10.54 48.79 -107.22
CA GLY AA 6 -11.00 49.97 -107.91
C GLY AA 6 -12.13 49.62 -108.85
N VAL AA 7 -11.83 48.88 -109.92
CA VAL AA 7 -12.88 48.17 -110.62
C VAL AA 7 -13.47 47.16 -109.65
N ASP AA 8 -14.72 46.75 -109.88
CA ASP AA 8 -15.38 45.85 -108.94
C ASP AA 8 -15.48 46.49 -107.57
N PHE AA 9 -16.46 47.38 -107.39
CA PHE AA 9 -16.74 48.25 -106.24
C PHE AA 9 -15.82 49.47 -106.17
N PRO AA 10 -15.94 50.41 -107.13
CA PRO AA 10 -15.19 51.67 -107.02
C PRO AA 10 -15.69 52.59 -105.91
N SER AA 11 -15.09 53.78 -105.81
CA SER AA 11 -15.43 54.72 -104.77
C SER AA 11 -15.11 56.13 -105.26
N PHE AA 12 -15.87 57.11 -104.75
CA PHE AA 12 -15.70 58.50 -105.13
C PHE AA 12 -16.01 59.40 -103.95
N ILE AA 13 -15.46 60.61 -103.98
CA ILE AA 13 -15.69 61.58 -102.93
C ILE AA 13 -17.12 62.10 -103.02
N ALA AA 14 -17.83 62.09 -101.89
CA ALA AA 14 -19.16 62.67 -101.79
C ALA AA 14 -19.16 64.03 -101.11
N TRP AA 15 -18.32 64.21 -100.10
CA TRP AA 15 -18.31 65.45 -99.34
C TRP AA 15 -16.93 65.61 -98.73
N ASP AA 16 -16.19 66.62 -99.19
CA ASP AA 16 -14.85 66.90 -98.70
C ASP AA 16 -14.83 67.85 -97.51
N GLY AA 17 -15.95 68.51 -97.23
CA GLY AA 17 -16.00 69.52 -96.19
C GLY AA 17 -16.13 70.94 -96.71
N GLU AA 18 -16.07 71.14 -98.02
CA GLU AA 18 -16.15 72.49 -98.58
C GLU AA 18 -17.25 72.61 -99.62
N GLU AA 19 -17.52 71.54 -100.35
CA GLU AA 19 -18.50 71.59 -101.43
C GLU AA 19 -18.96 70.17 -101.75
N SER AA 20 -20.15 70.09 -102.36
CA SER AA 20 -20.71 68.81 -102.75
C SER AA 20 -20.19 68.40 -104.13
N PHE AA 21 -20.44 67.14 -104.48
CA PHE AA 21 -20.01 66.58 -105.77
C PHE AA 21 -21.05 65.57 -106.23
N PRO AA 22 -21.98 65.97 -107.09
CA PRO AA 22 -22.94 65.00 -107.62
C PRO AA 22 -22.24 63.90 -108.40
N VAL AA 23 -22.60 62.65 -108.10
CA VAL AA 23 -21.95 61.49 -108.67
C VAL AA 23 -22.98 60.62 -109.36
N LYS AA 24 -22.65 60.13 -110.55
CA LYS AA 24 -23.56 59.30 -111.31
C LYS AA 24 -23.62 57.89 -110.72
N VAL AA 25 -24.80 57.30 -110.76
CA VAL AA 25 -25.02 55.97 -110.20
C VAL AA 25 -25.75 55.08 -111.21
N ASP AA 26 -25.74 55.50 -112.48
CA ASP AA 26 -26.48 54.78 -113.51
C ASP AA 26 -25.94 53.38 -113.70
N GLY AA 27 -24.66 53.26 -114.06
CA GLY AA 27 -24.07 51.97 -114.36
C GLY AA 27 -24.15 50.96 -113.22
N PHE AA 28 -24.32 51.44 -111.99
CA PHE AA 28 -24.37 50.57 -110.82
C PHE AA 28 -25.81 50.39 -110.38
N ASN AA 29 -26.09 49.22 -109.78
CA ASN AA 29 -27.44 48.92 -109.30
C ASN AA 29 -27.56 48.92 -107.78
N GLN AA 30 -26.46 48.97 -107.05
CA GLN AA 30 -26.49 49.11 -105.60
C GLN AA 30 -25.37 50.04 -105.17
N PHE AA 31 -25.52 50.63 -103.99
CA PHE AA 31 -24.54 51.60 -103.50
C PHE AA 31 -24.79 51.86 -102.02
N GLY AA 32 -23.87 52.64 -101.44
CA GLY AA 32 -23.92 52.94 -100.01
C GLY AA 32 -22.92 54.02 -99.66
N PHE AA 33 -23.07 54.55 -98.45
CA PHE AA 33 -22.31 55.70 -97.99
C PHE AA 33 -21.25 55.29 -96.98
N THR AA 34 -20.37 56.25 -96.74
CA THR AA 34 -19.32 56.04 -95.78
C THR AA 34 -19.04 57.38 -95.16
N PHE AA 35 -18.91 57.40 -93.85
CA PHE AA 35 -18.66 58.64 -93.11
C PHE AA 35 -17.39 58.50 -92.28
N LYS AA 36 -16.64 59.59 -92.16
CA LYS AA 36 -15.38 59.56 -91.44
C LYS AA 36 -15.17 60.91 -90.76
N THR AA 37 -14.58 60.86 -89.57
CA THR AA 37 -14.32 62.05 -88.77
C THR AA 37 -12.83 62.40 -88.82
N ILE AA 38 -12.55 63.70 -88.86
CA ILE AA 38 -11.17 64.18 -88.80
C ILE AA 38 -10.83 64.80 -87.45
N ALA AA 39 -11.82 65.25 -86.67
CA ALA AA 39 -11.58 65.84 -85.37
C ALA AA 39 -12.89 65.86 -84.59
N ALA AA 40 -12.77 65.80 -83.26
CA ALA AA 40 -13.95 65.79 -82.41
C ALA AA 40 -14.82 67.01 -82.67
N LEU AA 41 -16.13 66.78 -82.77
CA LEU AA 41 -17.09 67.80 -83.16
C LEU AA 41 -18.03 68.12 -82.00
N THR AA 42 -18.77 69.21 -82.15
CA THR AA 42 -19.55 69.78 -81.06
C THR AA 42 -20.97 69.25 -80.98
N ALA AA 43 -21.64 69.08 -82.13
CA ALA AA 43 -23.03 68.68 -82.15
C ALA AA 43 -23.22 67.50 -83.10
N ALA AA 44 -24.39 66.89 -83.04
CA ALA AA 44 -24.75 65.80 -83.94
C ALA AA 44 -25.05 66.41 -85.31
N THR AA 45 -24.03 66.47 -86.14
CA THR AA 45 -24.12 67.16 -87.42
C THR AA 45 -25.17 66.48 -88.31
N THR AA 46 -25.95 67.32 -89.01
CA THR AA 46 -27.06 66.87 -89.84
C THR AA 46 -26.77 67.14 -91.30
N PHE AA 47 -27.31 66.30 -92.18
CA PHE AA 47 -27.10 66.40 -93.61
C PHE AA 47 -28.40 66.17 -94.35
N ASN AA 48 -28.58 66.95 -95.41
CA ASN AA 48 -29.68 66.76 -96.36
C ASN AA 48 -29.18 66.00 -97.57
N ILE AA 49 -30.02 65.10 -98.06
CA ILE AA 49 -29.71 64.25 -99.21
C ILE AA 49 -30.51 64.76 -100.41
N PHE AA 50 -29.87 64.75 -101.58
CA PHE AA 50 -30.52 65.19 -102.80
C PHE AA 50 -30.16 64.25 -103.92
N TYR AA 51 -31.04 64.17 -104.92
CA TYR AA 51 -30.78 63.44 -106.15
C TYR AA 51 -31.03 64.38 -107.32
N HIS AA 52 -30.16 64.29 -108.32
CA HIS AA 52 -30.26 65.09 -109.52
C HIS AA 52 -30.95 64.31 -110.62
N GLU AA 53 -31.09 64.93 -111.78
CA GLU AA 53 -31.66 64.33 -112.97
C GLU AA 53 -30.79 64.72 -114.15
N PRO AA 54 -30.82 63.94 -115.23
CA PRO AA 54 -30.06 64.34 -116.42
C PRO AA 54 -30.62 65.63 -117.00
N SER AA 55 -29.83 66.71 -116.93
CA SER AA 55 -30.28 67.99 -117.43
C SER AA 55 -30.49 67.91 -118.94
N ASP AA 56 -31.65 68.39 -119.39
CA ASP AA 56 -31.98 68.32 -120.81
C ASP AA 56 -31.14 69.27 -121.65
N ALA AA 57 -30.35 70.16 -121.02
CA ALA AA 57 -29.41 70.96 -121.79
C ALA AA 57 -28.23 70.11 -122.27
N ASP AA 58 -27.84 69.10 -121.50
CA ASP AA 58 -26.80 68.16 -121.87
C ASP AA 58 -27.01 66.86 -121.12
N PRO AA 59 -27.35 65.77 -121.81
CA PRO AA 59 -27.62 64.51 -121.10
C PRO AA 59 -26.34 63.80 -120.67
N CYS AA 60 -25.42 64.56 -120.11
CA CYS AA 60 -24.23 64.04 -119.42
C CYS AA 60 -24.01 64.73 -118.08
N VAL AA 61 -24.30 66.02 -117.99
CA VAL AA 61 -24.18 66.78 -116.74
C VAL AA 61 -25.51 66.68 -115.98
N PRO AA 62 -25.49 66.48 -114.67
CA PRO AA 62 -26.74 66.40 -113.92
C PRO AA 62 -27.47 67.73 -113.87
N GLY AA 63 -28.78 67.66 -113.68
CA GLY AA 63 -29.60 68.83 -113.50
C GLY AA 63 -29.65 69.27 -112.05
N PRO AA 64 -30.65 70.07 -111.70
CA PRO AA 64 -30.79 70.52 -110.31
C PRO AA 64 -31.06 69.35 -109.36
N ALA AA 65 -30.89 69.63 -108.08
CA ALA AA 65 -31.01 68.62 -107.03
C ALA AA 65 -32.38 68.74 -106.35
N ILE AA 66 -33.13 67.64 -106.35
CA ILE AA 66 -34.38 67.53 -105.61
C ILE AA 66 -34.14 66.71 -104.36
N ARG AA 67 -34.72 67.14 -103.25
CA ARG AA 67 -34.55 66.42 -102.00
C ARG AA 67 -35.36 65.12 -102.03
N VAL AA 68 -34.74 64.04 -101.57
CA VAL AA 68 -35.26 62.70 -101.82
C VAL AA 68 -36.33 62.36 -100.77
N PRO AA 69 -37.48 61.83 -101.19
CA PRO AA 69 -38.57 61.52 -100.24
C PRO AA 69 -38.41 60.19 -99.51
N GLU AA 70 -37.73 60.20 -98.35
CA GLU AA 70 -37.56 59.03 -97.50
C GLU AA 70 -38.80 58.14 -97.48
N VAL AA 71 -38.59 56.85 -97.70
CA VAL AA 71 -39.63 55.84 -97.54
C VAL AA 71 -39.38 55.12 -96.22
N PRO AA 72 -40.38 55.05 -95.33
CA PRO AA 72 -40.15 54.41 -94.03
C PRO AA 72 -40.25 52.90 -94.12
N PHE AA 73 -39.50 52.24 -93.23
CA PHE AA 73 -39.48 50.78 -93.21
C PHE AA 73 -40.82 50.25 -92.71
N CYS AA 74 -40.89 48.92 -92.61
CA CYS AA 74 -42.11 48.27 -92.14
C CYS AA 74 -42.48 48.72 -90.72
N ASP AA 75 -41.48 49.00 -89.89
CA ASP AA 75 -41.75 49.32 -88.48
C ASP AA 75 -40.90 50.50 -88.02
N THR AA 76 -40.75 51.50 -88.87
CA THR AA 76 -40.10 52.75 -88.45
C THR AA 76 -41.04 53.49 -87.50
N VAL AA 77 -40.73 53.49 -86.20
CA VAL AA 77 -41.61 54.11 -85.23
C VAL AA 77 -41.61 55.63 -85.39
N LEU AA 78 -40.42 56.24 -85.38
CA LEU AA 78 -40.29 57.66 -85.65
C LEU AA 78 -39.82 57.84 -87.09
N LEU AA 79 -40.60 58.56 -87.89
CA LEU AA 79 -40.31 58.78 -89.29
C LEU AA 79 -39.93 60.25 -89.50
N SER AA 80 -39.61 60.58 -90.76
CA SER AA 80 -39.09 61.90 -91.08
C SER AA 80 -40.08 63.00 -90.67
N GLU AA 81 -39.52 64.17 -90.36
CA GLU AA 81 -40.36 65.30 -89.97
C GLU AA 81 -41.12 65.88 -91.16
N ASP AA 82 -40.61 65.68 -92.38
CA ASP AA 82 -41.28 66.15 -93.58
C ASP AA 82 -41.57 65.03 -94.58
N GLY AA 83 -41.13 63.80 -94.29
CA GLY AA 83 -41.24 62.69 -95.21
C GLY AA 83 -40.01 62.52 -96.09
N LEU AA 84 -39.30 63.60 -96.37
CA LEU AA 84 -38.13 63.54 -97.22
C LEU AA 84 -36.92 63.07 -96.42
N ALA AA 85 -35.92 62.54 -97.11
CA ALA AA 85 -34.82 61.86 -96.45
C ALA AA 85 -33.73 62.82 -96.02
N ALA AA 86 -32.97 62.40 -95.02
CA ALA AA 86 -31.84 63.13 -94.47
C ALA AA 86 -31.11 62.17 -93.54
N VAL AA 87 -29.96 62.61 -93.04
CA VAL AA 87 -29.15 61.79 -92.15
C VAL AA 87 -28.59 62.68 -91.05
N THR AA 88 -28.24 62.06 -89.93
CA THR AA 88 -27.66 62.79 -88.81
C THR AA 88 -26.69 61.87 -88.09
N LEU AA 89 -25.40 62.13 -88.24
CA LEU AA 89 -24.41 61.40 -87.47
C LEU AA 89 -24.58 61.74 -85.99
N PRO AA 90 -24.57 60.74 -85.10
CA PRO AA 90 -24.67 61.04 -83.68
C PRO AA 90 -23.48 61.85 -83.22
N GLU AA 91 -23.71 62.68 -82.20
CA GLU AA 91 -22.60 63.42 -81.62
C GLU AA 91 -21.66 62.47 -80.89
N THR AA 92 -20.52 63.01 -80.45
CA THR AA 92 -19.52 62.25 -79.70
C THR AA 92 -19.02 61.05 -80.49
N VAL AA 93 -18.81 61.24 -81.80
CA VAL AA 93 -18.12 60.27 -82.63
C VAL AA 93 -16.72 60.77 -82.89
N THR AA 94 -15.75 59.90 -82.69
CA THR AA 94 -14.34 60.22 -82.73
C THR AA 94 -13.73 59.83 -84.06
N PRO AA 95 -12.57 60.40 -84.42
CA PRO AA 95 -11.82 59.89 -85.57
C PRO AA 95 -11.47 58.42 -85.43
N ASP AA 96 -10.86 57.84 -86.46
CA ASP AA 96 -10.66 56.40 -86.62
C ASP AA 96 -11.90 55.64 -86.21
N SER AA 97 -13.05 56.09 -86.71
CA SER AA 97 -14.32 55.38 -86.52
C SER AA 97 -15.16 55.65 -87.76
N PHE AA 98 -15.19 54.67 -88.67
CA PHE AA 98 -15.87 54.83 -89.94
C PHE AA 98 -17.34 54.50 -89.76
N CYS AA 99 -18.20 55.30 -90.40
CA CYS AA 99 -19.62 55.19 -90.20
C CYS AA 99 -20.27 54.97 -91.56
N ALA AA 100 -21.41 54.28 -91.58
CA ALA AA 100 -21.94 53.79 -92.85
C ALA AA 100 -23.46 53.87 -92.86
N GLY AA 101 -24.02 54.21 -94.03
CA GLY AA 101 -25.45 54.28 -94.21
C GLY AA 101 -25.82 54.18 -95.68
N THR AA 102 -27.13 54.12 -95.94
CA THR AA 102 -27.64 54.03 -97.30
C THR AA 102 -29.14 54.31 -97.27
N VAL AA 103 -29.69 54.59 -98.45
CA VAL AA 103 -31.12 54.80 -98.61
C VAL AA 103 -31.72 53.56 -99.29
N PRO AA 104 -32.99 53.24 -99.05
CA PRO AA 104 -33.53 51.97 -99.58
C PRO AA 104 -33.98 52.02 -101.03
N CYS AA 105 -34.42 53.18 -101.51
CA CYS AA 105 -34.97 53.31 -102.85
C CYS AA 105 -34.50 54.61 -103.47
N MET AA 106 -33.80 54.51 -104.59
CA MET AA 106 -33.32 55.68 -105.32
C MET AA 106 -34.35 56.11 -106.36
N ASN AA 107 -34.22 57.36 -106.82
CA ASN AA 107 -35.16 57.90 -107.78
C ASN AA 107 -34.49 58.77 -108.85
N GLY AA 108 -33.19 58.64 -109.05
CA GLY AA 108 -32.50 59.46 -110.02
C GLY AA 108 -31.24 58.82 -110.54
N GLN AA 109 -30.36 59.66 -111.07
CA GLN AA 109 -29.08 59.21 -111.60
C GLN AA 109 -27.88 59.79 -110.89
N TRP AA 110 -28.07 60.77 -110.01
CA TRP AA 110 -26.98 61.43 -109.32
C TRP AA 110 -27.37 61.65 -107.86
N ILE AA 111 -26.45 61.36 -106.95
CA ILE AA 111 -26.67 61.53 -105.52
C ILE AA 111 -25.73 62.61 -105.00
N SER AA 112 -26.22 63.44 -104.08
CA SER AA 112 -25.42 64.48 -103.48
C SER AA 112 -25.83 64.67 -102.03
N ILE AA 113 -24.86 65.05 -101.20
CA ILE AA 113 -25.09 65.30 -99.78
C ILE AA 113 -24.66 66.71 -99.47
N ALA AA 114 -25.40 67.37 -98.58
CA ALA AA 114 -25.04 68.71 -98.14
C ALA AA 114 -25.22 68.79 -96.63
N PRO AA 115 -24.44 69.63 -95.95
CA PRO AA 115 -24.67 69.83 -94.52
C PRO AA 115 -26.00 70.52 -94.29
N ALA AA 116 -26.87 69.85 -93.55
CA ALA AA 116 -28.17 70.43 -93.25
C ALA AA 116 -27.99 71.69 -92.39
N THR AA 117 -29.03 72.51 -92.36
CA THR AA 117 -28.93 73.83 -91.75
C THR AA 117 -28.52 73.74 -90.28
N GLY AA 118 -27.73 74.72 -89.85
CA GLY AA 118 -27.23 74.79 -88.50
C GLY AA 118 -26.12 73.83 -88.15
N SER AA 119 -25.74 72.93 -89.06
CA SER AA 119 -24.67 71.96 -88.83
C SER AA 119 -23.50 72.13 -89.78
N GLU AA 120 -23.39 73.30 -90.42
CA GLU AA 120 -22.35 73.50 -91.43
C GLU AA 120 -20.96 73.56 -90.81
N THR AA 121 -20.77 74.48 -89.86
CA THR AA 121 -19.43 74.70 -89.29
C THR AA 121 -18.86 73.46 -88.64
N ASN AA 122 -19.70 72.48 -88.28
CA ASN AA 122 -19.20 71.20 -87.78
C ASN AA 122 -19.07 70.16 -88.87
N ALA AA 123 -19.71 70.36 -90.02
CA ALA AA 123 -19.55 69.46 -91.15
C ALA AA 123 -18.31 69.76 -91.97
N ALA AA 124 -17.55 70.80 -91.61
CA ALA AA 124 -16.28 71.10 -92.27
C ALA AA 124 -15.16 70.18 -91.78
N ASN AA 125 -15.50 69.14 -91.04
CA ASN AA 125 -14.55 68.15 -90.55
C ASN AA 125 -14.86 66.76 -91.06
N VAL AA 126 -16.13 66.37 -91.10
CA VAL AA 126 -16.50 65.05 -91.57
C VAL AA 126 -16.27 64.94 -93.07
N GLN AA 127 -15.76 63.80 -93.49
CA GLN AA 127 -15.61 63.45 -94.90
C GLN AA 127 -16.58 62.32 -95.22
N ILE AA 128 -17.14 62.35 -96.43
CA ILE AA 128 -18.12 61.36 -96.84
C ILE AA 128 -17.76 60.87 -98.24
N THR AA 129 -17.81 59.55 -98.43
CA THR AA 129 -17.60 58.93 -99.72
C THR AA 129 -18.74 57.96 -100.02
N VAL AA 130 -18.81 57.51 -101.27
CA VAL AA 130 -19.84 56.59 -101.71
C VAL AA 130 -19.19 55.41 -102.43
N THR AA 131 -19.71 54.22 -102.19
CA THR AA 131 -19.27 53.01 -102.89
C THR AA 131 -20.44 52.43 -103.67
N MET AA 132 -20.18 52.10 -104.94
CA MET AA 132 -21.16 51.48 -105.81
C MET AA 132 -20.65 50.09 -106.21
N LYS AA 133 -21.59 49.17 -106.46
CA LYS AA 133 -21.23 47.76 -106.60
C LYS AA 133 -21.93 47.09 -107.77
N GLY AA 134 -22.27 47.84 -108.81
CA GLY AA 134 -22.95 47.25 -109.94
C GLY AA 134 -22.18 47.36 -111.24
N ALA AA 135 -22.50 46.52 -112.22
CA ALA AA 135 -21.94 46.67 -113.55
C ALA AA 135 -23.01 47.02 -114.58
N THR AA 136 -24.02 46.17 -114.76
CA THR AA 136 -25.23 46.46 -115.53
C THR AA 136 -24.95 46.81 -116.98
N ARG AA 137 -23.67 46.88 -117.36
CA ARG AA 137 -23.22 47.32 -118.68
C ARG AA 137 -21.72 47.56 -118.64
N PHE BA 174 -67.14 38.20 -60.70
CA PHE BA 174 -67.21 37.60 -62.02
C PHE BA 174 -65.92 36.90 -62.41
N PHE BA 175 -64.88 37.04 -61.59
CA PHE BA 175 -63.67 36.24 -61.69
C PHE BA 175 -63.36 35.68 -60.32
N THR BA 176 -63.22 34.37 -60.23
CA THR BA 176 -62.94 33.72 -58.96
C THR BA 176 -61.42 33.66 -58.76
N PRO BA 177 -60.87 34.33 -57.75
CA PRO BA 177 -59.44 34.17 -57.47
C PRO BA 177 -59.11 32.71 -57.19
N GLN BA 178 -58.06 32.22 -57.86
CA GLN BA 178 -57.69 30.82 -57.72
C GLN BA 178 -57.16 30.55 -56.32
N VAL BA 179 -57.31 29.31 -55.86
CA VAL BA 179 -56.90 28.91 -54.52
C VAL BA 179 -55.70 27.97 -54.65
N LEU BA 180 -54.64 28.27 -53.88
CA LEU BA 180 -53.48 27.39 -53.84
C LEU BA 180 -53.80 26.13 -53.05
N ALA BA 181 -52.81 25.26 -52.95
CA ALA BA 181 -52.91 24.03 -52.18
C ALA BA 181 -51.75 23.92 -51.20
N LEU BA 182 -51.45 25.03 -50.52
CA LEU BA 182 -50.30 25.08 -49.62
C LEU BA 182 -50.59 26.05 -48.49
N GLU BA 183 -49.72 26.02 -47.48
CA GLU BA 183 -49.81 26.95 -46.37
C GLU BA 183 -48.42 27.02 -45.73
N VAL BA 184 -47.72 28.13 -45.95
CA VAL BA 184 -46.40 28.31 -45.38
C VAL BA 184 -46.56 28.66 -43.89
N ASP BA 185 -46.29 27.68 -43.03
CA ASP BA 185 -46.48 27.89 -41.60
C ASP BA 185 -45.41 28.81 -41.02
N CYS BA 186 -44.15 28.52 -41.33
CA CYS BA 186 -43.01 29.31 -40.86
C CYS BA 186 -43.06 29.48 -39.35
N ASN BA 187 -43.34 28.37 -38.66
CA ASN BA 187 -43.42 28.33 -37.20
C ASN BA 187 -42.28 27.46 -36.68
N ILE BA 188 -41.62 27.92 -35.63
CA ILE BA 188 -40.36 27.34 -35.16
C ILE BA 188 -40.68 26.49 -33.94
N GLU BA 189 -40.80 25.18 -34.15
CA GLU BA 189 -40.78 24.26 -33.03
C GLU BA 189 -39.36 24.13 -32.50
N CYS BA 190 -39.19 24.35 -31.20
CA CYS BA 190 -37.86 24.49 -30.63
C CYS BA 190 -37.23 23.12 -30.41
N ALA BA 191 -36.14 23.10 -29.64
CA ALA BA 191 -35.32 21.90 -29.49
C ALA BA 191 -35.33 21.43 -28.05
N SER BA 192 -36.53 21.33 -27.47
CA SER BA 192 -36.73 20.95 -26.07
C SER BA 192 -35.87 19.75 -25.69
N LEU BA 193 -35.06 19.93 -24.65
CA LEU BA 193 -34.24 18.86 -24.09
C LEU BA 193 -35.02 18.22 -22.95
N LEU BA 194 -35.67 17.10 -23.25
CA LEU BA 194 -36.56 16.44 -22.31
C LEU BA 194 -36.03 15.08 -21.87
N ASP BA 195 -35.74 14.19 -22.82
CA ASP BA 195 -35.30 12.83 -22.49
C ASP BA 195 -33.91 12.79 -21.88
N LEU BA 196 -33.23 13.92 -21.76
CA LEU BA 196 -31.91 13.95 -21.12
C LEU BA 196 -32.00 13.79 -19.61
N TYR BA 197 -33.13 14.14 -19.01
CA TYR BA 197 -33.29 14.09 -17.56
C TYR BA 197 -33.65 12.68 -17.14
N GLY BA 198 -34.01 12.51 -15.86
CA GLY BA 198 -34.44 11.23 -15.37
C GLY BA 198 -35.94 11.04 -15.44
N GLN BA 199 -36.40 10.14 -16.30
CA GLN BA 199 -37.82 9.95 -16.56
C GLN BA 199 -38.41 9.05 -15.48
N ILE BA 200 -39.51 9.49 -14.88
CA ILE BA 200 -40.12 8.76 -13.77
C ILE BA 200 -41.62 8.62 -14.01
N GLU BA 201 -42.07 7.39 -14.19
CA GLU BA 201 -43.50 7.10 -14.12
C GLU BA 201 -43.99 7.27 -12.68
N VAL BA 202 -45.27 7.59 -12.55
CA VAL BA 202 -45.86 7.82 -11.23
C VAL BA 202 -47.36 7.68 -11.35
N SER BA 203 -47.98 7.06 -10.35
CA SER BA 203 -49.41 6.79 -10.33
C SER BA 203 -50.18 7.72 -9.40
N ARG BA 204 -49.64 8.00 -8.22
CA ARG BA 204 -50.31 8.86 -7.26
C ARG BA 204 -49.78 10.30 -7.37
N SER BA 205 -50.35 11.19 -6.56
CA SER BA 205 -50.00 12.60 -6.61
C SER BA 205 -48.88 12.99 -5.65
N THR BA 206 -48.44 12.08 -4.78
CA THR BA 206 -47.37 12.38 -3.84
C THR BA 206 -46.48 11.17 -3.71
N PHE BA 207 -45.18 11.38 -3.91
CA PHE BA 207 -44.17 10.32 -3.84
C PHE BA 207 -43.15 10.67 -2.77
N THR BA 208 -42.31 9.69 -2.44
CA THR BA 208 -41.30 9.87 -1.40
C THR BA 208 -40.14 8.93 -1.68
N TYR BA 209 -39.01 9.22 -1.03
CA TYR BA 209 -37.77 8.51 -1.31
C TYR BA 209 -36.74 8.83 -0.25
N MET BA 210 -35.76 7.95 -0.11
CA MET BA 210 -34.63 8.14 0.79
C MET BA 210 -33.50 8.88 0.09
N LYS BA 211 -32.66 9.54 0.90
CA LYS BA 211 -31.50 10.27 0.40
C LYS BA 211 -30.37 10.10 1.40
N ILE BA 212 -29.42 9.22 1.09
CA ILE BA 212 -28.27 9.02 1.95
C ILE BA 212 -27.45 10.29 1.96
N ALA BA 213 -27.41 10.97 3.11
CA ALA BA 213 -26.68 12.22 3.21
C ALA BA 213 -25.18 11.98 3.18
N ASP BA 214 -24.66 11.21 4.13
CA ASP BA 214 -23.24 10.95 4.24
C ASP BA 214 -23.03 9.74 5.14
N TYR BA 215 -21.85 9.14 5.01
CA TYR BA 215 -21.44 8.09 5.91
C TYR BA 215 -20.60 8.67 7.04
N GLY BA 216 -20.43 7.89 8.10
CA GLY BA 216 -19.60 8.27 9.23
C GLY BA 216 -18.18 7.80 9.07
N GLN BA 217 -17.49 7.65 10.21
CA GLN BA 217 -16.16 7.10 10.23
C GLN BA 217 -16.03 6.18 11.43
N LEU BA 218 -15.66 4.92 11.17
CA LEU BA 218 -15.64 3.90 12.21
C LEU BA 218 -14.25 3.34 12.44
N GLY BA 219 -13.56 2.89 11.40
CA GLY BA 219 -12.26 2.26 11.55
C GLY BA 219 -11.12 3.23 11.78
N GLU BA 220 -11.05 3.80 12.97
CA GLU BA 220 -9.97 4.70 13.32
C GLU BA 220 -8.75 3.93 13.80
N TYR BA 221 -7.58 4.53 13.63
CA TYR BA 221 -6.32 3.94 14.09
C TYR BA 221 -6.18 4.12 15.59
N THR BA 222 -6.21 3.02 16.32
CA THR BA 222 -5.94 3.00 17.75
C THR BA 222 -4.70 2.14 18.01
N CYS BA 223 -4.18 2.26 19.23
CA CYS BA 223 -3.04 1.44 19.61
C CYS BA 223 -3.45 -0.01 19.77
N ASP BA 224 -2.47 -0.91 19.61
CA ASP BA 224 -2.76 -2.33 19.68
C ASP BA 224 -2.81 -2.84 21.12
N ALA BA 225 -2.07 -2.21 22.03
CA ALA BA 225 -1.99 -2.71 23.40
C ALA BA 225 -3.24 -2.36 24.20
N LYS BA 226 -4.39 -2.78 23.70
CA LYS BA 226 -5.67 -2.66 24.40
C LYS BA 226 -6.73 -3.49 23.68
N CYS BA 227 -7.50 -4.28 24.43
CA CYS BA 227 -8.59 -5.06 23.86
C CYS BA 227 -9.89 -4.27 24.01
N ASP BA 228 -9.87 -3.07 23.44
CA ASP BA 228 -11.00 -2.15 23.52
C ASP BA 228 -11.31 -1.61 22.13
N ALA BA 229 -12.20 -0.63 22.04
CA ALA BA 229 -12.59 -0.08 20.75
C ALA BA 229 -13.23 1.28 20.97
N GLU BA 230 -13.82 1.83 19.90
CA GLU BA 230 -14.42 3.15 19.94
C GLU BA 230 -15.68 3.16 19.07
N PHE BA 231 -16.61 4.02 19.43
CA PHE BA 231 -17.88 4.15 18.72
C PHE BA 231 -17.86 5.41 17.86
N GLY BA 232 -17.95 5.22 16.55
CA GLY BA 232 -18.07 6.34 15.64
C GLY BA 232 -19.52 6.68 15.33
N GLU BA 233 -19.75 7.93 14.94
CA GLU BA 233 -21.11 8.35 14.66
C GLU BA 233 -21.58 7.81 13.31
N PRO BA 234 -22.88 7.49 13.19
CA PRO BA 234 -23.38 6.97 11.92
C PRO BA 234 -23.83 8.08 10.98
N GLY BA 235 -24.36 7.70 9.82
CA GLY BA 235 -24.80 8.64 8.81
C GLY BA 235 -26.25 9.04 8.95
N ASN BA 236 -26.88 9.33 7.81
CA ASN BA 236 -28.26 9.75 7.77
C ASN BA 236 -28.97 9.06 6.61
N ILE BA 237 -30.29 9.17 6.60
CA ILE BA 237 -31.11 8.57 5.55
C ILE BA 237 -31.93 9.66 4.88
N ARG BA 238 -32.22 10.73 5.64
CA ARG BA 238 -32.74 11.99 5.12
C ARG BA 238 -33.89 11.77 4.14
N HIS BA 239 -35.00 11.28 4.69
CA HIS BA 239 -36.17 11.01 3.88
C HIS BA 239 -36.73 12.29 3.27
N LEU BA 240 -37.27 12.17 2.06
CA LEU BA 240 -37.74 13.28 1.25
C LEU BA 240 -39.06 12.90 0.60
N GLU BA 241 -39.87 13.91 0.28
CA GLU BA 241 -41.13 13.73 -0.43
C GLU BA 241 -41.24 14.73 -1.56
N GLY BA 242 -42.28 14.56 -2.38
CA GLY BA 242 -42.51 15.43 -3.51
C GLY BA 242 -43.89 15.24 -4.09
N LYS BA 243 -44.35 16.24 -4.81
CA LYS BA 243 -45.70 16.28 -5.36
C LYS BA 243 -45.66 16.58 -6.86
N THR BA 244 -46.84 16.68 -7.46
CA THR BA 244 -47.02 16.97 -8.88
C THR BA 244 -47.73 18.30 -9.05
N TYR BA 245 -47.90 18.72 -10.31
CA TYR BA 245 -48.51 20.01 -10.62
C TYR BA 245 -49.44 19.87 -11.82
N ASP BA 246 -50.47 20.72 -11.84
CA ASP BA 246 -51.50 20.68 -12.87
C ASP BA 246 -51.24 21.73 -13.94
N TYR BA 247 -51.95 21.59 -15.07
CA TYR BA 247 -51.76 22.45 -16.24
C TYR BA 247 -52.99 22.33 -17.12
N ARG BA 248 -53.74 23.43 -17.30
CA ARG BA 248 -54.99 23.29 -18.01
C ARG BA 248 -55.51 24.65 -18.49
N GLY BA 249 -56.77 24.65 -18.90
CA GLY BA 249 -57.40 25.83 -19.47
C GLY BA 249 -58.67 25.48 -20.22
N VAL BA 250 -59.32 26.54 -20.71
CA VAL BA 250 -60.56 26.45 -21.48
C VAL BA 250 -60.57 27.54 -22.54
N PHE BA 251 -61.54 27.46 -23.44
CA PHE BA 251 -61.82 28.49 -24.42
C PHE BA 251 -63.30 28.44 -24.74
N CYS BA 252 -63.78 29.45 -25.46
CA CYS BA 252 -65.17 29.44 -25.93
C CYS BA 252 -65.21 29.77 -27.41
N PHE BA 253 -66.10 29.10 -28.12
CA PHE BA 253 -66.37 29.34 -29.53
C PHE BA 253 -67.75 29.95 -29.68
N ASN BA 254 -68.15 30.19 -30.92
CA ASN BA 254 -69.50 30.63 -31.25
C ASN BA 254 -70.02 29.66 -32.30
N ARG BA 255 -70.90 28.74 -31.89
CA ARG BA 255 -71.44 27.70 -32.75
C ARG BA 255 -71.84 28.25 -34.12
N LYS BA 256 -72.45 29.43 -34.13
CA LYS BA 256 -72.75 30.09 -35.40
C LYS BA 256 -71.48 30.30 -36.22
N ASN BA 257 -70.48 30.97 -35.63
CA ASN BA 257 -69.21 31.15 -36.31
C ASN BA 257 -68.59 29.82 -36.69
N LEU BA 258 -68.62 28.85 -35.77
CA LEU BA 258 -67.93 27.57 -36.00
C LEU BA 258 -68.50 26.83 -37.19
N GLN BA 259 -69.82 26.70 -37.27
CA GLN BA 259 -70.42 25.90 -38.33
C GLN BA 259 -70.22 26.56 -39.70
N GLU BA 260 -70.73 27.77 -39.87
CA GLU BA 260 -70.63 28.49 -41.14
C GLU BA 260 -69.37 29.34 -41.08
N ALA BA 261 -68.24 28.74 -41.45
CA ALA BA 261 -66.95 29.41 -41.40
C ALA BA 261 -66.18 29.13 -42.68
N ASN BA 262 -65.06 29.84 -42.83
CA ASN BA 262 -64.19 29.61 -43.98
C ASN BA 262 -63.58 28.21 -43.94
N TYR BA 263 -63.04 27.82 -42.80
CA TYR BA 263 -62.44 26.51 -42.64
C TYR BA 263 -62.30 26.21 -41.15
N ASP BA 264 -61.83 24.99 -40.86
CA ASP BA 264 -61.83 24.49 -39.48
C ASP BA 264 -60.92 25.32 -38.58
N PHE BA 265 -61.41 25.57 -37.36
CA PHE BA 265 -60.60 26.15 -36.30
C PHE BA 265 -60.39 25.21 -35.12
N LEU BA 266 -61.20 24.16 -35.01
CA LEU BA 266 -61.18 23.29 -33.83
C LEU BA 266 -59.86 22.54 -33.72
N SER BA 267 -59.53 21.73 -34.73
CA SER BA 267 -58.28 20.98 -34.72
C SER BA 267 -57.08 21.90 -34.61
N PHE BA 268 -57.16 23.10 -35.19
CA PHE BA 268 -56.09 24.09 -35.02
C PHE BA 268 -55.92 24.43 -33.55
N MET BA 269 -57.03 24.63 -32.84
CA MET BA 269 -56.93 24.95 -31.42
C MET BA 269 -56.42 23.77 -30.62
N ILE BA 270 -56.77 22.54 -31.01
CA ILE BA 270 -56.25 21.36 -30.32
C ILE BA 270 -54.74 21.29 -30.48
N GLY BA 271 -54.26 21.48 -31.71
CA GLY BA 271 -52.82 21.48 -31.94
C GLY BA 271 -52.11 22.59 -31.20
N ALA BA 272 -52.71 23.79 -31.18
CA ALA BA 272 -52.17 24.90 -30.40
C ALA BA 272 -52.09 24.53 -28.93
N ALA BA 273 -53.11 23.81 -28.43
CA ALA BA 273 -53.11 23.40 -27.04
C ALA BA 273 -51.95 22.45 -26.76
N GLN BA 274 -51.78 21.44 -27.60
CA GLN BA 274 -50.70 20.48 -27.40
C GLN BA 274 -49.33 21.17 -27.47
N ARG BA 275 -49.15 22.07 -28.44
CA ARG BA 275 -47.84 22.71 -28.61
C ARG BA 275 -47.54 23.67 -27.46
N SER BA 276 -48.52 24.49 -27.08
CA SER BA 276 -48.33 25.36 -25.93
C SER BA 276 -48.06 24.55 -24.68
N HIS BA 277 -48.75 23.43 -24.52
CA HIS BA 277 -48.50 22.55 -23.39
C HIS BA 277 -47.04 22.09 -23.35
N ARG BA 278 -46.56 21.57 -24.48
CA ARG BA 278 -45.19 21.06 -24.52
C ARG BA 278 -44.18 22.16 -24.23
N ILE BA 279 -44.32 23.31 -24.89
CA ILE BA 279 -43.32 24.36 -24.74
C ILE BA 279 -43.36 24.94 -23.33
N ASN BA 280 -44.56 25.10 -22.76
CA ASN BA 280 -44.67 25.58 -21.39
C ASN BA 280 -44.07 24.60 -20.42
N ARG BA 281 -44.32 23.30 -20.62
CA ARG BA 281 -43.73 22.28 -19.76
C ARG BA 281 -42.21 22.36 -19.79
N ASN BA 282 -41.64 22.45 -20.99
CA ASN BA 282 -40.18 22.51 -21.10
C ASN BA 282 -39.63 23.77 -20.44
N GLN BA 283 -40.22 24.93 -20.75
CA GLN BA 283 -39.71 26.18 -20.21
C GLN BA 283 -39.84 26.22 -18.69
N ALA BA 284 -40.90 25.62 -18.15
CA ALA BA 284 -41.07 25.55 -16.70
C ALA BA 284 -40.03 24.63 -16.08
N LEU BA 285 -39.83 23.44 -16.69
CA LEU BA 285 -38.76 22.55 -16.26
C LEU BA 285 -37.43 23.28 -16.21
N MET BA 286 -37.21 24.20 -17.15
CA MET BA 286 -35.95 24.94 -17.18
C MET BA 286 -35.90 26.01 -16.09
N ILE BA 287 -36.95 26.82 -15.99
CA ILE BA 287 -36.90 28.05 -15.21
C ILE BA 287 -38.09 28.21 -14.27
N GLY BA 288 -39.04 27.28 -14.28
CA GLY BA 288 -40.24 27.45 -13.48
C GLY BA 288 -39.93 27.49 -11.99
N LYS BA 289 -40.71 28.28 -11.26
CA LYS BA 289 -40.54 28.44 -9.83
C LYS BA 289 -41.30 27.37 -9.07
N GLY BA 290 -40.85 27.10 -7.84
CA GLY BA 290 -41.47 26.06 -7.03
C GLY BA 290 -42.95 26.29 -6.78
N VAL BA 291 -43.39 27.55 -6.73
CA VAL BA 291 -44.78 27.87 -6.46
C VAL BA 291 -45.66 27.32 -7.58
N ASN BA 292 -46.51 26.33 -7.24
CA ASN BA 292 -47.48 25.71 -8.13
C ASN BA 292 -46.87 25.23 -9.45
N GLU BA 293 -45.55 25.10 -9.50
CA GLU BA 293 -44.84 24.63 -10.68
C GLU BA 293 -43.62 23.84 -10.21
N PRO BA 294 -43.13 22.91 -11.02
CA PRO BA 294 -41.84 22.28 -10.70
C PRO BA 294 -40.72 23.31 -10.71
N LYS BA 295 -39.87 23.26 -9.70
CA LYS BA 295 -38.77 24.20 -9.59
C LYS BA 295 -37.77 24.01 -10.73
N GLY BA 296 -37.49 25.09 -11.45
CA GLY BA 296 -36.50 25.03 -12.51
C GLY BA 296 -35.10 24.91 -11.93
N TRP BA 297 -34.32 23.96 -12.45
CA TRP BA 297 -32.99 23.72 -11.90
C TRP BA 297 -32.07 24.92 -12.10
N LEU BA 298 -32.34 25.74 -13.11
CA LEU BA 298 -31.51 26.91 -13.35
C LEU BA 298 -31.68 27.95 -12.25
N THR BA 299 -32.86 28.02 -11.64
CA THR BA 299 -33.19 29.10 -10.71
C THR BA 299 -32.78 28.83 -9.27
N GLU BA 300 -32.63 27.55 -8.88
CA GLU BA 300 -32.36 27.23 -7.48
C GLU BA 300 -31.04 27.81 -7.00
N ASN BA 301 -30.13 28.15 -7.91
CA ASN BA 301 -28.84 28.75 -7.57
C ASN BA 301 -28.08 27.91 -6.55
N CYS BA 302 -28.21 26.59 -6.67
CA CYS BA 302 -27.40 25.66 -5.90
C CYS BA 302 -26.50 24.78 -6.76
N PHE BA 303 -26.81 24.62 -8.05
CA PHE BA 303 -25.81 24.14 -8.98
C PHE BA 303 -24.62 25.10 -8.95
N PRO BA 304 -23.39 24.60 -8.78
CA PRO BA 304 -22.23 25.49 -8.77
C PRO BA 304 -22.14 26.28 -10.08
N VAL BA 305 -22.32 27.59 -9.98
CA VAL BA 305 -22.25 28.47 -11.13
C VAL BA 305 -21.04 29.37 -10.96
N PHE BA 306 -20.22 29.45 -11.99
CA PHE BA 306 -18.98 30.21 -12.00
C PHE BA 306 -19.13 31.41 -12.92
N GLN BA 307 -18.12 32.28 -12.90
CA GLN BA 307 -18.18 33.50 -13.69
C GLN BA 307 -16.77 33.89 -14.10
N THR BA 308 -16.64 34.42 -15.31
CA THR BA 308 -15.35 34.81 -15.85
C THR BA 308 -15.05 36.27 -15.54
N LEU BA 309 -13.76 36.58 -15.48
CA LEU BA 309 -13.35 37.93 -15.17
C LEU BA 309 -13.34 38.80 -16.44
N PRO BA 310 -13.57 40.10 -16.30
CA PRO BA 310 -13.55 40.97 -17.48
C PRO BA 310 -12.13 41.22 -17.97
N VAL BA 311 -12.06 41.66 -19.22
CA VAL BA 311 -10.79 41.96 -19.85
C VAL BA 311 -10.70 43.47 -20.07
N ASP BA 312 -9.47 43.96 -20.16
CA ASP BA 312 -9.28 45.39 -20.35
C ASP BA 312 -9.39 45.75 -21.82
N VAL BA 313 -9.76 47.00 -22.07
CA VAL BA 313 -9.62 47.61 -23.38
C VAL BA 313 -9.39 49.11 -23.21
N ASN BA 314 -8.19 49.57 -23.58
CA ASN BA 314 -7.80 50.98 -23.54
C ASN BA 314 -8.15 51.62 -22.21
N GLY BA 315 -7.83 50.91 -21.13
CA GLY BA 315 -8.04 51.39 -19.78
C GLY BA 315 -9.38 51.01 -19.17
N THR BA 316 -10.41 50.85 -19.99
CA THR BA 316 -11.70 50.44 -19.47
C THR BA 316 -11.70 48.93 -19.23
N SER BA 317 -12.71 48.46 -18.50
CA SER BA 317 -12.84 47.04 -18.16
C SER BA 317 -14.18 46.55 -18.68
N THR BA 318 -14.14 45.65 -19.67
CA THR BA 318 -15.34 45.13 -20.29
C THR BA 318 -15.48 43.64 -20.01
N PRO BA 319 -16.66 43.19 -19.58
CA PRO BA 319 -16.85 41.75 -19.36
C PRO BA 319 -16.86 40.99 -20.67
N ALA BA 320 -16.01 39.97 -20.76
CA ALA BA 320 -15.87 39.20 -21.98
C ALA BA 320 -15.77 37.72 -21.64
N PHE BA 321 -16.07 36.90 -22.64
CA PHE BA 321 -16.00 35.45 -22.52
C PHE BA 321 -14.89 34.96 -23.45
N LEU BA 322 -13.73 34.66 -22.88
CA LEU BA 322 -12.58 34.21 -23.65
C LEU BA 322 -12.62 32.71 -23.85
N ALA BA 323 -12.03 32.26 -24.96
CA ALA BA 323 -11.99 30.84 -25.27
C ALA BA 323 -11.26 30.03 -24.20
N GLN BA 324 -10.38 30.68 -23.43
CA GLN BA 324 -9.74 30.01 -22.30
C GLN BA 324 -10.79 29.42 -21.36
N ASP BA 325 -11.78 30.23 -21.00
CA ASP BA 325 -12.68 29.88 -19.89
C ASP BA 325 -13.52 28.66 -20.22
N TRP BA 326 -13.99 28.54 -21.46
CA TRP BA 326 -14.79 27.38 -21.82
C TRP BA 326 -13.99 26.10 -21.70
N ARG BA 327 -12.80 26.07 -22.31
CA ARG BA 327 -11.93 24.90 -22.20
C ARG BA 327 -11.59 24.61 -20.74
N ARG BA 328 -11.41 25.66 -19.93
CA ARG BA 328 -11.10 25.45 -18.53
C ARG BA 328 -12.26 24.80 -17.80
N PHE BA 329 -13.48 25.27 -18.07
CA PHE BA 329 -14.66 24.75 -17.38
C PHE BA 329 -14.93 23.30 -17.79
N VAL BA 330 -15.00 23.04 -19.09
CA VAL BA 330 -15.38 21.71 -19.55
C VAL BA 330 -14.39 20.66 -19.05
N THR BA 331 -13.13 21.05 -18.85
CA THR BA 331 -12.14 20.17 -18.25
C THR BA 331 -12.02 20.37 -16.74
N SER BA 332 -12.90 21.17 -16.14
CA SER BA 332 -12.97 21.30 -14.69
C SER BA 332 -14.31 20.70 -14.27
N PHE BA 333 -14.32 19.40 -14.09
CA PHE BA 333 -15.47 18.64 -13.63
C PHE BA 333 -14.98 17.29 -13.14
N PRO BA 334 -15.31 16.90 -11.91
CA PRO BA 334 -14.82 15.62 -11.37
C PRO BA 334 -15.21 14.45 -12.26
N ALA BA 335 -14.21 13.81 -12.87
CA ALA BA 335 -14.45 12.69 -13.77
C ALA BA 335 -14.96 11.46 -13.04
N GLU BA 336 -14.86 11.42 -11.72
CA GLU BA 336 -15.35 10.29 -10.94
C GLU BA 336 -16.88 10.24 -10.86
N TYR BA 337 -17.56 11.27 -11.34
CA TYR BA 337 -19.02 11.26 -11.45
C TYR BA 337 -19.49 10.63 -12.75
N GLY BA 338 -18.58 10.14 -13.59
CA GLY BA 338 -18.94 9.71 -14.92
C GLY BA 338 -18.95 10.88 -15.88
N GLU BA 339 -19.33 10.59 -17.12
CA GLU BA 339 -19.39 11.64 -18.13
C GLU BA 339 -20.53 12.60 -17.85
N ALA BA 340 -20.42 13.81 -18.40
CA ALA BA 340 -21.43 14.84 -18.20
C ALA BA 340 -21.54 15.67 -19.47
N ARG BA 341 -22.76 15.77 -20.01
CA ARG BA 341 -22.97 16.49 -21.25
C ARG BA 341 -23.25 17.96 -20.97
N SER BA 342 -22.92 18.80 -21.95
CA SER BA 342 -23.09 20.24 -21.81
C SER BA 342 -24.15 20.74 -22.77
N VAL BA 343 -24.74 21.87 -22.40
CA VAL BA 343 -25.88 22.45 -23.11
C VAL BA 343 -25.67 23.96 -23.20
N MET BA 344 -26.06 24.52 -24.34
CA MET BA 344 -25.90 25.95 -24.60
C MET BA 344 -26.70 26.30 -25.85
N HIS BA 345 -26.74 27.60 -26.14
CA HIS BA 345 -27.46 28.11 -27.29
C HIS BA 345 -26.60 28.01 -28.55
N GLN BA 346 -27.26 27.94 -29.70
CA GLN BA 346 -26.55 27.87 -30.97
C GLN BA 346 -25.72 29.13 -31.20
N ASN BA 347 -26.24 30.29 -30.82
CA ASN BA 347 -25.54 31.55 -31.07
C ASN BA 347 -24.19 31.58 -30.39
N VAL BA 348 -24.14 31.18 -29.11
CA VAL BA 348 -22.87 31.22 -28.39
C VAL BA 348 -21.91 30.18 -28.95
N PHE BA 349 -22.44 29.06 -29.43
CA PHE BA 349 -21.59 28.06 -30.09
C PHE BA 349 -20.92 28.65 -31.32
N GLY BA 350 -21.70 29.27 -32.20
CA GLY BA 350 -21.12 29.96 -33.35
C GLY BA 350 -20.15 31.04 -32.92
N TYR BA 351 -20.44 31.71 -31.81
CA TYR BA 351 -19.54 32.71 -31.27
C TYR BA 351 -18.20 32.10 -30.90
N LEU BA 352 -18.22 30.87 -30.36
CA LEU BA 352 -16.98 30.13 -30.16
C LEU BA 352 -16.28 29.89 -31.50
N ALA BA 353 -17.06 29.48 -32.51
CA ALA BA 353 -16.48 29.11 -33.79
C ALA BA 353 -15.76 30.27 -34.49
N ALA BA 354 -16.05 31.51 -34.11
CA ALA BA 354 -15.53 32.68 -34.81
C ALA BA 354 -14.52 33.46 -33.97
N MET BA 355 -13.79 32.78 -33.08
CA MET BA 355 -12.82 33.45 -32.23
C MET BA 355 -11.48 33.53 -32.93
N VAL BA 356 -10.81 34.67 -32.80
CA VAL BA 356 -9.61 34.99 -33.58
C VAL BA 356 -8.45 35.27 -32.63
N ASP BA 357 -7.24 35.05 -33.12
CA ASP BA 357 -6.02 35.33 -32.39
C ASP BA 357 -5.56 36.77 -32.66
N ALA BA 358 -4.40 37.12 -32.10
CA ALA BA 358 -3.84 38.44 -32.32
C ALA BA 358 -3.42 38.62 -33.78
N ASN BA 359 -2.90 37.55 -34.40
CA ASN BA 359 -2.49 37.64 -35.80
C ASN BA 359 -3.69 37.84 -36.71
N GLY BA 360 -4.67 36.94 -36.65
CA GLY BA 360 -5.83 37.04 -37.49
C GLY BA 360 -6.35 35.70 -37.97
N ARG BA 361 -5.57 34.64 -37.76
CA ARG BA 361 -6.02 33.31 -38.11
C ARG BA 361 -7.17 32.88 -37.21
N PHE BA 362 -7.95 31.93 -37.69
CA PHE BA 362 -8.98 31.33 -36.86
C PHE BA 362 -8.33 30.54 -35.73
N LEU BA 363 -9.13 30.24 -34.71
CA LEU BA 363 -8.70 29.36 -33.63
C LEU BA 363 -9.21 27.93 -33.81
N PHE BA 364 -10.08 27.70 -34.78
CA PHE BA 364 -10.74 26.41 -34.93
C PHE BA 364 -10.96 26.13 -36.40
N GLY BA 365 -10.37 25.06 -36.90
CA GLY BA 365 -10.47 24.71 -38.30
C GLY BA 365 -9.92 25.79 -39.21
N ASP BA 366 -8.63 26.04 -39.11
CA ASP BA 366 -7.98 27.11 -39.86
C ASP BA 366 -7.79 26.67 -41.30
N GLY BA 367 -8.54 27.27 -42.21
CA GLY BA 367 -8.36 27.05 -43.63
C GLY BA 367 -9.49 26.33 -44.37
N ASP BA 368 -10.68 26.23 -43.79
CA ASP BA 368 -11.81 25.64 -44.51
C ASP BA 368 -13.10 26.42 -44.28
N LEU BA 369 -13.02 27.62 -43.71
CA LEU BA 369 -14.08 28.63 -43.66
C LEU BA 369 -15.31 28.17 -42.88
N THR BA 370 -15.31 26.92 -42.40
CA THR BA 370 -16.40 26.40 -41.58
C THR BA 370 -15.81 25.52 -40.49
N PHE BA 371 -16.22 25.78 -39.25
CA PHE BA 371 -15.73 24.95 -38.14
C PHE BA 371 -16.26 23.52 -38.26
N THR BA 372 -17.59 23.37 -38.39
CA THR BA 372 -18.32 22.10 -38.37
C THR BA 372 -17.64 21.13 -37.41
N PRO BA 373 -17.68 21.42 -36.11
CA PRO BA 373 -16.74 20.77 -35.19
C PRO BA 373 -17.14 19.37 -34.75
N ASP BA 374 -18.04 18.71 -35.48
CA ASP BA 374 -18.42 17.34 -35.14
C ASP BA 374 -19.05 17.30 -33.75
N LEU BA 375 -20.26 17.79 -33.60
CA LEU BA 375 -20.80 17.92 -32.24
C LEU BA 375 -21.32 16.66 -31.60
N VAL BA 376 -21.94 16.82 -30.44
CA VAL BA 376 -22.47 15.71 -29.70
C VAL BA 376 -21.31 14.88 -29.27
N ARG BA 377 -20.65 14.30 -30.24
CA ARG BA 377 -19.49 13.45 -29.97
C ARG BA 377 -18.61 13.99 -28.84
N GLU BA 378 -18.63 15.31 -28.58
CA GLU BA 378 -18.02 15.85 -27.38
C GLU BA 378 -19.03 16.77 -26.67
N ARG BA 379 -19.96 16.15 -25.93
CA ARG BA 379 -20.68 16.77 -24.83
C ARG BA 379 -21.52 17.99 -25.19
N ILE BA 380 -21.55 18.41 -26.46
CA ILE BA 380 -22.28 19.61 -26.85
C ILE BA 380 -23.66 19.22 -27.35
N ARG BA 381 -24.70 19.67 -26.66
CA ARG BA 381 -26.08 19.50 -27.14
C ARG BA 381 -26.70 20.89 -27.22
N ILE BA 382 -26.86 21.39 -28.44
CA ILE BA 382 -27.32 22.75 -28.67
C ILE BA 382 -28.84 22.80 -28.56
N SER BA 383 -29.33 23.73 -27.74
CA SER BA 383 -30.76 24.04 -27.71
C SER BA 383 -30.93 25.54 -27.84
N ASN BA 384 -32.15 25.95 -28.19
CA ASN BA 384 -32.47 27.37 -28.33
C ASN BA 384 -33.52 27.81 -27.31
N CYS BA 385 -33.71 27.05 -26.25
CA CYS BA 385 -34.54 27.50 -25.14
C CYS BA 385 -33.75 28.34 -24.14
N LEU BA 386 -32.43 28.29 -24.21
CA LEU BA 386 -31.57 28.95 -23.24
C LEU BA 386 -31.54 30.46 -23.50
N PRO BA 387 -31.26 31.25 -22.44
CA PRO BA 387 -31.28 32.71 -22.57
C PRO BA 387 -30.52 33.28 -23.75
N ASP BA 388 -29.50 32.57 -24.26
CA ASP BA 388 -28.67 33.06 -25.35
C ASP BA 388 -28.05 34.40 -24.94
N PRO BA 389 -27.04 34.38 -24.08
CA PRO BA 389 -26.50 35.64 -23.53
C PRO BA 389 -26.10 36.65 -24.60
N THR BA 390 -25.73 36.16 -25.79
CA THR BA 390 -25.60 37.05 -26.93
C THR BA 390 -26.97 37.62 -27.26
N GLU BA 391 -27.15 38.93 -27.03
CA GLU BA 391 -28.44 39.56 -27.29
C GLU BA 391 -28.81 39.36 -28.75
N GLY BA 392 -29.86 38.58 -29.00
CA GLY BA 392 -30.10 38.12 -30.35
C GLY BA 392 -28.92 37.32 -30.81
N ASN BA 393 -28.13 37.90 -31.72
CA ASN BA 393 -26.84 37.34 -32.11
C ASN BA 393 -25.76 38.43 -32.07
N THR BA 394 -25.97 39.46 -31.24
CA THR BA 394 -25.19 40.70 -31.32
C THR BA 394 -24.77 41.13 -29.92
N LYS BA 395 -23.64 40.75 -29.40
CA LYS BA 395 -23.37 41.22 -28.03
C LYS BA 395 -21.92 41.23 -27.60
N GLY BA 396 -21.02 41.46 -28.54
CA GLY BA 396 -19.61 41.51 -28.19
C GLY BA 396 -19.38 42.77 -27.42
N GLY BA 397 -19.47 42.68 -26.10
CA GLY BA 397 -19.13 43.77 -25.22
C GLY BA 397 -18.46 44.91 -25.94
N THR BA 398 -17.17 44.75 -26.19
CA THR BA 398 -16.41 45.78 -26.85
C THR BA 398 -16.95 47.14 -26.54
N GLY BA 399 -17.42 47.81 -27.55
CA GLY BA 399 -18.01 49.14 -27.41
C GLY BA 399 -19.29 49.15 -26.62
N GLN BA 400 -20.41 49.43 -27.29
CA GLN BA 400 -21.72 49.48 -26.65
C GLN BA 400 -22.43 48.14 -26.66
N ASP BA 401 -21.75 47.08 -27.09
CA ASP BA 401 -22.32 45.74 -27.12
C ASP BA 401 -21.84 44.91 -25.94
N ALA BA 402 -21.57 45.56 -24.81
CA ALA BA 402 -21.12 44.88 -23.60
C ALA BA 402 -21.97 43.65 -23.34
N PHE BA 403 -21.33 42.59 -22.83
CA PHE BA 403 -21.95 41.27 -22.81
C PHE BA 403 -22.93 41.09 -21.65
N ALA BA 404 -23.39 42.19 -21.05
CA ALA BA 404 -24.42 42.15 -20.01
C ALA BA 404 -23.97 41.27 -18.83
N ALA BA 405 -22.91 41.74 -18.18
CA ALA BA 405 -22.25 41.04 -17.09
C ALA BA 405 -23.26 40.46 -16.11
N GLY BA 406 -23.23 39.13 -15.95
CA GLY BA 406 -24.21 38.40 -15.18
C GLY BA 406 -25.13 37.53 -16.01
N SER BA 407 -24.91 37.45 -17.32
CA SER BA 407 -25.75 36.63 -18.18
C SER BA 407 -25.30 35.17 -18.13
N PHE BA 408 -26.28 34.27 -18.11
CA PHE BA 408 -25.99 32.84 -18.12
C PHE BA 408 -25.41 32.44 -19.47
N VAL BA 409 -24.29 31.71 -19.45
CA VAL BA 409 -23.58 31.37 -20.66
C VAL BA 409 -23.95 29.96 -21.13
N ALA BA 410 -23.67 28.95 -20.32
CA ALA BA 410 -23.90 27.56 -20.70
C ALA BA 410 -23.92 26.71 -19.44
N ALA BA 411 -24.09 25.40 -19.62
CA ALA BA 411 -24.12 24.50 -18.48
C ALA BA 411 -23.54 23.15 -18.88
N GLN BA 412 -23.18 22.35 -17.89
CA GLN BA 412 -22.77 20.96 -18.14
C GLN BA 412 -23.08 20.13 -16.91
N ALA BA 413 -23.77 19.01 -17.11
CA ALA BA 413 -24.19 18.18 -16.01
C ALA BA 413 -24.30 16.73 -16.46
N ALA BA 414 -24.29 15.82 -15.48
CA ALA BA 414 -24.68 14.43 -15.68
C ALA BA 414 -26.17 14.36 -15.41
N TRP BA 415 -26.97 14.60 -16.46
CA TRP BA 415 -28.38 14.87 -16.28
C TRP BA 415 -29.16 13.64 -15.84
N LYS BA 416 -28.68 12.44 -16.17
CA LYS BA 416 -29.41 11.22 -15.81
C LYS BA 416 -29.54 11.04 -14.31
N THR BA 417 -28.85 11.83 -13.50
CA THR BA 417 -29.04 11.81 -12.05
C THR BA 417 -29.07 13.20 -11.44
N ALA BA 418 -28.89 14.26 -12.23
CA ALA BA 418 -28.92 15.61 -11.68
C ALA BA 418 -30.33 16.17 -11.61
N PHE BA 419 -31.21 15.78 -12.52
CA PHE BA 419 -32.57 16.32 -12.57
C PHE BA 419 -33.51 15.21 -13.01
N TYR BA 420 -34.78 15.34 -12.60
CA TYR BA 420 -35.78 14.31 -12.88
C TYR BA 420 -37.08 14.97 -13.27
N ALA BA 421 -37.82 14.28 -14.16
CA ALA BA 421 -39.14 14.68 -14.57
C ALA BA 421 -40.09 13.50 -14.36
N VAL BA 422 -41.17 13.74 -13.63
CA VAL BA 422 -42.18 12.73 -13.35
C VAL BA 422 -43.39 12.99 -14.24
N GLU BA 423 -43.90 11.94 -14.85
CA GLU BA 423 -45.01 12.02 -15.80
C GLU BA 423 -46.14 11.14 -15.31
N LYS BA 424 -47.29 11.76 -15.03
CA LYS BA 424 -48.42 11.06 -14.46
C LYS BA 424 -49.65 11.08 -15.35
N ARG BA 425 -50.04 12.26 -15.85
CA ARG BA 425 -51.30 12.42 -16.56
C ARG BA 425 -51.07 12.94 -17.97
N PRO BA 426 -51.55 12.26 -19.00
CA PRO BA 426 -51.49 12.84 -20.35
C PRO BA 426 -52.53 13.93 -20.54
N MET BA 427 -52.61 14.48 -21.75
CA MET BA 427 -53.60 15.51 -22.03
C MET BA 427 -55.00 14.91 -22.16
N PHE BA 428 -56.00 15.67 -21.75
CA PHE BA 428 -57.39 15.28 -21.88
C PHE BA 428 -58.22 16.50 -22.26
N PHE BA 429 -59.28 16.25 -23.00
CA PHE BA 429 -60.15 17.29 -23.56
C PHE BA 429 -61.59 16.83 -23.40
N GLU BA 430 -62.36 17.50 -22.56
CA GLU BA 430 -63.77 17.21 -22.36
C GLU BA 430 -64.62 18.36 -22.85
N GLN BA 431 -65.74 18.03 -23.51
CA GLN BA 431 -66.73 19.04 -23.87
C GLN BA 431 -67.41 19.50 -22.59
N TYR BA 432 -67.09 20.71 -22.14
CA TYR BA 432 -67.56 21.21 -20.85
C TYR BA 432 -69.05 21.53 -20.95
N GLU BA 433 -69.86 20.48 -20.82
CA GLU BA 433 -71.30 20.66 -20.76
C GLU BA 433 -71.67 21.38 -19.46
N GLY BA 434 -72.52 22.39 -19.58
CA GLY BA 434 -72.85 23.28 -18.48
C GLY BA 434 -72.42 24.71 -18.71
N GLY BA 435 -71.41 24.93 -19.54
CA GLY BA 435 -71.06 26.28 -19.98
C GLY BA 435 -71.56 26.51 -21.38
N SER BA 436 -71.72 25.43 -22.14
CA SER BA 436 -72.37 25.50 -23.44
C SER BA 436 -73.82 25.95 -23.27
N SER BA 437 -74.25 26.85 -24.16
CA SER BA 437 -75.56 27.48 -24.00
C SER BA 437 -76.42 27.36 -25.25
N ALA BA 438 -76.16 26.38 -26.11
CA ALA BA 438 -76.83 26.19 -27.39
C ALA BA 438 -76.62 27.38 -28.33
N TRP BA 439 -75.78 28.34 -27.95
CA TRP BA 439 -75.31 29.39 -28.82
C TRP BA 439 -73.80 29.52 -28.83
N CYS BA 440 -73.12 29.04 -27.79
CA CYS BA 440 -71.67 29.00 -27.74
C CYS BA 440 -71.27 27.65 -27.15
N VAL BA 441 -69.99 27.31 -27.31
CA VAL BA 441 -69.45 26.07 -26.78
C VAL BA 441 -68.12 26.37 -26.11
N LYS BA 442 -67.83 25.65 -25.03
CA LYS BA 442 -66.59 25.81 -24.29
C LYS BA 442 -66.02 24.42 -24.02
N TYR BA 443 -64.85 24.13 -24.58
CA TYR BA 443 -64.15 22.91 -24.25
C TYR BA 443 -63.24 23.15 -23.04
N GLN BA 444 -62.86 22.06 -22.39
CA GLN BA 444 -62.05 22.10 -21.18
C GLN BA 444 -60.93 21.08 -21.34
N PHE BA 445 -59.70 21.45 -20.97
CA PHE BA 445 -58.62 20.50 -21.16
C PHE BA 445 -57.78 20.45 -19.89
N GLY BA 446 -56.77 19.58 -19.91
CA GLY BA 446 -55.88 19.51 -18.78
C GLY BA 446 -54.88 18.38 -18.92
N ALA BA 447 -53.87 18.43 -18.04
CA ALA BA 447 -52.83 17.43 -17.89
C ALA BA 447 -51.99 17.84 -16.68
N GLU BA 448 -51.35 16.86 -16.05
CA GLU BA 448 -50.58 17.18 -14.86
C GLU BA 448 -49.40 16.22 -14.71
N ASP BA 449 -48.28 16.79 -14.27
CA ASP BA 449 -47.01 16.08 -14.10
C ASP BA 449 -46.09 17.02 -13.30
N GLY BA 450 -44.81 16.67 -13.20
CA GLY BA 450 -43.92 17.54 -12.46
C GLY BA 450 -42.46 17.24 -12.74
N GLY BA 451 -41.60 17.90 -11.97
CA GLY BA 451 -40.17 17.71 -12.08
C GLY BA 451 -39.48 18.27 -10.85
N PHE BA 452 -38.20 17.90 -10.70
CA PHE BA 452 -37.45 18.31 -9.52
C PHE BA 452 -35.96 18.01 -9.74
N VAL BA 453 -35.12 18.83 -9.11
CA VAL BA 453 -33.68 18.60 -9.15
C VAL BA 453 -33.35 17.35 -8.35
N GLY BA 454 -32.59 16.45 -8.95
CA GLY BA 454 -32.11 15.28 -8.24
C GLY BA 454 -31.14 15.67 -7.14
N CYS BA 455 -29.98 16.17 -7.54
CA CYS BA 455 -28.95 16.60 -6.58
C CYS BA 455 -28.02 17.57 -7.31
N CYS BA 456 -28.05 18.85 -6.91
CA CYS BA 456 -27.33 19.88 -7.65
C CYS BA 456 -25.87 19.92 -7.27
N GLU BA 457 -25.20 18.77 -7.32
CA GLU BA 457 -23.75 18.69 -7.25
C GLU BA 457 -23.20 17.85 -8.39
N HIS BA 458 -24.04 17.56 -9.39
CA HIS BA 458 -23.66 16.80 -10.57
C HIS BA 458 -23.70 17.66 -11.81
N GLY BA 459 -23.47 18.96 -11.66
CA GLY BA 459 -23.53 19.87 -12.79
C GLY BA 459 -23.14 21.28 -12.44
N ARG BA 460 -22.43 21.94 -13.36
CA ARG BA 460 -21.96 23.29 -13.18
C ARG BA 460 -22.54 24.20 -14.26
N ILE BA 461 -22.51 25.50 -13.96
CA ILE BA 461 -23.17 26.52 -14.78
C ILE BA 461 -22.18 27.66 -15.01
N LEU BA 462 -22.34 28.37 -16.11
CA LEU BA 462 -21.50 29.49 -16.48
C LEU BA 462 -22.25 30.80 -16.38
N GLN BA 463 -21.51 31.87 -16.12
CA GLN BA 463 -22.06 33.23 -16.11
C GLN BA 463 -20.91 34.18 -16.40
N ILE BA 464 -21.16 35.47 -16.19
CA ILE BA 464 -20.14 36.48 -16.43
C ILE BA 464 -19.77 37.19 -15.13
N MET CA 1 -51.33 22.04 -2.44
CA MET CA 1 -52.16 20.91 -1.98
C MET CA 1 -51.74 20.47 -0.59
N ASN CA 2 -51.25 21.44 0.19
CA ASN CA 2 -50.81 21.13 1.54
C ASN CA 2 -51.99 20.65 2.38
N PHE CA 3 -51.83 19.49 3.00
CA PHE CA 3 -52.90 18.94 3.82
C PHE CA 3 -52.99 19.70 5.14
N ASN CA 4 -54.10 19.47 5.85
CA ASN CA 4 -54.32 20.09 7.16
C ASN CA 4 -53.42 19.37 8.16
N VAL CA 5 -52.13 19.72 8.12
CA VAL CA 5 -51.11 18.98 8.85
C VAL CA 5 -51.05 19.52 10.27
N GLY CA 6 -52.08 20.26 10.67
CA GLY CA 6 -52.24 20.64 12.06
C GLY CA 6 -53.20 19.77 12.85
N VAL CA 7 -54.02 18.96 12.18
CA VAL CA 7 -54.97 18.08 12.84
C VAL CA 7 -54.22 16.81 13.24
N ASP CA 8 -52.94 16.77 12.88
CA ASP CA 8 -51.96 15.84 13.45
C ASP CA 8 -50.68 16.62 13.56
N PHE CA 9 -49.74 16.11 14.35
CA PHE CA 9 -48.48 16.79 14.63
C PHE CA 9 -48.69 18.22 15.11
N PRO CA 10 -49.51 18.44 16.14
CA PRO CA 10 -49.79 19.82 16.57
C PRO CA 10 -48.61 20.39 17.35
N SER CA 11 -48.18 21.58 16.95
CA SER CA 11 -47.04 22.24 17.57
C SER CA 11 -47.50 23.26 18.60
N PHE CA 12 -46.70 23.40 19.65
CA PHE CA 12 -47.00 24.31 20.75
C PHE CA 12 -45.70 24.97 21.19
N ILE CA 13 -45.80 26.25 21.58
CA ILE CA 13 -44.61 26.97 22.01
C ILE CA 13 -44.09 26.39 23.31
N ALA CA 14 -42.78 26.12 23.35
CA ALA CA 14 -42.11 25.60 24.53
C ALA CA 14 -41.21 26.62 25.20
N TRP CA 15 -40.48 27.41 24.41
CA TRP CA 15 -39.60 28.44 24.96
C TRP CA 15 -39.56 29.58 23.94
N ASP CA 16 -40.26 30.67 24.23
CA ASP CA 16 -40.30 31.85 23.37
C ASP CA 16 -39.25 32.87 23.81
N GLY CA 17 -38.01 32.41 23.93
CA GLY CA 17 -36.92 33.29 24.28
C GLY CA 17 -36.78 33.61 25.75
N GLU CA 18 -37.90 33.92 26.43
CA GLU CA 18 -37.82 34.29 27.83
C GLU CA 18 -38.94 33.71 28.68
N GLU CA 19 -39.61 32.64 28.23
CA GLU CA 19 -40.70 32.06 29.01
C GLU CA 19 -40.95 30.64 28.54
N SER CA 20 -41.01 29.71 29.49
CA SER CA 20 -41.32 28.32 29.20
C SER CA 20 -42.82 28.10 29.23
N PHE CA 21 -43.24 26.93 28.73
CA PHE CA 21 -44.65 26.59 28.68
C PHE CA 21 -44.83 25.08 28.83
N PRO CA 22 -45.36 24.62 29.96
CA PRO CA 22 -45.65 23.18 30.09
C PRO CA 22 -46.68 22.73 29.07
N VAL CA 23 -46.37 21.64 28.37
CA VAL CA 23 -47.22 21.11 27.32
C VAL CA 23 -47.61 19.68 27.68
N LYS CA 24 -48.88 19.36 27.46
CA LYS CA 24 -49.41 18.05 27.81
C LYS CA 24 -49.21 17.09 26.64
N VAL CA 25 -48.54 15.98 26.91
CA VAL CA 25 -48.28 14.97 25.89
C VAL CA 25 -49.05 13.68 26.18
N ASP CA 26 -49.98 13.72 27.15
CA ASP CA 26 -50.69 12.51 27.56
C ASP CA 26 -51.42 11.88 26.38
N GLY CA 27 -52.19 12.67 25.63
CA GLY CA 27 -52.85 12.15 24.45
C GLY CA 27 -51.90 11.57 23.42
N PHE CA 28 -50.64 11.97 23.46
CA PHE CA 28 -49.67 11.55 22.46
C PHE CA 28 -48.76 10.47 23.05
N ASN CA 29 -48.11 9.72 22.16
CA ASN CA 29 -47.06 8.80 22.58
C ASN CA 29 -45.68 9.21 22.11
N GLN CA 30 -45.59 10.12 21.15
CA GLN CA 30 -44.31 10.49 20.57
C GLN CA 30 -44.29 11.99 20.38
N PHE CA 31 -43.15 12.60 20.72
CA PHE CA 31 -43.00 14.03 20.62
C PHE CA 31 -41.51 14.35 20.51
N GLY CA 32 -41.18 15.24 19.59
CA GLY CA 32 -39.80 15.55 19.32
C GLY CA 32 -39.41 16.89 19.89
N PHE CA 33 -38.56 17.62 19.17
CA PHE CA 33 -38.16 18.96 19.57
C PHE CA 33 -37.62 19.68 18.36
N THR CA 34 -37.90 20.98 18.30
CA THR CA 34 -37.39 21.83 17.22
C THR CA 34 -36.79 23.07 17.87
N PHE CA 35 -35.48 23.22 17.68
CA PHE CA 35 -34.72 24.37 18.17
C PHE CA 35 -34.40 25.28 16.99
N LYS CA 36 -34.50 26.58 17.20
CA LYS CA 36 -34.23 27.56 16.17
C LYS CA 36 -33.52 28.75 16.79
N THR CA 37 -32.65 29.37 16.02
CA THR CA 37 -31.95 30.58 16.46
C THR CA 37 -32.52 31.78 15.72
N ILE CA 38 -32.38 32.96 16.33
CA ILE CA 38 -32.85 34.21 15.73
C ILE CA 38 -31.73 35.20 15.48
N ALA CA 39 -30.55 34.99 16.06
CA ALA CA 39 -29.42 35.90 15.87
C ALA CA 39 -28.15 35.07 15.95
N ALA CA 40 -27.01 35.74 16.11
CA ALA CA 40 -25.74 35.05 16.24
C ALA CA 40 -25.49 34.66 17.69
N LEU CA 41 -24.95 33.46 17.88
CA LEU CA 41 -24.60 32.98 19.21
C LEU CA 41 -23.22 33.46 19.61
N THR CA 42 -22.96 33.45 20.92
CA THR CA 42 -21.67 33.87 21.46
C THR CA 42 -20.90 32.68 22.02
N ALA CA 43 -21.48 31.96 22.97
CA ALA CA 43 -20.94 30.70 23.46
C ALA CA 43 -22.02 29.64 23.38
N ALA CA 44 -21.64 28.39 23.63
CA ALA CA 44 -22.62 27.32 23.66
C ALA CA 44 -23.61 27.56 24.80
N THR CA 45 -24.78 26.93 24.69
CA THR CA 45 -25.85 27.13 25.64
C THR CA 45 -26.33 25.78 26.16
N THR CA 46 -26.89 25.80 27.36
CA THR CA 46 -27.37 24.58 28.01
C THR CA 46 -28.80 24.78 28.48
N PHE CA 47 -29.54 23.68 28.52
CA PHE CA 47 -30.95 23.69 28.89
C PHE CA 47 -31.25 22.45 29.73
N ASN CA 48 -32.06 22.64 30.76
CA ASN CA 48 -32.49 21.57 31.65
C ASN CA 48 -33.94 21.23 31.39
N ILE CA 49 -34.23 19.95 31.38
CA ILE CA 49 -35.58 19.46 31.08
C ILE CA 49 -36.32 19.20 32.38
N PHE CA 50 -37.61 19.53 32.40
CA PHE CA 50 -38.47 19.31 33.55
C PHE CA 50 -39.75 18.64 33.08
N TYR CA 51 -40.45 18.04 34.04
CA TYR CA 51 -41.74 17.43 33.75
C TYR CA 51 -42.68 17.69 34.92
N HIS CA 52 -43.97 17.63 34.63
CA HIS CA 52 -45.01 18.00 35.57
C HIS CA 52 -46.06 16.91 35.66
N GLU CA 53 -46.63 16.77 36.85
CA GLU CA 53 -47.67 15.83 37.21
C GLU CA 53 -49.01 16.54 37.34
N PRO CA 54 -50.12 15.81 37.25
CA PRO CA 54 -51.42 16.43 37.52
C PRO CA 54 -51.48 16.96 38.94
N SER CA 55 -51.70 18.27 39.07
CA SER CA 55 -51.81 18.87 40.38
C SER CA 55 -53.00 18.28 41.14
N ASP CA 56 -52.80 18.04 42.44
CA ASP CA 56 -53.88 17.53 43.26
C ASP CA 56 -55.08 18.46 43.26
N ALA CA 57 -54.84 19.77 43.11
CA ALA CA 57 -55.94 20.72 43.08
C ALA CA 57 -56.76 20.60 41.79
N ASP CA 58 -56.13 20.19 40.69
CA ASP CA 58 -56.84 20.15 39.42
C ASP CA 58 -56.25 19.06 38.53
N PRO CA 59 -57.06 18.10 38.08
CA PRO CA 59 -56.53 17.00 37.26
C PRO CA 59 -56.26 17.41 35.81
N CYS CA 60 -56.27 18.71 35.52
CA CYS CA 60 -56.05 19.17 34.16
C CYS CA 60 -55.03 20.30 34.09
N VAL CA 61 -54.21 20.48 35.13
CA VAL CA 61 -53.19 21.52 35.13
C VAL CA 61 -51.86 20.90 35.55
N PRO CA 62 -50.72 21.43 35.09
CA PRO CA 62 -49.44 20.87 35.49
C PRO CA 62 -49.11 21.18 36.94
N GLY CA 63 -48.39 20.27 37.57
CA GLY CA 63 -47.94 20.45 38.94
C GLY CA 63 -46.63 21.20 38.99
N PRO CA 64 -45.68 20.70 39.77
CA PRO CA 64 -44.36 21.34 39.83
C PRO CA 64 -43.47 20.89 38.68
N ALA CA 65 -42.22 21.35 38.67
CA ALA CA 65 -41.27 21.04 37.62
C ALA CA 65 -40.21 20.11 38.19
N ILE CA 66 -40.40 18.82 37.99
CA ILE CA 66 -39.44 17.81 38.43
C ILE CA 66 -38.40 17.62 37.34
N ARG CA 67 -37.13 17.59 37.74
CA ARG CA 67 -36.06 17.37 36.78
C ARG CA 67 -36.19 15.98 36.16
N VAL CA 68 -35.76 15.88 34.90
CA VAL CA 68 -35.89 14.64 34.13
C VAL CA 68 -34.57 13.89 34.22
N PRO CA 69 -34.55 12.65 34.68
CA PRO CA 69 -33.28 11.90 34.74
C PRO CA 69 -32.89 11.38 33.37
N GLU CA 70 -31.59 11.43 33.10
CA GLU CA 70 -31.07 10.95 31.83
C GLU CA 70 -31.04 9.43 31.82
N VAL CA 71 -31.59 8.83 30.78
CA VAL CA 71 -31.49 7.40 30.53
C VAL CA 71 -30.33 7.16 29.56
N PRO CA 72 -29.37 6.31 29.88
CA PRO CA 72 -28.27 6.05 28.96
C PRO CA 72 -28.61 4.98 27.94
N PHE CA 73 -28.17 5.20 26.71
CA PHE CA 73 -28.31 4.19 25.67
C PHE CA 73 -27.22 3.14 25.84
N CYS CA 74 -27.06 2.30 24.84
CA CYS CA 74 -25.79 1.63 24.64
C CYS CA 74 -24.74 2.69 24.27
N ASP CA 75 -23.50 2.23 24.12
CA ASP CA 75 -22.35 3.03 23.65
C ASP CA 75 -22.38 4.47 24.15
N THR CA 76 -22.52 4.62 25.46
CA THR CA 76 -22.46 5.94 26.09
C THR CA 76 -21.07 6.19 26.65
N VAL CA 77 -20.63 7.44 26.56
CA VAL CA 77 -19.30 7.81 27.00
C VAL CA 77 -19.31 8.75 28.20
N LEU CA 78 -20.41 9.45 28.46
CA LEU CA 78 -20.46 10.39 29.56
C LEU CA 78 -21.88 10.46 30.08
N LEU CA 79 -22.01 10.69 31.38
CA LEU CA 79 -23.30 10.89 32.03
C LEU CA 79 -23.24 12.17 32.84
N SER CA 80 -24.32 12.95 32.78
CA SER CA 80 -24.41 14.16 33.57
C SER CA 80 -24.17 13.85 35.05
N GLU CA 81 -23.30 14.65 35.67
CA GLU CA 81 -22.89 14.39 37.05
C GLU CA 81 -24.09 14.19 37.99
N ASP CA 82 -25.21 14.83 37.70
CA ASP CA 82 -26.41 14.63 38.50
C ASP CA 82 -27.20 13.41 38.07
N GLY CA 83 -26.97 12.90 36.85
CA GLY CA 83 -27.82 11.88 36.29
C GLY CA 83 -29.13 12.38 35.74
N LEU CA 84 -29.33 13.70 35.70
CA LEU CA 84 -30.56 14.27 35.19
C LEU CA 84 -30.38 14.66 33.72
N ALA CA 85 -31.42 14.41 32.92
CA ALA CA 85 -31.35 14.70 31.51
C ALA CA 85 -31.23 16.20 31.27
N ALA CA 86 -30.56 16.55 30.17
CA ALA CA 86 -30.37 17.95 29.78
C ALA CA 86 -29.88 17.97 28.33
N VAL CA 87 -30.05 19.12 27.70
CA VAL CA 87 -29.63 19.31 26.31
C VAL CA 87 -28.70 20.52 26.25
N THR CA 88 -27.97 20.63 25.15
CA THR CA 88 -27.11 21.78 24.96
C THR CA 88 -27.00 22.08 23.47
N LEU CA 89 -27.08 23.37 23.14
CA LEU CA 89 -26.90 23.83 21.78
C LEU CA 89 -25.48 24.33 21.61
N PRO CA 90 -24.68 23.72 20.73
CA PRO CA 90 -23.29 24.15 20.57
C PRO CA 90 -23.19 25.52 19.94
N GLU CA 91 -22.05 26.16 20.16
CA GLU CA 91 -21.76 27.45 19.55
C GLU CA 91 -21.65 27.29 18.03
N THR CA 92 -21.74 28.43 17.33
CA THR CA 92 -21.66 28.51 15.88
C THR CA 92 -22.78 27.72 15.21
N VAL CA 93 -24.01 28.13 15.50
CA VAL CA 93 -25.19 27.68 14.79
C VAL CA 93 -25.87 28.92 14.24
N THR CA 94 -25.78 29.12 12.92
CA THR CA 94 -26.36 30.29 12.29
C THR CA 94 -27.89 30.23 12.36
N PRO CA 95 -28.54 31.39 12.50
CA PRO CA 95 -30.01 31.39 12.71
C PRO CA 95 -30.80 31.16 11.44
N ASP CA 96 -30.37 30.21 10.62
CA ASP CA 96 -31.20 29.63 9.57
C ASP CA 96 -30.94 28.13 9.49
N SER CA 97 -30.85 27.49 10.65
CA SER CA 97 -30.56 26.05 10.71
C SER CA 97 -31.30 25.50 11.93
N PHE CA 98 -32.42 24.82 11.67
CA PHE CA 98 -33.19 24.22 12.75
C PHE CA 98 -32.43 23.04 13.35
N CYS CA 99 -32.80 22.70 14.58
CA CYS CA 99 -32.18 21.60 15.30
C CYS CA 99 -33.25 20.74 15.95
N ALA CA 100 -33.03 19.43 15.94
CA ALA CA 100 -34.00 18.46 16.43
C ALA CA 100 -33.43 17.68 17.61
N GLY CA 101 -34.32 17.20 18.47
CA GLY CA 101 -33.93 16.39 19.61
C GLY CA 101 -35.13 15.65 20.16
N THR CA 102 -34.84 14.64 20.98
CA THR CA 102 -35.90 13.82 21.56
C THR CA 102 -35.34 13.00 22.71
N VAL CA 103 -35.99 13.09 23.86
CA VAL CA 103 -35.68 12.21 24.98
C VAL CA 103 -36.45 10.90 24.79
N PRO CA 104 -35.80 9.74 24.89
CA PRO CA 104 -36.49 8.47 24.69
C PRO CA 104 -37.27 7.98 25.90
N CYS CA 105 -37.28 8.74 26.99
CA CYS CA 105 -37.93 8.32 28.22
C CYS CA 105 -38.88 9.41 28.67
N MET CA 106 -40.17 9.18 28.50
CA MET CA 106 -41.18 10.12 28.96
C MET CA 106 -41.59 9.81 30.39
N ASN CA 107 -41.96 10.86 31.12
CA ASN CA 107 -42.44 10.71 32.49
C ASN CA 107 -43.12 11.99 32.94
N GLY CA 108 -44.23 11.84 33.66
CA GLY CA 108 -45.12 12.93 33.97
C GLY CA 108 -46.30 13.00 33.02
N GLN CA 109 -46.94 14.17 33.03
CA GLN CA 109 -47.96 14.48 32.04
C GLN CA 109 -47.66 15.74 31.25
N TRP CA 110 -46.84 16.64 31.77
CA TRP CA 110 -46.42 17.83 31.05
C TRP CA 110 -44.91 17.82 30.92
N ILE CA 111 -44.42 18.38 29.81
CA ILE CA 111 -42.99 18.53 29.58
C ILE CA 111 -42.66 20.02 29.57
N SER CA 112 -41.40 20.34 29.86
CA SER CA 112 -40.97 21.72 29.82
C SER CA 112 -39.46 21.78 29.69
N ILE CA 113 -38.97 22.86 29.11
CA ILE CA 113 -37.54 23.12 28.97
C ILE CA 113 -37.23 24.47 29.61
N ALA CA 114 -36.08 24.57 30.25
CA ALA CA 114 -35.65 25.83 30.84
C ALA CA 114 -34.19 26.07 30.49
N PRO CA 115 -33.80 27.33 30.29
CA PRO CA 115 -32.39 27.62 30.00
C PRO CA 115 -31.54 27.40 31.25
N ALA CA 116 -30.60 26.46 31.16
CA ALA CA 116 -29.71 26.20 32.29
C ALA CA 116 -28.98 27.47 32.69
N THR CA 117 -28.87 27.67 33.99
CA THR CA 117 -28.37 28.93 34.54
C THR CA 117 -26.97 29.24 34.00
N GLY CA 118 -26.65 30.54 33.95
CA GLY CA 118 -25.42 31.02 33.37
C GLY CA 118 -25.37 31.01 31.86
N SER CA 119 -26.29 30.32 31.18
CA SER CA 119 -26.38 30.30 29.73
C SER CA 119 -27.76 30.75 29.28
N GLU CA 120 -28.25 31.84 29.89
CA GLU CA 120 -29.61 32.31 29.65
C GLU CA 120 -29.68 33.63 28.91
N THR CA 121 -28.58 34.39 28.82
CA THR CA 121 -28.59 35.60 28.01
C THR CA 121 -28.74 35.26 26.53
N ASN CA 122 -27.97 34.26 26.06
CA ASN CA 122 -28.12 33.80 24.69
C ASN CA 122 -29.46 33.11 24.47
N ALA CA 123 -30.05 32.55 25.53
CA ALA CA 123 -31.34 31.87 25.41
C ALA CA 123 -32.41 32.77 24.80
N ALA CA 124 -32.33 34.09 25.05
CA ALA CA 124 -33.27 35.02 24.45
C ALA CA 124 -33.30 34.87 22.93
N ASN CA 125 -32.14 34.67 22.32
CA ASN CA 125 -32.07 34.46 20.88
C ASN CA 125 -32.36 33.03 20.46
N VAL CA 126 -32.89 32.20 21.37
CA VAL CA 126 -33.22 30.82 21.07
C VAL CA 126 -34.74 30.65 21.17
N GLN CA 127 -35.30 29.87 20.25
CA GLN CA 127 -36.70 29.54 20.24
C GLN CA 127 -36.83 28.01 20.22
N ILE CA 128 -37.72 27.49 21.05
CA ILE CA 128 -37.91 26.04 21.14
C ILE CA 128 -39.39 25.75 21.07
N THR CA 129 -39.77 24.78 20.23
CA THR CA 129 -41.14 24.30 20.26
C THR CA 129 -41.13 22.80 20.00
N VAL CA 130 -42.32 22.19 20.11
CA VAL CA 130 -42.44 20.74 20.11
C VAL CA 130 -43.65 20.35 19.30
N THR CA 131 -43.50 19.29 18.52
CA THR CA 131 -44.62 18.65 17.83
C THR CA 131 -44.85 17.28 18.43
N MET CA 132 -45.97 16.67 18.06
CA MET CA 132 -46.35 15.38 18.60
C MET CA 132 -46.73 14.45 17.46
N LYS CA 133 -47.04 13.21 17.80
CA LYS CA 133 -47.36 12.22 16.77
C LYS CA 133 -48.74 11.63 17.03
N GLY CA 134 -49.16 11.61 18.31
CA GLY CA 134 -50.30 10.83 18.72
C GLY CA 134 -51.61 11.58 18.83
N ALA CA 135 -52.70 10.83 19.00
CA ALA CA 135 -53.93 11.33 19.58
C ALA CA 135 -54.44 10.46 20.73
N THR CA 136 -54.60 9.14 20.49
CA THR CA 136 -54.98 8.14 21.49
C THR CA 136 -56.34 8.40 22.14
N ARG CA 137 -57.01 9.49 21.78
CA ARG CA 137 -58.22 9.91 22.48
C ARG CA 137 -58.76 11.17 21.82
N MET DA 1 -40.80 5.10 23.26
CA MET DA 1 -39.91 5.02 22.11
C MET DA 1 -40.23 6.08 21.08
N ASN DA 2 -40.38 7.32 21.56
CA ASN DA 2 -40.74 8.43 20.68
C ASN DA 2 -39.63 8.70 19.67
N PHE DA 3 -39.94 8.53 18.38
CA PHE DA 3 -38.99 8.88 17.34
C PHE DA 3 -38.69 10.37 17.39
N ASN DA 4 -37.48 10.72 16.97
CA ASN DA 4 -37.10 12.13 16.90
C ASN DA 4 -37.85 12.77 15.73
N VAL DA 5 -39.01 13.35 16.03
CA VAL DA 5 -39.85 13.93 15.00
C VAL DA 5 -39.58 15.43 14.84
N GLY DA 6 -38.44 15.91 15.35
CA GLY DA 6 -37.97 17.22 14.95
C GLY DA 6 -37.67 17.19 13.47
N VAL DA 7 -36.62 16.47 13.08
CA VAL DA 7 -36.53 16.01 11.70
C VAL DA 7 -37.77 15.17 11.43
N ASP DA 8 -38.21 15.13 10.17
CA ASP DA 8 -39.52 14.54 9.87
C ASP DA 8 -40.62 15.33 10.57
N PHE DA 9 -40.97 16.49 10.00
CA PHE DA 9 -41.97 17.46 10.42
C PHE DA 9 -41.54 18.33 11.59
N PRO DA 10 -40.55 19.23 11.39
CA PRO DA 10 -40.24 20.23 12.42
C PRO DA 10 -41.33 21.27 12.55
N SER DA 11 -41.09 22.27 13.40
CA SER DA 11 -42.05 23.35 13.61
C SER DA 11 -41.30 24.60 14.04
N PHE DA 12 -41.99 25.74 13.97
CA PHE DA 12 -41.38 27.03 14.27
C PHE DA 12 -42.38 27.91 15.00
N ILE DA 13 -41.87 29.02 15.53
CA ILE DA 13 -42.73 30.02 16.19
C ILE DA 13 -43.30 30.94 15.11
N ALA DA 14 -44.63 31.04 15.07
CA ALA DA 14 -45.30 31.93 14.14
C ALA DA 14 -45.80 33.21 14.80
N TRP DA 15 -46.37 33.10 15.99
CA TRP DA 15 -46.92 34.27 16.68
C TRP DA 15 -46.86 34.00 18.18
N ASP DA 16 -45.98 34.72 18.87
CA ASP DA 16 -45.78 34.56 20.30
C ASP DA 16 -46.77 35.36 21.13
N GLY DA 17 -47.55 36.24 20.51
CA GLY DA 17 -48.41 37.15 21.22
C GLY DA 17 -47.89 38.57 21.29
N GLU DA 18 -46.69 38.82 20.77
CA GLU DA 18 -46.11 40.16 20.81
C GLU DA 18 -45.67 40.62 19.43
N GLU DA 19 -45.24 39.69 18.58
CA GLU DA 19 -44.77 40.03 17.25
C GLU DA 19 -44.75 38.78 16.39
N SER DA 20 -44.86 38.98 15.08
CA SER DA 20 -44.84 37.89 14.13
C SER DA 20 -43.42 37.48 13.80
N PHE DA 21 -43.29 36.39 13.03
CA PHE DA 21 -42.00 35.87 12.63
C PHE DA 21 -42.13 35.15 11.30
N PRO DA 22 -41.31 35.48 10.30
CA PRO DA 22 -41.34 34.74 9.04
C PRO DA 22 -40.80 33.32 9.24
N VAL DA 23 -41.54 32.34 8.74
CA VAL DA 23 -41.16 30.94 8.87
C VAL DA 23 -41.09 30.34 7.46
N LYS DA 24 -39.89 29.92 7.06
CA LYS DA 24 -39.66 29.49 5.69
C LYS DA 24 -40.39 28.20 5.38
N VAL DA 25 -41.07 28.16 4.23
CA VAL DA 25 -41.82 26.99 3.82
C VAL DA 25 -41.43 26.64 2.39
N ASP DA 26 -40.62 27.52 1.77
CA ASP DA 26 -40.22 27.29 0.39
C ASP DA 26 -39.47 25.97 0.24
N GLY DA 27 -38.58 25.67 1.19
CA GLY DA 27 -37.92 24.37 1.18
C GLY DA 27 -38.82 23.21 1.47
N PHE DA 28 -40.07 23.47 1.84
CA PHE DA 28 -41.07 22.46 2.11
C PHE DA 28 -42.13 22.47 1.01
N ASN DA 29 -43.04 21.51 1.09
CA ASN DA 29 -44.16 21.44 0.15
C ASN DA 29 -45.51 21.28 0.81
N GLN DA 30 -45.58 20.88 2.09
CA GLN DA 30 -46.82 20.89 2.83
C GLN DA 30 -46.59 21.58 4.17
N PHE DA 31 -47.63 22.22 4.70
CA PHE DA 31 -47.50 22.97 5.94
C PHE DA 31 -48.88 23.30 6.48
N GLY DA 32 -48.93 23.67 7.75
CA GLY DA 32 -50.19 24.01 8.39
C GLY DA 32 -49.97 24.77 9.67
N PHE DA 33 -51.04 25.42 10.13
CA PHE DA 33 -51.07 26.24 11.33
C PHE DA 33 -51.73 25.49 12.49
N THR DA 34 -51.25 25.81 13.68
CA THR DA 34 -51.79 25.22 14.88
C THR DA 34 -51.94 26.33 15.91
N PHE DA 35 -53.18 26.72 16.20
CA PHE DA 35 -53.48 27.76 17.16
C PHE DA 35 -53.70 27.16 18.54
N LYS DA 36 -53.44 27.99 19.56
CA LYS DA 36 -53.61 27.58 20.95
C LYS DA 36 -53.91 28.83 21.76
N THR DA 37 -54.79 28.69 22.74
CA THR DA 37 -55.17 29.80 23.61
C THR DA 37 -54.50 29.63 24.97
N ILE DA 38 -53.90 30.72 25.47
CA ILE DA 38 -53.34 30.68 26.82
C ILE DA 38 -54.44 30.86 27.87
N ALA DA 39 -55.61 31.34 27.46
CA ALA DA 39 -56.74 31.55 28.36
C ALA DA 39 -57.97 31.80 27.49
N ALA DA 40 -59.08 32.15 28.12
CA ALA DA 40 -60.29 32.48 27.39
C ALA DA 40 -60.21 33.90 26.83
N LEU DA 41 -60.73 34.07 25.62
CA LEU DA 41 -60.71 35.37 24.96
C LEU DA 41 -61.89 36.22 25.45
N THR DA 42 -62.04 37.39 24.84
CA THR DA 42 -63.20 38.24 25.08
C THR DA 42 -64.17 38.28 23.92
N ALA DA 43 -63.69 38.15 22.69
CA ALA DA 43 -64.53 38.12 21.51
C ALA DA 43 -63.80 37.35 20.42
N ALA DA 44 -64.47 37.18 19.28
CA ALA DA 44 -63.83 36.53 18.15
C ALA DA 44 -62.62 37.35 17.70
N THR DA 45 -61.50 36.66 17.51
CA THR DA 45 -60.25 37.33 17.15
C THR DA 45 -59.81 36.86 15.77
N THR DA 46 -59.54 37.82 14.89
CA THR DA 46 -59.21 37.52 13.51
C THR DA 46 -57.76 37.86 13.20
N PHE DA 47 -57.19 37.09 12.29
CA PHE DA 47 -55.79 37.17 11.93
C PHE DA 47 -55.66 37.28 10.41
N ASN DA 48 -54.78 38.18 9.97
CA ASN DA 48 -54.43 38.28 8.56
C ASN DA 48 -53.20 37.44 8.25
N ILE DA 49 -53.19 36.89 7.04
CA ILE DA 49 -52.11 36.03 6.56
C ILE DA 49 -51.33 36.78 5.50
N PHE DA 50 -50.01 36.63 5.50
CA PHE DA 50 -49.15 37.29 4.54
C PHE DA 50 -48.08 36.32 4.08
N TYR DA 51 -47.58 36.54 2.87
CA TYR DA 51 -46.44 35.81 2.33
C TYR DA 51 -45.43 36.80 1.79
N HIS DA 52 -44.17 36.37 1.74
CA HIS DA 52 -43.08 37.24 1.35
C HIS DA 52 -42.39 36.71 0.10
N GLU DA 53 -41.40 37.46 -0.36
CA GLU DA 53 -40.56 37.11 -1.48
C GLU DA 53 -39.11 37.39 -1.11
N PRO DA 54 -38.15 36.69 -1.73
CA PRO DA 54 -36.75 36.93 -1.38
C PRO DA 54 -36.32 38.32 -1.83
N SER DA 55 -35.79 39.10 -0.88
CA SER DA 55 -35.38 40.46 -1.18
C SER DA 55 -34.30 40.45 -2.26
N ASP DA 56 -34.31 41.50 -3.08
CA ASP DA 56 -33.26 41.65 -4.08
C ASP DA 56 -31.87 41.75 -3.44
N ALA DA 57 -31.81 42.24 -2.20
CA ALA DA 57 -30.52 42.35 -1.51
C ALA DA 57 -29.96 40.98 -1.19
N ASP DA 58 -30.80 40.04 -0.75
CA ASP DA 58 -30.34 38.73 -0.34
C ASP DA 58 -31.44 37.72 -0.61
N PRO DA 59 -31.12 36.58 -1.23
CA PRO DA 59 -32.16 35.60 -1.54
C PRO DA 59 -32.53 34.72 -0.35
N CYS DA 60 -32.12 35.15 0.85
CA CYS DA 60 -32.42 34.38 2.05
C CYS DA 60 -32.92 35.28 3.19
N VAL DA 61 -33.39 36.47 2.88
CA VAL DA 61 -33.83 37.43 3.90
C VAL DA 61 -35.27 37.82 3.60
N PRO DA 62 -36.10 38.09 4.61
CA PRO DA 62 -37.48 38.50 4.34
C PRO DA 62 -37.56 39.81 3.56
N GLY DA 63 -38.46 39.83 2.59
CA GLY DA 63 -38.79 41.04 1.88
C GLY DA 63 -40.01 41.70 2.47
N PRO DA 64 -40.83 42.34 1.63
CA PRO DA 64 -42.09 42.90 2.13
C PRO DA 64 -43.09 41.82 2.47
N ALA DA 65 -44.25 42.21 3.01
CA ALA DA 65 -45.27 41.26 3.43
C ALA DA 65 -46.44 41.37 2.45
N ILE DA 66 -46.40 40.56 1.40
CA ILE DA 66 -47.51 40.51 0.45
C ILE DA 66 -48.65 39.72 1.08
N ARG DA 67 -49.87 40.22 0.91
CA ARG DA 67 -51.04 39.62 1.52
C ARG DA 67 -51.58 38.53 0.60
N VAL DA 68 -51.47 37.29 1.04
CA VAL DA 68 -51.96 36.17 0.23
C VAL DA 68 -53.46 36.32 0.00
N PRO DA 69 -53.96 36.14 -1.22
CA PRO DA 69 -55.39 36.30 -1.46
C PRO DA 69 -56.17 35.04 -1.12
N GLU DA 70 -57.37 35.24 -0.57
CA GLU DA 70 -58.25 34.11 -0.32
C GLU DA 70 -58.60 33.41 -1.62
N VAL DA 71 -58.59 32.09 -1.59
CA VAL DA 71 -58.95 31.26 -2.73
C VAL DA 71 -60.19 30.46 -2.35
N PRO DA 72 -61.28 30.56 -3.07
CA PRO DA 72 -62.46 29.77 -2.74
C PRO DA 72 -62.41 28.38 -3.36
N PHE DA 73 -63.39 27.56 -3.03
CA PHE DA 73 -63.57 26.26 -3.65
C PHE DA 73 -65.07 26.08 -3.83
N CYS DA 74 -65.50 24.85 -4.15
CA CYS DA 74 -66.88 24.64 -4.58
C CYS DA 74 -67.87 25.12 -3.52
N ASP DA 75 -67.77 24.57 -2.31
CA ASP DA 75 -68.78 24.77 -1.27
C ASP DA 75 -68.57 26.09 -0.53
N THR DA 76 -67.67 26.94 -1.02
CA THR DA 76 -67.50 28.26 -0.46
C THR DA 76 -68.53 29.21 -1.09
N VAL DA 77 -69.48 29.67 -0.29
CA VAL DA 77 -70.53 30.53 -0.78
C VAL DA 77 -70.57 31.78 0.09
N LEU DA 78 -69.48 32.05 0.80
CA LEU DA 78 -69.37 33.15 1.74
C LEU DA 78 -68.12 33.96 1.45
N LEU DA 79 -67.91 34.30 0.18
CA LEU DA 79 -66.72 35.02 -0.23
C LEU DA 79 -66.63 36.37 0.44
N SER DA 80 -65.50 36.64 1.09
CA SER DA 80 -65.26 37.90 1.76
C SER DA 80 -64.85 38.98 0.77
N GLU DA 81 -64.35 40.11 1.28
CA GLU DA 81 -64.03 41.27 0.45
C GLU DA 81 -62.87 40.93 -0.48
N ASP DA 82 -63.21 40.62 -1.73
CA ASP DA 82 -62.35 40.57 -2.92
C ASP DA 82 -61.35 39.41 -2.88
N GLY DA 83 -61.26 38.73 -1.75
CA GLY DA 83 -60.34 37.62 -1.62
C GLY DA 83 -59.04 38.02 -0.94
N LEU DA 84 -58.92 37.67 0.34
CA LEU DA 84 -57.71 37.94 1.10
C LEU DA 84 -57.70 36.96 2.26
N ALA DA 85 -56.75 36.03 2.26
CA ALA DA 85 -56.74 34.96 3.25
C ALA DA 85 -56.62 35.54 4.65
N ALA DA 86 -57.68 35.35 5.44
CA ALA DA 86 -57.72 35.79 6.82
C ALA DA 86 -58.64 34.87 7.60
N VAL DA 87 -58.24 34.51 8.81
CA VAL DA 87 -58.97 33.55 9.62
C VAL DA 87 -59.52 34.27 10.85
N THR DA 88 -60.37 33.57 11.60
CA THR DA 88 -60.93 34.11 12.83
C THR DA 88 -61.21 32.98 13.80
N LEU DA 89 -60.51 32.99 14.92
CA LEU DA 89 -60.85 32.10 16.03
C LEU DA 89 -62.09 32.66 16.74
N PRO DA 90 -63.14 31.88 16.90
CA PRO DA 90 -64.34 32.40 17.56
C PRO DA 90 -64.16 32.48 19.07
N GLU DA 91 -65.21 32.89 19.77
CA GLU DA 91 -65.23 32.84 21.21
C GLU DA 91 -65.57 31.43 21.65
N THR DA 92 -65.80 31.22 22.94
CA THR DA 92 -66.08 29.90 23.51
C THR DA 92 -64.95 28.92 23.18
N VAL DA 93 -63.72 29.40 23.28
CA VAL DA 93 -62.54 28.59 23.03
C VAL DA 93 -61.67 28.58 24.28
N THR DA 94 -61.33 27.39 24.75
CA THR DA 94 -60.58 27.19 25.98
C THR DA 94 -59.19 26.65 25.68
N PRO DA 95 -58.26 26.77 26.63
CA PRO DA 95 -57.00 26.03 26.50
C PRO DA 95 -57.21 24.53 26.52
N ASP DA 96 -56.11 23.77 26.45
CA ASP DA 96 -56.13 22.29 26.36
C ASP DA 96 -57.14 21.80 25.33
N SER DA 97 -57.42 22.64 24.33
CA SER DA 97 -58.24 22.26 23.18
C SER DA 97 -57.73 23.07 21.99
N PHE DA 98 -56.82 22.48 21.21
CA PHE DA 98 -56.15 23.22 20.17
C PHE DA 98 -57.02 23.25 18.92
N CYS DA 99 -56.71 24.18 18.05
CA CYS DA 99 -57.34 24.26 16.76
C CYS DA 99 -56.28 24.23 15.68
N ALA DA 100 -56.69 23.83 14.47
CA ALA DA 100 -55.72 23.56 13.41
C ALA DA 100 -56.26 24.08 12.09
N GLY DA 101 -55.37 24.35 11.14
CA GLY DA 101 -55.80 24.81 9.83
C GLY DA 101 -54.65 24.83 8.84
N THR DA 102 -54.94 25.29 7.61
CA THR DA 102 -53.92 25.42 6.58
C THR DA 102 -54.46 26.20 5.40
N VAL DA 103 -53.58 26.88 4.67
CA VAL DA 103 -53.97 27.71 3.53
C VAL DA 103 -53.97 26.83 2.28
N PRO DA 104 -55.06 26.77 1.51
CA PRO DA 104 -55.11 25.81 0.42
C PRO DA 104 -54.16 26.12 -0.71
N CYS DA 105 -53.93 27.39 -1.02
CA CYS DA 105 -53.14 27.79 -2.16
C CYS DA 105 -51.90 28.53 -1.67
N MET DA 106 -50.73 28.08 -2.13
CA MET DA 106 -49.45 28.63 -1.70
C MET DA 106 -48.89 29.60 -2.74
N ASN DA 107 -48.10 30.54 -2.25
CA ASN DA 107 -47.36 31.48 -3.09
C ASN DA 107 -46.32 32.16 -2.22
N GLY DA 108 -45.13 32.37 -2.78
CA GLY DA 108 -44.06 33.01 -2.05
C GLY DA 108 -43.06 32.03 -1.49
N GLN DA 109 -42.35 32.47 -0.46
CA GLN DA 109 -41.30 31.69 0.17
C GLN DA 109 -41.59 31.35 1.62
N TRP DA 110 -42.09 32.31 2.41
CA TRP DA 110 -42.41 32.05 3.80
C TRP DA 110 -43.67 32.82 4.19
N ILE DA 111 -44.36 32.29 5.19
CA ILE DA 111 -45.64 32.80 5.61
C ILE DA 111 -45.47 33.59 6.90
N SER DA 112 -46.47 34.41 7.21
CA SER DA 112 -46.49 35.18 8.45
C SER DA 112 -47.94 35.49 8.79
N ILE DA 113 -48.19 35.66 10.09
CA ILE DA 113 -49.53 35.92 10.60
C ILE DA 113 -49.49 37.18 11.44
N ALA DA 114 -50.51 38.01 11.31
CA ALA DA 114 -50.57 39.25 12.06
C ALA DA 114 -51.97 39.43 12.62
N PRO DA 115 -52.10 40.06 13.79
CA PRO DA 115 -53.45 40.31 14.32
C PRO DA 115 -54.24 41.26 13.43
N ALA DA 116 -55.29 40.75 12.80
CA ALA DA 116 -56.14 41.61 11.99
C ALA DA 116 -56.76 42.70 12.85
N THR DA 117 -56.92 43.88 12.26
CA THR DA 117 -57.30 45.08 13.00
C THR DA 117 -58.54 44.85 13.86
N GLY DA 118 -58.37 45.02 15.17
CA GLY DA 118 -59.43 44.82 16.13
C GLY DA 118 -59.18 43.71 17.13
N SER DA 119 -58.33 42.74 16.79
CA SER DA 119 -58.06 41.60 17.65
C SER DA 119 -56.75 41.72 18.42
N GLU DA 120 -56.06 42.85 18.32
CA GLU DA 120 -54.69 42.97 18.84
C GLU DA 120 -54.62 42.62 20.32
N THR DA 121 -55.34 43.38 21.16
CA THR DA 121 -55.31 43.14 22.60
C THR DA 121 -55.75 41.72 22.92
N ASN DA 122 -56.77 41.22 22.21
CA ASN DA 122 -57.21 39.86 22.42
C ASN DA 122 -56.17 38.86 21.93
N ALA DA 123 -55.59 39.11 20.74
CA ALA DA 123 -54.55 38.23 20.21
C ALA DA 123 -53.32 38.19 21.10
N ALA DA 124 -53.15 39.17 21.98
CA ALA DA 124 -52.01 39.17 22.90
C ALA DA 124 -51.95 37.94 23.78
N ASN DA 125 -52.99 37.11 23.80
CA ASN DA 125 -53.04 35.92 24.65
C ASN DA 125 -53.27 34.66 23.82
N VAL DA 126 -52.86 34.66 22.56
CA VAL DA 126 -52.96 33.49 21.71
C VAL DA 126 -51.56 33.15 21.19
N GLN DA 127 -51.33 31.86 20.97
CA GLN DA 127 -50.05 31.36 20.49
C GLN DA 127 -50.26 30.60 19.19
N ILE DA 128 -49.52 30.97 18.16
CA ILE DA 128 -49.67 30.39 16.82
C ILE DA 128 -48.35 29.75 16.43
N THR DA 129 -48.41 28.49 16.00
CA THR DA 129 -47.23 27.81 15.50
C THR DA 129 -47.52 27.24 14.12
N VAL DA 130 -46.46 26.94 13.38
CA VAL DA 130 -46.57 26.34 12.06
C VAL DA 130 -45.77 25.04 12.06
N THR DA 131 -46.36 23.99 11.47
CA THR DA 131 -45.69 22.71 11.33
C THR DA 131 -45.65 22.34 9.85
N MET DA 132 -44.49 21.88 9.40
CA MET DA 132 -44.26 21.60 7.98
C MET DA 132 -44.37 20.10 7.72
N LYS DA 133 -44.15 19.73 6.46
CA LYS DA 133 -44.36 18.35 6.01
C LYS DA 133 -43.78 18.19 4.62
N GLY DA 134 -43.10 17.06 4.39
CA GLY DA 134 -42.77 16.61 3.06
C GLY DA 134 -41.52 17.17 2.44
N ALA DA 135 -40.76 18.00 3.16
CA ALA DA 135 -39.67 18.79 2.59
C ALA DA 135 -38.79 17.98 1.64
N THR DA 136 -38.44 18.60 0.51
CA THR DA 136 -37.48 18.04 -0.43
C THR DA 136 -36.22 18.86 -0.57
N ARG DA 137 -36.31 20.17 -0.41
CA ARG DA 137 -35.17 21.10 -0.45
C ARG DA 137 -34.48 21.14 -1.82
N MET EA 1 -73.34 40.27 -38.03
CA MET EA 1 -72.16 39.43 -38.19
C MET EA 1 -71.13 40.08 -39.09
N ASN EA 2 -70.90 41.37 -38.88
CA ASN EA 2 -69.92 42.10 -39.68
C ASN EA 2 -68.53 41.51 -39.46
N PHE EA 3 -67.95 40.95 -40.52
CA PHE EA 3 -66.63 40.35 -40.42
C PHE EA 3 -65.58 41.42 -40.10
N ASN EA 4 -64.39 40.95 -39.72
CA ASN EA 4 -63.26 41.84 -39.49
C ASN EA 4 -62.75 42.29 -40.86
N VAL EA 5 -63.44 43.28 -41.43
CA VAL EA 5 -63.16 43.74 -42.79
C VAL EA 5 -62.20 44.92 -42.82
N GLY EA 6 -61.70 45.37 -41.67
CA GLY EA 6 -60.60 46.31 -41.68
C GLY EA 6 -59.38 45.66 -42.28
N VAL EA 7 -58.81 44.68 -41.58
CA VAL EA 7 -57.98 43.69 -42.26
C VAL EA 7 -58.88 42.99 -43.28
N ASP EA 8 -58.26 42.36 -44.28
CA ASP EA 8 -59.03 41.98 -45.47
C ASP EA 8 -59.55 43.24 -46.15
N PHE EA 9 -58.67 43.94 -46.88
CA PHE EA 9 -58.91 45.15 -47.66
C PHE EA 9 -59.05 46.41 -46.80
N PRO EA 10 -57.97 46.85 -46.17
CA PRO EA 10 -58.00 48.12 -45.41
C PRO EA 10 -58.10 49.34 -46.32
N SER EA 11 -58.02 50.53 -45.72
CA SER EA 11 -58.15 51.78 -46.46
C SER EA 11 -57.34 52.85 -45.78
N PHE EA 12 -57.00 53.90 -46.54
CA PHE EA 12 -56.21 55.01 -46.03
C PHE EA 12 -56.71 56.32 -46.62
N ILE EA 13 -56.35 57.42 -45.95
CA ILE EA 13 -56.71 58.75 -46.40
C ILE EA 13 -55.94 59.09 -47.67
N ALA EA 14 -56.67 59.37 -48.75
CA ALA EA 14 -56.04 59.86 -49.98
C ALA EA 14 -56.01 61.38 -50.02
N TRP EA 15 -57.17 62.01 -49.91
CA TRP EA 15 -57.30 63.46 -49.96
C TRP EA 15 -58.35 63.88 -48.95
N ASP EA 16 -57.95 64.70 -47.98
CA ASP EA 16 -58.86 65.07 -46.90
C ASP EA 16 -59.82 66.17 -47.33
N GLY EA 17 -59.34 67.13 -48.11
CA GLY EA 17 -60.13 68.31 -48.44
C GLY EA 17 -59.28 69.57 -48.36
N GLU EA 18 -58.11 69.44 -47.75
CA GLU EA 18 -57.14 70.51 -47.65
C GLU EA 18 -55.84 70.21 -48.37
N GLU EA 19 -55.35 68.98 -48.27
CA GLU EA 19 -54.16 68.53 -49.00
C GLU EA 19 -54.21 67.01 -49.03
N SER EA 20 -53.11 66.38 -49.45
CA SER EA 20 -53.12 64.94 -49.66
C SER EA 20 -51.80 64.33 -49.21
N PHE EA 21 -51.88 63.07 -48.78
CA PHE EA 21 -50.73 62.27 -48.38
C PHE EA 21 -50.51 61.13 -49.38
N PRO EA 22 -49.26 60.80 -49.69
CA PRO EA 22 -49.01 59.59 -50.48
C PRO EA 22 -49.28 58.34 -49.67
N VAL EA 23 -49.72 57.29 -50.36
CA VAL EA 23 -50.13 56.05 -49.71
C VAL EA 23 -49.37 54.89 -50.34
N LYS EA 24 -48.84 54.01 -49.50
CA LYS EA 24 -48.10 52.86 -49.96
C LYS EA 24 -49.02 51.87 -50.67
N VAL EA 25 -48.47 51.20 -51.69
CA VAL EA 25 -49.20 50.19 -52.44
C VAL EA 25 -48.37 48.94 -52.68
N ASP EA 26 -47.16 48.87 -52.12
CA ASP EA 26 -46.20 47.84 -52.53
C ASP EA 26 -46.72 46.44 -52.23
N GLY EA 27 -47.03 46.16 -50.97
CA GLY EA 27 -47.53 44.85 -50.61
C GLY EA 27 -48.87 44.50 -51.25
N PHE EA 28 -49.59 45.49 -51.76
CA PHE EA 28 -50.90 45.29 -52.36
C PHE EA 28 -50.76 45.14 -53.87
N ASN EA 29 -51.67 44.36 -54.46
CA ASN EA 29 -51.65 44.09 -55.89
C ASN EA 29 -52.87 44.62 -56.64
N GLN EA 30 -53.94 45.02 -55.95
CA GLN EA 30 -55.04 45.71 -56.58
C GLN EA 30 -55.54 46.80 -55.64
N PHE EA 31 -55.90 47.95 -56.20
CA PHE EA 31 -56.39 49.05 -55.40
C PHE EA 31 -57.24 49.96 -56.27
N GLY EA 32 -58.07 50.77 -55.60
CA GLY EA 32 -58.97 51.67 -56.29
C GLY EA 32 -59.25 52.90 -55.46
N PHE EA 33 -59.71 53.95 -56.13
CA PHE EA 33 -60.06 55.21 -55.50
C PHE EA 33 -61.57 55.28 -55.31
N THR EA 34 -61.98 55.92 -54.21
CA THR EA 34 -63.39 56.17 -53.90
C THR EA 34 -63.53 57.63 -53.49
N PHE EA 35 -64.32 58.39 -54.25
CA PHE EA 35 -64.52 59.80 -53.97
C PHE EA 35 -65.81 60.01 -53.19
N LYS EA 36 -65.95 61.19 -52.64
CA LYS EA 36 -67.13 61.52 -51.83
C LYS EA 36 -67.36 63.02 -51.88
N THR EA 37 -68.62 63.41 -52.03
CA THR EA 37 -69.01 64.81 -52.01
C THR EA 37 -69.45 65.20 -50.61
N ILE EA 38 -69.02 66.38 -50.16
CA ILE EA 38 -69.48 66.92 -48.88
C ILE EA 38 -70.55 67.99 -49.07
N ALA EA 39 -70.59 68.64 -50.23
CA ALA EA 39 -71.57 69.68 -50.52
C ALA EA 39 -71.59 69.92 -52.02
N ALA EA 40 -72.66 70.55 -52.50
CA ALA EA 40 -72.84 70.75 -53.93
C ALA EA 40 -71.64 71.43 -54.56
N LEU EA 41 -71.21 70.91 -55.71
CA LEU EA 41 -70.06 71.45 -56.41
C LEU EA 41 -70.46 72.68 -57.22
N THR EA 42 -69.44 73.35 -57.76
CA THR EA 42 -69.64 74.49 -58.63
C THR EA 42 -69.36 74.20 -60.09
N ALA EA 43 -68.59 73.16 -60.39
CA ALA EA 43 -68.28 72.75 -61.76
C ALA EA 43 -67.81 71.31 -61.72
N ALA EA 44 -67.75 70.64 -62.86
CA ALA EA 44 -67.23 69.28 -62.77
C ALA EA 44 -65.83 69.42 -62.24
N THR EA 45 -65.33 68.42 -61.53
CA THR EA 45 -64.03 68.61 -60.92
C THR EA 45 -62.98 67.71 -61.47
N THR EA 46 -61.78 68.25 -61.61
CA THR EA 46 -60.68 67.47 -62.13
C THR EA 46 -59.65 67.15 -61.09
N PHE EA 47 -58.78 66.21 -61.40
CA PHE EA 47 -57.81 65.75 -60.43
C PHE EA 47 -56.62 65.13 -61.16
N ASN EA 48 -55.42 65.45 -60.66
CA ASN EA 48 -54.18 64.92 -61.19
C ASN EA 48 -53.71 63.75 -60.33
N ILE EA 49 -53.05 62.79 -60.97
CA ILE EA 49 -52.57 61.59 -60.31
C ILE EA 49 -51.06 61.56 -60.37
N PHE EA 50 -50.42 61.13 -59.28
CA PHE EA 50 -48.97 61.09 -59.21
C PHE EA 50 -48.54 59.81 -58.51
N TYR EA 51 -47.32 59.40 -58.81
CA TYR EA 51 -46.70 58.26 -58.15
C TYR EA 51 -45.31 58.66 -57.66
N HIS EA 52 -44.85 57.97 -56.62
CA HIS EA 52 -43.59 58.25 -55.98
C HIS EA 52 -42.70 57.01 -56.03
N GLU EA 53 -41.40 57.23 -55.82
CA GLU EA 53 -40.41 56.18 -55.81
C GLU EA 53 -39.75 56.10 -54.43
N PRO EA 54 -39.24 54.94 -54.04
CA PRO EA 54 -38.54 54.85 -52.74
C PRO EA 54 -37.31 55.74 -52.74
N SER EA 55 -37.32 56.71 -51.82
CA SER EA 55 -36.23 57.68 -51.74
C SER EA 55 -34.90 56.97 -51.52
N ASP EA 56 -33.84 57.55 -52.09
CA ASP EA 56 -32.51 56.98 -51.93
C ASP EA 56 -32.06 57.04 -50.47
N ALA EA 57 -32.38 58.15 -49.78
CA ALA EA 57 -31.99 58.28 -48.39
C ALA EA 57 -32.72 57.28 -47.51
N ASP EA 58 -33.92 56.86 -47.90
CA ASP EA 58 -34.67 55.90 -47.12
C ASP EA 58 -35.61 55.10 -48.03
N PRO EA 59 -35.41 53.80 -48.17
CA PRO EA 59 -36.25 53.00 -49.07
C PRO EA 59 -37.65 52.73 -48.55
N CYS EA 60 -38.03 53.28 -47.40
CA CYS EA 60 -39.35 53.06 -46.84
C CYS EA 60 -40.17 54.35 -46.80
N VAL EA 61 -39.68 55.43 -47.40
CA VAL EA 61 -40.41 56.69 -47.47
C VAL EA 61 -40.63 57.07 -48.92
N PRO EA 62 -41.69 57.82 -49.25
CA PRO EA 62 -41.91 58.20 -50.64
C PRO EA 62 -40.95 59.28 -51.10
N GLY EA 63 -40.59 59.22 -52.38
CA GLY EA 63 -39.77 60.23 -53.00
C GLY EA 63 -40.60 61.39 -53.49
N PRO EA 64 -40.18 62.00 -54.60
CA PRO EA 64 -40.96 63.10 -55.18
C PRO EA 64 -42.23 62.61 -55.85
N ALA EA 65 -42.99 63.53 -56.45
CA ALA EA 65 -44.26 63.22 -57.10
C ALA EA 65 -44.04 63.22 -58.61
N ILE EA 66 -44.10 62.05 -59.22
CA ILE EA 66 -43.98 61.90 -60.66
C ILE EA 66 -45.37 61.73 -61.24
N ARG EA 67 -45.66 62.44 -62.32
CA ARG EA 67 -46.99 62.42 -62.92
C ARG EA 67 -47.14 61.15 -63.75
N VAL EA 68 -48.05 60.27 -63.32
CA VAL EA 68 -48.25 59.01 -64.03
C VAL EA 68 -48.84 59.29 -65.41
N PRO EA 69 -48.42 58.59 -66.46
CA PRO EA 69 -49.08 58.72 -67.76
C PRO EA 69 -50.25 57.75 -67.89
N GLU EA 70 -51.08 58.01 -68.89
CA GLU EA 70 -52.31 57.26 -69.09
C GLU EA 70 -52.11 56.12 -70.07
N VAL EA 71 -53.07 55.21 -70.09
CA VAL EA 71 -53.03 54.01 -70.91
C VAL EA 71 -54.01 54.19 -72.08
N PRO EA 72 -53.67 53.69 -73.28
CA PRO EA 72 -54.63 53.84 -74.39
C PRO EA 72 -55.96 53.12 -74.16
N PHE EA 73 -55.96 52.00 -73.44
CA PHE EA 73 -57.18 51.25 -73.14
C PHE EA 73 -57.87 50.83 -74.45
N CYS EA 74 -57.17 49.95 -75.16
CA CYS EA 74 -57.33 49.74 -76.60
C CYS EA 74 -58.76 49.85 -77.12
N ASP EA 75 -59.69 49.08 -76.56
CA ASP EA 75 -61.08 49.10 -77.04
C ASP EA 75 -61.73 50.40 -76.59
N THR EA 76 -61.40 51.47 -77.29
CA THR EA 76 -61.86 52.79 -76.92
C THR EA 76 -61.86 53.69 -78.16
N VAL EA 77 -62.25 54.94 -77.95
CA VAL EA 77 -62.11 56.01 -78.92
C VAL EA 77 -61.39 57.14 -78.19
N LEU EA 78 -60.47 56.75 -77.30
CA LEU EA 78 -59.88 57.62 -76.29
C LEU EA 78 -59.53 59.00 -76.83
N LEU EA 79 -60.05 60.02 -76.16
CA LEU EA 79 -59.74 61.41 -76.50
C LEU EA 79 -58.60 61.93 -75.63
N SER EA 80 -57.45 61.28 -75.76
CA SER EA 80 -56.27 61.67 -75.00
C SER EA 80 -55.78 63.04 -75.44
N GLU EA 81 -55.47 63.90 -74.47
CA GLU EA 81 -55.03 65.26 -74.74
C GLU EA 81 -53.55 65.48 -74.49
N ASP EA 82 -52.98 64.87 -73.44
CA ASP EA 82 -51.56 65.02 -73.18
C ASP EA 82 -50.89 63.72 -72.75
N GLY EA 83 -51.63 62.62 -72.62
CA GLY EA 83 -51.07 61.36 -72.18
C GLY EA 83 -50.79 61.26 -70.70
N LEU EA 84 -50.65 62.38 -70.00
CA LEU EA 84 -50.38 62.37 -68.57
C LEU EA 84 -51.68 62.02 -67.84
N ALA EA 85 -51.69 60.87 -67.16
CA ALA EA 85 -52.91 60.36 -66.57
C ALA EA 85 -53.51 61.35 -65.58
N ALA EA 86 -54.84 61.42 -65.59
CA ALA EA 86 -55.62 62.22 -64.66
C ALA EA 86 -57.04 61.66 -64.67
N VAL EA 87 -57.91 62.23 -63.82
CA VAL EA 87 -59.28 61.75 -63.75
C VAL EA 87 -60.16 62.87 -63.24
N THR EA 88 -61.42 62.90 -63.59
CA THR EA 88 -62.24 64.03 -63.16
C THR EA 88 -63.64 63.60 -62.83
N LEU EA 89 -64.34 64.42 -62.07
CA LEU EA 89 -65.70 64.07 -61.66
C LEU EA 89 -66.68 65.06 -62.20
N PRO EA 90 -67.80 64.56 -62.76
CA PRO EA 90 -68.67 65.56 -63.37
C PRO EA 90 -69.38 66.40 -62.32
N GLU EA 91 -69.96 67.50 -62.79
CA GLU EA 91 -70.83 68.32 -61.97
C GLU EA 91 -72.13 67.55 -61.70
N THR EA 92 -72.98 68.13 -60.84
CA THR EA 92 -74.28 67.54 -60.47
C THR EA 92 -74.09 66.21 -59.76
N VAL EA 93 -73.34 66.24 -58.67
CA VAL EA 93 -73.13 65.09 -57.82
C VAL EA 93 -73.53 65.45 -56.39
N THR EA 94 -74.27 64.57 -55.75
CA THR EA 94 -74.76 64.74 -54.39
C THR EA 94 -73.82 64.07 -53.41
N PRO EA 95 -73.81 64.50 -52.15
CA PRO EA 95 -73.04 63.77 -51.13
C PRO EA 95 -73.40 62.31 -51.00
N ASP EA 96 -74.57 61.90 -51.47
CA ASP EA 96 -74.96 60.48 -51.48
C ASP EA 96 -74.64 59.85 -52.83
N SER EA 97 -73.35 59.91 -53.19
CA SER EA 97 -72.87 59.36 -54.46
C SER EA 97 -71.80 58.33 -54.19
N PHE EA 98 -72.00 57.12 -54.71
CA PHE EA 98 -71.01 56.05 -54.60
C PHE EA 98 -70.16 56.03 -55.87
N CYS EA 99 -69.32 57.05 -55.98
CA CYS EA 99 -68.49 57.27 -57.17
C CYS EA 99 -67.05 56.84 -56.88
N ALA EA 100 -66.48 56.11 -57.82
CA ALA EA 100 -65.19 55.46 -57.59
C ALA EA 100 -64.56 55.13 -58.93
N GLY EA 101 -63.28 54.77 -58.89
CA GLY EA 101 -62.56 54.43 -60.09
C GLY EA 101 -61.25 53.74 -59.76
N THR EA 102 -60.43 53.57 -60.79
CA THR EA 102 -59.11 52.99 -60.60
C THR EA 102 -58.23 53.35 -61.80
N VAL EA 103 -56.93 53.43 -61.54
CA VAL EA 103 -55.94 53.58 -62.61
C VAL EA 103 -55.64 52.19 -63.15
N PRO EA 104 -55.63 51.99 -64.47
CA PRO EA 104 -55.47 50.63 -64.99
C PRO EA 104 -54.09 50.05 -64.77
N CYS EA 105 -53.07 50.88 -64.60
CA CYS EA 105 -51.71 50.36 -64.40
C CYS EA 105 -50.90 51.36 -63.58
N MET EA 106 -50.30 50.88 -62.50
CA MET EA 106 -49.48 51.70 -61.63
C MET EA 106 -48.01 51.61 -62.04
N ASN EA 107 -47.23 52.63 -61.67
CA ASN EA 107 -45.84 52.68 -62.07
C ASN EA 107 -44.92 53.16 -60.93
N GLY EA 108 -45.37 53.05 -59.68
CA GLY EA 108 -44.54 53.49 -58.57
C GLY EA 108 -44.78 52.70 -57.30
N GLN EA 109 -44.44 53.31 -56.16
CA GLN EA 109 -44.64 52.67 -54.87
C GLN EA 109 -45.58 53.44 -53.95
N TRP EA 110 -45.90 54.70 -54.28
CA TRP EA 110 -46.80 55.51 -53.47
C TRP EA 110 -47.70 56.29 -54.40
N ILE EA 111 -48.99 56.11 -54.27
CA ILE EA 111 -49.96 56.80 -55.11
C ILE EA 111 -50.40 58.07 -54.40
N SER EA 112 -50.72 59.10 -55.19
CA SER EA 112 -51.17 60.37 -54.63
C SER EA 112 -52.07 61.07 -55.62
N ILE EA 113 -53.00 61.87 -55.08
CA ILE EA 113 -53.94 62.63 -55.88
C ILE EA 113 -53.80 64.10 -55.50
N ALA EA 114 -53.77 64.97 -56.50
CA ALA EA 114 -53.64 66.40 -56.27
C ALA EA 114 -54.76 67.14 -57.00
N PRO EA 115 -55.20 68.27 -56.46
CA PRO EA 115 -56.28 69.04 -57.11
C PRO EA 115 -55.78 69.65 -58.41
N ALA EA 116 -56.38 69.22 -59.52
CA ALA EA 116 -56.06 69.81 -60.80
C ALA EA 116 -56.45 71.29 -60.81
N THR EA 117 -55.51 72.14 -61.22
CA THR EA 117 -55.70 73.57 -61.14
C THR EA 117 -56.96 74.01 -61.87
N GLY EA 118 -57.69 74.94 -61.26
CA GLY EA 118 -59.00 75.32 -61.75
C GLY EA 118 -60.09 74.62 -60.96
N SER EA 119 -59.89 73.34 -60.69
CA SER EA 119 -60.78 72.57 -59.81
C SER EA 119 -60.24 72.54 -58.38
N GLU EA 120 -59.94 73.73 -57.85
CA GLU EA 120 -59.39 73.88 -56.51
C GLU EA 120 -60.45 74.25 -55.48
N THR EA 121 -61.30 75.23 -55.80
CA THR EA 121 -62.38 75.61 -54.90
C THR EA 121 -63.27 74.41 -54.60
N ASN EA 122 -63.74 73.71 -55.65
CA ASN EA 122 -64.52 72.51 -55.44
C ASN EA 122 -63.71 71.42 -54.75
N ALA EA 123 -62.39 71.43 -54.88
CA ALA EA 123 -61.56 70.42 -54.21
C ALA EA 123 -61.65 70.54 -52.70
N ALA EA 124 -61.94 71.74 -52.19
CA ALA EA 124 -62.15 71.92 -50.77
C ALA EA 124 -63.43 71.26 -50.27
N ASN EA 125 -64.19 70.59 -51.15
CA ASN EA 125 -65.38 69.86 -50.76
C ASN EA 125 -65.32 68.38 -51.07
N VAL EA 126 -64.40 67.93 -51.90
CA VAL EA 126 -64.29 66.52 -52.24
C VAL EA 126 -63.46 65.82 -51.17
N GLN EA 127 -63.76 64.54 -50.96
CA GLN EA 127 -63.10 63.71 -49.95
C GLN EA 127 -62.75 62.39 -50.62
N ILE EA 128 -61.46 62.10 -50.76
CA ILE EA 128 -61.00 60.96 -51.54
C ILE EA 128 -60.30 59.97 -50.61
N THR EA 129 -60.57 58.68 -50.82
CA THR EA 129 -59.85 57.64 -50.09
C THR EA 129 -59.55 56.49 -51.04
N VAL EA 130 -58.77 55.53 -50.55
CA VAL EA 130 -58.29 54.43 -51.39
C VAL EA 130 -58.59 53.11 -50.69
N THR EA 131 -59.01 52.12 -51.47
CA THR EA 131 -59.22 50.76 -50.98
C THR EA 131 -58.23 49.84 -51.66
N MET EA 132 -57.78 48.82 -50.94
CA MET EA 132 -56.83 47.86 -51.45
C MET EA 132 -57.44 46.46 -51.49
N LYS EA 133 -56.80 45.60 -52.28
CA LYS EA 133 -57.04 44.17 -52.34
C LYS EA 133 -55.73 43.45 -52.10
N GLY EA 134 -55.06 43.81 -51.02
CA GLY EA 134 -53.64 43.54 -50.87
C GLY EA 134 -53.30 42.06 -50.81
N ALA EA 135 -52.00 41.81 -50.98
CA ALA EA 135 -51.45 40.46 -51.08
C ALA EA 135 -50.13 40.44 -50.32
N THR EA 136 -49.34 39.39 -50.56
CA THR EA 136 -47.99 39.26 -50.02
C THR EA 136 -47.93 39.48 -48.51
N MET FA 1 -53.22 44.59 -63.16
CA MET FA 1 -54.60 44.17 -63.39
C MET FA 1 -55.47 44.55 -62.20
N ASN FA 2 -55.28 45.76 -61.69
CA ASN FA 2 -56.05 46.22 -60.54
C ASN FA 2 -57.48 46.49 -60.97
N PHE FA 3 -58.42 45.70 -60.45
CA PHE FA 3 -59.82 45.89 -60.75
C PHE FA 3 -60.37 47.07 -59.97
N ASN FA 4 -61.43 47.68 -60.52
CA ASN FA 4 -62.01 48.89 -59.93
C ASN FA 4 -62.77 48.48 -58.67
N VAL FA 5 -62.02 48.32 -57.59
CA VAL FA 5 -62.55 47.79 -56.33
C VAL FA 5 -63.22 48.91 -55.54
N GLY FA 6 -63.39 50.07 -56.17
CA GLY FA 6 -64.17 51.13 -55.56
C GLY FA 6 -65.57 50.64 -55.26
N VAL FA 7 -66.37 50.40 -56.30
CA VAL FA 7 -67.55 49.57 -56.13
C VAL FA 7 -67.08 48.21 -55.61
N ASP FA 8 -67.96 47.52 -54.87
CA ASP FA 8 -67.56 46.26 -54.25
C ASP FA 8 -66.42 46.49 -53.27
N PHE FA 9 -66.77 46.97 -52.06
CA PHE FA 9 -65.92 47.45 -50.96
C PHE FA 9 -65.33 48.84 -51.21
N PRO FA 10 -66.17 49.88 -51.23
CA PRO FA 10 -65.65 51.26 -51.13
C PRO FA 10 -65.20 51.60 -49.73
N SER FA 11 -64.83 52.85 -49.48
CA SER FA 11 -64.41 53.28 -48.16
C SER FA 11 -64.69 54.76 -47.99
N PHE FA 12 -64.65 55.21 -46.74
CA PHE FA 12 -64.91 56.60 -46.40
C PHE FA 12 -64.05 57.00 -45.22
N ILE FA 13 -63.81 58.30 -45.12
CA ILE FA 13 -63.14 58.84 -43.94
C ILE FA 13 -64.05 58.69 -42.72
N ALA FA 14 -63.49 58.23 -41.62
CA ALA FA 14 -64.20 58.14 -40.35
C ALA FA 14 -63.78 59.23 -39.38
N TRP FA 15 -62.47 59.40 -39.18
CA TRP FA 15 -61.92 60.44 -38.32
C TRP FA 15 -60.71 61.03 -39.03
N ASP FA 16 -60.85 62.26 -39.51
CA ASP FA 16 -59.80 62.90 -40.30
C ASP FA 16 -58.65 63.41 -39.45
N GLY FA 17 -58.76 63.34 -38.13
CA GLY FA 17 -57.79 63.95 -37.25
C GLY FA 17 -58.22 65.29 -36.69
N GLU FA 18 -59.34 65.83 -37.15
CA GLU FA 18 -59.82 67.11 -36.65
C GLU FA 18 -61.27 67.02 -36.18
N GLU FA 19 -62.07 66.19 -36.84
CA GLU FA 19 -63.46 66.00 -36.44
C GLU FA 19 -63.95 64.67 -36.99
N SER FA 20 -65.16 64.29 -36.57
CA SER FA 20 -65.77 63.03 -36.97
C SER FA 20 -66.76 63.26 -38.12
N PHE FA 21 -67.26 62.15 -38.66
CA PHE FA 21 -68.19 62.17 -39.78
C PHE FA 21 -69.14 60.97 -39.68
N PRO FA 22 -70.44 61.20 -39.59
CA PRO FA 22 -71.38 60.08 -39.45
C PRO FA 22 -71.60 59.34 -40.76
N VAL FA 23 -70.71 58.40 -41.06
CA VAL FA 23 -70.83 57.61 -42.29
C VAL FA 23 -71.93 56.56 -42.14
N LYS FA 24 -72.63 56.29 -43.23
CA LYS FA 24 -73.73 55.33 -43.23
C LYS FA 24 -73.23 53.94 -43.60
N VAL FA 25 -73.98 52.94 -43.14
CA VAL FA 25 -73.66 51.54 -43.44
C VAL FA 25 -74.93 50.83 -43.92
N ASP FA 26 -76.01 51.59 -44.10
CA ASP FA 26 -77.31 50.98 -44.39
C ASP FA 26 -77.27 50.18 -45.69
N GLY FA 27 -76.64 50.73 -46.73
CA GLY FA 27 -76.57 50.04 -48.00
C GLY FA 27 -75.64 48.84 -48.01
N PHE FA 28 -75.12 48.50 -46.84
CA PHE FA 28 -74.15 47.41 -46.69
C PHE FA 28 -74.60 46.52 -45.54
N ASN FA 29 -73.84 45.44 -45.31
CA ASN FA 29 -74.14 44.52 -44.22
C ASN FA 29 -72.97 44.22 -43.30
N GLN FA 30 -71.73 44.36 -43.74
CA GLN FA 30 -70.56 44.14 -42.91
C GLN FA 30 -69.58 45.28 -43.12
N PHE FA 31 -69.07 45.84 -42.02
CA PHE FA 31 -68.21 47.02 -42.11
C PHE FA 31 -67.21 46.99 -40.96
N GLY FA 32 -66.20 47.85 -41.07
CA GLY FA 32 -65.15 47.90 -40.08
C GLY FA 32 -64.33 49.17 -40.20
N PHE FA 33 -63.49 49.39 -39.19
CA PHE FA 33 -62.66 50.57 -39.08
C PHE FA 33 -61.20 50.22 -39.35
N THR FA 34 -60.47 51.25 -39.80
CA THR FA 34 -59.05 51.10 -40.05
C THR FA 34 -58.34 52.31 -39.46
N PHE FA 35 -57.45 52.08 -38.52
CA PHE FA 35 -56.67 53.11 -37.85
C PHE FA 35 -55.25 53.14 -38.40
N LYS FA 36 -54.72 54.35 -38.56
CA LYS FA 36 -53.34 54.53 -38.99
C LYS FA 36 -52.88 55.88 -38.46
N THR FA 37 -51.58 56.00 -38.18
CA THR FA 37 -51.06 57.21 -37.57
C THR FA 37 -50.14 57.95 -38.52
N ILE FA 38 -49.95 59.23 -38.23
CA ILE FA 38 -49.10 60.10 -39.06
C ILE FA 38 -47.77 60.30 -38.35
N ALA FA 39 -47.76 60.21 -37.04
CA ALA FA 39 -46.56 60.37 -36.24
C ALA FA 39 -46.61 59.44 -35.05
N ALA FA 40 -45.51 59.39 -34.30
CA ALA FA 40 -45.45 58.58 -33.10
C ALA FA 40 -46.35 59.16 -32.01
N LEU FA 41 -47.02 58.29 -31.28
CA LEU FA 41 -47.95 58.71 -30.23
C LEU FA 41 -47.22 58.90 -28.91
N THR FA 42 -47.59 59.95 -28.19
CA THR FA 42 -46.97 60.21 -26.89
C THR FA 42 -47.44 59.18 -25.86
N ALA FA 43 -48.75 59.03 -25.70
CA ALA FA 43 -49.32 58.08 -24.76
C ALA FA 43 -50.45 57.33 -25.43
N ALA FA 44 -50.81 56.18 -24.84
CA ALA FA 44 -51.89 55.37 -25.37
C ALA FA 44 -53.21 56.13 -25.30
N THR FA 45 -53.74 56.51 -26.46
CA THR FA 45 -54.97 57.28 -26.54
C THR FA 45 -56.14 56.39 -26.95
N THR FA 46 -57.34 56.97 -26.88
CA THR FA 46 -58.56 56.19 -27.09
C THR FA 46 -59.62 57.05 -27.74
N PHE FA 47 -60.61 56.38 -28.32
CA PHE FA 47 -61.76 57.02 -28.95
C PHE FA 47 -63.04 56.36 -28.46
N ASN FA 48 -64.10 57.15 -28.36
CA ASN FA 48 -65.45 56.66 -28.17
C ASN FA 48 -66.09 56.40 -29.52
N ILE FA 49 -67.12 55.55 -29.49
CA ILE FA 49 -67.87 55.12 -30.66
C ILE FA 49 -69.32 55.51 -30.46
N PHE FA 50 -69.92 56.16 -31.45
CA PHE FA 50 -71.32 56.52 -31.40
C PHE FA 50 -72.01 56.09 -32.68
N TYR FA 51 -73.32 55.90 -32.59
CA TYR FA 51 -74.14 55.65 -33.75
C TYR FA 51 -75.23 56.70 -33.84
N HIS FA 52 -75.93 56.72 -34.98
CA HIS FA 52 -76.94 57.72 -35.23
C HIS FA 52 -78.17 57.06 -35.84
N GLU FA 53 -79.31 57.74 -35.71
CA GLU FA 53 -80.57 57.33 -36.29
C GLU FA 53 -81.06 58.40 -37.25
N PRO FA 54 -81.88 58.04 -38.23
CA PRO FA 54 -82.36 59.05 -39.18
C PRO FA 54 -83.23 60.09 -38.48
N SER FA 55 -82.82 61.35 -38.58
CA SER FA 55 -83.60 62.43 -38.01
C SER FA 55 -84.98 62.47 -38.67
N ASP FA 56 -86.02 62.53 -37.83
CA ASP FA 56 -87.38 62.56 -38.38
C ASP FA 56 -87.62 63.80 -39.23
N ALA FA 57 -86.80 64.84 -39.08
CA ALA FA 57 -86.87 65.98 -39.98
C ALA FA 57 -86.60 65.56 -41.42
N ASP FA 58 -85.64 64.66 -41.61
CA ASP FA 58 -85.29 64.14 -42.93
C ASP FA 58 -84.65 62.77 -42.79
N PRO FA 59 -85.29 61.70 -43.30
CA PRO FA 59 -84.71 60.37 -43.14
C PRO FA 59 -83.58 60.11 -44.12
N CYS FA 60 -82.71 61.10 -44.27
CA CYS FA 60 -81.43 60.94 -44.97
C CYS FA 60 -80.27 61.64 -44.27
N VAL FA 61 -80.53 62.57 -43.36
CA VAL FA 61 -79.49 63.22 -42.56
C VAL FA 61 -79.33 62.43 -41.26
N PRO FA 62 -78.12 62.18 -40.79
CA PRO FA 62 -77.95 61.49 -39.51
C PRO FA 62 -78.45 62.32 -38.35
N GLY FA 63 -78.87 61.62 -37.30
CA GLY FA 63 -79.33 62.26 -36.09
C GLY FA 63 -78.19 62.63 -35.17
N PRO FA 64 -78.44 62.59 -33.86
CA PRO FA 64 -77.38 62.89 -32.90
C PRO FA 64 -76.44 61.70 -32.70
N ALA FA 65 -75.48 61.84 -31.79
CA ALA FA 65 -74.54 60.78 -31.48
C ALA FA 65 -75.04 60.02 -30.26
N ILE FA 66 -75.38 58.75 -30.44
CA ILE FA 66 -75.89 57.90 -29.38
C ILE FA 66 -74.83 56.88 -29.02
N ARG FA 67 -74.60 56.72 -27.71
CA ARG FA 67 -73.57 55.82 -27.23
C ARG FA 67 -73.86 54.39 -27.65
N VAL FA 68 -72.79 53.62 -27.87
CA VAL FA 68 -72.92 52.28 -28.44
C VAL FA 68 -72.96 51.24 -27.33
N PRO FA 69 -73.90 50.27 -27.38
CA PRO FA 69 -74.00 49.18 -26.39
C PRO FA 69 -73.16 47.94 -26.73
N GLU FA 70 -71.87 48.00 -26.38
CA GLU FA 70 -70.96 46.89 -26.66
C GLU FA 70 -71.47 45.59 -26.05
N VAL FA 71 -71.10 44.48 -26.68
CA VAL FA 71 -71.52 43.15 -26.23
C VAL FA 71 -70.31 42.25 -26.04
N PRO FA 72 -70.25 41.49 -24.95
CA PRO FA 72 -69.19 40.48 -24.79
C PRO FA 72 -69.61 39.12 -25.31
N PHE FA 73 -68.62 38.27 -25.52
CA PHE FA 73 -68.89 36.90 -25.98
C PHE FA 73 -67.80 35.97 -25.43
N CYS FA 74 -68.11 35.33 -24.29
CA CYS FA 74 -67.38 34.19 -23.75
C CYS FA 74 -65.99 34.50 -23.22
N ASP FA 75 -65.46 35.69 -23.46
CA ASP FA 75 -64.06 35.91 -23.16
C ASP FA 75 -63.75 37.29 -22.59
N THR FA 76 -64.74 38.18 -22.47
CA THR FA 76 -64.50 39.51 -21.94
C THR FA 76 -64.43 39.41 -20.42
N VAL FA 77 -63.25 39.00 -19.93
CA VAL FA 77 -63.06 38.79 -18.50
C VAL FA 77 -63.30 40.08 -17.72
N LEU FA 78 -63.03 41.22 -18.34
CA LEU FA 78 -63.31 42.52 -17.73
C LEU FA 78 -64.10 43.36 -18.71
N LEU FA 79 -65.21 43.94 -18.23
CA LEU FA 79 -66.03 44.80 -19.07
C LEU FA 79 -65.44 46.21 -19.12
N SER FA 80 -66.11 47.09 -19.84
CA SER FA 80 -65.69 48.48 -19.97
C SER FA 80 -66.26 49.37 -18.88
N GLU FA 81 -66.59 48.79 -17.72
CA GLU FA 81 -67.12 49.48 -16.56
C GLU FA 81 -68.55 49.98 -16.81
N ASP FA 82 -69.03 49.82 -18.03
CA ASP FA 82 -70.41 50.09 -18.43
C ASP FA 82 -70.73 49.16 -19.60
N GLY FA 83 -71.80 49.47 -20.31
CA GLY FA 83 -72.08 48.79 -21.56
C GLY FA 83 -71.64 49.63 -22.75
N LEU FA 84 -70.56 50.39 -22.60
CA LEU FA 84 -70.11 51.31 -23.65
C LEU FA 84 -68.79 50.81 -24.22
N ALA FA 85 -68.51 51.19 -25.46
CA ALA FA 85 -67.32 50.74 -26.16
C ALA FA 85 -66.44 51.94 -26.48
N ALA FA 86 -65.15 51.81 -26.20
CA ALA FA 86 -64.20 52.89 -26.44
C ALA FA 86 -62.86 52.26 -26.79
N VAL FA 87 -62.55 52.19 -28.09
CA VAL FA 87 -61.31 51.58 -28.53
C VAL FA 87 -60.14 52.52 -28.21
N THR FA 88 -59.01 51.92 -27.83
CA THR FA 88 -57.82 52.67 -27.48
C THR FA 88 -56.66 52.28 -28.39
N LEU FA 89 -55.76 53.22 -28.64
CA LEU FA 89 -54.61 52.84 -29.43
C LEU FA 89 -53.41 52.58 -28.53
N PRO FA 90 -52.66 51.51 -28.78
CA PRO FA 90 -51.46 51.24 -27.98
C PRO FA 90 -50.43 52.36 -28.14
N GLU FA 91 -49.79 52.72 -27.02
CA GLU FA 91 -48.77 53.75 -27.05
C GLU FA 91 -47.59 53.38 -27.94
N THR FA 92 -47.37 52.08 -28.16
CA THR FA 92 -46.25 51.60 -28.97
C THR FA 92 -46.54 51.64 -30.47
N VAL FA 93 -47.57 52.36 -30.89
CA VAL FA 93 -47.89 52.45 -32.31
C VAL FA 93 -46.88 53.37 -33.00
N THR FA 94 -46.62 53.09 -34.27
CA THR FA 94 -45.63 53.82 -35.06
C THR FA 94 -46.19 54.12 -36.44
N PRO FA 95 -45.73 55.21 -37.07
CA PRO FA 95 -46.10 55.46 -38.48
C PRO FA 95 -45.79 54.27 -39.37
N ASP FA 96 -46.39 54.26 -40.57
CA ASP FA 96 -46.31 53.15 -41.52
C ASP FA 96 -46.65 51.80 -40.88
N SER FA 97 -47.46 51.84 -39.83
CA SER FA 97 -48.01 50.65 -39.20
C SER FA 97 -49.49 50.88 -38.95
N PHE FA 98 -50.34 50.14 -39.66
CA PHE FA 98 -51.75 50.38 -39.56
C PHE FA 98 -52.47 49.36 -38.71
N CYS FA 99 -53.72 49.64 -38.38
CA CYS FA 99 -54.52 48.71 -37.59
C CYS FA 99 -55.99 48.82 -37.94
N ALA FA 100 -56.80 47.95 -37.36
CA ALA FA 100 -58.20 47.95 -37.71
C ALA FA 100 -59.05 47.14 -36.77
N GLY FA 101 -60.34 47.02 -37.05
CA GLY FA 101 -61.24 46.22 -36.24
C GLY FA 101 -62.68 46.36 -36.71
N THR FA 102 -63.58 45.81 -35.90
CA THR FA 102 -65.02 45.88 -36.17
C THR FA 102 -65.78 45.59 -34.88
N VAL FA 103 -66.97 46.14 -34.78
CA VAL FA 103 -67.86 45.95 -33.65
C VAL FA 103 -69.01 45.05 -34.10
N PRO FA 104 -69.39 44.03 -33.32
CA PRO FA 104 -70.36 43.05 -33.81
C PRO FA 104 -71.79 43.54 -33.86
N CYS FA 105 -72.18 44.43 -32.95
CA CYS FA 105 -73.55 44.87 -32.83
C CYS FA 105 -73.71 46.22 -33.53
N MET FA 106 -74.24 46.20 -34.74
CA MET FA 106 -74.52 47.44 -35.45
C MET FA 106 -75.75 48.12 -34.87
N ASN FA 107 -75.71 49.45 -34.81
CA ASN FA 107 -76.80 50.22 -34.25
C ASN FA 107 -77.07 51.43 -35.15
N GLY FA 108 -78.35 51.71 -35.37
CA GLY FA 108 -78.71 52.83 -36.23
C GLY FA 108 -78.25 52.60 -37.65
N GLN FA 109 -77.88 53.69 -38.32
CA GLN FA 109 -77.42 53.63 -39.70
C GLN FA 109 -76.06 54.28 -39.85
N TRP FA 110 -75.80 55.31 -39.06
CA TRP FA 110 -74.59 56.10 -39.14
C TRP FA 110 -73.66 55.76 -38.00
N ILE FA 111 -72.35 55.75 -38.30
CA ILE FA 111 -71.31 55.42 -37.33
C ILE FA 111 -70.38 56.62 -37.20
N SER FA 112 -69.87 56.84 -36.00
CA SER FA 112 -68.97 57.96 -35.75
C SER FA 112 -67.94 57.57 -34.70
N ILE FA 113 -66.71 58.05 -34.90
CA ILE FA 113 -65.60 57.82 -33.98
C ILE FA 113 -65.11 59.18 -33.50
N ALA FA 114 -64.95 59.32 -32.18
CA ALA FA 114 -64.52 60.63 -31.69
C ALA FA 114 -63.59 60.44 -30.50
N PRO FA 115 -62.47 61.15 -30.44
CA PRO FA 115 -61.48 60.90 -29.38
C PRO FA 115 -62.07 61.11 -28.00
N ALA FA 116 -61.92 60.09 -27.15
CA ALA FA 116 -62.39 60.18 -25.78
C ALA FA 116 -61.59 61.22 -25.01
N THR FA 117 -62.12 61.60 -23.85
CA THR FA 117 -61.55 62.67 -23.06
C THR FA 117 -60.08 62.44 -22.76
N GLY FA 118 -59.30 63.53 -22.76
CA GLY FA 118 -57.87 63.47 -22.55
C GLY FA 118 -57.08 62.80 -23.64
N SER FA 119 -57.73 62.20 -24.63
CA SER FA 119 -57.05 61.50 -25.73
C SER FA 119 -57.24 62.23 -27.06
N GLU FA 120 -57.28 63.55 -27.02
CA GLU FA 120 -57.52 64.36 -28.22
C GLU FA 120 -56.25 64.94 -28.82
N THR FA 121 -55.33 65.44 -27.98
CA THR FA 121 -54.13 66.10 -28.50
C THR FA 121 -53.27 65.15 -29.32
N ASN FA 122 -53.34 63.85 -29.05
CA ASN FA 122 -52.64 62.88 -29.87
C ASN FA 122 -53.52 62.33 -30.99
N ALA FA 123 -54.84 62.27 -30.77
CA ALA FA 123 -55.75 61.90 -31.84
C ALA FA 123 -55.69 62.88 -33.00
N ALA FA 124 -55.23 64.11 -32.77
CA ALA FA 124 -54.99 65.04 -33.87
C ALA FA 124 -53.88 64.57 -34.79
N ASN FA 125 -53.17 63.49 -34.42
CA ASN FA 125 -52.10 62.94 -35.24
C ASN FA 125 -52.42 61.50 -35.65
N VAL FA 126 -53.69 61.21 -35.90
CA VAL FA 126 -54.13 59.88 -36.31
C VAL FA 126 -55.28 60.03 -37.30
N GLN FA 127 -55.45 59.02 -38.14
CA GLN FA 127 -56.49 58.99 -39.15
C GLN FA 127 -57.20 57.65 -39.10
N ILE FA 128 -58.52 57.68 -39.32
CA ILE FA 128 -59.36 56.50 -39.26
C ILE FA 128 -60.30 56.49 -40.45
N THR FA 129 -60.40 55.35 -41.12
CA THR FA 129 -61.31 55.16 -42.24
C THR FA 129 -62.26 54.01 -41.93
N VAL FA 130 -63.24 53.81 -42.82
CA VAL FA 130 -64.24 52.77 -42.66
C VAL FA 130 -64.43 52.08 -44.00
N THR FA 131 -64.58 50.76 -43.97
CA THR FA 131 -64.82 49.96 -45.16
C THR FA 131 -66.06 49.10 -44.96
N MET FA 132 -66.78 48.85 -46.05
CA MET FA 132 -68.02 48.09 -46.03
C MET FA 132 -67.94 46.93 -47.02
N LYS FA 133 -68.98 46.09 -47.02
CA LYS FA 133 -69.03 44.92 -47.89
C LYS FA 133 -70.36 44.71 -48.60
N GLY FA 134 -71.48 45.18 -48.06
CA GLY FA 134 -72.78 44.74 -48.56
C GLY FA 134 -73.19 45.40 -49.87
N ALA FA 135 -73.72 44.58 -50.77
CA ALA FA 135 -74.30 45.11 -52.00
C ALA FA 135 -75.70 45.67 -51.75
N THR FA 136 -76.59 44.83 -51.23
CA THR FA 136 -77.96 45.20 -50.91
C THR FA 136 -78.67 45.83 -52.10
N THR GA 176 122.83 -73.23 6.86
CA THR GA 176 123.05 -73.06 5.44
C THR GA 176 122.89 -71.60 5.02
N PRO GA 177 123.89 -71.07 4.31
CA PRO GA 177 123.79 -69.70 3.82
C PRO GA 177 122.83 -69.59 2.65
N GLN GA 178 122.57 -68.35 2.25
CA GLN GA 178 121.70 -68.03 1.12
C GLN GA 178 122.53 -67.32 0.05
N VAL GA 179 122.19 -67.57 -1.21
CA VAL GA 179 122.89 -66.97 -2.34
C VAL GA 179 121.92 -66.07 -3.10
N LEU GA 180 122.38 -64.89 -3.49
CA LEU GA 180 121.66 -64.04 -4.41
C LEU GA 180 122.36 -64.05 -5.77
N ALA GA 181 121.76 -63.33 -6.73
CA ALA GA 181 122.26 -63.37 -8.10
C ALA GA 181 122.83 -62.02 -8.52
N LEU GA 182 123.59 -61.40 -7.63
CA LEU GA 182 124.23 -60.13 -7.90
C LEU GA 182 125.73 -60.31 -8.00
N GLU GA 183 126.39 -59.37 -8.69
CA GLU GA 183 127.84 -59.46 -8.91
C GLU GA 183 128.37 -58.03 -9.03
N VAL GA 184 128.97 -57.55 -7.95
CA VAL GA 184 129.63 -56.24 -8.00
C VAL GA 184 130.85 -56.33 -8.89
N ASP GA 185 131.17 -55.22 -9.57
CA ASP GA 185 132.10 -55.26 -10.69
C ASP GA 185 133.44 -54.60 -10.37
N CYS GA 186 133.45 -53.33 -9.99
CA CYS GA 186 134.69 -52.60 -9.68
C CYS GA 186 135.72 -52.76 -10.79
N ASN GA 187 135.28 -52.54 -12.03
CA ASN GA 187 136.18 -52.68 -13.18
C ASN GA 187 135.77 -51.66 -14.22
N ILE GA 188 136.55 -50.59 -14.32
CA ILE GA 188 136.32 -49.56 -15.33
C ILE GA 188 137.07 -49.94 -16.60
N GLU GA 189 136.39 -49.86 -17.73
CA GLU GA 189 137.08 -50.22 -18.97
C GLU GA 189 137.86 -49.03 -19.52
N CYS GA 190 137.13 -48.07 -20.09
CA CYS GA 190 137.55 -46.70 -20.38
C CYS GA 190 136.35 -46.00 -21.00
N ALA GA 191 136.56 -44.79 -21.51
CA ALA GA 191 135.64 -44.29 -22.51
C ALA GA 191 135.81 -45.09 -23.81
N SER GA 192 134.99 -44.79 -24.80
CA SER GA 192 135.01 -45.57 -26.03
C SER GA 192 134.83 -44.65 -27.23
N LEU GA 193 135.48 -45.02 -28.33
CA LEU GA 193 135.38 -44.25 -29.57
C LEU GA 193 135.10 -45.15 -30.77
N LEU GA 194 134.79 -46.43 -30.54
CA LEU GA 194 134.50 -47.36 -31.63
C LEU GA 194 133.12 -47.14 -32.23
N ASP GA 195 132.38 -46.14 -31.77
CA ASP GA 195 131.07 -45.83 -32.32
C ASP GA 195 131.09 -44.62 -33.26
N LEU GA 196 132.02 -43.69 -33.06
CA LEU GA 196 132.08 -42.51 -33.90
C LEU GA 196 132.71 -42.82 -35.26
N TYR GA 197 133.72 -43.67 -35.29
CA TYR GA 197 134.38 -44.02 -36.54
C TYR GA 197 133.42 -44.76 -37.46
N GLY GA 198 133.69 -44.66 -38.77
CA GLY GA 198 132.89 -45.37 -39.74
C GLY GA 198 133.12 -46.87 -39.64
N GLN GA 199 132.07 -47.63 -39.35
CA GLN GA 199 132.21 -49.07 -39.15
C GLN GA 199 132.02 -49.81 -40.46
N ILE GA 200 132.90 -50.78 -40.71
CA ILE GA 200 132.85 -51.56 -41.94
C ILE GA 200 133.00 -53.04 -41.59
N GLU GA 201 131.94 -53.82 -41.80
CA GLU GA 201 132.05 -55.27 -41.78
C GLU GA 201 132.62 -55.74 -43.10
N VAL GA 202 133.56 -56.69 -43.05
CA VAL GA 202 134.38 -57.00 -44.21
C VAL GA 202 134.53 -58.50 -44.37
N SER GA 203 135.34 -58.91 -45.34
CA SER GA 203 135.62 -60.31 -45.63
C SER GA 203 137.15 -60.38 -45.77
N ARG GA 204 137.63 -61.45 -46.39
CA ARG GA 204 139.06 -61.75 -46.51
C ARG GA 204 139.89 -60.49 -46.76
N SER GA 205 141.09 -60.48 -46.17
CA SER GA 205 141.92 -59.28 -46.03
C SER GA 205 142.35 -58.68 -47.36
N THR GA 206 143.11 -57.57 -47.28
CA THR GA 206 143.56 -56.80 -48.44
C THR GA 206 142.38 -56.17 -49.18
N PHE GA 207 141.58 -55.42 -48.43
CA PHE GA 207 140.46 -54.68 -49.01
C PHE GA 207 140.98 -53.50 -49.83
N THR GA 208 140.22 -53.15 -50.88
CA THR GA 208 140.57 -52.03 -51.74
C THR GA 208 139.35 -51.14 -51.92
N TYR GA 209 139.59 -49.91 -52.36
CA TYR GA 209 138.55 -48.89 -52.42
C TYR GA 209 139.07 -47.71 -53.24
N MET GA 210 138.21 -46.72 -53.42
CA MET GA 210 138.49 -45.55 -54.23
C MET GA 210 138.86 -44.35 -53.36
N LYS GA 211 139.44 -43.33 -54.01
CA LYS GA 211 140.07 -42.22 -53.31
C LYS GA 211 139.87 -40.88 -54.02
N ILE GA 212 138.86 -40.76 -54.89
CA ILE GA 212 138.88 -39.82 -56.01
C ILE GA 212 139.49 -38.48 -55.61
N ALA GA 213 140.51 -38.06 -56.37
CA ALA GA 213 141.35 -36.95 -55.94
C ALA GA 213 140.56 -35.64 -55.90
N ASP GA 214 140.07 -35.19 -57.05
CA ASP GA 214 139.35 -33.93 -57.14
C ASP GA 214 138.59 -33.84 -58.45
N TYR GA 215 137.31 -33.50 -58.39
CA TYR GA 215 136.56 -33.21 -59.59
C TYR GA 215 137.20 -32.03 -60.31
N GLY GA 216 137.70 -32.26 -61.51
CA GLY GA 216 138.37 -31.21 -62.24
C GLY GA 216 137.38 -30.26 -62.90
N GLN GA 217 137.88 -29.05 -63.17
CA GLN GA 217 137.08 -28.05 -63.86
C GLN GA 217 136.77 -28.54 -65.28
N LEU GA 218 135.53 -28.92 -65.53
CA LEU GA 218 135.17 -29.60 -66.76
C LEU GA 218 134.71 -28.62 -67.84
N GLY GA 219 133.65 -27.87 -67.56
CA GLY GA 219 133.17 -26.87 -68.49
C GLY GA 219 134.02 -25.61 -68.45
N GLU GA 220 133.43 -24.58 -69.06
CA GLU GA 220 134.03 -23.28 -69.04
C GLU GA 220 132.82 -22.42 -68.73
N TYR GA 221 131.92 -22.30 -69.70
CA TYR GA 221 130.69 -21.54 -69.51
C TYR GA 221 130.23 -21.57 -70.91
N THR GA 222 129.86 -20.41 -71.46
CA THR GA 222 129.55 -20.31 -72.90
C THR GA 222 128.85 -19.03 -73.26
N CYS GA 223 129.17 -18.49 -74.43
CA CYS GA 223 128.50 -17.30 -74.92
C CYS GA 223 127.56 -17.72 -76.02
N ASP GA 224 126.31 -17.30 -75.97
CA ASP GA 224 125.34 -17.77 -76.95
C ASP GA 224 125.71 -17.31 -78.31
N ALA GA 225 126.34 -18.20 -79.07
CA ALA GA 225 126.77 -17.84 -80.39
C ALA GA 225 127.53 -18.99 -80.99
N LYS GA 226 128.66 -19.31 -80.38
CA LYS GA 226 129.51 -20.34 -80.96
C LYS GA 226 128.89 -21.72 -80.95
N CYS GA 227 129.62 -22.67 -81.50
CA CYS GA 227 129.14 -24.05 -81.55
C CYS GA 227 130.28 -25.02 -81.29
N ASP GA 228 131.03 -24.76 -80.22
CA ASP GA 228 132.16 -25.58 -79.80
C ASP GA 228 132.65 -25.12 -78.44
N ALA GA 229 133.03 -26.07 -77.58
CA ALA GA 229 133.46 -25.78 -76.22
C ALA GA 229 134.98 -25.92 -76.11
N GLU GA 230 135.47 -25.83 -74.87
CA GLU GA 230 136.89 -25.96 -74.57
C GLU GA 230 137.04 -26.93 -73.41
N PHE GA 231 137.89 -27.94 -73.59
CA PHE GA 231 138.03 -28.99 -72.59
C PHE GA 231 138.66 -28.47 -71.31
N GLY GA 232 138.52 -29.27 -70.24
CA GLY GA 232 139.12 -28.96 -68.97
C GLY GA 232 139.93 -30.13 -68.44
N GLU GA 233 140.47 -29.94 -67.24
CA GLU GA 233 141.33 -30.96 -66.66
C GLU GA 233 140.49 -31.96 -65.86
N PRO GA 234 140.77 -33.26 -66.00
CA PRO GA 234 140.10 -34.26 -65.19
C PRO GA 234 140.89 -34.59 -63.93
N GLY GA 235 140.29 -35.44 -63.09
CA GLY GA 235 140.87 -35.84 -61.84
C GLY GA 235 141.33 -37.29 -61.81
N ASN GA 236 141.77 -37.71 -60.64
CA ASN GA 236 142.26 -39.06 -60.40
C ASN GA 236 141.35 -39.80 -59.43
N ILE GA 237 141.50 -41.13 -59.39
CA ILE GA 237 140.62 -41.96 -58.58
C ILE GA 237 141.40 -42.72 -57.53
N ARG GA 238 142.66 -43.05 -57.83
CA ARG GA 238 143.61 -43.61 -56.86
C ARG GA 238 143.04 -44.82 -56.12
N HIS GA 239 142.85 -45.90 -56.88
CA HIS GA 239 142.31 -47.14 -56.30
C HIS GA 239 143.36 -47.73 -55.35
N LEU GA 240 143.40 -47.17 -54.15
CA LEU GA 240 144.30 -47.65 -53.11
C LEU GA 240 143.60 -48.74 -52.29
N GLU GA 241 144.35 -49.38 -51.41
CA GLU GA 241 143.77 -50.49 -50.66
C GLU GA 241 144.32 -50.57 -49.26
N GLY GA 242 143.72 -51.43 -48.45
CA GLY GA 242 144.15 -51.54 -47.08
C GLY GA 242 144.12 -52.93 -46.48
N LYS GA 243 144.98 -53.10 -45.49
CA LYS GA 243 145.15 -54.36 -44.82
C LYS GA 243 144.46 -54.32 -43.49
N THR GA 244 144.64 -55.34 -42.69
CA THR GA 244 143.94 -55.45 -41.41
C THR GA 244 144.56 -56.55 -40.57
N TYR GA 245 144.65 -56.32 -39.26
CA TYR GA 245 145.46 -57.14 -38.39
C TYR GA 245 144.60 -58.12 -37.60
N ASP GA 246 145.27 -58.98 -36.84
CA ASP GA 246 144.62 -60.03 -36.07
C ASP GA 246 144.96 -59.90 -34.59
N TYR GA 247 144.28 -60.71 -33.80
CA TYR GA 247 144.48 -60.76 -32.36
C TYR GA 247 144.24 -62.20 -31.93
N ARG GA 248 145.16 -62.74 -31.14
CA ARG GA 248 145.10 -64.15 -30.78
C ARG GA 248 145.59 -64.32 -29.35
N GLY GA 249 145.12 -65.38 -28.71
CA GLY GA 249 145.53 -65.68 -27.34
C GLY GA 249 145.16 -67.10 -27.00
N VAL GA 250 145.76 -67.57 -25.90
CA VAL GA 250 145.56 -68.94 -25.44
C VAL GA 250 145.42 -68.93 -23.92
N PHE GA 251 144.85 -70.03 -23.39
CA PHE GA 251 144.72 -70.18 -21.95
C PHE GA 251 144.46 -71.65 -21.62
N CYS GA 252 144.91 -72.05 -20.44
CA CYS GA 252 144.83 -73.43 -19.97
C CYS GA 252 143.76 -73.57 -18.88
N PHE GA 253 143.40 -74.81 -18.62
CA PHE GA 253 142.41 -75.14 -17.61
C PHE GA 253 142.64 -76.55 -17.09
N ASN GA 254 142.13 -76.82 -15.91
CA ASN GA 254 142.02 -78.18 -15.40
C ASN GA 254 140.66 -78.74 -15.79
N ARG GA 255 140.59 -80.07 -15.87
CA ARG GA 255 139.36 -80.74 -16.27
C ARG GA 255 138.39 -80.88 -15.10
N LYS GA 256 138.84 -81.53 -14.01
CA LYS GA 256 137.96 -81.72 -12.87
C LYS GA 256 137.64 -80.41 -12.16
N ASN GA 257 138.61 -79.50 -12.09
CA ASN GA 257 138.41 -78.22 -11.41
C ASN GA 257 137.28 -77.41 -12.02
N LEU GA 258 136.83 -77.74 -13.22
CA LEU GA 258 135.73 -77.00 -13.85
C LEU GA 258 134.36 -77.54 -13.47
N GLN GA 259 134.24 -78.84 -13.21
CA GLN GA 259 132.93 -79.43 -12.93
C GLN GA 259 132.36 -78.91 -11.62
N GLU GA 260 133.11 -79.06 -10.54
CA GLU GA 260 132.74 -78.48 -9.25
C GLU GA 260 133.09 -76.99 -9.27
N ALA GA 261 133.07 -76.36 -8.10
CA ALA GA 261 133.33 -74.91 -7.99
C ALA GA 261 132.30 -74.14 -8.82
N ASN GA 262 131.06 -74.20 -8.32
CA ASN GA 262 129.83 -73.88 -9.06
C ASN GA 262 129.94 -72.77 -10.08
N TYR GA 263 130.58 -71.66 -9.73
CA TYR GA 263 130.68 -70.53 -10.65
C TYR GA 263 131.37 -70.94 -11.95
N ASP GA 264 130.80 -70.49 -13.07
CA ASP GA 264 131.30 -70.85 -14.41
C ASP GA 264 132.49 -69.96 -14.75
N PHE GA 265 133.70 -70.54 -14.67
CA PHE GA 265 134.89 -69.80 -15.04
C PHE GA 265 134.99 -69.61 -16.55
N LEU GA 266 134.49 -70.58 -17.32
CA LEU GA 266 134.67 -70.57 -18.77
C LEU GA 266 134.00 -69.34 -19.40
N SER GA 267 132.73 -69.11 -19.07
CA SER GA 267 132.05 -67.93 -19.60
C SER GA 267 132.73 -66.65 -19.14
N PHE GA 268 133.26 -66.64 -17.91
CA PHE GA 268 133.99 -65.46 -17.44
C PHE GA 268 135.22 -65.22 -18.30
N MET GA 269 135.90 -66.27 -18.73
CA MET GA 269 137.06 -66.09 -19.61
C MET GA 269 136.64 -65.62 -20.99
N ILE GA 270 135.54 -66.15 -21.51
CA ILE GA 270 135.00 -65.64 -22.77
C ILE GA 270 134.77 -64.13 -22.67
N GLY GA 271 134.17 -63.71 -21.55
CA GLY GA 271 133.91 -62.30 -21.32
C GLY GA 271 135.17 -61.47 -21.22
N ALA GA 272 136.09 -61.86 -20.32
CA ALA GA 272 137.37 -61.16 -20.24
C ALA GA 272 138.40 -61.74 -21.19
N ALA GA 273 137.93 -62.06 -22.39
CA ALA GA 273 138.72 -62.10 -23.60
C ALA GA 273 138.15 -61.19 -24.66
N GLN GA 274 136.82 -61.20 -24.82
CA GLN GA 274 136.19 -60.21 -25.68
C GLN GA 274 136.47 -58.79 -25.18
N ARG GA 275 136.45 -58.60 -23.86
CA ARG GA 275 136.69 -57.28 -23.30
C ARG GA 275 138.12 -56.82 -23.56
N SER GA 276 139.09 -57.70 -23.34
CA SER GA 276 140.48 -57.35 -23.61
C SER GA 276 140.70 -57.05 -25.08
N HIS GA 277 140.11 -57.85 -25.96
CA HIS GA 277 140.19 -57.55 -27.39
C HIS GA 277 139.61 -56.19 -27.70
N ARG GA 278 138.48 -55.85 -27.07
CA ARG GA 278 137.83 -54.56 -27.30
C ARG GA 278 138.75 -53.41 -26.87
N ILE GA 279 139.30 -53.50 -25.66
CA ILE GA 279 140.13 -52.40 -25.18
C ILE GA 279 141.41 -52.28 -25.99
N ASN GA 280 141.95 -53.42 -26.45
CA ASN GA 280 143.17 -53.34 -27.26
C ASN GA 280 142.88 -52.75 -28.62
N ARG GA 281 141.73 -53.11 -29.22
CA ARG GA 281 141.31 -52.49 -30.47
C ARG GA 281 141.16 -50.97 -30.30
N ASN GA 282 140.55 -50.55 -29.20
CA ASN GA 282 140.38 -49.12 -28.94
C ASN GA 282 141.72 -48.42 -28.81
N GLN GA 283 142.63 -48.99 -28.01
CA GLN GA 283 143.94 -48.37 -27.84
C GLN GA 283 144.73 -48.36 -29.15
N ALA GA 284 144.56 -49.38 -29.98
CA ALA GA 284 145.27 -49.44 -31.25
C ALA GA 284 144.77 -48.38 -32.22
N LEU GA 285 143.45 -48.21 -32.31
CA LEU GA 285 142.90 -47.19 -33.20
C LEU GA 285 143.37 -45.79 -32.87
N MET GA 286 144.03 -45.60 -31.72
CA MET GA 286 144.61 -44.31 -31.35
C MET GA 286 146.13 -44.29 -31.47
N ILE GA 287 146.81 -45.25 -30.85
CA ILE GA 287 148.28 -45.24 -30.81
C ILE GA 287 148.84 -46.55 -31.34
N GLY GA 288 148.15 -47.14 -32.31
CA GLY GA 288 148.58 -48.39 -32.92
C GLY GA 288 149.69 -48.20 -33.92
N LYS GA 289 150.92 -48.07 -33.43
CA LYS GA 289 152.04 -47.61 -34.23
C LYS GA 289 152.48 -48.61 -35.28
N GLY GA 290 151.90 -48.51 -36.48
CA GLY GA 290 152.45 -49.13 -37.67
C GLY GA 290 152.45 -50.64 -37.73
N VAL GA 291 153.65 -51.23 -37.62
CA VAL GA 291 153.89 -52.63 -37.89
C VAL GA 291 152.95 -53.51 -37.09
N ASN GA 292 152.12 -54.29 -37.80
CA ASN GA 292 151.06 -55.13 -37.24
C ASN GA 292 150.29 -54.41 -36.13
N GLU GA 293 150.17 -53.09 -36.26
CA GLU GA 293 149.49 -52.25 -35.28
C GLU GA 293 148.55 -51.32 -36.04
N PRO GA 294 147.24 -51.41 -35.84
CA PRO GA 294 146.30 -50.56 -36.60
C PRO GA 294 146.68 -49.09 -36.47
N LYS GA 295 146.95 -48.45 -37.61
CA LYS GA 295 147.60 -47.14 -37.61
C LYS GA 295 146.67 -46.12 -36.98
N GLY GA 296 146.92 -45.81 -35.71
CA GLY GA 296 146.10 -44.83 -35.03
C GLY GA 296 146.30 -43.44 -35.63
N TRP GA 297 145.20 -42.69 -35.72
CA TRP GA 297 145.25 -41.37 -36.33
C TRP GA 297 146.07 -40.39 -35.52
N LEU GA 298 146.49 -40.74 -34.30
CA LEU GA 298 147.38 -39.86 -33.54
C LEU GA 298 148.78 -39.86 -34.15
N THR GA 299 149.35 -41.04 -34.38
CA THR GA 299 150.69 -41.15 -34.91
C THR GA 299 150.77 -40.88 -36.40
N GLU GA 300 149.63 -40.86 -37.09
CA GLU GA 300 149.63 -40.47 -38.50
C GLU GA 300 150.12 -39.03 -38.65
N ASN GA 301 149.63 -38.14 -37.80
CA ASN GA 301 150.01 -36.72 -37.81
C ASN GA 301 149.74 -36.09 -39.17
N CYS GA 302 148.63 -36.48 -39.80
CA CYS GA 302 148.20 -35.89 -41.06
C CYS GA 302 146.97 -35.01 -40.91
N PHE GA 303 146.36 -34.98 -39.74
CA PHE GA 303 145.31 -34.00 -39.52
C PHE GA 303 145.92 -32.62 -39.33
N PRO GA 304 145.28 -31.57 -39.86
CA PRO GA 304 145.73 -30.21 -39.55
C PRO GA 304 145.62 -29.96 -38.06
N VAL GA 305 146.68 -29.39 -37.47
CA VAL GA 305 146.72 -29.14 -36.04
C VAL GA 305 146.98 -27.66 -35.82
N PHE GA 306 146.34 -27.11 -34.79
CA PHE GA 306 146.62 -25.77 -34.30
C PHE GA 306 147.14 -25.88 -32.86
N GLN GA 307 147.86 -24.86 -32.43
CA GLN GA 307 148.45 -24.85 -31.10
C GLN GA 307 148.16 -23.53 -30.42
N THR GA 308 148.02 -23.58 -29.09
CA THR GA 308 147.85 -22.36 -28.32
C THR GA 308 149.08 -21.47 -28.47
N LEU GA 309 148.85 -20.17 -28.45
CA LEU GA 309 149.96 -19.25 -28.49
C LEU GA 309 150.56 -19.10 -27.10
N PRO GA 310 151.87 -18.86 -27.01
CA PRO GA 310 152.47 -18.59 -25.71
C PRO GA 310 152.05 -17.23 -25.19
N VAL GA 311 152.17 -17.06 -23.88
CA VAL GA 311 151.87 -15.80 -23.21
C VAL GA 311 153.12 -15.34 -22.48
N ASP GA 312 153.34 -14.04 -22.45
CA ASP GA 312 154.53 -13.46 -21.85
C ASP GA 312 154.15 -12.90 -20.48
N VAL GA 313 154.26 -13.74 -19.46
CA VAL GA 313 154.08 -13.29 -18.08
C VAL GA 313 155.42 -12.76 -17.58
N ASN GA 314 155.42 -11.52 -17.10
CA ASN GA 314 156.61 -10.78 -16.64
C ASN GA 314 157.84 -11.10 -17.48
N GLY GA 315 157.67 -11.03 -18.80
CA GLY GA 315 158.76 -11.20 -19.74
C GLY GA 315 159.43 -12.56 -19.70
N THR GA 316 158.65 -13.62 -19.90
CA THR GA 316 159.21 -14.97 -19.91
C THR GA 316 158.76 -15.75 -21.13
N SER GA 317 157.60 -15.38 -21.69
CA SER GA 317 157.04 -16.04 -22.87
C SER GA 317 156.87 -17.54 -22.63
N THR GA 318 156.20 -17.87 -21.54
CA THR GA 318 156.00 -19.26 -21.17
C THR GA 318 154.79 -19.85 -21.90
N PRO GA 319 154.84 -21.14 -22.23
CA PRO GA 319 153.66 -21.78 -22.82
C PRO GA 319 152.51 -21.84 -21.81
N ALA GA 320 151.32 -21.50 -22.27
CA ALA GA 320 150.13 -21.54 -21.44
C ALA GA 320 148.92 -21.78 -22.32
N PHE GA 321 147.75 -21.87 -21.69
CA PHE GA 321 146.53 -22.22 -22.40
C PHE GA 321 145.35 -21.57 -21.71
N LEU GA 322 144.78 -20.56 -22.34
CA LEU GA 322 143.56 -19.92 -21.87
C LEU GA 322 142.38 -20.36 -22.75
N ALA GA 323 141.18 -19.96 -22.33
CA ALA GA 323 139.97 -20.39 -23.03
C ALA GA 323 139.89 -19.83 -24.44
N GLN GA 324 140.58 -18.73 -24.74
CA GLN GA 324 140.57 -18.18 -26.09
C GLN GA 324 141.15 -19.16 -27.10
N ASP GA 325 142.11 -19.97 -26.66
CA ASP GA 325 142.68 -20.98 -27.55
C ASP GA 325 141.61 -21.95 -28.02
N TRP GA 326 140.78 -22.44 -27.10
CA TRP GA 326 139.65 -23.28 -27.51
C TRP GA 326 138.65 -22.50 -28.34
N ARG GA 327 138.40 -21.29 -27.93
CA ARG GA 327 137.46 -20.55 -28.68
C ARG GA 327 137.86 -20.63 -30.13
N ARG GA 328 139.08 -20.26 -30.43
CA ARG GA 328 139.50 -20.18 -31.82
C ARG GA 328 139.78 -21.55 -32.44
N PHE GA 329 140.04 -22.58 -31.63
CA PHE GA 329 140.27 -23.91 -32.19
C PHE GA 329 138.99 -24.53 -32.69
N VAL GA 330 137.93 -24.49 -31.89
CA VAL GA 330 136.70 -25.17 -32.27
C VAL GA 330 135.93 -24.38 -33.32
N THR GA 331 135.94 -23.04 -33.21
CA THR GA 331 135.16 -22.23 -34.14
C THR GA 331 135.76 -22.22 -35.54
N SER GA 332 137.08 -22.28 -35.65
CA SER GA 332 137.74 -22.23 -36.95
C SER GA 332 137.49 -23.47 -37.80
N PHE GA 333 136.70 -24.42 -37.34
CA PHE GA 333 136.43 -25.61 -38.12
C PHE GA 333 135.51 -25.27 -39.28
N PRO GA 334 135.82 -25.72 -40.50
CA PRO GA 334 134.89 -25.50 -41.62
C PRO GA 334 133.63 -26.32 -41.46
N ALA GA 335 132.51 -25.65 -41.17
CA ALA GA 335 131.25 -26.32 -40.93
C ALA GA 335 130.74 -27.07 -42.16
N GLU GA 336 131.34 -26.86 -43.33
CA GLU GA 336 130.93 -27.57 -44.52
C GLU GA 336 131.19 -29.07 -44.43
N TYR GA 337 132.16 -29.49 -43.61
CA TYR GA 337 132.38 -30.92 -43.41
C TYR GA 337 131.24 -31.56 -42.64
N GLY GA 338 130.54 -30.80 -41.81
CA GLY GA 338 129.45 -31.30 -41.01
C GLY GA 338 129.78 -31.22 -39.53
N GLU GA 339 128.84 -31.71 -38.72
CA GLU GA 339 129.02 -31.75 -37.28
C GLU GA 339 130.20 -32.63 -36.91
N ALA GA 340 131.29 -32.03 -36.43
CA ALA GA 340 132.50 -32.75 -36.08
C ALA GA 340 132.60 -32.87 -34.57
N ARG GA 341 132.76 -34.10 -34.09
CA ARG GA 341 132.80 -34.38 -32.66
C ARG GA 341 134.19 -34.14 -32.10
N SER GA 342 134.24 -33.62 -30.88
CA SER GA 342 135.49 -33.25 -30.22
C SER GA 342 135.74 -34.17 -29.03
N VAL GA 343 137.00 -34.59 -28.88
CA VAL GA 343 137.41 -35.50 -27.82
C VAL GA 343 138.62 -34.95 -27.10
N MET GA 344 138.71 -35.24 -25.80
CA MET GA 344 139.79 -34.81 -24.94
C MET GA 344 139.69 -35.59 -23.62
N HIS GA 345 140.62 -35.29 -22.71
CA HIS GA 345 140.67 -35.94 -21.40
C HIS GA 345 139.91 -35.12 -20.37
N GLN GA 346 139.39 -35.80 -19.35
CA GLN GA 346 138.62 -35.12 -18.32
C GLN GA 346 139.47 -34.19 -17.48
N ASN GA 347 140.79 -34.37 -17.45
CA ASN GA 347 141.65 -33.40 -16.80
C ASN GA 347 141.58 -32.06 -17.52
N VAL GA 348 141.52 -32.09 -18.85
CA VAL GA 348 141.32 -30.86 -19.61
C VAL GA 348 139.98 -30.25 -19.26
N PHE GA 349 138.93 -31.08 -19.21
CA PHE GA 349 137.60 -30.62 -18.81
C PHE GA 349 137.64 -29.90 -17.47
N GLY GA 350 138.35 -30.48 -16.50
CA GLY GA 350 138.42 -29.87 -15.18
C GLY GA 350 139.21 -28.58 -15.19
N TYR GA 351 140.35 -28.56 -15.87
CA TYR GA 351 141.15 -27.34 -15.92
C TYR GA 351 140.40 -26.21 -16.61
N LEU GA 352 139.56 -26.53 -17.61
CA LEU GA 352 138.68 -25.53 -18.18
C LEU GA 352 137.63 -25.10 -17.18
N ALA GA 353 137.06 -26.05 -16.43
CA ALA GA 353 136.06 -25.71 -15.43
C ALA GA 353 136.60 -24.78 -14.36
N ALA GA 354 137.88 -24.91 -14.04
CA ALA GA 354 138.51 -24.10 -12.99
C ALA GA 354 139.00 -22.75 -13.49
N MET GA 355 138.48 -22.28 -14.62
CA MET GA 355 138.88 -20.99 -15.16
C MET GA 355 137.99 -19.89 -14.60
N VAL GA 356 138.61 -18.77 -14.23
CA VAL GA 356 137.96 -17.69 -13.51
C VAL GA 356 138.30 -16.37 -14.17
N ASP GA 357 137.33 -15.47 -14.22
CA ASP GA 357 137.56 -14.15 -14.79
C ASP GA 357 138.37 -13.28 -13.84
N ALA GA 358 138.59 -12.02 -14.23
CA ALA GA 358 139.28 -11.09 -13.35
C ALA GA 358 138.41 -10.69 -12.17
N ASN GA 359 137.09 -10.63 -12.37
CA ASN GA 359 136.19 -10.26 -11.29
C ASN GA 359 136.14 -11.29 -10.17
N GLY GA 360 136.64 -12.50 -10.42
CA GLY GA 360 136.49 -13.58 -9.48
C GLY GA 360 135.36 -14.53 -9.80
N ARG GA 361 134.78 -14.42 -11.00
CA ARG GA 361 133.70 -15.32 -11.47
C ARG GA 361 134.13 -16.40 -12.47
N PHE GA 362 133.39 -17.49 -12.56
CA PHE GA 362 133.76 -18.62 -13.43
C PHE GA 362 133.28 -18.49 -14.87
N LEU GA 363 134.11 -18.87 -15.83
CA LEU GA 363 133.80 -18.68 -17.25
C LEU GA 363 132.82 -19.60 -17.98
N PHE GA 364 132.22 -20.57 -17.32
CA PHE GA 364 131.39 -21.45 -18.15
C PHE GA 364 130.11 -21.97 -17.57
N GLY GA 365 129.03 -21.83 -18.31
CA GLY GA 365 127.75 -22.33 -17.87
C GLY GA 365 127.21 -21.60 -16.68
N ASP GA 366 128.05 -21.37 -15.69
CA ASP GA 366 127.59 -20.74 -14.46
C ASP GA 366 126.37 -21.49 -13.98
N GLY GA 367 126.28 -22.76 -14.37
CA GLY GA 367 125.18 -23.59 -13.92
C GLY GA 367 125.36 -23.71 -12.43
N ASP GA 368 124.55 -22.98 -11.68
CA ASP GA 368 124.67 -22.99 -10.23
C ASP GA 368 125.05 -24.33 -9.64
N LEU GA 369 126.33 -24.57 -9.46
CA LEU GA 369 126.76 -25.87 -8.97
C LEU GA 369 125.98 -26.86 -9.77
N THR GA 370 126.03 -26.69 -11.07
CA THR GA 370 125.25 -27.53 -11.92
C THR GA 370 126.02 -28.03 -13.11
N PHE GA 371 127.02 -27.28 -13.59
CA PHE GA 371 127.67 -27.75 -14.85
C PHE GA 371 127.71 -29.25 -15.07
N THR GA 372 128.56 -29.95 -14.34
CA THR GA 372 128.63 -31.40 -14.47
C THR GA 372 129.01 -31.82 -15.90
N PRO GA 373 128.92 -33.13 -16.21
CA PRO GA 373 129.35 -33.48 -17.56
C PRO GA 373 128.18 -34.03 -18.33
N ASP GA 374 127.21 -33.17 -18.63
CA ASP GA 374 126.10 -33.60 -19.44
C ASP GA 374 126.66 -34.23 -20.69
N LEU GA 375 127.41 -33.44 -21.46
CA LEU GA 375 128.06 -33.97 -22.66
C LEU GA 375 127.15 -34.87 -23.49
N VAL GA 376 125.84 -34.64 -23.45
CA VAL GA 376 124.88 -35.55 -24.07
C VAL GA 376 125.26 -35.84 -25.53
N ARG GA 377 125.26 -34.81 -26.37
CA ARG GA 377 125.65 -34.98 -27.76
C ARG GA 377 126.60 -33.92 -28.28
N GLU GA 378 126.63 -32.72 -27.71
CA GLU GA 378 127.39 -31.62 -28.28
C GLU GA 378 128.88 -31.76 -27.93
N ARG GA 379 129.64 -30.71 -28.21
CA ARG GA 379 131.10 -30.82 -28.31
C ARG GA 379 131.78 -30.77 -26.95
N ILE GA 380 131.51 -31.81 -26.17
CA ILE GA 380 132.36 -32.24 -25.06
C ILE GA 380 132.24 -33.75 -24.98
N ARG GA 381 133.36 -34.44 -25.14
CA ARG GA 381 133.38 -35.91 -25.13
C ARG GA 381 134.71 -36.34 -24.52
N ILE GA 382 134.64 -37.11 -23.45
CA ILE GA 382 135.77 -37.33 -22.55
C ILE GA 382 136.27 -38.75 -22.69
N SER GA 383 137.58 -38.90 -22.82
CA SER GA 383 138.24 -40.20 -22.78
C SER GA 383 139.45 -40.10 -21.86
N ASN GA 384 139.52 -40.98 -20.86
CA ASN GA 384 140.62 -40.96 -19.91
C ASN GA 384 141.79 -41.83 -20.33
N CYS GA 385 141.60 -42.72 -21.29
CA CYS GA 385 142.71 -43.46 -21.88
C CYS GA 385 143.41 -42.68 -22.98
N LEU GA 386 143.22 -41.36 -23.01
CA LEU GA 386 143.94 -40.40 -23.82
C LEU GA 386 145.03 -39.73 -23.00
N PRO GA 387 146.10 -39.25 -23.64
CA PRO GA 387 147.17 -38.58 -22.88
C PRO GA 387 146.76 -37.14 -22.57
N ASP GA 388 146.78 -36.80 -21.28
CA ASP GA 388 146.42 -35.46 -20.86
C ASP GA 388 147.63 -34.53 -20.90
N PRO GA 389 147.41 -33.24 -21.14
CA PRO GA 389 148.49 -32.25 -21.00
C PRO GA 389 148.65 -31.72 -19.58
N THR GA 390 147.92 -32.27 -18.62
CA THR GA 390 148.02 -31.86 -17.22
C THR GA 390 149.01 -32.71 -16.44
N GLU GA 391 149.59 -33.74 -17.05
CA GLU GA 391 150.53 -34.65 -16.38
C GLU GA 391 149.92 -35.15 -15.07
N GLY GA 392 148.82 -35.88 -15.21
CA GLY GA 392 147.99 -36.17 -14.06
C GLY GA 392 147.21 -34.92 -13.68
N ASN GA 393 147.61 -34.30 -12.56
CA ASN GA 393 147.04 -33.02 -12.16
C ASN GA 393 148.15 -32.18 -11.55
N THR GA 394 147.75 -31.07 -10.92
CA THR GA 394 148.64 -30.09 -10.28
C THR GA 394 149.91 -29.83 -11.09
N LYS GA 395 149.81 -29.98 -12.40
CA LYS GA 395 150.99 -29.87 -13.22
C LYS GA 395 150.69 -29.03 -14.40
N GLY GA 396 151.26 -27.83 -14.44
CA GLY GA 396 150.97 -26.92 -15.52
C GLY GA 396 149.59 -26.33 -15.30
N GLY GA 397 149.48 -25.01 -15.37
CA GLY GA 397 148.29 -24.33 -14.90
C GLY GA 397 148.23 -24.32 -13.40
N THR GA 398 148.68 -25.40 -12.76
CA THR GA 398 148.72 -25.45 -11.32
C THR GA 398 149.36 -24.20 -10.81
N GLY GA 399 149.00 -23.77 -9.61
CA GLY GA 399 149.73 -22.63 -9.09
C GLY GA 399 151.22 -22.73 -9.31
N GLN GA 400 151.75 -23.96 -9.34
CA GLN GA 400 153.16 -24.24 -9.53
C GLN GA 400 153.45 -24.43 -11.02
N ASP GA 401 154.59 -25.04 -11.34
CA ASP GA 401 155.25 -24.98 -12.66
C ASP GA 401 154.28 -25.08 -13.84
N ALA GA 402 154.63 -24.35 -14.90
CA ALA GA 402 153.79 -24.19 -16.08
C ALA GA 402 153.76 -25.46 -16.93
N PHE GA 403 153.12 -25.35 -18.09
CA PHE GA 403 152.93 -26.44 -19.03
C PHE GA 403 154.25 -26.91 -19.61
N ALA GA 404 154.16 -27.97 -20.43
CA ALA GA 404 155.23 -28.40 -21.31
C ALA GA 404 154.75 -28.21 -22.75
N ALA GA 405 155.61 -27.61 -23.58
CA ALA GA 405 155.19 -27.23 -24.92
C ALA GA 405 154.97 -28.47 -25.79
N GLY GA 406 154.30 -28.25 -26.92
CA GLY GA 406 154.04 -29.31 -27.88
C GLY GA 406 153.23 -30.47 -27.36
N SER GA 407 152.48 -30.27 -26.27
CA SER GA 407 151.71 -31.34 -25.66
C SER GA 407 150.34 -31.46 -26.30
N PHE GA 408 149.86 -32.69 -26.44
CA PHE GA 408 148.54 -32.94 -27.02
C PHE GA 408 147.44 -32.37 -26.13
N VAL GA 409 146.40 -31.86 -26.78
CA VAL GA 409 145.28 -31.27 -26.05
C VAL GA 409 143.98 -32.00 -26.36
N ALA GA 410 143.55 -31.97 -27.62
CA ALA GA 410 142.23 -32.49 -27.98
C ALA GA 410 142.17 -32.68 -29.49
N ALA GA 411 141.06 -33.24 -29.95
CA ALA GA 411 140.83 -33.43 -31.38
C ALA GA 411 139.37 -33.09 -31.69
N GLN GA 412 139.11 -32.83 -32.97
CA GLN GA 412 137.76 -32.49 -33.42
C GLN GA 412 137.61 -32.94 -34.86
N ALA GA 413 136.78 -33.95 -35.10
CA ALA GA 413 136.65 -34.52 -36.44
C ALA GA 413 135.29 -35.16 -36.60
N ALA GA 414 134.81 -35.18 -37.84
CA ALA GA 414 133.61 -35.92 -38.20
C ALA GA 414 134.02 -37.38 -38.39
N TRP GA 415 134.11 -38.09 -37.26
CA TRP GA 415 134.69 -39.44 -37.26
C TRP GA 415 133.91 -40.42 -38.12
N LYS GA 416 132.64 -40.15 -38.40
CA LYS GA 416 131.89 -41.02 -39.29
C LYS GA 416 132.42 -41.01 -40.71
N THR GA 417 133.25 -40.04 -41.06
CA THR GA 417 133.92 -40.01 -42.37
C THR GA 417 135.40 -39.70 -42.29
N ALA GA 418 135.91 -39.26 -41.13
CA ALA GA 418 137.34 -38.95 -41.02
C ALA GA 418 138.18 -40.21 -40.82
N PHE GA 419 137.66 -41.18 -40.07
CA PHE GA 419 138.40 -42.39 -39.77
C PHE GA 419 137.44 -43.57 -39.76
N TYR GA 420 137.94 -44.73 -40.17
CA TYR GA 420 137.11 -45.92 -40.32
C TYR GA 420 137.74 -47.10 -39.60
N ALA GA 421 136.91 -47.83 -38.87
CA ALA GA 421 137.28 -49.09 -38.25
C ALA GA 421 136.62 -50.23 -39.01
N VAL GA 422 137.38 -51.31 -39.21
CA VAL GA 422 136.94 -52.43 -40.03
C VAL GA 422 137.07 -53.71 -39.22
N GLU GA 423 136.05 -54.56 -39.30
CA GLU GA 423 135.98 -55.80 -38.54
C GLU GA 423 135.64 -56.94 -39.48
N LYS GA 424 136.33 -58.08 -39.32
CA LYS GA 424 136.11 -59.23 -40.19
C LYS GA 424 135.41 -60.38 -39.49
N ARG GA 425 135.92 -60.83 -38.35
CA ARG GA 425 135.37 -61.98 -37.65
C ARG GA 425 135.28 -61.66 -36.16
N PRO GA 426 134.13 -61.88 -35.54
CA PRO GA 426 134.02 -61.62 -34.10
C PRO GA 426 134.96 -62.52 -33.30
N MET GA 427 135.23 -62.11 -32.08
CA MET GA 427 136.09 -62.89 -31.19
C MET GA 427 135.56 -64.31 -31.08
N PHE GA 428 136.39 -65.28 -31.48
CA PHE GA 428 136.01 -66.67 -31.54
C PHE GA 428 136.97 -67.50 -30.71
N PHE GA 429 136.45 -68.59 -30.16
CA PHE GA 429 137.21 -69.48 -29.28
C PHE GA 429 137.14 -70.90 -29.81
N GLU GA 430 138.08 -71.72 -29.36
CA GLU GA 430 138.09 -73.12 -29.71
C GLU GA 430 139.02 -73.87 -28.78
N GLN GA 431 138.59 -75.07 -28.36
CA GLN GA 431 139.47 -75.95 -27.59
C GLN GA 431 140.59 -76.45 -28.49
N TYR GA 432 141.83 -76.08 -28.16
CA TYR GA 432 142.97 -76.37 -29.02
C TYR GA 432 143.26 -77.87 -28.94
N GLU GA 433 142.53 -78.63 -29.78
CA GLU GA 433 142.73 -80.06 -29.87
C GLU GA 433 144.18 -80.36 -30.23
N GLY GA 434 144.82 -81.21 -29.42
CA GLY GA 434 146.26 -81.35 -29.47
C GLY GA 434 146.86 -80.39 -28.47
N GLY GA 435 147.55 -80.92 -27.46
CA GLY GA 435 147.91 -80.14 -26.30
C GLY GA 435 146.86 -80.14 -25.21
N SER GA 436 145.75 -80.82 -25.42
CA SER GA 436 144.70 -80.97 -24.42
C SER GA 436 144.56 -82.45 -24.08
N SER GA 437 144.37 -82.75 -22.80
CA SER GA 437 144.38 -84.12 -22.31
C SER GA 437 143.17 -84.35 -21.41
N ALA GA 438 143.08 -85.56 -20.87
CA ALA GA 438 142.02 -85.88 -19.92
C ALA GA 438 142.19 -85.18 -18.58
N TRP GA 439 143.34 -84.54 -18.35
CA TRP GA 439 143.60 -83.83 -17.10
C TRP GA 439 143.89 -82.35 -17.29
N CYS GA 440 144.12 -81.90 -18.52
CA CYS GA 440 144.35 -80.49 -18.81
C CYS GA 440 143.68 -80.14 -20.12
N VAL GA 441 143.22 -78.90 -20.24
CA VAL GA 441 142.51 -78.41 -21.40
C VAL GA 441 143.20 -77.16 -21.90
N LYS GA 442 143.38 -77.06 -23.20
CA LYS GA 442 144.04 -75.93 -23.85
C LYS GA 442 143.07 -75.25 -24.80
N TYR GA 443 143.03 -73.92 -24.77
CA TYR GA 443 142.11 -73.17 -25.60
C TYR GA 443 142.86 -72.16 -26.47
N GLN GA 444 142.14 -71.60 -27.43
CA GLN GA 444 142.73 -70.63 -28.35
C GLN GA 444 141.62 -69.74 -28.87
N PHE GA 445 141.81 -68.43 -28.77
CA PHE GA 445 140.85 -67.45 -29.24
C PHE GA 445 141.52 -66.47 -30.19
N GLY GA 446 140.71 -65.84 -31.02
CA GLY GA 446 141.23 -64.93 -32.02
C GLY GA 446 140.14 -64.04 -32.61
N ALA GA 447 140.58 -63.08 -33.40
CA ALA GA 447 139.72 -62.10 -34.04
C ALA GA 447 140.53 -61.34 -35.08
N GLU GA 448 139.81 -60.65 -35.97
CA GLU GA 448 140.45 -59.93 -37.07
C GLU GA 448 139.81 -58.55 -37.21
N ASP GA 449 140.62 -57.52 -37.05
CA ASP GA 449 140.13 -56.15 -37.12
C ASP GA 449 141.27 -55.22 -37.50
N GLY GA 450 140.90 -54.02 -37.92
CA GLY GA 450 141.87 -53.00 -38.25
C GLY GA 450 141.20 -51.65 -38.36
N GLY GA 451 141.97 -50.69 -38.85
CA GLY GA 451 141.42 -49.36 -39.06
C GLY GA 451 142.30 -48.58 -40.01
N PHE GA 452 141.74 -47.49 -40.51
CA PHE GA 452 142.46 -46.61 -41.43
C PHE GA 452 141.82 -45.24 -41.38
N VAL GA 453 142.49 -44.29 -42.02
CA VAL GA 453 142.05 -42.90 -42.02
C VAL GA 453 141.31 -42.62 -43.33
N GLY GA 454 140.26 -41.81 -43.24
CA GLY GA 454 139.61 -41.31 -44.44
C GLY GA 454 140.30 -40.05 -44.90
N CYS GA 455 139.53 -39.00 -45.16
CA CYS GA 455 140.09 -37.70 -45.47
C CYS GA 455 140.51 -37.04 -44.15
N CYS GA 456 141.79 -37.19 -43.79
CA CYS GA 456 142.19 -36.57 -42.53
C CYS GA 456 142.33 -35.07 -42.63
N GLU GA 457 141.95 -34.50 -43.77
CA GLU GA 457 141.72 -33.07 -43.89
C GLU GA 457 140.36 -32.68 -43.34
N HIS GA 458 139.54 -33.66 -42.92
CA HIS GA 458 138.27 -33.35 -42.28
C HIS GA 458 138.48 -32.75 -40.90
N GLY GA 459 139.11 -33.52 -40.01
CA GLY GA 459 139.26 -33.09 -38.63
C GLY GA 459 140.58 -32.39 -38.36
N ARG GA 460 140.68 -31.84 -37.16
CA ARG GA 460 141.84 -31.05 -36.75
C ARG GA 460 142.18 -31.36 -35.30
N ILE GA 461 143.39 -30.97 -34.91
CA ILE GA 461 143.97 -31.33 -33.62
C ILE GA 461 144.39 -30.06 -32.89
N LEU GA 462 144.50 -30.18 -31.56
CA LEU GA 462 144.93 -29.08 -30.71
C LEU GA 462 146.18 -29.50 -29.95
N GLN GA 463 147.16 -28.59 -29.88
CA GLN GA 463 148.43 -28.86 -29.22
C GLN GA 463 148.84 -27.60 -28.47
N ILE GA 464 150.08 -27.60 -27.97
CA ILE GA 464 150.62 -26.44 -27.28
C ILE GA 464 151.55 -25.65 -28.19
N THR HA 176 144.75 -62.83 -53.60
CA THR HA 176 143.97 -61.85 -54.36
C THR HA 176 143.49 -60.70 -53.48
N PRO HA 177 143.46 -59.49 -54.03
CA PRO HA 177 142.94 -58.36 -53.28
C PRO HA 177 141.44 -58.45 -53.08
N GLN HA 178 140.97 -57.84 -51.99
CA GLN HA 178 139.56 -57.76 -51.66
C GLN HA 178 139.03 -56.38 -52.06
N VAL HA 179 137.80 -56.34 -52.55
CA VAL HA 179 137.15 -55.10 -52.96
C VAL HA 179 135.96 -54.84 -52.04
N LEU HA 180 135.99 -53.68 -51.37
CA LEU HA 180 134.86 -53.25 -50.56
C LEU HA 180 134.02 -52.24 -51.34
N ALA HA 181 132.95 -51.76 -50.71
CA ALA HA 181 131.96 -50.94 -51.41
C ALA HA 181 131.82 -49.55 -50.80
N LEU HA 182 132.95 -48.90 -50.49
CA LEU HA 182 132.95 -47.56 -49.95
C LEU HA 182 133.91 -46.70 -50.76
N GLU HA 183 133.66 -45.39 -50.77
CA GLU HA 183 134.48 -44.46 -51.53
C GLU HA 183 134.59 -43.16 -50.74
N VAL HA 184 135.82 -42.74 -50.45
CA VAL HA 184 136.06 -41.49 -49.77
C VAL HA 184 136.09 -40.35 -50.79
N ASP HA 185 135.57 -39.19 -50.41
CA ASP HA 185 135.50 -38.04 -51.31
C ASP HA 185 136.64 -37.06 -51.07
N CYS HA 186 136.75 -36.53 -49.85
CA CYS HA 186 137.81 -35.60 -49.47
C CYS HA 186 137.91 -34.42 -50.44
N ASN HA 187 136.75 -33.85 -50.78
CA ASN HA 187 136.69 -32.72 -51.69
C ASN HA 187 135.48 -31.88 -51.33
N ILE HA 188 135.72 -30.64 -50.91
CA ILE HA 188 134.66 -29.75 -50.46
C ILE HA 188 134.22 -28.87 -51.62
N GLU HA 189 132.90 -28.70 -51.77
CA GLU HA 189 132.36 -27.86 -52.82
C GLU HA 189 132.35 -26.40 -52.41
N CYS HA 190 131.43 -26.05 -51.51
CA CYS HA 190 131.39 -24.81 -50.74
C CYS HA 190 130.18 -24.88 -49.83
N ALA HA 191 129.89 -23.80 -49.10
CA ALA HA 191 128.51 -23.60 -48.69
C ALA HA 191 127.69 -23.14 -49.89
N SER HA 192 126.38 -23.32 -49.80
CA SER HA 192 125.51 -23.08 -50.95
C SER HA 192 124.42 -22.09 -50.59
N LEU HA 193 124.08 -21.22 -51.54
CA LEU HA 193 123.01 -20.25 -51.38
C LEU HA 193 121.94 -20.42 -52.43
N LEU HA 194 121.90 -21.58 -53.11
CA LEU HA 194 120.87 -21.84 -54.11
C LEU HA 194 119.55 -22.20 -53.46
N ASP HA 195 119.57 -22.66 -52.21
CA ASP HA 195 118.32 -23.01 -51.52
C ASP HA 195 117.56 -21.78 -51.05
N LEU HA 196 118.27 -20.70 -50.72
CA LEU HA 196 117.63 -19.52 -50.17
C LEU HA 196 116.88 -18.73 -51.24
N TYR HA 197 117.47 -18.58 -52.42
CA TYR HA 197 116.87 -17.77 -53.47
C TYR HA 197 115.53 -18.36 -53.92
N GLY HA 198 114.70 -17.49 -54.47
CA GLY HA 198 113.40 -17.93 -54.98
C GLY HA 198 113.57 -18.79 -56.21
N GLN HA 199 113.20 -20.06 -56.12
CA GLN HA 199 113.38 -20.99 -57.22
C GLN HA 199 112.24 -20.84 -58.23
N ILE HA 200 112.58 -20.73 -59.51
CA ILE HA 200 111.57 -20.68 -60.56
C ILE HA 200 112.02 -21.53 -61.74
N GLU HA 201 111.21 -22.53 -62.10
CA GLU HA 201 111.45 -23.30 -63.31
C GLU HA 201 110.83 -22.57 -64.49
N VAL HA 202 111.51 -22.65 -65.64
CA VAL HA 202 111.12 -21.85 -66.80
C VAL HA 202 111.16 -22.73 -68.04
N SER HA 203 110.97 -22.11 -69.20
CA SER HA 203 110.93 -22.77 -70.49
C SER HA 203 111.78 -21.92 -71.43
N ARG HA 204 111.52 -22.02 -72.73
CA ARG HA 204 112.21 -21.24 -73.75
C ARG HA 204 112.49 -19.81 -73.26
N SER HA 205 113.68 -19.31 -73.61
CA SER HA 205 114.26 -18.12 -73.01
C SER HA 205 113.43 -16.85 -73.22
N THR HA 206 113.93 -15.74 -72.66
CA THR HA 206 113.24 -14.45 -72.65
C THR HA 206 111.91 -14.53 -71.89
N PHE HA 207 112.04 -14.82 -70.59
CA PHE HA 207 110.91 -14.79 -69.68
C PHE HA 207 110.49 -13.35 -69.39
N THR HA 208 109.22 -13.18 -69.02
CA THR HA 208 108.72 -11.86 -68.64
C THR HA 208 107.68 -12.00 -67.55
N TYR HA 209 107.56 -10.96 -66.74
CA TYR HA 209 106.71 -10.98 -65.55
C TYR HA 209 106.40 -9.55 -65.13
N MET HA 210 105.77 -9.41 -63.98
CA MET HA 210 105.29 -8.12 -63.50
C MET HA 210 106.23 -7.52 -62.47
N LYS HA 211 106.04 -6.21 -62.24
CA LYS HA 211 106.91 -5.39 -61.41
C LYS HA 211 106.09 -4.39 -60.60
N ILE HA 212 104.97 -4.83 -60.02
CA ILE HA 212 103.97 -3.95 -59.44
C ILE HA 212 104.65 -2.88 -58.60
N ALA HA 213 104.48 -1.62 -58.99
CA ALA HA 213 105.32 -0.55 -58.46
C ALA HA 213 104.82 -0.06 -57.11
N ASP HA 214 103.62 0.52 -57.09
CA ASP HA 214 103.07 1.11 -55.87
C ASP HA 214 101.58 1.34 -56.01
N TYR HA 215 100.80 0.78 -55.09
CA TYR HA 215 99.36 1.03 -55.09
C TYR HA 215 99.11 2.49 -54.74
N GLY HA 216 98.54 3.23 -55.68
CA GLY HA 216 98.22 4.62 -55.43
C GLY HA 216 97.06 4.76 -54.46
N GLN HA 217 97.10 5.82 -53.66
CA GLN HA 217 96.03 6.08 -52.71
C GLN HA 217 94.71 6.25 -53.45
N LEU HA 218 93.78 5.32 -53.24
CA LEU HA 218 92.54 5.30 -54.00
C LEU HA 218 91.42 6.08 -53.31
N GLY HA 219 91.09 5.67 -52.09
CA GLY HA 219 90.08 6.38 -51.34
C GLY HA 219 90.59 7.72 -50.84
N GLU HA 220 89.67 8.36 -50.10
CA GLU HA 220 89.99 9.63 -49.47
C GLU HA 220 89.47 9.60 -48.04
N TYR HA 221 88.42 8.84 -47.75
CA TYR HA 221 87.79 8.71 -46.40
C TYR HA 221 86.60 9.55 -46.51
N THR HA 222 85.53 9.14 -45.87
CA THR HA 222 84.33 9.89 -46.14
C THR HA 222 83.47 10.37 -45.03
N CYS HA 223 83.11 11.64 -45.09
CA CYS HA 223 82.09 12.09 -44.15
C CYS HA 223 80.80 11.85 -44.86
N ASP HA 224 79.80 11.34 -44.16
CA ASP HA 224 78.59 10.98 -44.84
C ASP HA 224 77.73 12.18 -45.15
N ALA HA 225 78.27 13.16 -45.86
CA ALA HA 225 77.39 14.26 -46.24
C ALA HA 225 77.26 14.44 -47.74
N LYS HA 226 78.33 14.24 -48.49
CA LYS HA 226 78.34 14.57 -49.92
C LYS HA 226 77.89 13.38 -50.76
N CYS HA 227 77.24 13.69 -51.87
CA CYS HA 227 76.86 12.67 -52.86
C CYS HA 227 77.89 12.57 -53.98
N ASP HA 228 79.16 12.41 -53.61
CA ASP HA 228 80.23 12.19 -54.58
C ASP HA 228 81.49 11.78 -53.84
N ALA HA 229 82.35 11.05 -54.54
CA ALA HA 229 83.65 10.65 -54.05
C ALA HA 229 84.74 11.46 -54.77
N GLU HA 230 85.99 11.13 -54.48
CA GLU HA 230 87.13 11.80 -55.10
C GLU HA 230 88.12 10.76 -55.58
N PHE HA 231 88.73 11.02 -56.73
CA PHE HA 231 89.64 10.06 -57.33
C PHE HA 231 90.98 10.04 -56.59
N GLY HA 232 91.80 9.05 -56.95
CA GLY HA 232 93.12 8.93 -56.38
C GLY HA 232 94.13 8.58 -57.45
N GLU HA 233 95.40 8.57 -57.05
CA GLU HA 233 96.48 8.29 -57.98
C GLU HA 233 96.51 6.81 -58.33
N PRO HA 234 96.89 6.48 -59.57
CA PRO HA 234 97.04 5.06 -59.95
C PRO HA 234 98.45 4.55 -59.76
N GLY HA 235 98.66 3.26 -59.98
CA GLY HA 235 99.96 2.65 -59.86
C GLY HA 235 100.49 2.17 -61.21
N ASN HA 236 101.74 1.72 -61.19
CA ASN HA 236 102.42 1.22 -62.37
C ASN HA 236 102.57 -0.29 -62.30
N ILE HA 237 102.78 -0.90 -63.47
CA ILE HA 237 102.88 -2.35 -63.59
C ILE HA 237 104.26 -2.76 -64.09
N ARG HA 238 104.71 -2.19 -65.21
CA ARG HA 238 106.07 -2.36 -65.71
C ARG HA 238 106.39 -3.83 -65.97
N HIS HA 239 105.74 -4.38 -67.00
CA HIS HA 239 105.97 -5.78 -67.34
C HIS HA 239 107.37 -5.94 -67.89
N LEU HA 240 108.35 -6.10 -67.00
CA LEU HA 240 109.73 -6.25 -67.42
C LEU HA 240 110.07 -7.72 -67.63
N GLU HA 241 111.29 -7.96 -68.11
CA GLU HA 241 111.70 -9.29 -68.54
C GLU HA 241 113.19 -9.45 -68.30
N GLY HA 242 113.69 -10.64 -68.63
CA GLY HA 242 115.10 -10.93 -68.50
C GLY HA 242 115.49 -12.14 -69.33
N LYS HA 243 116.78 -12.22 -69.63
CA LYS HA 243 117.33 -13.32 -70.41
C LYS HA 243 117.95 -14.36 -69.47
N THR HA 244 118.05 -15.59 -69.97
CA THR HA 244 118.73 -16.66 -69.28
C THR HA 244 120.00 -17.04 -70.03
N TYR HA 245 121.00 -17.48 -69.28
CA TYR HA 245 122.30 -17.85 -69.85
C TYR HA 245 122.43 -19.36 -69.94
N ASP HA 246 123.49 -19.80 -70.60
CA ASP HA 246 123.70 -21.22 -70.84
C ASP HA 246 125.11 -21.61 -70.43
N TYR HA 247 125.35 -22.92 -70.43
CA TYR HA 247 126.62 -23.51 -70.02
C TYR HA 247 126.87 -24.72 -70.89
N ARG HA 248 128.05 -24.78 -71.51
CA ARG HA 248 128.35 -25.83 -72.46
C ARG HA 248 129.75 -26.36 -72.20
N GLY HA 249 130.00 -27.58 -72.68
CA GLY HA 249 131.28 -28.21 -72.50
C GLY HA 249 131.41 -29.45 -73.35
N VAL HA 250 132.66 -29.85 -73.59
CA VAL HA 250 132.96 -31.04 -74.38
C VAL HA 250 134.13 -31.78 -73.73
N PHE HA 251 134.26 -33.07 -74.08
CA PHE HA 251 135.31 -33.91 -73.54
C PHE HA 251 135.41 -35.19 -74.34
N CYS HA 252 136.61 -35.77 -74.36
CA CYS HA 252 136.88 -36.97 -75.12
C CYS HA 252 136.66 -38.23 -74.30
N PHE HA 253 136.84 -39.37 -74.96
CA PHE HA 253 136.97 -40.68 -74.33
C PHE HA 253 137.56 -41.64 -75.33
N ASN HA 254 138.43 -42.53 -74.86
CA ASN HA 254 138.85 -43.64 -75.70
C ASN HA 254 137.78 -44.73 -75.64
N ARG HA 255 137.69 -45.50 -76.72
CA ARG HA 255 136.65 -46.52 -76.82
C ARG HA 255 137.04 -47.79 -76.10
N LYS HA 256 138.20 -48.35 -76.44
CA LYS HA 256 138.65 -49.58 -75.78
C LYS HA 256 139.01 -49.32 -74.31
N ASN HA 257 139.52 -48.14 -74.00
CA ASN HA 257 139.83 -47.82 -72.61
C ASN HA 257 138.59 -47.83 -71.73
N LEU HA 258 137.40 -47.75 -72.32
CA LEU HA 258 136.17 -47.69 -71.53
C LEU HA 258 135.64 -49.06 -71.18
N GLN HA 259 135.84 -50.07 -72.04
CA GLN HA 259 135.35 -51.40 -71.73
C GLN HA 259 136.19 -52.04 -70.63
N GLU HA 260 137.51 -51.95 -70.73
CA GLU HA 260 138.39 -52.32 -69.65
C GLU HA 260 138.41 -51.16 -68.65
N ALA HA 261 139.35 -51.17 -67.71
CA ALA HA 261 139.46 -50.13 -66.68
C ALA HA 261 138.16 -50.05 -65.87
N ASN HA 262 137.97 -51.11 -65.07
CA ASN HA 262 136.72 -51.44 -64.38
C ASN HA 262 135.91 -50.24 -63.89
N TYR HA 263 136.56 -49.25 -63.28
CA TYR HA 263 135.84 -48.08 -62.79
C TYR HA 263 135.15 -47.35 -63.94
N ASP HA 264 134.00 -46.74 -63.63
CA ASP HA 264 133.20 -46.07 -64.65
C ASP HA 264 133.62 -44.61 -64.73
N PHE HA 265 134.37 -44.26 -65.78
CA PHE HA 265 134.74 -42.88 -66.01
C PHE HA 265 133.54 -42.03 -66.40
N LEU HA 266 132.56 -42.63 -67.08
CA LEU HA 266 131.46 -41.85 -67.66
C LEU HA 266 130.61 -41.20 -66.59
N SER HA 267 130.12 -42.00 -65.63
CA SER HA 267 129.28 -41.46 -64.57
C SER HA 267 130.05 -40.43 -63.73
N PHE HA 268 131.35 -40.69 -63.51
CA PHE HA 268 132.15 -39.72 -62.76
C PHE HA 268 132.25 -38.40 -63.50
N MET HA 269 132.46 -38.44 -64.82
CA MET HA 269 132.49 -37.21 -65.60
C MET HA 269 131.15 -36.49 -65.54
N ILE HA 270 130.06 -37.24 -65.65
CA ILE HA 270 128.73 -36.64 -65.56
C ILE HA 270 128.56 -35.92 -64.23
N GLY HA 271 128.92 -36.59 -63.14
CA GLY HA 271 128.77 -36.00 -61.82
C GLY HA 271 129.64 -34.79 -61.62
N ALA HA 272 130.90 -34.86 -62.05
CA ALA HA 272 131.79 -33.72 -61.90
C ALA HA 272 131.39 -32.56 -62.79
N ALA HA 273 130.74 -32.82 -63.92
CA ALA HA 273 130.28 -31.74 -64.78
C ALA HA 273 129.08 -31.05 -64.17
N GLN HA 274 128.12 -31.83 -63.65
CA GLN HA 274 127.00 -31.23 -62.93
C GLN HA 274 127.49 -30.44 -61.73
N ARG HA 275 128.50 -30.95 -61.03
CA ARG HA 275 129.01 -30.26 -59.84
C ARG HA 275 129.71 -28.95 -60.21
N SER HA 276 130.55 -28.98 -61.24
CA SER HA 276 131.21 -27.76 -61.71
C SER HA 276 130.18 -26.74 -62.18
N HIS HA 277 129.16 -27.20 -62.90
CA HIS HA 277 128.07 -26.30 -63.28
C HIS HA 277 127.39 -25.70 -62.06
N ARG HA 278 127.20 -26.50 -61.02
CA ARG HA 278 126.55 -26.03 -59.81
C ARG HA 278 127.39 -24.95 -59.13
N ILE HA 279 128.70 -25.19 -59.00
CA ILE HA 279 129.55 -24.22 -58.34
C ILE HA 279 129.68 -22.95 -59.16
N ASN HA 280 129.68 -23.07 -60.50
CA ASN HA 280 129.76 -21.88 -61.33
C ASN HA 280 128.46 -21.10 -61.27
N ARG HA 281 127.32 -21.79 -61.21
CA ARG HA 281 126.04 -21.13 -60.96
C ARG HA 281 126.06 -20.37 -59.65
N ASN HA 282 126.56 -21.02 -58.58
CA ASN HA 282 126.61 -20.38 -57.28
C ASN HA 282 127.48 -19.13 -57.32
N GLN HA 283 128.64 -19.22 -57.97
CA GLN HA 283 129.50 -18.05 -58.10
C GLN HA 283 128.86 -16.97 -58.97
N ALA HA 284 128.05 -17.37 -59.95
CA ALA HA 284 127.44 -16.41 -60.86
C ALA HA 284 126.37 -15.60 -60.16
N LEU HA 285 125.46 -16.28 -59.44
CA LEU HA 285 124.39 -15.54 -58.76
C LEU HA 285 124.94 -14.51 -57.78
N MET HA 286 126.13 -14.75 -57.22
CA MET HA 286 126.67 -13.77 -56.26
C MET HA 286 127.50 -12.69 -56.94
N ILE HA 287 128.42 -13.06 -57.83
CA ILE HA 287 129.34 -12.07 -58.40
C ILE HA 287 129.33 -12.11 -59.92
N GLY HA 288 128.20 -12.45 -60.52
CA GLY HA 288 128.10 -12.46 -61.97
C GLY HA 288 128.33 -11.11 -62.61
N LYS HA 289 129.38 -11.01 -63.43
CA LYS HA 289 129.83 -9.74 -64.00
C LYS HA 289 129.08 -9.43 -65.30
N GLY HA 290 127.79 -9.15 -65.15
CA GLY HA 290 127.03 -8.56 -66.23
C GLY HA 290 126.94 -9.36 -67.51
N VAL HA 291 127.69 -8.93 -68.53
CA VAL HA 291 127.71 -9.56 -69.84
C VAL HA 291 127.88 -11.06 -69.70
N ASN HA 292 126.98 -11.82 -70.33
CA ASN HA 292 126.90 -13.29 -70.33
C ASN HA 292 127.23 -13.89 -68.97
N GLU HA 293 126.85 -13.18 -67.91
CA GLU HA 293 127.06 -13.59 -66.53
C GLU HA 293 125.86 -13.18 -65.70
N PRO HA 294 125.11 -14.13 -65.12
CA PRO HA 294 123.93 -13.76 -64.33
C PRO HA 294 124.28 -12.71 -63.28
N LYS HA 295 123.63 -11.54 -63.37
CA LYS HA 295 124.08 -10.36 -62.65
C LYS HA 295 124.11 -10.60 -61.15
N GLY HA 296 125.31 -10.66 -60.58
CA GLY HA 296 125.43 -10.96 -59.16
C GLY HA 296 124.86 -9.84 -58.31
N TRP HA 297 124.17 -10.23 -57.22
CA TRP HA 297 123.59 -9.25 -56.33
C TRP HA 297 124.64 -8.46 -55.55
N LEU HA 298 125.89 -8.91 -55.54
CA LEU HA 298 126.94 -8.11 -54.92
C LEU HA 298 127.32 -6.94 -55.82
N THR HA 299 127.66 -7.22 -57.08
CA THR HA 299 128.11 -6.18 -57.99
C THR HA 299 126.97 -5.31 -58.50
N GLU HA 300 125.73 -5.79 -58.42
CA GLU HA 300 124.60 -5.00 -58.88
C GLU HA 300 124.35 -3.80 -57.95
N ASN HA 301 124.32 -4.06 -56.64
CA ASN HA 301 124.30 -3.00 -55.62
C ASN HA 301 123.07 -2.11 -55.74
N CYS HA 302 121.89 -2.70 -55.63
CA CYS HA 302 120.67 -1.95 -55.32
C CYS HA 302 120.16 -2.25 -53.92
N PHE HA 303 120.94 -2.97 -53.12
CA PHE HA 303 120.61 -3.18 -51.73
C PHE HA 303 121.00 -1.96 -50.90
N PRO HA 304 120.16 -1.54 -49.96
CA PRO HA 304 120.60 -0.53 -48.99
C PRO HA 304 121.75 -1.07 -48.16
N VAL HA 305 122.79 -0.26 -48.01
CA VAL HA 305 124.01 -0.68 -47.33
C VAL HA 305 124.33 0.30 -46.23
N PHE HA 306 124.66 -0.22 -45.05
CA PHE HA 306 125.21 0.56 -43.96
C PHE HA 306 126.66 0.18 -43.76
N GLN HA 307 127.38 1.01 -43.02
CA GLN HA 307 128.81 0.78 -42.80
C GLN HA 307 129.17 1.08 -41.35
N THR HA 308 130.21 0.41 -40.88
CA THR HA 308 130.66 0.62 -39.51
C THR HA 308 131.31 2.00 -39.37
N LEU HA 309 131.35 2.46 -38.15
CA LEU HA 309 132.01 3.71 -37.87
C LEU HA 309 133.44 3.48 -37.42
N PRO HA 310 134.36 4.38 -37.74
CA PRO HA 310 135.73 4.24 -37.25
C PRO HA 310 135.83 4.59 -35.77
N VAL HA 311 136.89 4.10 -35.14
CA VAL HA 311 137.16 4.37 -33.75
C VAL HA 311 138.44 5.18 -33.67
N ASP HA 312 138.48 6.13 -32.74
CA ASP HA 312 139.60 7.05 -32.62
C ASP HA 312 140.50 6.59 -31.48
N VAL HA 313 141.34 5.60 -31.79
CA VAL HA 313 142.37 5.18 -30.85
C VAL HA 313 143.52 6.17 -30.91
N ASN HA 314 143.94 6.65 -29.74
CA ASN HA 314 144.99 7.65 -29.55
C ASN HA 314 145.00 8.71 -30.65
N GLY HA 315 143.81 9.17 -31.04
CA GLY HA 315 143.69 10.24 -32.02
C GLY HA 315 144.15 9.91 -33.43
N THR HA 316 143.56 8.89 -34.05
CA THR HA 316 143.79 8.63 -35.47
C THR HA 316 142.52 8.32 -36.26
N SER HA 317 141.44 7.89 -35.60
CA SER HA 317 140.19 7.54 -36.27
C SER HA 317 140.41 6.48 -37.34
N THR HA 318 140.89 5.32 -36.89
CA THR HA 318 141.11 4.21 -37.79
C THR HA 318 139.82 3.42 -37.98
N PRO HA 319 139.59 2.88 -39.18
CA PRO HA 319 138.40 2.04 -39.39
C PRO HA 319 138.50 0.76 -38.58
N ALA HA 320 137.44 0.48 -37.83
CA ALA HA 320 137.39 -0.70 -36.99
C ALA HA 320 135.96 -1.23 -36.98
N PHE HA 321 135.72 -2.24 -36.14
CA PHE HA 321 134.44 -2.93 -36.15
C PHE HA 321 134.26 -3.69 -34.85
N LEU HA 322 133.19 -3.39 -34.12
CA LEU HA 322 132.84 -4.09 -32.89
C LEU HA 322 131.41 -4.60 -32.99
N ALA HA 323 130.99 -5.34 -31.95
CA ALA HA 323 129.71 -6.02 -31.99
C ALA HA 323 128.54 -5.05 -32.05
N GLN HA 324 128.72 -3.82 -31.56
CA GLN HA 324 127.64 -2.84 -31.60
C GLN HA 324 127.18 -2.59 -33.03
N ASP HA 325 128.14 -2.43 -33.95
CA ASP HA 325 127.79 -2.26 -35.35
C ASP HA 325 127.00 -3.45 -35.87
N TRP HA 326 127.37 -4.66 -35.46
CA TRP HA 326 126.66 -5.85 -35.90
C TRP HA 326 125.22 -5.84 -35.43
N ARG HA 327 124.99 -5.54 -34.18
CA ARG HA 327 123.62 -5.58 -33.76
C ARG HA 327 122.89 -4.55 -34.53
N ARG HA 328 123.40 -3.33 -34.45
CA ARG HA 328 122.63 -2.27 -35.06
C ARG HA 328 122.36 -2.54 -36.54
N PHE HA 329 123.21 -3.35 -37.18
CA PHE HA 329 122.92 -3.74 -38.55
C PHE HA 329 121.81 -4.78 -38.62
N VAL HA 330 121.81 -5.73 -37.70
CA VAL HA 330 120.85 -6.84 -37.80
C VAL HA 330 119.48 -6.41 -37.29
N THR HA 331 119.45 -5.58 -36.27
CA THR HA 331 118.16 -5.23 -35.71
C THR HA 331 117.45 -4.19 -36.54
N SER HA 332 118.20 -3.28 -37.13
CA SER HA 332 117.60 -2.16 -37.86
C SER HA 332 116.73 -2.64 -39.01
N PHE HA 333 116.67 -3.94 -39.21
CA PHE HA 333 115.89 -4.48 -40.31
C PHE HA 333 114.40 -4.37 -40.01
N PRO HA 334 113.59 -3.92 -40.96
CA PRO HA 334 112.14 -3.87 -40.74
C PRO HA 334 111.52 -5.25 -40.76
N ALA HA 335 111.04 -5.72 -39.60
CA ALA HA 335 110.52 -7.08 -39.49
C ALA HA 335 109.26 -7.30 -40.31
N GLU HA 336 108.69 -6.25 -40.90
CA GLU HA 336 107.51 -6.42 -41.75
C GLU HA 336 107.84 -7.25 -42.99
N TYR HA 337 109.10 -7.23 -43.44
CA TYR HA 337 109.49 -7.96 -44.63
C TYR HA 337 109.43 -9.47 -44.45
N GLY HA 338 109.18 -9.96 -43.24
CA GLY HA 338 109.30 -11.37 -42.95
C GLY HA 338 110.68 -11.72 -42.44
N GLU HA 339 110.82 -12.97 -42.01
CA GLU HA 339 112.11 -13.43 -41.49
C GLU HA 339 113.14 -13.46 -42.61
N ALA HA 340 114.23 -12.74 -42.42
CA ALA HA 340 115.28 -12.61 -43.42
C ALA HA 340 116.58 -13.22 -42.90
N ARG HA 341 117.26 -13.96 -43.76
CA ARG HA 341 118.48 -14.66 -43.39
C ARG HA 341 119.70 -13.78 -43.63
N SER HA 342 120.70 -13.93 -42.75
CA SER HA 342 121.94 -13.17 -42.82
C SER HA 342 123.10 -14.10 -43.12
N VAL HA 343 123.98 -13.67 -44.02
CA VAL HA 343 125.08 -14.49 -44.53
C VAL HA 343 126.38 -13.71 -44.44
N MET HA 344 127.47 -14.46 -44.22
CA MET HA 344 128.82 -13.92 -44.07
C MET HA 344 129.81 -15.07 -44.15
N HIS HA 345 131.09 -14.76 -43.94
CA HIS HA 345 132.17 -15.72 -44.03
C HIS HA 345 132.48 -16.30 -42.64
N GLN HA 346 133.05 -17.50 -42.62
CA GLN HA 346 133.32 -18.17 -41.34
C GLN HA 346 134.47 -17.51 -40.60
N ASN HA 347 135.44 -16.93 -41.33
CA ASN HA 347 136.45 -16.11 -40.67
C ASN HA 347 135.80 -14.97 -39.89
N VAL HA 348 134.74 -14.39 -40.45
CA VAL HA 348 134.02 -13.33 -39.77
C VAL HA 348 133.36 -13.87 -38.50
N PHE HA 349 132.67 -15.00 -38.62
CA PHE HA 349 132.04 -15.60 -37.45
C PHE HA 349 133.06 -15.88 -36.35
N GLY HA 350 134.22 -16.41 -36.73
CA GLY HA 350 135.24 -16.68 -35.74
C GLY HA 350 135.77 -15.41 -35.09
N TYR HA 351 136.08 -14.40 -35.89
CA TYR HA 351 136.57 -13.15 -35.32
C TYR HA 351 135.55 -12.50 -34.40
N LEU HA 352 134.27 -12.62 -34.73
CA LEU HA 352 133.24 -12.10 -33.84
C LEU HA 352 133.21 -12.88 -32.53
N ALA HA 353 133.12 -14.21 -32.62
CA ALA HA 353 133.11 -15.05 -31.43
C ALA HA 353 134.34 -14.81 -30.56
N ALA HA 354 135.43 -14.31 -31.13
CA ALA HA 354 136.68 -14.08 -30.41
C ALA HA 354 136.75 -12.71 -29.76
N MET HA 355 135.62 -12.09 -29.45
CA MET HA 355 135.58 -10.78 -28.83
C MET HA 355 135.47 -10.90 -27.32
N VAL HA 356 136.11 -9.98 -26.61
CA VAL HA 356 136.25 -10.03 -25.16
C VAL HA 356 135.94 -8.65 -24.59
N ASP HA 357 135.37 -8.63 -23.38
CA ASP HA 357 135.10 -7.39 -22.69
C ASP HA 357 136.37 -6.88 -21.99
N ALA HA 358 136.23 -5.84 -21.17
CA ALA HA 358 137.35 -5.37 -20.39
C ALA HA 358 137.66 -6.28 -19.20
N ASN HA 359 136.65 -6.98 -18.71
CA ASN HA 359 136.85 -7.92 -17.60
C ASN HA 359 137.77 -9.07 -17.96
N GLY HA 360 138.03 -9.27 -19.25
CA GLY HA 360 138.61 -10.51 -19.72
C GLY HA 360 137.59 -11.59 -19.99
N ARG HA 361 136.34 -11.28 -19.66
CA ARG HA 361 135.27 -12.22 -19.93
C ARG HA 361 134.92 -12.21 -21.40
N PHE HA 362 134.09 -13.15 -21.82
CA PHE HA 362 133.73 -13.27 -23.22
C PHE HA 362 132.97 -12.10 -23.79
N LEU HA 363 132.19 -12.37 -24.82
CA LEU HA 363 131.37 -11.35 -25.41
C LEU HA 363 130.07 -12.06 -25.62
N PHE HA 364 129.54 -11.95 -26.83
CA PHE HA 364 128.31 -12.63 -27.14
C PHE HA 364 128.58 -14.09 -27.22
N GLY HA 365 127.57 -14.86 -27.58
CA GLY HA 365 127.73 -16.30 -27.61
C GLY HA 365 128.45 -16.61 -26.33
N ASP HA 366 128.01 -16.00 -25.24
CA ASP HA 366 128.70 -16.16 -23.98
C ASP HA 366 128.59 -17.53 -23.40
N GLY HA 367 127.68 -17.71 -22.47
CA GLY HA 367 127.58 -18.98 -21.80
C GLY HA 367 127.68 -20.21 -22.67
N ASP HA 368 128.88 -20.79 -22.82
CA ASP HA 368 129.08 -21.96 -23.68
C ASP HA 368 130.51 -22.40 -23.89
N LEU HA 369 130.82 -23.66 -23.66
CA LEU HA 369 132.15 -24.11 -24.02
C LEU HA 369 131.82 -24.67 -25.34
N THR HA 370 130.68 -24.27 -25.86
CA THR HA 370 130.24 -24.83 -27.08
C THR HA 370 130.32 -23.87 -28.25
N PHE HA 371 129.95 -22.59 -28.09
CA PHE HA 371 129.96 -21.79 -29.32
C PHE HA 371 129.40 -22.60 -30.45
N THR HA 372 130.24 -23.12 -31.34
CA THR HA 372 129.80 -23.97 -32.46
C THR HA 372 128.70 -23.40 -33.33
N PRO HA 373 129.03 -23.13 -34.58
CA PRO HA 373 128.00 -22.50 -35.39
C PRO HA 373 126.85 -23.44 -35.67
N ASP HA 374 125.91 -23.61 -34.75
CA ASP HA 374 124.74 -24.39 -35.07
C ASP HA 374 124.06 -23.87 -36.33
N LEU HA 375 123.62 -22.61 -36.32
CA LEU HA 375 123.11 -21.88 -37.47
C LEU HA 375 121.94 -22.58 -38.16
N VAL HA 376 121.33 -23.56 -37.49
CA VAL HA 376 120.35 -24.46 -38.12
C VAL HA 376 119.29 -23.69 -38.90
N ARG HA 377 118.65 -22.71 -38.27
CA ARG HA 377 117.71 -21.87 -39.00
C ARG HA 377 117.87 -20.40 -38.59
N GLU HA 378 118.32 -20.15 -37.38
CA GLU HA 378 118.31 -18.81 -36.82
C GLU HA 378 119.39 -17.96 -37.49
N ARG HA 379 119.52 -16.71 -37.04
CA ARG HA 379 120.26 -15.70 -37.80
C ARG HA 379 121.76 -15.81 -37.55
N ILE HA 380 122.31 -16.88 -38.13
CA ILE HA 380 123.72 -16.99 -38.49
C ILE HA 380 123.80 -17.94 -39.66
N ARG HA 381 124.61 -17.59 -40.65
CA ARG HA 381 124.75 -18.42 -41.85
C ARG HA 381 126.08 -18.10 -42.50
N ILE HA 382 126.79 -19.13 -42.92
CA ILE HA 382 128.19 -19.04 -43.27
C ILE HA 382 128.44 -19.61 -44.66
N SER HA 383 129.23 -18.89 -45.46
CA SER HA 383 129.74 -19.41 -46.72
C SER HA 383 131.17 -18.93 -46.88
N ASN HA 384 132.08 -19.84 -47.22
CA ASN HA 384 133.48 -19.48 -47.37
C ASN HA 384 133.83 -18.99 -48.75
N CYS HA 385 133.06 -19.35 -49.77
CA CYS HA 385 133.25 -18.81 -51.12
C CYS HA 385 132.65 -17.41 -51.28
N LEU HA 386 132.33 -16.73 -50.17
CA LEU HA 386 132.08 -15.30 -50.12
C LEU HA 386 133.36 -14.55 -49.80
N PRO HA 387 133.42 -13.24 -50.09
CA PRO HA 387 134.63 -12.47 -49.79
C PRO HA 387 134.73 -12.16 -48.31
N ASP HA 388 135.80 -12.67 -47.67
CA ASP HA 388 135.92 -12.28 -46.28
C ASP HA 388 136.80 -11.04 -46.13
N PRO HA 389 136.46 -10.15 -45.20
CA PRO HA 389 137.30 -8.97 -44.95
C PRO HA 389 138.47 -9.22 -44.02
N THR HA 390 138.76 -10.48 -43.70
CA THR HA 390 139.89 -10.82 -42.85
C THR HA 390 141.15 -11.14 -43.63
N GLU HA 391 141.08 -11.12 -44.96
CA GLU HA 391 142.23 -11.42 -45.82
C GLU HA 391 142.93 -12.69 -45.38
N GLY HA 392 142.19 -13.79 -45.47
CA GLY HA 392 142.61 -15.01 -44.80
C GLY HA 392 142.25 -14.90 -43.33
N ASN HA 393 143.24 -14.67 -42.48
CA ASN HA 393 143.00 -14.42 -41.06
C ASN HA 393 144.11 -13.53 -40.53
N THR HA 394 143.96 -13.12 -39.27
CA THR HA 394 144.91 -12.26 -38.58
C THR HA 394 145.16 -10.98 -39.37
N LYS HA 395 144.11 -10.45 -39.98
CA LYS HA 395 144.27 -9.25 -40.80
C LYS HA 395 143.18 -8.27 -40.49
N GLY HA 396 143.46 -6.99 -40.71
CA GLY HA 396 142.49 -5.98 -40.41
C GLY HA 396 142.28 -6.00 -38.91
N GLY HA 397 141.25 -6.69 -38.48
CA GLY HA 397 141.09 -6.98 -37.08
C GLY HA 397 142.18 -7.90 -36.58
N THR HA 398 142.99 -7.43 -35.63
CA THR HA 398 144.07 -8.24 -35.05
C THR HA 398 144.92 -7.33 -34.22
N GLY HA 399 145.59 -7.84 -33.20
CA GLY HA 399 146.46 -6.93 -32.49
C GLY HA 399 147.43 -6.22 -33.43
N GLN HA 400 147.64 -6.79 -34.60
CA GLN HA 400 148.59 -6.19 -35.54
C GLN HA 400 147.98 -5.17 -36.50
N ASP HA 401 148.31 -5.25 -37.78
CA ASP HA 401 147.86 -4.21 -38.71
C ASP HA 401 146.36 -4.00 -38.74
N ALA HA 402 145.97 -2.72 -38.83
CA ALA HA 402 144.58 -2.28 -38.74
C ALA HA 402 143.71 -2.79 -39.88
N PHE HA 403 142.43 -2.48 -39.83
CA PHE HA 403 141.44 -3.00 -40.77
C PHE HA 403 141.42 -2.16 -42.04
N ALA HA 404 141.01 -2.81 -43.14
CA ALA HA 404 140.91 -2.16 -44.45
C ALA HA 404 139.47 -1.71 -44.69
N ALA HA 405 139.30 -0.43 -45.02
CA ALA HA 405 137.97 0.14 -45.15
C ALA HA 405 137.34 -0.26 -46.48
N GLY HA 406 136.05 0.05 -46.61
CA GLY HA 406 135.32 -0.26 -47.82
C GLY HA 406 135.19 -1.73 -48.15
N SER HA 407 135.42 -2.61 -47.16
CA SER HA 407 135.36 -4.04 -47.39
C SER HA 407 133.97 -4.59 -47.06
N PHE HA 408 133.56 -5.58 -47.83
CA PHE HA 408 132.28 -6.24 -47.59
C PHE HA 408 132.36 -7.11 -46.34
N VAL HA 409 131.25 -7.17 -45.60
CA VAL HA 409 131.22 -7.93 -44.36
C VAL HA 409 130.14 -9.00 -44.42
N ALA HA 410 128.89 -8.59 -44.59
CA ALA HA 410 127.77 -9.52 -44.49
C ALA HA 410 126.55 -8.93 -45.19
N ALA HA 411 125.55 -9.77 -45.39
CA ALA HA 411 124.30 -9.36 -46.01
C ALA HA 411 123.13 -9.98 -45.25
N GLN HA 412 121.94 -9.47 -45.49
CA GLN HA 412 120.75 -10.06 -44.89
C GLN HA 412 119.55 -9.76 -45.77
N ALA HA 413 118.82 -10.79 -46.16
CA ALA HA 413 117.68 -10.62 -47.06
C ALA HA 413 116.72 -11.78 -46.92
N ALA HA 414 115.48 -11.56 -47.35
CA ALA HA 414 114.49 -12.62 -47.46
C ALA HA 414 114.62 -13.21 -48.87
N TRP HA 415 115.58 -14.12 -49.00
CA TRP HA 415 116.02 -14.57 -50.31
C TRP HA 415 114.94 -15.33 -51.07
N LYS HA 416 113.93 -15.86 -50.37
CA LYS HA 416 112.80 -16.47 -51.07
C LYS HA 416 112.06 -15.45 -51.94
N THR HA 417 112.26 -14.16 -51.69
CA THR HA 417 111.71 -13.10 -52.53
C THR HA 417 112.70 -12.00 -52.84
N ALA HA 418 113.88 -11.96 -52.20
CA ALA HA 418 114.82 -10.88 -52.47
C ALA HA 418 115.58 -11.10 -53.77
N PHE HA 419 115.95 -12.34 -54.05
CA PHE HA 419 116.70 -12.68 -55.25
C PHE HA 419 116.20 -14.01 -55.80
N TYR HA 420 115.99 -14.08 -57.10
CA TYR HA 420 115.40 -15.25 -57.72
C TYR HA 420 116.40 -15.96 -58.62
N ALA HA 421 116.40 -17.28 -58.56
CA ALA HA 421 117.18 -18.14 -59.43
C ALA HA 421 116.24 -18.91 -60.34
N VAL HA 422 116.55 -18.93 -61.63
CA VAL HA 422 115.67 -19.52 -62.64
C VAL HA 422 116.42 -20.63 -63.34
N GLU HA 423 115.74 -21.76 -63.51
CA GLU HA 423 116.30 -22.94 -64.17
C GLU HA 423 115.47 -23.27 -65.40
N LYS HA 424 116.13 -23.68 -66.49
CA LYS HA 424 115.41 -23.99 -67.72
C LYS HA 424 115.53 -25.45 -68.12
N ARG HA 425 116.75 -26.00 -68.12
CA ARG HA 425 116.96 -27.34 -68.62
C ARG HA 425 118.03 -28.03 -67.81
N PRO HA 426 117.78 -29.24 -67.31
CA PRO HA 426 118.82 -29.97 -66.57
C PRO HA 426 120.03 -30.25 -67.44
N MET HA 427 121.17 -30.44 -66.77
CA MET HA 427 122.41 -30.81 -67.46
C MET HA 427 122.18 -31.99 -68.38
N PHE HA 428 122.48 -31.80 -69.66
CA PHE HA 428 122.28 -32.83 -70.66
C PHE HA 428 123.61 -33.14 -71.33
N PHE HA 429 123.87 -34.44 -71.52
CA PHE HA 429 125.01 -34.94 -72.24
C PHE HA 429 124.55 -35.63 -73.51
N GLU HA 430 125.43 -35.65 -74.51
CA GLU HA 430 125.09 -36.26 -75.78
C GLU HA 430 126.37 -36.60 -76.53
N GLN HA 431 126.40 -37.81 -77.11
CA GLN HA 431 127.54 -38.24 -77.91
C GLN HA 431 127.62 -37.40 -79.18
N TYR HA 432 128.66 -36.57 -79.28
CA TYR HA 432 128.81 -35.63 -80.39
C TYR HA 432 129.17 -36.41 -81.65
N GLU HA 433 128.14 -36.99 -82.28
CA GLU HA 433 128.32 -37.65 -83.56
C GLU HA 433 128.91 -36.67 -84.57
N GLY HA 434 129.94 -37.13 -85.27
CA GLY HA 434 130.73 -36.23 -86.09
C GLY HA 434 131.93 -35.76 -85.30
N GLY HA 435 133.11 -36.22 -85.68
CA GLY HA 435 134.29 -36.05 -84.87
C GLY HA 435 134.59 -37.21 -83.95
N SER HA 436 133.74 -38.23 -83.92
CA SER HA 436 133.95 -39.44 -83.14
C SER HA 436 133.99 -40.64 -84.09
N SER HA 437 134.86 -41.59 -83.77
CA SER HA 437 135.10 -42.71 -84.68
C SER HA 437 135.07 -44.05 -83.94
N ALA HA 438 135.50 -45.11 -84.62
CA ALA HA 438 135.65 -46.41 -83.97
C ALA HA 438 136.85 -46.48 -83.04
N TRP HA 439 137.60 -45.38 -82.90
CA TRP HA 439 138.73 -45.33 -81.99
C TRP HA 439 138.62 -44.22 -80.95
N CYS HA 440 137.65 -43.32 -81.08
CA CYS HA 440 137.51 -42.21 -80.16
C CYS HA 440 136.04 -41.89 -79.98
N VAL HA 441 135.75 -41.12 -78.93
CA VAL HA 441 134.40 -40.63 -78.65
C VAL HA 441 134.54 -39.18 -78.20
N LYS HA 442 133.65 -38.32 -78.68
CA LYS HA 442 133.60 -36.94 -78.24
C LYS HA 442 132.18 -36.64 -77.77
N TYR HA 443 132.07 -35.98 -76.62
CA TYR HA 443 130.78 -35.72 -76.01
C TYR HA 443 130.51 -34.21 -75.99
N GLN HA 444 129.27 -33.87 -75.66
CA GLN HA 444 128.83 -32.49 -75.63
C GLN HA 444 127.74 -32.37 -74.59
N PHE HA 445 127.94 -31.47 -73.62
CA PHE HA 445 126.98 -31.28 -72.54
C PHE HA 445 126.65 -29.80 -72.41
N GLY HA 446 125.49 -29.54 -71.84
CA GLY HA 446 125.01 -28.18 -71.70
C GLY HA 446 123.85 -28.09 -70.73
N ALA HA 447 123.45 -26.85 -70.46
CA ALA HA 447 122.36 -26.53 -69.54
C ALA HA 447 122.05 -25.05 -69.68
N GLU HA 448 120.95 -24.64 -69.07
CA GLU HA 448 120.46 -23.26 -69.18
C GLU HA 448 119.88 -22.81 -67.86
N ASP HA 449 120.42 -21.72 -67.31
CA ASP HA 449 119.94 -21.18 -66.06
C ASP HA 449 120.27 -19.70 -66.00
N GLY HA 450 119.77 -19.06 -64.95
CA GLY HA 450 120.07 -17.66 -64.74
C GLY HA 450 119.57 -17.22 -63.38
N GLY HA 451 119.60 -15.92 -63.18
CA GLY HA 451 119.10 -15.34 -61.94
C GLY HA 451 118.97 -13.84 -62.07
N PHE HA 452 118.15 -13.27 -61.20
CA PHE HA 452 117.96 -11.84 -61.18
C PHE HA 452 117.62 -11.41 -59.76
N VAL HA 453 117.62 -10.10 -59.57
CA VAL HA 453 117.25 -9.54 -58.29
C VAL HA 453 115.73 -9.46 -58.20
N GLY HA 454 115.19 -9.80 -57.04
CA GLY HA 454 113.79 -9.60 -56.79
C GLY HA 454 113.58 -8.20 -56.27
N CYS HA 455 113.06 -8.07 -55.06
CA CYS HA 455 112.96 -6.76 -54.43
C CYS HA 455 114.17 -6.57 -53.53
N CYS HA 456 115.21 -5.92 -54.06
CA CYS HA 456 116.38 -5.66 -53.24
C CYS HA 456 116.12 -4.62 -52.17
N GLU HA 457 114.95 -4.00 -52.17
CA GLU HA 457 114.56 -3.14 -51.06
C GLU HA 457 114.28 -3.94 -49.80
N HIS HA 458 114.32 -5.27 -49.89
CA HIS HA 458 114.23 -6.11 -48.71
C HIS HA 458 115.59 -6.21 -48.02
N GLY HA 459 116.59 -6.73 -48.72
CA GLY HA 459 117.86 -7.02 -48.11
C GLY HA 459 118.75 -5.80 -47.94
N ARG HA 460 119.71 -5.94 -47.03
CA ARG HA 460 120.65 -4.88 -46.69
C ARG HA 460 122.04 -5.47 -46.56
N ILE HA 461 123.04 -4.60 -46.72
CA ILE HA 461 124.45 -4.98 -46.76
C ILE HA 461 125.19 -4.23 -45.67
N LEU HA 462 126.26 -4.86 -45.15
CA LEU HA 462 127.14 -4.24 -44.17
C LEU HA 462 128.53 -4.11 -44.76
N GLN HA 463 129.08 -2.90 -44.70
CA GLN HA 463 130.40 -2.61 -45.27
C GLN HA 463 131.26 -1.89 -44.24
N ILE HA 464 132.41 -1.39 -44.66
CA ILE HA 464 133.29 -0.63 -43.78
C ILE HA 464 133.35 0.82 -44.22
N THR IA 176 110.04 -15.36 -79.73
CA THR IA 176 108.89 -15.00 -78.92
C THR IA 176 109.24 -15.02 -77.43
N PRO IA 177 108.67 -14.09 -76.67
CA PRO IA 177 108.94 -14.04 -75.23
C PRO IA 177 108.20 -15.13 -74.48
N GLN IA 178 108.61 -15.32 -73.22
CA GLN IA 178 108.00 -16.26 -72.30
C GLN IA 178 107.42 -15.48 -71.13
N VAL IA 179 106.27 -15.91 -70.62
CA VAL IA 179 105.59 -15.24 -69.53
C VAL IA 179 105.47 -16.21 -68.35
N LEU IA 180 106.05 -15.81 -67.21
CA LEU IA 180 105.88 -16.56 -65.98
C LEU IA 180 104.92 -15.81 -65.06
N ALA IA 181 104.62 -16.41 -63.91
CA ALA IA 181 103.60 -15.91 -62.99
C ALA IA 181 104.22 -15.38 -61.69
N LEU IA 182 105.36 -14.71 -61.80
CA LEU IA 182 105.98 -14.07 -60.64
C LEU IA 182 105.62 -12.60 -60.63
N GLU IA 183 105.33 -12.08 -59.45
CA GLU IA 183 104.93 -10.69 -59.26
C GLU IA 183 105.67 -10.15 -58.04
N VAL IA 184 106.82 -9.50 -58.27
CA VAL IA 184 107.53 -8.87 -57.17
C VAL IA 184 106.66 -7.76 -56.58
N ASP IA 185 106.95 -7.41 -55.33
CA ASP IA 185 106.08 -6.51 -54.58
C ASP IA 185 106.71 -5.14 -54.37
N CYS IA 186 107.87 -5.07 -53.71
CA CYS IA 186 108.54 -3.80 -53.41
C CYS IA 186 107.59 -2.76 -52.83
N ASN IA 187 106.71 -3.20 -51.93
CA ASN IA 187 105.77 -2.29 -51.30
C ASN IA 187 105.45 -2.80 -49.91
N ILE IA 188 105.76 -2.01 -48.90
CA ILE IA 188 105.36 -2.32 -47.53
C ILE IA 188 103.97 -1.75 -47.30
N GLU IA 189 103.12 -2.51 -46.62
CA GLU IA 189 101.80 -1.97 -46.27
C GLU IA 189 101.91 -1.13 -45.01
N CYS IA 190 102.16 -1.77 -43.87
CA CYS IA 190 102.56 -1.17 -42.61
C CYS IA 190 102.78 -2.33 -41.66
N ALA IA 191 103.04 -2.06 -40.38
CA ALA IA 191 102.77 -3.09 -39.41
C ALA IA 191 101.26 -3.26 -39.26
N SER IA 192 100.85 -4.31 -38.56
CA SER IA 192 99.43 -4.63 -38.43
C SER IA 192 99.04 -4.60 -36.97
N LEU IA 193 97.95 -3.89 -36.65
CA LEU IA 193 97.42 -3.82 -35.31
C LEU IA 193 95.93 -4.15 -35.26
N LEU IA 194 95.35 -4.58 -36.38
CA LEU IA 194 93.92 -4.89 -36.44
C LEU IA 194 93.58 -6.23 -35.83
N ASP IA 195 94.57 -6.97 -35.33
CA ASP IA 195 94.36 -8.29 -34.75
C ASP IA 195 94.23 -8.27 -33.23
N LEU IA 196 95.01 -7.42 -32.57
CA LEU IA 196 95.00 -7.40 -31.11
C LEU IA 196 93.70 -6.83 -30.57
N TYR IA 197 93.10 -5.88 -31.28
CA TYR IA 197 91.85 -5.28 -30.84
C TYR IA 197 90.73 -6.32 -30.84
N GLY IA 198 89.75 -6.11 -29.97
CA GLY IA 198 88.55 -6.92 -29.99
C GLY IA 198 87.72 -6.64 -31.22
N GLN IA 199 87.61 -7.61 -32.11
CA GLN IA 199 86.89 -7.42 -33.36
C GLN IA 199 85.43 -7.77 -33.19
N ILE IA 200 84.55 -6.94 -33.75
CA ILE IA 200 83.11 -7.15 -33.65
C ILE IA 200 82.45 -6.84 -34.98
N GLU IA 201 81.70 -7.81 -35.51
CA GLU IA 201 80.87 -7.61 -36.67
C GLU IA 201 79.51 -7.08 -36.24
N VAL IA 202 78.96 -6.16 -37.05
CA VAL IA 202 77.79 -5.40 -36.65
C VAL IA 202 76.81 -5.33 -37.81
N SER IA 203 75.74 -4.55 -37.62
CA SER IA 203 74.70 -4.34 -38.60
C SER IA 203 74.51 -2.84 -38.67
N ARG IA 204 73.36 -2.39 -39.17
CA ARG IA 204 73.05 -0.97 -39.31
C ARG IA 204 73.57 -0.16 -38.12
N SER IA 205 74.12 1.01 -38.45
CA SER IA 205 75.01 1.76 -37.57
C SER IA 205 74.37 2.22 -36.26
N THR IA 206 75.15 2.92 -35.44
CA THR IA 206 74.76 3.40 -34.11
C THR IA 206 74.42 2.23 -33.20
N PHE IA 207 75.46 1.46 -32.90
CA PHE IA 207 75.35 0.34 -31.96
C PHE IA 207 75.28 0.86 -30.53
N THR IA 208 74.94 -0.03 -29.60
CA THR IA 208 74.86 0.33 -28.19
C THR IA 208 75.14 -0.90 -27.34
N TYR IA 209 75.45 -0.67 -26.07
CA TYR IA 209 75.82 -1.75 -25.15
C TYR IA 209 75.88 -1.21 -23.73
N MET IA 210 76.23 -2.10 -22.80
CA MET IA 210 76.28 -1.83 -21.38
C MET IA 210 77.70 -1.46 -20.93
N LYS IA 211 77.78 -0.84 -19.76
CA LYS IA 211 79.03 -0.34 -19.21
C LYS IA 211 79.07 -0.49 -17.70
N ILE IA 212 78.69 -1.68 -17.18
CA ILE IA 212 78.54 -1.89 -15.75
C ILE IA 212 79.73 -1.31 -15.00
N ALA IA 213 79.42 -0.40 -14.07
CA ALA IA 213 80.46 0.47 -13.52
C ALA IA 213 81.22 -0.21 -12.41
N ASP IA 214 80.53 -0.61 -11.35
CA ASP IA 214 81.20 -1.19 -10.19
C ASP IA 214 80.18 -1.98 -9.38
N TYR IA 215 80.50 -3.24 -9.11
CA TYR IA 215 79.70 -4.02 -8.19
C TYR IA 215 79.86 -3.47 -6.78
N GLY IA 216 78.73 -3.29 -6.09
CA GLY IA 216 78.73 -2.77 -4.75
C GLY IA 216 78.70 -3.89 -3.72
N GLN IA 217 79.28 -3.63 -2.56
CA GLN IA 217 79.27 -4.61 -1.48
C GLN IA 217 77.82 -4.81 -1.02
N LEU IA 218 77.26 -5.98 -1.35
CA LEU IA 218 75.84 -6.20 -1.09
C LEU IA 218 75.60 -6.63 0.35
N GLY IA 219 76.18 -7.76 0.76
CA GLY IA 219 75.96 -8.29 2.10
C GLY IA 219 76.84 -7.70 3.19
N GLU IA 220 77.07 -8.43 4.28
CA GLU IA 220 77.83 -7.85 5.40
C GLU IA 220 78.77 -8.78 6.18
N TYR IA 221 78.25 -9.92 6.63
CA TYR IA 221 79.04 -10.96 7.34
C TYR IA 221 78.06 -11.48 8.34
N THR IA 222 77.79 -10.68 9.35
CA THR IA 222 76.78 -11.03 10.36
C THR IA 222 77.15 -12.11 11.34
N CYS IA 223 76.70 -11.95 12.57
CA CYS IA 223 76.91 -12.97 13.55
C CYS IA 223 75.85 -13.99 13.27
N ASP IA 224 75.51 -14.78 14.26
CA ASP IA 224 74.54 -15.84 14.01
C ASP IA 224 73.33 -15.68 14.90
N ALA IA 225 72.90 -14.44 15.05
CA ALA IA 225 71.76 -14.17 15.89
C ALA IA 225 70.78 -13.28 15.20
N LYS IA 226 71.23 -12.09 14.79
CA LYS IA 226 70.23 -11.19 14.23
C LYS IA 226 69.46 -11.89 13.11
N CYS IA 227 68.13 -11.87 13.21
CA CYS IA 227 67.28 -12.39 12.14
C CYS IA 227 66.93 -11.30 11.14
N ASP IA 228 67.95 -10.56 10.70
CA ASP IA 228 67.80 -9.48 9.74
C ASP IA 228 69.18 -9.01 9.31
N ALA IA 229 69.29 -8.60 8.06
CA ALA IA 229 70.53 -8.12 7.48
C ALA IA 229 70.48 -6.60 7.33
N GLU IA 230 71.50 -6.05 6.67
CA GLU IA 230 71.57 -4.63 6.37
C GLU IA 230 71.89 -4.44 4.89
N PHE IA 231 71.22 -3.48 4.27
CA PHE IA 231 71.36 -3.27 2.84
C PHE IA 231 72.72 -2.66 2.50
N GLY IA 232 73.07 -2.74 1.22
CA GLY IA 232 74.34 -2.21 0.74
C GLY IA 232 74.16 -1.26 -0.43
N GLU IA 233 75.25 -0.98 -1.15
CA GLU IA 233 75.13 -0.05 -2.26
C GLU IA 233 75.12 -0.79 -3.59
N PRO IA 234 74.25 -0.38 -4.52
CA PRO IA 234 74.19 -1.04 -5.82
C PRO IA 234 75.06 -0.38 -6.87
N GLY IA 235 75.14 -0.97 -8.05
CA GLY IA 235 75.92 -0.45 -9.14
C GLY IA 235 75.07 0.18 -10.23
N ASN IA 236 75.73 0.47 -11.36
CA ASN IA 236 75.10 1.13 -12.49
C ASN IA 236 75.40 0.36 -13.77
N ILE IA 237 74.74 0.77 -14.86
CA ILE IA 237 74.82 0.09 -16.14
C ILE IA 237 75.35 1.00 -17.24
N ARG IA 238 74.73 2.17 -17.40
CA ARG IA 238 75.17 3.19 -18.38
C ARG IA 238 75.18 2.62 -19.79
N HIS IA 239 73.96 2.40 -20.32
CA HIS IA 239 73.75 1.83 -21.64
C HIS IA 239 74.24 2.84 -22.67
N LEU IA 240 75.55 2.87 -22.89
CA LEU IA 240 76.13 3.83 -23.81
C LEU IA 240 76.30 3.22 -25.19
N GLU IA 241 76.48 4.10 -26.18
CA GLU IA 241 76.39 3.69 -27.57
C GLU IA 241 77.54 4.31 -28.36
N GLY IA 242 77.57 4.00 -29.65
CA GLY IA 242 78.62 4.47 -30.53
C GLY IA 242 78.27 4.37 -32.01
N LYS IA 243 78.74 5.34 -32.78
CA LYS IA 243 78.54 5.38 -34.22
C LYS IA 243 79.74 4.76 -34.95
N THR IA 244 79.59 4.60 -36.26
CA THR IA 244 80.63 4.05 -37.11
C THR IA 244 80.78 4.91 -38.35
N TYR IA 245 82.00 4.93 -38.90
CA TYR IA 245 82.31 5.78 -40.05
C TYR IA 245 82.36 4.94 -41.33
N ASP IA 246 82.65 5.61 -42.44
CA ASP IA 246 82.67 4.97 -43.74
C ASP IA 246 83.83 5.50 -44.57
N TYR IA 247 84.12 4.78 -45.65
CA TYR IA 247 85.26 5.07 -46.52
C TYR IA 247 84.89 4.65 -47.93
N ARG IA 248 85.03 5.57 -48.89
CA ARG IA 248 84.53 5.35 -50.24
C ARG IA 248 85.49 5.94 -51.26
N GLY IA 249 85.15 5.77 -52.53
CA GLY IA 249 86.00 6.29 -53.59
C GLY IA 249 85.43 5.94 -54.95
N VAL IA 250 86.03 6.54 -55.98
CA VAL IA 250 85.62 6.34 -57.37
C VAL IA 250 86.85 6.32 -58.26
N PHE IA 251 86.65 5.80 -59.47
CA PHE IA 251 87.72 5.75 -60.48
C PHE IA 251 87.14 5.32 -61.82
N CYS IA 252 87.77 5.77 -62.91
CA CYS IA 252 87.28 5.48 -64.25
C CYS IA 252 88.10 4.39 -64.92
N PHE IA 253 87.58 3.94 -66.06
CA PHE IA 253 88.27 3.04 -66.97
C PHE IA 253 87.91 3.42 -68.40
N ASN IA 254 88.87 3.26 -69.30
CA ASN IA 254 88.52 3.25 -70.71
C ASN IA 254 87.87 1.91 -71.06
N ARG IA 255 87.05 1.92 -72.10
CA ARG IA 255 86.32 0.71 -72.46
C ARG IA 255 87.18 -0.24 -73.29
N LYS IA 256 87.81 0.26 -74.34
CA LYS IA 256 88.66 -0.59 -75.16
C LYS IA 256 89.92 -1.00 -74.40
N ASN IA 257 90.52 -0.07 -73.65
CA ASN IA 257 91.76 -0.34 -72.94
C ASN IA 257 91.66 -1.49 -71.93
N LEU IA 258 90.45 -1.97 -71.65
CA LEU IA 258 90.29 -3.05 -70.70
C LEU IA 258 90.32 -4.43 -71.36
N GLN IA 259 89.96 -4.52 -72.65
CA GLN IA 259 89.95 -5.81 -73.31
C GLN IA 259 91.36 -6.28 -73.65
N GLU IA 260 92.14 -5.45 -74.36
CA GLU IA 260 93.54 -5.75 -74.63
C GLU IA 260 94.35 -5.41 -73.38
N ALA IA 261 95.68 -5.35 -73.51
CA ALA IA 261 96.56 -5.09 -72.38
C ALA IA 261 96.37 -6.16 -71.31
N ASN IA 262 96.81 -7.37 -71.66
CA ASN IA 262 96.49 -8.64 -71.01
C ASN IA 262 96.29 -8.55 -69.50
N TYR IA 263 97.17 -7.84 -68.79
CA TYR IA 263 97.03 -7.74 -67.35
C TYR IA 263 95.69 -7.10 -66.97
N ASP IA 264 95.01 -7.72 -66.00
CA ASP IA 264 93.68 -7.29 -65.60
C ASP IA 264 93.80 -6.12 -64.63
N PHE IA 265 93.46 -4.93 -65.10
CA PHE IA 265 93.51 -3.75 -64.23
C PHE IA 265 92.44 -3.80 -63.14
N LEU IA 266 91.33 -4.48 -63.39
CA LEU IA 266 90.20 -4.47 -62.46
C LEU IA 266 90.58 -5.06 -61.10
N SER IA 267 91.13 -6.29 -61.12
CA SER IA 267 91.52 -6.93 -59.87
C SER IA 267 92.61 -6.13 -59.16
N PHE IA 268 93.52 -5.54 -59.92
CA PHE IA 268 94.57 -4.72 -59.32
C PHE IA 268 93.98 -3.52 -58.59
N MET IA 269 93.00 -2.85 -59.22
CA MET IA 269 92.35 -1.71 -58.58
C MET IA 269 91.60 -2.13 -57.33
N ILE IA 270 90.87 -3.26 -57.41
CA ILE IA 270 90.15 -3.75 -56.24
C ILE IA 270 91.12 -4.04 -55.10
N GLY IA 271 92.25 -4.67 -55.40
CA GLY IA 271 93.21 -4.98 -54.36
C GLY IA 271 93.85 -3.75 -53.77
N ALA IA 272 94.20 -2.77 -54.61
CA ALA IA 272 94.76 -1.54 -54.09
C ALA IA 272 93.75 -0.75 -53.25
N ALA IA 273 92.47 -0.85 -53.57
CA ALA IA 273 91.46 -0.17 -52.78
C ALA IA 273 91.26 -0.85 -51.44
N GLN IA 274 91.22 -2.17 -51.42
CA GLN IA 274 91.16 -2.89 -50.16
C GLN IA 274 92.37 -2.59 -49.29
N ARG IA 275 93.55 -2.54 -49.89
CA ARG IA 275 94.77 -2.31 -49.10
C ARG IA 275 94.81 -0.87 -48.56
N SER IA 276 94.43 0.10 -49.39
CA SER IA 276 94.37 1.48 -48.91
C SER IA 276 93.34 1.63 -47.79
N HIS IA 277 92.19 0.96 -47.93
CA HIS IA 277 91.21 0.96 -46.86
C HIS IA 277 91.79 0.37 -45.58
N ARG IA 278 92.56 -0.71 -45.71
CA ARG IA 278 93.15 -1.35 -44.53
C ARG IA 278 94.15 -0.42 -43.85
N ILE IA 279 95.01 0.23 -44.63
CA ILE IA 279 96.01 1.12 -44.03
C ILE IA 279 95.33 2.34 -43.42
N ASN IA 280 94.27 2.84 -44.03
CA ASN IA 280 93.55 3.97 -43.44
C ASN IA 280 92.88 3.54 -42.14
N ARG IA 281 92.30 2.34 -42.11
CA ARG IA 281 91.71 1.82 -40.88
C ARG IA 281 92.74 1.72 -39.78
N ASN IA 282 93.92 1.17 -40.10
CA ASN IA 282 94.96 1.03 -39.10
C ASN IA 282 95.46 2.37 -38.59
N GLN IA 283 95.66 3.33 -39.50
CA GLN IA 283 96.10 4.66 -39.07
C GLN IA 283 95.05 5.34 -38.23
N ALA IA 284 93.77 5.21 -38.60
CA ALA IA 284 92.69 5.89 -37.89
C ALA IA 284 92.52 5.32 -36.49
N LEU IA 285 92.53 3.98 -36.36
CA LEU IA 285 92.34 3.37 -35.05
C LEU IA 285 93.42 3.79 -34.05
N MET IA 286 94.48 4.47 -34.49
CA MET IA 286 95.50 5.00 -33.61
C MET IA 286 95.43 6.52 -33.47
N ILE IA 287 95.40 7.24 -34.58
CA ILE IA 287 95.47 8.71 -34.54
C ILE IA 287 94.24 9.32 -35.20
N GLY IA 288 93.09 8.67 -35.04
CA GLY IA 288 91.85 9.08 -35.67
C GLY IA 288 91.17 10.24 -34.95
N LYS IA 289 91.61 11.46 -35.25
CA LYS IA 289 91.28 12.65 -34.47
C LYS IA 289 89.80 13.00 -34.64
N GLY IA 290 88.97 12.31 -33.86
CA GLY IA 290 87.61 12.74 -33.62
C GLY IA 290 86.67 12.78 -34.82
N VAL IA 291 86.37 13.99 -35.27
CA VAL IA 291 85.39 14.24 -36.32
C VAL IA 291 85.67 13.36 -37.52
N ASN IA 292 84.67 12.58 -37.93
CA ASN IA 292 84.71 11.62 -39.04
C ASN IA 292 86.00 10.78 -39.05
N GLU IA 293 86.58 10.58 -37.88
CA GLU IA 293 87.79 9.78 -37.70
C GLU IA 293 87.64 8.92 -36.45
N PRO IA 294 87.64 7.60 -36.58
CA PRO IA 294 87.50 6.74 -35.40
C PRO IA 294 88.49 7.13 -34.32
N LYS IA 295 87.98 7.34 -33.11
CA LYS IA 295 88.74 8.04 -32.08
C LYS IA 295 89.91 7.16 -31.64
N GLY IA 296 91.10 7.48 -32.14
CA GLY IA 296 92.27 6.68 -31.85
C GLY IA 296 92.66 6.82 -30.38
N TRP IA 297 93.05 5.70 -29.77
CA TRP IA 297 93.41 5.70 -28.36
C TRP IA 297 94.62 6.57 -28.06
N LEU IA 298 95.44 6.89 -29.07
CA LEU IA 298 96.51 7.84 -28.86
C LEU IA 298 95.96 9.22 -28.51
N THR IA 299 94.82 9.57 -29.11
CA THR IA 299 94.24 10.89 -28.93
C THR IA 299 93.37 10.97 -27.68
N GLU IA 300 92.68 9.88 -27.35
CA GLU IA 300 91.77 9.88 -26.20
C GLU IA 300 92.51 10.20 -24.91
N ASN IA 301 93.69 9.61 -24.73
CA ASN IA 301 94.58 9.88 -23.60
C ASN IA 301 93.93 9.57 -22.25
N CYS IA 302 92.90 8.73 -22.24
CA CYS IA 302 92.33 8.26 -20.98
C CYS IA 302 93.09 7.06 -20.43
N PHE IA 303 94.17 6.65 -21.07
CA PHE IA 303 95.02 5.61 -20.54
C PHE IA 303 95.93 6.19 -19.46
N PRO IA 304 96.10 5.49 -18.34
CA PRO IA 304 97.13 5.89 -17.38
C PRO IA 304 98.51 5.87 -18.05
N VAL IA 305 99.25 6.95 -17.85
CA VAL IA 305 100.56 7.08 -18.49
C VAL IA 305 101.60 7.43 -17.44
N PHE IA 306 102.76 6.79 -17.53
CA PHE IA 306 103.92 7.11 -16.71
C PHE IA 306 105.02 7.65 -17.61
N GLN IA 307 105.97 8.35 -17.00
CA GLN IA 307 107.06 8.98 -17.73
C GLN IA 307 108.35 8.79 -16.96
N THR IA 308 109.46 8.74 -17.69
CA THR IA 308 110.76 8.64 -17.08
C THR IA 308 111.18 9.97 -16.47
N LEU IA 309 112.07 9.90 -15.50
CA LEU IA 309 112.60 11.14 -14.96
C LEU IA 309 113.96 11.46 -15.59
N PRO IA 310 114.31 12.73 -15.70
CA PRO IA 310 115.56 13.10 -16.36
C PRO IA 310 116.77 12.65 -15.54
N VAL IA 311 117.93 12.75 -16.17
CA VAL IA 311 119.21 12.43 -15.54
C VAL IA 311 119.96 13.73 -15.34
N ASP IA 312 120.64 13.85 -14.20
CA ASP IA 312 121.33 15.09 -13.84
C ASP IA 312 122.80 14.96 -14.22
N VAL IA 313 123.08 15.15 -15.51
CA VAL IA 313 124.46 15.16 -16.00
C VAL IA 313 125.02 16.57 -15.86
N ASN IA 314 126.13 16.68 -15.15
CA ASN IA 314 126.84 17.93 -14.84
C ASN IA 314 125.88 19.10 -14.61
N GLY IA 315 124.92 18.85 -13.73
CA GLY IA 315 123.99 19.88 -13.28
C GLY IA 315 123.10 20.45 -14.37
N THR IA 316 122.43 19.59 -15.14
CA THR IA 316 121.52 20.02 -16.17
C THR IA 316 120.12 19.41 -16.05
N SER IA 317 120.01 18.19 -15.53
CA SER IA 317 118.73 17.49 -15.40
C SER IA 317 118.02 17.39 -16.74
N THR IA 318 118.76 16.99 -17.76
CA THR IA 318 118.18 16.83 -19.08
C THR IA 318 117.42 15.51 -19.19
N PRO IA 319 116.30 15.49 -19.92
CA PRO IA 319 115.55 14.24 -20.07
C PRO IA 319 116.39 13.17 -20.74
N ALA IA 320 116.22 11.93 -20.28
CA ALA IA 320 116.96 10.80 -20.81
C ALA IA 320 116.11 9.54 -20.61
N PHE IA 321 116.65 8.40 -21.02
CA PHE IA 321 115.88 7.17 -21.02
C PHE IA 321 116.84 5.98 -20.94
N LEU IA 322 116.86 5.30 -19.80
CA LEU IA 322 117.66 4.09 -19.60
C LEU IA 322 116.73 2.89 -19.41
N ALA IA 323 117.36 1.73 -19.18
CA ALA IA 323 116.61 0.48 -19.16
C ALA IA 323 115.72 0.37 -17.92
N GLN IA 324 116.19 0.88 -16.77
CA GLN IA 324 115.44 0.73 -15.54
C GLN IA 324 114.05 1.34 -15.64
N ASP IA 325 113.91 2.43 -16.41
CA ASP IA 325 112.60 3.02 -16.63
C ASP IA 325 111.66 2.03 -17.30
N TRP IA 326 112.12 1.39 -18.37
CA TRP IA 326 111.31 0.36 -19.03
C TRP IA 326 110.98 -0.77 -18.07
N ARG IA 327 111.97 -1.23 -17.31
CA ARG IA 327 111.76 -2.33 -16.39
C ARG IA 327 110.65 -2.01 -15.40
N ARG IA 328 110.67 -0.79 -14.86
CA ARG IA 328 109.64 -0.41 -13.89
C ARG IA 328 108.29 -0.19 -14.57
N PHE IA 329 108.30 0.32 -15.80
CA PHE IA 329 107.04 0.51 -16.52
C PHE IA 329 106.36 -0.83 -16.80
N VAL IA 330 107.13 -1.83 -17.22
CA VAL IA 330 106.54 -3.11 -17.58
C VAL IA 330 106.15 -3.88 -16.33
N THR IA 331 106.96 -3.80 -15.27
CA THR IA 331 106.64 -4.55 -14.06
C THR IA 331 105.48 -3.93 -13.29
N SER IA 332 105.28 -2.62 -13.42
CA SER IA 332 104.22 -1.95 -12.67
C SER IA 332 102.83 -2.26 -13.18
N PHE IA 333 102.70 -2.98 -14.29
CA PHE IA 333 101.37 -3.27 -14.84
C PHE IA 333 100.62 -4.21 -13.90
N PRO IA 334 99.36 -3.94 -13.60
CA PRO IA 334 98.60 -4.85 -12.73
C PRO IA 334 98.27 -6.16 -13.42
N ALA IA 335 98.92 -7.24 -12.97
CA ALA IA 335 98.72 -8.55 -13.59
C ALA IA 335 97.31 -9.08 -13.37
N GLU IA 336 96.52 -8.46 -12.49
CA GLU IA 336 95.14 -8.87 -12.28
C GLU IA 336 94.28 -8.68 -13.53
N TYR IA 337 94.78 -7.94 -14.52
CA TYR IA 337 94.09 -7.80 -15.80
C TYR IA 337 94.35 -8.98 -16.74
N GLY IA 338 95.29 -9.84 -16.42
CA GLY IA 338 95.68 -10.93 -17.29
C GLY IA 338 96.91 -10.60 -18.09
N GLU IA 339 97.10 -11.35 -19.17
CA GLU IA 339 98.19 -11.06 -20.09
C GLU IA 339 97.89 -9.77 -20.86
N ALA IA 340 98.93 -8.97 -21.08
CA ALA IA 340 98.79 -7.70 -21.78
C ALA IA 340 99.94 -7.58 -22.78
N ARG IA 341 99.63 -7.03 -23.95
CA ARG IA 341 100.62 -6.87 -25.01
C ARG IA 341 101.11 -5.43 -25.09
N SER IA 342 102.40 -5.28 -25.37
CA SER IA 342 103.03 -3.97 -25.46
C SER IA 342 103.47 -3.72 -26.90
N VAL IA 343 103.56 -2.45 -27.25
CA VAL IA 343 103.89 -2.02 -28.61
C VAL IA 343 104.80 -0.80 -28.56
N MET IA 344 105.68 -0.70 -29.56
CA MET IA 344 106.64 0.37 -29.69
C MET IA 344 107.18 0.38 -31.11
N HIS IA 345 108.07 1.34 -31.39
CA HIS IA 345 108.69 1.48 -32.70
C HIS IA 345 110.04 0.79 -32.73
N GLN IA 346 110.44 0.32 -33.91
CA GLN IA 346 111.68 -0.43 -34.01
C GLN IA 346 112.91 0.43 -33.78
N ASN IA 347 112.81 1.75 -33.99
CA ASN IA 347 113.89 2.63 -33.57
C ASN IA 347 114.10 2.53 -32.06
N VAL IA 348 113.01 2.51 -31.30
CA VAL IA 348 113.10 2.34 -29.86
C VAL IA 348 113.72 0.99 -29.52
N PHE IA 349 113.30 -0.06 -30.22
CA PHE IA 349 113.86 -1.39 -30.01
C PHE IA 349 115.37 -1.39 -30.23
N GLY IA 350 115.82 -0.75 -31.31
CA GLY IA 350 117.24 -0.68 -31.57
C GLY IA 350 117.99 0.11 -30.52
N TYR IA 351 117.41 1.22 -30.07
CA TYR IA 351 118.07 2.04 -29.06
C TYR IA 351 118.17 1.28 -27.74
N LEU IA 352 117.14 0.50 -27.40
CA LEU IA 352 117.21 -0.37 -26.22
C LEU IA 352 118.30 -1.41 -26.40
N ALA IA 353 118.35 -2.06 -27.56
CA ALA IA 353 119.41 -3.01 -27.86
C ALA IA 353 120.78 -2.34 -27.86
N ALA IA 354 120.84 -1.03 -28.07
CA ALA IA 354 122.10 -0.30 -28.11
C ALA IA 354 122.57 0.16 -26.74
N MET IA 355 122.06 -0.46 -25.67
CA MET IA 355 122.47 -0.10 -24.33
C MET IA 355 123.69 -0.90 -23.91
N VAL IA 356 124.40 -0.37 -22.92
CA VAL IA 356 125.71 -0.90 -22.56
C VAL IA 356 125.97 -0.60 -21.08
N ASP IA 357 126.58 -1.56 -20.39
CA ASP IA 357 126.93 -1.40 -18.98
C ASP IA 357 128.16 -0.51 -18.85
N ALA IA 358 128.61 -0.31 -17.61
CA ALA IA 358 129.81 0.47 -17.38
C ALA IA 358 131.06 -0.26 -17.87
N ASN IA 359 131.02 -1.60 -17.88
CA ASN IA 359 132.18 -2.37 -18.32
C ASN IA 359 132.40 -2.29 -19.83
N GLY IA 360 131.39 -1.89 -20.58
CA GLY IA 360 131.42 -1.97 -22.03
C GLY IA 360 130.65 -3.14 -22.59
N ARG IA 361 130.11 -3.99 -21.73
CA ARG IA 361 129.38 -5.17 -22.15
C ARG IA 361 127.92 -4.83 -22.47
N PHE IA 362 127.33 -5.58 -23.38
CA PHE IA 362 125.95 -5.34 -23.79
C PHE IA 362 124.97 -6.02 -22.87
N LEU IA 363 124.00 -5.27 -22.35
CA LEU IA 363 123.01 -5.81 -21.40
C LEU IA 363 122.19 -6.94 -21.95
N PHE IA 364 121.49 -6.64 -23.02
CA PHE IA 364 120.51 -7.58 -23.50
C PHE IA 364 120.97 -8.65 -24.44
N GLY IA 365 120.06 -9.59 -24.68
CA GLY IA 365 120.39 -10.67 -25.57
C GLY IA 365 121.80 -11.07 -25.25
N ASP IA 366 122.10 -11.16 -23.95
CA ASP IA 366 123.42 -11.60 -23.57
C ASP IA 366 123.68 -12.76 -24.46
N GLY IA 367 122.64 -13.54 -24.70
CA GLY IA 367 122.75 -14.66 -25.62
C GLY IA 367 123.77 -14.48 -26.71
N ASP IA 368 123.45 -13.66 -27.71
CA ASP IA 368 124.37 -13.58 -28.82
C ASP IA 368 124.07 -12.54 -29.84
N LEU IA 369 124.77 -12.65 -30.97
CA LEU IA 369 124.57 -11.71 -32.03
C LEU IA 369 123.25 -11.94 -32.74
N THR IA 370 122.34 -12.69 -32.13
CA THR IA 370 121.03 -12.85 -32.73
C THR IA 370 120.01 -12.32 -31.77
N PHE IA 371 120.07 -11.02 -31.51
CA PHE IA 371 119.06 -10.42 -30.67
C PHE IA 371 117.89 -10.38 -31.58
N THR IA 372 117.63 -11.49 -32.24
CA THR IA 372 116.60 -11.54 -33.23
C THR IA 372 115.40 -10.79 -32.71
N PRO IA 373 115.05 -9.70 -33.38
CA PRO IA 373 113.82 -9.03 -32.98
C PRO IA 373 112.63 -9.92 -33.31
N ASP IA 374 112.56 -11.04 -32.58
CA ASP IA 374 111.68 -12.14 -32.91
C ASP IA 374 110.22 -11.79 -32.61
N LEU IA 375 109.99 -10.98 -31.58
CA LEU IA 375 108.67 -10.45 -31.24
C LEU IA 375 107.62 -11.55 -31.17
N VAL IA 376 108.04 -12.79 -30.87
CA VAL IA 376 107.26 -13.97 -31.26
C VAL IA 376 105.82 -13.86 -30.77
N ARG IA 377 105.59 -13.94 -29.47
CA ARG IA 377 104.30 -13.59 -28.87
C ARG IA 377 104.42 -12.77 -27.60
N GLU IA 378 105.51 -12.87 -26.85
CA GLU IA 378 105.61 -12.24 -25.54
C GLU IA 378 105.98 -10.76 -25.69
N ARG IA 379 106.35 -10.13 -24.57
CA ARG IA 379 106.43 -8.68 -24.51
C ARG IA 379 107.69 -8.12 -25.19
N ILE IA 380 107.72 -8.36 -26.50
CA ILE IA 380 108.47 -7.57 -27.46
C ILE IA 380 107.61 -7.55 -28.72
N ARG IA 381 107.29 -6.36 -29.21
CA ARG IA 381 106.42 -6.23 -30.38
C ARG IA 381 106.65 -4.87 -31.01
N ILE IA 382 106.71 -4.86 -32.34
CA ILE IA 382 107.17 -3.70 -33.11
C ILE IA 382 106.09 -3.29 -34.12
N SER IA 383 105.83 -2.00 -34.19
CA SER IA 383 104.98 -1.43 -35.24
C SER IA 383 105.54 -0.08 -35.63
N ASN IA 384 106.01 0.04 -36.87
CA ASN IA 384 106.51 1.32 -37.37
C ASN IA 384 105.39 2.23 -37.84
N CYS IA 385 104.13 1.80 -37.70
CA CYS IA 385 102.99 2.67 -37.93
C CYS IA 385 102.87 3.75 -36.85
N LEU IA 386 103.70 3.69 -35.82
CA LEU IA 386 103.65 4.54 -34.64
C LEU IA 386 104.62 5.69 -34.78
N PRO IA 387 104.52 6.70 -33.89
CA PRO IA 387 105.54 7.75 -33.86
C PRO IA 387 106.73 7.32 -33.02
N ASP IA 388 107.94 7.56 -33.54
CA ASP IA 388 109.06 7.17 -32.72
C ASP IA 388 109.70 8.38 -32.06
N PRO IA 389 110.09 8.26 -30.79
CA PRO IA 389 110.75 9.37 -30.09
C PRO IA 389 112.21 9.56 -30.43
N THR IA 390 112.74 8.81 -31.40
CA THR IA 390 114.10 9.01 -31.87
C THR IA 390 114.17 10.01 -33.02
N GLU IA 391 113.03 10.56 -33.43
CA GLU IA 391 112.94 11.47 -34.57
C GLU IA 391 113.69 10.88 -35.77
N GLY IA 392 113.25 9.70 -36.18
CA GLY IA 392 114.04 8.91 -37.09
C GLY IA 392 115.13 8.20 -36.32
N ASN IA 393 116.35 8.69 -36.47
CA ASN IA 393 117.49 8.20 -35.69
C ASN IA 393 118.43 9.37 -35.45
N THR IA 394 119.66 9.06 -35.04
CA THR IA 394 120.71 10.04 -34.70
C THR IA 394 120.13 11.27 -34.00
N LYS IA 395 119.22 11.01 -33.06
CA LYS IA 395 118.55 12.14 -32.44
C LYS IA 395 117.99 11.81 -31.11
N GLY IA 396 118.11 12.74 -30.18
CA GLY IA 396 117.49 12.55 -28.87
C GLY IA 396 118.22 11.60 -27.99
N GLY IA 397 118.29 10.35 -28.40
CA GLY IA 397 119.39 9.51 -28.00
C GLY IA 397 120.66 10.08 -28.53
N THR IA 398 121.39 9.31 -29.35
CA THR IA 398 122.63 9.77 -29.99
C THR IA 398 123.69 10.43 -29.12
N GLY IA 399 124.94 10.10 -29.37
CA GLY IA 399 125.98 10.80 -28.64
C GLY IA 399 125.79 12.31 -28.66
N GLN IA 400 125.16 12.83 -29.71
CA GLN IA 400 124.90 14.25 -29.86
C GLN IA 400 123.55 14.58 -29.21
N ASP IA 401 122.97 15.73 -29.56
CA ASP IA 401 121.94 16.43 -28.79
C ASP IA 401 120.90 15.50 -28.16
N ALA IA 402 120.46 15.87 -26.96
CA ALA IA 402 119.69 15.00 -26.08
C ALA IA 402 118.27 14.77 -26.62
N PHE IA 403 117.48 14.05 -25.83
CA PHE IA 403 116.13 13.64 -26.20
C PHE IA 403 115.19 14.85 -26.26
N ALA IA 404 113.94 14.56 -26.57
CA ALA IA 404 112.84 15.51 -26.49
C ALA IA 404 111.90 15.11 -25.37
N ALA IA 405 111.46 16.10 -24.59
CA ALA IA 405 110.65 15.82 -23.42
C ALA IA 405 109.21 15.49 -23.83
N GLY IA 406 108.53 14.73 -22.97
CA GLY IA 406 107.14 14.38 -23.16
C GLY IA 406 106.84 13.62 -24.44
N SER IA 407 107.86 13.08 -25.09
CA SER IA 407 107.65 12.34 -26.32
C SER IA 407 107.13 10.93 -26.02
N PHE IA 408 106.25 10.46 -26.89
CA PHE IA 408 105.68 9.12 -26.70
C PHE IA 408 106.75 8.06 -26.88
N VAL IA 409 106.68 7.03 -26.04
CA VAL IA 409 107.68 5.96 -26.07
C VAL IA 409 107.01 4.64 -26.45
N ALA IA 410 106.05 4.19 -25.65
CA ALA IA 410 105.49 2.88 -25.90
C ALA IA 410 104.12 2.76 -25.25
N ALA IA 411 103.45 1.64 -25.52
CA ALA IA 411 102.15 1.36 -24.94
C ALA IA 411 102.11 -0.09 -24.48
N GLN IA 412 101.18 -0.38 -23.57
CA GLN IA 412 101.01 -1.76 -23.11
C GLN IA 412 99.59 -1.93 -22.58
N ALA IA 413 98.78 -2.72 -23.28
CA ALA IA 413 97.38 -2.86 -22.94
C ALA IA 413 96.89 -4.28 -23.20
N ALA IA 414 95.75 -4.61 -22.60
CA ALA IA 414 95.05 -5.87 -22.88
C ALA IA 414 94.11 -5.64 -24.07
N TRP IA 415 94.72 -5.57 -25.26
CA TRP IA 415 94.01 -5.10 -26.44
C TRP IA 415 92.80 -5.97 -26.78
N LYS IA 416 92.82 -7.25 -26.41
CA LYS IA 416 91.65 -8.09 -26.61
C LYS IA 416 90.44 -7.63 -25.82
N THR IA 417 90.64 -6.72 -24.86
CA THR IA 417 89.53 -6.08 -24.16
C THR IA 417 89.74 -4.60 -23.92
N ALA IA 418 90.83 -4.01 -24.40
CA ALA IA 418 91.10 -2.59 -24.19
C ALA IA 418 90.53 -1.72 -25.30
N PHE IA 419 90.66 -2.14 -26.56
CA PHE IA 419 90.16 -1.37 -27.69
C PHE IA 419 89.43 -2.29 -28.63
N TYR IA 420 88.28 -1.84 -29.14
CA TYR IA 420 87.44 -2.64 -30.00
C TYR IA 420 87.32 -2.00 -31.38
N ALA IA 421 87.39 -2.85 -32.41
CA ALA IA 421 87.21 -2.45 -33.79
C ALA IA 421 85.94 -3.09 -34.33
N VAL IA 422 85.05 -2.27 -34.88
CA VAL IA 422 83.75 -2.72 -35.35
C VAL IA 422 83.70 -2.61 -36.86
N GLU IA 423 83.18 -3.63 -37.51
CA GLU IA 423 83.05 -3.69 -38.96
C GLU IA 423 81.61 -3.94 -39.32
N LYS IA 424 81.09 -3.25 -40.34
CA LYS IA 424 79.71 -3.44 -40.76
C LYS IA 424 79.58 -4.05 -42.14
N ARG IA 425 80.24 -3.48 -43.14
CA ARG IA 425 80.11 -3.95 -44.52
C ARG IA 425 81.49 -4.13 -45.12
N PRO IA 426 81.84 -5.34 -45.58
CA PRO IA 426 83.06 -5.49 -46.38
C PRO IA 426 83.00 -4.59 -47.60
N MET IA 427 84.15 -4.07 -47.99
CA MET IA 427 84.20 -3.09 -49.08
C MET IA 427 83.55 -3.64 -50.34
N PHE IA 428 82.67 -2.84 -50.92
CA PHE IA 428 81.89 -3.22 -52.09
C PHE IA 428 82.18 -2.26 -53.23
N PHE IA 429 82.22 -2.80 -54.44
CA PHE IA 429 82.45 -2.06 -55.66
C PHE IA 429 81.23 -2.17 -56.56
N GLU IA 430 81.04 -1.18 -57.42
CA GLU IA 430 79.94 -1.22 -58.38
C GLU IA 430 80.23 -0.23 -59.49
N GLN IA 431 79.89 -0.60 -60.72
CA GLN IA 431 80.04 0.29 -61.85
C GLN IA 431 79.02 1.42 -61.75
N TYR IA 432 79.50 2.66 -61.76
CA TYR IA 432 78.63 3.81 -61.57
C TYR IA 432 77.80 4.04 -62.82
N GLU IA 433 76.64 3.39 -62.89
CA GLU IA 433 75.70 3.64 -63.97
C GLU IA 433 75.33 5.11 -63.99
N GLY IA 434 75.32 5.70 -65.19
CA GLY IA 434 75.23 7.14 -65.30
C GLY IA 434 76.61 7.75 -65.11
N GLY IA 435 77.00 8.65 -66.01
CA GLY IA 435 78.37 9.09 -66.08
C GLY IA 435 79.31 8.10 -66.73
N SER IA 436 78.84 6.89 -67.02
CA SER IA 436 79.61 5.88 -67.75
C SER IA 436 78.90 5.60 -69.07
N SER IA 437 79.65 5.58 -70.16
CA SER IA 437 79.05 5.55 -71.48
C SER IA 437 79.65 4.44 -72.34
N ALA IA 438 79.34 4.46 -73.64
CA ALA IA 438 79.90 3.48 -74.56
C ALA IA 438 81.40 3.65 -74.76
N TRP IA 439 82.01 4.71 -74.19
CA TRP IA 439 83.43 4.95 -74.34
C TRP IA 439 84.16 5.10 -73.02
N CYS IA 440 83.45 5.09 -71.88
CA CYS IA 440 84.08 5.22 -70.58
C CYS IA 440 83.30 4.38 -69.58
N VAL IA 441 83.90 4.13 -68.43
CA VAL IA 441 83.29 3.37 -67.35
C VAL IA 441 83.64 4.03 -66.04
N LYS IA 442 82.65 4.17 -65.16
CA LYS IA 442 82.84 4.76 -63.85
C LYS IA 442 82.59 3.69 -62.78
N TYR IA 443 83.46 3.65 -61.77
CA TYR IA 443 83.34 2.68 -60.70
C TYR IA 443 83.39 3.42 -59.36
N GLN IA 444 82.73 2.81 -58.38
CA GLN IA 444 82.42 3.44 -57.10
C GLN IA 444 82.44 2.36 -56.03
N PHE IA 445 83.18 2.60 -54.95
CA PHE IA 445 83.33 1.62 -53.88
C PHE IA 445 83.12 2.29 -52.54
N GLY IA 446 82.85 1.45 -51.54
CA GLY IA 446 82.58 1.94 -50.20
C GLY IA 446 82.66 0.84 -49.17
N ALA IA 447 82.74 1.25 -47.91
CA ALA IA 447 82.84 0.33 -46.78
C ALA IA 447 82.53 1.10 -45.50
N GLU IA 448 82.17 0.35 -44.46
CA GLU IA 448 81.75 0.95 -43.19
C GLU IA 448 82.45 0.28 -42.03
N ASP IA 449 83.27 1.05 -41.32
CA ASP IA 449 84.02 0.53 -40.19
C ASP IA 449 84.19 1.64 -39.15
N GLY IA 450 84.59 1.23 -37.95
CA GLY IA 450 84.86 2.17 -36.89
C GLY IA 450 85.53 1.47 -35.72
N GLY IA 451 85.61 2.20 -34.62
CA GLY IA 451 86.19 1.61 -33.43
C GLY IA 451 85.93 2.49 -32.22
N PHE IA 452 86.29 1.96 -31.06
CA PHE IA 452 86.19 2.68 -29.81
C PHE IA 452 87.13 2.03 -28.80
N VAL IA 453 87.22 2.61 -27.62
CA VAL IA 453 88.04 2.07 -26.56
C VAL IA 453 87.14 1.27 -25.63
N GLY IA 454 87.69 0.21 -25.06
CA GLY IA 454 86.96 -0.58 -24.11
C GLY IA 454 87.17 -0.04 -22.71
N CYS IA 455 87.83 -0.83 -21.88
CA CYS IA 455 88.19 -0.39 -20.53
C CYS IA 455 89.56 0.27 -20.61
N CYS IA 456 89.58 1.59 -20.83
CA CYS IA 456 90.91 2.18 -20.99
C CYS IA 456 91.63 2.35 -19.67
N GLU IA 457 91.08 1.84 -18.57
CA GLU IA 457 91.85 1.67 -17.35
C GLU IA 457 92.76 0.45 -17.41
N HIS IA 458 92.62 -0.38 -18.45
CA HIS IA 458 93.47 -1.56 -18.58
C HIS IA 458 94.87 -1.16 -19.01
N GLY IA 459 95.01 -0.53 -20.17
CA GLY IA 459 96.30 -0.24 -20.71
C GLY IA 459 96.97 0.95 -20.08
N ARG IA 460 98.28 1.03 -20.30
CA ARG IA 460 99.10 2.13 -19.80
C ARG IA 460 100.07 2.55 -20.89
N ILE IA 461 100.57 3.77 -20.76
CA ILE IA 461 101.44 4.38 -21.75
C ILE IA 461 102.75 4.75 -21.07
N LEU IA 462 103.85 4.66 -21.83
CA LEU IA 462 105.16 5.08 -21.38
C LEU IA 462 105.61 6.26 -22.23
N GLN IA 463 105.98 7.35 -21.57
CA GLN IA 463 106.41 8.59 -22.21
C GLN IA 463 107.76 9.02 -21.68
N ILE IA 464 108.25 10.19 -22.10
CA ILE IA 464 109.50 10.71 -21.57
C ILE IA 464 109.28 11.32 -20.19
N MET JA 1 56.25 7.78 -13.62
CA MET JA 1 57.31 6.77 -13.69
C MET JA 1 58.44 7.27 -14.58
N ASN JA 2 58.84 8.53 -14.38
CA ASN JA 2 59.89 9.13 -15.18
C ASN JA 2 61.24 8.51 -14.85
N PHE JA 3 62.11 8.46 -15.86
CA PHE JA 3 63.48 8.00 -15.69
C PHE JA 3 64.42 9.19 -15.57
N ASN JA 4 65.52 8.99 -14.85
CA ASN JA 4 66.56 10.00 -14.77
C ASN JA 4 67.20 10.11 -16.15
N VAL JA 5 66.90 11.20 -16.85
CA VAL JA 5 67.38 11.40 -18.21
C VAL JA 5 68.48 12.45 -18.16
N GLY JA 6 69.17 12.51 -17.02
CA GLY JA 6 70.42 13.24 -16.95
C GLY JA 6 71.57 12.30 -17.22
N VAL JA 7 71.32 10.99 -17.07
CA VAL JA 7 72.31 9.98 -17.41
C VAL JA 7 72.27 9.62 -18.89
N ASP JA 8 71.35 10.20 -19.64
CA ASP JA 8 71.24 10.00 -21.08
C ASP JA 8 70.64 11.26 -21.66
N PHE JA 9 71.18 11.71 -22.79
CA PHE JA 9 70.76 12.96 -23.41
C PHE JA 9 70.92 14.15 -22.47
N PRO JA 10 72.14 14.42 -21.98
CA PRO JA 10 72.33 15.58 -21.09
C PRO JA 10 72.42 16.87 -21.88
N SER JA 11 71.64 17.86 -21.46
CA SER JA 11 71.60 19.14 -22.15
C SER JA 11 72.61 20.12 -21.55
N PHE JA 12 72.98 21.11 -22.35
CA PHE JA 12 73.96 22.11 -21.93
C PHE JA 12 73.58 23.46 -22.55
N ILE JA 13 73.81 24.53 -21.79
CA ILE JA 13 73.50 25.87 -22.26
C ILE JA 13 74.46 26.26 -23.38
N ALA JA 14 73.92 26.89 -24.42
CA ALA JA 14 74.74 27.38 -25.53
C ALA JA 14 74.65 28.88 -25.72
N TRP JA 15 73.44 29.45 -25.64
CA TRP JA 15 73.24 30.88 -25.79
C TRP JA 15 72.13 31.28 -24.82
N ASP JA 16 72.52 31.86 -23.69
CA ASP JA 16 71.56 32.34 -22.69
C ASP JA 16 71.21 33.81 -22.93
N GLY JA 17 70.79 34.12 -24.15
CA GLY JA 17 70.36 35.46 -24.46
C GLY JA 17 71.47 36.43 -24.83
N GLU JA 18 72.58 36.42 -24.09
CA GLU JA 18 73.64 37.38 -24.36
C GLU JA 18 75.04 36.79 -24.21
N GLU JA 19 75.19 35.47 -24.10
CA GLU JA 19 76.50 34.88 -23.91
C GLU JA 19 76.56 33.53 -24.62
N SER JA 20 77.54 33.37 -25.50
CA SER JA 20 77.77 32.10 -26.16
C SER JA 20 78.56 31.17 -25.24
N PHE JA 21 78.45 29.87 -25.51
CA PHE JA 21 79.09 28.88 -24.66
C PHE JA 21 79.52 27.66 -25.46
N PRO JA 22 80.83 27.48 -25.69
CA PRO JA 22 81.31 26.29 -26.40
C PRO JA 22 81.15 25.06 -25.53
N VAL JA 23 80.36 24.10 -26.01
CA VAL JA 23 80.11 22.86 -25.29
C VAL JA 23 80.88 21.74 -25.98
N LYS JA 24 81.50 20.88 -25.17
CA LYS JA 24 82.28 19.78 -25.72
C LYS JA 24 81.37 18.72 -26.31
N VAL JA 25 81.66 18.31 -27.54
CA VAL JA 25 80.86 17.33 -28.26
C VAL JA 25 81.68 16.12 -28.68
N ASP JA 26 82.83 15.91 -28.05
CA ASP JA 26 83.72 14.82 -28.45
C ASP JA 26 83.16 13.47 -28.01
N GLY JA 27 82.99 13.28 -26.70
CA GLY JA 27 82.45 12.02 -26.20
C GLY JA 27 81.10 11.70 -26.79
N PHE JA 28 80.29 12.72 -27.02
CA PHE JA 28 79.00 12.54 -27.65
C PHE JA 28 79.20 12.36 -29.16
N ASN JA 29 78.20 11.74 -29.80
CA ASN JA 29 78.28 11.47 -31.23
C ASN JA 29 77.08 11.98 -32.02
N GLN JA 30 76.07 12.52 -31.35
CA GLN JA 30 74.95 13.18 -32.01
C GLN JA 30 74.53 14.36 -31.15
N PHE JA 31 74.06 15.42 -31.80
CA PHE JA 31 73.67 16.62 -31.07
C PHE JA 31 72.73 17.46 -31.91
N GLY JA 32 71.72 18.02 -31.26
CA GLY JA 32 70.75 18.86 -31.91
C GLY JA 32 70.69 20.25 -31.33
N PHE JA 33 69.52 20.88 -31.40
CA PHE JA 33 69.36 22.26 -30.97
C PHE JA 33 67.92 22.50 -30.55
N THR JA 34 67.73 23.32 -29.52
CA THR JA 34 66.41 23.78 -29.13
C THR JA 34 66.46 25.29 -28.95
N PHE JA 35 65.58 25.98 -29.68
CA PHE JA 35 65.46 27.43 -29.65
C PHE JA 35 64.18 27.78 -28.91
N LYS JA 36 64.29 28.55 -27.83
CA LYS JA 36 63.15 28.95 -27.03
C LYS JA 36 63.24 30.43 -26.75
N THR JA 37 62.17 31.16 -27.04
CA THR JA 37 62.15 32.59 -26.75
C THR JA 37 61.39 32.85 -25.46
N ILE JA 38 61.73 33.96 -24.81
CA ILE JA 38 61.05 34.40 -23.60
C ILE JA 38 60.03 35.50 -23.89
N ALA JA 39 60.09 36.11 -25.06
CA ALA JA 39 59.11 37.12 -25.49
C ALA JA 39 58.87 36.93 -26.98
N ALA JA 40 58.05 37.80 -27.54
CA ALA JA 40 57.83 37.77 -28.97
C ALA JA 40 58.98 38.45 -29.70
N LEU JA 41 59.16 38.09 -30.96
CA LEU JA 41 60.22 38.68 -31.77
C LEU JA 41 59.71 39.92 -32.48
N THR JA 42 60.65 40.65 -33.09
CA THR JA 42 60.34 41.85 -33.85
C THR JA 42 60.52 41.64 -35.35
N ALA JA 43 61.70 41.20 -35.76
CA ALA JA 43 61.97 40.79 -37.13
C ALA JA 43 62.55 39.38 -37.10
N ALA JA 44 62.73 38.81 -38.30
CA ALA JA 44 63.37 37.50 -38.39
C ALA JA 44 64.77 37.56 -37.79
N THR JA 45 65.23 36.43 -37.28
CA THR JA 45 66.50 36.38 -36.57
C THR JA 45 67.37 35.30 -37.20
N THR JA 46 68.67 35.55 -37.23
CA THR JA 46 69.62 34.59 -37.76
C THR JA 46 70.73 34.36 -36.75
N PHE JA 47 71.25 33.13 -36.74
CA PHE JA 47 72.30 32.74 -35.81
C PHE JA 47 73.38 31.98 -36.57
N ASN JA 48 74.63 32.35 -36.33
CA ASN JA 48 75.77 31.79 -37.01
C ASN JA 48 76.39 30.69 -36.16
N ILE JA 49 76.70 29.56 -36.78
CA ILE JA 49 77.31 28.43 -36.11
C ILE JA 49 78.82 28.53 -36.24
N PHE JA 50 79.52 28.24 -35.15
CA PHE JA 50 80.98 28.24 -35.11
C PHE JA 50 81.45 26.97 -34.42
N TYR JA 51 82.75 26.70 -34.56
CA TYR JA 51 83.33 25.51 -33.95
C TYR JA 51 84.75 25.83 -33.50
N HIS JA 52 85.21 25.10 -32.50
CA HIS JA 52 86.53 25.34 -31.93
C HIS JA 52 87.38 24.08 -32.04
N GLU JA 53 88.68 24.30 -32.13
CA GLU JA 53 89.68 23.25 -32.11
C GLU JA 53 90.45 23.30 -30.80
N PRO JA 54 91.01 22.18 -30.34
CA PRO JA 54 91.78 22.21 -29.09
C PRO JA 54 93.01 23.09 -29.21
N SER JA 55 93.02 24.20 -28.48
CA SER JA 55 94.17 25.09 -28.50
C SER JA 55 95.40 24.33 -28.00
N ASP JA 56 96.53 24.55 -28.67
CA ASP JA 56 97.77 23.84 -28.35
C ASP JA 56 98.15 24.02 -26.88
N ALA JA 57 97.77 25.14 -26.27
CA ALA JA 57 98.12 25.37 -24.87
C ALA JA 57 97.53 24.32 -23.95
N ASP JA 58 96.34 23.81 -24.27
CA ASP JA 58 95.70 22.79 -23.46
C ASP JA 58 94.68 22.03 -24.30
N PRO JA 59 94.76 20.69 -24.36
CA PRO JA 59 93.84 19.93 -25.21
C PRO JA 59 92.40 19.91 -24.72
N CYS JA 60 92.13 20.34 -23.50
CA CYS JA 60 90.78 20.30 -22.94
C CYS JA 60 90.14 21.68 -22.86
N VAL JA 61 90.62 22.64 -23.65
CA VAL JA 61 89.99 23.95 -23.71
C VAL JA 61 89.81 24.33 -25.18
N PRO JA 62 88.72 24.99 -25.54
CA PRO JA 62 88.52 25.38 -26.94
C PRO JA 62 89.51 26.47 -27.35
N GLY JA 63 89.90 26.41 -28.62
CA GLY JA 63 90.75 27.42 -29.20
C GLY JA 63 89.93 28.60 -29.69
N PRO JA 64 90.25 29.11 -30.88
CA PRO JA 64 89.45 30.19 -31.46
C PRO JA 64 88.11 29.69 -31.96
N ALA JA 65 87.29 30.59 -32.50
CA ALA JA 65 85.99 30.25 -33.04
C ALA JA 65 86.07 30.35 -34.57
N ILE JA 66 86.21 29.21 -35.23
CA ILE JA 66 86.33 29.15 -36.67
C ILE JA 66 84.95 28.87 -37.25
N ARG JA 67 84.72 29.39 -38.45
CA ARG JA 67 83.42 29.31 -39.09
C ARG JA 67 83.13 27.88 -39.55
N VAL JA 68 81.85 27.55 -39.60
CA VAL JA 68 81.37 26.23 -40.00
C VAL JA 68 80.76 26.35 -41.39
N PRO JA 69 81.25 25.60 -42.38
CA PRO JA 69 80.64 25.64 -43.72
C PRO JA 69 79.48 24.69 -43.85
N GLU JA 70 78.31 25.20 -44.25
CA GLU JA 70 77.17 24.33 -44.47
C GLU JA 70 77.41 23.44 -45.68
N VAL JA 71 77.15 22.15 -45.52
CA VAL JA 71 77.29 21.17 -46.59
C VAL JA 71 75.91 20.96 -47.20
N PRO JA 72 75.76 21.10 -48.51
CA PRO JA 72 74.43 20.94 -49.12
C PRO JA 72 74.02 19.48 -49.23
N PHE JA 73 72.73 19.25 -49.11
CA PHE JA 73 72.14 17.94 -49.32
C PHE JA 73 71.96 17.74 -50.82
N CYS JA 74 71.22 16.70 -51.18
CA CYS JA 74 70.65 16.66 -52.52
C CYS JA 74 69.52 17.67 -52.62
N ASP JA 75 68.85 17.69 -53.77
CA ASP JA 75 67.68 18.51 -54.08
C ASP JA 75 67.72 19.89 -53.42
N THR JA 76 68.83 20.61 -53.58
CA THR JA 76 68.97 21.95 -53.02
C THR JA 76 68.67 22.99 -54.10
N VAL JA 77 68.07 24.10 -53.68
CA VAL JA 77 67.61 25.11 -54.62
C VAL JA 77 68.42 26.39 -54.44
N LEU JA 78 68.99 26.57 -53.26
CA LEU JA 78 69.78 27.77 -52.99
C LEU JA 78 70.89 27.43 -52.00
N LEU JA 79 71.90 28.29 -51.99
CA LEU JA 79 73.03 28.15 -51.07
C LEU JA 79 73.32 29.52 -50.49
N SER JA 80 73.70 29.54 -49.21
CA SER JA 80 74.20 30.76 -48.60
C SER JA 80 75.34 31.31 -49.43
N GLU JA 81 75.30 32.63 -49.69
CA GLU JA 81 76.23 33.24 -50.64
C GLU JA 81 77.68 32.90 -50.36
N ASP JA 82 78.02 32.57 -49.12
CA ASP JA 82 79.37 32.18 -48.74
C ASP JA 82 79.52 30.68 -48.55
N GLY JA 83 78.43 29.92 -48.48
CA GLY JA 83 78.51 28.52 -48.15
C GLY JA 83 78.66 28.23 -46.66
N LEU JA 84 78.40 29.24 -45.82
CA LEU JA 84 78.66 29.14 -44.40
C LEU JA 84 77.40 28.73 -43.65
N ALA JA 85 77.56 27.83 -42.67
CA ALA JA 85 76.42 27.30 -41.95
C ALA JA 85 75.81 28.35 -41.03
N ALA JA 86 74.48 28.48 -41.09
CA ALA JA 86 73.76 29.41 -40.25
C ALA JA 86 72.29 29.04 -40.26
N VAL JA 87 71.64 29.23 -39.11
CA VAL JA 87 70.23 28.90 -38.96
C VAL JA 87 69.46 30.22 -38.83
N THR JA 88 68.15 30.14 -39.04
CA THR JA 88 67.30 31.31 -38.91
C THR JA 88 66.01 30.96 -38.19
N LEU JA 89 65.70 31.75 -37.17
CA LEU JA 89 64.38 31.70 -36.53
C LEU JA 89 63.47 32.69 -37.25
N PRO JA 90 62.38 32.23 -37.87
CA PRO JA 90 61.49 33.16 -38.55
C PRO JA 90 60.69 34.00 -37.57
N GLU JA 91 60.17 35.11 -38.07
CA GLU JA 91 59.31 35.97 -37.27
C GLU JA 91 58.03 35.22 -36.92
N THR JA 92 57.29 35.79 -35.97
CA THR JA 92 56.00 35.25 -35.52
C THR JA 92 56.17 33.88 -34.87
N VAL JA 93 57.07 33.83 -33.89
CA VAL JA 93 57.18 32.67 -32.99
C VAL JA 93 56.81 33.13 -31.59
N THR JA 94 55.79 32.51 -31.02
CA THR JA 94 55.33 32.85 -29.69
C THR JA 94 56.22 32.21 -28.63
N PRO JA 95 56.48 32.91 -27.52
CA PRO JA 95 57.46 32.39 -26.54
C PRO JA 95 56.92 31.29 -25.67
N ASP JA 96 56.18 30.36 -26.27
CA ASP JA 96 55.84 29.09 -25.66
C ASP JA 96 55.89 28.01 -26.74
N SER JA 97 56.95 28.04 -27.56
CA SER JA 97 57.08 27.11 -28.67
C SER JA 97 58.57 26.91 -28.95
N PHE JA 98 59.08 25.74 -28.56
CA PHE JA 98 60.46 25.41 -28.86
C PHE JA 98 60.60 25.07 -30.35
N CYS JA 99 61.82 25.23 -30.85
CA CYS JA 99 62.08 25.11 -32.28
C CYS JA 99 63.33 24.26 -32.46
N ALA JA 100 63.34 23.38 -33.46
CA ALA JA 100 64.36 22.36 -33.57
C ALA JA 100 65.30 22.64 -34.75
N GLY JA 101 66.52 22.10 -34.63
CA GLY JA 101 67.51 22.20 -35.68
C GLY JA 101 68.69 21.31 -35.36
N THR JA 102 69.48 21.02 -36.39
CA THR JA 102 70.61 20.11 -36.23
C THR JA 102 71.56 20.26 -37.40
N VAL JA 103 72.84 20.40 -37.12
CA VAL JA 103 73.87 20.43 -38.16
C VAL JA 103 74.13 19.00 -38.63
N PRO JA 104 74.16 18.74 -39.94
CA PRO JA 104 74.35 17.36 -40.43
C PRO JA 104 75.80 16.91 -40.49
N CYS JA 105 76.77 17.79 -40.23
CA CYS JA 105 78.18 17.43 -40.33
C CYS JA 105 78.96 18.19 -39.27
N MET JA 106 79.53 17.45 -38.31
CA MET JA 106 80.29 18.07 -37.24
C MET JA 106 81.70 18.39 -37.70
N ASN JA 107 82.36 19.24 -36.91
CA ASN JA 107 83.78 19.56 -37.09
C ASN JA 107 84.26 20.30 -35.85
N GLY JA 108 85.39 19.86 -35.28
CA GLY JA 108 85.88 20.41 -34.04
C GLY JA 108 85.39 19.64 -32.83
N GLN JA 109 85.71 20.17 -31.65
CA GLN JA 109 85.31 19.56 -30.40
C GLN JA 109 84.31 20.38 -29.60
N TRP JA 110 84.17 21.66 -29.89
CA TRP JA 110 83.18 22.51 -29.22
C TRP JA 110 82.38 23.25 -30.27
N ILE JA 111 81.07 23.08 -30.25
CA ILE JA 111 80.17 23.82 -31.11
C ILE JA 111 79.71 25.07 -30.38
N SER JA 112 79.45 26.13 -31.13
CA SER JA 112 79.04 27.40 -30.52
C SER JA 112 78.06 28.09 -31.45
N ILE JA 113 77.19 28.91 -30.88
CA ILE JA 113 76.22 29.69 -31.63
C ILE JA 113 76.38 31.15 -31.27
N ALA JA 114 76.32 32.01 -32.28
CA ALA JA 114 76.47 33.44 -32.07
C ALA JA 114 75.34 34.18 -32.78
N PRO JA 115 74.87 35.29 -32.23
CA PRO JA 115 73.83 36.07 -32.92
C PRO JA 115 74.43 36.77 -34.15
N ALA JA 116 73.87 36.48 -35.31
CA ALA JA 116 74.32 37.13 -36.53
C ALA JA 116 74.14 38.64 -36.40
N THR JA 117 75.19 39.39 -36.75
CA THR JA 117 75.18 40.83 -36.58
C THR JA 117 74.02 41.46 -37.32
N GLY JA 118 73.51 42.57 -36.77
CA GLY JA 118 72.28 43.15 -37.28
C GLY JA 118 71.03 42.44 -36.84
N SER JA 119 71.15 41.41 -36.00
CA SER JA 119 69.98 40.72 -35.46
C SER JA 119 70.14 40.42 -33.98
N GLU JA 120 71.05 41.11 -33.29
CA GLU JA 120 71.32 40.85 -31.89
C GLU JA 120 70.31 41.49 -30.95
N THR JA 121 69.36 42.26 -31.48
CA THR JA 121 68.32 42.86 -30.64
C THR JA 121 67.40 41.77 -30.09
N ASN JA 122 66.78 41.01 -30.97
CA ASN JA 122 65.92 39.91 -30.55
C ASN JA 122 66.72 38.81 -29.84
N ALA JA 123 68.03 38.72 -30.09
CA ALA JA 123 68.84 37.66 -29.51
C ALA JA 123 68.67 37.56 -28.00
N ALA JA 124 68.53 38.70 -27.33
CA ALA JA 124 68.35 38.70 -25.88
C ALA JA 124 67.17 37.83 -25.47
N ASN JA 125 66.03 37.99 -26.15
CA ASN JA 125 64.86 37.18 -25.85
C ASN JA 125 64.99 35.73 -26.30
N VAL JA 126 66.05 35.40 -27.04
CA VAL JA 126 66.24 34.04 -27.54
C VAL JA 126 67.19 33.30 -26.61
N GLN JA 127 66.93 32.00 -26.46
CA GLN JA 127 67.79 31.11 -25.68
C GLN JA 127 67.92 29.82 -26.45
N ILE JA 128 69.15 29.44 -26.76
CA ILE JA 128 69.44 28.23 -27.53
C ILE JA 128 70.22 27.27 -26.64
N THR JA 129 69.76 26.03 -26.55
CA THR JA 129 70.52 25.04 -25.82
C THR JA 129 70.64 23.78 -26.66
N VAL JA 130 71.56 22.90 -26.24
CA VAL JA 130 71.94 21.73 -27.02
C VAL JA 130 71.78 20.48 -26.16
N THR JA 131 71.29 19.42 -26.76
CA THR JA 131 71.29 18.09 -26.17
C THR JA 131 72.09 17.15 -27.06
N MET JA 132 72.52 16.02 -26.49
CA MET JA 132 73.35 15.07 -27.21
C MET JA 132 72.81 13.65 -26.99
N LYS JA 133 73.49 12.66 -27.56
CA LYS JA 133 72.92 11.31 -27.56
C LYS JA 133 73.87 10.22 -27.06
N GLY JA 134 75.17 10.35 -27.33
CA GLY JA 134 76.07 9.23 -27.09
C GLY JA 134 77.13 9.45 -26.03
N ALA JA 135 77.68 8.37 -25.48
CA ALA JA 135 78.77 8.49 -24.53
C ALA JA 135 80.08 7.96 -25.07
N THR JA 136 80.09 6.74 -25.61
CA THR JA 136 81.23 6.13 -26.29
C THR JA 136 82.40 5.86 -25.35
N ARG JA 137 82.28 6.31 -24.10
CA ARG JA 137 83.29 6.14 -23.07
C ARG JA 137 82.84 6.84 -21.79
N MET KA 1 149.12 -67.50 -3.16
CA MET KA 1 150.15 -66.48 -3.11
C MET KA 1 149.54 -65.08 -3.03
N ASP KA 2 148.24 -65.01 -2.74
CA ASP KA 2 147.49 -63.77 -2.87
C ASP KA 2 146.53 -63.58 -1.71
N CYS KA 3 146.21 -62.31 -1.46
CA CYS KA 3 145.12 -61.86 -0.60
C CYS KA 3 145.04 -60.34 -0.69
N ARG KA 4 143.87 -59.82 -0.34
CA ARG KA 4 143.60 -58.39 -0.38
C ARG KA 4 142.94 -57.97 0.93
N ASN KA 5 142.92 -56.68 1.19
CA ASN KA 5 142.44 -56.16 2.46
C ASN KA 5 142.02 -54.71 2.28
N LEU KA 6 141.78 -54.01 3.39
CA LEU KA 6 141.21 -52.68 3.39
C LEU KA 6 141.78 -51.91 4.57
N CYS KA 7 141.09 -50.84 4.98
CA CYS KA 7 141.60 -49.85 5.93
C CYS KA 7 142.88 -49.22 5.38
N GLY KA 8 142.71 -48.52 4.27
CA GLY KA 8 143.72 -47.62 3.76
C GLY KA 8 143.35 -46.21 4.18
N ALA KA 9 144.32 -45.51 4.77
CA ALA KA 9 144.09 -44.16 5.28
C ALA KA 9 143.45 -43.29 4.20
N ALA KA 10 142.25 -42.81 4.48
CA ALA KA 10 141.50 -42.02 3.51
C ALA KA 10 142.35 -40.87 2.98
N ALA KA 11 142.79 -39.99 3.89
CA ALA KA 11 143.75 -38.92 3.60
C ALA KA 11 143.35 -38.16 2.34
N PRO KA 12 142.29 -37.34 2.39
CA PRO KA 12 141.86 -36.62 1.19
C PRO KA 12 142.93 -35.64 0.73
N SER KA 13 142.73 -35.10 -0.48
CA SER KA 13 143.75 -34.30 -1.14
C SER KA 13 143.12 -33.06 -1.74
N ARG KA 14 143.98 -32.19 -2.27
CA ARG KA 14 143.58 -30.96 -2.93
C ARG KA 14 144.03 -31.01 -4.39
N LEU KA 15 143.39 -30.17 -5.22
CA LEU KA 15 143.52 -30.30 -6.66
C LEU KA 15 143.79 -29.00 -7.41
N VAL KA 16 143.91 -27.87 -6.71
CA VAL KA 16 143.73 -26.53 -7.28
C VAL KA 16 144.39 -26.35 -8.65
N GLN KA 17 143.65 -25.73 -9.58
CA GLN KA 17 144.13 -25.44 -10.92
C GLN KA 17 143.75 -24.01 -11.28
N PRO KA 18 144.54 -23.03 -10.85
CA PRO KA 18 144.29 -21.65 -11.22
C PRO KA 18 144.79 -21.37 -12.64
N GLY KA 19 144.66 -20.11 -13.04
CA GLY KA 19 145.11 -19.69 -14.35
C GLY KA 19 146.62 -19.63 -14.47
N MET LA 1 71.17 11.61 -7.96
CA MET LA 1 72.09 12.67 -7.56
C MET LA 1 73.54 12.27 -7.84
N ASP LA 2 73.83 11.91 -9.09
CA ASP LA 2 75.13 11.37 -9.43
C ASP LA 2 75.39 11.46 -10.93
N CYS LA 3 76.66 11.41 -11.29
CA CYS LA 3 77.12 11.29 -12.67
C CYS LA 3 78.62 11.05 -12.63
N ARG LA 4 79.22 10.87 -13.82
CA ARG LA 4 80.63 10.56 -13.93
C ARG LA 4 81.24 11.39 -15.06
N ASN LA 5 82.53 11.70 -14.92
CA ASN LA 5 83.22 12.53 -15.91
C ASN LA 5 84.68 12.12 -15.99
N LEU LA 6 85.41 12.75 -16.91
CA LEU LA 6 86.69 12.33 -17.48
C LEU LA 6 87.40 13.55 -18.03
N CYS LA 7 88.22 13.36 -19.08
CA CYS LA 7 88.61 14.48 -19.93
C CYS LA 7 89.55 15.51 -19.31
N GLY LA 8 90.85 15.24 -19.38
CA GLY LA 8 91.87 16.10 -18.80
C GLY LA 8 92.49 15.61 -17.50
N ALA LA 9 93.23 14.52 -17.62
CA ALA LA 9 93.93 14.01 -16.47
C ALA LA 9 95.29 13.80 -17.02
N ALA LA 10 95.48 12.67 -17.68
CA ALA LA 10 96.74 12.41 -18.31
C ALA LA 10 97.87 13.08 -17.59
N ALA LA 11 98.04 12.74 -16.32
CA ALA LA 11 99.11 13.32 -15.54
C ALA LA 11 100.18 12.27 -15.36
N PRO LA 12 101.24 12.35 -16.14
CA PRO LA 12 102.28 11.31 -16.11
C PRO LA 12 103.16 11.39 -14.87
N SER LA 13 103.63 10.23 -14.43
CA SER LA 13 104.29 10.08 -13.14
C SER LA 13 105.56 9.26 -13.28
N ARG LA 14 106.40 9.33 -12.25
CA ARG LA 14 107.67 8.62 -12.18
C ARG LA 14 107.59 7.51 -11.14
N LEU LA 15 108.64 6.70 -11.07
CA LEU LA 15 108.61 5.48 -10.27
C LEU LA 15 109.86 5.20 -9.45
N VAL LA 16 110.97 5.92 -9.67
CA VAL LA 16 112.32 5.45 -9.40
C VAL LA 16 112.47 4.69 -8.07
N GLN LA 17 113.19 3.57 -8.12
CA GLN LA 17 113.46 2.73 -6.95
C GLN LA 17 114.89 2.25 -6.98
N PRO LA 18 115.85 3.08 -6.57
CA PRO LA 18 117.24 2.62 -6.50
C PRO LA 18 117.51 1.86 -5.21
N GLY LA 19 118.77 1.47 -4.99
CA GLY LA 19 119.15 0.75 -3.81
C GLY LA 19 119.01 1.56 -2.54
N MET MA 1 105.44 9.92 -68.57
CA MET MA 1 106.18 11.02 -67.98
C MET MA 1 107.20 10.51 -66.96
N ASP MA 2 107.50 9.21 -67.00
CA ASP MA 2 108.22 8.60 -65.89
C ASP MA 2 109.02 7.37 -66.34
N CYS MA 3 110.15 7.18 -65.67
CA CYS MA 3 110.93 5.94 -65.69
C CYS MA 3 111.70 5.88 -64.37
N ARG MA 4 112.50 4.81 -64.19
CA ARG MA 4 113.23 4.59 -62.95
C ARG MA 4 114.62 4.05 -63.23
N ASN MA 5 115.61 4.55 -62.48
CA ASN MA 5 116.98 4.05 -62.47
C ASN MA 5 117.78 4.84 -61.43
N LEU MA 6 118.61 4.15 -60.66
CA LEU MA 6 119.29 4.87 -59.59
C LEU MA 6 120.74 4.51 -59.48
N CYS MA 7 121.49 4.66 -60.57
CA CYS MA 7 122.92 4.41 -60.53
C CYS MA 7 123.27 3.37 -59.50
N GLY MA 8 123.90 3.80 -58.42
CA GLY MA 8 124.24 2.88 -57.35
C GLY MA 8 124.71 3.60 -56.11
N ALA MA 9 124.85 4.92 -56.18
CA ALA MA 9 125.30 5.74 -55.06
C ALA MA 9 125.38 4.92 -53.77
N ALA MA 10 124.23 4.69 -53.14
CA ALA MA 10 124.04 3.77 -52.02
C ALA MA 10 124.71 4.19 -50.72
N ALA MA 11 125.60 5.20 -50.76
CA ALA MA 11 126.02 6.02 -49.63
C ALA MA 11 126.00 5.32 -48.27
N PRO MA 12 126.85 4.31 -48.04
CA PRO MA 12 126.74 3.54 -46.79
C PRO MA 12 126.78 4.43 -45.55
N SER MA 13 126.07 4.00 -44.51
CA SER MA 13 125.79 4.87 -43.37
C SER MA 13 126.12 4.16 -42.07
N ARG MA 14 126.19 4.95 -40.99
CA ARG MA 14 126.47 4.50 -39.64
C ARG MA 14 125.20 4.55 -38.81
N LEU MA 15 125.28 4.16 -37.54
CA LEU MA 15 124.07 4.10 -36.70
C LEU MA 15 124.22 4.86 -35.41
N VAL MA 16 125.41 4.79 -34.83
CA VAL MA 16 125.73 5.52 -33.59
C VAL MA 16 124.67 5.72 -32.52
N GLN MA 17 124.75 4.94 -31.45
CA GLN MA 17 123.83 5.20 -30.34
C GLN MA 17 124.50 4.78 -29.04
N PRO MA 18 125.31 5.65 -28.45
CA PRO MA 18 125.89 5.35 -27.14
C PRO MA 18 124.94 5.65 -26.00
N GLY MA 19 125.40 5.46 -24.77
CA GLY MA 19 124.58 5.74 -23.60
C GLY MA 19 124.31 7.21 -23.38
N MET NA 1 152.25 -38.31 -65.11
CA MET NA 1 153.16 -37.23 -64.78
C MET NA 1 152.93 -36.73 -63.36
N ASP NA 2 152.28 -37.55 -62.52
CA ASP NA 2 151.83 -37.09 -61.22
C ASP NA 2 151.88 -38.21 -60.20
N CYS NA 3 152.05 -37.79 -58.94
CA CYS NA 3 151.91 -38.64 -57.77
C CYS NA 3 151.65 -37.72 -56.58
N ARG NA 4 151.51 -38.32 -55.41
CA ARG NA 4 151.23 -37.57 -54.18
C ARG NA 4 152.14 -38.06 -53.07
N ASN NA 5 152.51 -37.14 -52.18
CA ASN NA 5 153.42 -37.45 -51.09
C ASN NA 5 153.24 -36.42 -49.99
N LEU NA 6 153.54 -36.82 -48.76
CA LEU NA 6 153.49 -35.97 -47.58
C LEU NA 6 154.06 -36.73 -46.39
N CYS NA 7 154.79 -36.05 -45.53
CA CYS NA 7 155.00 -36.52 -44.17
C CYS NA 7 154.49 -35.45 -43.21
N GLY NA 8 154.13 -35.86 -42.00
CA GLY NA 8 153.29 -35.05 -41.13
C GLY NA 8 153.92 -33.83 -40.49
N ALA NA 9 154.65 -33.03 -41.27
CA ALA NA 9 155.20 -31.79 -40.76
C ALA NA 9 154.18 -30.66 -40.84
N ALA NA 10 152.97 -30.92 -40.32
CA ALA NA 10 151.91 -29.91 -40.34
C ALA NA 10 151.98 -29.04 -39.08
N ALA NA 11 153.12 -28.37 -38.93
CA ALA NA 11 153.42 -27.50 -37.78
C ALA NA 11 152.24 -26.62 -37.44
N PRO NA 12 151.73 -26.70 -36.22
CA PRO NA 12 150.49 -25.98 -35.87
C PRO NA 12 150.68 -24.47 -35.91
N SER NA 13 149.56 -23.77 -36.02
CA SER NA 13 149.56 -22.33 -36.22
C SER NA 13 148.70 -21.64 -35.16
N ARG NA 14 148.90 -20.34 -35.03
CA ARG NA 14 148.23 -19.52 -34.04
C ARG NA 14 147.15 -18.69 -34.71
N LEU NA 15 146.32 -18.03 -33.89
CA LEU NA 15 145.10 -17.40 -34.41
C LEU NA 15 144.88 -15.97 -33.93
N VAL NA 16 145.54 -15.50 -32.88
CA VAL NA 16 145.04 -14.46 -31.97
C VAL NA 16 144.31 -13.31 -32.66
N GLN NA 17 143.11 -13.00 -32.16
CA GLN NA 17 142.30 -11.88 -32.67
C GLN NA 17 141.70 -11.12 -31.50
N PRO NA 18 142.39 -10.11 -30.99
CA PRO NA 18 141.79 -9.25 -29.96
C PRO NA 18 140.86 -8.22 -30.57
N GLY NA 19 140.32 -7.33 -29.74
CA GLY NA 19 139.43 -6.28 -30.20
C GLY NA 19 140.04 -4.90 -30.11
N MET OA 1 2.92 -1.27 20.34
CA MET OA 1 3.21 -2.54 20.99
C MET OA 1 4.67 -2.59 21.42
N ASN OA 2 5.15 -1.48 21.97
CA ASN OA 2 6.53 -1.44 22.45
C ASN OA 2 6.73 -2.43 23.59
N PHE OA 3 7.69 -3.32 23.43
CA PHE OA 3 7.96 -4.34 24.42
C PHE OA 3 8.71 -3.75 25.61
N ASN OA 4 8.64 -4.44 26.74
CA ASN OA 4 9.40 -4.05 27.92
C ASN OA 4 10.86 -4.40 27.67
N VAL OA 5 11.62 -3.41 27.20
CA VAL OA 5 13.01 -3.65 26.84
C VAL OA 5 13.89 -3.22 28.00
N GLY OA 6 13.34 -3.29 29.21
CA GLY OA 6 14.14 -3.27 30.41
C GLY OA 6 14.44 -4.64 30.98
N VAL OA 7 13.79 -5.67 30.45
CA VAL OA 7 13.99 -7.05 30.90
C VAL OA 7 15.11 -7.62 30.06
N ASP OA 8 15.66 -6.78 29.18
CA ASP OA 8 16.77 -7.10 28.30
C ASP OA 8 17.29 -5.79 27.75
N PHE OA 9 18.60 -5.75 27.49
CA PHE OA 9 19.28 -4.52 27.09
C PHE OA 9 19.04 -3.38 28.09
N PRO OA 10 19.36 -3.58 29.36
CA PRO OA 10 19.17 -2.49 30.34
C PRO OA 10 20.33 -1.52 30.32
N SER OA 11 20.00 -0.23 30.37
CA SER OA 11 21.01 0.82 30.36
C SER OA 11 21.20 1.42 31.75
N PHE OA 12 22.35 2.07 31.93
CA PHE OA 12 22.68 2.70 33.20
C PHE OA 12 23.48 3.96 32.92
N ILE OA 13 23.30 4.96 33.79
CA ILE OA 13 24.00 6.23 33.63
C ILE OA 13 25.49 6.03 33.89
N ALA OA 14 26.31 6.60 33.01
CA ALA OA 14 27.75 6.52 33.12
C ALA OA 14 28.41 7.88 33.35
N TRP OA 15 27.99 8.90 32.61
CA TRP OA 15 28.54 10.25 32.73
C TRP OA 15 27.40 11.23 32.55
N ASP OA 16 26.89 11.77 33.65
CA ASP OA 16 25.80 12.74 33.62
C ASP OA 16 26.35 14.16 33.70
N GLY OA 17 27.15 14.51 32.72
CA GLY OA 17 27.72 15.86 32.65
C GLY OA 17 28.92 16.16 33.52
N GLU OA 18 28.88 15.77 34.80
CA GLU OA 18 29.99 16.07 35.69
C GLU OA 18 30.32 14.95 36.67
N GLU OA 19 29.75 13.76 36.51
CA GLU OA 19 29.98 12.68 37.46
C GLU OA 19 30.09 11.35 36.73
N SER OA 20 31.18 10.63 36.99
CA SER OA 20 31.36 9.30 36.44
C SER OA 20 30.65 8.27 37.32
N PHE OA 21 30.37 7.10 36.72
CA PHE OA 21 29.64 6.06 37.42
C PHE OA 21 30.06 4.68 36.95
N PRO OA 22 30.80 3.92 37.77
CA PRO OA 22 31.15 2.55 37.39
C PRO OA 22 29.90 1.67 37.32
N VAL OA 23 29.70 1.02 36.17
CA VAL OA 23 28.56 0.17 35.95
C VAL OA 23 29.03 -1.28 35.90
N LYS OA 24 28.20 -2.18 36.43
CA LYS OA 24 28.58 -3.58 36.59
C LYS OA 24 28.39 -4.31 35.27
N VAL OA 25 29.49 -4.82 34.71
CA VAL OA 25 29.47 -5.54 33.45
C VAL OA 25 29.66 -7.04 33.64
N ASP OA 26 29.58 -7.50 34.86
CA ASP OA 26 29.78 -8.90 35.14
C ASP OA 26 28.90 -9.78 34.30
N GLY OA 27 27.70 -10.06 34.79
CA GLY OA 27 26.82 -10.96 34.10
C GLY OA 27 26.85 -10.86 32.61
N PHE OA 28 26.36 -9.76 32.09
CA PHE OA 28 26.27 -9.66 30.65
C PHE OA 28 27.61 -9.86 29.98
N ASN OA 29 27.59 -10.18 28.70
CA ASN OA 29 28.78 -10.44 27.93
C ASN OA 29 28.92 -9.55 26.70
N GLN OA 30 28.05 -8.56 26.53
CA GLN OA 30 28.22 -7.55 25.50
C GLN OA 30 27.70 -6.23 26.04
N PHE OA 31 28.34 -5.13 25.64
CA PHE OA 31 27.92 -3.80 26.07
C PHE OA 31 28.53 -2.77 25.13
N GLY OA 32 27.75 -1.74 24.80
CA GLY OA 32 28.20 -0.71 23.89
C GLY OA 32 28.32 0.66 24.55
N PHE OA 33 27.99 1.71 23.80
CA PHE OA 33 28.07 3.06 24.33
C PHE OA 33 27.13 3.96 23.54
N THR OA 34 26.61 4.98 24.24
CA THR OA 34 25.77 6.00 23.62
C THR OA 34 26.19 7.35 24.19
N PHE OA 35 26.73 8.20 23.32
CA PHE OA 35 27.12 9.56 23.65
C PHE OA 35 26.07 10.53 23.09
N LYS OA 36 25.81 11.60 23.84
CA LYS OA 36 24.80 12.56 23.42
C LYS OA 36 25.20 13.94 23.93
N THR OA 37 25.21 14.92 23.03
CA THR OA 37 25.52 16.28 23.41
C THR OA 37 24.22 17.03 23.72
N ILE OA 38 24.31 17.99 24.63
CA ILE OA 38 23.12 18.73 25.05
C ILE OA 38 23.10 20.17 24.52
N ALA OA 39 24.24 20.72 24.12
CA ALA OA 39 24.30 22.09 23.63
C ALA OA 39 25.32 22.15 22.49
N ALA OA 40 25.71 23.35 22.11
CA ALA OA 40 26.76 23.51 21.11
C ALA OA 40 28.12 23.29 21.75
N LEU OA 41 29.02 22.70 20.97
CA LEU OA 41 30.37 22.40 21.43
C LEU OA 41 31.33 23.48 20.96
N THR OA 42 32.54 23.46 21.52
CA THR OA 42 33.57 24.43 21.19
C THR OA 42 34.72 23.80 20.41
N ALA OA 43 35.35 22.77 20.96
CA ALA OA 43 36.40 22.02 20.29
C ALA OA 43 36.08 20.54 20.39
N ALA OA 44 36.95 19.72 19.83
CA ALA OA 44 36.82 18.28 20.02
C ALA OA 44 37.00 17.93 21.49
N THR OA 45 36.51 16.76 21.87
CA THR OA 45 36.54 16.34 23.26
C THR OA 45 37.13 14.94 23.35
N THR OA 46 37.77 14.65 24.48
CA THR OA 46 38.41 13.37 24.70
C THR OA 46 37.95 12.79 26.03
N PHE OA 47 37.98 11.46 26.10
CA PHE OA 47 37.50 10.73 27.27
C PHE OA 47 38.39 9.53 27.50
N ASN OA 48 38.80 9.34 28.75
CA ASN OA 48 39.62 8.22 29.16
C ASN OA 48 38.74 7.14 29.76
N ILE OA 49 38.97 5.90 29.36
CA ILE OA 49 38.20 4.76 29.86
C ILE OA 49 38.99 4.09 30.97
N PHE OA 50 38.26 3.63 31.98
CA PHE OA 50 38.85 2.97 33.14
C PHE OA 50 38.03 1.74 33.46
N TYR OA 51 38.64 0.84 34.23
CA TYR OA 51 37.94 -0.34 34.72
C TYR OA 51 38.27 -0.53 36.19
N HIS OA 52 37.47 -1.37 36.83
CA HIS OA 52 37.59 -1.59 38.27
C HIS OA 52 37.55 -3.07 38.56
N GLU OA 53 38.16 -3.45 39.65
CA GLU OA 53 38.18 -4.79 40.20
C GLU OA 53 37.25 -4.88 41.40
N PRO OA 54 36.70 -6.07 41.67
CA PRO OA 54 35.90 -6.24 42.89
C PRO OA 54 36.76 -5.96 44.12
N SER OA 55 36.34 -4.96 44.90
CA SER OA 55 37.11 -4.56 46.07
C SER OA 55 37.32 -5.73 47.00
N ASP OA 56 38.53 -5.83 47.54
CA ASP OA 56 38.82 -6.88 48.51
C ASP OA 56 37.87 -6.81 49.70
N ALA OA 57 37.51 -5.60 50.12
CA ALA OA 57 36.59 -5.44 51.23
C ALA OA 57 35.21 -6.01 50.90
N ASP OA 58 34.70 -5.73 49.70
CA ASP OA 58 33.38 -6.21 49.32
C ASP OA 58 33.40 -6.69 47.87
N PRO OA 59 33.02 -7.96 47.62
CA PRO OA 59 33.04 -8.47 46.25
C PRO OA 59 31.92 -7.94 45.37
N CYS OA 60 31.09 -7.02 45.86
CA CYS OA 60 29.99 -6.46 45.08
C CYS OA 60 30.13 -4.96 44.87
N VAL OA 61 31.32 -4.42 45.06
CA VAL OA 61 31.57 -2.99 44.82
C VAL OA 61 32.83 -2.83 43.99
N PRO OA 62 32.91 -1.83 43.13
CA PRO OA 62 34.13 -1.62 42.35
C PRO OA 62 35.28 -1.17 43.23
N GLY OA 63 36.50 -1.52 42.82
CA GLY OA 63 37.69 -1.08 43.49
C GLY OA 63 38.12 0.29 43.01
N PRO OA 64 39.41 0.44 42.73
CA PRO OA 64 39.91 1.70 42.18
C PRO OA 64 39.64 1.76 40.67
N ALA OA 65 40.11 2.84 40.06
CA ALA OA 65 39.96 3.08 38.63
C ALA OA 65 41.30 2.86 37.96
N ILE OA 66 41.34 1.90 37.02
CA ILE OA 66 42.55 1.54 36.31
C ILE OA 66 42.31 1.76 34.82
N ARG OA 67 43.25 2.43 34.16
CA ARG OA 67 43.12 2.69 32.73
C ARG OA 67 43.07 1.38 31.96
N VAL OA 68 42.55 1.47 30.74
CA VAL OA 68 42.36 0.32 29.87
C VAL OA 68 43.34 0.42 28.71
N PRO OA 69 44.15 -0.61 28.45
CA PRO OA 69 45.12 -0.53 27.36
C PRO OA 69 44.42 -0.63 26.00
N GLU OA 70 44.77 0.27 25.10
CA GLU OA 70 44.20 0.25 23.76
C GLU OA 70 44.74 -0.94 22.99
N VAL OA 71 43.84 -1.73 22.43
CA VAL OA 71 44.19 -2.84 21.54
C VAL OA 71 43.81 -2.44 20.12
N PRO OA 72 44.73 -2.55 19.16
CA PRO OA 72 44.40 -2.19 17.77
C PRO OA 72 43.94 -3.39 16.96
N PHE OA 73 43.04 -3.11 16.02
CA PHE OA 73 42.62 -4.11 15.06
C PHE OA 73 43.67 -4.22 13.96
N CYS OA 74 43.32 -4.90 12.88
CA CYS OA 74 44.05 -4.78 11.63
C CYS OA 74 43.82 -3.38 11.05
N ASP OA 75 44.47 -3.12 9.91
CA ASP OA 75 44.37 -1.89 9.12
C ASP OA 75 44.17 -0.62 9.95
N THR OA 76 44.99 -0.44 10.98
CA THR OA 76 44.98 0.79 11.77
C THR OA 76 46.29 1.53 11.53
N VAL OA 77 46.22 2.86 11.54
CA VAL OA 77 47.32 3.69 11.10
C VAL OA 77 48.00 4.45 12.24
N LEU OA 78 47.37 4.56 13.40
CA LEU OA 78 47.98 5.27 14.52
C LEU OA 78 47.45 4.70 15.82
N LEU OA 79 48.16 5.02 16.90
CA LEU OA 79 47.81 4.56 18.23
C LEU OA 79 47.82 5.74 19.19
N SER OA 80 47.04 5.63 20.26
CA SER OA 80 47.21 6.51 21.40
C SER OA 80 48.63 6.41 21.92
N GLU OA 81 49.31 7.55 22.02
CA GLU OA 81 50.74 7.61 22.33
C GLU OA 81 51.13 6.69 23.47
N ASP OA 82 50.27 6.55 24.48
CA ASP OA 82 50.58 5.68 25.61
C ASP OA 82 50.18 4.23 25.33
N GLY OA 83 49.21 4.02 24.46
CA GLY OA 83 48.66 2.69 24.25
C GLY OA 83 47.43 2.40 25.09
N LEU OA 84 46.92 3.38 25.83
CA LEU OA 84 45.70 3.22 26.61
C LEU OA 84 44.50 3.63 25.78
N ALA OA 85 43.38 2.95 26.03
CA ALA OA 85 42.16 3.24 25.29
C ALA OA 85 41.60 4.61 25.67
N ALA OA 86 41.18 5.36 24.66
CA ALA OA 86 40.59 6.68 24.86
C ALA OA 86 39.79 7.02 23.62
N VAL OA 87 38.67 7.72 23.82
CA VAL OA 87 37.72 7.98 22.75
C VAL OA 87 37.48 9.47 22.65
N THR OA 88 37.47 10.00 21.43
CA THR OA 88 37.27 11.41 21.19
C THR OA 88 35.96 11.64 20.44
N LEU OA 89 35.13 12.51 21.01
CA LEU OA 89 33.99 13.04 20.28
C LEU OA 89 34.44 14.20 19.42
N PRO OA 90 34.35 14.09 18.10
CA PRO OA 90 34.85 15.17 17.24
C PRO OA 90 34.02 16.44 17.36
N GLU OA 91 34.60 17.52 16.87
CA GLU OA 91 33.85 18.77 16.75
C GLU OA 91 32.75 18.60 15.70
N THR OA 92 31.84 19.58 15.68
CA THR OA 92 30.73 19.61 14.72
C THR OA 92 29.81 18.41 14.89
N VAL OA 93 29.42 18.16 16.14
CA VAL OA 93 28.39 17.19 16.47
C VAL OA 93 27.24 17.94 17.13
N THR OA 94 26.18 18.18 16.37
CA THR OA 94 25.03 18.90 16.88
C THR OA 94 24.33 18.11 17.98
N PRO OA 95 23.77 18.80 18.98
CA PRO OA 95 23.19 18.07 20.12
C PRO OA 95 21.82 17.49 19.83
N ASP OA 96 21.65 16.95 18.62
CA ASP OA 96 20.57 16.02 18.30
C ASP OA 96 21.10 14.94 17.38
N SER OA 97 22.29 14.41 17.71
CA SER OA 97 22.93 13.40 16.88
C SER OA 97 23.67 12.45 17.82
N PHE OA 98 23.03 11.34 18.17
CA PHE OA 98 23.61 10.37 19.08
C PHE OA 98 24.86 9.73 18.47
N CYS OA 99 25.73 9.23 19.35
CA CYS OA 99 26.98 8.62 18.95
C CYS OA 99 27.09 7.23 19.54
N ALA OA 100 27.62 6.30 18.75
CA ALA OA 100 27.78 4.91 19.16
C ALA OA 100 29.26 4.56 19.28
N GLY OA 101 29.56 3.62 20.17
CA GLY OA 101 30.92 3.18 20.37
C GLY OA 101 30.96 1.91 21.20
N THR OA 102 32.11 1.24 21.17
CA THR OA 102 32.28 -0.01 21.88
C THR OA 102 33.75 -0.40 21.99
N VAL OA 103 34.19 -0.74 23.20
CA VAL OA 103 35.53 -1.29 23.42
C VAL OA 103 35.48 -2.77 23.04
N PRO OA 104 36.43 -3.29 22.26
CA PRO OA 104 36.30 -4.66 21.75
C PRO OA 104 36.70 -5.75 22.72
N CYS OA 105 37.52 -5.47 23.73
CA CYS OA 105 37.98 -6.48 24.67
C CYS OA 105 37.96 -5.90 26.06
N MET OA 106 37.05 -6.40 26.90
CA MET OA 106 36.88 -5.88 28.25
C MET OA 106 37.89 -6.49 29.20
N ASN OA 107 37.98 -5.91 30.40
CA ASN OA 107 38.81 -6.44 31.47
C ASN OA 107 38.31 -5.87 32.79
N GLY OA 108 37.96 -6.74 33.72
CA GLY OA 108 37.43 -6.33 35.00
C GLY OA 108 35.95 -6.60 35.13
N GLN OA 109 35.31 -5.82 36.00
CA GLN OA 109 33.87 -5.95 36.23
C GLN OA 109 33.11 -4.64 36.17
N TRP OA 110 33.79 -3.49 36.21
CA TRP OA 110 33.13 -2.19 36.11
C TRP OA 110 33.88 -1.32 35.13
N ILE OA 111 33.14 -0.66 34.25
CA ILE OA 111 33.69 0.30 33.30
C ILE OA 111 33.33 1.70 33.76
N SER OA 112 34.18 2.67 33.41
CA SER OA 112 33.93 4.05 33.77
C SER OA 112 34.55 4.96 32.72
N ILE OA 113 33.90 6.09 32.47
CA ILE OA 113 34.38 7.09 31.52
C ILE OA 113 34.67 8.37 32.28
N ALA OA 114 35.82 8.97 32.00
CA ALA OA 114 36.19 10.22 32.66
C ALA OA 114 36.62 11.24 31.62
N PRO OA 115 36.34 12.52 31.86
CA PRO OA 115 36.76 13.55 30.90
C PRO OA 115 38.27 13.66 30.87
N ALA OA 116 38.86 13.37 29.71
CA ALA OA 116 40.29 13.49 29.56
C ALA OA 116 40.71 14.92 29.84
N THR OA 117 41.87 15.07 30.50
CA THR OA 117 42.30 16.38 30.98
C THR OA 117 42.37 17.39 29.85
N GLY OA 118 42.17 18.66 30.21
CA GLY OA 118 42.14 19.74 29.25
C GLY OA 118 40.89 19.85 28.42
N SER OA 119 39.99 18.85 28.47
CA SER OA 119 38.75 18.86 27.72
C SER OA 119 37.58 18.53 28.63
N GLU OA 120 37.58 19.08 29.84
CA GLU OA 120 36.55 18.77 30.82
C GLU OA 120 35.46 19.82 30.91
N THR OA 121 35.71 21.04 30.44
CA THR OA 121 34.67 22.07 30.43
C THR OA 121 33.54 21.67 29.48
N ASN OA 122 33.89 21.27 28.25
CA ASN OA 122 32.87 20.82 27.31
C ASN OA 122 32.21 19.53 27.79
N ALA OA 123 32.92 18.73 28.59
CA ALA OA 123 32.35 17.50 29.12
C ALA OA 123 31.05 17.75 29.88
N ALA OA 124 30.88 18.95 30.42
CA ALA OA 124 29.63 19.31 31.09
C ALA OA 124 28.43 19.10 30.17
N ASN OA 125 28.57 19.50 28.90
CA ASN OA 125 27.48 19.37 27.94
C ASN OA 125 27.40 17.98 27.32
N VAL OA 126 28.14 17.00 27.85
CA VAL OA 126 28.14 15.65 27.31
C VAL OA 126 27.41 14.73 28.27
N GLN OA 127 26.70 13.75 27.71
CA GLN OA 127 26.00 12.73 28.48
C GLN OA 127 26.30 11.39 27.87
N ILE OA 128 26.83 10.47 28.67
CA ILE OA 128 27.26 9.17 28.17
C ILE OA 128 26.59 8.09 29.00
N THR OA 129 26.05 7.08 28.32
CA THR OA 129 25.49 5.93 29.03
C THR OA 129 25.76 4.67 28.21
N VAL OA 130 25.40 3.53 28.79
CA VAL OA 130 25.80 2.22 28.27
C VAL OA 130 24.69 1.22 28.53
N THR OA 131 24.41 0.38 27.53
CA THR OA 131 23.49 -0.74 27.67
C THR OA 131 24.26 -2.05 27.52
N MET OA 132 23.61 -3.13 27.91
CA MET OA 132 24.18 -4.47 27.86
C MET OA 132 23.33 -5.35 26.95
N LYS OA 133 23.79 -6.58 26.71
CA LYS OA 133 23.11 -7.43 25.75
C LYS OA 133 22.79 -8.84 26.24
N GLY OA 134 23.68 -9.43 27.04
CA GLY OA 134 23.58 -10.84 27.35
C GLY OA 134 22.59 -11.14 28.46
N ALA OA 135 22.46 -12.43 28.77
CA ALA OA 135 21.84 -12.86 30.02
C ALA OA 135 22.82 -13.61 30.90
N THR OA 136 23.34 -14.75 30.43
CA THR OA 136 24.47 -15.48 31.02
C THR OA 136 24.22 -15.92 32.46
N ARG OA 137 23.07 -15.55 33.01
CA ARG OA 137 22.72 -15.78 34.42
C ARG OA 137 21.43 -15.03 34.76
N MET PA 1 33.96 -10.26 22.74
CA MET PA 1 33.51 -10.00 21.37
C MET PA 1 32.21 -9.19 21.39
N ASN PA 2 32.21 -8.09 22.12
CA ASN PA 2 31.02 -7.25 22.23
C ASN PA 2 30.84 -6.44 20.96
N PHE PA 3 29.76 -6.73 20.23
CA PHE PA 3 29.42 -5.93 19.06
C PHE PA 3 29.19 -4.48 19.44
N ASN PA 4 29.36 -3.60 18.47
CA ASN PA 4 29.04 -2.19 18.70
C ASN PA 4 27.52 -2.08 18.78
N VAL PA 5 27.00 -2.10 20.00
CA VAL PA 5 25.56 -2.12 20.23
C VAL PA 5 25.04 -0.72 20.60
N GLY PA 6 25.83 0.32 20.37
CA GLY PA 6 25.32 1.68 20.45
C GLY PA 6 24.19 1.85 19.46
N VAL PA 7 24.51 1.81 18.16
CA VAL PA 7 23.48 1.54 17.18
C VAL PA 7 22.90 0.16 17.48
N ASP PA 8 21.70 -0.11 16.96
CA ASP PA 8 21.00 -1.33 17.35
C ASP PA 8 20.73 -1.32 18.85
N PHE PA 9 19.72 -0.55 19.26
CA PHE PA 9 19.26 -0.29 20.63
C PHE PA 9 20.15 0.68 21.41
N PRO PA 10 20.22 1.96 21.00
CA PRO PA 10 20.87 2.97 21.85
C PRO PA 10 20.04 3.32 23.08
N SER PA 11 20.51 4.27 23.87
CA SER PA 11 19.81 4.69 25.07
C SER PA 11 20.21 6.12 25.41
N PHE PA 12 19.46 6.73 26.34
CA PHE PA 12 19.68 8.11 26.72
C PHE PA 12 19.37 8.29 28.20
N ILE PA 13 19.70 9.48 28.70
CA ILE PA 13 19.43 9.84 30.08
C ILE PA 13 17.99 10.35 30.18
N ALA PA 14 17.19 9.70 31.04
CA ALA PA 14 15.81 10.11 31.26
C ALA PA 14 15.63 10.95 32.51
N TRP PA 15 16.27 10.58 33.60
CA TRP PA 15 16.15 11.30 34.87
C TRP PA 15 17.43 11.09 35.66
N ASP PA 16 18.23 12.15 35.78
CA ASP PA 16 19.51 12.09 36.47
C ASP PA 16 19.38 12.23 37.99
N GLY PA 17 18.19 12.51 38.50
CA GLY PA 17 17.99 12.80 39.89
C GLY PA 17 17.90 14.27 40.22
N GLU PA 18 18.14 15.13 39.26
CA GLU PA 18 18.05 16.58 39.44
C GLU PA 18 17.12 17.27 38.45
N GLU PA 19 17.08 16.80 37.20
CA GLU PA 19 16.30 17.45 36.16
C GLU PA 19 15.86 16.42 35.14
N SER PA 20 14.67 16.62 34.57
CA SER PA 20 14.16 15.73 33.55
C SER PA 20 14.76 16.07 32.19
N PHE PA 21 14.50 15.20 31.22
CA PHE PA 21 15.04 15.38 29.87
C PHE PA 21 14.09 14.80 28.82
N PRO PA 22 13.62 15.61 27.87
CA PRO PA 22 12.91 15.05 26.73
C PRO PA 22 13.86 14.26 25.84
N VAL PA 23 13.53 12.99 25.62
CA VAL PA 23 14.40 12.07 24.92
C VAL PA 23 13.65 11.53 23.71
N LYS PA 24 14.07 11.94 22.51
CA LYS PA 24 13.30 11.66 21.30
C LYS PA 24 13.12 10.16 21.10
N VAL PA 25 11.86 9.75 20.92
CA VAL PA 25 11.51 8.39 20.57
C VAL PA 25 10.79 8.31 19.24
N ASP PA 26 10.53 9.44 18.58
CA ASP PA 26 9.86 9.43 17.29
C ASP PA 26 10.71 8.73 16.23
N GLY PA 27 12.03 8.88 16.30
CA GLY PA 27 12.92 8.18 15.39
C GLY PA 27 13.01 6.69 15.63
N PHE PA 28 12.38 6.19 16.69
CA PHE PA 28 12.35 4.78 17.03
C PHE PA 28 10.91 4.29 16.99
N ASN PA 29 10.73 2.99 17.17
CA ASN PA 29 9.39 2.39 17.17
C ASN PA 29 9.08 1.55 18.39
N GLN PA 30 10.08 1.17 19.19
CA GLN PA 30 9.84 0.54 20.48
C GLN PA 30 10.80 1.14 21.50
N PHE PA 31 10.45 1.03 22.78
CA PHE PA 31 11.28 1.61 23.82
C PHE PA 31 10.86 1.05 25.17
N GLY PA 32 11.63 1.39 26.19
CA GLY PA 32 11.35 0.95 27.55
C GLY PA 32 12.24 1.67 28.54
N PHE PA 33 11.90 1.51 29.81
CA PHE PA 33 12.55 2.20 30.91
C PHE PA 33 13.38 1.25 31.75
N THR PA 34 14.51 1.76 32.23
CA THR PA 34 15.39 1.05 33.14
C THR PA 34 15.63 1.93 34.36
N PHE PA 35 15.25 1.44 35.53
CA PHE PA 35 15.40 2.18 36.78
C PHE PA 35 16.51 1.58 37.62
N LYS PA 36 17.26 2.46 38.30
CA LYS PA 36 18.35 2.06 39.16
C LYS PA 36 18.38 2.99 40.35
N THR PA 37 18.81 2.46 41.50
CA THR PA 37 18.85 3.24 42.73
C THR PA 37 20.29 3.48 43.13
N ILE PA 38 20.58 4.71 43.58
CA ILE PA 38 21.93 5.05 44.00
C ILE PA 38 22.13 4.87 45.50
N ALA PA 39 21.06 4.84 46.28
CA ALA PA 39 21.15 4.67 47.73
C ALA PA 39 19.78 4.28 48.25
N ALA PA 40 19.78 3.57 49.38
CA ALA PA 40 18.53 3.07 49.95
C ALA PA 40 17.54 4.21 50.16
N LEU PA 41 16.28 3.93 49.81
CA LEU PA 41 15.23 4.94 49.86
C LEU PA 41 14.63 5.02 51.26
N THR PA 42 13.63 5.89 51.40
CA THR PA 42 12.91 6.05 52.66
C THR PA 42 11.45 5.61 52.58
N ALA PA 43 10.84 5.73 51.41
CA ALA PA 43 9.45 5.32 51.22
C ALA PA 43 9.25 5.05 49.72
N ALA PA 44 8.08 4.52 49.39
CA ALA PA 44 7.76 4.26 48.00
C ALA PA 44 7.84 5.56 47.19
N THR PA 45 8.39 5.45 46.00
CA THR PA 45 8.64 6.62 45.15
C THR PA 45 7.74 6.55 43.92
N THR PA 46 7.17 7.68 43.54
CA THR PA 46 6.23 7.74 42.43
C THR PA 46 6.74 8.72 41.38
N PHE PA 47 6.59 8.34 40.12
CA PHE PA 47 7.02 9.14 38.98
C PHE PA 47 5.88 9.28 37.99
N ASN PA 48 5.63 10.51 37.56
CA ASN PA 48 4.65 10.79 36.52
C ASN PA 48 5.33 10.81 35.16
N ILE PA 49 4.59 10.39 34.15
CA ILE PA 49 5.08 10.28 32.78
C ILE PA 49 4.42 11.34 31.93
N PHE PA 50 5.16 11.87 30.97
CA PHE PA 50 4.68 12.89 30.05
C PHE PA 50 5.20 12.59 28.66
N TYR PA 51 4.42 12.97 27.66
CA TYR PA 51 4.85 12.88 26.27
C TYR PA 51 4.71 14.25 25.62
N HIS PA 52 5.57 14.50 24.64
CA HIS PA 52 5.61 15.80 23.99
C HIS PA 52 5.19 15.69 22.53
N GLU PA 53 4.91 16.84 21.95
CA GLU PA 53 4.49 16.99 20.57
C GLU PA 53 5.35 18.06 19.90
N PRO PA 54 5.51 17.99 18.57
CA PRO PA 54 6.45 18.91 17.92
C PRO PA 54 5.96 20.35 18.02
N SER PA 55 6.81 21.21 18.56
CA SER PA 55 6.47 22.62 18.67
C SER PA 55 6.19 23.19 17.29
N ASP PA 56 5.10 23.96 17.18
CA ASP PA 56 4.75 24.59 15.91
C ASP PA 56 5.88 25.47 15.40
N ALA PA 57 6.66 26.07 16.29
CA ALA PA 57 7.77 26.91 15.88
C ALA PA 57 8.88 26.08 15.22
N ASP PA 58 9.13 24.87 15.73
CA ASP PA 58 10.20 24.05 15.21
C ASP PA 58 9.88 22.58 15.43
N PRO PA 59 9.91 21.76 14.39
CA PRO PA 59 9.64 20.32 14.54
C PRO PA 59 10.79 19.52 15.11
N CYS PA 60 11.83 20.16 15.65
CA CYS PA 60 12.95 19.46 16.26
C CYS PA 60 13.18 19.88 17.71
N VAL PA 61 12.25 20.62 18.30
CA VAL PA 61 12.34 21.01 19.70
C VAL PA 61 10.96 20.79 20.32
N PRO PA 62 10.87 20.25 21.54
CA PRO PA 62 9.56 19.87 22.08
C PRO PA 62 8.64 21.06 22.29
N GLY PA 63 7.34 20.75 22.32
CA GLY PA 63 6.33 21.69 22.76
C GLY PA 63 6.06 21.51 24.24
N PRO PA 64 4.78 21.49 24.62
CA PRO PA 64 4.44 21.26 26.03
C PRO PA 64 4.62 19.80 26.42
N ALA PA 65 4.31 19.47 27.67
CA ALA PA 65 4.43 18.10 28.19
C ALA PA 65 3.04 17.61 28.57
N ILE PA 66 2.39 16.89 27.65
CA ILE PA 66 1.07 16.34 27.93
C ILE PA 66 1.21 15.16 28.89
N ARG PA 67 0.26 15.04 29.82
CA ARG PA 67 0.24 13.94 30.77
C ARG PA 67 -0.33 12.72 30.07
N VAL PA 68 0.52 11.71 29.84
CA VAL PA 68 0.07 10.54 29.09
C VAL PA 68 -1.03 9.81 29.86
N PRO PA 69 -2.12 9.40 29.22
CA PRO PA 69 -3.17 8.67 29.94
C PRO PA 69 -2.83 7.20 30.09
N GLU PA 70 -3.05 6.65 31.29
CA GLU PA 70 -2.82 5.24 31.51
C GLU PA 70 -3.94 4.42 30.88
N VAL PA 71 -3.57 3.29 30.30
CA VAL PA 71 -4.51 2.37 29.66
C VAL PA 71 -4.41 1.02 30.36
N PRO PA 72 -5.52 0.43 30.79
CA PRO PA 72 -5.45 -0.89 31.41
C PRO PA 72 -5.59 -2.01 30.39
N PHE PA 73 -5.52 -3.25 30.85
CA PHE PA 73 -5.71 -4.40 29.98
C PHE PA 73 -6.49 -5.46 30.77
N CYS PA 74 -6.46 -6.70 30.26
CA CYS PA 74 -7.35 -7.77 30.69
C CYS PA 74 -7.49 -7.87 32.21
N ASP PA 75 -6.39 -8.09 32.91
CA ASP PA 75 -6.42 -8.32 34.35
C ASP PA 75 -5.95 -7.12 35.16
N THR PA 76 -6.06 -5.93 34.62
CA THR PA 76 -5.72 -4.72 35.36
C THR PA 76 -6.91 -4.32 36.23
N VAL PA 77 -6.69 -4.25 37.54
CA VAL PA 77 -7.77 -4.04 38.50
C VAL PA 77 -7.43 -2.92 39.47
N LEU PA 78 -6.46 -2.08 39.11
CA LEU PA 78 -5.94 -1.06 40.01
C LEU PA 78 -5.88 0.30 39.31
N LEU PA 79 -6.97 0.65 38.64
CA LEU PA 79 -7.05 1.92 37.92
C LEU PA 79 -6.79 3.09 38.87
N SER PA 80 -5.91 4.00 38.44
CA SER PA 80 -5.58 5.20 39.22
C SER PA 80 -6.66 6.25 39.02
N GLU PA 81 -6.37 7.49 39.42
CA GLU PA 81 -7.35 8.57 39.35
C GLU PA 81 -7.61 8.91 37.88
N ASP PA 82 -8.54 8.16 37.29
CA ASP PA 82 -9.04 8.28 35.92
C ASP PA 82 -8.01 7.88 34.87
N GLY PA 83 -6.78 7.58 35.24
CA GLY PA 83 -5.81 7.08 34.29
C GLY PA 83 -4.83 8.11 33.82
N LEU PA 84 -3.62 8.07 34.37
CA LEU PA 84 -2.51 8.92 33.92
C LEU PA 84 -1.23 8.17 34.32
N ALA PA 85 -0.54 7.64 33.31
CA ALA PA 85 0.54 6.70 33.54
C ALA PA 85 1.55 7.21 34.55
N ALA PA 86 1.62 6.53 35.68
CA ALA PA 86 2.57 6.85 36.73
C ALA PA 86 3.07 5.55 37.33
N VAL PA 87 4.38 5.48 37.58
CA VAL PA 87 4.99 4.27 38.11
C VAL PA 87 5.42 4.54 39.54
N THR PA 88 5.64 3.45 40.28
CA THR PA 88 6.04 3.55 41.68
C THR PA 88 7.09 2.49 41.97
N LEU PA 89 8.31 2.95 42.19
CA LEU PA 89 9.35 2.07 42.72
C LEU PA 89 9.09 1.86 44.20
N PRO PA 90 8.77 0.65 44.65
CA PRO PA 90 8.43 0.44 46.06
C PRO PA 90 9.64 0.61 46.95
N GLU PA 91 9.37 0.60 48.26
CA GLU PA 91 10.45 0.62 49.24
C GLU PA 91 11.10 -0.77 49.28
N THR PA 92 12.16 -0.88 50.10
CA THR PA 92 12.96 -2.10 50.21
C THR PA 92 13.53 -2.50 48.85
N VAL PA 93 14.18 -1.54 48.20
CA VAL PA 93 14.89 -1.77 46.95
C VAL PA 93 16.30 -1.23 47.11
N THR PA 94 17.29 -2.02 46.75
CA THR PA 94 18.69 -1.74 46.93
C THR PA 94 19.37 -1.44 45.60
N PRO PA 95 20.57 -0.85 45.63
CA PRO PA 95 21.38 -0.81 44.40
C PRO PA 95 21.78 -2.21 43.95
N ASP PA 96 22.58 -2.28 42.87
CA ASP PA 96 22.96 -3.52 42.20
C ASP PA 96 21.76 -4.40 41.87
N SER PA 97 20.59 -3.79 41.75
CA SER PA 97 19.38 -4.49 41.34
C SER PA 97 18.47 -3.49 40.65
N PHE PA 98 18.40 -3.55 39.33
CA PHE PA 98 17.63 -2.61 38.53
C PHE PA 98 16.18 -3.09 38.39
N CYS PA 99 15.37 -2.26 37.75
CA CYS PA 99 13.99 -2.64 37.44
C CYS PA 99 13.65 -2.17 36.03
N ALA PA 100 12.58 -2.73 35.49
CA ALA PA 100 12.17 -2.50 34.11
C ALA PA 100 10.79 -1.84 34.06
N GLY PA 101 10.54 -1.11 33.00
CA GLY PA 101 9.25 -0.46 32.81
C GLY PA 101 8.90 -0.34 31.34
N THR PA 102 7.60 -0.25 31.07
CA THR PA 102 7.13 -0.10 29.70
C THR PA 102 5.77 0.58 29.70
N VAL PA 103 5.46 1.28 28.62
CA VAL PA 103 4.17 1.92 28.42
C VAL PA 103 3.44 1.18 27.30
N PRO PA 104 2.16 0.84 27.48
CA PRO PA 104 1.47 0.03 26.46
C PRO PA 104 1.32 0.72 25.11
N CYS PA 105 0.79 1.94 25.10
CA CYS PA 105 0.47 2.65 23.86
C CYS PA 105 1.27 3.95 23.81
N MET PA 106 2.16 4.05 22.83
CA MET PA 106 2.93 5.26 22.66
C MET PA 106 2.07 6.38 22.08
N ASN PA 107 2.51 7.62 22.29
CA ASN PA 107 1.82 8.78 21.77
C ASN PA 107 2.77 9.98 21.81
N GLY PA 108 2.70 10.81 20.78
CA GLY PA 108 3.49 12.03 20.75
C GLY PA 108 4.81 11.89 20.02
N GLN PA 109 5.82 12.60 20.49
CA GLN PA 109 7.16 12.57 19.89
C GLN PA 109 8.22 11.97 20.80
N TRP PA 110 8.20 12.30 22.09
CA TRP PA 110 9.17 11.76 23.02
C TRP PA 110 8.60 11.78 24.42
N ILE PA 111 9.31 11.12 25.33
CA ILE PA 111 8.84 10.89 26.68
C ILE PA 111 9.68 11.70 27.66
N SER PA 112 9.12 11.92 28.84
CA SER PA 112 9.81 12.60 29.93
C SER PA 112 9.22 12.08 31.24
N ILE PA 113 10.07 11.97 32.25
CA ILE PA 113 9.67 11.47 33.55
C ILE PA 113 9.92 12.54 34.59
N ALA PA 114 8.98 12.71 35.51
CA ALA PA 114 9.09 13.71 36.55
C ALA PA 114 8.76 13.09 37.90
N PRO PA 115 9.39 13.55 38.96
CA PRO PA 115 9.04 13.05 40.29
C PRO PA 115 7.63 13.47 40.68
N ALA PA 116 6.72 12.50 40.80
CA ALA PA 116 5.40 12.79 41.32
C ALA PA 116 5.51 13.44 42.69
N THR PA 117 4.68 14.45 42.94
CA THR PA 117 4.77 15.20 44.18
C THR PA 117 4.64 14.27 45.38
N GLY PA 118 5.66 14.28 46.23
CA GLY PA 118 5.77 13.34 47.34
C GLY PA 118 6.97 12.42 47.26
N SER PA 119 7.69 12.39 46.14
CA SER PA 119 8.88 11.56 45.98
C SER PA 119 10.11 12.39 45.62
N GLU PA 120 10.07 13.71 45.82
CA GLU PA 120 11.12 14.59 45.32
C GLU PA 120 12.47 14.25 45.94
N THR PA 121 12.56 14.38 47.27
CA THR PA 121 13.80 14.00 47.95
C THR PA 121 14.13 12.53 47.73
N ASN PA 122 13.12 11.69 47.55
CA ASN PA 122 13.36 10.30 47.18
C ASN PA 122 13.92 10.22 45.77
N ALA PA 123 13.31 10.93 44.82
CA ALA PA 123 13.80 10.96 43.45
C ALA PA 123 15.23 11.49 43.36
N ALA PA 124 15.67 12.27 44.33
CA ALA PA 124 17.04 12.77 44.33
C ALA PA 124 18.07 11.66 44.42
N ASN PA 125 17.67 10.42 44.70
CA ASN PA 125 18.58 9.30 44.85
C ASN PA 125 18.26 8.16 43.89
N VAL PA 126 17.69 8.48 42.73
CA VAL PA 126 17.32 7.47 41.74
C VAL PA 126 17.81 7.91 40.37
N GLN PA 127 18.11 6.93 39.52
CA GLN PA 127 18.51 7.17 38.14
C GLN PA 127 17.55 6.42 37.22
N ILE PA 128 17.06 7.11 36.19
CA ILE PA 128 16.12 6.53 35.26
C ILE PA 128 16.67 6.74 33.85
N THR PA 129 16.64 5.68 33.04
CA THR PA 129 17.07 5.80 31.65
C THR PA 129 16.04 5.13 30.76
N VAL PA 130 16.14 5.42 29.46
CA VAL PA 130 15.26 4.83 28.46
C VAL PA 130 16.12 4.22 27.38
N THR PA 131 15.75 3.02 26.93
CA THR PA 131 16.42 2.36 25.83
C THR PA 131 15.40 2.04 24.75
N MET PA 132 15.76 2.33 23.50
CA MET PA 132 14.86 2.17 22.37
C MET PA 132 15.15 0.87 21.64
N LYS PA 133 14.43 0.66 20.54
CA LYS PA 133 14.41 -0.63 19.88
C LYS PA 133 13.76 -0.49 18.51
N GLY PA 134 14.39 -1.10 17.50
CA GLY PA 134 13.76 -1.33 16.22
C GLY PA 134 13.94 -0.24 15.19
N ALA PA 135 14.50 0.91 15.56
CA ALA PA 135 14.47 2.13 14.75
C ALA PA 135 14.64 1.87 13.26
N THR PA 136 13.69 2.39 12.47
CA THR PA 136 13.81 2.41 11.02
C THR PA 136 14.05 3.81 10.48
N ARG PA 137 13.89 4.84 11.31
CA ARG PA 137 14.16 6.23 10.96
C ARG PA 137 13.21 6.77 9.89
N PHE QA 174 -87.99 -60.16 104.19
CA PHE QA 174 -88.03 -61.59 103.92
C PHE QA 174 -88.66 -61.87 102.57
N PHE QA 175 -89.58 -61.01 102.15
CA PHE QA 175 -90.10 -61.05 100.78
C PHE QA 175 -88.99 -60.66 99.80
N THR QA 176 -89.19 -61.03 98.54
CA THR QA 176 -88.14 -60.89 97.53
C THR QA 176 -88.56 -59.91 96.44
N PRO QA 177 -88.04 -58.68 96.43
CA PRO QA 177 -88.28 -57.80 95.27
C PRO QA 177 -87.63 -58.36 94.02
N GLN QA 178 -88.41 -58.45 92.94
CA GLN QA 178 -87.98 -59.05 91.69
C GLN QA 178 -87.53 -58.00 90.67
N VAL QA 179 -86.66 -58.42 89.77
CA VAL QA 179 -85.97 -57.49 88.87
C VAL QA 179 -86.93 -56.93 87.82
N LEU QA 180 -86.55 -55.79 87.26
CA LEU QA 180 -87.38 -55.15 86.25
C LEU QA 180 -86.73 -53.93 85.62
N ALA QA 181 -87.53 -53.09 84.97
CA ALA QA 181 -87.04 -51.86 84.30
C ALA QA 181 -85.82 -52.07 83.42
N LEU QA 182 -84.66 -51.68 83.92
CA LEU QA 182 -83.40 -51.93 83.22
C LEU QA 182 -82.97 -50.98 82.11
N GLU QA 183 -81.93 -50.20 82.38
CA GLU QA 183 -81.26 -49.32 81.40
C GLU QA 183 -81.80 -47.90 81.26
N VAL QA 184 -82.31 -47.29 82.32
CA VAL QA 184 -82.28 -45.84 82.41
C VAL QA 184 -80.81 -45.40 82.51
N ASP QA 185 -80.35 -44.64 81.53
CA ASP QA 185 -78.95 -44.20 81.44
C ASP QA 185 -78.80 -42.71 81.61
N CYS QA 186 -79.48 -41.92 80.78
CA CYS QA 186 -79.60 -40.48 80.94
C CYS QA 186 -78.22 -39.81 80.91
N ASN QA 187 -77.43 -40.16 79.90
CA ASN QA 187 -76.07 -39.63 79.71
C ASN QA 187 -75.89 -39.16 78.27
N ILE QA 188 -75.22 -38.03 78.09
CA ILE QA 188 -75.13 -37.39 76.77
C ILE QA 188 -73.66 -37.27 76.37
N GLU QA 189 -73.44 -36.95 75.08
CA GLU QA 189 -72.11 -36.75 74.51
C GLU QA 189 -72.07 -35.49 73.65
N CYS QA 190 -71.00 -35.33 72.86
CA CYS QA 190 -70.86 -34.21 71.95
C CYS QA 190 -71.34 -34.58 70.55
N ALA QA 191 -71.10 -33.69 69.59
CA ALA QA 191 -71.26 -34.00 68.18
C ALA QA 191 -69.96 -34.62 67.67
N SER QA 192 -69.83 -34.74 66.35
CA SER QA 192 -68.64 -35.34 65.73
C SER QA 192 -68.13 -34.40 64.64
N LEU QA 193 -67.24 -33.49 65.02
CA LEU QA 193 -66.62 -32.56 64.06
C LEU QA 193 -65.32 -33.13 63.50
N LEU QA 194 -65.39 -34.37 63.03
CA LEU QA 194 -64.21 -35.08 62.56
C LEU QA 194 -64.16 -35.18 61.04
N ASP QA 195 -65.28 -35.51 60.41
CA ASP QA 195 -65.32 -35.66 58.96
C ASP QA 195 -64.93 -34.38 58.24
N LEU QA 196 -65.14 -33.22 58.86
CA LEU QA 196 -64.80 -31.96 58.21
C LEU QA 196 -63.30 -31.80 58.07
N TYR QA 197 -62.53 -32.16 59.10
CA TYR QA 197 -61.10 -32.02 59.05
C TYR QA 197 -60.49 -32.96 58.01
N GLY QA 198 -59.23 -32.68 57.66
CA GLY QA 198 -58.50 -33.56 56.76
C GLY QA 198 -58.06 -34.82 57.47
N GLN QA 199 -58.07 -35.93 56.74
CA GLN QA 199 -57.69 -37.23 57.27
C GLN QA 199 -56.29 -37.59 56.81
N ILE QA 200 -55.43 -37.98 57.76
CA ILE QA 200 -54.08 -38.44 57.44
C ILE QA 200 -53.83 -39.75 58.18
N GLU QA 201 -53.21 -40.70 57.48
CA GLU QA 201 -52.92 -42.03 58.02
C GLU QA 201 -51.42 -42.26 57.88
N VAL QA 202 -50.67 -41.80 58.87
CA VAL QA 202 -49.22 -42.00 58.90
C VAL QA 202 -48.93 -43.34 59.56
N SER QA 203 -47.95 -44.06 59.03
CA SER QA 203 -47.56 -45.35 59.59
C SER QA 203 -46.57 -45.20 60.74
N ARG QA 204 -45.63 -44.26 60.63
CA ARG QA 204 -44.64 -44.05 61.66
C ARG QA 204 -45.16 -43.02 62.66
N SER QA 205 -44.32 -42.62 63.61
CA SER QA 205 -44.75 -41.74 64.70
C SER QA 205 -44.54 -40.27 64.40
N THR QA 206 -43.86 -39.92 63.32
CA THR QA 206 -43.58 -38.53 62.99
C THR QA 206 -43.89 -38.30 61.51
N PHE QA 207 -44.06 -37.03 61.14
CA PHE QA 207 -44.28 -36.67 59.75
C PHE QA 207 -43.70 -35.28 59.48
N THR QA 208 -43.36 -35.01 58.21
CA THR QA 208 -42.84 -33.70 57.83
C THR QA 208 -43.39 -33.31 56.47
N TYR QA 209 -43.68 -32.02 56.31
CA TYR QA 209 -44.24 -31.49 55.07
C TYR QA 209 -43.55 -30.18 54.75
N MET QA 210 -44.13 -29.42 53.83
CA MET QA 210 -43.63 -28.10 53.46
C MET QA 210 -44.82 -27.18 53.23
N LYS QA 211 -44.54 -25.89 53.13
CA LYS QA 211 -45.61 -24.89 53.03
C LYS QA 211 -45.09 -23.66 52.30
N ILE QA 212 -45.68 -23.34 51.15
CA ILE QA 212 -45.32 -22.10 50.47
C ILE QA 212 -45.71 -20.94 51.36
N ALA QA 213 -44.70 -20.22 51.88
CA ALA QA 213 -44.98 -19.02 52.65
C ALA QA 213 -45.58 -17.94 51.77
N ASP QA 214 -44.87 -17.58 50.70
CA ASP QA 214 -45.37 -16.63 49.72
C ASP QA 214 -44.65 -16.90 48.40
N TYR QA 215 -44.82 -16.00 47.45
CA TYR QA 215 -44.18 -16.12 46.14
C TYR QA 215 -43.16 -15.00 45.87
N GLY QA 216 -43.43 -13.78 46.32
CA GLY QA 216 -42.52 -12.67 46.10
C GLY QA 216 -42.71 -12.02 44.76
N GLN QA 217 -42.52 -10.71 44.71
CA GLN QA 217 -42.71 -9.94 43.50
C GLN QA 217 -41.38 -9.76 42.78
N LEU QA 218 -41.47 -9.36 41.52
CA LEU QA 218 -40.29 -9.01 40.75
C LEU QA 218 -40.52 -7.67 40.07
N GLY QA 219 -39.52 -6.78 40.16
CA GLY QA 219 -39.69 -5.39 39.76
C GLY QA 219 -40.41 -5.18 38.45
N GLU QA 220 -41.62 -4.60 38.52
CA GLU QA 220 -42.64 -4.79 37.51
C GLU QA 220 -42.77 -3.62 36.55
N TYR QA 221 -43.23 -3.94 35.34
CA TYR QA 221 -43.47 -2.96 34.29
C TYR QA 221 -42.27 -2.04 34.12
N THR QA 222 -41.22 -2.63 33.58
CA THR QA 222 -40.04 -1.90 33.19
C THR QA 222 -40.39 -0.67 32.37
N CYS QA 223 -39.48 0.30 32.43
CA CYS QA 223 -39.64 1.57 31.74
C CYS QA 223 -39.19 1.40 30.29
N ASP QA 224 -39.01 2.52 29.60
CA ASP QA 224 -38.44 2.53 28.26
C ASP QA 224 -37.23 1.60 28.19
N ALA QA 225 -37.02 1.00 27.03
CA ALA QA 225 -35.98 -0.01 26.85
C ALA QA 225 -34.64 0.46 27.38
N LYS QA 226 -34.19 -0.17 28.46
CA LYS QA 226 -32.88 0.09 29.08
C LYS QA 226 -32.61 -1.07 30.02
N CYS QA 227 -31.34 -1.40 30.16
CA CYS QA 227 -30.92 -2.60 30.89
C CYS QA 227 -31.11 -2.38 32.40
N ASP QA 228 -32.35 -2.54 32.84
CA ASP QA 228 -32.70 -2.33 34.24
C ASP QA 228 -32.18 -3.48 35.11
N ALA QA 229 -32.27 -3.27 36.43
CA ALA QA 229 -31.93 -4.29 37.42
C ALA QA 229 -33.13 -4.51 38.34
N GLU QA 230 -33.91 -5.54 38.05
CA GLU QA 230 -35.16 -5.83 38.73
C GLU QA 230 -35.18 -7.27 39.23
N PHE QA 231 -34.09 -7.65 39.91
CA PHE QA 231 -33.89 -9.03 40.33
C PHE QA 231 -35.04 -9.52 41.22
N GLY QA 232 -35.68 -8.61 41.95
CA GLY QA 232 -36.84 -8.98 42.74
C GLY QA 232 -36.47 -9.78 43.98
N GLU QA 233 -37.38 -10.69 44.37
CA GLU QA 233 -37.18 -11.52 45.56
C GLU QA 233 -38.06 -12.75 45.51
N PRO QA 234 -37.57 -13.89 45.97
CA PRO QA 234 -38.38 -15.12 46.00
C PRO QA 234 -39.15 -15.28 47.30
N GLY QA 235 -39.88 -16.38 47.43
CA GLY QA 235 -40.58 -16.73 48.63
C GLY QA 235 -39.83 -17.75 49.47
N ASN QA 236 -40.57 -18.42 50.35
CA ASN QA 236 -40.02 -19.43 51.24
C ASN QA 236 -40.82 -20.73 51.10
N ILE QA 237 -40.23 -21.82 51.58
CA ILE QA 237 -40.76 -23.15 51.34
C ILE QA 237 -41.18 -23.81 52.65
N ARG QA 238 -40.54 -23.40 53.75
CA ARG QA 238 -41.01 -23.65 55.11
C ARG QA 238 -41.30 -25.13 55.36
N HIS QA 239 -40.22 -25.91 55.38
CA HIS QA 239 -40.34 -27.32 55.74
C HIS QA 239 -40.66 -27.45 57.23
N LEU QA 240 -41.74 -28.17 57.53
CA LEU QA 240 -42.25 -28.31 58.89
C LEU QA 240 -42.39 -29.78 59.24
N GLU QA 241 -42.71 -30.04 60.51
CA GLU QA 241 -42.77 -31.39 61.05
C GLU QA 241 -44.05 -31.53 61.87
N GLY QA 242 -44.21 -32.69 62.52
CA GLY QA 242 -45.34 -32.95 63.38
C GLY QA 242 -45.40 -34.37 63.93
N LYS QA 243 -45.77 -34.51 65.20
CA LYS QA 243 -45.72 -35.78 65.91
C LYS QA 243 -47.13 -36.27 66.27
N THR QA 244 -47.19 -37.41 66.96
CA THR QA 244 -48.44 -37.98 67.46
C THR QA 244 -48.29 -38.30 68.95
N TYR QA 245 -49.31 -38.91 69.56
CA TYR QA 245 -49.31 -39.14 71.00
C TYR QA 245 -49.95 -40.49 71.28
N ASP QA 246 -50.07 -40.83 72.57
CA ASP QA 246 -50.49 -42.15 73.02
C ASP QA 246 -51.28 -42.01 74.32
N TYR QA 247 -52.05 -43.05 74.65
CA TYR QA 247 -52.85 -43.00 75.89
C TYR QA 247 -52.09 -43.52 77.10
N ARG QA 248 -51.71 -44.80 77.08
CA ARG QA 248 -51.06 -45.46 78.21
C ARG QA 248 -51.92 -45.35 79.48
N GLY QA 249 -53.04 -46.06 79.45
CA GLY QA 249 -53.91 -46.16 80.61
C GLY QA 249 -54.02 -47.56 81.19
N VAL QA 250 -54.47 -47.69 82.44
CA VAL QA 250 -54.62 -48.98 83.11
C VAL QA 250 -55.82 -48.97 84.04
N PHE QA 251 -56.23 -50.17 84.44
CA PHE QA 251 -57.19 -50.37 85.51
C PHE QA 251 -56.96 -51.77 86.08
N CYS QA 252 -57.63 -52.08 87.19
CA CYS QA 252 -57.39 -53.37 87.82
C CYS QA 252 -58.49 -53.72 88.82
N PHE QA 253 -58.72 -55.02 88.96
CA PHE QA 253 -59.59 -55.59 89.99
C PHE QA 253 -58.87 -56.78 90.59
N ASN QA 254 -59.29 -57.24 91.77
CA ASN QA 254 -58.44 -58.26 92.36
C ASN QA 254 -58.74 -59.65 91.81
N ARG QA 255 -59.76 -60.33 92.34
CA ARG QA 255 -60.32 -61.51 91.69
C ARG QA 255 -61.82 -61.60 91.96
N LYS QA 256 -62.25 -61.02 93.07
CA LYS QA 256 -63.53 -61.34 93.68
C LYS QA 256 -64.61 -60.29 93.43
N ASN QA 257 -64.27 -59.01 93.64
CA ASN QA 257 -65.23 -57.94 93.35
C ASN QA 257 -65.70 -57.97 91.91
N LEU QA 258 -64.98 -58.69 91.04
CA LEU QA 258 -65.44 -58.93 89.67
C LEU QA 258 -66.14 -60.27 89.52
N GLN QA 259 -65.82 -61.25 90.37
CA GLN QA 259 -66.37 -62.60 90.21
C GLN QA 259 -67.79 -62.69 90.77
N GLU QA 260 -67.94 -62.43 92.07
CA GLU QA 260 -69.24 -62.53 92.72
C GLU QA 260 -70.17 -61.37 92.39
N ALA QA 261 -69.67 -60.35 91.69
CA ALA QA 261 -70.42 -59.11 91.50
C ALA QA 261 -71.78 -59.38 90.86
N ASN QA 262 -72.79 -58.63 91.33
CA ASN QA 262 -74.11 -58.72 90.72
C ASN QA 262 -74.06 -58.25 89.26
N TYR QA 263 -73.27 -57.22 88.98
CA TYR QA 263 -73.10 -56.69 87.64
C TYR QA 263 -71.80 -57.21 87.03
N ASP QA 264 -71.47 -56.74 85.84
CA ASP QA 264 -70.22 -57.07 85.16
C ASP QA 264 -69.44 -55.79 84.95
N PHE QA 265 -68.34 -55.63 85.69
CA PHE QA 265 -67.53 -54.42 85.57
C PHE QA 265 -66.69 -54.40 84.30
N LEU QA 266 -66.45 -55.55 83.67
CA LEU QA 266 -65.50 -55.61 82.56
C LEU QA 266 -65.98 -54.81 81.36
N SER QA 267 -67.13 -55.20 80.79
CA SER QA 267 -67.66 -54.49 79.63
C SER QA 267 -67.97 -53.04 79.97
N PHE QA 268 -68.40 -52.78 81.20
CA PHE QA 268 -68.63 -51.41 81.64
C PHE QA 268 -67.35 -50.58 81.55
N MET QA 269 -66.24 -51.14 82.01
CA MET QA 269 -64.96 -50.44 81.92
C MET QA 269 -64.51 -50.26 80.49
N ILE QA 270 -64.74 -51.27 79.64
CA ILE QA 270 -64.35 -51.16 78.23
C ILE QA 270 -65.12 -50.03 77.56
N GLY QA 271 -66.43 -50.00 77.76
CA GLY QA 271 -67.23 -48.94 77.18
C GLY QA 271 -66.84 -47.57 77.69
N ALA QA 272 -66.60 -47.46 79.00
CA ALA QA 272 -66.18 -46.18 79.56
C ALA QA 272 -64.85 -45.73 78.99
N ALA QA 273 -63.94 -46.68 78.74
CA ALA QA 273 -62.65 -46.33 78.17
C ALA QA 273 -62.80 -45.83 76.73
N GLN QA 274 -63.61 -46.52 75.93
CA GLN QA 274 -63.84 -46.06 74.56
C GLN QA 274 -64.51 -44.69 74.55
N ARG QA 275 -65.42 -44.45 75.49
CA ARG QA 275 -66.11 -43.18 75.56
C ARG QA 275 -65.13 -42.06 75.94
N SER QA 276 -64.30 -42.30 76.95
CA SER QA 276 -63.28 -41.33 77.31
C SER QA 276 -62.30 -41.08 76.17
N HIS QA 277 -61.97 -42.12 75.41
CA HIS QA 277 -61.17 -41.96 74.20
C HIS QA 277 -61.80 -40.96 73.26
N ARG QA 278 -63.04 -41.22 72.84
CA ARG QA 278 -63.69 -40.36 71.85
C ARG QA 278 -63.83 -38.93 72.37
N ILE QA 279 -64.40 -38.76 73.57
CA ILE QA 279 -64.71 -37.42 74.05
C ILE QA 279 -63.43 -36.64 74.34
N ASN QA 280 -62.41 -37.30 74.90
CA ASN QA 280 -61.15 -36.61 75.16
C ASN QA 280 -60.45 -36.25 73.86
N ARG QA 281 -60.55 -37.11 72.84
CA ARG QA 281 -59.94 -36.77 71.56
C ARG QA 281 -60.60 -35.54 70.96
N ASN QA 282 -61.92 -35.45 71.03
CA ASN QA 282 -62.59 -34.28 70.49
C ASN QA 282 -62.24 -33.02 71.28
N GLN QA 283 -62.30 -33.10 72.61
CA GLN QA 283 -62.04 -31.92 73.43
C GLN QA 283 -60.59 -31.47 73.28
N ALA QA 284 -59.65 -32.41 73.09
CA ALA QA 284 -58.26 -32.03 72.89
C ALA QA 284 -58.05 -31.43 71.51
N LEU QA 285 -58.55 -32.11 70.48
CA LEU QA 285 -58.47 -31.58 69.12
C LEU QA 285 -59.06 -30.17 69.04
N MET QA 286 -59.99 -29.84 69.94
CA MET QA 286 -60.56 -28.50 69.94
C MET QA 286 -59.76 -27.51 70.78
N ILE QA 287 -59.36 -27.87 72.00
CA ILE QA 287 -58.74 -26.91 72.90
C ILE QA 287 -57.47 -27.46 73.54
N GLY QA 288 -56.91 -28.52 72.98
CA GLY QA 288 -55.67 -29.10 73.49
C GLY QA 288 -54.53 -28.10 73.60
N LYS QA 289 -53.84 -28.10 74.73
CA LYS QA 289 -52.83 -27.08 75.01
C LYS QA 289 -51.44 -27.50 74.55
N GLY QA 290 -51.33 -27.99 73.31
CA GLY QA 290 -50.02 -28.11 72.69
C GLY QA 290 -49.11 -29.17 73.27
N VAL QA 291 -48.87 -29.09 74.58
CA VAL QA 291 -47.89 -29.97 75.21
C VAL QA 291 -48.43 -31.39 75.27
N ASN QA 292 -47.63 -32.35 74.78
CA ASN QA 292 -47.94 -33.76 74.70
C ASN QA 292 -49.37 -34.04 74.25
N GLU QA 293 -49.87 -33.22 73.33
CA GLU QA 293 -51.23 -33.33 72.81
C GLU QA 293 -51.38 -32.38 71.63
N PRO QA 294 -52.28 -32.64 70.69
CA PRO QA 294 -52.47 -31.71 69.58
C PRO QA 294 -52.96 -30.35 70.08
N LYS QA 295 -52.39 -29.29 69.51
CA LYS QA 295 -52.76 -27.94 69.90
C LYS QA 295 -54.18 -27.63 69.44
N GLY QA 296 -55.04 -27.27 70.39
CA GLY QA 296 -56.43 -26.98 70.05
C GLY QA 296 -56.52 -25.73 69.19
N TRP QA 297 -57.20 -25.87 68.05
CA TRP QA 297 -57.29 -24.76 67.11
C TRP QA 297 -58.12 -23.60 67.64
N LEU QA 298 -58.92 -23.81 68.70
CA LEU QA 298 -59.56 -22.68 69.36
C LEU QA 298 -58.52 -21.83 70.07
N THR QA 299 -57.62 -22.47 70.81
CA THR QA 299 -56.51 -21.78 71.47
C THR QA 299 -55.38 -21.44 70.52
N GLU QA 300 -55.42 -21.93 69.27
CA GLU QA 300 -54.39 -21.59 68.30
C GLU QA 300 -54.31 -20.07 68.11
N ASN QA 301 -55.45 -19.41 67.97
CA ASN QA 301 -55.57 -17.96 68.10
C ASN QA 301 -54.77 -17.23 67.01
N CYS QA 302 -54.74 -17.82 65.82
CA CYS QA 302 -54.31 -17.13 64.62
C CYS QA 302 -55.40 -17.15 63.56
N PHE QA 303 -56.59 -17.62 63.89
CA PHE QA 303 -57.66 -17.84 62.94
C PHE QA 303 -58.48 -16.56 62.78
N PRO QA 304 -58.72 -16.11 61.54
CA PRO QA 304 -59.46 -14.86 61.31
C PRO QA 304 -60.71 -14.70 62.16
N VAL QA 305 -60.78 -13.59 62.91
CA VAL QA 305 -61.87 -13.34 63.84
C VAL QA 305 -62.38 -11.91 63.66
N PHE QA 306 -63.65 -11.70 64.00
CA PHE QA 306 -64.29 -10.39 63.86
C PHE QA 306 -65.31 -10.21 64.97
N GLN QA 307 -65.22 -9.08 65.68
CA GLN QA 307 -66.17 -8.78 66.74
C GLN QA 307 -67.42 -8.13 66.17
N THR QA 308 -68.47 -8.04 67.00
CA THR QA 308 -69.70 -7.35 66.66
C THR QA 308 -69.63 -5.88 67.04
N LEU QA 309 -70.77 -5.21 67.07
CA LEU QA 309 -70.80 -3.77 67.28
C LEU QA 309 -71.52 -3.45 68.59
N PRO QA 310 -71.02 -2.46 69.33
CA PRO QA 310 -71.64 -2.10 70.61
C PRO QA 310 -73.00 -1.42 70.42
N VAL QA 311 -74.01 -2.22 70.07
CA VAL QA 311 -75.37 -1.70 69.94
C VAL QA 311 -75.77 -0.95 71.20
N ASP QA 312 -76.42 0.20 71.02
CA ASP QA 312 -76.83 1.02 72.14
C ASP QA 312 -78.34 0.93 72.34
N VAL QA 313 -78.74 1.00 73.61
CA VAL QA 313 -80.16 1.04 73.98
C VAL QA 313 -80.26 1.81 75.29
N ASN QA 314 -81.29 2.64 75.39
CA ASN QA 314 -81.48 3.52 76.55
C ASN QA 314 -80.22 4.32 76.84
N GLY QA 315 -79.56 4.78 75.77
CA GLY QA 315 -78.29 5.46 75.87
C GLY QA 315 -77.25 4.73 76.71
N THR QA 316 -77.33 3.41 76.71
CA THR QA 316 -76.44 2.54 77.48
C THR QA 316 -76.05 1.40 76.56
N SER QA 317 -74.92 1.55 75.88
CA SER QA 317 -74.48 0.54 74.94
C SER QA 317 -74.39 -0.82 75.61
N THR QA 318 -74.71 -1.87 74.85
CA THR QA 318 -74.71 -3.23 75.33
C THR QA 318 -74.21 -4.05 74.16
N PRO QA 319 -73.34 -5.03 74.39
CA PRO QA 319 -73.01 -5.96 73.32
C PRO QA 319 -74.28 -6.62 72.82
N ALA QA 320 -74.42 -6.70 71.50
CA ALA QA 320 -75.61 -7.28 70.91
C ALA QA 320 -75.21 -7.97 69.61
N PHE QA 321 -76.20 -8.55 68.94
CA PHE QA 321 -75.96 -9.34 67.74
C PHE QA 321 -77.26 -9.57 66.99
N LEU QA 322 -77.27 -9.29 65.69
CA LEU QA 322 -78.47 -9.37 64.88
C LEU QA 322 -78.25 -10.31 63.70
N ALA QA 323 -79.37 -10.80 63.16
CA ALA QA 323 -79.30 -11.67 61.98
C ALA QA 323 -78.65 -10.96 60.81
N GLN QA 324 -78.76 -9.64 60.74
CA GLN QA 324 -78.07 -8.87 59.71
C GLN QA 324 -76.56 -9.06 59.80
N ASP QA 325 -76.01 -8.92 61.02
CA ASP QA 325 -74.59 -9.17 61.22
C ASP QA 325 -74.23 -10.60 60.86
N TRP QA 326 -75.12 -11.54 61.16
CA TRP QA 326 -74.84 -12.95 60.88
C TRP QA 326 -74.76 -13.18 59.38
N ARG QA 327 -75.73 -12.66 58.63
CA ARG QA 327 -75.70 -12.81 57.18
C ARG QA 327 -74.48 -12.13 56.57
N ARG QA 328 -74.11 -10.96 57.11
CA ARG QA 328 -72.91 -10.28 56.63
C ARG QA 328 -71.67 -11.13 56.87
N PHE QA 329 -71.56 -11.70 58.06
CA PHE QA 329 -70.43 -12.56 58.38
C PHE QA 329 -70.39 -13.78 57.48
N VAL QA 330 -71.56 -14.33 57.14
CA VAL QA 330 -71.62 -15.50 56.29
C VAL QA 330 -71.17 -15.16 54.87
N THR QA 331 -71.72 -14.08 54.31
CA THR QA 331 -71.45 -13.73 52.92
C THR QA 331 -70.10 -13.05 52.73
N SER QA 332 -69.42 -12.64 53.80
CA SER QA 332 -68.15 -11.95 53.69
C SER QA 332 -66.97 -12.88 53.51
N PHE QA 333 -67.21 -14.15 53.19
CA PHE QA 333 -66.11 -15.08 53.05
C PHE QA 333 -65.48 -14.96 51.66
N PRO QA 334 -64.16 -15.14 51.57
CA PRO QA 334 -63.50 -15.13 50.25
C PRO QA 334 -63.81 -16.41 49.48
N ALA QA 335 -64.93 -16.38 48.74
CA ALA QA 335 -65.45 -17.58 48.09
C ALA QA 335 -64.39 -18.31 47.25
N GLU QA 336 -63.40 -17.60 46.73
CA GLU QA 336 -62.34 -18.25 45.96
C GLU QA 336 -61.54 -19.24 46.80
N TYR QA 337 -61.56 -19.09 48.13
CA TYR QA 337 -60.97 -20.11 48.99
C TYR QA 337 -61.67 -21.45 48.82
N GLY QA 338 -62.97 -21.43 48.52
CA GLY QA 338 -63.76 -22.63 48.42
C GLY QA 338 -64.94 -22.60 49.38
N GLU QA 339 -65.66 -23.71 49.40
CA GLU QA 339 -66.82 -23.84 50.27
C GLU QA 339 -66.35 -23.97 51.72
N ALA QA 340 -66.93 -23.17 52.61
CA ALA QA 340 -66.53 -23.11 54.01
C ALA QA 340 -67.73 -23.47 54.89
N ARG QA 341 -67.69 -24.65 55.49
CA ARG QA 341 -68.73 -25.05 56.44
C ARG QA 341 -68.65 -24.19 57.69
N SER QA 342 -69.81 -23.85 58.24
CA SER QA 342 -69.91 -23.08 59.46
C SER QA 342 -70.41 -23.97 60.60
N VAL QA 343 -69.98 -23.64 61.81
CA VAL QA 343 -70.33 -24.39 63.01
C VAL QA 343 -70.62 -23.42 64.14
N MET QA 344 -71.53 -23.84 65.02
CA MET QA 344 -72.00 -23.01 66.13
C MET QA 344 -72.85 -23.87 67.05
N HIS QA 345 -73.05 -23.38 68.27
CA HIS QA 345 -73.89 -24.07 69.23
C HIS QA 345 -75.36 -24.00 68.82
N GLN QA 346 -76.14 -24.95 69.32
CA GLN QA 346 -77.56 -24.98 68.97
C GLN QA 346 -78.31 -23.79 69.58
N ASN QA 347 -77.84 -23.29 70.72
CA ASN QA 347 -78.50 -22.14 71.34
C ASN QA 347 -78.40 -20.90 70.46
N VAL QA 348 -77.32 -20.79 69.69
CA VAL QA 348 -77.23 -19.70 68.72
C VAL QA 348 -78.30 -19.86 67.64
N PHE QA 349 -78.50 -21.10 67.17
CA PHE QA 349 -79.57 -21.35 66.21
C PHE QA 349 -80.92 -20.98 66.79
N GLY QA 350 -81.13 -21.26 68.07
CA GLY QA 350 -82.37 -20.85 68.71
C GLY QA 350 -82.52 -19.35 68.77
N TYR QA 351 -81.44 -18.65 69.16
CA TYR QA 351 -81.45 -17.20 69.17
C TYR QA 351 -81.79 -16.63 67.80
N LEU QA 352 -81.26 -17.26 66.74
CA LEU QA 352 -81.49 -16.75 65.39
C LEU QA 352 -82.91 -17.03 64.93
N ALA QA 353 -83.39 -18.25 65.12
CA ALA QA 353 -84.76 -18.59 64.74
C ALA QA 353 -85.80 -17.86 65.56
N ALA QA 354 -85.39 -17.12 66.59
CA ALA QA 354 -86.30 -16.38 67.45
C ALA QA 354 -86.05 -14.87 67.37
N MET QA 355 -85.75 -14.38 66.17
CA MET QA 355 -85.55 -12.95 65.95
C MET QA 355 -86.86 -12.33 65.48
N VAL QA 356 -87.13 -11.12 65.95
CA VAL QA 356 -88.39 -10.44 65.68
C VAL QA 356 -88.09 -9.05 65.13
N ASP QA 357 -88.96 -8.58 64.25
CA ASP QA 357 -88.81 -7.26 63.64
C ASP QA 357 -89.36 -6.20 64.58
N ALA QA 358 -89.43 -4.95 64.11
CA ALA QA 358 -90.04 -3.89 64.88
C ALA QA 358 -91.56 -3.95 64.88
N ASN QA 359 -92.15 -4.84 64.08
CA ASN QA 359 -93.59 -5.00 64.00
C ASN QA 359 -94.11 -6.13 64.87
N GLY QA 360 -93.39 -7.25 64.92
CA GLY QA 360 -93.82 -8.41 65.66
C GLY QA 360 -93.67 -9.68 64.86
N ARG QA 361 -93.29 -9.55 63.60
CA ARG QA 361 -93.14 -10.70 62.72
C ARG QA 361 -91.79 -11.37 62.91
N PHE QA 362 -91.77 -12.68 62.74
CA PHE QA 362 -90.53 -13.44 62.83
C PHE QA 362 -89.69 -13.22 61.58
N LEU QA 363 -88.39 -12.98 61.77
CA LEU QA 363 -87.49 -12.76 60.65
C LEU QA 363 -87.27 -14.03 59.83
N PHE QA 364 -87.65 -15.20 60.34
CA PHE QA 364 -87.44 -16.45 59.64
C PHE QA 364 -88.64 -17.35 59.87
N GLY QA 365 -89.15 -17.93 58.80
CA GLY QA 365 -90.31 -18.81 58.86
C GLY QA 365 -91.50 -18.17 59.55
N ASP QA 366 -91.96 -17.05 59.02
CA ASP QA 366 -93.06 -16.30 59.64
C ASP QA 366 -94.36 -17.06 59.48
N GLY QA 367 -94.91 -17.52 60.60
CA GLY QA 367 -96.20 -18.20 60.60
C GLY QA 367 -96.10 -19.70 60.51
N ASP QA 368 -95.10 -20.28 61.16
CA ASP QA 368 -94.96 -21.73 61.20
C ASP QA 368 -94.58 -22.27 62.57
N LEU QA 369 -94.44 -21.40 63.58
CA LEU QA 369 -94.22 -21.79 64.96
C LEU QA 369 -92.80 -22.35 65.16
N THR QA 370 -92.08 -22.56 64.05
CA THR QA 370 -90.72 -23.07 64.09
C THR QA 370 -89.94 -22.48 62.93
N PHE QA 371 -88.69 -22.90 62.79
CA PHE QA 371 -87.88 -22.58 61.62
C PHE QA 371 -86.86 -23.70 61.47
N THR QA 372 -87.15 -24.65 60.59
CA THR QA 372 -86.35 -25.87 60.46
C THR QA 372 -86.05 -26.13 58.99
N PRO QA 373 -85.03 -25.46 58.45
CA PRO QA 373 -84.49 -25.87 57.14
C PRO QA 373 -83.52 -27.02 57.33
N ASP QA 374 -83.12 -27.62 56.20
CA ASP QA 374 -82.12 -28.67 56.22
C ASP QA 374 -80.74 -28.02 56.30
N LEU QA 375 -80.04 -28.26 57.41
CA LEU QA 375 -78.76 -27.60 57.63
C LEU QA 375 -77.63 -28.33 56.92
N VAL QA 376 -77.83 -28.63 55.63
CA VAL QA 376 -76.78 -29.19 54.78
C VAL QA 376 -76.52 -28.32 53.56
N ARG QA 377 -77.58 -27.83 52.91
CA ARG QA 377 -77.44 -26.78 51.93
C ARG QA 377 -77.28 -25.42 52.61
N GLU QA 378 -77.76 -25.28 53.84
CA GLU QA 378 -77.55 -24.07 54.61
C GLU QA 378 -76.12 -23.94 55.10
N ARG QA 379 -75.33 -25.01 55.05
CA ARG QA 379 -73.90 -24.97 55.33
C ARG QA 379 -73.63 -24.56 56.78
N ILE QA 380 -74.35 -25.20 57.69
CA ILE QA 380 -74.23 -24.93 59.12
C ILE QA 380 -74.28 -26.25 59.87
N ARG QA 381 -73.48 -26.37 60.92
CA ARG QA 381 -73.44 -27.58 61.73
C ARG QA 381 -73.39 -27.19 63.20
N ILE QA 382 -73.87 -28.09 64.06
CA ILE QA 382 -74.00 -27.83 65.48
C ILE QA 382 -73.16 -28.82 66.26
N SER QA 383 -72.42 -28.30 67.24
CA SER QA 383 -71.73 -29.11 68.25
C SER QA 383 -72.10 -28.55 69.62
N ASN QA 384 -72.87 -29.33 70.38
CA ASN QA 384 -73.42 -28.84 71.64
C ASN QA 384 -72.36 -28.56 72.70
N CYS QA 385 -71.10 -28.89 72.45
CA CYS QA 385 -70.02 -28.56 73.36
C CYS QA 385 -69.04 -27.55 72.80
N LEU QA 386 -69.15 -27.20 71.53
CA LEU QA 386 -68.59 -25.95 71.07
C LEU QA 386 -69.02 -24.85 72.03
N PRO QA 387 -68.08 -24.06 72.58
CA PRO QA 387 -68.41 -23.14 73.67
C PRO QA 387 -69.68 -22.33 73.40
N ASP QA 388 -70.74 -22.58 74.15
CA ASP QA 388 -72.02 -21.91 73.87
C ASP QA 388 -71.94 -20.44 74.21
N PRO QA 389 -72.10 -19.60 73.20
CA PRO QA 389 -71.95 -18.14 73.39
C PRO QA 389 -72.87 -17.62 74.48
N THR QA 390 -74.15 -17.91 74.38
CA THR QA 390 -75.06 -17.77 75.52
C THR QA 390 -74.48 -18.51 76.72
N GLU QA 391 -74.53 -17.87 77.90
CA GLU QA 391 -73.99 -18.53 79.09
C GLU QA 391 -74.90 -19.72 79.42
N GLY QA 392 -74.71 -20.83 78.71
CA GLY QA 392 -75.73 -21.85 78.72
C GLY QA 392 -76.89 -21.32 77.90
N ASN QA 393 -77.91 -22.10 77.67
CA ASN QA 393 -78.98 -21.54 76.88
C ASN QA 393 -79.66 -20.46 77.64
N THR QA 394 -80.07 -19.45 76.92
CA THR QA 394 -80.84 -18.39 77.54
C THR QA 394 -80.25 -17.60 78.67
N LYS QA 395 -80.12 -18.18 79.85
CA LYS QA 395 -79.72 -17.34 80.98
C LYS QA 395 -78.83 -16.14 80.64
N GLY QA 396 -77.60 -16.34 80.19
CA GLY QA 396 -77.00 -15.24 79.46
C GLY QA 396 -77.49 -15.25 78.03
N GLY QA 397 -78.48 -14.45 77.67
CA GLY QA 397 -78.81 -14.41 76.25
C GLY QA 397 -78.65 -13.08 75.54
N THR QA 398 -79.25 -12.03 76.09
CA THR QA 398 -79.36 -10.77 75.38
C THR QA 398 -79.83 -9.63 76.29
N GLY QA 399 -80.28 -8.53 75.69
CA GLY QA 399 -80.83 -7.42 76.41
C GLY QA 399 -79.94 -6.94 77.53
N GLN QA 400 -80.39 -7.10 78.77
CA GLN QA 400 -79.59 -6.64 79.90
C GLN QA 400 -79.47 -7.79 80.88
N ASP QA 401 -78.40 -7.75 81.69
CA ASP QA 401 -78.02 -8.84 82.57
C ASP QA 401 -77.91 -10.16 81.81
N ALA QA 402 -77.28 -10.12 80.63
CA ALA QA 402 -77.14 -11.29 79.77
C ALA QA 402 -76.29 -10.88 78.57
N PHE QA 403 -76.18 -11.79 77.60
CA PHE QA 403 -75.40 -11.52 76.39
C PHE QA 403 -73.93 -11.28 76.68
N ALA QA 404 -73.13 -12.34 76.79
CA ALA QA 404 -71.74 -12.18 77.20
C ALA QA 404 -70.95 -11.40 76.16
N ALA QA 405 -69.63 -11.30 76.36
CA ALA QA 405 -68.87 -10.24 75.73
C ALA QA 405 -67.50 -10.76 75.36
N GLY QA 406 -67.02 -10.36 74.17
CA GLY QA 406 -65.83 -10.93 73.58
C GLY QA 406 -65.80 -12.44 73.71
N SER QA 407 -66.87 -13.08 73.25
CA SER QA 407 -67.04 -14.52 73.39
C SER QA 407 -67.19 -15.15 72.02
N PHE QA 408 -66.70 -16.38 71.90
CA PHE QA 408 -66.82 -17.14 70.65
C PHE QA 408 -68.28 -17.31 70.27
N VAL QA 409 -68.70 -16.68 69.17
CA VAL QA 409 -70.06 -16.86 68.69
C VAL QA 409 -70.13 -18.05 67.74
N ALA QA 410 -69.35 -18.02 66.66
CA ALA QA 410 -69.44 -19.10 65.68
C ALA QA 410 -68.14 -19.17 64.89
N ALA QA 411 -68.00 -20.25 64.13
CA ALA QA 411 -66.81 -20.48 63.32
C ALA QA 411 -67.25 -20.83 61.91
N GLN QA 412 -66.34 -20.65 60.95
CA GLN QA 412 -66.59 -21.08 59.59
C GLN QA 412 -65.25 -21.25 58.89
N ALA QA 413 -65.09 -22.35 58.17
CA ALA QA 413 -63.80 -22.63 57.55
C ALA QA 413 -63.94 -23.67 56.46
N ALA QA 414 -62.92 -23.74 55.61
CA ALA QA 414 -62.76 -24.85 54.67
C ALA QA 414 -61.97 -25.94 55.40
N TRP QA 415 -62.71 -26.71 56.21
CA TRP QA 415 -62.06 -27.65 57.12
C TRP QA 415 -61.29 -28.74 56.40
N LYS QA 416 -61.54 -28.94 55.11
CA LYS QA 416 -60.74 -29.89 54.35
C LYS QA 416 -59.29 -29.47 54.21
N THR QA 417 -58.97 -28.21 54.52
CA THR QA 417 -57.60 -27.74 54.48
C THR QA 417 -57.26 -26.85 55.67
N ALA QA 418 -58.21 -26.59 56.58
CA ALA QA 418 -57.96 -25.72 57.72
C ALA QA 418 -57.34 -26.47 58.90
N PHE QA 419 -57.75 -27.72 59.12
CA PHE QA 419 -57.24 -28.51 60.23
C PHE QA 419 -57.17 -29.97 59.80
N TYR QA 420 -56.10 -30.65 60.20
CA TYR QA 420 -55.88 -32.04 59.85
C TYR QA 420 -55.76 -32.88 61.10
N ALA QA 421 -56.17 -34.14 61.00
CA ALA QA 421 -56.05 -35.11 62.07
C ALA QA 421 -55.32 -36.34 61.55
N VAL QA 422 -54.36 -36.82 62.32
CA VAL QA 422 -53.53 -37.96 61.95
C VAL QA 422 -53.90 -39.14 62.86
N GLU QA 423 -54.12 -40.30 62.25
CA GLU QA 423 -54.48 -41.52 62.96
C GLU QA 423 -53.41 -42.56 62.69
N LYS QA 424 -52.87 -43.17 63.74
CA LYS QA 424 -51.84 -44.19 63.57
C LYS QA 424 -52.30 -45.58 63.97
N ARG QA 425 -52.90 -45.72 65.16
CA ARG QA 425 -53.25 -47.03 65.66
C ARG QA 425 -54.52 -46.95 66.49
N PRO QA 426 -55.47 -47.87 66.28
CA PRO QA 426 -56.70 -47.87 67.09
C PRO QA 426 -56.46 -48.32 68.53
N MET QA 427 -57.54 -48.45 69.29
CA MET QA 427 -57.41 -48.80 70.70
C MET QA 427 -56.92 -50.24 70.82
N PHE QA 428 -55.90 -50.43 71.66
CA PHE QA 428 -55.42 -51.75 72.01
C PHE QA 428 -55.55 -51.94 73.52
N PHE QA 429 -55.94 -53.16 73.90
CA PHE QA 429 -56.17 -53.54 75.28
C PHE QA 429 -55.51 -54.88 75.53
N GLU QA 430 -54.87 -55.03 76.68
CA GLU QA 430 -54.20 -56.29 77.00
C GLU QA 430 -54.05 -56.41 78.51
N GLN QA 431 -54.05 -57.66 78.98
CA GLN QA 431 -53.84 -57.91 80.40
C GLN QA 431 -52.38 -57.70 80.76
N TYR QA 432 -52.12 -56.78 81.69
CA TYR QA 432 -50.76 -56.54 82.15
C TYR QA 432 -50.27 -57.77 82.89
N GLU QA 433 -49.40 -58.55 82.23
CA GLU QA 433 -48.93 -59.80 82.82
C GLU QA 433 -48.12 -59.53 84.08
N GLY QA 434 -47.15 -58.62 84.00
CA GLY QA 434 -46.39 -58.23 85.16
C GLY QA 434 -47.26 -57.59 86.22
N GLY QA 435 -47.14 -58.06 87.46
CA GLY QA 435 -47.92 -57.55 88.57
C GLY QA 435 -49.25 -58.24 88.78
N SER QA 436 -49.77 -58.93 87.76
CA SER QA 436 -51.05 -59.63 87.87
C SER QA 436 -50.81 -60.98 88.55
N SER QA 437 -51.02 -61.05 89.85
CA SER QA 437 -50.84 -62.28 90.60
C SER QA 437 -52.07 -63.17 90.41
N ALA QA 438 -52.16 -64.24 91.20
CA ALA QA 438 -53.37 -65.04 91.24
C ALA QA 438 -54.45 -64.41 92.10
N TRP QA 439 -54.12 -63.38 92.86
CA TRP QA 439 -55.08 -62.68 93.71
C TRP QA 439 -55.53 -61.34 93.14
N CYS QA 440 -54.74 -60.75 92.24
CA CYS QA 440 -55.10 -59.51 91.57
C CYS QA 440 -55.05 -59.72 90.06
N VAL QA 441 -55.50 -58.70 89.33
CA VAL QA 441 -55.45 -58.70 87.87
C VAL QA 441 -55.59 -57.26 87.39
N LYS QA 442 -54.87 -56.94 86.33
CA LYS QA 442 -54.73 -55.56 85.87
C LYS QA 442 -54.64 -55.56 84.35
N TYR QA 443 -55.28 -54.56 83.73
CA TYR QA 443 -55.30 -54.41 82.29
C TYR QA 443 -54.78 -53.03 81.90
N GLN QA 444 -54.28 -52.95 80.67
CA GLN QA 444 -53.63 -51.78 80.13
C GLN QA 444 -54.15 -51.54 78.72
N PHE QA 445 -54.10 -50.29 78.27
CA PHE QA 445 -54.67 -49.92 76.98
C PHE QA 445 -54.01 -48.66 76.46
N GLY QA 446 -54.21 -48.41 75.17
CA GLY QA 446 -53.67 -47.23 74.54
C GLY QA 446 -54.18 -47.07 73.12
N ALA QA 447 -53.73 -46.00 72.48
CA ALA QA 447 -54.06 -45.71 71.08
C ALA QA 447 -53.02 -44.72 70.56
N GLU QA 448 -53.20 -44.26 69.33
CA GLU QA 448 -52.22 -43.35 68.71
C GLU QA 448 -52.93 -42.41 67.75
N ASP QA 449 -53.02 -41.14 68.14
CA ASP QA 449 -53.71 -40.13 67.34
C ASP QA 449 -53.00 -38.80 67.50
N GLY QA 450 -53.44 -37.82 66.71
CA GLY QA 450 -52.93 -36.47 66.84
C GLY QA 450 -53.60 -35.57 65.83
N GLY QA 451 -53.16 -34.31 65.81
CA GLY QA 451 -53.71 -33.38 64.85
C GLY QA 451 -52.93 -32.08 64.85
N PHE QA 452 -53.27 -31.23 63.88
CA PHE QA 452 -52.60 -29.94 63.74
C PHE QA 452 -53.48 -29.04 62.88
N VAL QA 453 -53.08 -27.77 62.82
CA VAL QA 453 -53.76 -26.78 62.01
C VAL QA 453 -53.04 -26.64 60.68
N GLY QA 454 -53.77 -26.78 59.58
CA GLY QA 454 -53.17 -26.65 58.27
C GLY QA 454 -52.68 -25.25 57.99
N CYS QA 455 -53.61 -24.31 57.85
CA CYS QA 455 -53.24 -22.91 57.61
C CYS QA 455 -54.42 -22.05 58.05
N CYS QA 456 -54.23 -21.27 59.12
CA CYS QA 456 -55.31 -20.46 59.68
C CYS QA 456 -55.55 -19.21 58.83
N GLU QA 457 -55.86 -19.46 57.56
CA GLU QA 457 -56.28 -18.41 56.62
C GLU QA 457 -57.41 -18.88 55.73
N HIS QA 458 -58.11 -19.96 56.10
CA HIS QA 458 -59.18 -20.52 55.29
C HIS QA 458 -60.54 -20.38 55.94
N GLY QA 459 -60.65 -19.61 57.03
CA GLY QA 459 -61.91 -19.53 57.76
C GLY QA 459 -62.03 -18.31 58.68
N ARG QA 460 -63.25 -17.80 58.83
CA ARG QA 460 -63.54 -16.70 59.73
C ARG QA 460 -64.05 -17.19 61.08
N ILE QA 461 -63.89 -16.35 62.10
CA ILE QA 461 -64.54 -16.53 63.40
C ILE QA 461 -65.44 -15.32 63.65
N LEU QA 462 -66.63 -15.58 64.18
CA LEU QA 462 -67.51 -14.52 64.66
C LEU QA 462 -67.44 -14.52 66.18
N GLN QA 463 -67.07 -13.36 66.73
CA GLN QA 463 -66.96 -13.14 68.16
C GLN QA 463 -67.85 -11.96 68.52
N ILE QA 464 -67.99 -11.66 69.81
CA ILE QA 464 -68.82 -10.54 70.22
C ILE QA 464 -68.14 -9.22 69.90
N PHE RA 174 -30.79 -39.96 64.86
CA PHE RA 174 -31.32 -41.22 64.38
C PHE RA 174 -32.81 -41.36 64.67
N PHE RA 175 -33.61 -40.44 64.15
CA PHE RA 175 -35.05 -40.46 64.37
C PHE RA 175 -35.75 -40.03 63.09
N THR RA 176 -35.34 -40.64 61.96
CA THR RA 176 -35.66 -40.18 60.62
C THR RA 176 -37.12 -39.74 60.50
N PRO RA 177 -37.34 -38.47 60.25
CA PRO RA 177 -38.71 -37.94 60.23
C PRO RA 177 -39.37 -38.23 58.89
N GLN RA 178 -40.60 -38.72 58.96
CA GLN RA 178 -41.34 -39.24 57.80
C GLN RA 178 -41.88 -38.09 56.97
N VAL RA 179 -41.19 -37.79 55.88
CA VAL RA 179 -41.64 -36.72 54.98
C VAL RA 179 -42.94 -37.13 54.31
N LEU RA 180 -44.02 -36.42 54.62
CA LEU RA 180 -45.26 -36.67 53.91
C LEU RA 180 -45.41 -35.62 52.80
N ALA RA 181 -46.55 -35.63 52.13
CA ALA RA 181 -46.77 -34.87 50.91
C ALA RA 181 -47.82 -33.78 51.08
N LEU RA 182 -47.73 -33.02 52.16
CA LEU RA 182 -48.62 -31.87 52.35
C LEU RA 182 -47.93 -30.60 51.88
N GLU RA 183 -48.60 -29.86 50.98
CA GLU RA 183 -48.08 -28.59 50.47
C GLU RA 183 -49.25 -27.61 50.37
N VAL RA 184 -49.50 -26.89 51.47
CA VAL RA 184 -50.55 -25.88 51.46
C VAL RA 184 -50.06 -24.65 50.71
N ASP RA 185 -51.01 -23.91 50.14
CA ASP RA 185 -50.69 -22.77 49.29
C ASP RA 185 -50.88 -21.43 50.00
N CYS RA 186 -52.08 -21.19 50.54
CA CYS RA 186 -52.41 -19.93 51.22
C CYS RA 186 -52.17 -18.71 50.31
N ASN RA 187 -52.22 -18.91 48.99
CA ASN RA 187 -52.05 -17.84 48.03
C ASN RA 187 -53.11 -17.96 46.95
N ILE RA 188 -53.67 -16.83 46.53
CA ILE RA 188 -54.84 -16.79 45.67
C ILE RA 188 -54.61 -15.83 44.52
N GLU RA 189 -55.42 -15.99 43.48
CA GLU RA 189 -55.53 -15.00 42.42
C GLU RA 189 -56.55 -13.96 42.85
N CYS RA 190 -56.95 -13.08 41.94
CA CYS RA 190 -57.98 -12.12 42.30
C CYS RA 190 -59.20 -12.15 41.40
N ALA RA 191 -58.98 -12.14 40.09
CA ALA RA 191 -60.06 -12.16 39.12
C ALA RA 191 -59.45 -12.47 37.76
N SER RA 192 -60.20 -12.28 36.69
CA SER RA 192 -59.48 -12.02 35.45
C SER RA 192 -59.81 -10.63 34.92
N LEU RA 193 -61.08 -10.41 34.59
CA LEU RA 193 -61.57 -9.16 34.01
C LEU RA 193 -60.96 -8.90 32.63
N LEU RA 194 -59.89 -9.62 32.28
CA LEU RA 194 -59.32 -9.53 30.94
C LEU RA 194 -60.20 -10.22 29.93
N ASP RA 195 -60.81 -11.33 30.33
CA ASP RA 195 -61.79 -12.08 29.55
C ASP RA 195 -62.82 -11.16 28.90
N LEU RA 196 -63.16 -10.07 29.57
CA LEU RA 196 -64.17 -9.15 29.06
C LEU RA 196 -63.61 -8.08 28.13
N TYR RA 197 -62.40 -7.59 28.41
CA TYR RA 197 -61.84 -6.53 27.58
C TYR RA 197 -61.66 -7.00 26.14
N GLY RA 198 -61.62 -6.04 25.22
CA GLY RA 198 -61.35 -6.35 23.83
C GLY RA 198 -59.89 -6.66 23.60
N GLN RA 199 -59.58 -7.89 23.21
CA GLN RA 199 -58.20 -8.32 23.03
C GLN RA 199 -57.74 -8.05 21.61
N ILE RA 200 -56.53 -7.51 21.47
CA ILE RA 200 -55.96 -7.27 20.14
C ILE RA 200 -54.49 -7.70 20.17
N GLU RA 201 -54.16 -8.69 19.34
CA GLU RA 201 -52.77 -9.00 19.05
C GLU RA 201 -52.21 -7.94 18.11
N VAL RA 202 -50.98 -7.49 18.40
CA VAL RA 202 -50.40 -6.33 17.74
C VAL RA 202 -48.99 -6.68 17.27
N SER RA 203 -48.28 -5.67 16.80
CA SER RA 203 -46.94 -5.79 16.26
C SER RA 203 -46.14 -4.61 16.80
N ARG RA 204 -45.05 -4.26 16.12
CA ARG RA 204 -44.21 -3.13 16.49
C ARG RA 204 -45.04 -1.96 16.99
N SER RA 205 -44.57 -1.33 18.06
CA SER RA 205 -45.35 -0.37 18.83
C SER RA 205 -45.76 0.85 18.01
N THR RA 206 -46.54 1.74 18.63
CA THR RA 206 -47.14 2.90 17.99
C THR RA 206 -48.05 2.46 16.83
N PHE RA 207 -49.08 1.73 17.22
CA PHE RA 207 -50.14 1.34 16.28
C PHE RA 207 -51.16 2.47 16.20
N THR RA 208 -52.08 2.38 15.23
CA THR RA 208 -53.05 3.46 15.06
C THR RA 208 -54.32 2.92 14.45
N TYR RA 209 -55.37 3.76 14.48
CA TYR RA 209 -56.71 3.38 14.06
C TYR RA 209 -57.59 4.63 14.09
N MET RA 210 -58.88 4.43 13.79
CA MET RA 210 -59.82 5.52 13.56
C MET RA 210 -60.73 5.76 14.77
N LYS RA 211 -61.27 6.99 14.83
CA LYS RA 211 -62.09 7.44 15.94
C LYS RA 211 -63.23 8.33 15.47
N ILE RA 212 -63.89 7.99 14.35
CA ILE RA 212 -64.92 8.82 13.75
C ILE RA 212 -65.86 9.37 14.83
N ALA RA 213 -66.02 10.69 14.84
CA ALA RA 213 -66.67 11.34 15.99
C ALA RA 213 -68.18 11.29 15.88
N ASP RA 214 -68.74 11.90 14.83
CA ASP RA 214 -70.19 12.03 14.72
C ASP RA 214 -70.58 12.22 13.28
N TYR RA 215 -71.55 11.44 12.81
CA TYR RA 215 -72.12 11.67 11.49
C TYR RA 215 -72.82 13.03 11.47
N GLY RA 216 -72.45 13.85 10.48
CA GLY RA 216 -72.91 15.21 10.46
C GLY RA 216 -74.32 15.40 9.94
N GLN RA 217 -74.84 16.60 10.15
CA GLN RA 217 -76.14 17.01 9.65
C GLN RA 217 -76.02 17.35 8.17
N LEU RA 218 -76.69 16.59 7.30
CA LEU RA 218 -76.57 16.86 5.88
C LEU RA 218 -77.74 17.63 5.32
N GLY RA 219 -78.97 17.15 5.53
CA GLY RA 219 -80.13 17.86 5.06
C GLY RA 219 -80.40 19.11 5.88
N GLU RA 220 -81.35 19.91 5.43
CA GLU RA 220 -81.65 21.19 6.06
C GLU RA 220 -83.14 21.46 6.25
N TYR RA 221 -84.01 20.83 5.46
CA TYR RA 221 -85.47 20.98 5.59
C TYR RA 221 -85.91 22.42 5.35
N THR RA 222 -85.70 22.88 4.12
CA THR RA 222 -86.04 24.24 3.75
C THR RA 222 -87.44 24.32 3.15
N CYS RA 223 -87.82 25.49 2.67
CA CYS RA 223 -89.12 25.76 2.08
C CYS RA 223 -89.09 25.54 0.57
N ASP RA 224 -90.28 25.36 -0.01
CA ASP RA 224 -90.40 24.95 -1.41
C ASP RA 224 -90.68 26.17 -2.29
N ALA RA 225 -89.68 27.03 -2.38
CA ALA RA 225 -89.72 28.08 -3.39
C ALA RA 225 -88.44 28.16 -4.20
N LYS RA 226 -87.29 27.94 -3.59
CA LYS RA 226 -86.01 28.00 -4.27
C LYS RA 226 -85.68 26.65 -4.88
N CYS RA 227 -85.40 26.64 -6.18
CA CYS RA 227 -85.07 25.40 -6.87
C CYS RA 227 -83.59 25.08 -6.66
N ASP RA 228 -83.15 25.04 -5.41
CA ASP RA 228 -81.77 24.73 -5.07
C ASP RA 228 -81.69 24.45 -3.58
N ALA RA 229 -80.91 23.43 -3.22
CA ALA RA 229 -80.72 23.04 -1.84
C ALA RA 229 -79.47 23.75 -1.28
N GLU RA 230 -79.04 23.32 -0.09
CA GLU RA 230 -77.87 23.88 0.54
C GLU RA 230 -77.00 22.74 1.06
N PHE RA 231 -75.91 23.11 1.72
CA PHE RA 231 -74.91 22.18 2.18
C PHE RA 231 -75.16 21.77 3.62
N GLY RA 232 -74.49 20.67 4.03
CA GLY RA 232 -74.72 20.11 5.34
C GLY RA 232 -73.40 20.02 6.11
N GLU RA 233 -73.57 19.71 7.41
CA GLU RA 233 -72.41 19.63 8.29
C GLU RA 233 -71.64 18.34 8.07
N PRO RA 234 -70.31 18.38 8.13
CA PRO RA 234 -69.53 17.15 7.94
C PRO RA 234 -69.18 16.46 9.26
N GLY RA 235 -68.55 15.30 9.18
CA GLY RA 235 -68.06 14.59 10.35
C GLY RA 235 -66.55 14.57 10.42
N ASN RA 236 -66.05 13.92 11.46
CA ASN RA 236 -64.62 13.82 11.70
C ASN RA 236 -64.18 12.36 11.66
N ILE RA 237 -62.87 12.16 11.53
CA ILE RA 237 -62.26 10.84 11.54
C ILE RA 237 -61.30 10.68 12.73
N ARG RA 238 -60.37 11.61 12.89
CA ARG RA 238 -59.48 11.67 14.04
C ARG RA 238 -58.68 10.37 14.19
N HIS RA 239 -57.79 10.16 13.21
CA HIS RA 239 -56.88 9.02 13.25
C HIS RA 239 -56.01 9.13 14.49
N LEU RA 240 -56.27 8.27 15.48
CA LEU RA 240 -55.54 8.27 16.72
C LEU RA 240 -54.81 6.94 16.91
N GLU RA 241 -53.73 7.00 17.68
CA GLU RA 241 -52.81 5.89 17.81
C GLU RA 241 -52.82 5.32 19.24
N GLY RA 242 -51.84 4.47 19.51
CA GLY RA 242 -51.70 3.81 20.79
C GLY RA 242 -50.32 3.18 20.92
N LYS RA 243 -49.71 3.32 22.09
CA LYS RA 243 -48.41 2.74 22.37
C LYS RA 243 -48.60 1.53 23.28
N THR RA 244 -47.57 0.68 23.35
CA THR RA 244 -47.59 -0.46 24.25
C THR RA 244 -46.47 -0.32 25.26
N TYR RA 245 -46.61 -1.02 26.38
CA TYR RA 245 -45.62 -0.99 27.45
C TYR RA 245 -45.01 -2.37 27.62
N ASP RA 246 -44.08 -2.50 28.56
CA ASP RA 246 -43.25 -3.68 28.63
C ASP RA 246 -42.97 -4.05 30.08
N TYR RA 247 -42.57 -5.31 30.29
CA TYR RA 247 -42.12 -5.77 31.61
C TYR RA 247 -41.14 -6.92 31.44
N ARG RA 248 -40.02 -6.86 32.16
CA ARG RA 248 -38.93 -7.82 31.99
C ARG RA 248 -38.06 -7.79 33.23
N GLY RA 249 -37.40 -8.92 33.49
CA GLY RA 249 -36.76 -9.19 34.77
C GLY RA 249 -35.60 -10.14 34.61
N VAL RA 250 -34.89 -10.31 35.73
CA VAL RA 250 -33.67 -11.10 35.78
C VAL RA 250 -33.60 -11.72 37.16
N PHE RA 251 -32.69 -12.67 37.31
CA PHE RA 251 -32.52 -13.36 38.57
C PHE RA 251 -31.40 -14.37 38.37
N CYS RA 252 -30.63 -14.65 39.41
CA CYS RA 252 -29.50 -15.58 39.28
C CYS RA 252 -29.47 -16.72 40.29
N PHE RA 253 -28.84 -17.83 39.92
CA PHE RA 253 -28.74 -18.98 40.78
C PHE RA 253 -27.29 -19.48 40.75
N ASN RA 254 -26.92 -20.21 41.79
CA ASN RA 254 -25.64 -20.89 41.82
C ASN RA 254 -25.79 -22.28 41.21
N ARG RA 255 -24.66 -22.85 40.80
CA ARG RA 255 -24.70 -24.14 40.13
C ARG RA 255 -24.90 -25.28 41.12
N LYS RA 256 -23.96 -25.46 42.05
CA LYS RA 256 -24.09 -26.53 43.02
C LYS RA 256 -25.28 -26.28 43.96
N ASN RA 257 -25.43 -25.05 44.44
CA ASN RA 257 -26.53 -24.72 45.33
C ASN RA 257 -27.88 -25.06 44.70
N LEU RA 258 -27.99 -24.94 43.37
CA LEU RA 258 -29.19 -25.37 42.69
C LEU RA 258 -29.22 -26.87 42.45
N GLN RA 259 -28.05 -27.51 42.39
CA GLN RA 259 -28.03 -28.96 42.18
C GLN RA 259 -28.64 -29.70 43.38
N GLU RA 260 -28.07 -29.51 44.56
CA GLU RA 260 -28.63 -30.07 45.79
C GLU RA 260 -29.79 -29.18 46.25
N ALA RA 261 -30.19 -29.35 47.52
CA ALA RA 261 -31.33 -28.63 48.09
C ALA RA 261 -32.60 -28.94 47.31
N ASN RA 262 -33.03 -30.20 47.48
CA ASN RA 262 -34.00 -30.89 46.64
C ASN RA 262 -35.11 -30.02 46.06
N TYR RA 263 -35.69 -29.12 46.85
CA TYR RA 263 -36.74 -28.25 46.34
C TYR RA 263 -36.23 -27.40 45.18
N ASP RA 264 -36.83 -27.57 44.01
CA ASP RA 264 -36.38 -26.87 42.81
C ASP RA 264 -36.74 -25.40 42.90
N PHE RA 265 -35.73 -24.55 43.11
CA PHE RA 265 -35.96 -23.12 43.09
C PHE RA 265 -36.28 -22.60 41.70
N LEU RA 266 -35.76 -23.26 40.66
CA LEU RA 266 -35.95 -22.78 39.29
C LEU RA 266 -37.42 -22.76 38.91
N SER RA 267 -38.12 -23.88 39.12
CA SER RA 267 -39.56 -23.91 38.84
C SER RA 267 -40.33 -22.97 39.76
N PHE RA 268 -39.86 -22.79 40.99
CA PHE RA 268 -40.51 -21.84 41.89
C PHE RA 268 -40.47 -20.43 41.29
N MET RA 269 -39.34 -20.05 40.69
CA MET RA 269 -39.24 -18.74 40.06
C MET RA 269 -40.02 -18.70 38.74
N ILE RA 270 -40.02 -19.80 37.98
CA ILE RA 270 -40.78 -19.82 36.74
C ILE RA 270 -42.26 -19.64 37.02
N GLY RA 271 -42.71 -20.04 38.21
CA GLY RA 271 -44.06 -19.77 38.63
C GLY RA 271 -44.27 -18.35 39.12
N ALA RA 272 -43.54 -17.97 40.19
CA ALA RA 272 -43.66 -16.64 40.75
C ALA RA 272 -42.79 -15.63 40.04
N ALA RA 273 -42.78 -15.74 38.71
CA ALA RA 273 -42.51 -14.63 37.82
C ALA RA 273 -43.74 -14.33 36.97
N GLN RA 274 -44.34 -15.36 36.36
CA GLN RA 274 -45.57 -15.17 35.62
C GLN RA 274 -46.72 -14.72 36.53
N ARG RA 275 -46.77 -15.23 37.77
CA ARG RA 275 -47.84 -14.80 38.66
C ARG RA 275 -47.74 -13.29 38.93
N SER RA 276 -46.54 -12.83 39.29
CA SER RA 276 -46.32 -11.41 39.51
C SER RA 276 -46.65 -10.60 38.27
N HIS RA 277 -46.20 -11.07 37.11
CA HIS RA 277 -46.45 -10.36 35.85
C HIS RA 277 -47.94 -10.18 35.64
N ARG RA 278 -48.72 -11.25 35.81
CA ARG RA 278 -50.16 -11.17 35.58
C ARG RA 278 -50.83 -10.25 36.59
N ILE RA 279 -50.46 -10.36 37.87
CA ILE RA 279 -51.10 -9.55 38.89
C ILE RA 279 -50.83 -8.07 38.66
N ASN RA 280 -49.58 -7.71 38.35
CA ASN RA 280 -49.28 -6.31 38.14
C ASN RA 280 -49.81 -5.81 36.80
N ARG RA 281 -49.92 -6.68 35.80
CA ARG RA 281 -50.60 -6.32 34.56
C ARG RA 281 -52.05 -5.93 34.85
N ASN RA 282 -52.75 -6.74 35.64
CA ASN RA 282 -54.12 -6.43 36.01
C ASN RA 282 -54.18 -5.12 36.78
N GLN RA 283 -53.31 -4.95 37.77
CA GLN RA 283 -53.30 -3.71 38.56
C GLN RA 283 -53.08 -2.50 37.67
N ALA RA 284 -52.17 -2.61 36.69
CA ALA RA 284 -51.90 -1.50 35.79
C ALA RA 284 -53.10 -1.20 34.92
N LEU RA 285 -53.57 -2.19 34.16
CA LEU RA 285 -54.74 -1.96 33.31
C LEU RA 285 -55.94 -1.48 34.08
N MET RA 286 -55.97 -1.71 35.40
CA MET RA 286 -57.02 -1.12 36.22
C MET RA 286 -56.76 0.35 36.51
N ILE RA 287 -55.64 0.65 37.17
CA ILE RA 287 -55.40 2.02 37.62
C ILE RA 287 -54.00 2.52 37.23
N GLY RA 288 -53.49 2.04 36.09
CA GLY RA 288 -52.18 2.47 35.62
C GLY RA 288 -52.06 3.98 35.48
N LYS RA 289 -51.10 4.57 36.19
CA LYS RA 289 -50.98 6.03 36.28
C LYS RA 289 -50.03 6.51 35.18
N GLY RA 290 -50.56 6.57 33.96
CA GLY RA 290 -49.82 7.18 32.87
C GLY RA 290 -48.50 6.53 32.54
N VAL RA 291 -47.42 7.18 32.97
CA VAL RA 291 -46.07 6.81 32.58
C VAL RA 291 -45.80 5.34 32.86
N ASN RA 292 -45.30 4.63 31.85
CA ASN RA 292 -44.79 3.27 32.00
C ASN RA 292 -45.82 2.32 32.60
N GLU RA 293 -47.08 2.74 32.64
CA GLU RA 293 -48.19 1.94 33.14
C GLU RA 293 -49.40 2.21 32.26
N PRO RA 294 -49.92 1.20 31.56
CA PRO RA 294 -51.03 1.44 30.64
C PRO RA 294 -52.17 2.16 31.34
N LYS RA 295 -52.68 3.20 30.69
CA LYS RA 295 -53.59 4.14 31.33
C LYS RA 295 -54.81 3.43 31.92
N GLY RA 296 -54.87 3.40 33.25
CA GLY RA 296 -55.99 2.78 33.93
C GLY RA 296 -57.28 3.51 33.67
N TRP RA 297 -58.32 2.77 33.27
CA TRP RA 297 -59.59 3.41 32.94
C TRP RA 297 -60.22 4.09 34.14
N LEU RA 298 -59.77 3.77 35.36
CA LEU RA 298 -60.24 4.49 36.53
C LEU RA 298 -59.74 5.93 36.53
N THR RA 299 -58.41 6.11 36.43
CA THR RA 299 -57.82 7.44 36.48
C THR RA 299 -57.96 8.21 35.18
N GLU RA 300 -58.27 7.53 34.07
CA GLU RA 300 -58.54 8.27 32.84
C GLU RA 300 -59.68 9.25 33.02
N ASN RA 301 -60.73 8.82 33.72
CA ASN RA 301 -61.80 9.69 34.19
C ASN RA 301 -62.54 10.36 33.05
N CYS RA 302 -62.64 9.67 31.91
CA CYS RA 302 -63.52 10.12 30.84
C CYS RA 302 -64.81 9.31 30.78
N PHE RA 303 -64.81 8.12 31.35
CA PHE RA 303 -66.05 7.39 31.55
C PHE RA 303 -67.02 8.23 32.38
N PRO RA 304 -68.31 8.20 32.07
CA PRO RA 304 -69.28 8.95 32.89
C PRO RA 304 -69.30 8.38 34.30
N VAL RA 305 -69.04 9.24 35.28
CA VAL RA 305 -69.04 8.86 36.68
C VAL RA 305 -70.22 9.52 37.36
N PHE RA 306 -71.12 8.71 37.91
CA PHE RA 306 -72.19 9.20 38.74
C PHE RA 306 -71.75 9.09 40.20
N GLN RA 307 -72.44 9.79 41.08
CA GLN RA 307 -72.06 9.77 42.48
C GLN RA 307 -73.30 9.77 43.35
N THR RA 308 -73.19 9.14 44.51
CA THR RA 308 -74.34 9.01 45.39
C THR RA 308 -74.43 10.18 46.36
N LEU RA 309 -75.65 10.53 46.72
CA LEU RA 309 -75.91 11.71 47.52
C LEU RA 309 -75.66 11.40 48.99
N PRO RA 310 -75.45 12.43 49.80
CA PRO RA 310 -75.31 12.20 51.25
C PRO RA 310 -76.62 11.78 51.89
N VAL RA 311 -76.58 11.42 53.17
CA VAL RA 311 -77.78 11.10 53.93
C VAL RA 311 -77.58 11.58 55.36
N ASP RA 312 -78.44 12.49 55.81
CA ASP RA 312 -78.30 13.02 57.15
C ASP RA 312 -78.68 11.99 58.20
N VAL RA 313 -77.95 12.00 59.30
CA VAL RA 313 -78.29 11.22 60.49
C VAL RA 313 -78.06 12.17 61.65
N ASN RA 314 -79.15 12.75 62.17
CA ASN RA 314 -79.18 13.75 63.24
C ASN RA 314 -77.99 14.71 63.18
N GLY RA 315 -77.68 15.20 61.98
CA GLY RA 315 -76.66 16.21 61.81
C GLY RA 315 -75.29 15.69 61.45
N THR RA 316 -75.22 14.68 60.58
CA THR RA 316 -73.92 14.19 60.13
C THR RA 316 -73.77 14.33 58.62
N SER RA 317 -74.84 14.00 57.89
CA SER RA 317 -74.89 14.07 56.42
C SER RA 317 -73.95 13.05 55.79
N THR RA 318 -73.26 12.25 56.62
CA THR RA 318 -72.42 11.16 56.14
C THR RA 318 -73.18 10.32 55.13
N PRO RA 319 -72.65 10.12 53.93
CA PRO RA 319 -73.45 9.50 52.86
C PRO RA 319 -73.66 8.00 53.07
N ALA RA 320 -74.31 7.36 52.10
CA ALA RA 320 -74.52 5.92 52.14
C ALA RA 320 -74.55 5.34 50.72
N PHE RA 321 -74.98 4.08 50.59
CA PHE RA 321 -75.10 3.43 49.29
C PHE RA 321 -76.43 2.69 49.20
N LEU RA 322 -77.52 3.38 49.53
CA LEU RA 322 -78.86 2.80 49.43
C LEU RA 322 -79.03 1.98 48.16
N ALA RA 323 -79.57 0.77 48.32
CA ALA RA 323 -79.70 -0.16 47.20
C ALA RA 323 -80.53 0.42 46.07
N GLN RA 324 -81.48 1.30 46.40
CA GLN RA 324 -82.22 2.04 45.37
C GLN RA 324 -81.25 2.71 44.38
N ASP RA 325 -80.15 3.24 44.90
CA ASP RA 325 -79.11 3.80 44.05
C ASP RA 325 -78.60 2.77 43.05
N TRP RA 326 -78.00 1.69 43.55
CA TRP RA 326 -77.54 0.59 42.71
C TRP RA 326 -78.55 0.26 41.61
N ARG RA 327 -79.79 0.05 42.02
CA ARG RA 327 -80.88 -0.18 41.07
C ARG RA 327 -80.90 0.87 39.97
N ARG RA 328 -81.08 2.13 40.37
CA ARG RA 328 -81.09 3.28 39.47
C ARG RA 328 -79.92 3.26 38.49
N PHE RA 329 -78.71 3.24 39.03
CA PHE RA 329 -77.49 3.17 38.25
C PHE RA 329 -77.56 2.11 37.16
N VAL RA 330 -77.89 0.88 37.54
CA VAL RA 330 -78.05 -0.19 36.55
C VAL RA 330 -79.06 0.21 35.48
N THR RA 331 -80.28 0.56 35.91
CA THR RA 331 -81.36 0.85 34.97
C THR RA 331 -80.99 1.93 33.97
N SER RA 332 -80.36 3.00 34.43
CA SER RA 332 -80.10 4.18 33.61
C SER RA 332 -79.27 3.87 32.37
N PHE RA 333 -78.64 2.70 32.32
CA PHE RA 333 -77.79 2.37 31.19
C PHE RA 333 -78.62 2.33 29.91
N PRO RA 334 -78.14 2.93 28.82
CA PRO RA 334 -78.91 2.92 27.56
C PRO RA 334 -78.82 1.57 26.88
N ALA RA 335 -79.98 0.91 26.71
CA ALA RA 335 -80.02 -0.45 26.20
C ALA RA 335 -79.54 -0.54 24.75
N GLU RA 336 -79.53 0.57 24.02
CA GLU RA 336 -79.09 0.52 22.62
C GLU RA 336 -77.61 0.19 22.48
N TYR RA 337 -76.83 0.30 23.56
CA TYR RA 337 -75.44 -0.12 23.51
C TYR RA 337 -75.30 -1.63 23.51
N GLY RA 338 -76.16 -2.33 24.24
CA GLY RA 338 -76.07 -3.78 24.34
C GLY RA 338 -75.90 -4.26 25.77
N GLU RA 339 -75.42 -5.49 25.93
CA GLU RA 339 -75.27 -6.07 27.25
C GLU RA 339 -74.08 -5.44 27.98
N ALA RA 340 -74.34 -4.90 29.16
CA ALA RA 340 -73.31 -4.34 30.01
C ALA RA 340 -73.24 -5.12 31.31
N ARG RA 341 -72.04 -5.50 31.71
CA ARG RA 341 -71.82 -6.24 32.94
C ARG RA 341 -71.30 -5.32 34.03
N SER RA 342 -71.62 -5.65 35.27
CA SER RA 342 -71.26 -4.85 36.42
C SER RA 342 -70.09 -5.50 37.16
N VAL RA 343 -69.20 -4.67 37.68
CA VAL RA 343 -68.04 -5.14 38.44
C VAL RA 343 -67.92 -4.31 39.71
N MET RA 344 -67.54 -4.98 40.79
CA MET RA 344 -67.41 -4.38 42.11
C MET RA 344 -66.72 -5.40 43.02
N HIS RA 345 -66.52 -5.01 44.27
CA HIS RA 345 -65.92 -5.87 45.27
C HIS RA 345 -66.95 -6.80 45.89
N GLN RA 346 -66.48 -7.95 46.39
CA GLN RA 346 -67.36 -8.82 47.16
C GLN RA 346 -67.80 -8.14 48.45
N ASN RA 347 -66.99 -7.20 48.96
CA ASN RA 347 -67.37 -6.45 50.13
C ASN RA 347 -68.61 -5.61 49.86
N VAL RA 348 -68.66 -4.95 48.71
CA VAL RA 348 -69.83 -4.18 48.33
C VAL RA 348 -71.02 -5.10 48.10
N PHE RA 349 -70.78 -6.31 47.58
CA PHE RA 349 -71.86 -7.26 47.37
C PHE RA 349 -72.47 -7.71 48.70
N GLY RA 350 -71.62 -8.03 49.67
CA GLY RA 350 -72.12 -8.35 51.00
C GLY RA 350 -72.80 -7.17 51.66
N TYR RA 351 -72.30 -5.96 51.39
CA TYR RA 351 -72.98 -4.75 51.86
C TYR RA 351 -74.40 -4.67 51.30
N LEU RA 352 -74.56 -4.95 50.01
CA LEU RA 352 -75.88 -4.94 49.40
C LEU RA 352 -76.77 -6.03 50.01
N ALA RA 353 -76.22 -7.25 50.14
CA ALA RA 353 -76.96 -8.34 50.75
C ALA RA 353 -77.27 -8.09 52.22
N ALA RA 354 -76.60 -7.14 52.84
CA ALA RA 354 -76.82 -6.80 54.25
C ALA RA 354 -77.71 -5.58 54.42
N MET RA 355 -78.48 -5.21 53.40
CA MET RA 355 -79.38 -4.10 53.51
C MET RA 355 -80.56 -4.45 54.40
N VAL RA 356 -81.01 -3.46 55.18
CA VAL RA 356 -82.10 -3.63 56.13
C VAL RA 356 -83.04 -2.45 55.99
N ASP RA 357 -84.34 -2.72 56.01
CA ASP RA 357 -85.33 -1.68 55.83
C ASP RA 357 -85.55 -0.93 57.14
N ALA RA 358 -86.47 0.02 57.13
CA ALA RA 358 -86.77 0.77 58.34
C ALA RA 358 -87.44 -0.09 59.39
N ASN RA 359 -88.23 -1.08 58.96
CA ASN RA 359 -88.94 -1.94 59.90
C ASN RA 359 -88.05 -3.04 60.47
N GLY RA 360 -86.93 -3.36 59.81
CA GLY RA 360 -86.02 -4.39 60.27
C GLY RA 360 -85.82 -5.54 59.33
N ARG RA 361 -86.59 -5.65 58.24
CA ARG RA 361 -86.46 -6.76 57.32
C ARG RA 361 -85.34 -6.53 56.31
N PHE RA 362 -84.81 -7.64 55.79
CA PHE RA 362 -83.84 -7.58 54.70
C PHE RA 362 -84.49 -7.06 53.42
N LEU RA 363 -83.71 -6.36 52.61
CA LEU RA 363 -84.19 -5.96 51.30
C LEU RA 363 -84.17 -7.09 50.28
N PHE RA 364 -83.50 -8.19 50.59
CA PHE RA 364 -83.42 -9.32 49.69
C PHE RA 364 -83.45 -10.59 50.52
N GLY RA 365 -84.17 -11.60 50.02
CA GLY RA 365 -84.21 -12.85 50.74
C GLY RA 365 -84.92 -12.74 52.08
N ASP RA 366 -86.25 -12.61 52.07
CA ASP RA 366 -86.98 -12.35 53.31
C ASP RA 366 -86.94 -13.57 54.21
N GLY RA 367 -85.75 -13.87 54.72
CA GLY RA 367 -85.47 -14.96 55.62
C GLY RA 367 -84.85 -16.14 54.90
N ASP RA 368 -83.52 -16.16 54.86
CA ASP RA 368 -82.78 -17.33 54.40
C ASP RA 368 -81.47 -17.51 55.13
N LEU RA 369 -81.16 -16.67 56.12
CA LEU RA 369 -79.87 -16.57 56.81
C LEU RA 369 -78.76 -16.09 55.89
N THR RA 370 -79.04 -15.89 54.61
CA THR RA 370 -78.05 -15.46 53.63
C THR RA 370 -78.77 -15.12 52.32
N PHE RA 371 -78.19 -14.19 51.57
CA PHE RA 371 -78.70 -13.82 50.26
C PHE RA 371 -77.66 -14.22 49.22
N THR RA 372 -77.94 -15.31 48.50
CA THR RA 372 -77.03 -15.89 47.52
C THR RA 372 -77.70 -15.92 46.15
N PRO RA 373 -77.69 -14.80 45.43
CA PRO RA 373 -78.22 -14.81 44.07
C PRO RA 373 -77.17 -15.27 43.07
N ASP RA 374 -77.65 -15.90 41.99
CA ASP RA 374 -76.78 -16.37 40.93
C ASP RA 374 -76.25 -15.17 40.15
N LEU RA 375 -74.97 -14.86 40.33
CA LEU RA 375 -74.41 -13.62 39.81
C LEU RA 375 -74.18 -13.65 38.31
N VAL RA 376 -73.93 -14.82 37.72
CA VAL RA 376 -73.75 -14.90 36.27
C VAL RA 376 -75.04 -14.50 35.56
N ARG RA 377 -76.19 -14.76 36.18
CA ARG RA 377 -77.47 -14.27 35.69
C ARG RA 377 -77.77 -12.85 36.14
N GLU RA 378 -76.77 -12.14 36.67
CA GLU RA 378 -76.95 -10.78 37.15
C GLU RA 378 -75.90 -9.82 36.60
N ARG RA 379 -75.08 -10.27 35.66
CA ARG RA 379 -74.04 -9.45 35.03
C ARG RA 379 -73.05 -8.89 36.04
N ILE RA 380 -72.82 -9.62 37.14
CA ILE RA 380 -71.88 -9.21 38.18
C ILE RA 380 -70.63 -10.06 38.06
N ARG RA 381 -69.47 -9.41 38.20
CA ARG RA 381 -68.16 -10.01 37.96
C ARG RA 381 -67.20 -9.64 39.07
N ILE RA 382 -67.59 -9.94 40.32
CA ILE RA 382 -66.89 -9.54 41.54
C ILE RA 382 -65.38 -9.71 41.44
N SER RA 383 -64.63 -8.69 41.87
CA SER RA 383 -63.18 -8.71 41.85
C SER RA 383 -62.67 -7.98 43.08
N ASN RA 384 -61.82 -8.64 43.87
CA ASN RA 384 -61.45 -8.12 45.17
C ASN RA 384 -60.32 -7.09 45.11
N CYS RA 385 -59.43 -7.17 44.12
CA CYS RA 385 -58.38 -6.18 43.96
C CYS RA 385 -58.85 -4.93 43.26
N LEU RA 386 -60.15 -4.81 43.01
CA LEU RA 386 -60.70 -3.50 42.74
C LEU RA 386 -60.90 -2.77 44.06
N PRO RA 387 -60.66 -1.46 44.10
CA PRO RA 387 -60.75 -0.75 45.38
C PRO RA 387 -62.19 -0.72 45.88
N ASP RA 388 -62.34 -0.91 47.19
CA ASP RA 388 -63.65 -1.01 47.80
C ASP RA 388 -63.75 0.00 48.95
N PRO RA 389 -64.85 0.74 49.06
CA PRO RA 389 -65.01 1.64 50.21
C PRO RA 389 -65.24 0.89 51.50
N THR RA 390 -65.72 -0.35 51.41
CA THR RA 390 -65.93 -1.17 52.59
C THR RA 390 -64.61 -1.50 53.28
N GLU RA 391 -63.50 -1.50 52.54
CA GLU RA 391 -62.16 -1.76 53.07
C GLU RA 391 -62.12 -3.02 53.92
N GLY RA 392 -62.37 -4.14 53.25
CA GLY RA 392 -62.63 -5.37 53.97
C GLY RA 392 -64.06 -5.34 54.47
N ASN RA 393 -64.23 -5.47 55.78
CA ASN RA 393 -65.51 -5.17 56.42
C ASN RA 393 -65.43 -4.03 57.42
N THR RA 394 -64.21 -3.67 57.86
CA THR RA 394 -63.96 -2.57 58.78
C THR RA 394 -64.80 -1.34 58.48
N LYS RA 395 -64.84 -0.92 57.22
CA LYS RA 395 -65.56 0.27 56.80
C LYS RA 395 -66.86 -0.14 56.12
N GLY RA 396 -67.72 0.85 55.90
CA GLY RA 396 -68.97 0.67 55.21
C GLY RA 396 -70.16 0.86 56.13
N GLY RA 397 -71.22 1.41 55.55
CA GLY RA 397 -72.50 1.59 56.22
C GLY RA 397 -72.42 2.03 57.67
N THR RA 398 -71.83 3.18 57.91
CA THR RA 398 -71.44 3.55 59.26
C THR RA 398 -72.44 4.46 59.94
N GLY RA 399 -72.34 4.52 61.25
CA GLY RA 399 -72.86 5.64 62.01
C GLY RA 399 -71.82 6.72 62.04
N GLN RA 400 -70.55 6.32 62.08
CA GLN RA 400 -69.39 7.21 62.06
C GLN RA 400 -68.13 6.35 62.01
N ASP RA 401 -66.99 6.99 61.74
CA ASP RA 401 -65.67 6.39 61.63
C ASP RA 401 -65.53 5.49 60.41
N ALA RA 402 -66.51 5.48 59.50
CA ALA RA 402 -66.41 4.58 58.37
C ALA RA 402 -67.21 5.01 57.13
N PHE RA 403 -67.67 4.01 56.38
CA PHE RA 403 -68.37 4.28 55.11
C PHE RA 403 -67.21 4.56 54.19
N ALA RA 404 -67.12 5.76 53.64
CA ALA RA 404 -65.97 6.14 52.80
C ALA RA 404 -66.14 7.47 52.12
N ALA RA 405 -65.45 7.66 51.01
CA ALA RA 405 -65.58 8.90 50.25
C ALA RA 405 -65.41 8.64 48.76
N GLY RA 406 -66.44 8.96 47.98
CA GLY RA 406 -66.36 8.78 46.55
C GLY RA 406 -65.28 7.83 46.12
N SER RA 407 -65.44 6.57 46.46
CA SER RA 407 -64.48 5.60 46.04
C SER RA 407 -65.06 4.87 44.90
N PHE RA 408 -64.29 3.96 44.33
CA PHE RA 408 -64.88 3.14 43.28
C PHE RA 408 -65.97 2.27 43.89
N VAL RA 409 -67.21 2.75 43.87
CA VAL RA 409 -68.32 1.94 44.33
C VAL RA 409 -68.56 0.80 43.34
N ALA RA 410 -68.70 1.13 42.06
CA ALA RA 410 -68.91 0.06 41.08
C ALA RA 410 -68.62 0.58 39.67
N ALA RA 411 -68.62 -0.35 38.72
CA ALA RA 411 -68.59 -0.02 37.31
C ALA RA 411 -69.56 -0.91 36.56
N GLN RA 412 -69.97 -0.47 35.38
CA GLN RA 412 -70.88 -1.25 34.54
C GLN RA 412 -70.63 -0.88 33.09
N ALA RA 413 -70.16 -1.84 32.30
CA ALA RA 413 -69.71 -1.53 30.94
C ALA RA 413 -69.86 -2.76 30.05
N ALA RA 414 -69.87 -2.49 28.74
CA ALA RA 414 -69.75 -3.53 27.72
C ALA RA 414 -68.28 -3.61 27.36
N TRP RA 415 -67.52 -4.39 28.15
CA TRP RA 415 -66.07 -4.34 28.10
C TRP RA 415 -65.50 -4.86 26.78
N LYS RA 416 -66.31 -5.57 25.97
CA LYS RA 416 -65.83 -6.00 24.67
C LYS RA 416 -65.51 -4.84 23.75
N THR RA 417 -66.05 -3.65 24.04
CA THR RA 417 -65.74 -2.46 23.29
C THR RA 417 -65.48 -1.24 24.17
N ALA RA 418 -65.60 -1.39 25.49
CA ALA RA 418 -65.38 -0.25 26.38
C ALA RA 418 -63.91 -0.05 26.71
N PHE RA 419 -63.10 -1.10 26.64
CA PHE RA 419 -61.68 -1.02 26.95
C PHE RA 419 -60.96 -2.17 26.27
N TYR RA 420 -59.77 -1.89 25.76
CA TYR RA 420 -59.02 -2.86 24.97
C TYR RA 420 -57.67 -3.15 25.60
N ALA RA 421 -57.29 -4.42 25.59
CA ALA RA 421 -55.97 -4.88 25.99
C ALA RA 421 -55.19 -5.32 24.75
N VAL RA 422 -53.89 -5.07 24.80
CA VAL RA 422 -53.03 -5.16 23.62
C VAL RA 422 -51.88 -6.11 23.95
N GLU RA 423 -51.68 -7.11 23.09
CA GLU RA 423 -50.65 -8.13 23.28
C GLU RA 423 -49.62 -8.01 22.16
N LYS RA 424 -48.35 -7.78 22.53
CA LYS RA 424 -47.27 -7.67 21.56
C LYS RA 424 -46.28 -8.82 21.69
N ARG RA 425 -45.72 -9.03 22.87
CA ARG RA 425 -44.82 -10.15 23.11
C ARG RA 425 -45.15 -10.77 24.47
N PRO RA 426 -45.50 -12.05 24.50
CA PRO RA 426 -45.81 -12.69 25.79
C PRO RA 426 -44.58 -12.92 26.64
N MET RA 427 -44.76 -13.56 27.79
CA MET RA 427 -43.64 -13.89 28.65
C MET RA 427 -42.69 -14.86 27.93
N PHE RA 428 -41.39 -14.61 28.11
CA PHE RA 428 -40.36 -15.44 27.52
C PHE RA 428 -39.17 -15.43 28.48
N PHE RA 429 -38.55 -16.60 28.64
CA PHE RA 429 -37.42 -16.77 29.54
C PHE RA 429 -36.21 -17.29 28.77
N GLU RA 430 -35.03 -16.90 29.23
CA GLU RA 430 -33.79 -17.32 28.59
C GLU RA 430 -32.67 -17.27 29.62
N GLN RA 431 -31.71 -18.17 29.49
CA GLN RA 431 -30.48 -18.03 30.24
C GLN RA 431 -29.68 -16.86 29.67
N TYR RA 432 -29.25 -15.95 30.56
CA TYR RA 432 -28.51 -14.76 30.13
C TYR RA 432 -27.08 -15.16 29.77
N GLU RA 433 -26.92 -15.62 28.53
CA GLU RA 433 -25.59 -15.93 28.03
C GLU RA 433 -24.74 -14.66 28.02
N GLY RA 434 -23.66 -14.68 28.78
CA GLY RA 434 -22.90 -13.48 29.03
C GLY RA 434 -23.28 -12.90 30.37
N GLY RA 435 -22.30 -12.64 31.23
CA GLY RA 435 -22.57 -12.29 32.60
C GLY RA 435 -22.75 -13.48 33.52
N SER RA 436 -22.66 -14.70 33.01
CA SER RA 436 -22.77 -15.91 33.81
C SER RA 436 -21.41 -16.62 33.83
N SER RA 437 -21.06 -17.13 35.00
CA SER RA 437 -19.77 -17.78 35.20
C SER RA 437 -19.93 -19.30 35.03
N ALA RA 438 -18.85 -20.03 35.29
CA ALA RA 438 -18.90 -21.49 35.26
C ALA RA 438 -19.70 -22.06 36.42
N TRP RA 439 -20.09 -21.24 37.39
CA TRP RA 439 -20.88 -21.69 38.53
C TRP RA 439 -22.09 -20.83 38.82
N CYS RA 440 -22.26 -19.70 38.14
CA CYS RA 440 -23.43 -18.84 38.30
C CYS RA 440 -24.22 -18.82 37.01
N VAL RA 441 -25.55 -18.85 37.13
CA VAL RA 441 -26.46 -18.78 36.00
C VAL RA 441 -27.33 -17.55 36.18
N LYS RA 442 -27.30 -16.65 35.21
CA LYS RA 442 -28.15 -15.47 35.21
C LYS RA 442 -29.24 -15.64 34.15
N TYR RA 443 -30.45 -15.22 34.47
CA TYR RA 443 -31.61 -15.42 33.62
C TYR RA 443 -32.16 -14.08 33.17
N GLN RA 444 -33.10 -14.14 32.23
CA GLN RA 444 -33.68 -12.92 31.66
C GLN RA 444 -35.01 -13.27 31.02
N PHE RA 445 -36.07 -12.59 31.44
CA PHE RA 445 -37.41 -12.84 30.93
C PHE RA 445 -38.09 -11.51 30.62
N GLY RA 446 -39.18 -11.60 29.86
CA GLY RA 446 -39.90 -10.39 29.49
C GLY RA 446 -41.25 -10.67 28.87
N ALA RA 447 -41.92 -9.59 28.50
CA ALA RA 447 -43.24 -9.57 27.88
C ALA RA 447 -43.57 -8.14 27.50
N GLU RA 448 -44.47 -8.00 26.53
CA GLU RA 448 -44.83 -6.69 26.00
C GLU RA 448 -46.34 -6.62 25.87
N ASP RA 449 -46.94 -5.69 26.61
CA ASP RA 449 -48.39 -5.62 26.71
C ASP RA 449 -48.76 -4.17 26.97
N GLY RA 450 -50.00 -3.84 26.63
CA GLY RA 450 -50.50 -2.52 26.89
C GLY RA 450 -52.01 -2.54 26.97
N GLY RA 451 -52.58 -1.36 27.05
CA GLY RA 451 -54.02 -1.25 27.12
C GLY RA 451 -54.45 0.18 26.95
N PHE RA 452 -55.72 0.34 26.57
CA PHE RA 452 -56.26 1.67 26.35
C PHE RA 452 -57.78 1.59 26.46
N VAL RA 453 -58.38 2.75 26.40
CA VAL RA 453 -59.81 2.88 26.55
C VAL RA 453 -60.47 2.52 25.23
N GLY RA 454 -61.65 1.93 25.31
CA GLY RA 454 -62.46 1.75 24.13
C GLY RA 454 -63.23 3.03 23.89
N CYS RA 455 -64.54 2.94 23.81
CA CYS RA 455 -65.38 4.12 23.71
C CYS RA 455 -65.92 4.43 25.10
N CYS RA 456 -65.31 5.40 25.80
CA CYS RA 456 -65.65 5.60 27.21
C CYS RA 456 -66.96 6.33 27.40
N GLU RA 457 -67.79 6.43 26.37
CA GLU RA 457 -69.20 6.75 26.53
C GLU RA 457 -70.06 5.50 26.60
N HIS RA 458 -69.45 4.32 26.62
CA HIS RA 458 -70.19 3.06 26.71
C HIS RA 458 -70.37 2.64 28.16
N GLY RA 459 -69.28 2.51 28.91
CA GLY RA 459 -69.38 2.13 30.30
C GLY RA 459 -69.53 3.30 31.23
N ARG RA 460 -70.02 3.01 32.44
CA ARG RA 460 -70.32 4.04 33.42
C ARG RA 460 -69.83 3.58 34.78
N ILE RA 461 -69.63 4.56 35.68
CA ILE RA 461 -69.02 4.34 36.99
C ILE RA 461 -69.97 4.84 38.06
N LEU RA 462 -70.00 4.14 39.20
CA LEU RA 462 -70.75 4.55 40.37
C LEU RA 462 -69.77 4.91 41.48
N GLN RA 463 -69.94 6.11 42.03
CA GLN RA 463 -69.07 6.68 43.05
C GLN RA 463 -69.93 7.28 44.16
N ILE RA 464 -69.31 7.98 45.10
CA ILE RA 464 -70.07 8.67 46.15
C ILE RA 464 -69.98 10.18 45.97
N PRO SA 177 -47.46 2.30 11.52
CA PRO SA 177 -47.88 2.03 10.15
C PRO SA 177 -48.55 0.67 10.00
N GLN SA 178 -49.52 0.38 10.86
CA GLN SA 178 -50.20 -0.92 10.90
C GLN SA 178 -51.71 -0.71 11.00
N VAL SA 179 -52.26 0.12 10.10
CA VAL SA 179 -53.66 0.50 10.16
C VAL SA 179 -54.55 -0.75 10.30
N LEU SA 180 -55.58 -0.63 11.13
CA LEU SA 180 -56.47 -1.72 11.48
C LEU SA 180 -57.76 -1.64 10.66
N ALA SA 181 -58.75 -2.45 11.05
CA ALA SA 181 -60.02 -2.52 10.34
C ALA SA 181 -61.22 -2.24 11.25
N LEU SA 182 -61.01 -1.55 12.36
CA LEU SA 182 -62.11 -1.17 13.26
C LEU SA 182 -62.43 0.31 13.07
N GLU SA 183 -63.72 0.64 13.13
CA GLU SA 183 -64.23 1.97 12.82
C GLU SA 183 -65.23 2.43 13.88
N VAL SA 184 -64.84 2.33 15.16
CA VAL SA 184 -65.69 2.69 16.28
C VAL SA 184 -66.30 4.08 16.10
N ASP SA 185 -67.63 4.17 16.20
CA ASP SA 185 -68.37 5.39 15.92
C ASP SA 185 -68.87 6.09 17.19
N CYS SA 186 -69.66 5.37 18.01
CA CYS SA 186 -70.30 5.92 19.20
C CYS SA 186 -71.21 7.10 18.85
N ASN SA 187 -72.28 6.79 18.14
CA ASN SA 187 -73.36 7.75 17.92
C ASN SA 187 -74.69 7.09 18.17
N ILE SA 188 -75.64 7.86 18.68
CA ILE SA 188 -76.88 7.33 19.23
C ILE SA 188 -78.01 7.58 18.25
N GLU SA 189 -79.00 6.69 18.28
CA GLU SA 189 -80.24 6.83 17.54
C GLU SA 189 -81.38 7.08 18.53
N CYS SA 190 -82.47 7.64 18.02
CA CYS SA 190 -83.67 7.87 18.80
C CYS SA 190 -84.51 6.60 18.78
N ALA SA 191 -85.71 6.68 19.35
CA ALA SA 191 -86.73 5.69 19.07
C ALA SA 191 -87.52 6.12 17.83
N SER SA 192 -88.23 5.18 17.25
CA SER SA 192 -88.98 5.42 16.01
C SER SA 192 -90.44 5.63 16.40
N LEU SA 193 -90.79 6.89 16.63
CA LEU SA 193 -92.17 7.25 16.97
C LEU SA 193 -92.99 7.49 15.70
N LEU SA 194 -92.93 6.52 14.80
CA LEU SA 194 -93.62 6.60 13.51
C LEU SA 194 -94.59 5.46 13.29
N ASP SA 195 -94.19 4.23 13.61
CA ASP SA 195 -95.07 3.08 13.42
C ASP SA 195 -96.33 3.16 14.27
N LEU SA 196 -96.33 4.00 15.30
CA LEU SA 196 -97.54 4.18 16.11
C LEU SA 196 -98.56 5.05 15.39
N TYR SA 197 -98.11 6.10 14.73
CA TYR SA 197 -99.01 7.00 14.03
C TYR SA 197 -99.69 6.28 12.87
N GLY SA 198 -100.75 6.90 12.35
CA GLY SA 198 -101.42 6.37 11.18
C GLY SA 198 -100.62 6.61 9.93
N GLN SA 199 -100.07 5.55 9.34
CA GLN SA 199 -99.28 5.68 8.13
C GLN SA 199 -100.18 5.77 6.91
N ILE SA 200 -99.96 6.77 6.06
CA ILE SA 200 -100.75 6.95 4.86
C ILE SA 200 -99.83 7.33 3.70
N GLU SA 201 -100.24 6.95 2.50
CA GLU SA 201 -99.47 7.19 1.29
C GLU SA 201 -100.31 7.97 0.30
N VAL SA 202 -99.65 8.85 -0.48
CA VAL SA 202 -100.32 9.59 -1.54
C VAL SA 202 -99.24 10.11 -2.48
N SER SA 203 -99.57 10.14 -3.78
CA SER SA 203 -98.63 10.64 -4.78
C SER SA 203 -98.62 12.16 -4.80
N ARG SA 204 -99.79 12.78 -4.92
CA ARG SA 204 -99.87 14.23 -5.01
C ARG SA 204 -99.38 14.88 -3.72
N SER SA 205 -99.03 16.16 -3.83
CA SER SA 205 -98.47 16.92 -2.72
C SER SA 205 -99.51 17.64 -1.89
N THR SA 206 -100.80 17.43 -2.14
CA THR SA 206 -101.85 18.08 -1.37
C THR SA 206 -103.06 17.16 -1.30
N PHE SA 207 -103.50 16.86 -0.08
CA PHE SA 207 -104.56 15.92 0.19
C PHE SA 207 -105.70 16.61 0.94
N THR SA 208 -106.88 15.98 0.92
CA THR SA 208 -108.03 16.50 1.67
C THR SA 208 -109.00 15.36 1.98
N TYR SA 209 -109.89 15.62 2.93
CA TYR SA 209 -110.71 14.58 3.57
C TYR SA 209 -111.88 15.26 4.27
N MET SA 210 -112.72 14.45 4.91
CA MET SA 210 -113.94 14.89 5.57
C MET SA 210 -113.80 14.77 7.09
N LYS SA 211 -114.73 15.43 7.80
CA LYS SA 211 -114.78 15.34 9.25
C LYS SA 211 -116.22 15.52 9.73
N ILE SA 212 -116.59 14.73 10.74
CA ILE SA 212 -117.89 14.83 11.40
C ILE SA 212 -117.66 15.51 12.74
N ALA SA 213 -118.03 16.78 12.85
CA ALA SA 213 -117.74 17.52 14.08
C ALA SA 213 -118.47 17.00 15.31
N ASP SA 214 -119.80 17.17 15.33
CA ASP SA 214 -120.63 16.78 16.46
C ASP SA 214 -122.09 16.64 16.06
N TYR SA 215 -122.61 15.42 15.97
CA TYR SA 215 -123.97 15.17 15.51
C TYR SA 215 -125.01 16.18 16.01
N GLY SA 216 -125.09 16.37 17.32
CA GLY SA 216 -125.88 17.44 17.88
C GLY SA 216 -127.28 17.02 18.25
N GLN SA 217 -127.90 17.83 19.13
CA GLN SA 217 -129.28 17.60 19.56
C GLN SA 217 -130.24 17.73 18.38
N LEU SA 218 -131.14 16.75 18.27
CA LEU SA 218 -132.15 16.76 17.22
C LEU SA 218 -133.52 16.35 17.76
N GLY SA 219 -133.90 16.88 18.90
CA GLY SA 219 -135.25 16.68 19.39
C GLY SA 219 -135.30 16.57 20.90
N GLU SA 220 -136.47 16.17 21.38
CA GLU SA 220 -136.79 16.12 22.79
C GLU SA 220 -138.05 15.27 22.93
N TYR SA 221 -138.32 14.75 24.13
CA TYR SA 221 -139.53 13.95 24.28
C TYR SA 221 -140.73 14.87 24.17
N THR SA 222 -141.29 14.98 22.98
CA THR SA 222 -142.47 15.81 22.80
C THR SA 222 -143.56 15.38 23.78
N CYS SA 223 -144.12 16.37 24.47
CA CYS SA 223 -145.13 16.13 25.49
C CYS SA 223 -146.40 15.58 24.85
N ASP SA 224 -147.37 15.26 25.68
CA ASP SA 224 -148.57 14.63 25.16
C ASP SA 224 -149.57 15.70 24.69
N ALA SA 225 -150.54 15.24 23.90
CA ALA SA 225 -151.54 16.11 23.28
C ALA SA 225 -150.87 17.15 22.40
N LYS SA 226 -150.03 16.71 21.48
CA LYS SA 226 -149.40 17.59 20.50
C LYS SA 226 -149.01 16.81 19.25
N CYS SA 227 -149.81 16.92 18.19
CA CYS SA 227 -149.44 16.31 16.91
C CYS SA 227 -148.36 17.10 16.19
N ASP SA 228 -147.89 18.17 16.84
CA ASP SA 228 -146.86 19.02 16.28
C ASP SA 228 -145.48 18.40 16.47
N ALA SA 229 -144.43 19.18 16.21
CA ALA SA 229 -143.06 18.70 16.28
C ALA SA 229 -142.13 19.87 16.58
N GLU SA 230 -140.83 19.68 16.43
CA GLU SA 230 -139.89 20.64 17.00
C GLU SA 230 -138.63 20.70 16.15
N PHE SA 231 -137.81 21.70 16.46
CA PHE SA 231 -136.55 22.05 15.81
C PHE SA 231 -135.46 22.06 16.86
N GLY SA 232 -134.31 22.64 16.55
CA GLY SA 232 -133.20 22.58 17.48
C GLY SA 232 -131.88 22.94 16.83
N GLU SA 233 -130.87 22.10 16.98
CA GLU SA 233 -129.57 22.54 16.54
C GLU SA 233 -128.74 21.36 16.06
N PRO SA 234 -128.45 21.28 14.76
CA PRO SA 234 -127.62 20.19 14.24
C PRO SA 234 -126.15 20.48 14.42
N GLY SA 235 -125.30 19.64 13.85
CA GLY SA 235 -123.87 19.73 14.07
C GLY SA 235 -123.14 20.12 12.80
N ASN SA 236 -122.01 20.77 13.00
CA ASN SA 236 -121.22 21.31 11.90
C ASN SA 236 -120.45 20.18 11.21
N ILE SA 237 -119.70 20.52 10.18
CA ILE SA 237 -118.98 19.56 9.35
C ILE SA 237 -117.85 20.32 8.69
N ARG SA 238 -116.74 19.65 8.41
CA ARG SA 238 -115.57 20.34 7.89
C ARG SA 238 -114.74 19.42 7.02
N HIS SA 239 -114.77 19.67 5.71
CA HIS SA 239 -113.84 19.05 4.77
C HIS SA 239 -112.47 19.72 4.89
N LEU SA 240 -111.53 19.03 5.54
CA LEU SA 240 -110.21 19.58 5.82
C LEU SA 240 -109.20 19.14 4.75
N GLU SA 241 -108.00 19.71 4.82
CA GLU SA 241 -106.96 19.43 3.84
C GLU SA 241 -105.59 19.71 4.44
N GLY SA 242 -104.57 19.13 3.80
CA GLY SA 242 -103.18 19.31 4.22
C GLY SA 242 -102.24 19.16 3.05
N LYS SA 243 -100.97 19.51 3.30
CA LYS SA 243 -99.92 19.45 2.30
C LYS SA 243 -98.77 18.56 2.77
N THR SA 244 -97.78 18.39 1.91
CA THR SA 244 -96.53 17.70 2.23
C THR SA 244 -95.40 18.72 2.34
N TYR SA 245 -94.18 18.23 2.59
CA TYR SA 245 -93.02 19.10 2.79
C TYR SA 245 -91.77 18.45 2.23
N ASP SA 246 -90.75 19.27 1.99
CA ASP SA 246 -89.51 18.88 1.33
C ASP SA 246 -88.33 19.00 2.28
N TYR SA 247 -87.22 18.35 1.90
CA TYR SA 247 -86.03 18.28 2.73
C TYR SA 247 -84.87 17.91 1.80
N ARG SA 248 -84.13 18.91 1.34
CA ARG SA 248 -83.15 18.66 0.28
C ARG SA 248 -81.82 19.31 0.61
N GLY SA 249 -80.74 18.58 0.31
CA GLY SA 249 -79.37 19.00 0.51
C GLY SA 249 -78.50 18.94 -0.73
N VAL SA 250 -77.82 20.02 -1.11
CA VAL SA 250 -76.72 19.87 -2.06
C VAL SA 250 -75.41 19.63 -1.31
N PHE SA 251 -74.53 18.86 -1.93
CA PHE SA 251 -73.21 18.69 -1.31
C PHE SA 251 -72.16 18.39 -2.38
N CYS SA 252 -71.39 19.42 -2.71
CA CYS SA 252 -70.38 19.39 -3.76
C CYS SA 252 -69.07 18.79 -3.24
N PHE SA 253 -68.02 18.85 -4.06
CA PHE SA 253 -66.70 18.28 -3.74
C PHE SA 253 -65.59 18.99 -4.53
N ASN SA 254 -64.36 18.46 -4.50
CA ASN SA 254 -63.28 18.95 -5.35
C ASN SA 254 -62.42 17.87 -6.01
N ARG SA 255 -62.44 16.64 -5.46
CA ARG SA 255 -61.84 15.42 -6.02
C ARG SA 255 -60.33 15.18 -5.93
N LYS SA 256 -59.61 15.64 -4.89
CA LYS SA 256 -58.26 15.08 -4.70
C LYS SA 256 -57.77 14.97 -3.26
N ASN SA 257 -58.68 15.11 -2.30
CA ASN SA 257 -58.55 14.50 -0.97
C ASN SA 257 -59.84 13.69 -0.90
N LEU SA 258 -59.98 12.87 -1.92
CA LEU SA 258 -61.21 12.38 -2.52
C LEU SA 258 -60.77 11.25 -3.44
N GLN SA 259 -61.49 11.06 -4.55
CA GLN SA 259 -61.30 10.00 -5.55
C GLN SA 259 -59.96 9.27 -5.52
N GLU SA 260 -58.87 9.90 -5.04
CA GLU SA 260 -57.59 9.20 -5.03
C GLU SA 260 -57.61 7.90 -4.26
N ALA SA 261 -57.66 7.93 -2.91
CA ALA SA 261 -58.03 6.80 -2.05
C ALA SA 261 -57.69 7.01 -0.58
N ASN SA 262 -58.70 7.22 0.27
CA ASN SA 262 -58.56 6.84 1.67
C ASN SA 262 -59.78 6.06 2.10
N TYR SA 263 -60.95 6.51 1.64
CA TYR SA 263 -62.23 5.98 2.04
C TYR SA 263 -63.30 6.68 1.22
N ASP SA 264 -64.39 5.97 0.95
CA ASP SA 264 -65.43 6.53 0.11
C ASP SA 264 -66.27 7.55 0.87
N PHE SA 265 -65.66 8.69 1.23
CA PHE SA 265 -66.30 9.77 1.98
C PHE SA 265 -67.69 10.09 1.44
N LEU SA 266 -67.90 9.86 0.14
CA LEU SA 266 -69.23 9.98 -0.44
C LEU SA 266 -70.24 9.12 0.32
N SER SA 267 -69.94 7.83 0.50
CA SER SA 267 -70.84 6.95 1.23
C SER SA 267 -71.03 7.43 2.67
N PHE SA 268 -69.97 7.97 3.28
CA PHE SA 268 -70.11 8.56 4.61
C PHE SA 268 -71.14 9.66 4.61
N MET SA 269 -71.07 10.57 3.62
CA MET SA 269 -72.03 11.66 3.53
C MET SA 269 -73.43 11.13 3.27
N ILE SA 270 -73.56 10.08 2.46
CA ILE SA 270 -74.87 9.51 2.16
C ILE SA 270 -75.51 8.93 3.42
N GLY SA 271 -74.75 8.12 4.16
CA GLY SA 271 -75.27 7.57 5.40
C GLY SA 271 -75.60 8.64 6.42
N ALA SA 272 -74.74 9.64 6.55
CA ALA SA 272 -75.00 10.73 7.47
C ALA SA 272 -76.26 11.49 7.06
N ALA SA 273 -76.47 11.66 5.75
CA ALA SA 273 -77.68 12.31 5.27
C ALA SA 273 -78.92 11.50 5.62
N GLN SA 274 -78.89 10.18 5.41
CA GLN SA 274 -80.05 9.36 5.74
C GLN SA 274 -80.34 9.39 7.24
N ARG SA 275 -79.30 9.28 8.08
CA ARG SA 275 -79.48 9.34 9.52
C ARG SA 275 -80.04 10.69 9.95
N SER SA 276 -79.48 11.77 9.40
CA SER SA 276 -79.97 13.10 9.69
C SER SA 276 -81.43 13.25 9.27
N HIS SA 277 -81.79 12.70 8.11
CA HIS SA 277 -83.15 12.79 7.63
C HIS SA 277 -84.11 12.12 8.60
N ARG SA 278 -83.77 10.89 9.01
CA ARG SA 278 -84.64 10.18 9.96
C ARG SA 278 -84.77 10.94 11.27
N ILE SA 279 -83.64 11.39 11.84
CA ILE SA 279 -83.69 12.00 13.16
C ILE SA 279 -84.42 13.34 13.11
N ASN SA 280 -84.17 14.15 12.07
CA ASN SA 280 -84.85 15.43 11.95
C ASN SA 280 -86.33 15.24 11.64
N ARG SA 281 -86.67 14.20 10.89
CA ARG SA 281 -88.08 13.91 10.62
C ARG SA 281 -88.81 13.54 11.90
N ASN SA 282 -88.21 12.68 12.71
CA ASN SA 282 -88.82 12.31 13.98
C ASN SA 282 -88.95 13.53 14.89
N GLN SA 283 -87.87 14.32 15.00
CA GLN SA 283 -87.91 15.52 15.84
C GLN SA 283 -88.99 16.48 15.36
N ALA SA 284 -89.12 16.66 14.05
CA ALA SA 284 -90.15 17.54 13.51
C ALA SA 284 -91.54 17.03 13.87
N LEU SA 285 -91.86 15.81 13.44
CA LEU SA 285 -93.17 15.25 13.75
C LEU SA 285 -93.48 15.29 15.24
N MET SA 286 -92.44 15.37 16.09
CA MET SA 286 -92.70 15.53 17.51
C MET SA 286 -92.93 17.00 17.90
N ILE SA 287 -92.16 17.92 17.30
CA ILE SA 287 -92.14 19.31 17.77
C ILE SA 287 -92.25 20.30 16.62
N GLY SA 288 -92.60 19.82 15.42
CA GLY SA 288 -92.70 20.66 14.24
C GLY SA 288 -93.46 21.95 14.45
N LYS SA 289 -92.77 23.07 14.22
CA LYS SA 289 -93.32 24.38 14.53
C LYS SA 289 -94.03 24.94 13.30
N GLY SA 290 -95.26 24.46 13.10
CA GLY SA 290 -96.18 25.10 12.18
C GLY SA 290 -95.68 25.26 10.76
N VAL SA 291 -95.19 26.47 10.46
CA VAL SA 291 -94.78 26.86 9.12
C VAL SA 291 -93.88 25.78 8.50
N ASN SA 292 -94.24 25.36 7.28
CA ASN SA 292 -93.48 24.45 6.44
C ASN SA 292 -93.09 23.15 7.15
N GLU SA 293 -93.77 22.82 8.25
CA GLU SA 293 -93.47 21.62 9.02
C GLU SA 293 -94.77 20.95 9.44
N PRO SA 294 -94.76 19.63 9.63
CA PRO SA 294 -95.91 18.99 10.28
C PRO SA 294 -96.02 19.49 11.71
N LYS SA 295 -97.16 20.09 12.03
CA LYS SA 295 -97.33 20.74 13.34
C LYS SA 295 -97.16 19.74 14.47
N GLY SA 296 -96.08 19.88 15.24
CA GLY SA 296 -95.76 18.97 16.31
C GLY SA 296 -96.86 18.88 17.35
N TRP SA 297 -97.35 17.67 17.59
CA TRP SA 297 -98.46 17.47 18.51
C TRP SA 297 -98.11 17.88 19.94
N LEU SA 298 -96.82 18.05 20.25
CA LEU SA 298 -96.45 18.60 21.55
C LEU SA 298 -96.77 20.08 21.62
N THR SA 299 -96.18 20.87 20.72
CA THR SA 299 -96.41 22.31 20.73
C THR SA 299 -97.84 22.69 20.36
N GLU SA 300 -98.60 21.77 19.77
CA GLU SA 300 -99.99 22.06 19.45
C GLU SA 300 -100.78 22.47 20.68
N ASN SA 301 -100.40 21.95 21.85
CA ASN SA 301 -101.02 22.29 23.13
C ASN SA 301 -102.53 22.06 23.14
N CYS SA 302 -103.04 21.31 22.15
CA CYS SA 302 -104.44 20.96 22.12
C CYS SA 302 -104.70 19.54 22.63
N PHE SA 303 -103.65 18.73 22.78
CA PHE SA 303 -103.79 17.53 23.58
C PHE SA 303 -104.00 17.93 25.05
N PRO SA 304 -104.90 17.26 25.76
CA PRO SA 304 -105.09 17.59 27.17
C PRO SA 304 -103.84 17.31 27.98
N VAL SA 305 -103.51 18.25 28.87
CA VAL SA 305 -102.32 18.17 29.71
C VAL SA 305 -102.80 18.04 31.16
N PHE SA 306 -102.14 17.17 31.90
CA PHE SA 306 -102.49 16.92 33.30
C PHE SA 306 -101.27 17.24 34.17
N GLN SA 307 -101.26 18.44 34.75
CA GLN SA 307 -100.19 18.79 35.67
C GLN SA 307 -100.34 17.98 36.96
N THR SA 308 -99.20 17.68 37.60
CA THR SA 308 -99.20 16.80 38.75
C THR SA 308 -99.43 17.60 40.04
N LEU SA 309 -99.57 16.88 41.14
CA LEU SA 309 -99.90 17.61 42.36
C LEU SA 309 -98.65 17.95 43.15
N PRO SA 310 -98.59 19.17 43.68
CA PRO SA 310 -97.45 19.57 44.51
C PRO SA 310 -97.37 18.73 45.78
N VAL SA 311 -96.19 18.76 46.41
CA VAL SA 311 -95.88 17.84 47.49
C VAL SA 311 -95.27 18.61 48.67
N ASP SA 312 -96.05 18.83 49.72
CA ASP SA 312 -95.51 19.47 50.91
C ASP SA 312 -94.45 18.58 51.55
N VAL SA 313 -93.36 19.21 51.98
CA VAL SA 313 -92.28 18.54 52.70
C VAL SA 313 -91.49 19.60 53.43
N ASN SA 314 -91.15 19.31 54.69
CA ASN SA 314 -90.49 20.19 55.66
C ASN SA 314 -90.94 21.65 55.44
N GLY SA 315 -92.25 21.85 55.40
CA GLY SA 315 -92.83 23.16 55.16
C GLY SA 315 -92.49 23.74 53.81
N THR SA 316 -92.57 22.93 52.75
CA THR SA 316 -92.28 23.38 51.39
C THR SA 316 -92.96 22.46 50.39
N SER SA 317 -93.85 23.03 49.57
CA SER SA 317 -94.76 22.28 48.70
C SER SA 317 -94.07 21.75 47.45
N THR SA 318 -92.74 21.60 47.48
CA THR SA 318 -91.88 21.28 46.34
C THR SA 318 -92.52 20.31 45.35
N PRO SA 319 -92.59 20.68 44.08
CA PRO SA 319 -93.12 19.75 43.07
C PRO SA 319 -92.35 18.44 43.07
N ALA SA 320 -93.06 17.35 42.80
CA ALA SA 320 -92.46 16.02 42.82
C ALA SA 320 -93.50 15.05 42.27
N PHE SA 321 -93.01 13.91 41.79
CA PHE SA 321 -93.85 12.88 41.22
C PHE SA 321 -93.88 11.67 42.15
N LEU SA 322 -95.04 11.00 42.20
CA LEU SA 322 -95.32 9.97 43.20
C LEU SA 322 -96.09 8.84 42.53
N ALA SA 323 -95.72 7.60 42.86
CA ALA SA 323 -96.17 6.39 42.17
C ALA SA 323 -97.64 6.39 41.74
N GLN SA 324 -98.55 6.51 42.71
CA GLN SA 324 -99.98 6.48 42.42
C GLN SA 324 -100.36 7.41 41.28
N ASP SA 325 -99.80 8.62 41.29
CA ASP SA 325 -100.01 9.60 40.22
C ASP SA 325 -99.89 8.94 38.85
N TRP SA 326 -98.74 8.32 38.58
CA TRP SA 326 -98.56 7.64 37.29
C TRP SA 326 -99.72 6.71 37.01
N ARG SA 327 -100.03 5.83 37.97
CA ARG SA 327 -101.17 4.94 37.79
C ARG SA 327 -102.44 5.74 37.56
N ARG SA 328 -102.67 6.77 38.38
CA ARG SA 328 -103.85 7.59 38.20
C ARG SA 328 -103.88 8.23 36.81
N PHE SA 329 -102.70 8.54 36.26
CA PHE SA 329 -102.65 9.07 34.89
C PHE SA 329 -103.03 7.99 33.88
N VAL SA 330 -102.49 6.78 34.04
CA VAL SA 330 -102.70 5.77 33.00
C VAL SA 330 -104.12 5.22 33.07
N THR SA 331 -104.73 5.24 34.27
CA THR SA 331 -106.09 4.74 34.39
C THR SA 331 -107.15 5.79 34.09
N SER SA 332 -106.78 7.07 34.13
CA SER SA 332 -107.73 8.15 33.87
C SER SA 332 -108.09 8.30 32.42
N PHE SA 333 -107.55 7.46 31.55
CA PHE SA 333 -107.89 7.57 30.14
C PHE SA 333 -109.30 7.02 29.91
N PRO SA 334 -110.11 7.68 29.09
CA PRO SA 334 -111.45 7.17 28.79
C PRO SA 334 -111.38 5.82 28.08
N ALA SA 335 -111.85 4.78 28.75
CA ALA SA 335 -111.67 3.42 28.24
C ALA SA 335 -112.40 3.21 26.93
N GLU SA 336 -113.54 3.87 26.75
CA GLU SA 336 -114.36 3.62 25.56
C GLU SA 336 -113.69 4.09 24.27
N TYR SA 337 -112.68 4.96 24.37
CA TYR SA 337 -111.94 5.35 23.18
C TYR SA 337 -111.32 4.13 22.49
N GLY SA 338 -110.50 3.39 23.23
CA GLY SA 338 -109.80 2.25 22.71
C GLY SA 338 -108.46 2.12 23.38
N GLU SA 339 -107.64 1.20 22.86
CA GLU SA 339 -106.31 0.98 23.42
C GLU SA 339 -105.42 2.18 23.17
N ALA SA 340 -104.99 2.84 24.24
CA ALA SA 340 -104.08 3.98 24.18
C ALA SA 340 -102.78 3.60 24.85
N ARG SA 341 -101.71 3.47 24.05
CA ARG SA 341 -100.41 3.18 24.59
C ARG SA 341 -99.81 4.45 25.20
N SER SA 342 -98.61 4.32 25.77
CA SER SA 342 -97.95 5.45 26.41
C SER SA 342 -96.50 5.52 25.93
N VAL SA 343 -95.93 6.72 26.07
CA VAL SA 343 -94.57 6.99 25.65
C VAL SA 343 -93.86 7.78 26.75
N MET SA 344 -92.58 7.47 26.95
CA MET SA 344 -91.79 8.00 28.04
C MET SA 344 -90.32 7.69 27.78
N HIS SA 345 -89.46 8.40 28.50
CA HIS SA 345 -88.01 8.24 28.40
C HIS SA 345 -87.53 7.14 29.34
N GLN SA 346 -86.40 6.54 28.99
CA GLN SA 346 -85.81 5.51 29.86
C GLN SA 346 -85.42 6.08 31.21
N ASN SA 347 -85.09 7.38 31.28
CA ASN SA 347 -84.80 7.99 32.57
C ASN SA 347 -86.03 7.99 33.46
N VAL SA 348 -87.20 8.24 32.88
CA VAL SA 348 -88.43 8.24 33.67
C VAL SA 348 -88.73 6.84 34.19
N PHE SA 349 -88.60 5.84 33.32
CA PHE SA 349 -88.84 4.46 33.75
C PHE SA 349 -87.83 4.02 34.80
N GLY SA 350 -86.58 4.49 34.71
CA GLY SA 350 -85.61 4.18 35.73
C GLY SA 350 -85.95 4.84 37.06
N TYR SA 351 -86.38 6.10 37.02
CA TYR SA 351 -86.86 6.75 38.23
C TYR SA 351 -88.07 6.02 38.80
N LEU SA 352 -88.88 5.42 37.94
CA LEU SA 352 -90.12 4.79 38.37
C LEU SA 352 -89.86 3.45 39.03
N ALA SA 353 -89.08 2.59 38.37
CA ALA SA 353 -88.72 1.30 38.94
C ALA SA 353 -87.90 1.43 40.22
N ALA SA 354 -87.32 2.60 40.48
CA ALA SA 354 -86.58 2.87 41.70
C ALA SA 354 -87.41 3.56 42.75
N MET SA 355 -88.74 3.41 42.70
CA MET SA 355 -89.61 3.97 43.72
C MET SA 355 -89.48 3.18 45.02
N VAL SA 356 -89.28 3.90 46.12
CA VAL SA 356 -89.08 3.29 47.43
C VAL SA 356 -90.18 3.78 48.36
N ASP SA 357 -90.75 2.86 49.13
CA ASP SA 357 -91.83 3.19 50.04
C ASP SA 357 -91.28 3.65 51.38
N ALA SA 358 -92.19 3.85 52.34
CA ALA SA 358 -91.77 4.25 53.69
C ALA SA 358 -91.05 3.11 54.40
N ASN SA 359 -91.35 1.87 54.05
CA ASN SA 359 -90.67 0.72 54.62
C ASN SA 359 -89.33 0.45 53.94
N GLY SA 360 -88.79 1.42 53.22
CA GLY SA 360 -87.53 1.25 52.52
C GLY SA 360 -87.54 0.12 51.51
N ARG SA 361 -88.69 -0.50 51.32
CA ARG SA 361 -88.84 -1.52 50.31
C ARG SA 361 -88.95 -0.86 48.94
N PHE SA 362 -88.59 -1.62 47.91
CA PHE SA 362 -88.72 -1.10 46.55
C PHE SA 362 -90.21 -1.06 46.22
N LEU SA 363 -90.82 0.11 46.39
CA LEU SA 363 -92.27 0.33 46.35
C LEU SA 363 -93.00 -0.48 45.28
N PHE SA 364 -92.54 -0.40 44.03
CA PHE SA 364 -93.08 -1.21 42.95
C PHE SA 364 -92.53 -2.64 43.03
N GLY SA 365 -92.57 -3.39 41.93
CA GLY SA 365 -91.96 -4.71 41.92
C GLY SA 365 -90.68 -4.77 42.73
N ASP SA 366 -90.55 -5.79 43.58
CA ASP SA 366 -89.60 -5.72 44.69
C ASP SA 366 -89.07 -7.11 45.01
N GLY SA 367 -87.74 -7.22 45.05
CA GLY SA 367 -87.08 -8.39 45.59
C GLY SA 367 -86.27 -9.20 44.59
N ASP SA 368 -85.76 -8.51 43.58
CA ASP SA 368 -84.94 -9.15 42.57
C ASP SA 368 -83.87 -8.16 42.17
N LEU SA 369 -83.53 -7.23 43.05
CA LEU SA 369 -82.45 -6.31 42.77
C LEU SA 369 -82.68 -5.46 41.51
N THR SA 370 -83.87 -5.55 40.93
CA THR SA 370 -84.13 -4.82 39.72
C THR SA 370 -85.61 -4.86 39.42
N PHE SA 371 -85.98 -4.45 38.22
CA PHE SA 371 -87.38 -4.51 37.83
C PHE SA 371 -87.42 -4.50 36.30
N THR SA 372 -87.75 -5.64 35.72
CA THR SA 372 -87.76 -5.81 34.26
C THR SA 372 -89.05 -6.51 33.85
N PRO SA 373 -90.16 -5.78 33.86
CA PRO SA 373 -91.37 -6.31 33.22
C PRO SA 373 -91.43 -5.91 31.75
N ASP SA 374 -91.95 -6.82 30.93
CA ASP SA 374 -92.02 -6.56 29.50
C ASP SA 374 -93.00 -5.42 29.24
N LEU SA 375 -92.48 -4.29 28.76
CA LEU SA 375 -93.30 -3.09 28.61
C LEU SA 375 -94.40 -3.27 27.58
N VAL SA 376 -94.25 -4.24 26.68
CA VAL SA 376 -95.27 -4.48 25.67
C VAL SA 376 -96.59 -4.89 26.33
N ARG SA 377 -96.51 -5.75 27.36
CA ARG SA 377 -97.70 -6.08 28.13
C ARG SA 377 -98.18 -4.87 28.93
N GLU SA 378 -97.25 -4.09 29.45
CA GLU SA 378 -97.56 -2.88 30.20
C GLU SA 378 -97.84 -1.69 29.29
N ARG SA 379 -98.09 -1.94 28.00
CA ARG SA 379 -98.52 -0.95 27.01
C ARG SA 379 -97.73 0.36 27.14
N ILE SA 380 -96.42 0.24 27.06
CA ILE SA 380 -95.51 1.39 27.13
C ILE SA 380 -94.43 1.21 26.08
N ARG SA 381 -94.34 2.16 25.15
CA ARG SA 381 -93.22 2.23 24.23
C ARG SA 381 -92.23 3.27 24.75
N ILE SA 382 -90.96 2.91 24.73
CA ILE SA 382 -89.91 3.72 25.33
C ILE SA 382 -89.20 4.51 24.25
N SER SA 383 -88.66 5.67 24.64
CA SER SA 383 -87.85 6.48 23.75
C SER SA 383 -86.70 7.09 24.54
N ASN SA 384 -85.80 7.76 23.84
CA ASN SA 384 -84.64 8.34 24.49
C ASN SA 384 -84.37 9.80 24.14
N CYS SA 385 -85.06 10.37 23.15
CA CYS SA 385 -84.97 11.80 22.88
C CYS SA 385 -86.26 12.53 23.17
N LEU SA 386 -87.24 11.87 23.78
CA LEU SA 386 -88.36 12.56 24.39
C LEU SA 386 -87.84 13.58 25.41
N PRO SA 387 -88.69 14.55 25.80
CA PRO SA 387 -88.20 15.69 26.60
C PRO SA 387 -87.47 15.35 27.90
N ASP SA 388 -87.43 14.07 28.29
CA ASP SA 388 -86.65 13.56 29.41
C ASP SA 388 -86.68 14.46 30.64
N PRO SA 389 -87.82 14.57 31.32
CA PRO SA 389 -87.86 15.43 32.52
C PRO SA 389 -86.83 15.06 33.56
N THR SA 390 -86.34 13.83 33.55
CA THR SA 390 -85.27 13.40 34.45
C THR SA 390 -83.92 13.47 33.71
N GLU SA 391 -83.52 14.70 33.40
CA GLU SA 391 -82.28 14.93 32.65
C GLU SA 391 -81.08 14.21 33.22
N GLY SA 392 -80.53 13.28 32.44
CA GLY SA 392 -79.44 12.39 32.81
C GLY SA 392 -79.47 11.93 34.25
N ASN SA 393 -80.68 11.71 34.78
CA ASN SA 393 -80.91 11.25 36.13
C ASN SA 393 -80.50 12.32 37.15
N THR SA 394 -79.89 13.40 36.67
CA THR SA 394 -79.53 14.50 37.56
C THR SA 394 -80.76 15.18 38.12
N LYS SA 395 -81.71 15.53 37.25
CA LYS SA 395 -82.97 16.11 37.71
C LYS SA 395 -83.85 15.04 38.35
N GLY SA 396 -83.83 14.98 39.67
CA GLY SA 396 -84.73 14.17 40.45
C GLY SA 396 -85.46 15.07 41.42
N GLY SA 397 -84.98 15.15 42.65
CA GLY SA 397 -85.36 16.25 43.50
C GLY SA 397 -85.63 15.98 44.95
N THR SA 398 -84.98 16.75 45.82
CA THR SA 398 -85.45 16.92 47.20
C THR SA 398 -85.56 18.41 47.52
N GLY SA 399 -84.53 19.19 47.15
CA GLY SA 399 -84.64 20.63 47.20
C GLY SA 399 -83.99 21.40 46.07
N GLN SA 400 -83.08 20.78 45.32
CA GLN SA 400 -82.38 21.48 44.26
C GLN SA 400 -82.49 20.71 42.95
N ASP SA 401 -82.42 19.39 43.06
CA ASP SA 401 -82.67 18.51 41.91
C ASP SA 401 -84.13 18.54 41.50
N ALA SA 402 -84.97 19.11 42.35
CA ALA SA 402 -86.42 19.14 42.10
C ALA SA 402 -86.84 18.85 40.68
N PHE SA 403 -87.82 17.96 40.51
CA PHE SA 403 -88.21 17.58 39.18
C PHE SA 403 -88.59 18.75 38.29
N ALA SA 404 -88.66 19.96 38.85
CA ALA SA 404 -88.93 21.18 38.06
C ALA SA 404 -90.35 21.30 37.56
N ALA SA 405 -90.94 22.47 37.70
CA ALA SA 405 -92.34 22.61 37.33
C ALA SA 405 -92.62 22.32 35.90
N GLY SA 406 -93.90 22.09 35.60
CA GLY SA 406 -94.30 21.84 34.24
C GLY SA 406 -93.22 21.35 33.33
N SER SA 407 -93.02 20.05 33.33
CA SER SA 407 -92.03 19.50 32.44
C SER SA 407 -92.56 18.21 31.90
N PHE SA 408 -92.65 18.12 30.58
CA PHE SA 408 -93.25 16.90 30.06
C PHE SA 408 -92.71 15.66 30.77
N VAL SA 409 -93.61 14.92 31.41
CA VAL SA 409 -93.24 13.69 32.11
C VAL SA 409 -93.46 12.47 31.25
N ALA SA 410 -94.61 12.39 30.58
CA ALA SA 410 -94.89 11.29 29.66
C ALA SA 410 -96.11 11.62 28.83
N ALA SA 411 -96.54 10.71 27.96
CA ALA SA 411 -97.75 10.94 27.19
C ALA SA 411 -98.44 9.60 26.94
N GLN SA 412 -99.67 9.67 26.44
CA GLN SA 412 -100.46 8.47 26.21
C GLN SA 412 -101.51 8.81 25.15
N ALA SA 413 -101.69 7.90 24.20
CA ALA SA 413 -102.66 8.13 23.13
C ALA SA 413 -102.90 6.83 22.38
N ALA SA 414 -104.00 6.80 21.65
CA ALA SA 414 -104.27 5.76 20.66
C ALA SA 414 -103.74 6.27 19.32
N TRP SA 415 -102.43 6.07 19.12
CA TRP SA 415 -101.72 6.70 18.02
C TRP SA 415 -102.17 6.24 16.66
N LYS SA 416 -102.93 5.14 16.57
CA LYS SA 416 -103.48 4.74 15.28
C LYS SA 416 -104.56 5.69 14.80
N THR SA 417 -105.04 6.60 15.66
CA THR SA 417 -105.97 7.64 15.25
C THR SA 417 -105.61 9.02 15.80
N ALA SA 418 -104.59 9.14 16.66
CA ALA SA 418 -104.26 10.44 17.22
C ALA SA 418 -103.43 11.28 16.24
N PHE SA 419 -102.41 10.68 15.65
CA PHE SA 419 -101.54 11.37 14.71
C PHE SA 419 -101.47 10.56 13.41
N TYR SA 420 -100.94 11.20 12.37
CA TYR SA 420 -100.82 10.56 11.07
C TYR SA 420 -99.57 11.08 10.37
N ALA SA 421 -98.91 10.18 9.65
CA ALA SA 421 -97.73 10.49 8.86
C ALA SA 421 -97.98 10.09 7.42
N VAL SA 422 -97.86 11.06 6.52
CA VAL SA 422 -98.06 10.84 5.10
C VAL SA 422 -96.70 10.78 4.41
N GLU SA 423 -96.52 9.77 3.57
CA GLU SA 423 -95.25 9.52 2.89
C GLU SA 423 -95.46 9.66 1.39
N LYS SA 424 -94.64 10.52 0.77
CA LYS SA 424 -94.78 10.81 -0.65
C LYS SA 424 -93.63 10.26 -1.47
N ARG SA 425 -92.38 10.61 -1.14
CA ARG SA 425 -91.25 10.15 -1.91
C ARG SA 425 -90.06 9.98 -0.97
N PRO SA 426 -89.38 8.84 -1.02
CA PRO SA 426 -88.21 8.65 -0.16
C PRO SA 426 -87.05 9.54 -0.57
N MET SA 427 -85.91 9.39 0.09
CA MET SA 427 -84.74 10.16 -0.29
C MET SA 427 -84.29 9.74 -1.68
N PHE SA 428 -83.80 10.71 -2.44
CA PHE SA 428 -83.26 10.49 -3.77
C PHE SA 428 -81.98 11.29 -3.89
N PHE SA 429 -81.10 10.83 -4.77
CA PHE SA 429 -79.75 11.36 -4.92
C PHE SA 429 -79.38 11.30 -6.39
N GLU SA 430 -78.73 12.35 -6.90
CA GLU SA 430 -78.33 12.35 -8.29
C GLU SA 430 -77.22 13.36 -8.51
N GLN SA 431 -76.39 13.10 -9.51
CA GLN SA 431 -75.34 14.02 -9.87
C GLN SA 431 -75.91 15.19 -10.66
N TYR SA 432 -75.47 16.39 -10.31
CA TYR SA 432 -75.96 17.63 -10.92
C TYR SA 432 -75.02 18.02 -12.05
N GLU SA 433 -75.33 17.52 -13.25
CA GLU SA 433 -74.57 17.91 -14.44
C GLU SA 433 -74.71 19.40 -14.68
N GLY SA 434 -73.59 20.07 -14.95
CA GLY SA 434 -73.56 21.52 -14.97
C GLY SA 434 -73.13 22.04 -13.62
N GLY SA 435 -72.24 23.02 -13.59
CA GLY SA 435 -71.64 23.43 -12.34
C GLY SA 435 -70.47 22.54 -11.97
N SER SA 436 -70.60 21.25 -12.23
CA SER SA 436 -69.49 20.31 -12.04
C SER SA 436 -68.46 20.51 -13.16
N SER SA 437 -67.32 21.10 -12.81
CA SER SA 437 -66.25 21.40 -13.78
C SER SA 437 -65.14 20.36 -13.73
N ALA SA 438 -65.51 19.09 -13.58
CA ALA SA 438 -64.62 17.93 -13.61
C ALA SA 438 -63.75 17.83 -12.36
N TRP SA 439 -63.82 18.82 -11.48
CA TRP SA 439 -63.25 18.66 -10.14
C TRP SA 439 -64.32 18.81 -9.07
N CYS SA 440 -65.11 19.88 -9.10
CA CYS SA 440 -66.18 20.05 -8.13
C CYS SA 440 -67.42 19.31 -8.59
N VAL SA 441 -67.41 17.99 -8.34
CA VAL SA 441 -68.57 17.15 -8.57
C VAL SA 441 -69.64 17.53 -7.54
N LYS SA 442 -70.78 18.00 -8.02
CA LYS SA 442 -71.81 18.53 -7.17
C LYS SA 442 -72.99 17.57 -7.17
N TYR SA 443 -73.26 16.95 -6.04
CA TYR SA 443 -74.38 16.03 -5.90
C TYR SA 443 -75.56 16.72 -5.25
N GLN SA 444 -76.76 16.31 -5.66
CA GLN SA 444 -77.99 16.91 -5.17
C GLN SA 444 -78.92 15.80 -4.68
N PHE SA 445 -79.62 16.06 -3.59
CA PHE SA 445 -80.55 15.05 -3.08
C PHE SA 445 -81.78 15.66 -2.44
N GLY SA 446 -82.55 14.84 -1.73
CA GLY SA 446 -83.70 15.34 -1.01
C GLY SA 446 -84.80 14.31 -0.85
N ALA SA 447 -85.88 14.74 -0.21
CA ALA SA 447 -86.99 13.86 0.12
C ALA SA 447 -88.23 14.70 0.40
N GLU SA 448 -89.40 14.06 0.32
CA GLU SA 448 -90.68 14.73 0.52
C GLU SA 448 -91.63 13.82 1.29
N ASP SA 449 -92.18 14.35 2.36
CA ASP SA 449 -93.19 13.67 3.18
C ASP SA 449 -93.76 14.71 4.14
N GLY SA 450 -94.65 14.27 5.02
CA GLY SA 450 -95.21 15.18 6.01
C GLY SA 450 -96.03 14.44 7.04
N GLY SA 451 -96.74 15.21 7.86
CA GLY SA 451 -97.58 14.62 8.88
C GLY SA 451 -98.57 15.63 9.41
N PHE SA 452 -99.48 15.14 10.23
CA PHE SA 452 -100.52 15.99 10.83
C PHE SA 452 -101.14 15.23 12.00
N VAL SA 453 -102.06 15.89 12.69
CA VAL SA 453 -102.71 15.32 13.85
C VAL SA 453 -104.16 15.01 13.50
N GLY SA 454 -104.69 13.97 14.13
CA GLY SA 454 -106.12 13.72 14.09
C GLY SA 454 -106.82 14.67 15.04
N CYS SA 455 -107.89 14.23 15.68
CA CYS SA 455 -108.49 15.03 16.74
C CYS SA 455 -107.66 14.82 18.00
N CYS SA 456 -107.06 15.90 18.50
CA CYS SA 456 -106.15 15.78 19.62
C CYS SA 456 -106.93 15.64 20.93
N GLU SA 457 -107.80 14.63 20.99
CA GLU SA 457 -108.53 14.28 22.18
C GLU SA 457 -108.26 12.86 22.65
N HIS SA 458 -107.97 11.95 21.72
CA HIS SA 458 -107.59 10.59 22.06
C HIS SA 458 -106.11 10.59 22.46
N GLY SA 459 -105.88 11.02 23.70
CA GLY SA 459 -104.53 11.13 24.19
C GLY SA 459 -104.29 12.36 25.05
N ARG SA 460 -103.48 12.19 26.10
CA ARG SA 460 -103.14 13.26 27.01
C ARG SA 460 -101.65 13.21 27.30
N ILE SA 461 -101.18 14.22 28.02
CA ILE SA 461 -99.76 14.36 28.34
C ILE SA 461 -99.63 14.63 29.84
N LEU SA 462 -98.86 13.78 30.52
CA LEU SA 462 -98.53 13.98 31.92
C LEU SA 462 -97.36 14.94 32.04
N GLN SA 463 -97.60 16.06 32.72
CA GLN SA 463 -96.60 17.09 32.97
C GLN SA 463 -96.55 17.35 34.47
N ILE SA 464 -95.53 18.09 34.92
CA ILE SA 464 -95.41 18.43 36.33
C ILE SA 464 -96.58 19.31 36.75
N MET TA 1 -95.27 26.06 0.11
CA MET TA 1 -95.74 26.56 -1.17
C MET TA 1 -97.11 27.21 -1.02
N ASN TA 2 -97.12 28.47 -0.62
CA ASN TA 2 -98.38 29.20 -0.44
C ASN TA 2 -98.75 29.89 -1.73
N PHE TA 3 -99.98 29.66 -2.19
CA PHE TA 3 -100.48 30.31 -3.39
C PHE TA 3 -100.82 31.77 -3.11
N ASN TA 4 -100.50 32.64 -4.07
CA ASN TA 4 -100.74 34.08 -3.92
C ASN TA 4 -102.24 34.35 -4.10
N VAL TA 5 -102.98 34.15 -3.03
CA VAL TA 5 -104.43 34.42 -3.04
C VAL TA 5 -104.58 35.87 -2.59
N GLY TA 6 -104.32 36.78 -3.52
CA GLY TA 6 -104.76 38.15 -3.36
C GLY TA 6 -105.91 38.42 -4.30
N VAL TA 7 -105.75 37.99 -5.55
CA VAL TA 7 -106.86 37.81 -6.47
C VAL TA 7 -107.49 36.49 -6.08
N ASP TA 8 -108.64 36.17 -6.67
CA ASP TA 8 -109.27 34.89 -6.37
C ASP TA 8 -109.62 34.80 -4.90
N PHE TA 9 -110.69 35.51 -4.50
CA PHE TA 9 -111.15 35.76 -3.14
C PHE TA 9 -110.30 36.79 -2.41
N PRO TA 10 -110.32 38.06 -2.86
CA PRO TA 10 -109.63 39.12 -2.13
C PRO TA 10 -110.35 39.53 -0.85
N SER TA 11 -109.86 40.59 -0.21
CA SER TA 11 -110.47 41.10 1.01
C SER TA 11 -110.32 42.62 1.07
N PHE TA 12 -111.22 43.26 1.81
CA PHE TA 12 -111.21 44.70 1.96
C PHE TA 12 -111.71 45.06 3.34
N ILE TA 13 -111.24 46.21 3.84
CA ILE TA 13 -111.67 46.69 5.15
C ILE TA 13 -113.14 47.08 5.09
N ALA TA 14 -113.87 46.74 6.14
CA ALA TA 14 -115.29 47.10 6.26
C ALA TA 14 -115.56 47.99 7.46
N TRP TA 15 -114.88 47.76 8.58
CA TRP TA 15 -115.09 48.54 9.79
C TRP TA 15 -113.79 48.48 10.60
N ASP TA 16 -113.03 49.57 10.55
CA ASP TA 16 -111.74 49.67 11.24
C ASP TA 16 -111.88 50.01 12.71
N GLY TA 17 -113.10 50.09 13.23
CA GLY TA 17 -113.32 50.57 14.57
C GLY TA 17 -113.52 52.07 14.67
N GLU TA 18 -113.37 52.79 13.58
CA GLU TA 18 -113.55 54.24 13.55
C GLU TA 18 -114.54 54.70 12.49
N GLU TA 19 -114.55 54.05 11.32
CA GLU TA 19 -115.41 54.49 10.22
C GLU TA 19 -115.66 53.32 9.28
N SER TA 20 -116.86 53.27 8.72
CA SER TA 20 -117.18 52.24 7.74
C SER TA 20 -116.70 52.66 6.35
N PHE TA 21 -116.67 51.68 5.44
CA PHE TA 21 -116.22 51.93 4.07
C PHE TA 21 -117.00 51.07 3.10
N PRO TA 22 -117.84 51.66 2.26
CA PRO TA 22 -118.58 50.87 1.27
C PRO TA 22 -117.64 50.21 0.27
N VAL TA 23 -117.97 48.98 -0.11
CA VAL TA 23 -117.16 48.20 -1.05
C VAL TA 23 -118.08 47.59 -2.09
N LYS TA 24 -117.69 47.71 -3.35
CA LYS TA 24 -118.49 47.16 -4.44
C LYS TA 24 -118.36 45.64 -4.49
N VAL TA 25 -119.46 44.96 -4.80
CA VAL TA 25 -119.48 43.51 -4.87
C VAL TA 25 -120.07 43.08 -6.21
N ASP TA 26 -120.04 43.97 -7.19
CA ASP TA 26 -120.65 43.67 -8.48
C ASP TA 26 -119.83 42.64 -9.25
N GLY TA 27 -118.52 42.84 -9.34
CA GLY TA 27 -117.66 41.93 -10.08
C GLY TA 27 -117.71 40.51 -9.58
N PHE TA 28 -118.15 40.30 -8.34
CA PHE TA 28 -118.24 38.97 -7.74
C PHE TA 28 -119.70 38.58 -7.58
N ASN TA 29 -119.91 37.33 -7.13
CA ASN TA 29 -121.25 36.84 -6.89
C ASN TA 29 -121.39 36.10 -5.55
N GLN TA 30 -120.34 36.05 -4.74
CA GLN TA 30 -120.43 35.54 -3.38
C GLN TA 30 -119.58 36.42 -2.49
N PHE TA 31 -119.97 36.56 -1.22
CA PHE TA 31 -119.16 37.33 -0.28
C PHE TA 31 -119.59 37.00 1.14
N GLY TA 32 -118.65 37.21 2.07
CA GLY TA 32 -118.90 36.95 3.47
C GLY TA 32 -118.11 37.90 4.36
N PHE TA 33 -118.45 37.86 5.64
CA PHE TA 33 -117.82 38.72 6.64
C PHE TA 33 -116.82 37.92 7.48
N THR TA 34 -115.87 38.65 8.07
CA THR TA 34 -114.97 38.10 9.07
C THR TA 34 -114.76 39.17 10.13
N PHE TA 35 -115.10 38.84 11.37
CA PHE TA 35 -114.98 39.75 12.49
C PHE TA 35 -113.76 39.39 13.32
N LYS TA 36 -113.17 40.40 13.97
CA LYS TA 36 -112.01 40.17 14.81
C LYS TA 36 -112.10 41.04 16.05
N THR TA 37 -111.90 40.43 17.21
CA THR TA 37 -111.86 41.15 18.47
C THR TA 37 -110.41 41.45 18.84
N ILE TA 38 -110.15 42.69 19.20
CA ILE TA 38 -108.80 43.13 19.51
C ILE TA 38 -108.54 43.25 21.01
N ALA TA 39 -109.58 43.27 21.84
CA ALA TA 39 -109.42 43.45 23.28
C ALA TA 39 -110.62 42.84 23.98
N ALA TA 40 -110.63 42.95 25.31
CA ALA TA 40 -111.74 42.43 26.10
C ALA TA 40 -113.02 43.20 25.80
N LEU TA 41 -114.13 42.47 25.72
CA LEU TA 41 -115.42 43.08 25.42
C LEU TA 41 -116.05 43.67 26.66
N THR TA 42 -117.08 44.49 26.44
CA THR TA 42 -117.91 45.01 27.51
C THR TA 42 -119.38 44.62 27.40
N ALA TA 43 -119.86 44.34 26.20
CA ALA TA 43 -121.24 43.91 26.00
C ALA TA 43 -121.34 43.24 24.64
N ALA TA 44 -122.37 42.40 24.48
CA ALA TA 44 -122.66 41.82 23.17
C ALA TA 44 -122.90 42.93 22.16
N THR TA 45 -122.13 42.93 21.08
CA THR TA 45 -122.03 44.08 20.20
C THR TA 45 -122.91 43.90 18.97
N THR TA 46 -123.70 44.92 18.67
CA THR TA 46 -124.64 44.90 17.56
C THR TA 46 -124.15 45.80 16.44
N PHE TA 47 -124.38 45.37 15.20
CA PHE TA 47 -123.99 46.12 14.01
C PHE TA 47 -125.09 46.03 12.97
N ASN TA 48 -125.30 47.14 12.27
CA ASN TA 48 -126.29 47.26 11.22
C ASN TA 48 -125.63 47.05 9.86
N ILE TA 49 -126.43 46.53 8.92
CA ILE TA 49 -125.98 46.24 7.56
C ILE TA 49 -126.69 47.18 6.61
N PHE TA 50 -125.92 47.89 5.79
CA PHE TA 50 -126.47 48.78 4.78
C PHE TA 50 -125.97 48.35 3.41
N TYR TA 51 -126.78 48.63 2.39
CA TYR TA 51 -126.39 48.39 1.00
C TYR TA 51 -126.63 49.66 0.19
N HIS TA 52 -125.74 49.92 -0.76
CA HIS TA 52 -125.78 51.15 -1.54
C HIS TA 52 -126.15 50.84 -2.98
N GLU TA 53 -126.21 51.90 -3.78
CA GLU TA 53 -126.58 51.82 -5.19
C GLU TA 53 -125.63 52.67 -6.01
N PRO TA 54 -125.58 52.48 -7.33
CA PRO TA 54 -124.82 53.41 -8.18
C PRO TA 54 -125.34 54.83 -8.01
N SER TA 55 -124.45 55.73 -7.58
CA SER TA 55 -124.83 57.12 -7.37
C SER TA 55 -125.37 57.72 -8.66
N ASP TA 56 -126.34 58.63 -8.51
CA ASP TA 56 -126.94 59.28 -9.66
C ASP TA 56 -125.89 60.01 -10.49
N ALA TA 57 -124.99 60.73 -9.84
CA ALA TA 57 -123.96 61.47 -10.56
C ALA TA 57 -122.88 60.54 -11.10
N ASP TA 58 -122.18 59.87 -10.21
CA ASP TA 58 -121.09 58.98 -10.61
C ASP TA 58 -121.54 57.53 -10.43
N PRO TA 59 -121.68 56.76 -11.50
CA PRO TA 59 -122.14 55.37 -11.37
C PRO TA 59 -121.08 54.39 -10.88
N CYS TA 60 -119.91 54.87 -10.46
CA CYS TA 60 -118.85 54.00 -9.96
C CYS TA 60 -118.58 54.25 -8.47
N VAL TA 61 -119.45 54.98 -7.79
CA VAL TA 61 -119.31 55.21 -6.35
C VAL TA 61 -120.62 54.83 -5.67
N PRO TA 62 -120.57 54.40 -4.41
CA PRO TA 62 -121.82 54.06 -3.71
C PRO TA 62 -122.74 55.26 -3.57
N GLY TA 63 -124.04 55.00 -3.66
CA GLY TA 63 -125.03 56.04 -3.54
C GLY TA 63 -125.53 56.21 -2.13
N PRO TA 64 -126.81 55.98 -1.91
CA PRO TA 64 -127.39 56.15 -0.56
C PRO TA 64 -126.94 55.02 0.36
N ALA TA 65 -127.30 55.18 1.63
CA ALA TA 65 -127.00 54.19 2.66
C ALA TA 65 -128.33 53.58 3.09
N ILE TA 66 -128.76 52.54 2.38
CA ILE TA 66 -130.04 51.88 2.64
C ILE TA 66 -129.77 50.60 3.41
N ARG TA 67 -130.46 50.43 4.54
CA ARG TA 67 -130.29 49.25 5.37
C ARG TA 67 -131.03 48.08 4.72
N VAL TA 68 -130.29 47.02 4.40
CA VAL TA 68 -130.87 45.85 3.74
C VAL TA 68 -131.82 45.14 4.70
N PRO TA 69 -132.98 44.68 4.24
CA PRO TA 69 -133.86 43.89 5.11
C PRO TA 69 -133.33 42.47 5.27
N GLU TA 70 -134.08 41.65 6.00
CA GLU TA 70 -133.68 40.28 6.29
C GLU TA 70 -134.72 39.29 5.79
N VAL TA 71 -134.31 38.03 5.75
CA VAL TA 71 -135.19 36.94 5.31
C VAL TA 71 -135.06 35.76 6.26
N PRO TA 72 -136.13 35.02 6.51
CA PRO TA 72 -136.03 33.80 7.31
C PRO TA 72 -135.87 32.56 6.43
N PHE TA 73 -135.42 31.47 7.06
CA PHE TA 73 -135.37 30.18 6.36
C PHE TA 73 -135.57 29.06 7.38
N CYS TA 74 -136.82 28.62 7.51
CA CYS TA 74 -137.19 27.31 8.04
C CYS TA 74 -136.96 27.12 9.54
N ASP TA 75 -136.20 28.01 10.18
CA ASP TA 75 -135.95 27.81 11.61
C ASP TA 75 -135.99 29.07 12.45
N THR TA 76 -135.94 30.27 11.86
CA THR TA 76 -135.81 31.48 12.64
C THR TA 76 -137.12 31.81 13.31
N VAL TA 77 -137.09 31.95 14.65
CA VAL TA 77 -138.25 32.41 15.41
C VAL TA 77 -138.03 33.80 15.99
N LEU TA 78 -136.80 34.31 16.00
CA LEU TA 78 -136.55 35.64 16.55
C LEU TA 78 -137.23 36.71 15.73
N LEU TA 79 -136.94 36.78 14.43
CA LEU TA 79 -137.61 37.69 13.50
C LEU TA 79 -137.52 39.14 13.98
N SER TA 80 -136.28 39.66 13.93
CA SER TA 80 -135.98 41.03 14.35
C SER TA 80 -137.08 41.98 13.93
N GLU TA 81 -137.47 42.86 14.86
CA GLU TA 81 -138.74 43.58 14.80
C GLU TA 81 -139.06 44.15 13.42
N ASP TA 82 -138.24 45.07 12.93
CA ASP TA 82 -138.53 45.74 11.67
C ASP TA 82 -137.86 45.06 10.48
N GLY TA 83 -137.97 43.72 10.41
CA GLY TA 83 -137.47 42.94 9.31
C GLY TA 83 -136.15 43.38 8.72
N LEU TA 84 -135.21 43.80 9.55
CA LEU TA 84 -133.96 44.38 9.10
C LEU TA 84 -132.79 43.49 9.49
N ALA TA 85 -131.85 43.30 8.56
CA ALA TA 85 -130.67 42.52 8.85
C ALA TA 85 -129.82 43.21 9.91
N ALA TA 86 -129.36 42.42 10.88
CA ALA TA 86 -128.52 42.92 11.96
C ALA TA 86 -127.66 41.78 12.46
N VAL TA 87 -126.43 42.09 12.86
CA VAL TA 87 -125.54 41.11 13.45
C VAL TA 87 -125.33 41.47 14.92
N THR TA 88 -125.32 40.45 15.77
CA THR TA 88 -125.14 40.63 17.21
C THR TA 88 -124.07 39.64 17.66
N LEU TA 89 -122.82 40.06 17.63
CA LEU TA 89 -121.76 39.21 18.13
C LEU TA 89 -121.93 39.07 19.63
N PRO TA 90 -122.07 37.84 20.15
CA PRO TA 90 -122.27 37.68 21.59
C PRO TA 90 -121.01 38.05 22.35
N GLU TA 91 -121.20 38.58 23.56
CA GLU TA 91 -120.08 38.95 24.40
C GLU TA 91 -119.30 37.69 24.80
N THR TA 92 -118.20 37.90 25.51
CA THR TA 92 -117.32 36.83 25.97
C THR TA 92 -116.80 36.00 24.80
N VAL TA 93 -116.20 36.69 23.83
CA VAL TA 93 -115.40 36.05 22.79
C VAL TA 93 -114.01 36.67 22.87
N THR TA 94 -113.03 35.85 23.25
CA THR TA 94 -111.67 36.30 23.46
C THR TA 94 -111.06 36.71 22.13
N PRO TA 95 -109.92 37.41 22.15
CA PRO TA 95 -109.14 37.57 20.91
C PRO TA 95 -108.68 36.23 20.36
N ASP TA 96 -107.90 36.26 19.28
CA ASP TA 96 -107.51 35.08 18.51
C ASP TA 96 -108.70 34.14 18.31
N SER TA 97 -109.87 34.72 18.03
CA SER TA 97 -111.09 33.95 17.82
C SER TA 97 -111.93 34.71 16.80
N PHE TA 98 -111.84 34.32 15.54
CA PHE TA 98 -112.53 35.03 14.47
C PHE TA 98 -113.91 34.42 14.28
N CYS TA 99 -114.94 35.27 14.34
CA CYS TA 99 -116.30 34.90 14.01
C CYS TA 99 -116.59 35.35 12.58
N ALA TA 100 -117.59 34.72 11.97
CA ALA TA 100 -117.82 34.94 10.55
C ALA TA 100 -119.27 34.62 10.21
N GLY TA 101 -119.81 35.39 9.26
CA GLY TA 101 -121.14 35.16 8.77
C GLY TA 101 -121.35 35.88 7.46
N THR TA 102 -122.58 35.82 6.97
CA THR TA 102 -122.94 36.44 5.71
C THR TA 102 -124.46 36.49 5.58
N VAL TA 103 -124.93 37.37 4.70
CA VAL TA 103 -126.34 37.51 4.40
C VAL TA 103 -126.67 36.72 3.15
N PRO TA 104 -127.69 35.86 3.15
CA PRO TA 104 -127.97 35.02 1.98
C PRO TA 104 -128.32 35.80 0.72
N CYS TA 105 -129.31 36.68 0.80
CA CYS TA 105 -129.73 37.47 -0.35
C CYS TA 105 -129.06 38.84 -0.32
N MET TA 106 -128.66 39.31 -1.49
CA MET TA 106 -127.96 40.58 -1.63
C MET TA 106 -128.78 41.54 -2.49
N ASN TA 107 -128.39 42.81 -2.42
CA ASN TA 107 -129.04 43.85 -3.22
C ASN TA 107 -128.07 45.00 -3.38
N GLY TA 108 -128.25 45.76 -4.45
CA GLY TA 108 -127.36 46.87 -4.71
C GLY TA 108 -126.00 46.41 -5.20
N GLN TA 109 -125.03 47.31 -5.13
CA GLN TA 109 -123.67 47.03 -5.54
C GLN TA 109 -122.64 47.22 -4.44
N TRP TA 110 -122.84 48.17 -3.54
CA TRP TA 110 -121.95 48.38 -2.41
C TRP TA 110 -122.63 47.92 -1.13
N ILE TA 111 -121.80 47.54 -0.15
CA ILE TA 111 -122.28 47.10 1.15
C ILE TA 111 -121.46 47.79 2.23
N SER TA 112 -122.01 47.84 3.44
CA SER TA 112 -121.37 48.50 4.55
C SER TA 112 -121.90 47.94 5.86
N ILE TA 113 -121.06 47.97 6.88
CA ILE TA 113 -121.43 47.57 8.23
C ILE TA 113 -121.15 48.76 9.15
N ALA TA 114 -122.12 49.07 10.01
CA ALA TA 114 -121.98 50.23 10.88
C ALA TA 114 -122.27 49.84 12.31
N PRO TA 115 -121.59 50.46 13.28
CA PRO TA 115 -121.88 50.16 14.69
C PRO TA 115 -123.30 50.56 15.06
N ALA TA 116 -124.12 49.57 15.40
CA ALA TA 116 -125.49 49.86 15.82
C ALA TA 116 -125.49 50.73 17.06
N THR TA 117 -126.51 51.57 17.17
CA THR TA 117 -126.59 52.50 18.29
C THR TA 117 -126.65 51.75 19.61
N GLY TA 118 -126.19 52.41 20.67
CA GLY TA 118 -126.10 51.80 21.98
C GLY TA 118 -125.01 50.76 22.13
N SER TA 119 -124.24 50.48 21.06
CA SER TA 119 -123.16 49.49 21.14
C SER TA 119 -121.90 49.97 20.43
N GLU TA 120 -121.71 51.29 20.30
CA GLU TA 120 -120.57 51.80 19.56
C GLU TA 120 -119.32 51.94 20.44
N THR TA 121 -119.50 52.09 21.75
CA THR TA 121 -118.34 52.22 22.63
C THR TA 121 -117.47 50.97 22.60
N ASN TA 122 -118.10 49.79 22.61
CA ASN TA 122 -117.39 48.53 22.48
C ASN TA 122 -117.13 48.15 21.04
N ALA TA 123 -117.57 48.96 20.07
CA ALA TA 123 -117.33 48.66 18.67
C ALA TA 123 -115.93 49.05 18.24
N ALA TA 124 -115.30 50.00 18.95
CA ALA TA 124 -113.94 50.41 18.61
C ALA TA 124 -112.94 49.28 18.77
N ASN TA 125 -113.25 48.28 19.58
CA ASN TA 125 -112.39 47.11 19.73
C ASN TA 125 -112.76 45.97 18.79
N VAL TA 126 -113.78 46.16 17.95
CA VAL TA 126 -114.15 45.20 16.93
C VAL TA 126 -113.65 45.72 15.59
N GLN TA 127 -113.07 44.83 14.79
CA GLN TA 127 -112.61 45.17 13.45
C GLN TA 127 -113.17 44.14 12.48
N ILE TA 128 -114.01 44.60 11.55
CA ILE TA 128 -114.71 43.74 10.62
C ILE TA 128 -114.15 43.96 9.21
N THR TA 129 -114.03 42.87 8.45
CA THR TA 129 -113.68 42.99 7.04
C THR TA 129 -114.50 41.99 6.25
N VAL TA 130 -114.40 42.09 4.93
CA VAL TA 130 -115.24 41.32 4.02
C VAL TA 130 -114.35 40.62 3.01
N THR TA 131 -114.74 39.40 2.64
CA THR TA 131 -114.03 38.61 1.63
C THR TA 131 -115.01 38.24 0.55
N MET TA 132 -114.68 38.58 -0.70
CA MET TA 132 -115.49 38.16 -1.82
C MET TA 132 -115.07 36.78 -2.30
N LYS TA 133 -115.88 36.22 -3.20
CA LYS TA 133 -115.72 34.85 -3.66
C LYS TA 133 -116.40 34.72 -5.01
N GLY TA 134 -115.62 34.36 -6.02
CA GLY TA 134 -116.15 34.10 -7.35
C GLY TA 134 -116.02 35.30 -8.27
N ALA TA 135 -115.07 35.26 -9.19
CA ALA TA 135 -114.88 36.34 -10.14
C ALA TA 135 -115.68 36.06 -11.39
N THR TA 136 -116.65 36.92 -11.68
CA THR TA 136 -117.53 36.77 -12.84
C THR TA 136 -117.60 38.05 -13.65
N ARG TA 137 -116.51 38.82 -13.66
CA ARG TA 137 -116.45 40.06 -14.40
C ARG TA 137 -116.54 39.81 -15.91
N MET UA 1 -126.75 33.59 -3.83
CA MET UA 1 -126.58 32.38 -3.01
C MET UA 1 -125.14 32.30 -2.51
N ASN UA 2 -124.71 33.32 -1.79
CA ASN UA 2 -123.34 33.34 -1.25
C ASN UA 2 -123.23 32.42 -0.05
N PHE UA 3 -122.16 31.63 -0.03
CA PHE UA 3 -121.93 30.70 1.06
C PHE UA 3 -121.37 31.42 2.28
N ASN UA 4 -121.27 30.68 3.38
CA ASN UA 4 -120.62 31.21 4.58
C ASN UA 4 -119.13 31.24 4.34
N VAL UA 5 -118.67 32.13 3.48
CA VAL UA 5 -117.28 32.17 3.05
C VAL UA 5 -116.45 32.97 4.05
N GLY UA 6 -117.05 33.30 5.19
CA GLY UA 6 -116.27 33.80 6.30
C GLY UA 6 -115.29 32.72 6.72
N VAL UA 7 -115.79 31.64 7.29
CA VAL UA 7 -114.99 30.42 7.35
C VAL UA 7 -114.72 29.98 5.92
N ASP UA 8 -113.73 29.11 5.75
CA ASP UA 8 -113.31 28.75 4.39
C ASP UA 8 -112.79 29.99 3.68
N PHE UA 9 -111.56 30.40 4.03
CA PHE UA 9 -110.84 31.60 3.59
C PHE UA 9 -111.36 32.89 4.22
N PRO UA 10 -111.19 33.07 5.54
CA PRO UA 10 -111.44 34.38 6.16
C PRO UA 10 -110.35 35.39 5.85
N SER UA 11 -110.41 36.56 6.50
CA SER UA 11 -109.40 37.58 6.30
C SER UA 11 -109.26 38.41 7.58
N PHE UA 12 -108.29 39.31 7.56
CA PHE UA 12 -108.04 40.21 8.68
C PHE UA 12 -107.51 41.54 8.16
N ILE UA 13 -107.47 42.52 9.05
CA ILE UA 13 -106.93 43.84 8.73
C ILE UA 13 -105.45 43.83 9.06
N ALA UA 14 -104.61 44.11 8.06
CA ALA UA 14 -103.17 44.12 8.24
C ALA UA 14 -102.60 45.52 8.38
N TRP UA 15 -103.07 46.46 7.55
CA TRP UA 15 -102.53 47.83 7.56
C TRP UA 15 -103.67 48.78 7.25
N ASP UA 16 -104.14 49.48 8.27
CA ASP UA 16 -105.26 50.42 8.13
C ASP UA 16 -104.87 51.70 7.40
N GLY UA 17 -103.58 51.96 7.22
CA GLY UA 17 -103.10 53.23 6.73
C GLY UA 17 -102.41 54.06 7.78
N GLU UA 18 -102.54 53.71 9.06
CA GLU UA 18 -101.88 54.42 10.14
C GLU UA 18 -101.09 53.53 11.08
N GLU UA 19 -101.37 52.22 11.13
CA GLU UA 19 -100.66 51.30 12.00
C GLU UA 19 -100.86 49.89 11.50
N SER UA 20 -99.93 49.01 11.83
CA SER UA 20 -99.97 47.63 11.39
C SER UA 20 -100.58 46.74 12.48
N PHE UA 21 -100.83 45.49 12.10
CA PHE UA 21 -101.41 44.50 13.00
C PHE UA 21 -100.85 43.13 12.65
N PRO UA 22 -99.93 42.60 13.46
CA PRO UA 22 -99.47 41.23 13.23
C PRO UA 22 -100.62 40.24 13.33
N VAL UA 23 -100.67 39.31 12.39
CA VAL UA 23 -101.76 38.35 12.29
C VAL UA 23 -101.19 36.94 12.23
N LYS UA 24 -101.82 36.03 12.98
CA LYS UA 24 -101.38 34.65 13.02
C LYS UA 24 -101.63 33.95 11.69
N VAL UA 25 -100.85 32.90 11.43
CA VAL UA 25 -100.94 32.19 10.16
C VAL UA 25 -100.96 30.68 10.40
N ASP UA 26 -100.63 30.26 11.62
CA ASP UA 26 -100.41 28.83 11.88
C ASP UA 26 -101.66 28.00 11.61
N GLY UA 27 -102.85 28.57 11.81
CA GLY UA 27 -104.07 27.81 11.63
C GLY UA 27 -104.32 27.36 10.21
N PHE UA 28 -103.68 28.01 9.24
CA PHE UA 28 -103.90 27.74 7.83
C PHE UA 28 -102.55 27.51 7.16
N ASN UA 29 -102.59 27.16 5.88
CA ASN UA 29 -101.39 26.78 5.15
C ASN UA 29 -100.93 27.82 4.14
N GLN UA 30 -101.85 28.47 3.44
CA GLN UA 30 -101.51 29.41 2.39
C GLN UA 30 -102.20 30.74 2.65
N PHE UA 31 -101.61 31.81 2.14
CA PHE UA 31 -102.13 33.15 2.40
C PHE UA 31 -101.58 34.13 1.38
N GLY UA 32 -102.30 35.24 1.21
CA GLY UA 32 -101.93 36.29 0.28
C GLY UA 32 -102.42 37.64 0.77
N PHE UA 33 -102.02 38.68 0.04
CA PHE UA 33 -102.30 40.06 0.38
C PHE UA 33 -103.24 40.69 -0.63
N THR UA 34 -103.91 41.73 -0.15
CA THR UA 34 -104.77 42.49 -1.03
C THR UA 34 -104.51 43.94 -0.69
N PHE UA 35 -104.15 44.72 -1.68
CA PHE UA 35 -103.91 46.15 -1.49
C PHE UA 35 -105.06 46.95 -2.09
N LYS UA 36 -105.34 48.10 -1.48
CA LYS UA 36 -106.43 48.95 -1.94
C LYS UA 36 -106.05 50.40 -1.70
N THR UA 37 -105.97 51.18 -2.76
CA THR UA 37 -105.67 52.60 -2.64
C THR UA 37 -106.97 53.39 -2.50
N ILE UA 38 -107.02 54.25 -1.49
CA ILE UA 38 -108.21 55.06 -1.25
C ILE UA 38 -108.17 56.38 -2.01
N ALA UA 39 -107.01 56.77 -2.53
CA ALA UA 39 -106.88 58.00 -3.29
C ALA UA 39 -105.66 57.88 -4.20
N ALA UA 40 -105.50 58.88 -5.07
CA ALA UA 40 -104.37 58.89 -5.98
C ALA UA 40 -103.09 59.22 -5.21
N LEU UA 41 -102.08 58.38 -5.38
CA LEU UA 41 -100.81 58.55 -4.69
C LEU UA 41 -99.99 59.63 -5.40
N THR UA 42 -98.75 59.82 -4.94
CA THR UA 42 -97.82 60.76 -5.57
C THR UA 42 -96.56 60.10 -6.07
N ALA UA 43 -96.15 58.97 -5.50
CA ALA UA 43 -94.98 58.23 -5.96
C ALA UA 43 -95.20 56.76 -5.60
N ALA UA 44 -94.33 55.91 -6.14
CA ALA UA 44 -94.39 54.49 -5.80
C ALA UA 44 -94.19 54.31 -4.29
N THR UA 45 -94.99 53.44 -3.70
CA THR UA 45 -95.03 53.27 -2.25
C THR UA 45 -94.39 51.93 -1.90
N THR UA 46 -93.30 51.98 -1.15
CA THR UA 46 -92.56 50.80 -0.74
C THR UA 46 -92.98 50.37 0.65
N PHE UA 47 -93.17 49.06 0.83
CA PHE UA 47 -93.58 48.49 2.10
C PHE UA 47 -92.70 47.28 2.41
N ASN UA 48 -92.10 47.28 3.59
CA ASN UA 48 -91.30 46.16 4.05
C ASN UA 48 -92.18 45.17 4.80
N ILE UA 49 -91.89 43.89 4.62
CA ILE UA 49 -92.60 42.80 5.27
C ILE UA 49 -91.79 42.35 6.48
N PHE UA 50 -92.50 41.92 7.52
CA PHE UA 50 -91.85 41.44 8.74
C PHE UA 50 -92.64 40.25 9.26
N TYR UA 51 -91.94 39.30 9.85
CA TYR UA 51 -92.57 38.20 10.54
C TYR UA 51 -92.18 38.22 12.00
N HIS UA 52 -93.06 37.66 12.83
CA HIS UA 52 -92.89 37.65 14.27
C HIS UA 52 -92.87 36.22 14.79
N GLU UA 53 -92.34 36.07 16.00
CA GLU UA 53 -92.27 34.80 16.69
C GLU UA 53 -93.07 34.86 17.99
N PRO UA 54 -93.58 33.73 18.46
CA PRO UA 54 -94.30 33.72 19.74
C PRO UA 54 -93.40 34.16 20.87
N SER UA 55 -93.77 35.27 21.51
CA SER UA 55 -92.98 35.80 22.61
C SER UA 55 -92.91 34.79 23.75
N ASP UA 56 -91.76 34.76 24.42
CA ASP UA 56 -91.54 33.81 25.51
C ASP UA 56 -92.58 33.93 26.62
N ALA UA 57 -93.20 35.10 26.79
CA ALA UA 57 -94.16 35.28 27.87
C ALA UA 57 -95.45 34.50 27.60
N ASP UA 58 -96.03 34.69 26.42
CA ASP UA 58 -97.28 34.03 26.05
C ASP UA 58 -97.03 33.27 24.75
N PRO UA 59 -97.24 31.95 24.73
CA PRO UA 59 -96.81 31.16 23.57
C PRO UA 59 -97.51 31.49 22.25
N CYS UA 60 -98.48 32.39 22.26
CA CYS UA 60 -99.05 32.88 20.99
C CYS UA 60 -99.31 34.38 21.06
N VAL UA 61 -98.29 35.16 21.44
CA VAL UA 61 -98.32 36.60 21.26
C VAL UA 61 -97.12 36.98 20.40
N PRO UA 62 -97.29 37.80 19.37
CA PRO UA 62 -96.17 38.09 18.46
C PRO UA 62 -95.06 38.86 19.16
N GLY UA 63 -93.82 38.45 18.90
CA GLY UA 63 -92.66 39.10 19.43
C GLY UA 63 -92.24 40.27 18.56
N PRO UA 64 -90.92 40.46 18.41
CA PRO UA 64 -90.44 41.56 17.56
C PRO UA 64 -90.71 41.30 16.09
N ALA UA 65 -90.27 42.22 15.24
CA ALA UA 65 -90.54 42.16 13.80
C ALA UA 65 -89.24 41.86 13.07
N ILE UA 66 -89.05 40.59 12.69
CA ILE UA 66 -87.92 40.18 11.87
C ILE UA 66 -88.30 40.32 10.41
N ARG UA 67 -87.43 40.94 9.63
CA ARG UA 67 -87.71 41.18 8.22
C ARG UA 67 -87.47 39.90 7.43
N VAL UA 68 -88.48 39.46 6.70
CA VAL UA 68 -88.37 38.22 5.90
C VAL UA 68 -87.44 38.48 4.71
N PRO UA 69 -86.56 37.54 4.36
CA PRO UA 69 -85.69 37.75 3.20
C PRO UA 69 -86.43 37.61 1.87
N GLU UA 70 -85.72 37.86 0.77
CA GLU UA 70 -86.29 37.79 -0.56
C GLU UA 70 -85.83 36.51 -1.27
N VAL UA 71 -86.70 35.99 -2.13
CA VAL UA 71 -86.51 34.70 -2.77
C VAL UA 71 -86.59 34.88 -4.28
N PRO UA 72 -85.53 34.56 -5.03
CA PRO UA 72 -85.61 34.60 -6.50
C PRO UA 72 -86.02 33.26 -7.08
N PHE UA 73 -86.88 33.30 -8.09
CA PHE UA 73 -87.40 32.05 -8.63
C PHE UA 73 -86.64 31.53 -9.83
N CYS UA 74 -86.79 32.20 -10.98
CA CYS UA 74 -86.16 31.72 -12.21
C CYS UA 74 -85.47 32.82 -12.99
N ASP UA 75 -86.08 34.01 -13.03
CA ASP UA 75 -85.66 35.04 -13.97
C ASP UA 75 -85.60 36.43 -13.35
N THR UA 76 -86.01 36.60 -12.10
CA THR UA 76 -85.90 37.89 -11.45
C THR UA 76 -84.44 38.31 -11.32
N VAL UA 77 -84.12 39.47 -11.86
CA VAL UA 77 -82.75 39.99 -11.88
C VAL UA 77 -82.60 41.22 -11.01
N LEU UA 78 -83.68 41.73 -10.42
CA LEU UA 78 -83.58 42.90 -9.57
C LEU UA 78 -82.89 42.57 -8.26
N LEU UA 79 -83.44 41.61 -7.50
CA LEU UA 79 -82.94 41.14 -6.21
C LEU UA 79 -83.03 42.21 -5.13
N SER UA 80 -83.52 43.41 -5.45
CA SER UA 80 -83.73 44.49 -4.48
C SER UA 80 -82.45 44.86 -3.73
N GLU UA 81 -81.29 44.42 -4.26
CA GLU UA 81 -79.95 44.77 -3.79
C GLU UA 81 -79.76 44.52 -2.28
N ASP UA 82 -80.74 43.89 -1.64
CA ASP UA 82 -80.69 43.68 -0.21
C ASP UA 82 -81.09 42.29 0.23
N GLY UA 83 -81.72 41.48 -0.63
CA GLY UA 83 -82.18 40.17 -0.24
C GLY UA 83 -83.21 40.18 0.87
N LEU UA 84 -83.88 41.30 1.09
CA LEU UA 84 -84.90 41.45 2.12
C LEU UA 84 -86.20 41.83 1.43
N ALA UA 85 -87.13 40.89 1.37
CA ALA UA 85 -88.35 41.06 0.59
C ALA UA 85 -89.10 42.33 0.98
N ALA UA 86 -89.58 43.04 -0.04
CA ALA UA 86 -90.42 44.21 0.13
C ALA UA 86 -91.22 44.40 -1.14
N VAL UA 87 -92.40 45.00 -1.01
CA VAL UA 87 -93.33 45.15 -2.13
C VAL UA 87 -93.58 46.63 -2.36
N THR UA 88 -93.51 47.05 -3.62
CA THR UA 88 -93.68 48.45 -3.98
C THR UA 88 -94.90 48.58 -4.89
N LEU UA 89 -95.96 49.18 -4.36
CA LEU UA 89 -97.10 49.54 -5.18
C LEU UA 89 -96.69 50.67 -6.12
N PRO UA 90 -96.72 50.46 -7.44
CA PRO UA 90 -96.25 51.51 -8.35
C PRO UA 90 -97.17 52.71 -8.34
N GLU UA 91 -96.62 53.84 -8.76
CA GLU UA 91 -97.41 55.06 -8.91
C GLU UA 91 -98.43 54.88 -10.03
N THR UA 92 -99.42 55.78 -10.04
CA THR UA 92 -100.50 55.78 -11.01
C THR UA 92 -101.31 54.47 -10.93
N VAL UA 93 -101.94 54.28 -9.78
CA VAL UA 93 -102.89 53.20 -9.57
C VAL UA 93 -104.26 53.80 -9.32
N THR UA 94 -105.25 53.30 -10.02
CA THR UA 94 -106.60 53.84 -9.91
C THR UA 94 -107.22 53.47 -8.57
N PRO UA 95 -107.84 54.40 -7.85
CA PRO UA 95 -108.45 54.06 -6.56
C PRO UA 95 -109.81 53.39 -6.71
N ASP UA 96 -109.93 52.45 -7.64
CA ASP UA 96 -111.09 51.57 -7.71
C ASP UA 96 -110.68 50.16 -8.13
N SER UA 97 -109.43 49.79 -7.85
CA SER UA 97 -108.91 48.49 -8.21
C SER UA 97 -107.97 48.03 -7.09
N PHE UA 98 -107.38 46.84 -7.27
CA PHE UA 98 -106.61 46.22 -6.22
C PHE UA 98 -105.43 45.48 -6.84
N CYS UA 99 -104.57 44.95 -5.96
CA CYS UA 99 -103.43 44.16 -6.40
C CYS UA 99 -103.12 43.09 -5.36
N ALA UA 100 -102.63 41.96 -5.86
CA ALA UA 100 -102.28 40.80 -5.06
C ALA UA 100 -100.79 40.81 -4.70
N GLY UA 101 -100.40 39.85 -3.85
CA GLY UA 101 -99.00 39.70 -3.49
C GLY UA 101 -98.79 38.68 -2.40
N THR UA 102 -97.63 38.05 -2.35
CA THR UA 102 -97.31 37.14 -1.25
C THR UA 102 -95.82 36.83 -1.29
N VAL UA 103 -95.36 36.21 -0.22
CA VAL UA 103 -94.00 35.68 -0.12
C VAL UA 103 -94.09 34.18 -0.32
N PRO UA 104 -93.32 33.60 -1.24
CA PRO UA 104 -93.43 32.16 -1.48
C PRO UA 104 -92.90 31.32 -0.33
N CYS UA 105 -92.05 31.87 0.52
CA CYS UA 105 -91.56 31.18 1.71
C CYS UA 105 -91.91 32.00 2.93
N MET UA 106 -92.82 31.49 3.74
CA MET UA 106 -93.20 32.14 4.98
C MET UA 106 -92.36 31.58 6.13
N ASN UA 107 -92.40 32.29 7.26
CA ASN UA 107 -91.58 31.91 8.41
C ASN UA 107 -92.12 32.61 9.65
N GLY UA 108 -92.04 31.93 10.79
CA GLY UA 108 -92.54 32.51 12.02
C GLY UA 108 -94.02 32.19 12.23
N GLN UA 109 -94.74 33.10 12.87
CA GLN UA 109 -96.15 32.89 13.16
C GLN UA 109 -97.03 34.08 12.82
N TRP UA 110 -96.46 35.28 12.68
CA TRP UA 110 -97.23 36.50 12.48
C TRP UA 110 -96.62 37.30 11.35
N ILE UA 111 -97.47 38.04 10.65
CA ILE UA 111 -97.09 38.79 9.47
C ILE UA 111 -97.49 40.24 9.67
N SER UA 112 -96.60 41.17 9.29
CA SER UA 112 -96.84 42.58 9.47
C SER UA 112 -96.22 43.33 8.30
N ILE UA 113 -96.84 44.45 7.92
CA ILE UA 113 -96.38 45.29 6.83
C ILE UA 113 -96.13 46.69 7.36
N ALA UA 114 -95.00 47.28 6.98
CA ALA UA 114 -94.66 48.60 7.46
C ALA UA 114 -94.18 49.45 6.28
N PRO UA 115 -94.71 50.66 6.10
CA PRO UA 115 -94.24 51.51 5.01
C PRO UA 115 -92.79 51.89 5.22
N ALA UA 116 -91.96 51.63 4.21
CA ALA UA 116 -90.57 52.00 4.29
C ALA UA 116 -90.44 53.51 4.34
N THR UA 117 -89.39 53.97 5.03
CA THR UA 117 -89.20 55.39 5.28
C THR UA 117 -89.19 56.19 3.98
N GLY UA 118 -89.65 57.43 4.06
CA GLY UA 118 -89.72 58.31 2.91
C GLY UA 118 -91.03 58.23 2.15
N SER UA 119 -91.52 57.02 1.91
CA SER UA 119 -92.79 56.81 1.22
C SER UA 119 -93.93 56.50 2.19
N GLU UA 120 -93.84 57.00 3.41
CA GLU UA 120 -94.84 56.72 4.44
C GLU UA 120 -95.99 57.71 4.44
N THR UA 121 -95.81 58.90 3.85
CA THR UA 121 -96.90 59.87 3.84
C THR UA 121 -98.01 59.45 2.90
N ASN UA 122 -97.69 58.70 1.84
CA ASN UA 122 -98.72 58.14 0.98
C ASN UA 122 -99.34 56.89 1.57
N ALA UA 123 -98.65 56.22 2.50
CA ALA UA 123 -99.21 55.06 3.18
C ALA UA 123 -100.49 55.41 3.93
N ALA UA 124 -100.66 56.67 4.32
CA ALA UA 124 -101.90 57.11 4.97
C ALA UA 124 -103.11 57.05 4.04
N ASN UA 125 -102.92 56.70 2.77
CA ASN UA 125 -104.01 56.60 1.81
C ASN UA 125 -104.07 55.23 1.16
N VAL UA 126 -103.67 54.19 1.89
CA VAL UA 126 -103.68 52.83 1.39
C VAL UA 126 -104.13 51.89 2.50
N GLN UA 127 -104.73 50.77 2.11
CA GLN UA 127 -105.25 49.79 3.05
C GLN UA 127 -104.84 48.40 2.56
N ILE UA 128 -104.21 47.63 3.44
CA ILE UA 128 -103.69 46.31 3.09
C ILE UA 128 -104.37 45.28 3.98
N THR UA 129 -104.98 44.28 3.36
CA THR UA 129 -105.59 43.18 4.09
C THR UA 129 -104.94 41.87 3.66
N VAL UA 130 -105.21 40.81 4.41
CA VAL UA 130 -104.60 39.51 4.19
C VAL UA 130 -105.69 38.44 4.21
N THR UA 131 -105.60 37.49 3.28
CA THR UA 131 -106.49 36.34 3.22
C THR UA 131 -105.69 35.06 3.44
N MET UA 132 -106.31 34.09 4.09
CA MET UA 132 -105.69 32.80 4.33
C MET UA 132 -106.28 31.75 3.39
N LYS UA 133 -105.92 30.50 3.62
CA LYS UA 133 -106.47 29.38 2.84
C LYS UA 133 -106.98 28.31 3.81
N GLY UA 134 -107.26 27.11 3.30
CA GLY UA 134 -107.82 26.04 4.10
C GLY UA 134 -107.11 25.78 5.41
N ALA UA 135 -107.84 25.24 6.38
CA ALA UA 135 -107.36 25.15 7.76
C ALA UA 135 -106.48 23.92 7.94
N THR UA 136 -105.37 24.08 8.65
CA THR UA 136 -104.52 22.97 9.04
C THR UA 136 -104.92 22.44 10.43
N ARG UA 137 -104.93 23.31 11.42
CA ARG UA 137 -105.36 22.92 12.77
C ARG UA 137 -106.58 23.74 13.20
N PHE VA 174 -105.78 26.58 -9.78
CA PHE VA 174 -105.24 25.78 -10.86
C PHE VA 174 -104.86 24.37 -10.46
N PHE VA 175 -104.42 24.17 -9.22
CA PHE VA 175 -103.96 22.85 -8.76
C PHE VA 175 -105.05 22.22 -7.92
N THR VA 176 -105.73 21.23 -8.47
CA THR VA 176 -106.79 20.51 -7.80
C THR VA 176 -106.22 19.66 -6.68
N PRO VA 177 -106.54 19.94 -5.42
CA PRO VA 177 -106.01 19.13 -4.31
C PRO VA 177 -106.60 17.73 -4.30
N GLN VA 178 -105.73 16.74 -4.17
CA GLN VA 178 -106.12 15.34 -4.14
C GLN VA 178 -106.94 15.06 -2.88
N VAL VA 179 -107.70 13.96 -2.91
CA VAL VA 179 -108.65 13.62 -1.86
C VAL VA 179 -108.19 12.33 -1.21
N LEU VA 180 -107.86 12.39 0.08
CA LEU VA 180 -107.84 11.16 0.85
C LEU VA 180 -109.24 10.92 1.42
N ALA VA 181 -109.38 9.93 2.29
CA ALA VA 181 -110.68 9.51 2.76
C ALA VA 181 -110.69 9.38 4.27
N LEU VA 182 -110.16 10.38 4.97
CA LEU VA 182 -110.17 10.30 6.42
C LEU VA 182 -111.44 10.96 6.96
N GLU VA 183 -111.87 10.52 8.14
CA GLU VA 183 -113.17 10.89 8.69
C GLU VA 183 -113.11 11.11 10.20
N VAL VA 184 -112.17 11.92 10.69
CA VAL VA 184 -112.01 12.04 12.15
C VAL VA 184 -113.37 12.35 12.78
N ASP VA 185 -113.61 11.75 13.95
CA ASP VA 185 -114.94 11.70 14.54
C ASP VA 185 -115.07 12.59 15.77
N CYS VA 186 -114.20 12.40 16.76
CA CYS VA 186 -114.18 13.23 17.96
C CYS VA 186 -115.56 13.24 18.63
N ASN VA 187 -116.17 12.06 18.71
CA ASN VA 187 -117.46 11.91 19.36
C ASN VA 187 -117.40 10.72 20.31
N ILE VA 188 -118.36 10.66 21.23
CA ILE VA 188 -118.34 9.68 22.32
C ILE VA 188 -119.77 9.27 22.63
N GLU VA 189 -119.90 8.11 23.26
CA GLU VA 189 -121.19 7.59 23.72
C GLU VA 189 -121.00 6.99 25.10
N CYS VA 190 -121.95 7.25 26.00
CA CYS VA 190 -121.88 6.73 27.36
C CYS VA 190 -122.25 5.24 27.34
N ALA VA 191 -122.33 4.63 28.52
CA ALA VA 191 -122.55 3.19 28.58
C ALA VA 191 -124.02 2.86 28.39
N SER VA 192 -124.28 1.60 28.05
CA SER VA 192 -125.61 1.10 27.73
C SER VA 192 -126.20 0.43 28.96
N LEU VA 193 -127.05 1.17 29.67
CA LEU VA 193 -127.70 0.68 30.89
C LEU VA 193 -129.02 -0.02 30.61
N LEU VA 194 -129.19 -0.58 29.42
CA LEU VA 194 -130.51 -1.05 29.01
C LEU VA 194 -130.73 -2.51 29.37
N ASP VA 195 -129.87 -3.39 28.83
CA ASP VA 195 -129.89 -4.81 29.12
C ASP VA 195 -130.11 -5.11 30.60
N LEU VA 196 -129.35 -4.45 31.48
CA LEU VA 196 -129.55 -4.62 32.92
C LEU VA 196 -131.01 -4.50 33.31
N TYR VA 197 -131.70 -3.49 32.80
CA TYR VA 197 -133.09 -3.26 33.14
C TYR VA 197 -133.97 -4.40 32.60
N GLY VA 198 -135.22 -4.41 33.05
CA GLY VA 198 -136.19 -5.37 32.57
C GLY VA 198 -136.90 -4.90 31.33
N GLN VA 199 -136.64 -5.53 30.19
CA GLN VA 199 -137.28 -5.14 28.95
C GLN VA 199 -138.73 -5.60 28.91
N ILE VA 200 -139.60 -4.77 28.34
CA ILE VA 200 -140.99 -5.15 28.16
C ILE VA 200 -141.57 -4.29 27.03
N GLU VA 201 -142.65 -4.78 26.42
CA GLU VA 201 -143.26 -4.12 25.27
C GLU VA 201 -144.77 -4.17 25.40
N VAL VA 202 -145.42 -3.02 25.23
CA VAL VA 202 -146.86 -2.93 25.26
C VAL VA 202 -147.38 -2.65 23.86
N SER VA 203 -148.67 -2.88 23.65
CA SER VA 203 -149.33 -2.58 22.40
C SER VA 203 -150.24 -1.36 22.46
N ARG VA 204 -150.82 -1.08 23.62
CA ARG VA 204 -151.62 0.12 23.84
C ARG VA 204 -150.74 1.19 24.48
N SER VA 205 -151.36 2.30 24.88
CA SER VA 205 -150.63 3.43 25.44
C SER VA 205 -150.68 3.46 26.96
N THR VA 206 -151.53 2.66 27.59
CA THR VA 206 -151.66 2.63 29.04
C THR VA 206 -151.69 1.17 29.50
N PHE VA 207 -151.05 0.91 30.64
CA PHE VA 207 -150.89 -0.45 31.13
C PHE VA 207 -151.14 -0.48 32.63
N THR VA 208 -151.49 -1.67 33.13
CA THR VA 208 -151.78 -1.90 34.54
C THR VA 208 -151.26 -3.27 34.94
N TYR VA 209 -150.75 -3.37 36.16
CA TYR VA 209 -150.22 -4.62 36.69
C TYR VA 209 -150.64 -4.76 38.16
N MET VA 210 -150.08 -5.78 38.82
CA MET VA 210 -150.49 -6.17 40.17
C MET VA 210 -149.27 -6.24 41.07
N LYS VA 211 -149.36 -5.60 42.24
CA LYS VA 211 -148.34 -5.66 43.27
C LYS VA 211 -148.89 -6.33 44.52
N ILE VA 212 -148.01 -6.89 45.33
CA ILE VA 212 -148.37 -7.48 46.62
C ILE VA 212 -147.70 -6.66 47.71
N ALA VA 213 -148.49 -6.17 48.67
CA ALA VA 213 -147.92 -5.33 49.72
C ALA VA 213 -147.19 -6.18 50.77
N ASP VA 214 -147.89 -7.14 51.36
CA ASP VA 214 -147.32 -8.02 52.37
C ASP VA 214 -148.23 -9.22 52.53
N TYR VA 215 -147.76 -10.20 53.29
CA TYR VA 215 -148.50 -11.43 53.54
C TYR VA 215 -149.15 -11.37 54.91
N GLY VA 216 -149.72 -12.49 55.34
CA GLY VA 216 -150.57 -12.53 56.51
C GLY VA 216 -149.84 -12.82 57.81
N GLN VA 217 -150.61 -12.79 58.89
CA GLN VA 217 -150.11 -13.09 60.23
C GLN VA 217 -150.81 -14.28 60.87
N LEU VA 218 -151.91 -14.76 60.28
CA LEU VA 218 -152.63 -15.93 60.78
C LEU VA 218 -151.68 -17.12 60.97
N GLY VA 219 -151.91 -17.87 62.05
CA GLY VA 219 -151.03 -18.97 62.41
C GLY VA 219 -150.57 -18.92 63.86
N GLU VA 220 -151.26 -18.13 64.68
CA GLU VA 220 -150.86 -17.90 66.06
C GLU VA 220 -150.67 -19.21 66.82
N TYR VA 221 -149.74 -19.20 67.77
CA TYR VA 221 -149.36 -20.37 68.55
C TYR VA 221 -150.09 -20.42 69.88
N THR VA 222 -151.38 -20.09 69.89
CA THR VA 222 -152.18 -20.07 71.11
C THR VA 222 -152.19 -21.43 71.79
N CYS VA 223 -152.73 -21.43 73.01
CA CYS VA 223 -152.78 -22.63 73.85
C CYS VA 223 -153.79 -23.64 73.31
N ASP VA 224 -153.84 -24.81 73.97
CA ASP VA 224 -154.60 -25.94 73.46
C ASP VA 224 -156.04 -25.99 73.94
N ALA VA 225 -156.34 -25.57 75.18
CA ALA VA 225 -157.71 -25.70 75.67
C ALA VA 225 -158.63 -24.66 75.03
N LYS VA 226 -158.06 -23.59 74.49
CA LYS VA 226 -158.83 -22.59 73.76
C LYS VA 226 -159.31 -23.22 72.46
N CYS VA 227 -160.57 -23.64 72.44
CA CYS VA 227 -161.15 -24.25 71.24
C CYS VA 227 -161.77 -23.20 70.33
N ASP VA 228 -161.00 -22.16 70.03
CA ASP VA 228 -161.45 -21.05 69.19
C ASP VA 228 -160.23 -20.36 68.62
N ALA VA 229 -160.08 -20.41 67.29
CA ALA VA 229 -158.93 -19.84 66.63
C ALA VA 229 -159.15 -18.34 66.36
N GLU VA 230 -158.24 -17.72 65.60
CA GLU VA 230 -158.30 -16.29 65.34
C GLU VA 230 -157.80 -16.02 63.93
N PHE VA 231 -157.71 -14.74 63.58
CA PHE VA 231 -157.18 -14.30 62.30
C PHE VA 231 -156.41 -13.01 62.52
N GLY VA 232 -155.11 -13.02 62.26
CA GLY VA 232 -154.30 -11.83 62.47
C GLY VA 232 -154.51 -10.74 61.44
N GLU VA 233 -154.08 -10.96 60.20
CA GLU VA 233 -154.12 -9.95 59.16
C GLU VA 233 -154.17 -10.62 57.78
N PRO VA 234 -155.31 -10.57 57.08
CA PRO VA 234 -155.42 -11.23 55.77
C PRO VA 234 -154.29 -10.92 54.80
N GLY VA 235 -154.07 -9.65 54.48
CA GLY VA 235 -153.02 -9.28 53.56
C GLY VA 235 -153.39 -8.02 52.81
N ASN VA 236 -152.71 -7.81 51.68
CA ASN VA 236 -152.95 -6.63 50.86
C ASN VA 236 -152.34 -6.79 49.46
N ILE VA 237 -153.14 -6.52 48.43
CA ILE VA 237 -152.65 -6.47 47.05
C ILE VA 237 -153.08 -5.15 46.43
N ARG VA 238 -152.27 -4.67 45.49
CA ARG VA 238 -152.47 -3.38 44.83
C ARG VA 238 -152.56 -3.56 43.32
N HIS VA 239 -153.20 -2.61 42.67
CA HIS VA 239 -153.37 -2.61 41.22
C HIS VA 239 -152.77 -1.31 40.69
N LEU VA 240 -151.67 -1.44 39.96
CA LEU VA 240 -150.81 -0.33 39.56
C LEU VA 240 -151.04 0.03 38.09
N GLU VA 241 -150.70 1.26 37.75
CA GLU VA 241 -150.92 1.75 36.38
C GLU VA 241 -149.64 2.26 35.75
N GLY VA 242 -149.76 2.85 34.55
CA GLY VA 242 -148.62 3.47 33.90
C GLY VA 242 -148.86 3.83 32.45
N LYS VA 243 -148.23 4.91 31.98
CA LYS VA 243 -148.37 5.37 30.60
C LYS VA 243 -147.00 5.38 29.92
N THR VA 244 -147.02 5.64 28.61
CA THR VA 244 -145.81 5.73 27.80
C THR VA 244 -145.73 7.10 27.14
N TYR VA 245 -144.50 7.51 26.83
CA TYR VA 245 -144.19 8.82 26.30
C TYR VA 245 -143.73 8.72 24.84
N ASP VA 246 -143.67 9.87 24.18
CA ASP VA 246 -143.45 9.98 22.74
C ASP VA 246 -142.33 10.95 22.44
N TYR VA 247 -141.92 10.98 21.17
CA TYR VA 247 -140.76 11.74 20.74
C TYR VA 247 -140.96 12.09 19.27
N ARG VA 248 -141.25 13.36 18.98
CA ARG VA 248 -141.51 13.82 17.62
C ARG VA 248 -140.47 14.85 17.19
N GLY VA 249 -140.29 14.99 15.88
CA GLY VA 249 -139.36 15.97 15.35
C GLY VA 249 -139.60 16.25 13.89
N VAL VA 250 -139.01 17.35 13.41
CA VAL VA 250 -139.32 17.88 12.08
C VAL VA 250 -138.16 18.77 11.61
N PHE VA 251 -138.01 18.89 10.29
CA PHE VA 251 -137.01 19.76 9.67
C PHE VA 251 -137.26 19.85 8.17
N CYS VA 252 -137.04 21.04 7.60
CA CYS VA 252 -137.07 21.22 6.16
C CYS VA 252 -135.68 21.52 5.61
N PHE VA 253 -135.56 21.32 4.30
CA PHE VA 253 -134.37 21.59 3.53
C PHE VA 253 -134.80 22.28 2.24
N ASN VA 254 -133.94 23.14 1.71
CA ASN VA 254 -134.21 23.82 0.45
C ASN VA 254 -133.99 22.81 -0.67
N ARG VA 255 -135.08 22.51 -1.40
CA ARG VA 255 -135.07 21.46 -2.42
C ARG VA 255 -133.84 21.54 -3.32
N LYS VA 256 -133.52 22.74 -3.79
CA LYS VA 256 -132.35 22.89 -4.66
C LYS VA 256 -131.05 23.04 -3.88
N ASN VA 257 -131.05 23.83 -2.81
CA ASN VA 257 -129.84 24.03 -2.02
C ASN VA 257 -129.33 22.75 -1.38
N LEU VA 258 -130.17 21.72 -1.31
CA LEU VA 258 -129.73 20.41 -0.82
C LEU VA 258 -129.18 19.54 -1.94
N GLN VA 259 -129.67 19.71 -3.16
CA GLN VA 259 -129.23 18.85 -4.25
C GLN VA 259 -127.87 19.26 -4.80
N GLU VA 260 -127.57 20.57 -4.83
CA GLU VA 260 -126.31 21.04 -5.38
C GLU VA 260 -125.16 20.98 -4.37
N ALA VA 261 -125.45 20.67 -3.11
CA ALA VA 261 -124.42 20.68 -2.09
C ALA VA 261 -123.38 19.58 -2.36
N ASN VA 262 -122.32 19.61 -1.56
CA ASN VA 262 -121.21 18.67 -1.71
C ASN VA 262 -121.17 17.62 -0.61
N TYR VA 263 -122.12 17.64 0.33
CA TYR VA 263 -122.17 16.64 1.39
C TYR VA 263 -123.62 16.50 1.83
N ASP VA 264 -124.21 15.33 1.61
CA ASP VA 264 -125.62 15.09 1.92
C ASP VA 264 -125.90 15.31 3.40
N PHE VA 265 -126.87 16.18 3.69
CA PHE VA 265 -127.27 16.42 5.06
C PHE VA 265 -128.23 15.34 5.57
N LEU VA 266 -129.11 14.83 4.70
CA LEU VA 266 -130.17 13.93 5.14
C LEU VA 266 -129.60 12.66 5.77
N SER VA 267 -128.61 12.05 5.12
CA SER VA 267 -127.98 10.88 5.69
C SER VA 267 -127.23 11.21 6.98
N PHE VA 268 -126.83 12.47 7.15
CA PHE VA 268 -126.23 12.90 8.41
C PHE VA 268 -127.29 13.25 9.43
N MET VA 269 -128.38 13.90 8.99
CA MET VA 269 -129.44 14.28 9.92
C MET VA 269 -130.13 13.07 10.51
N ILE VA 270 -130.30 12.00 9.73
CA ILE VA 270 -130.92 10.79 10.24
C ILE VA 270 -130.14 10.24 11.42
N GLY VA 271 -128.83 10.09 11.24
CA GLY VA 271 -127.99 9.61 12.33
C GLY VA 271 -127.94 10.57 13.51
N ALA VA 272 -127.87 11.88 13.22
CA ALA VA 272 -127.84 12.85 14.30
C ALA VA 272 -129.14 12.87 15.09
N ALA VA 273 -130.24 12.43 14.49
CA ALA VA 273 -131.49 12.32 15.21
C ALA VA 273 -131.55 11.03 16.01
N GLN VA 274 -131.17 9.91 15.38
CA GLN VA 274 -131.22 8.61 16.06
C GLN VA 274 -130.31 8.60 17.28
N ARG VA 275 -129.07 9.05 17.12
CA ARG VA 275 -128.11 9.00 18.23
C ARG VA 275 -128.51 9.94 19.35
N SER VA 276 -128.92 11.17 19.00
CA SER VA 276 -129.36 12.10 20.03
C SER VA 276 -130.59 11.60 20.75
N HIS VA 277 -131.49 10.89 20.05
CA HIS VA 277 -132.64 10.31 20.70
C HIS VA 277 -132.25 9.20 21.65
N ARG VA 278 -131.32 8.34 21.24
CA ARG VA 278 -130.93 7.23 22.10
C ARG VA 278 -130.19 7.73 23.35
N ILE VA 279 -129.29 8.70 23.18
CA ILE VA 279 -128.57 9.22 24.34
C ILE VA 279 -129.52 10.00 25.26
N ASN VA 280 -130.50 10.69 24.70
CA ASN VA 280 -131.50 11.33 25.56
C ASN VA 280 -132.36 10.29 26.26
N ARG VA 281 -132.62 9.16 25.59
CA ARG VA 281 -133.36 8.08 26.21
C ARG VA 281 -132.62 7.57 27.43
N ASN VA 282 -131.31 7.35 27.30
CA ASN VA 282 -130.52 6.90 28.44
C ASN VA 282 -130.49 7.96 29.55
N GLN VA 283 -130.24 9.22 29.18
CA GLN VA 283 -130.17 10.29 30.16
C GLN VA 283 -131.45 10.38 30.98
N ALA VA 284 -132.61 10.37 30.32
CA ALA VA 284 -133.87 10.48 31.03
C ALA VA 284 -134.17 9.20 31.81
N LEU VA 285 -133.91 8.04 31.21
CA LEU VA 285 -134.13 6.78 31.92
C LEU VA 285 -133.28 6.69 33.16
N MET VA 286 -132.22 7.49 33.27
CA MET VA 286 -131.49 7.60 34.53
C MET VA 286 -132.03 8.70 35.44
N ILE VA 287 -132.22 9.92 34.94
CA ILE VA 287 -132.54 11.05 35.81
C ILE VA 287 -133.70 11.88 35.26
N GLY VA 288 -134.45 11.32 34.32
CA GLY VA 288 -135.55 12.08 33.73
C GLY VA 288 -136.68 12.31 34.72
N LYS VA 289 -137.26 13.51 34.66
CA LYS VA 289 -138.40 13.83 35.49
C LYS VA 289 -139.62 13.02 35.04
N GLY VA 290 -140.69 13.11 35.84
CA GLY VA 290 -141.92 12.42 35.50
C GLY VA 290 -142.76 13.17 34.48
N VAL VA 291 -142.64 14.49 34.44
CA VAL VA 291 -143.46 15.30 33.53
C VAL VA 291 -143.14 14.95 32.09
N ASN VA 292 -144.14 14.41 31.39
CA ASN VA 292 -144.05 13.91 30.01
C ASN VA 292 -142.69 13.26 29.75
N GLU VA 293 -142.28 12.41 30.67
CA GLU VA 293 -140.93 11.85 30.64
C GLU VA 293 -140.85 10.68 31.62
N PRO VA 294 -140.15 9.60 31.25
CA PRO VA 294 -139.98 8.49 32.21
C PRO VA 294 -139.24 8.97 33.45
N LYS VA 295 -139.87 8.76 34.60
CA LYS VA 295 -139.30 9.22 35.86
C LYS VA 295 -137.99 8.49 36.14
N GLY VA 296 -136.90 9.26 36.23
CA GLY VA 296 -135.60 8.70 36.53
C GLY VA 296 -135.53 8.08 37.91
N TRP VA 297 -135.06 6.84 37.99
CA TRP VA 297 -134.98 6.16 39.28
C TRP VA 297 -133.98 6.85 40.21
N LEU VA 298 -132.95 7.49 39.64
CA LEU VA 298 -132.02 8.25 40.47
C LEU VA 298 -132.70 9.41 41.16
N THR VA 299 -133.54 10.16 40.43
CA THR VA 299 -134.31 11.24 41.03
C THR VA 299 -135.55 10.73 41.76
N GLU VA 300 -135.94 9.48 41.54
CA GLU VA 300 -137.06 8.91 42.29
C GLU VA 300 -136.73 8.82 43.77
N ASN VA 301 -135.54 8.31 44.10
CA ASN VA 301 -135.01 8.29 45.46
C ASN VA 301 -135.92 7.51 46.41
N CYS VA 302 -136.36 6.33 45.98
CA CYS VA 302 -137.03 5.39 46.85
C CYS VA 302 -136.22 4.12 47.06
N PHE VA 303 -134.92 4.18 46.81
CA PHE VA 303 -133.99 3.09 47.02
C PHE VA 303 -133.39 3.17 48.41
N PRO VA 304 -133.22 2.04 49.09
CA PRO VA 304 -132.37 2.03 50.30
C PRO VA 304 -131.02 2.64 50.00
N VAL VA 305 -130.71 3.75 50.67
CA VAL VA 305 -129.49 4.50 50.44
C VAL VA 305 -128.58 4.30 51.64
N PHE VA 306 -127.27 4.33 51.39
CA PHE VA 306 -126.25 4.16 52.41
C PHE VA 306 -125.16 5.21 52.17
N GLN VA 307 -125.17 6.32 52.89
CA GLN VA 307 -124.04 7.22 52.81
C GLN VA 307 -122.97 6.76 53.80
N THR VA 308 -121.72 6.96 53.42
CA THR VA 308 -120.60 6.63 54.30
C THR VA 308 -120.45 7.73 55.35
N LEU VA 309 -119.34 7.70 56.08
CA LEU VA 309 -119.13 8.61 57.19
C LEU VA 309 -118.00 9.57 56.86
N PRO VA 310 -118.02 10.77 57.42
CA PRO VA 310 -116.92 11.71 57.20
C PRO VA 310 -115.68 11.22 57.93
N VAL VA 311 -114.52 11.72 57.47
CA VAL VA 311 -113.26 11.24 57.99
C VAL VA 311 -112.36 12.44 58.24
N ASP VA 312 -111.90 12.57 59.47
CA ASP VA 312 -111.24 13.79 59.91
C ASP VA 312 -109.76 13.76 59.51
N VAL VA 313 -109.23 14.96 59.23
CA VAL VA 313 -107.80 15.16 59.04
C VAL VA 313 -107.43 16.52 59.62
N ASN VA 314 -106.79 16.51 60.80
CA ASN VA 314 -106.23 17.71 61.43
C ASN VA 314 -107.07 18.95 61.19
N GLY VA 315 -108.39 18.80 61.23
CA GLY VA 315 -109.26 19.90 60.86
C GLY VA 315 -110.67 19.47 60.52
N THR VA 316 -111.12 19.82 59.34
CA THR VA 316 -112.43 19.40 58.86
C THR VA 316 -112.54 17.88 58.85
N SER VA 317 -113.78 17.39 58.89
CA SER VA 317 -114.07 15.96 58.87
C SER VA 317 -114.21 15.47 57.43
N THR VA 318 -113.51 16.13 56.49
CA THR VA 318 -113.76 16.11 55.06
C THR VA 318 -114.21 14.76 54.53
N PRO VA 319 -115.37 14.72 53.89
CA PRO VA 319 -115.90 13.45 53.37
C PRO VA 319 -114.93 12.80 52.41
N ALA VA 320 -114.94 11.47 52.41
CA ALA VA 320 -114.10 10.68 51.52
C ALA VA 320 -114.69 9.28 51.44
N PHE VA 321 -114.07 8.44 50.60
CA PHE VA 321 -114.56 7.10 50.31
C PHE VA 321 -113.41 6.12 50.53
N LEU VA 322 -113.36 5.53 51.72
CA LEU VA 322 -112.34 4.53 52.03
C LEU VA 322 -112.73 3.17 51.45
N ALA VA 323 -111.72 2.41 51.05
CA ALA VA 323 -111.94 1.10 50.42
C ALA VA 323 -112.77 0.19 51.32
N GLN VA 324 -112.39 0.11 52.60
CA GLN VA 324 -113.11 -0.65 53.62
C GLN VA 324 -114.62 -0.44 53.54
N ASP VA 325 -115.05 0.80 53.29
CA ASP VA 325 -116.47 1.07 53.12
C ASP VA 325 -117.04 0.31 51.92
N TRP VA 326 -116.30 0.27 50.82
CA TRP VA 326 -116.74 -0.46 49.63
C TRP VA 326 -116.79 -1.96 49.92
N ARG VA 327 -115.75 -2.49 50.58
CA ARG VA 327 -115.74 -3.90 50.94
C ARG VA 327 -116.94 -4.24 51.80
N ARG VA 328 -117.32 -3.34 52.71
CA ARG VA 328 -118.52 -3.56 53.52
C ARG VA 328 -119.78 -3.49 52.67
N PHE VA 329 -119.84 -2.53 51.74
CA PHE VA 329 -121.08 -2.29 51.02
C PHE VA 329 -121.39 -3.40 50.01
N VAL VA 330 -120.37 -3.93 49.33
CA VAL VA 330 -120.62 -4.94 48.31
C VAL VA 330 -121.22 -6.20 48.91
N THR VA 331 -120.66 -6.67 50.03
CA THR VA 331 -121.21 -7.81 50.75
C THR VA 331 -122.09 -7.38 51.92
N SER VA 332 -123.01 -6.45 51.64
CA SER VA 332 -124.06 -6.11 52.60
C SER VA 332 -125.42 -6.15 51.93
N PHE VA 333 -125.52 -6.85 50.81
CA PHE VA 333 -126.76 -7.02 50.08
C PHE VA 333 -127.35 -8.36 50.44
N PRO VA 334 -128.61 -8.40 50.88
CA PRO VA 334 -129.23 -9.67 51.29
C PRO VA 334 -129.07 -10.78 50.26
N ALA VA 335 -128.30 -11.81 50.63
CA ALA VA 335 -128.07 -12.92 49.72
C ALA VA 335 -129.35 -13.61 49.31
N GLU VA 336 -130.43 -13.41 50.09
CA GLU VA 336 -131.71 -14.03 49.78
C GLU VA 336 -132.46 -13.18 48.75
N TYR VA 337 -131.76 -12.75 47.71
CA TYR VA 337 -132.35 -12.00 46.63
C TYR VA 337 -131.88 -12.43 45.25
N GLY VA 338 -130.79 -13.19 45.15
CA GLY VA 338 -130.14 -13.43 43.88
C GLY VA 338 -128.98 -12.47 43.65
N GLU VA 339 -128.33 -12.65 42.51
CA GLU VA 339 -127.20 -11.81 42.14
C GLU VA 339 -127.66 -10.37 41.92
N ALA VA 340 -126.92 -9.43 42.50
CA ALA VA 340 -127.18 -8.00 42.34
C ALA VA 340 -125.86 -7.29 42.06
N ARG VA 341 -125.65 -6.89 40.81
CA ARG VA 341 -124.40 -6.23 40.42
C ARG VA 341 -124.47 -4.76 40.83
N SER VA 342 -123.51 -3.97 40.37
CA SER VA 342 -123.47 -2.56 40.74
C SER VA 342 -122.96 -1.73 39.56
N VAL VA 343 -123.14 -0.43 39.68
CA VAL VA 343 -122.73 0.53 38.67
C VAL VA 343 -122.10 1.72 39.36
N MET VA 344 -121.03 2.24 38.76
CA MET VA 344 -120.25 3.31 39.36
C MET VA 344 -119.46 3.99 38.26
N HIS VA 345 -119.22 5.29 38.46
CA HIS VA 345 -118.51 6.08 37.47
C HIS VA 345 -117.07 5.61 37.34
N GLN VA 346 -116.45 5.93 36.20
CA GLN VA 346 -115.08 5.48 35.94
C GLN VA 346 -114.09 6.13 36.90
N ASN VA 347 -114.24 7.43 37.16
CA ASN VA 347 -113.34 8.10 38.09
C ASN VA 347 -113.46 7.55 39.50
N VAL VA 348 -114.66 7.11 39.89
CA VAL VA 348 -114.82 6.43 41.16
C VAL VA 348 -113.92 5.19 41.20
N PHE VA 349 -113.95 4.40 40.13
CA PHE VA 349 -113.06 3.26 40.03
C PHE VA 349 -111.60 3.68 40.09
N GLY VA 350 -111.28 4.83 39.48
CA GLY VA 350 -109.93 5.37 39.55
C GLY VA 350 -109.57 5.94 40.91
N TYR VA 351 -110.55 6.05 41.81
CA TYR VA 351 -110.30 6.46 43.18
C TYR VA 351 -110.16 5.25 44.10
N LEU VA 352 -109.91 4.08 43.52
CA LEU VA 352 -109.73 2.84 44.26
C LEU VA 352 -108.38 2.18 44.00
N ALA VA 353 -107.91 2.17 42.75
CA ALA VA 353 -106.65 1.51 42.44
C ALA VA 353 -105.46 2.27 43.02
N ALA VA 354 -105.56 3.59 43.14
CA ALA VA 354 -104.44 4.39 43.61
C ALA VA 354 -104.51 4.63 45.12
N MET VA 355 -104.83 3.58 45.86
CA MET VA 355 -105.04 3.69 47.29
C MET VA 355 -103.86 3.08 48.03
N VAL VA 356 -103.36 3.82 49.00
CA VAL VA 356 -102.12 3.48 49.69
C VAL VA 356 -102.44 2.90 51.05
N ASP VA 357 -101.57 2.02 51.53
CA ASP VA 357 -101.64 1.56 52.91
C ASP VA 357 -101.04 2.65 53.80
N ALA VA 358 -100.80 2.32 55.06
CA ALA VA 358 -100.12 3.29 55.93
C ALA VA 358 -98.69 3.54 55.45
N ASN VA 359 -97.96 2.47 55.16
CA ASN VA 359 -96.54 2.67 54.83
C ASN VA 359 -96.35 3.06 53.37
N GLY VA 360 -96.52 2.11 52.44
CA GLY VA 360 -96.26 2.43 51.06
C GLY VA 360 -97.00 1.68 49.97
N ARG VA 361 -97.93 0.81 50.33
CA ARG VA 361 -98.37 -0.23 49.39
C ARG VA 361 -99.70 0.11 48.73
N PHE VA 362 -99.77 -0.16 47.43
CA PHE VA 362 -101.04 -0.15 46.73
C PHE VA 362 -101.95 -1.22 47.29
N LEU VA 363 -103.20 -0.85 47.55
CA LEU VA 363 -104.12 -1.79 48.19
C LEU VA 363 -104.46 -2.97 47.32
N PHE VA 364 -104.37 -2.84 46.00
CA PHE VA 364 -104.82 -3.90 45.10
C PHE VA 364 -103.79 -4.11 44.00
N GLY VA 365 -103.49 -5.38 43.72
CA GLY VA 365 -102.49 -5.72 42.73
C GLY VA 365 -101.14 -5.11 43.04
N ASP VA 366 -100.52 -5.55 44.13
CA ASP VA 366 -99.25 -4.99 44.57
C ASP VA 366 -98.13 -5.51 43.67
N GLY VA 367 -97.55 -4.62 42.87
CA GLY VA 367 -96.39 -4.96 42.07
C GLY VA 367 -96.67 -5.23 40.60
N ASP VA 368 -97.57 -4.44 39.99
CA ASP VA 368 -97.76 -4.51 38.55
C ASP VA 368 -97.96 -3.13 37.93
N LEU VA 369 -97.71 -2.05 38.67
CA LEU VA 369 -97.77 -0.67 38.20
C LEU VA 369 -99.18 -0.23 37.83
N THR VA 370 -100.14 -1.16 37.87
CA THR VA 370 -101.53 -0.86 37.53
C THR VA 370 -102.44 -2.00 37.94
N PHE VA 371 -103.52 -1.68 38.66
CA PHE VA 371 -104.47 -2.70 39.10
C PHE VA 371 -105.65 -2.71 38.14
N THR VA 372 -105.74 -3.77 37.34
CA THR VA 372 -106.84 -3.95 36.39
C THR VA 372 -107.46 -5.32 36.62
N PRO VA 373 -108.53 -5.40 37.39
CA PRO VA 373 -109.22 -6.67 37.59
C PRO VA 373 -110.03 -7.04 36.35
N ASP VA 374 -110.65 -8.21 36.40
CA ASP VA 374 -111.42 -8.69 35.25
C ASP VA 374 -112.64 -7.79 35.01
N LEU VA 375 -113.29 -7.34 36.07
CA LEU VA 375 -114.38 -6.36 36.02
C LEU VA 375 -115.66 -6.95 35.43
N VAL VA 376 -115.57 -8.18 34.93
CA VAL VA 376 -116.76 -8.93 34.54
C VAL VA 376 -116.93 -10.19 35.37
N ARG VA 377 -115.84 -10.79 35.84
CA ARG VA 377 -115.96 -11.77 36.92
C ARG VA 377 -116.56 -11.14 38.16
N GLU VA 378 -116.21 -9.88 38.43
CA GLU VA 378 -116.86 -9.12 39.48
C GLU VA 378 -118.21 -8.61 38.99
N ARG VA 379 -118.94 -7.94 39.87
CA ARG VA 379 -120.30 -7.50 39.60
C ARG VA 379 -120.38 -5.99 39.44
N ILE VA 380 -119.38 -5.43 38.75
CA ILE VA 380 -119.27 -3.98 38.60
C ILE VA 380 -119.48 -3.60 37.14
N ARG VA 381 -120.08 -2.44 36.93
CA ARG VA 381 -120.22 -1.85 35.61
C ARG VA 381 -119.98 -0.34 35.74
N ILE VA 382 -119.51 0.26 34.65
CA ILE VA 382 -119.11 1.66 34.64
C ILE VA 382 -119.89 2.38 33.55
N SER VA 383 -120.44 3.55 33.90
CA SER VA 383 -121.11 4.42 32.94
C SER VA 383 -120.77 5.87 33.31
N ASN VA 384 -119.99 6.53 32.45
CA ASN VA 384 -119.67 7.93 32.66
C ASN VA 384 -120.91 8.81 32.76
N CYS VA 385 -122.09 8.29 32.40
CA CYS VA 385 -123.33 8.98 32.65
C CYS VA 385 -123.42 9.45 34.09
N LEU VA 386 -123.14 8.55 35.03
CA LEU VA 386 -123.24 8.74 36.47
C LEU VA 386 -122.60 10.03 36.96
N PRO VA 387 -123.19 10.66 37.98
CA PRO VA 387 -122.72 11.95 38.49
C PRO VA 387 -121.21 12.11 38.66
N ASP VA 388 -120.47 11.03 38.92
CA ASP VA 388 -119.02 11.13 39.06
C ASP VA 388 -118.65 12.06 40.21
N PRO VA 389 -118.76 11.59 41.47
CA PRO VA 389 -118.59 12.49 42.63
C PRO VA 389 -117.40 13.42 42.51
N THR VA 390 -116.25 12.85 42.18
CA THR VA 390 -115.07 13.65 41.95
C THR VA 390 -115.27 14.42 40.68
N GLU VA 391 -115.26 15.74 40.77
CA GLU VA 391 -115.54 16.56 39.59
C GLU VA 391 -114.57 16.19 38.47
N GLY VA 392 -115.10 15.64 37.37
CA GLY VA 392 -114.23 15.10 36.35
C GLY VA 392 -113.26 14.10 36.93
N ASN VA 393 -111.98 14.22 36.56
CA ASN VA 393 -110.92 13.44 37.19
C ASN VA 393 -110.18 14.25 38.23
N THR VA 394 -110.82 15.25 38.81
CA THR VA 394 -110.23 16.05 39.88
C THR VA 394 -111.27 16.25 40.98
N LYS VA 395 -110.97 17.14 41.90
CA LYS VA 395 -111.85 17.45 43.03
C LYS VA 395 -112.32 16.19 43.73
N GLY VA 396 -111.40 15.40 44.29
CA GLY VA 396 -111.77 14.20 44.99
C GLY VA 396 -110.93 13.88 46.21
N GLY VA 397 -109.99 14.75 46.56
CA GLY VA 397 -108.97 14.41 47.53
C GLY VA 397 -108.97 15.37 48.70
N THR VA 398 -108.07 15.13 49.66
CA THR VA 398 -108.03 15.83 50.93
C THR VA 398 -108.31 17.34 50.83
N GLY VA 399 -107.53 18.05 50.03
CA GLY VA 399 -107.71 19.47 49.84
C GLY VA 399 -109.08 19.86 49.33
N GLN VA 400 -109.30 21.16 49.14
CA GLN VA 400 -110.51 21.72 48.56
C GLN VA 400 -111.01 20.87 47.40
N ASP VA 401 -110.09 20.27 46.65
CA ASP VA 401 -110.42 19.36 45.59
C ASP VA 401 -110.90 18.03 46.17
N ALA VA 402 -111.99 18.07 46.92
CA ALA VA 402 -112.54 16.94 47.64
C ALA VA 402 -113.86 16.53 46.99
N PHE VA 403 -114.53 15.57 47.62
CA PHE VA 403 -115.78 15.06 47.10
C PHE VA 403 -116.89 16.07 47.38
N ALA VA 404 -118.13 15.67 47.15
CA ALA VA 404 -119.27 16.55 47.38
C ALA VA 404 -120.33 15.79 48.15
N ALA VA 405 -120.82 16.39 49.24
CA ALA VA 405 -121.67 15.72 50.22
C ALA VA 405 -122.76 14.87 49.59
N GLY VA 406 -122.77 13.59 49.96
CA GLY VA 406 -123.75 12.62 49.50
C GLY VA 406 -124.00 12.56 48.01
N SER VA 407 -123.08 13.07 47.20
CA SER VA 407 -123.18 12.88 45.76
C SER VA 407 -123.07 11.40 45.42
N PHE VA 408 -123.96 10.95 44.54
CA PHE VA 408 -124.08 9.54 44.17
C PHE VA 408 -122.71 8.93 43.86
N VAL VA 409 -122.35 7.89 44.60
CA VAL VA 409 -121.08 7.21 44.36
C VAL VA 409 -121.33 5.91 43.60
N ALA VA 410 -122.11 5.01 44.18
CA ALA VA 410 -122.34 3.70 43.59
C ALA VA 410 -123.82 3.34 43.68
N ALA VA 411 -124.23 2.39 42.83
CA ALA VA 411 -125.60 1.88 42.88
C ALA VA 411 -125.57 0.38 42.64
N GLN VA 412 -125.93 -0.39 43.65
CA GLN VA 412 -125.91 -1.85 43.59
C GLN VA 412 -127.34 -2.38 43.66
N ALA VA 413 -127.71 -3.20 42.69
CA ALA VA 413 -129.07 -3.71 42.62
C ALA VA 413 -129.11 -4.94 41.72
N ALA VA 414 -130.26 -5.61 41.72
CA ALA VA 414 -130.59 -6.65 40.76
C ALA VA 414 -131.50 -6.02 39.71
N TRP VA 415 -130.88 -5.39 38.72
CA TRP VA 415 -131.59 -4.55 37.76
C TRP VA 415 -132.67 -5.30 36.99
N LYS VA 416 -132.58 -6.62 36.89
CA LYS VA 416 -133.58 -7.39 36.14
C LYS VA 416 -134.96 -7.31 36.77
N THR VA 417 -135.07 -6.89 38.03
CA THR VA 417 -136.36 -6.72 38.68
C THR VA 417 -136.48 -5.39 39.40
N ALA VA 418 -135.51 -4.49 39.25
CA ALA VA 418 -135.54 -3.20 39.93
C ALA VA 418 -136.16 -2.11 39.08
N PHE VA 419 -135.75 -2.00 37.81
CA PHE VA 419 -136.25 -0.97 36.91
C PHE VA 419 -136.58 -1.59 35.57
N TYR VA 420 -137.76 -1.28 35.06
CA TYR VA 420 -138.23 -1.81 33.78
C TYR VA 420 -138.31 -0.71 32.74
N ALA VA 421 -138.05 -1.09 31.49
CA ALA VA 421 -138.14 -0.20 30.35
C ALA VA 421 -139.11 -0.80 29.33
N VAL VA 422 -140.06 0.00 28.88
CA VAL VA 422 -141.12 -0.44 28.00
C VAL VA 422 -140.99 0.25 26.66
N GLU VA 423 -141.10 -0.53 25.59
CA GLU VA 423 -141.18 0.01 24.24
C GLU VA 423 -142.65 0.15 23.84
N LYS VA 424 -142.98 1.23 23.14
CA LYS VA 424 -144.34 1.44 22.66
C LYS VA 424 -144.44 1.42 21.15
N ARG VA 425 -143.52 2.08 20.45
CA ARG VA 425 -143.50 2.08 19.00
C ARG VA 425 -142.10 2.39 18.54
N PRO VA 426 -141.54 1.60 17.63
CA PRO VA 426 -140.17 1.84 17.16
C PRO VA 426 -140.05 3.18 16.44
N MET VA 427 -138.81 3.67 16.36
CA MET VA 427 -138.54 4.92 15.68
C MET VA 427 -138.88 4.82 14.20
N PHE VA 428 -139.41 5.92 13.66
CA PHE VA 428 -139.86 5.97 12.28
C PHE VA 428 -139.69 7.39 11.76
N PHE VA 429 -139.44 7.50 10.45
CA PHE VA 429 -139.24 8.78 9.79
C PHE VA 429 -140.16 8.86 8.57
N GLU VA 430 -140.56 10.08 8.23
CA GLU VA 430 -141.43 10.33 7.08
C GLU VA 430 -141.26 11.78 6.64
N GLN VA 431 -141.96 12.13 5.55
CA GLN VA 431 -141.97 13.52 5.14
C GLN VA 431 -143.14 14.26 5.77
N TYR VA 432 -143.00 15.59 5.87
CA TYR VA 432 -144.06 16.48 6.34
C TYR VA 432 -144.70 17.12 5.11
N GLU VA 433 -145.92 16.69 4.80
CA GLU VA 433 -146.65 17.27 3.67
C GLU VA 433 -146.98 18.74 3.91
N GLY VA 434 -147.68 19.02 5.02
CA GLY VA 434 -148.03 20.39 5.35
C GLY VA 434 -146.82 21.26 5.56
N GLY VA 435 -146.58 22.19 4.64
CA GLY VA 435 -145.42 23.05 4.68
C GLY VA 435 -144.37 22.71 3.64
N SER VA 436 -144.55 21.62 2.89
CA SER VA 436 -143.58 21.22 1.88
C SER VA 436 -144.01 21.83 0.55
N SER VA 437 -143.66 23.11 0.38
CA SER VA 437 -143.86 23.77 -0.89
C SER VA 437 -142.83 23.29 -1.90
N ALA VA 438 -142.89 23.86 -3.11
CA ALA VA 438 -141.84 23.59 -4.07
C ALA VA 438 -140.48 24.08 -3.56
N TRP VA 439 -140.47 25.21 -2.85
CA TRP VA 439 -139.23 25.81 -2.36
C TRP VA 439 -138.94 25.43 -0.90
N CYS VA 440 -139.03 24.14 -0.61
CA CYS VA 440 -138.91 23.52 0.71
C CYS VA 440 -139.13 22.03 0.51
N VAL VA 441 -138.73 21.26 1.51
CA VAL VA 441 -139.19 19.88 1.65
C VAL VA 441 -138.93 19.50 3.09
N LYS VA 442 -139.91 18.90 3.76
CA LYS VA 442 -139.84 18.85 5.21
C LYS VA 442 -140.25 17.46 5.69
N TYR VA 443 -139.47 16.95 6.64
CA TYR VA 443 -139.59 15.60 7.14
C TYR VA 443 -139.89 15.65 8.63
N GLN VA 444 -140.64 14.66 9.10
CA GLN VA 444 -140.86 14.49 10.53
C GLN VA 444 -140.44 13.08 10.93
N PHE VA 445 -140.63 12.78 12.21
CA PHE VA 445 -140.25 11.47 12.75
C PHE VA 445 -140.72 11.33 14.19
N GLY VA 446 -140.82 10.08 14.64
CA GLY VA 446 -141.32 9.80 15.97
C GLY VA 446 -140.75 8.52 16.54
N ALA VA 447 -140.94 8.37 17.85
CA ALA VA 447 -140.46 7.22 18.59
C ALA VA 447 -141.15 7.19 19.94
N GLU VA 448 -141.54 6.00 20.41
CA GLU VA 448 -142.39 5.89 21.60
C GLU VA 448 -141.83 4.89 22.58
N ASP VA 449 -141.60 5.33 23.82
CA ASP VA 449 -140.95 4.48 24.81
C ASP VA 449 -141.39 4.92 26.21
N GLY VA 450 -140.79 4.31 27.22
CA GLY VA 450 -141.05 4.72 28.60
C GLY VA 450 -140.31 3.82 29.55
N GLY VA 451 -140.41 4.15 30.83
CA GLY VA 451 -139.74 3.38 31.86
C GLY VA 451 -140.32 3.66 33.23
N PHE VA 452 -140.07 2.74 34.15
CA PHE VA 452 -140.57 2.87 35.51
C PHE VA 452 -139.73 1.98 36.43
N VAL VA 453 -139.99 2.09 37.73
CA VAL VA 453 -139.30 1.29 38.73
C VAL VA 453 -140.20 0.15 39.17
N GLY VA 454 -139.57 -0.95 39.57
CA GLY VA 454 -140.30 -2.05 40.17
C GLY VA 454 -140.52 -1.82 41.64
N CYS VA 455 -140.43 -2.86 42.46
CA CYS VA 455 -140.46 -2.70 43.90
C CYS VA 455 -139.10 -2.17 44.34
N CYS VA 456 -139.01 -0.86 44.54
CA CYS VA 456 -137.73 -0.21 44.78
C CYS VA 456 -137.28 -0.46 46.22
N GLU VA 457 -136.92 -1.72 46.48
CA GLU VA 457 -136.23 -2.09 47.70
C GLU VA 457 -135.01 -2.96 47.46
N HIS VA 458 -134.82 -3.47 46.25
CA HIS VA 458 -133.58 -4.15 45.88
C HIS VA 458 -132.50 -3.17 45.45
N GLY VA 459 -132.90 -2.07 44.81
CA GLY VA 459 -131.99 -1.01 44.46
C GLY VA 459 -131.38 -0.37 45.68
N ARG VA 460 -130.06 -0.36 45.77
CA ARG VA 460 -129.34 0.23 46.88
C ARG VA 460 -128.36 1.25 46.36
N ILE VA 461 -128.22 2.35 47.10
CA ILE VA 461 -127.35 3.45 46.72
C ILE VA 461 -126.23 3.54 47.74
N LEU VA 462 -125.02 3.83 47.27
CA LEU VA 462 -123.88 4.13 48.13
C LEU VA 462 -123.49 5.58 47.90
N GLN VA 463 -123.82 6.44 48.86
CA GLN VA 463 -123.44 7.84 48.89
C GLN VA 463 -122.23 8.04 49.80
N ILE VA 464 -121.93 9.29 50.11
CA ILE VA 464 -120.85 9.62 51.02
C ILE VA 464 -121.37 9.84 52.43
N PHE WA 174 -163.06 4.48 27.98
CA PHE WA 174 -162.98 3.96 26.61
C PHE WA 174 -161.63 3.33 26.31
N PHE WA 175 -160.54 3.99 26.70
CA PHE WA 175 -159.21 3.41 26.54
C PHE WA 175 -159.01 2.39 27.66
N THR WA 176 -159.30 1.13 27.35
CA THR WA 176 -159.17 0.06 28.33
C THR WA 176 -157.69 -0.25 28.54
N PRO WA 177 -157.13 0.11 29.69
CA PRO WA 177 -155.69 -0.09 29.90
C PRO WA 177 -155.35 -1.58 29.92
N GLN WA 178 -154.49 -1.98 28.98
CA GLN WA 178 -154.12 -3.38 28.89
C GLN WA 178 -153.36 -3.82 30.14
N VAL WA 179 -153.54 -5.07 30.53
CA VAL WA 179 -152.92 -5.62 31.72
C VAL WA 179 -151.74 -6.49 31.30
N LEU WA 180 -150.57 -6.22 31.88
CA LEU WA 180 -149.39 -7.02 31.62
C LEU WA 180 -149.29 -8.17 32.62
N ALA WA 181 -148.88 -9.33 32.12
CA ALA WA 181 -148.73 -10.50 32.98
C ALA WA 181 -147.46 -10.36 33.81
N LEU WA 182 -147.57 -9.69 34.96
CA LEU WA 182 -146.43 -9.43 35.82
C LEU WA 182 -146.95 -9.12 37.21
N GLU WA 183 -146.19 -9.56 38.22
CA GLU WA 183 -146.59 -9.37 39.60
C GLU WA 183 -145.36 -9.11 40.45
N VAL WA 184 -145.45 -8.10 41.30
CA VAL WA 184 -144.33 -7.70 42.15
C VAL WA 184 -144.30 -8.61 43.38
N ASP WA 185 -143.20 -9.34 43.56
CA ASP WA 185 -143.07 -10.22 44.71
C ASP WA 185 -142.73 -9.44 45.98
N CYS WA 186 -141.56 -8.81 46.00
CA CYS WA 186 -141.07 -7.91 47.05
C CYS WA 186 -141.21 -8.49 48.46
N ASN WA 187 -141.49 -9.78 48.60
CA ASN WA 187 -141.64 -10.41 49.90
C ASN WA 187 -140.81 -11.68 49.94
N ILE WA 188 -139.81 -11.70 50.81
CA ILE WA 188 -138.87 -12.81 50.92
C ILE WA 188 -138.67 -13.13 52.40
N GLU WA 189 -138.55 -14.42 52.69
CA GLU WA 189 -138.43 -14.88 54.06
C GLU WA 189 -137.03 -14.60 54.60
N CYS WA 190 -136.86 -14.87 55.89
CA CYS WA 190 -135.55 -14.85 56.52
C CYS WA 190 -134.81 -16.13 56.16
N ALA WA 191 -133.70 -16.42 56.83
CA ALA WA 191 -133.04 -17.69 56.56
C ALA WA 191 -133.74 -18.78 57.33
N SER WA 192 -133.19 -19.99 57.31
CA SER WA 192 -133.99 -21.14 57.75
C SER WA 192 -133.21 -22.13 58.62
N LEU WA 193 -132.49 -21.65 59.64
CA LEU WA 193 -131.79 -22.62 60.48
C LEU WA 193 -132.80 -23.57 61.12
N LEU WA 194 -132.96 -24.76 60.53
CA LEU WA 194 -133.84 -25.77 61.09
C LEU WA 194 -133.13 -27.12 61.21
N ASP WA 195 -132.52 -27.55 60.11
CA ASP WA 195 -131.98 -28.90 59.98
C ASP WA 195 -130.88 -29.17 61.00
N LEU WA 196 -130.26 -28.10 61.50
CA LEU WA 196 -129.26 -28.26 62.55
C LEU WA 196 -129.91 -28.80 63.83
N TYR WA 197 -131.15 -28.41 64.10
CA TYR WA 197 -131.86 -28.93 65.26
C TYR WA 197 -132.22 -30.39 65.05
N GLY WA 198 -132.21 -31.16 66.13
CA GLY WA 198 -132.60 -32.56 66.07
C GLY WA 198 -134.12 -32.74 66.08
N GLN WA 199 -134.67 -33.29 65.00
CA GLN WA 199 -136.12 -33.41 64.89
C GLN WA 199 -136.60 -34.78 65.40
N ILE WA 200 -137.77 -34.78 66.03
CA ILE WA 200 -138.39 -35.99 66.55
C ILE WA 200 -139.89 -35.91 66.33
N GLU WA 201 -140.49 -37.03 65.93
CA GLU WA 201 -141.92 -37.16 65.81
C GLU WA 201 -142.48 -37.94 67.00
N VAL WA 202 -143.53 -37.40 67.61
CA VAL WA 202 -144.21 -38.05 68.73
C VAL WA 202 -145.69 -38.15 68.39
N SER WA 203 -146.33 -39.20 68.90
CA SER WA 203 -147.73 -39.44 68.57
C SER WA 203 -148.66 -38.53 69.37
N ARG WA 204 -148.50 -38.50 70.69
CA ARG WA 204 -149.31 -37.68 71.57
C ARG WA 204 -148.43 -36.61 72.22
N SER WA 205 -149.00 -35.88 73.16
CA SER WA 205 -148.27 -34.82 73.84
C SER WA 205 -147.65 -35.33 75.14
N THR WA 206 -146.86 -34.45 75.76
CA THR WA 206 -146.24 -34.68 77.08
C THR WA 206 -145.40 -35.97 77.07
N PHE WA 207 -144.36 -35.94 76.24
CA PHE WA 207 -143.38 -37.02 76.20
C PHE WA 207 -142.42 -36.88 77.38
N THR WA 208 -141.66 -37.95 77.66
CA THR WA 208 -140.78 -37.93 78.82
C THR WA 208 -139.49 -38.67 78.49
N TYR WA 209 -138.48 -38.46 79.35
CA TYR WA 209 -137.15 -39.01 79.13
C TYR WA 209 -136.35 -38.90 80.43
N MET WA 210 -135.11 -39.39 80.37
CA MET WA 210 -134.18 -39.27 81.48
C MET WA 210 -132.81 -38.92 80.92
N LYS WA 211 -131.94 -38.37 81.76
CA LYS WA 211 -130.61 -37.99 81.30
C LYS WA 211 -129.61 -38.03 82.45
N ILE WA 212 -128.65 -38.95 82.37
CA ILE WA 212 -127.63 -39.05 83.41
C ILE WA 212 -126.81 -37.76 83.44
N ALA WA 213 -126.86 -37.06 84.57
CA ALA WA 213 -126.13 -35.81 84.70
C ALA WA 213 -124.64 -36.07 84.80
N ASP WA 214 -124.25 -36.87 85.78
CA ASP WA 214 -122.84 -37.19 86.02
C ASP WA 214 -122.77 -38.41 86.93
N TYR WA 215 -121.55 -38.76 87.32
CA TYR WA 215 -121.34 -39.74 88.37
C TYR WA 215 -119.91 -39.58 88.91
N GLY WA 216 -119.80 -39.19 90.17
CA GLY WA 216 -118.52 -38.93 90.79
C GLY WA 216 -117.77 -40.22 91.11
N GLN WA 217 -116.56 -40.05 91.66
CA GLN WA 217 -115.73 -41.19 91.98
C GLN WA 217 -116.36 -42.01 93.10
N LEU WA 218 -115.97 -43.30 93.16
CA LEU WA 218 -116.48 -44.23 94.16
C LEU WA 218 -115.35 -45.07 94.76
N GLY WA 219 -114.23 -44.40 95.08
CA GLY WA 219 -113.08 -45.07 95.64
C GLY WA 219 -111.76 -44.50 95.14
N GLU WA 220 -110.71 -44.64 95.95
CA GLU WA 220 -109.42 -43.99 95.70
C GLU WA 220 -108.30 -44.95 96.07
N TYR WA 221 -107.07 -44.44 96.10
CA TYR WA 221 -105.95 -45.20 96.61
C TYR WA 221 -106.09 -45.34 98.12
N THR WA 222 -106.05 -46.57 98.61
CA THR WA 222 -106.56 -46.90 99.94
C THR WA 222 -105.47 -47.35 100.92
N CYS WA 223 -104.28 -46.75 100.83
CA CYS WA 223 -103.25 -46.90 101.87
C CYS WA 223 -103.04 -48.36 102.26
N ASP WA 224 -102.41 -49.10 101.33
CA ASP WA 224 -102.39 -50.57 101.29
C ASP WA 224 -102.34 -51.24 102.66
N ALA WA 225 -101.63 -50.66 103.62
CA ALA WA 225 -101.59 -51.25 104.95
C ALA WA 225 -102.92 -51.05 105.67
N LYS WA 226 -103.97 -51.70 105.15
CA LYS WA 226 -105.33 -51.59 105.67
C LYS WA 226 -106.18 -52.64 104.97
N CYS WA 227 -107.09 -53.26 105.72
CA CYS WA 227 -107.85 -54.41 105.24
C CYS WA 227 -109.35 -54.11 105.23
N ASP WA 228 -109.72 -52.90 104.82
CA ASP WA 228 -111.11 -52.57 104.57
C ASP WA 228 -111.17 -51.72 103.31
N ALA WA 229 -112.31 -51.08 103.08
CA ALA WA 229 -112.50 -50.24 101.91
C ALA WA 229 -113.29 -49.00 102.33
N GLU WA 230 -113.79 -48.28 101.34
CA GLU WA 230 -114.51 -47.04 101.57
C GLU WA 230 -115.66 -46.91 100.57
N PHE WA 231 -116.43 -45.84 100.74
CA PHE WA 231 -117.62 -45.60 99.94
C PHE WA 231 -117.40 -44.38 99.07
N GLY WA 232 -118.11 -44.33 97.95
CA GLY WA 232 -118.03 -43.23 97.02
C GLY WA 232 -119.38 -42.60 96.75
N GLU WA 233 -119.33 -41.49 96.03
CA GLU WA 233 -120.53 -40.71 95.76
C GLU WA 233 -121.00 -40.97 94.34
N PRO WA 234 -122.18 -41.57 94.15
CA PRO WA 234 -122.72 -41.74 92.80
C PRO WA 234 -123.29 -40.42 92.28
N GLY WA 235 -123.88 -40.50 91.10
CA GLY WA 235 -124.43 -39.30 90.47
C GLY WA 235 -125.92 -39.15 90.65
N ASN WA 236 -126.60 -38.71 89.59
CA ASN WA 236 -128.05 -38.53 89.61
C ASN WA 236 -128.53 -38.53 88.18
N ILE WA 237 -129.82 -38.84 88.00
CA ILE WA 237 -130.33 -39.14 86.68
C ILE WA 237 -131.33 -38.11 86.17
N ARG WA 238 -132.01 -37.39 87.06
CA ARG WA 238 -132.72 -36.17 86.68
C ARG WA 238 -133.75 -36.46 85.57
N HIS WA 239 -134.73 -37.28 85.93
CA HIS WA 239 -135.77 -37.63 84.97
C HIS WA 239 -136.59 -36.40 84.62
N LEU WA 240 -136.81 -36.18 83.33
CA LEU WA 240 -137.47 -34.96 82.87
C LEU WA 240 -138.50 -35.30 81.80
N GLU WA 241 -139.14 -34.27 81.23
CA GLU WA 241 -140.10 -34.49 80.15
C GLU WA 241 -140.30 -33.17 79.42
N GLY WA 242 -141.18 -33.21 78.41
CA GLY WA 242 -141.47 -32.05 77.62
C GLY WA 242 -142.86 -32.14 77.01
N LYS WA 243 -143.49 -30.98 76.85
CA LYS WA 243 -144.84 -30.87 76.33
C LYS WA 243 -144.80 -30.55 74.83
N THR WA 244 -145.98 -30.30 74.26
CA THR WA 244 -146.10 -29.91 72.87
C THR WA 244 -147.07 -28.74 72.78
N TYR WA 245 -146.80 -27.84 71.84
CA TYR WA 245 -147.67 -26.69 71.60
C TYR WA 245 -148.46 -26.90 70.30
N ASP WA 246 -149.46 -26.07 70.10
CA ASP WA 246 -150.30 -26.15 68.92
C ASP WA 246 -150.58 -24.76 68.38
N TYR WA 247 -151.12 -24.70 67.17
CA TYR WA 247 -151.54 -23.44 66.59
C TYR WA 247 -152.75 -23.67 65.72
N ARG WA 248 -153.61 -22.65 65.68
CA ARG WA 248 -154.84 -22.71 64.90
C ARG WA 248 -155.20 -21.32 64.43
N GLY WA 249 -155.97 -21.28 63.35
CA GLY WA 249 -156.41 -20.03 62.76
C GLY WA 249 -157.74 -20.24 62.06
N VAL WA 250 -158.47 -19.13 61.90
CA VAL WA 250 -159.76 -19.13 61.22
C VAL WA 250 -159.85 -17.91 60.33
N PHE WA 251 -160.81 -17.95 59.41
CA PHE WA 251 -161.18 -16.80 58.60
C PHE WA 251 -162.48 -17.13 57.90
N CYS WA 252 -163.05 -16.14 57.21
CA CYS WA 252 -164.26 -16.39 56.43
C CYS WA 252 -164.21 -15.55 55.16
N PHE WA 253 -165.00 -15.97 54.18
CA PHE WA 253 -165.14 -15.22 52.92
C PHE WA 253 -166.60 -15.00 52.58
N ASN WA 254 -166.85 -14.45 51.40
CA ASN WA 254 -168.17 -14.39 50.81
C ASN WA 254 -168.29 -15.50 49.78
N ARG WA 255 -169.51 -15.70 49.27
CA ARG WA 255 -169.75 -16.71 48.25
C ARG WA 255 -169.62 -16.12 46.84
N LYS WA 256 -170.42 -15.09 46.54
CA LYS WA 256 -170.38 -14.51 45.20
C LYS WA 256 -169.11 -13.70 44.97
N ASN WA 257 -168.56 -13.09 46.02
CA ASN WA 257 -167.29 -12.38 45.87
C ASN WA 257 -166.18 -13.32 45.42
N LEU WA 258 -166.27 -14.60 45.81
CA LEU WA 258 -165.31 -15.61 45.38
C LEU WA 258 -165.56 -16.10 43.97
N GLN WA 259 -166.53 -15.53 43.27
CA GLN WA 259 -166.79 -15.84 41.87
C GLN WA 259 -166.31 -14.76 40.93
N GLU WA 260 -166.48 -13.49 41.29
CA GLU WA 260 -165.89 -12.39 40.57
C GLU WA 260 -164.46 -12.18 41.07
N ALA WA 261 -163.77 -11.17 40.54
CA ALA WA 261 -162.40 -10.86 40.91
C ALA WA 261 -161.50 -12.09 40.71
N ASN WA 262 -161.33 -12.42 39.43
CA ASN WA 262 -160.73 -13.66 38.94
C ASN WA 262 -159.55 -14.16 39.78
N TYR WA 263 -158.73 -13.24 40.29
CA TYR WA 263 -157.61 -13.63 41.14
C TYR WA 263 -158.11 -14.42 42.34
N ASP WA 264 -157.65 -15.67 42.46
CA ASP WA 264 -158.15 -16.59 43.47
C ASP WA 264 -157.65 -16.17 44.85
N PHE WA 265 -158.53 -15.54 45.63
CA PHE WA 265 -158.19 -15.21 47.00
C PHE WA 265 -157.96 -16.45 47.84
N LEU WA 266 -158.67 -17.55 47.52
CA LEU WA 266 -158.55 -18.77 48.31
C LEU WA 266 -157.14 -19.33 48.26
N SER WA 267 -156.53 -19.35 47.06
CA SER WA 267 -155.16 -19.83 46.95
C SER WA 267 -154.19 -18.90 47.64
N PHE WA 268 -154.41 -17.59 47.54
CA PHE WA 268 -153.55 -16.63 48.21
C PHE WA 268 -153.59 -16.81 49.72
N MET WA 269 -154.76 -17.15 50.26
CA MET WA 269 -154.86 -17.37 51.71
C MET WA 269 -154.31 -18.73 52.12
N ILE WA 270 -154.55 -19.77 51.31
CA ILE WA 270 -153.99 -21.08 51.60
C ILE WA 270 -152.47 -21.06 51.50
N GLY WA 271 -151.92 -20.10 50.77
CA GLY WA 271 -150.47 -19.96 50.67
C GLY WA 271 -149.91 -19.06 51.76
N ALA WA 272 -150.51 -17.89 51.94
CA ALA WA 272 -150.01 -16.97 52.95
C ALA WA 272 -150.56 -17.30 54.32
N ALA WA 273 -150.51 -18.57 54.68
CA ALA WA 273 -150.70 -19.08 56.03
C ALA WA 273 -149.58 -20.03 56.42
N GLN WA 274 -149.09 -20.83 55.47
CA GLN WA 274 -147.97 -21.71 55.75
C GLN WA 274 -146.69 -20.91 55.95
N ARG WA 275 -146.51 -19.84 55.18
CA ARG WA 275 -145.33 -19.01 55.31
C ARG WA 275 -145.30 -18.29 56.64
N SER WA 276 -146.42 -17.71 57.06
CA SER WA 276 -146.49 -17.04 58.35
C SER WA 276 -146.25 -18.04 59.47
N HIS WA 277 -146.91 -19.19 59.42
CA HIS WA 277 -146.65 -20.28 60.35
C HIS WA 277 -145.17 -20.60 60.44
N ARG WA 278 -144.52 -20.74 59.29
CA ARG WA 278 -143.13 -21.20 59.26
C ARG WA 278 -142.19 -20.15 59.84
N ILE WA 279 -142.38 -18.88 59.47
CA ILE WA 279 -141.53 -17.82 60.02
C ILE WA 279 -141.76 -17.66 61.51
N ASN WA 280 -143.01 -17.79 61.96
CA ASN WA 280 -143.27 -17.76 63.39
C ASN WA 280 -142.65 -18.95 64.10
N ARG WA 281 -142.62 -20.11 63.43
CA ARG WA 281 -142.01 -21.30 64.01
C ARG WA 281 -140.53 -21.09 64.22
N ASN WA 282 -139.84 -20.55 63.21
CA ASN WA 282 -138.42 -20.28 63.35
C ASN WA 282 -138.16 -19.22 64.41
N GLN WA 283 -138.95 -18.13 64.38
CA GLN WA 283 -138.81 -17.08 65.38
C GLN WA 283 -138.99 -17.63 66.80
N ALA WA 284 -139.91 -18.58 66.96
CA ALA WA 284 -140.13 -19.17 68.27
C ALA WA 284 -138.98 -20.08 68.67
N LEU WA 285 -138.62 -21.02 67.78
CA LEU WA 285 -137.49 -21.90 68.05
C LEU WA 285 -136.22 -21.13 68.37
N MET WA 286 -136.13 -19.87 67.92
CA MET WA 286 -135.02 -19.02 68.33
C MET WA 286 -135.28 -18.37 69.70
N ILE WA 287 -136.36 -17.60 69.80
CA ILE WA 287 -136.62 -16.76 70.98
C ILE WA 287 -138.02 -16.96 71.52
N GLY WA 288 -138.58 -18.16 71.36
CA GLY WA 288 -139.88 -18.46 71.93
C GLY WA 288 -139.97 -18.21 73.42
N LYS WA 289 -140.76 -17.21 73.82
CA LYS WA 289 -140.80 -16.73 75.20
C LYS WA 289 -141.82 -17.52 76.00
N GLY WA 290 -141.36 -18.64 76.55
CA GLY WA 290 -142.09 -19.33 77.61
C GLY WA 290 -143.50 -19.77 77.31
N VAL WA 291 -144.47 -19.06 77.89
CA VAL WA 291 -145.87 -19.46 77.84
C VAL WA 291 -146.30 -19.71 76.39
N ASN WA 292 -147.06 -20.80 76.20
CA ASN WA 292 -147.65 -21.16 74.90
C ASN WA 292 -146.66 -21.08 73.75
N GLU WA 293 -145.37 -21.23 74.06
CA GLU WA 293 -144.32 -21.11 73.06
C GLU WA 293 -143.21 -22.08 73.37
N PRO WA 294 -142.67 -22.77 72.37
CA PRO WA 294 -141.44 -23.54 72.59
C PRO WA 294 -140.33 -22.64 73.08
N LYS WA 295 -139.65 -23.08 74.13
CA LYS WA 295 -138.65 -22.24 74.79
C LYS WA 295 -137.48 -21.98 73.83
N GLY WA 296 -137.39 -20.74 73.36
CA GLY WA 296 -136.31 -20.38 72.46
C GLY WA 296 -134.97 -20.44 73.15
N TRP WA 297 -133.97 -21.03 72.49
CA TRP WA 297 -132.68 -21.24 73.12
C TRP WA 297 -131.90 -19.95 73.32
N LEU WA 298 -132.27 -18.86 72.65
CA LEU WA 298 -131.63 -17.58 72.92
C LEU WA 298 -131.89 -17.14 74.35
N THR WA 299 -133.16 -16.99 74.71
CA THR WA 299 -133.56 -16.62 76.06
C THR WA 299 -133.46 -17.80 77.03
N GLU WA 300 -133.14 -19.00 76.54
CA GLU WA 300 -132.93 -20.12 77.45
C GLU WA 300 -131.88 -19.79 78.49
N ASN WA 301 -130.83 -19.07 78.09
CA ASN WA 301 -129.83 -18.49 78.99
C ASN WA 301 -129.05 -19.53 79.77
N CYS WA 302 -129.02 -20.79 79.31
CA CYS WA 302 -128.17 -21.79 79.94
C CYS WA 302 -127.00 -22.20 79.06
N PHE WA 303 -126.98 -21.78 77.79
CA PHE WA 303 -125.79 -21.97 76.98
C PHE WA 303 -124.67 -21.08 77.52
N PRO WA 304 -123.45 -21.60 77.64
CA PRO WA 304 -122.31 -20.76 78.05
C PRO WA 304 -122.20 -19.52 77.18
N VAL WA 305 -122.45 -18.35 77.79
CA VAL WA 305 -122.38 -17.09 77.07
C VAL WA 305 -121.05 -16.41 77.37
N PHE WA 306 -120.42 -15.87 76.33
CA PHE WA 306 -119.07 -15.34 76.36
C PHE WA 306 -119.12 -13.86 75.99
N GLN WA 307 -118.48 -13.01 76.79
CA GLN WA 307 -118.44 -11.59 76.54
C GLN WA 307 -117.02 -11.15 76.29
N THR WA 308 -116.88 -9.92 75.77
CA THR WA 308 -115.59 -9.37 75.37
C THR WA 308 -115.20 -8.22 76.31
N LEU WA 309 -114.10 -7.54 75.98
CA LEU WA 309 -113.54 -6.51 76.82
C LEU WA 309 -113.85 -5.13 76.26
N PRO WA 310 -113.98 -4.13 77.14
CA PRO WA 310 -114.19 -2.73 76.72
C PRO WA 310 -112.92 -2.07 76.18
N VAL WA 311 -112.75 -2.16 74.86
CA VAL WA 311 -111.65 -1.50 74.17
C VAL WA 311 -111.64 -0.03 74.57
N ASP WA 312 -110.54 0.42 75.17
CA ASP WA 312 -110.45 1.79 75.64
C ASP WA 312 -109.59 2.62 74.71
N VAL WA 313 -110.12 3.79 74.35
CA VAL WA 313 -109.42 4.78 73.55
C VAL WA 313 -109.91 6.12 74.02
N ASN WA 314 -108.98 7.08 74.17
CA ASN WA 314 -109.29 8.38 74.72
C ASN WA 314 -110.07 8.25 76.02
N GLY WA 315 -109.69 7.29 76.85
CA GLY WA 315 -110.37 6.99 78.10
C GLY WA 315 -111.88 6.87 77.97
N THR WA 316 -112.34 5.90 77.19
CA THR WA 316 -113.77 5.76 76.94
C THR WA 316 -114.26 4.34 77.18
N SER WA 317 -113.39 3.35 76.98
CA SER WA 317 -113.72 1.94 77.14
C SER WA 317 -114.90 1.52 76.26
N THR WA 318 -115.02 2.15 75.08
CA THR WA 318 -116.06 1.86 74.11
C THR WA 318 -116.22 0.35 73.90
N PRO WA 319 -117.40 -0.20 74.17
CA PRO WA 319 -117.66 -1.60 73.83
C PRO WA 319 -117.41 -1.83 72.35
N ALA WA 320 -116.76 -2.95 72.03
CA ALA WA 320 -116.41 -3.24 70.66
C ALA WA 320 -116.10 -4.74 70.55
N PHE WA 321 -115.57 -5.14 69.40
CA PHE WA 321 -115.29 -6.54 69.13
C PHE WA 321 -114.37 -6.69 67.93
N LEU WA 322 -113.31 -7.49 68.07
CA LEU WA 322 -112.32 -7.67 67.02
C LEU WA 322 -112.21 -9.13 66.64
N ALA WA 323 -111.55 -9.38 65.51
CA ALA WA 323 -111.46 -10.73 64.96
C ALA WA 323 -110.64 -11.66 65.85
N GLN WA 324 -109.69 -11.10 66.60
CA GLN WA 324 -108.93 -11.92 67.54
C GLN WA 324 -109.87 -12.61 68.54
N ASP WA 325 -110.82 -11.86 69.09
CA ASP WA 325 -111.78 -12.44 70.02
C ASP WA 325 -112.67 -13.46 69.32
N TRP WA 326 -113.01 -13.22 68.05
CA TRP WA 326 -113.83 -14.17 67.31
C TRP WA 326 -113.09 -15.49 67.13
N ARG WA 327 -111.82 -15.43 66.76
CA ARG WA 327 -111.04 -16.64 66.60
C ARG WA 327 -110.87 -17.36 67.94
N ARG WA 328 -110.64 -16.59 69.01
CA ARG WA 328 -110.58 -17.18 70.34
C ARG WA 328 -111.87 -17.92 70.68
N PHE WA 329 -113.01 -17.30 70.38
CA PHE WA 329 -114.31 -17.91 70.63
C PHE WA 329 -114.45 -19.21 69.85
N VAL WA 330 -114.27 -19.15 68.52
CA VAL WA 330 -114.53 -20.32 67.69
C VAL WA 330 -113.53 -21.44 67.99
N THR WA 331 -112.34 -21.10 68.49
CA THR WA 331 -111.35 -22.13 68.78
C THR WA 331 -111.56 -22.75 70.16
N SER WA 332 -112.20 -22.02 71.08
CA SER WA 332 -112.35 -22.49 72.45
C SER WA 332 -113.31 -23.66 72.60
N PHE WA 333 -113.88 -24.18 71.52
CA PHE WA 333 -114.80 -25.29 71.64
C PHE WA 333 -114.04 -26.59 71.84
N PRO WA 334 -114.42 -27.42 72.82
CA PRO WA 334 -113.71 -28.69 73.05
C PRO WA 334 -114.07 -29.71 71.97
N ALA WA 335 -113.05 -30.19 71.25
CA ALA WA 335 -113.28 -31.11 70.14
C ALA WA 335 -113.82 -32.46 70.60
N GLU WA 336 -113.88 -32.72 71.90
CA GLU WA 336 -114.40 -33.99 72.39
C GLU WA 336 -115.88 -34.16 72.04
N TYR WA 337 -116.62 -33.07 71.90
CA TYR WA 337 -118.01 -33.16 71.47
C TYR WA 337 -118.13 -33.49 69.99
N GLY WA 338 -117.11 -33.20 69.21
CA GLY WA 338 -117.17 -33.29 67.77
C GLY WA 338 -117.03 -31.91 67.12
N GLU WA 339 -117.59 -31.81 65.93
CA GLU WA 339 -117.58 -30.55 65.20
C GLU WA 339 -118.70 -29.64 65.69
N ALA WA 340 -118.41 -28.34 65.78
CA ALA WA 340 -119.38 -27.33 66.18
C ALA WA 340 -119.48 -26.25 65.11
N ARG WA 341 -120.69 -26.04 64.61
CA ARG WA 341 -120.95 -25.05 63.57
C ARG WA 341 -121.35 -23.72 64.18
N SER WA 342 -121.04 -22.64 63.46
CA SER WA 342 -121.32 -21.29 63.92
C SER WA 342 -122.45 -20.69 63.09
N VAL WA 343 -123.16 -19.75 63.71
CA VAL WA 343 -124.29 -19.07 63.08
C VAL WA 343 -124.28 -17.61 63.51
N MET WA 344 -124.58 -16.72 62.57
CA MET WA 344 -124.55 -15.29 62.83
C MET WA 344 -125.32 -14.58 61.71
N HIS WA 345 -125.58 -13.29 61.93
CA HIS WA 345 -126.23 -12.47 60.93
C HIS WA 345 -125.24 -12.07 59.84
N GLN WA 346 -125.78 -11.81 58.65
CA GLN WA 346 -124.91 -11.45 57.52
C GLN WA 346 -124.25 -10.09 57.76
N ASN WA 347 -124.93 -9.19 58.47
CA ASN WA 347 -124.32 -7.92 58.81
C ASN WA 347 -123.19 -8.09 59.82
N VAL WA 348 -123.33 -9.05 60.73
CA VAL WA 348 -122.23 -9.40 61.62
C VAL WA 348 -121.05 -9.93 60.80
N PHE WA 349 -121.34 -10.78 59.82
CA PHE WA 349 -120.29 -11.26 58.92
C PHE WA 349 -119.60 -10.10 58.21
N GLY WA 350 -120.38 -9.09 57.79
CA GLY WA 350 -119.78 -7.93 57.17
C GLY WA 350 -118.89 -7.17 58.13
N TYR WA 351 -119.37 -6.95 59.35
CA TYR WA 351 -118.56 -6.30 60.37
C TYR WA 351 -117.26 -7.07 60.62
N LEU WA 352 -117.29 -8.39 60.47
CA LEU WA 352 -116.06 -9.18 60.58
C LEU WA 352 -115.15 -8.93 59.38
N ALA WA 353 -115.69 -9.08 58.17
CA ALA WA 353 -114.90 -8.91 56.97
C ALA WA 353 -114.43 -7.48 56.77
N ALA WA 354 -115.09 -6.50 57.40
CA ALA WA 354 -114.72 -5.10 57.26
C ALA WA 354 -113.81 -4.60 58.38
N MET WA 355 -113.21 -5.50 59.15
CA MET WA 355 -112.26 -5.07 60.16
C MET WA 355 -110.97 -4.57 59.51
N VAL WA 356 -110.29 -3.66 60.21
CA VAL WA 356 -109.11 -2.98 59.68
C VAL WA 356 -108.03 -2.97 60.76
N ASP WA 357 -106.78 -3.19 60.34
CA ASP WA 357 -105.64 -3.10 61.24
C ASP WA 357 -105.31 -1.64 61.49
N ALA WA 358 -104.22 -1.39 62.22
CA ALA WA 358 -103.77 -0.02 62.46
C ALA WA 358 -103.12 0.59 61.24
N ASN WA 359 -102.67 -0.22 60.28
CA ASN WA 359 -102.05 0.31 59.07
C ASN WA 359 -103.05 0.56 57.94
N GLY WA 360 -104.31 0.19 58.12
CA GLY WA 360 -105.32 0.40 57.10
C GLY WA 360 -105.69 -0.85 56.33
N ARG WA 361 -104.87 -1.89 56.39
CA ARG WA 361 -105.16 -3.11 55.66
C ARG WA 361 -106.37 -3.84 56.24
N PHE WA 362 -106.93 -4.72 55.42
CA PHE WA 362 -107.94 -5.64 55.90
C PHE WA 362 -107.28 -6.82 56.61
N LEU WA 363 -107.95 -7.32 57.64
CA LEU WA 363 -107.44 -8.48 58.35
C LEU WA 363 -107.48 -9.74 57.50
N PHE WA 364 -108.23 -9.73 56.40
CA PHE WA 364 -108.37 -10.88 55.52
C PHE WA 364 -108.43 -10.38 54.09
N GLY WA 365 -107.64 -11.00 53.21
CA GLY WA 365 -107.66 -10.56 51.83
C GLY WA 365 -107.03 -9.20 51.62
N ASP WA 366 -105.70 -9.13 51.69
CA ASP WA 366 -105.03 -7.83 51.61
C ASP WA 366 -105.17 -7.26 50.21
N GLY WA 367 -106.39 -6.86 49.88
CA GLY WA 367 -106.73 -6.21 48.63
C GLY WA 367 -107.39 -7.12 47.64
N ASP WA 368 -108.72 -7.09 47.64
CA ASP WA 368 -109.51 -7.72 46.58
C ASP WA 368 -110.75 -6.89 46.29
N LEU WA 369 -110.87 -5.70 46.86
CA LEU WA 369 -112.06 -4.87 46.95
C LEU WA 369 -113.14 -5.50 47.81
N THR WA 370 -112.91 -6.70 48.34
CA THR WA 370 -113.90 -7.43 49.12
C THR WA 370 -113.26 -8.70 49.66
N PHE WA 371 -114.02 -9.39 50.52
CA PHE WA 371 -113.69 -10.71 51.04
C PHE WA 371 -114.74 -11.73 50.64
N THR WA 372 -115.20 -11.65 49.39
CA THR WA 372 -116.33 -12.48 48.96
C THR WA 372 -116.13 -13.99 49.10
N PRO WA 373 -114.97 -14.59 48.77
CA PRO WA 373 -114.92 -16.06 48.81
C PRO WA 373 -115.17 -16.62 50.20
N ASP WA 374 -114.24 -16.39 51.13
CA ASP WA 374 -114.35 -16.76 52.54
C ASP WA 374 -115.17 -18.04 52.76
N LEU WA 375 -114.93 -19.07 51.95
CA LEU WA 375 -115.92 -20.10 51.66
C LEU WA 375 -116.67 -20.53 52.91
N VAL WA 376 -117.99 -20.34 52.89
CA VAL WA 376 -118.79 -20.38 54.12
C VAL WA 376 -119.10 -21.81 54.56
N ARG WA 377 -118.65 -22.80 53.81
CA ARG WA 377 -118.77 -24.19 54.22
C ARG WA 377 -117.72 -24.58 55.27
N GLU WA 378 -117.11 -23.57 55.89
CA GLU WA 378 -116.12 -23.76 56.95
C GLU WA 378 -116.77 -23.65 58.32
N ARG WA 379 -117.99 -24.19 58.43
CA ARG WA 379 -118.76 -24.24 59.67
C ARG WA 379 -119.30 -22.86 60.06
N ILE WA 380 -119.80 -22.14 59.07
CA ILE WA 380 -120.56 -20.91 59.27
C ILE WA 380 -121.86 -21.04 58.49
N ARG WA 381 -122.96 -20.62 59.10
CA ARG WA 381 -124.28 -20.67 58.47
C ARG WA 381 -125.01 -19.38 58.84
N ILE WA 382 -125.04 -18.45 57.91
CA ILE WA 382 -125.62 -17.12 58.16
C ILE WA 382 -127.13 -17.22 58.17
N SER WA 383 -127.75 -16.57 59.16
CA SER WA 383 -129.21 -16.44 59.20
C SER WA 383 -129.56 -15.04 59.69
N ASN WA 384 -130.44 -14.37 58.95
CA ASN WA 384 -130.90 -13.04 59.33
C ASN WA 384 -132.02 -13.06 60.35
N CYS WA 385 -132.35 -14.24 60.89
CA CYS WA 385 -133.35 -14.37 61.94
C CYS WA 385 -132.77 -14.09 63.32
N LEU WA 386 -131.67 -13.36 63.39
CA LEU WA 386 -130.94 -13.13 64.64
C LEU WA 386 -130.95 -11.65 64.99
N PRO WA 387 -130.61 -11.28 66.23
CA PRO WA 387 -130.80 -9.88 66.66
C PRO WA 387 -129.90 -8.86 65.99
N ASP WA 388 -129.10 -9.29 65.01
CA ASP WA 388 -128.26 -8.43 64.17
C ASP WA 388 -127.64 -7.27 64.95
N PRO WA 389 -126.69 -7.55 65.86
CA PRO WA 389 -126.08 -6.48 66.68
C PRO WA 389 -125.84 -5.18 65.93
N THR WA 390 -125.25 -5.30 64.73
CA THR WA 390 -125.14 -4.16 63.82
C THR WA 390 -126.42 -4.05 63.00
N GLU WA 391 -127.43 -3.43 63.61
CA GLU WA 391 -128.72 -3.18 62.98
C GLU WA 391 -128.54 -2.46 61.64
N GLY WA 392 -128.92 -3.12 60.54
CA GLY WA 392 -128.59 -2.61 59.23
C GLY WA 392 -127.09 -2.46 59.11
N ASN WA 393 -126.61 -1.23 59.03
CA ASN WA 393 -125.20 -0.95 59.24
C ASN WA 393 -124.99 0.30 60.08
N THR WA 394 -125.94 0.64 60.94
CA THR WA 394 -125.75 1.85 61.73
C THR WA 394 -124.88 1.54 62.96
N LYS WA 395 -125.37 0.71 63.86
CA LYS WA 395 -124.61 0.40 65.07
C LYS WA 395 -123.34 -0.39 64.75
N GLY WA 396 -122.35 -0.28 65.64
CA GLY WA 396 -121.12 -1.05 65.51
C GLY WA 396 -119.83 -0.29 65.74
N GLY WA 397 -119.84 1.01 65.46
CA GLY WA 397 -118.61 1.79 65.37
C GLY WA 397 -118.43 2.84 66.44
N THR WA 398 -117.18 3.15 66.75
CA THR WA 398 -116.84 4.16 67.75
C THR WA 398 -117.53 5.50 67.48
N GLY WA 399 -117.40 6.44 68.40
CA GLY WA 399 -118.41 7.47 68.58
C GLY WA 399 -119.73 6.90 69.06
N GLN WA 400 -120.79 6.94 68.27
CA GLN WA 400 -122.08 6.60 68.84
C GLN WA 400 -122.79 5.46 68.12
N ASP WA 401 -122.45 5.16 66.88
CA ASP WA 401 -123.03 4.01 66.21
C ASP WA 401 -122.27 2.73 66.59
N ALA WA 402 -122.10 2.50 67.88
CA ALA WA 402 -121.26 1.42 68.38
C ALA WA 402 -122.08 0.21 68.81
N PHE WA 403 -121.41 -0.94 68.88
CA PHE WA 403 -122.01 -2.09 69.54
C PHE WA 403 -122.23 -1.74 71.01
N ALA WA 404 -123.49 -1.71 71.43
CA ALA WA 404 -123.80 -1.14 72.74
C ALA WA 404 -123.47 -2.10 73.87
N ALA WA 405 -124.22 -3.22 73.95
CA ALA WA 405 -124.02 -4.20 75.00
C ALA WA 405 -124.97 -5.37 74.75
N GLY WA 406 -124.60 -6.53 75.30
CA GLY WA 406 -125.49 -7.67 75.38
C GLY WA 406 -125.94 -8.25 74.05
N SER WA 407 -125.58 -7.58 72.95
CA SER WA 407 -125.97 -8.03 71.63
C SER WA 407 -125.51 -9.46 71.36
N PHE WA 408 -126.40 -10.25 70.78
CA PHE WA 408 -126.08 -11.63 70.43
C PHE WA 408 -125.14 -11.61 69.24
N VAL WA 409 -123.84 -11.75 69.52
CA VAL WA 409 -122.85 -11.66 68.45
C VAL WA 409 -123.00 -12.82 67.49
N ALA WA 410 -122.92 -14.05 68.00
CA ALA WA 410 -123.04 -15.25 67.19
C ALA WA 410 -123.24 -16.43 68.14
N ALA WA 411 -123.57 -17.57 67.56
CA ALA WA 411 -123.68 -18.81 68.31
C ALA WA 411 -122.82 -19.88 67.66
N GLN WA 412 -122.47 -20.89 68.45
CA GLN WA 412 -121.70 -22.01 67.94
C GLN WA 412 -122.06 -23.25 68.73
N ALA WA 413 -122.37 -24.35 68.04
CA ALA WA 413 -122.79 -25.57 68.73
C ALA WA 413 -122.81 -26.72 67.76
N ALA WA 414 -122.85 -27.93 68.33
CA ALA WA 414 -123.15 -29.15 67.57
C ALA WA 414 -124.63 -29.42 67.76
N TRP WA 415 -125.44 -28.76 66.94
CA TRP WA 415 -126.87 -28.66 67.17
C TRP WA 415 -127.61 -29.98 67.00
N LYS WA 416 -126.97 -31.01 66.47
CA LYS WA 416 -127.64 -32.30 66.34
C LYS WA 416 -127.99 -32.91 67.69
N THR WA 417 -127.41 -32.39 68.78
CA THR WA 417 -127.77 -32.80 70.13
C THR WA 417 -128.03 -31.64 71.08
N ALA WA 418 -127.78 -30.40 70.66
CA ALA WA 418 -127.92 -29.26 71.57
C ALA WA 418 -129.38 -28.83 71.72
N PHE WA 419 -130.16 -28.92 70.64
CA PHE WA 419 -131.54 -28.47 70.66
C PHE WA 419 -132.37 -29.38 69.77
N TYR WA 420 -133.59 -29.68 70.21
CA TYR WA 420 -134.47 -30.58 69.48
C TYR WA 420 -135.81 -29.92 69.23
N ALA WA 421 -136.40 -30.25 68.08
CA ALA WA 421 -137.75 -29.88 67.73
C ALA WA 421 -138.61 -31.13 67.68
N VAL WA 422 -139.89 -30.98 68.04
CA VAL WA 422 -140.83 -32.09 68.08
C VAL WA 422 -142.04 -31.74 67.21
N GLU WA 423 -142.39 -32.64 66.32
CA GLU WA 423 -143.57 -32.51 65.46
C GLU WA 423 -144.62 -33.51 65.90
N LYS WA 424 -145.83 -33.03 66.17
CA LYS WA 424 -146.89 -33.90 66.69
C LYS WA 424 -147.88 -34.32 65.61
N ARG WA 425 -148.45 -33.34 64.89
CA ARG WA 425 -149.40 -33.61 63.84
C ARG WA 425 -149.22 -32.54 62.78
N PRO WA 426 -149.11 -32.91 61.50
CA PRO WA 426 -148.80 -31.93 60.46
C PRO WA 426 -149.91 -30.93 60.23
N MET WA 427 -149.70 -30.02 59.28
CA MET WA 427 -150.63 -28.93 59.05
C MET WA 427 -151.92 -29.45 58.42
N PHE WA 428 -153.05 -29.02 58.97
CA PHE WA 428 -154.36 -29.34 58.41
C PHE WA 428 -155.13 -28.06 58.18
N PHE WA 429 -155.85 -28.02 57.06
CA PHE WA 429 -156.80 -26.98 56.73
C PHE WA 429 -158.16 -27.63 56.47
N GLU WA 430 -159.23 -26.89 56.75
CA GLU WA 430 -160.56 -27.45 56.56
C GLU WA 430 -161.58 -26.34 56.49
N GLN WA 431 -162.68 -26.64 55.80
CA GLN WA 431 -163.85 -25.75 55.76
C GLN WA 431 -164.65 -26.01 57.03
N TYR WA 432 -164.57 -25.10 57.99
CA TYR WA 432 -165.24 -25.28 59.27
C TYR WA 432 -166.74 -25.33 59.09
N GLU WA 433 -167.32 -26.51 59.21
CA GLU WA 433 -168.76 -26.65 59.05
C GLU WA 433 -169.48 -25.97 60.21
N GLY WA 434 -170.64 -25.38 59.91
CA GLY WA 434 -171.33 -24.54 60.85
C GLY WA 434 -170.72 -23.15 60.94
N GLY WA 435 -171.54 -22.19 61.34
CA GLY WA 435 -171.13 -20.81 61.33
C GLY WA 435 -170.93 -20.28 59.93
N SER WA 436 -171.38 -21.04 58.93
CA SER WA 436 -171.26 -20.66 57.53
C SER WA 436 -172.63 -20.79 56.87
N SER WA 437 -173.05 -19.73 56.18
CA SER WA 437 -174.34 -19.70 55.52
C SER WA 437 -174.21 -20.21 54.08
N ALA WA 438 -175.30 -20.13 53.32
CA ALA WA 438 -175.24 -20.38 51.89
C ALA WA 438 -174.60 -19.25 51.13
N TRP WA 439 -174.24 -18.17 51.82
CA TRP WA 439 -173.57 -17.02 51.24
C TRP WA 439 -172.18 -16.79 51.83
N CYS WA 440 -171.86 -17.41 52.95
CA CYS WA 440 -170.59 -17.22 53.63
C CYS WA 440 -169.97 -18.58 53.93
N VAL WA 441 -168.65 -18.64 53.88
CA VAL WA 441 -167.91 -19.86 54.15
C VAL WA 441 -166.77 -19.53 55.10
N LYS WA 442 -166.63 -20.33 56.15
CA LYS WA 442 -165.61 -20.14 57.16
C LYS WA 442 -164.63 -21.30 57.13
N TYR WA 443 -163.33 -20.98 57.24
CA TYR WA 443 -162.27 -21.97 57.24
C TYR WA 443 -161.50 -21.93 58.55
N GLN WA 444 -160.97 -23.09 58.93
CA GLN WA 444 -160.17 -23.25 60.14
C GLN WA 444 -159.03 -24.22 59.87
N PHE WA 445 -157.90 -23.98 60.51
CA PHE WA 445 -156.68 -24.74 60.27
C PHE WA 445 -155.84 -24.78 61.52
N GLY WA 446 -154.83 -25.65 61.52
CA GLY WA 446 -153.88 -25.70 62.61
C GLY WA 446 -152.88 -26.81 62.43
N ALA WA 447 -152.06 -26.98 63.47
CA ALA WA 447 -151.11 -28.10 63.58
C ALA WA 447 -150.50 -28.07 64.99
N GLU WA 448 -149.58 -29.00 65.24
CA GLU WA 448 -149.00 -29.17 66.58
C GLU WA 448 -147.49 -29.39 66.47
N ASP WA 449 -146.73 -28.50 67.12
CA ASP WA 449 -145.28 -28.59 67.14
C ASP WA 449 -144.75 -28.03 68.45
N GLY WA 450 -143.47 -28.23 68.68
CA GLY WA 450 -142.82 -27.69 69.85
C GLY WA 450 -141.32 -27.83 69.74
N GLY WA 451 -140.63 -27.38 70.79
CA GLY WA 451 -139.19 -27.48 70.81
C GLY WA 451 -138.60 -27.31 72.19
N PHE WA 452 -137.47 -27.97 72.44
CA PHE WA 452 -136.78 -27.89 73.71
C PHE WA 452 -135.28 -27.90 73.48
N VAL WA 453 -134.54 -27.57 74.52
CA VAL WA 453 -133.08 -27.58 74.49
C VAL WA 453 -132.58 -28.87 75.12
N GLY WA 454 -131.58 -29.48 74.51
CA GLY WA 454 -130.95 -30.64 75.08
C GLY WA 454 -129.97 -30.24 76.16
N CYS WA 455 -128.80 -30.88 76.21
CA CYS WA 455 -127.74 -30.44 77.10
C CYS WA 455 -127.14 -29.18 76.52
N CYS WA 456 -127.47 -28.04 77.10
CA CYS WA 456 -127.01 -26.78 76.53
C CYS WA 456 -125.57 -26.48 76.83
N GLU WA 457 -124.79 -27.45 77.32
CA GLU WA 457 -123.35 -27.29 77.47
C GLU WA 457 -122.60 -27.67 76.19
N HIS WA 458 -123.29 -27.72 75.05
CA HIS WA 458 -122.70 -28.06 73.77
C HIS WA 458 -122.62 -26.85 72.84
N GLY WA 459 -122.72 -25.64 73.38
CA GLY WA 459 -122.71 -24.46 72.53
C GLY WA 459 -122.31 -23.23 73.31
N ARG WA 460 -121.63 -22.32 72.63
CA ARG WA 460 -121.24 -21.03 73.16
C ARG WA 460 -121.99 -19.93 72.45
N ILE WA 461 -122.39 -18.91 73.20
CA ILE WA 461 -123.15 -17.77 72.69
C ILE WA 461 -122.31 -16.54 72.94
N LEU WA 462 -121.75 -15.97 71.87
CA LEU WA 462 -120.86 -14.83 72.03
C LEU WA 462 -121.67 -13.56 72.27
N GLN WA 463 -121.20 -12.75 73.22
CA GLN WA 463 -121.89 -11.53 73.61
C GLN WA 463 -120.87 -10.41 73.70
N ILE WA 464 -121.31 -9.25 74.19
CA ILE WA 464 -120.44 -8.09 74.31
C ILE WA 464 -119.79 -8.05 75.69
N MET XA 1 -173.38 -3.68 46.61
CA MET XA 1 -172.10 -4.37 46.56
C MET XA 1 -170.99 -3.40 46.15
N ASN XA 2 -170.84 -2.33 46.93
CA ASN XA 2 -169.82 -1.33 46.64
C ASN XA 2 -168.44 -1.88 46.96
N PHE XA 3 -167.52 -1.77 46.01
CA PHE XA 3 -166.17 -2.25 46.20
C PHE XA 3 -165.35 -1.28 47.05
N ASN XA 4 -164.14 -1.69 47.40
CA ASN XA 4 -163.21 -0.84 48.13
C ASN XA 4 -162.63 0.16 47.14
N VAL XA 5 -163.42 1.17 46.83
CA VAL XA 5 -163.04 2.16 45.82
C VAL XA 5 -162.36 3.35 46.50
N GLY XA 6 -162.04 3.21 47.78
CA GLY XA 6 -161.17 4.17 48.43
C GLY XA 6 -159.80 4.11 47.80
N VAL XA 7 -159.08 3.00 48.04
CA VAL XA 7 -158.01 2.64 47.13
C VAL XA 7 -158.65 2.35 45.77
N ASP XA 8 -157.84 2.39 44.71
CA ASP XA 8 -158.40 2.27 43.37
C ASP XA 8 -159.36 3.41 43.08
N PHE XA 9 -158.81 4.58 42.73
CA PHE XA 9 -159.47 5.89 42.54
C PHE XA 9 -159.85 6.58 43.85
N PRO XA 10 -158.87 7.00 44.66
CA PRO XA 10 -159.18 7.86 45.81
C PRO XA 10 -159.47 9.29 45.41
N SER XA 11 -159.52 10.17 46.40
CA SER XA 11 -159.81 11.58 46.14
C SER XA 11 -159.44 12.42 47.33
N PHE XA 12 -159.24 13.71 47.11
CA PHE XA 12 -158.81 14.58 48.18
C PHE XA 12 -159.37 15.98 48.04
N ILE XA 13 -159.69 16.60 49.15
CA ILE XA 13 -160.28 17.92 49.12
C ILE XA 13 -159.36 18.90 48.45
N ALA XA 14 -159.87 19.62 47.47
CA ALA XA 14 -159.05 20.59 46.78
C ALA XA 14 -159.35 21.97 47.29
N TRP XA 15 -160.36 22.59 46.71
CA TRP XA 15 -160.76 23.93 47.13
C TRP XA 15 -162.03 23.80 47.95
N ASP XA 16 -161.92 24.12 49.25
CA ASP XA 16 -163.05 23.97 50.16
C ASP XA 16 -164.04 25.13 50.05
N GLY XA 17 -163.55 26.32 49.74
CA GLY XA 17 -164.40 27.50 49.76
C GLY XA 17 -163.79 28.61 50.59
N GLU XA 18 -162.75 28.29 51.34
CA GLU XA 18 -162.04 29.26 52.16
C GLU XA 18 -160.54 29.30 51.88
N GLU XA 19 -159.94 28.15 51.58
CA GLU XA 19 -158.49 28.08 51.39
C GLU XA 19 -158.16 26.90 50.50
N SER XA 20 -157.22 27.09 49.59
CA SER XA 20 -156.82 26.04 48.66
C SER XA 20 -156.03 24.96 49.40
N PHE XA 21 -155.73 23.88 48.68
CA PHE XA 21 -154.99 22.76 49.25
C PHE XA 21 -154.12 22.09 48.20
N PRO XA 22 -152.79 22.16 48.32
CA PRO XA 22 -151.94 21.43 47.39
C PRO XA 22 -152.07 19.93 47.61
N VAL XA 23 -152.30 19.20 46.53
CA VAL XA 23 -152.53 17.76 46.57
C VAL XA 23 -151.46 17.07 45.74
N LYS XA 24 -150.85 16.03 46.30
CA LYS XA 24 -149.83 15.29 45.58
C LYS XA 24 -150.43 14.54 44.41
N VAL XA 25 -149.76 14.60 43.26
CA VAL XA 25 -150.21 13.89 42.07
C VAL XA 25 -149.04 13.11 41.49
N ASP XA 26 -147.91 13.20 42.16
CA ASP XA 26 -146.78 12.48 41.70
C ASP XA 26 -147.23 11.08 41.85
N GLY XA 27 -148.01 10.86 42.89
CA GLY XA 27 -148.45 9.53 43.18
C GLY XA 27 -149.00 8.81 42.00
N PHE XA 28 -149.86 9.47 41.25
CA PHE XA 28 -150.48 8.73 40.18
C PHE XA 28 -150.22 9.32 38.83
N ASN XA 29 -150.94 8.84 37.84
CA ASN XA 29 -150.67 9.26 36.47
C ASN XA 29 -151.85 9.84 35.71
N GLN XA 30 -153.08 9.68 36.20
CA GLN XA 30 -154.23 10.35 35.60
C GLN XA 30 -155.12 10.87 36.71
N PHE XA 31 -155.52 12.14 36.59
CA PHE XA 31 -156.32 12.79 37.63
C PHE XA 31 -157.30 13.74 36.96
N GLY XA 32 -158.30 14.15 37.73
CA GLY XA 32 -159.33 15.03 37.21
C GLY XA 32 -160.09 15.72 38.32
N PHE XA 33 -160.74 16.82 37.95
CA PHE XA 33 -161.47 17.66 38.88
C PHE XA 33 -162.94 17.33 38.88
N THR XA 34 -163.59 17.65 40.00
CA THR XA 34 -165.04 17.58 40.14
C THR XA 34 -165.44 18.85 40.89
N PHE XA 35 -166.13 19.74 40.19
CA PHE XA 35 -166.65 20.97 40.75
C PHE XA 35 -168.10 20.78 41.19
N LYS XA 36 -168.49 21.53 42.23
CA LYS XA 36 -169.84 21.44 42.76
C LYS XA 36 -170.23 22.78 43.35
N THR XA 37 -171.50 23.13 43.20
CA THR XA 37 -172.06 24.32 43.84
C THR XA 37 -172.79 23.91 45.12
N ILE XA 38 -172.94 24.89 46.01
CA ILE XA 38 -173.66 24.66 47.26
C ILE XA 38 -174.95 25.46 47.35
N ALA XA 39 -175.11 26.51 46.55
CA ALA XA 39 -176.33 27.32 46.54
C ALA XA 39 -176.40 28.05 45.20
N ALA XA 40 -177.28 29.04 45.11
CA ALA XA 40 -177.35 29.86 43.92
C ALA XA 40 -176.07 30.68 43.76
N LEU XA 41 -175.78 31.04 42.51
CA LEU XA 41 -174.55 31.73 42.18
C LEU XA 41 -174.82 33.13 41.67
N THR XA 42 -173.76 33.79 41.23
CA THR XA 42 -173.82 35.11 40.60
C THR XA 42 -172.89 35.04 39.39
N ALA XA 43 -172.50 36.19 38.85
CA ALA XA 43 -171.64 36.27 37.67
C ALA XA 43 -170.58 35.19 37.66
N ALA XA 44 -170.48 34.49 36.53
CA ALA XA 44 -169.70 33.25 36.42
C ALA XA 44 -168.32 33.37 37.07
N THR XA 45 -167.92 32.30 37.74
CA THR XA 45 -166.68 32.30 38.51
C THR XA 45 -165.50 31.94 37.63
N THR XA 46 -164.32 32.38 38.06
CA THR XA 46 -163.08 32.11 37.34
C THR XA 46 -162.06 31.53 38.32
N PHE XA 47 -161.38 30.47 37.90
CA PHE XA 47 -160.40 29.79 38.74
C PHE XA 47 -159.09 29.66 37.98
N ASN XA 48 -158.00 30.07 38.62
CA ASN XA 48 -156.66 29.90 38.09
C ASN XA 48 -156.04 28.64 38.67
N ILE XA 49 -155.17 28.01 37.88
CA ILE XA 49 -154.53 26.77 38.26
C ILE XA 49 -153.06 27.03 38.52
N PHE XA 50 -152.52 26.32 39.51
CA PHE XA 50 -151.14 26.48 39.92
C PHE XA 50 -150.52 25.11 40.14
N TYR XA 51 -149.21 25.03 39.95
CA TYR XA 51 -148.46 23.81 40.17
C TYR XA 51 -147.30 24.11 41.12
N HIS XA 52 -146.93 23.09 41.90
CA HIS XA 52 -145.82 23.19 42.83
C HIS XA 52 -144.76 22.15 42.50
N GLU XA 53 -143.55 22.41 42.95
CA GLU XA 53 -142.40 21.54 42.79
C GLU XA 53 -141.84 21.20 44.16
N PRO XA 54 -141.05 20.12 44.29
CA PRO XA 54 -140.53 19.76 45.61
C PRO XA 54 -139.64 20.84 46.18
N SER XA 55 -140.08 21.45 47.28
CA SER XA 55 -139.30 22.49 47.92
C SER XA 55 -137.97 21.93 48.40
N ASP XA 56 -136.95 22.78 48.45
CA ASP XA 56 -135.62 22.34 48.86
C ASP XA 56 -135.57 21.96 50.33
N ALA XA 57 -136.61 22.32 51.07
CA ALA XA 57 -136.69 21.86 52.43
C ALA XA 57 -137.22 20.47 52.35
N ASP XA 58 -138.41 20.27 52.91
CA ASP XA 58 -139.02 18.97 52.82
C ASP XA 58 -138.97 18.60 51.38
N PRO XA 59 -138.33 17.48 51.10
CA PRO XA 59 -138.37 17.04 49.72
C PRO XA 59 -139.77 16.56 49.42
N CYS XA 60 -140.76 17.10 50.11
CA CYS XA 60 -142.14 16.75 49.82
C CYS XA 60 -143.09 17.84 50.17
N VAL XA 61 -142.59 19.04 50.37
CA VAL XA 61 -143.53 20.12 50.58
C VAL XA 61 -143.72 20.76 49.24
N PRO XA 62 -144.95 20.77 48.77
CA PRO XA 62 -145.15 21.50 47.53
C PRO XA 62 -144.40 22.81 47.66
N GLY XA 63 -143.59 23.15 46.68
CA GLY XA 63 -142.84 24.38 46.73
C GLY XA 63 -143.71 25.59 46.51
N PRO XA 64 -143.18 26.59 45.79
CA PRO XA 64 -143.98 27.79 45.50
C PRO XA 64 -145.23 27.46 44.69
N ALA XA 65 -146.03 28.48 44.40
CA ALA XA 65 -147.26 28.32 43.64
C ALA XA 65 -147.05 28.97 42.26
N ILE XA 66 -146.58 28.16 41.31
CA ILE XA 66 -146.36 28.61 39.95
C ILE XA 66 -147.54 28.15 39.10
N ARG XA 67 -147.84 28.91 38.06
CA ARG XA 67 -149.03 28.70 37.25
C ARG XA 67 -148.74 27.78 36.08
N VAL XA 68 -149.56 26.76 35.91
CA VAL XA 68 -149.42 25.83 34.78
C VAL XA 68 -149.78 26.54 33.49
N PRO XA 69 -149.01 26.38 32.43
CA PRO XA 69 -149.33 27.05 31.16
C PRO XA 69 -150.47 26.35 30.42
N GLU XA 70 -150.95 27.02 29.37
CA GLU XA 70 -152.06 26.52 28.56
C GLU XA 70 -151.55 25.87 27.29
N VAL XA 71 -152.15 24.74 26.94
CA VAL XA 71 -151.80 24.01 25.72
C VAL XA 71 -153.06 23.80 24.89
N PRO XA 72 -153.00 24.05 23.58
CA PRO XA 72 -154.18 23.85 22.74
C PRO XA 72 -154.25 22.46 22.13
N PHE XA 73 -155.47 22.04 21.82
CA PHE XA 73 -155.75 20.79 21.13
C PHE XA 73 -155.70 21.05 19.63
N CYS XA 74 -156.19 20.11 18.82
CA CYS XA 74 -156.14 20.26 17.37
C CYS XA 74 -156.94 21.48 16.91
N ASP XA 75 -158.02 21.68 17.63
CA ASP XA 75 -158.89 22.73 17.27
C ASP XA 75 -159.19 23.51 18.49
N THR XA 76 -158.35 23.38 19.52
CA THR XA 76 -158.56 24.20 20.68
C THR XA 76 -158.92 25.49 20.09
N VAL XA 77 -158.03 25.96 19.23
CA VAL XA 77 -158.28 27.18 18.54
C VAL XA 77 -159.18 28.08 19.36
N LEU XA 78 -158.59 28.74 20.34
CA LEU XA 78 -159.32 29.67 21.16
C LEU XA 78 -158.28 29.97 22.15
N LEU XA 79 -157.78 31.19 22.16
CA LEU XA 79 -156.65 31.38 23.06
C LEU XA 79 -156.81 32.60 23.96
N SER XA 80 -156.55 32.40 25.25
CA SER XA 80 -156.59 33.48 26.22
C SER XA 80 -155.47 34.48 25.93
N GLU XA 81 -155.47 35.56 26.70
CA GLU XA 81 -154.44 36.59 26.57
C GLU XA 81 -153.05 36.00 26.72
N ASP XA 82 -152.76 35.44 27.89
CA ASP XA 82 -151.54 34.69 28.13
C ASP XA 82 -151.81 33.21 27.85
N GLY XA 83 -150.94 32.34 28.36
CA GLY XA 83 -151.24 30.92 28.34
C GLY XA 83 -151.95 30.60 29.63
N LEU XA 84 -151.28 29.89 30.54
CA LEU XA 84 -151.74 29.76 31.93
C LEU XA 84 -153.16 29.22 31.99
N ALA XA 85 -153.30 27.98 31.56
CA ALA XA 85 -154.60 27.32 31.48
C ALA XA 85 -155.39 27.49 32.76
N ALA XA 86 -156.52 28.17 32.66
CA ALA XA 86 -157.43 28.40 33.77
C ALA XA 86 -158.79 27.79 33.40
N VAL XA 87 -159.79 28.04 34.24
CA VAL XA 87 -161.13 27.55 33.99
C VAL XA 87 -162.13 28.62 34.41
N THR XA 88 -163.31 28.57 33.81
CA THR XA 88 -164.40 29.48 34.15
C THR XA 88 -165.66 28.66 34.36
N LEU XA 89 -166.16 28.64 35.59
CA LEU XA 89 -167.41 27.97 35.88
C LEU XA 89 -168.56 28.90 35.52
N PRO XA 90 -169.34 28.56 34.50
CA PRO XA 90 -170.48 29.41 34.12
C PRO XA 90 -171.55 29.36 35.18
N GLU XA 91 -172.21 30.50 35.38
CA GLU XA 91 -173.25 30.60 36.39
C GLU XA 91 -174.52 29.92 35.88
N THR XA 92 -175.61 30.10 36.62
CA THR XA 92 -176.87 29.41 36.35
C THR XA 92 -176.68 27.91 36.37
N VAL XA 93 -176.20 27.43 37.52
CA VAL XA 93 -175.96 26.01 37.75
C VAL XA 93 -176.46 25.66 39.15
N THR XA 94 -177.29 24.63 39.24
CA THR XA 94 -177.92 24.26 40.49
C THR XA 94 -177.09 23.22 41.23
N PRO XA 95 -177.20 23.18 42.56
CA PRO XA 95 -176.51 22.11 43.30
C PRO XA 95 -177.13 20.74 43.10
N ASP XA 96 -177.28 20.34 41.83
CA ASP XA 96 -177.74 19.00 41.50
C ASP XA 96 -176.95 18.41 40.34
N SER XA 97 -176.02 19.16 39.76
CA SER XA 97 -175.16 18.66 38.70
C SER XA 97 -173.73 19.11 38.99
N PHE XA 98 -172.77 18.45 38.36
CA PHE XA 98 -171.36 18.66 38.62
C PHE XA 98 -170.63 19.05 37.34
N CYS XA 99 -169.44 19.63 37.52
CA CYS XA 99 -168.57 19.97 36.41
C CYS XA 99 -167.31 19.12 36.48
N ALA XA 100 -166.80 18.73 35.32
CA ALA XA 100 -165.67 17.80 35.22
C ALA XA 100 -164.57 18.44 34.38
N GLY XA 101 -163.61 19.07 35.04
CA GLY XA 101 -162.46 19.65 34.38
C GLY XA 101 -161.23 18.79 34.55
N THR XA 102 -160.31 18.89 33.58
CA THR XA 102 -159.06 18.13 33.63
C THR XA 102 -158.06 18.78 32.68
N VAL XA 103 -156.91 19.15 33.20
CA VAL XA 103 -155.85 19.71 32.37
C VAL XA 103 -155.11 18.56 31.67
N PRO XA 104 -154.92 18.63 30.35
CA PRO XA 104 -154.29 17.48 29.68
C PRO XA 104 -152.80 17.35 29.96
N CYS XA 105 -152.10 18.44 30.18
CA CYS XA 105 -150.66 18.43 30.38
C CYS XA 105 -150.33 18.88 31.80
N MET XA 106 -149.60 18.03 32.53
CA MET XA 106 -149.23 18.32 33.91
C MET XA 106 -147.74 18.64 33.99
N ASN XA 107 -147.37 19.34 35.06
CA ASN XA 107 -145.96 19.63 35.32
C ASN XA 107 -145.83 19.94 36.81
N GLY XA 108 -145.19 19.04 37.56
CA GLY XA 108 -145.00 19.22 38.98
C GLY XA 108 -145.54 18.02 39.73
N GLN XA 109 -145.76 18.22 41.04
CA GLN XA 109 -146.27 17.17 41.90
C GLN XA 109 -147.43 17.62 42.76
N TRP XA 110 -147.81 18.88 42.72
CA TRP XA 110 -148.89 19.40 43.55
C TRP XA 110 -149.73 20.36 42.72
N ILE XA 111 -150.94 19.94 42.37
CA ILE XA 111 -151.89 20.82 41.70
C ILE XA 111 -152.62 21.66 42.74
N SER XA 112 -153.02 22.86 42.36
CA SER XA 112 -153.78 23.72 43.25
C SER XA 112 -154.67 24.63 42.42
N ILE XA 113 -155.81 25.03 43.01
CA ILE XA 113 -156.75 25.91 42.36
C ILE XA 113 -156.95 27.14 43.24
N ALA XA 114 -157.08 28.30 42.61
CA ALA XA 114 -157.27 29.54 43.33
C ALA XA 114 -158.40 30.34 42.68
N PRO XA 115 -159.24 30.98 43.47
CA PRO XA 115 -160.30 31.83 42.90
C PRO XA 115 -159.68 33.07 42.27
N ALA XA 116 -159.84 33.20 40.95
CA ALA XA 116 -159.35 34.36 40.24
C ALA XA 116 -160.04 35.62 40.75
N THR XA 117 -159.39 36.76 40.51
CA THR XA 117 -159.91 38.04 40.98
C THR XA 117 -161.30 38.30 40.41
N GLY XA 118 -162.12 38.99 41.19
CA GLY XA 118 -163.49 39.23 40.80
C GLY XA 118 -164.38 38.01 40.84
N SER XA 119 -163.96 36.95 41.55
CA SER XA 119 -164.76 35.74 41.68
C SER XA 119 -164.77 35.17 43.08
N GLU XA 120 -163.86 35.57 43.97
CA GLU XA 120 -163.73 34.99 45.30
C GLU XA 120 -165.06 34.98 46.04
N THR XA 121 -165.75 36.13 46.06
CA THR XA 121 -167.05 36.22 46.70
C THR XA 121 -168.02 35.19 46.13
N ASN XA 122 -168.08 35.09 44.81
CA ASN XA 122 -168.93 34.09 44.18
C ASN XA 122 -168.32 32.70 44.24
N ALA XA 123 -167.00 32.59 44.47
CA ALA XA 123 -166.37 31.29 44.57
C ALA XA 123 -166.52 30.68 45.97
N ALA XA 124 -166.91 31.48 46.96
CA ALA XA 124 -167.09 30.96 48.31
C ALA XA 124 -168.14 29.86 48.37
N ASN XA 125 -169.05 29.80 47.40
CA ASN XA 125 -170.08 28.77 47.33
C ASN XA 125 -169.67 27.63 46.39
N VAL XA 126 -168.38 27.46 46.14
CA VAL XA 126 -167.88 26.44 45.23
C VAL XA 126 -167.05 25.43 46.01
N GLN XA 127 -167.24 24.16 45.71
CA GLN XA 127 -166.50 23.07 46.32
C GLN XA 127 -165.85 22.27 45.20
N ILE XA 128 -164.52 22.25 45.18
CA ILE XA 128 -163.77 21.56 44.13
C ILE XA 128 -162.94 20.47 44.77
N THR XA 129 -162.94 19.28 44.16
CA THR XA 129 -162.03 18.24 44.61
C THR XA 129 -161.44 17.52 43.42
N VAL XA 130 -160.40 16.74 43.68
CA VAL XA 130 -159.65 16.05 42.63
C VAL XA 130 -159.58 14.57 42.96
N THR XA 131 -159.69 13.73 41.93
CA THR XA 131 -159.56 12.29 42.09
C THR XA 131 -158.62 11.76 41.02
N MET XA 132 -157.84 10.75 41.40
CA MET XA 132 -156.86 10.16 40.49
C MET XA 132 -157.37 8.85 39.92
N LYS XA 133 -156.61 8.31 38.98
CA LYS XA 133 -157.01 7.11 38.24
C LYS XA 133 -156.07 5.95 38.44
N GLY XA 134 -154.76 6.18 38.40
CA GLY XA 134 -153.79 5.11 38.52
C GLY XA 134 -153.31 4.91 39.94
N ALA XA 135 -152.34 4.01 40.08
CA ALA XA 135 -151.62 3.81 41.34
C ALA XA 135 -150.13 4.14 41.20
N THR XA 136 -149.46 3.54 40.21
CA THR XA 136 -148.11 3.91 39.76
C THR XA 136 -147.15 4.24 40.92
N ARG XA 137 -147.11 3.33 41.89
CA ARG XA 137 -146.23 3.47 43.06
C ARG XA 137 -144.82 3.02 42.72
N MET YA 1 -151.62 12.82 29.91
CA MET YA 1 -152.64 12.01 29.26
C MET YA 1 -153.76 11.74 30.26
N ASN YA 2 -153.76 12.51 31.34
CA ASN YA 2 -154.77 12.35 32.38
C ASN YA 2 -156.16 12.60 31.82
N PHE YA 3 -156.98 11.55 31.78
CA PHE YA 3 -158.33 11.66 31.25
C PHE YA 3 -159.22 12.43 32.23
N ASN YA 4 -160.33 12.94 31.72
CA ASN YA 4 -161.28 13.65 32.55
C ASN YA 4 -162.03 12.68 33.43
N VAL YA 5 -161.47 12.37 34.60
CA VAL YA 5 -162.09 11.40 35.50
C VAL YA 5 -163.07 12.11 36.42
N GLY YA 6 -163.38 13.37 36.11
CA GLY YA 6 -164.46 14.06 36.79
C GLY YA 6 -165.76 13.32 36.57
N VAL YA 7 -166.26 13.32 35.34
CA VAL YA 7 -167.23 12.31 34.97
C VAL YA 7 -166.52 10.96 35.02
N ASP YA 8 -167.31 9.89 35.15
CA ASP YA 8 -166.70 8.56 35.25
C ASP YA 8 -165.82 8.45 36.49
N PHE YA 9 -166.46 8.27 37.66
CA PHE YA 9 -165.93 8.29 39.02
C PHE YA 9 -165.69 9.70 39.54
N PRO YA 10 -166.76 10.49 39.75
CA PRO YA 10 -166.60 11.81 40.39
C PRO YA 10 -166.27 11.71 41.88
N SER YA 11 -166.17 12.87 42.54
CA SER YA 11 -165.82 12.94 43.94
C SER YA 11 -166.44 14.18 44.56
N PHE YA 12 -166.72 14.12 45.85
CA PHE YA 12 -167.34 15.22 46.56
C PHE YA 12 -166.83 15.27 48.00
N ILE YA 13 -166.87 16.47 48.58
CA ILE YA 13 -166.44 16.65 49.97
C ILE YA 13 -167.48 16.07 50.91
N ALA YA 14 -167.03 15.25 51.85
CA ALA YA 14 -167.88 14.69 52.88
C ALA YA 14 -167.75 15.40 54.22
N TRP YA 15 -166.52 15.81 54.58
CA TRP YA 15 -166.26 16.40 55.88
C TRP YA 15 -165.04 17.29 55.75
N ASP YA 16 -165.23 18.60 55.90
CA ASP YA 16 -164.15 19.57 55.79
C ASP YA 16 -163.44 19.82 57.12
N GLY YA 17 -164.06 19.47 58.24
CA GLY YA 17 -163.54 19.80 59.55
C GLY YA 17 -164.41 20.76 60.33
N GLU YA 18 -165.47 21.29 59.72
CA GLU YA 18 -166.33 22.24 60.40
C GLU YA 18 -167.79 21.81 60.37
N GLU YA 19 -168.21 21.15 59.29
CA GLU YA 19 -169.60 20.75 59.15
C GLU YA 19 -169.70 19.63 58.13
N SER YA 20 -170.80 18.89 58.21
CA SER YA 20 -171.07 17.79 57.30
C SER YA 20 -171.78 18.29 56.04
N PHE YA 21 -171.86 17.41 55.04
CA PHE YA 21 -172.49 17.73 53.77
C PHE YA 21 -173.14 16.48 53.22
N PRO YA 22 -174.44 16.31 53.43
CA PRO YA 22 -175.13 15.15 52.87
C PRO YA 22 -175.06 15.15 51.36
N VAL YA 23 -174.66 14.00 50.79
CA VAL YA 23 -174.42 13.87 49.36
C VAL YA 23 -175.30 12.75 48.80
N LYS YA 24 -175.92 13.01 47.66
CA LYS YA 24 -176.78 12.02 47.03
C LYS YA 24 -175.95 10.90 46.41
N VAL YA 25 -176.49 9.68 46.48
CA VAL YA 25 -175.82 8.51 45.95
C VAL YA 25 -176.79 7.72 45.08
N ASP YA 26 -177.89 8.36 44.69
CA ASP YA 26 -178.92 7.66 43.92
C ASP YA 26 -178.41 7.26 42.54
N GLY YA 27 -177.89 8.21 41.78
CA GLY YA 27 -177.44 7.94 40.43
C GLY YA 27 -176.34 6.92 40.32
N PHE YA 28 -175.65 6.63 41.42
CA PHE YA 28 -174.53 5.71 41.43
C PHE YA 28 -174.92 4.43 42.18
N ASN YA 29 -174.28 3.32 41.79
CA ASN YA 29 -174.56 2.03 42.39
C ASN YA 29 -173.47 1.53 43.32
N GLN YA 30 -172.29 2.16 43.33
CA GLN YA 30 -171.23 1.82 44.26
C GLN YA 30 -170.53 3.11 44.68
N PHE YA 31 -169.86 3.07 45.83
CA PHE YA 31 -169.21 4.26 46.38
C PHE YA 31 -168.25 3.85 47.48
N GLY YA 32 -167.42 4.82 47.89
CA GLY YA 32 -166.42 4.58 48.92
C GLY YA 32 -165.92 5.89 49.48
N PHE YA 33 -165.20 5.79 50.59
CA PHE YA 33 -164.74 6.96 51.32
C PHE YA 33 -163.23 7.14 51.15
N THR YA 34 -162.79 8.33 51.55
CA THR YA 34 -161.39 8.66 51.49
C THR YA 34 -161.11 9.58 52.66
N PHE YA 35 -160.06 9.31 53.42
CA PHE YA 35 -159.69 10.10 54.59
C PHE YA 35 -158.28 10.65 54.40
N LYS YA 36 -158.05 11.86 54.92
CA LYS YA 36 -156.76 12.51 54.79
C LYS YA 36 -156.44 13.29 56.06
N THR YA 37 -155.16 13.29 56.44
CA THR YA 37 -154.70 13.99 57.64
C THR YA 37 -154.01 15.28 57.24
N ILE YA 38 -154.23 16.33 58.03
CA ILE YA 38 -153.56 17.60 57.83
C ILE YA 38 -152.53 17.89 58.91
N ALA YA 39 -152.60 17.24 60.07
CA ALA YA 39 -151.64 17.45 61.14
C ALA YA 39 -151.75 16.29 62.12
N ALA YA 40 -150.65 15.99 62.80
CA ALA YA 40 -150.62 14.90 63.76
C ALA YA 40 -151.68 15.12 64.84
N LEU YA 41 -152.40 14.06 65.17
CA LEU YA 41 -153.55 14.12 66.06
C LEU YA 41 -153.27 13.37 67.35
N THR YA 42 -154.10 13.61 68.36
CA THR YA 42 -153.84 13.17 69.72
C THR YA 42 -154.46 11.82 70.03
N ALA YA 43 -155.61 11.50 69.45
CA ALA YA 43 -156.30 10.26 69.74
C ALA YA 43 -156.79 9.62 68.46
N ALA YA 44 -157.22 8.36 68.58
CA ALA YA 44 -157.84 7.65 67.46
C ALA YA 44 -159.23 8.22 67.23
N THR YA 45 -159.34 9.19 66.32
CA THR YA 45 -160.60 9.90 66.14
C THR YA 45 -161.69 8.97 65.64
N THR YA 46 -162.89 9.16 66.17
CA THR YA 46 -164.05 8.35 65.86
C THR YA 46 -165.08 9.16 65.09
N PHE YA 47 -165.85 8.47 64.24
CA PHE YA 47 -166.86 9.12 63.42
C PHE YA 47 -168.12 8.27 63.39
N ASN YA 48 -169.26 8.95 63.41
CA ASN YA 48 -170.57 8.32 63.27
C ASN YA 48 -171.07 8.51 61.85
N ILE YA 49 -171.68 7.44 61.31
CA ILE YA 49 -172.22 7.44 59.96
C ILE YA 49 -173.73 7.58 60.03
N PHE YA 50 -174.30 8.33 59.09
CA PHE YA 50 -175.74 8.51 59.03
C PHE YA 50 -176.18 8.47 57.57
N TYR YA 51 -177.42 8.06 57.35
CA TYR YA 51 -178.04 8.09 56.04
C TYR YA 51 -179.35 8.85 56.12
N HIS YA 52 -179.62 9.64 55.09
CA HIS YA 52 -180.82 10.45 55.02
C HIS YA 52 -181.84 9.79 54.09
N GLU YA 53 -182.98 10.46 53.95
CA GLU YA 53 -184.07 10.01 53.10
C GLU YA 53 -184.62 11.22 52.37
N PRO YA 54 -185.25 11.02 51.21
CA PRO YA 54 -185.90 12.15 50.53
C PRO YA 54 -187.02 12.72 51.39
N SER YA 55 -186.83 13.95 51.88
CA SER YA 55 -187.84 14.56 52.72
C SER YA 55 -189.10 14.83 51.93
N ASP YA 56 -190.26 14.46 52.49
CA ASP YA 56 -191.51 14.60 51.76
C ASP YA 56 -191.94 16.04 51.58
N ALA YA 57 -191.28 17.00 52.25
CA ALA YA 57 -191.56 18.40 51.99
C ALA YA 57 -191.04 18.82 50.62
N ASP YA 58 -189.93 18.22 50.17
CA ASP YA 58 -189.36 18.47 48.87
C ASP YA 58 -188.52 17.27 48.44
N PRO YA 59 -188.93 16.54 47.40
CA PRO YA 59 -188.17 15.33 47.03
C PRO YA 59 -186.90 15.65 46.26
N CYS YA 60 -186.16 16.64 46.72
CA CYS YA 60 -184.82 16.95 46.26
C CYS YA 60 -183.85 17.15 47.41
N VAL YA 61 -184.30 17.72 48.51
CA VAL YA 61 -183.49 17.94 49.70
C VAL YA 61 -183.59 16.70 50.60
N PRO YA 62 -182.49 16.22 51.15
CA PRO YA 62 -182.57 15.06 52.04
C PRO YA 62 -183.30 15.39 53.33
N GLY YA 63 -183.82 14.34 53.96
CA GLY YA 63 -184.48 14.47 55.24
C GLY YA 63 -183.51 14.38 56.39
N PRO YA 64 -184.00 13.99 57.56
CA PRO YA 64 -183.12 13.87 58.73
C PRO YA 64 -182.12 12.73 58.55
N ALA YA 65 -181.16 12.70 59.48
CA ALA YA 65 -180.09 11.71 59.46
C ALA YA 65 -180.41 10.58 60.42
N ILE YA 66 -180.32 9.35 59.92
CA ILE YA 66 -180.57 8.14 60.71
C ILE YA 66 -179.29 7.33 60.76
N ARG YA 67 -179.03 6.72 61.91
CA ARG YA 67 -177.87 5.85 62.04
C ARG YA 67 -178.08 4.57 61.25
N VAL YA 68 -177.06 4.18 60.49
CA VAL YA 68 -177.18 3.07 59.55
C VAL YA 68 -176.83 1.75 60.23
N PRO YA 69 -177.62 0.70 60.02
CA PRO YA 69 -177.33 -0.61 60.63
C PRO YA 69 -176.30 -1.43 59.87
N GLU YA 70 -175.02 -1.25 60.17
CA GLU YA 70 -173.98 -2.08 59.57
C GLU YA 70 -174.27 -3.56 59.82
N VAL YA 71 -174.14 -4.36 58.77
CA VAL YA 71 -174.25 -5.80 58.86
C VAL YA 71 -172.85 -6.37 59.01
N PRO YA 72 -172.58 -7.19 60.03
CA PRO YA 72 -171.23 -7.71 60.22
C PRO YA 72 -170.90 -8.83 59.25
N PHE YA 73 -169.61 -8.95 58.94
CA PHE YA 73 -169.17 -10.02 58.07
C PHE YA 73 -169.28 -11.35 58.80
N CYS YA 74 -169.09 -12.43 58.04
CA CYS YA 74 -169.32 -13.76 58.60
C CYS YA 74 -168.35 -14.09 59.72
N ASP YA 75 -167.18 -13.46 59.76
CA ASP YA 75 -166.25 -13.72 60.86
C ASP YA 75 -165.86 -12.43 61.53
N THR YA 76 -166.79 -11.47 61.59
CA THR YA 76 -166.57 -10.27 62.39
C THR YA 76 -166.70 -10.65 63.85
N VAL YA 77 -165.57 -10.98 64.49
CA VAL YA 77 -165.60 -11.48 65.86
C VAL YA 77 -166.05 -10.37 66.81
N LEU YA 78 -165.50 -9.17 66.66
CA LEU YA 78 -165.93 -8.02 67.41
C LEU YA 78 -166.79 -7.15 66.50
N LEU YA 79 -168.04 -6.96 66.88
CA LEU YA 79 -168.99 -6.15 66.12
C LEU YA 79 -169.43 -4.96 66.96
N SER YA 80 -170.20 -4.08 66.32
CA SER YA 80 -170.60 -2.84 66.98
C SER YA 80 -171.38 -3.13 68.25
N GLU YA 81 -170.97 -2.48 69.35
CA GLU YA 81 -171.59 -2.71 70.65
C GLU YA 81 -173.07 -2.33 70.58
N ASP YA 82 -173.37 -1.06 70.34
CA ASP YA 82 -174.71 -0.61 69.98
C ASP YA 82 -174.70 0.46 68.91
N GLY YA 83 -173.55 1.04 68.59
CA GLY YA 83 -173.39 2.02 67.54
C GLY YA 83 -173.42 1.37 66.17
N LEU YA 84 -174.62 1.04 65.70
CA LEU YA 84 -174.89 0.12 64.60
C LEU YA 84 -173.81 0.19 63.52
N ALA YA 85 -173.47 1.39 63.06
CA ALA YA 85 -172.33 1.58 62.18
C ALA YA 85 -171.56 2.83 62.60
N ALA YA 86 -170.24 2.75 62.49
CA ALA YA 86 -169.34 3.87 62.81
C ALA YA 86 -167.98 3.51 62.25
N VAL YA 87 -167.05 4.46 62.36
CA VAL YA 87 -165.67 4.24 61.93
C VAL YA 87 -164.75 4.88 62.95
N THR YA 88 -163.50 4.44 62.95
CA THR YA 88 -162.50 4.98 63.88
C THR YA 88 -161.14 4.86 63.24
N LEU YA 89 -160.59 5.99 62.78
CA LEU YA 89 -159.24 5.98 62.29
C LEU YA 89 -158.27 5.67 63.42
N PRO YA 90 -157.26 4.83 63.19
CA PRO YA 90 -156.28 4.56 64.24
C PRO YA 90 -155.47 5.81 64.56
N GLU YA 91 -155.01 5.89 65.80
CA GLU YA 91 -154.13 6.98 66.18
C GLU YA 91 -152.78 6.83 65.47
N THR YA 92 -151.98 7.90 65.54
CA THR YA 92 -150.62 7.93 64.97
C THR YA 92 -150.65 7.71 63.46
N VAL YA 93 -151.59 8.36 62.79
CA VAL YA 93 -151.58 8.46 61.33
C VAL YA 93 -151.13 9.87 60.97
N THR YA 94 -150.18 9.96 60.06
CA THR YA 94 -149.52 11.20 59.67
C THR YA 94 -150.13 11.73 58.37
N PRO YA 95 -149.92 13.01 58.06
CA PRO YA 95 -150.29 13.52 56.74
C PRO YA 95 -149.58 12.77 55.62
N ASP YA 96 -149.92 13.12 54.37
CA ASP YA 96 -149.52 12.39 53.16
C ASP YA 96 -149.70 10.88 53.36
N SER YA 97 -150.85 10.52 53.94
CA SER YA 97 -151.23 9.12 54.14
C SER YA 97 -152.74 9.03 54.02
N PHE YA 98 -153.23 8.68 52.83
CA PHE YA 98 -154.67 8.58 52.60
C PHE YA 98 -155.21 7.26 53.11
N CYS YA 99 -156.46 7.28 53.55
CA CYS YA 99 -157.11 6.12 54.13
C CYS YA 99 -158.38 5.80 53.33
N ALA YA 100 -158.76 4.53 53.32
CA ALA YA 100 -159.86 4.06 52.50
C ALA YA 100 -160.83 3.25 53.34
N GLY YA 101 -162.11 3.35 52.99
CA GLY YA 101 -163.13 2.59 53.68
C GLY YA 101 -164.42 2.58 52.88
N THR YA 102 -165.38 1.79 53.36
CA THR YA 102 -166.70 1.71 52.76
C THR YA 102 -167.59 0.88 53.68
N VAL YA 103 -168.89 1.01 53.46
CA VAL YA 103 -169.88 0.18 54.15
C VAL YA 103 -170.40 -0.85 53.16
N PRO YA 104 -170.84 -2.02 53.61
CA PRO YA 104 -171.19 -3.08 52.65
C PRO YA 104 -172.58 -2.94 52.04
N CYS YA 105 -173.52 -2.33 52.79
CA CYS YA 105 -174.90 -2.25 52.33
C CYS YA 105 -175.47 -0.89 52.72
N MET YA 106 -175.98 -0.16 51.73
CA MET YA 106 -176.61 1.12 51.96
C MET YA 106 -178.11 0.97 52.15
N ASN YA 107 -178.74 2.00 52.71
CA ASN YA 107 -180.17 1.96 52.97
C ASN YA 107 -180.87 3.27 52.67
N GLY YA 108 -180.24 4.19 51.93
CA GLY YA 108 -180.86 5.46 51.66
C GLY YA 108 -180.34 6.11 50.38
N GLN YA 109 -180.53 7.42 50.27
CA GLN YA 109 -180.06 8.18 49.12
C GLN YA 109 -178.98 9.20 49.46
N TRP YA 110 -178.71 9.44 50.74
CA TRP YA 110 -177.74 10.44 51.15
C TRP YA 110 -176.91 9.88 52.29
N ILE YA 111 -175.59 10.07 52.22
CA ILE YA 111 -174.67 9.60 53.24
C ILE YA 111 -174.02 10.82 53.89
N SER YA 112 -173.81 10.74 55.20
CA SER YA 112 -173.18 11.82 55.93
C SER YA 112 -172.32 11.24 57.05
N ILE YA 113 -171.23 11.93 57.36
CA ILE YA 113 -170.32 11.54 58.43
C ILE YA 113 -170.23 12.70 59.42
N ALA YA 114 -170.17 12.35 60.70
CA ALA YA 114 -170.02 13.36 61.74
C ALA YA 114 -168.94 12.93 62.71
N PRO YA 115 -168.22 13.88 63.32
CA PRO YA 115 -167.24 13.52 64.35
C PRO YA 115 -167.95 12.93 65.56
N ALA YA 116 -167.72 11.66 65.83
CA ALA YA 116 -168.36 11.00 66.95
C ALA YA 116 -167.93 11.66 68.26
N THR YA 117 -168.72 11.41 69.30
CA THR YA 117 -168.54 12.10 70.58
C THR YA 117 -167.14 11.88 71.13
N GLY YA 118 -166.57 12.94 71.70
CA GLY YA 118 -165.25 12.89 72.31
C GLY YA 118 -164.09 12.99 71.36
N SER YA 119 -164.33 12.95 70.04
CA SER YA 119 -163.26 13.05 69.06
C SER YA 119 -163.42 14.26 68.15
N GLU YA 120 -164.18 15.26 68.59
CA GLU YA 120 -164.47 16.43 67.76
C GLU YA 120 -163.22 17.28 67.55
N THR YA 121 -162.59 17.69 68.64
CA THR YA 121 -161.45 18.60 68.55
C THR YA 121 -160.29 18.01 67.75
N ASN YA 122 -160.22 16.68 67.64
CA ASN YA 122 -159.20 16.06 66.80
C ASN YA 122 -159.70 15.80 65.39
N ALA YA 123 -161.00 15.82 65.17
CA ALA YA 123 -161.55 15.68 63.83
C ALA YA 123 -161.51 16.98 63.03
N ALA YA 124 -161.15 18.09 63.66
CA ALA YA 124 -161.03 19.38 62.98
C ALA YA 124 -159.83 19.46 62.08
N ASN YA 125 -159.09 18.37 61.94
CA ASN YA 125 -157.93 18.29 61.07
C ASN YA 125 -158.10 17.31 59.92
N VAL YA 126 -158.75 16.18 60.17
CA VAL YA 126 -158.95 15.19 59.12
C VAL YA 126 -160.01 15.66 58.14
N GLN YA 127 -159.73 15.46 56.85
CA GLN YA 127 -160.69 15.73 55.78
C GLN YA 127 -161.19 14.41 55.22
N ILE YA 128 -162.45 14.41 54.78
CA ILE YA 128 -163.09 13.20 54.28
C ILE YA 128 -163.84 13.54 53.00
N THR YA 129 -163.68 12.68 51.99
CA THR YA 129 -164.41 12.82 50.73
C THR YA 129 -165.01 11.47 50.35
N VAL YA 130 -165.91 11.50 49.36
CA VAL YA 130 -166.58 10.31 48.87
C VAL YA 130 -166.40 10.22 47.36
N THR YA 131 -166.16 9.01 46.87
CA THR YA 131 -166.07 8.75 45.44
C THR YA 131 -167.17 7.76 45.05
N MET YA 132 -167.92 8.08 44.01
CA MET YA 132 -168.97 7.23 43.49
C MET YA 132 -168.60 6.76 42.09
N LYS YA 133 -169.12 5.59 41.70
CA LYS YA 133 -168.67 4.95 40.47
C LYS YA 133 -169.81 4.34 39.66
N GLY YA 134 -171.01 4.87 39.79
CA GLY YA 134 -172.14 4.33 39.05
C GLY YA 134 -172.74 5.31 38.07
N ALA YA 135 -173.46 4.80 37.06
CA ALA YA 135 -174.19 5.66 36.13
C ALA YA 135 -175.69 5.46 36.26
N THR YA 136 -176.19 4.24 36.05
CA THR YA 136 -177.56 3.84 36.36
C THR YA 136 -178.61 4.65 35.61
N ARG YA 137 -178.18 5.64 34.83
CA ARG YA 137 -179.06 6.58 34.13
C ARG YA 137 -178.24 7.69 33.49
N PHE ZA 174 -155.30 -42.07 83.20
CA PHE ZA 174 -155.99 -42.47 81.97
C PHE ZA 174 -155.27 -42.01 80.71
N PHE ZA 175 -154.21 -41.23 80.86
CA PHE ZA 175 -153.32 -40.89 79.77
C PHE ZA 175 -151.90 -41.21 80.20
N THR ZA 176 -151.21 -42.03 79.41
CA THR ZA 176 -149.85 -42.41 79.72
C THR ZA 176 -148.89 -41.40 79.11
N PRO ZA 177 -148.07 -40.71 79.90
CA PRO ZA 177 -147.04 -39.85 79.32
C PRO ZA 177 -146.09 -40.67 78.46
N GLN ZA 178 -145.90 -40.23 77.22
CA GLN ZA 178 -145.06 -40.96 76.29
C GLN ZA 178 -143.60 -40.87 76.73
N VAL ZA 179 -142.85 -41.94 76.42
CA VAL ZA 179 -141.46 -42.06 76.84
C VAL ZA 179 -140.57 -41.98 75.61
N LEU ZA 180 -139.51 -41.19 75.69
CA LEU ZA 180 -138.56 -41.06 74.60
C LEU ZA 180 -137.63 -42.27 74.59
N ALA ZA 181 -136.69 -42.27 73.65
CA ALA ZA 181 -135.66 -43.30 73.53
C ALA ZA 181 -134.28 -42.65 73.46
N LEU ZA 182 -134.04 -41.68 74.35
CA LEU ZA 182 -132.81 -40.89 74.32
C LEU ZA 182 -132.44 -40.51 75.75
N GLU ZA 183 -131.19 -40.08 75.92
CA GLU ZA 183 -130.71 -39.64 77.22
C GLU ZA 183 -129.49 -38.77 76.98
N VAL ZA 184 -129.64 -37.45 77.18
CA VAL ZA 184 -128.53 -36.55 76.91
C VAL ZA 184 -127.45 -36.74 77.98
N ASP ZA 185 -126.20 -36.51 77.58
CA ASP ZA 185 -125.04 -36.82 78.40
C ASP ZA 185 -124.12 -35.60 78.45
N CYS ZA 186 -124.37 -34.73 79.41
CA CYS ZA 186 -123.51 -33.58 79.57
C CYS ZA 186 -122.17 -34.13 79.95
N ASN ZA 187 -122.16 -35.33 80.49
CA ASN ZA 187 -120.92 -35.94 80.92
C ASN ZA 187 -119.74 -35.57 80.04
N ILE ZA 188 -118.68 -35.09 80.66
CA ILE ZA 188 -117.48 -34.70 79.92
C ILE ZA 188 -116.33 -35.57 80.39
N GLU ZA 189 -115.83 -36.41 79.47
CA GLU ZA 189 -114.64 -37.21 79.71
C GLU ZA 189 -113.41 -36.43 79.22
N CYS ZA 190 -112.36 -36.41 80.03
CA CYS ZA 190 -111.18 -35.61 79.74
C CYS ZA 190 -110.29 -36.28 78.71
N ALA ZA 191 -109.08 -35.74 78.52
CA ALA ZA 191 -108.14 -36.23 77.52
C ALA ZA 191 -106.97 -36.88 78.25
N SER ZA 192 -107.08 -38.19 78.47
CA SER ZA 192 -106.07 -38.94 79.21
C SER ZA 192 -104.93 -39.34 78.28
N LEU ZA 193 -103.72 -38.90 78.59
CA LEU ZA 193 -102.52 -39.31 77.87
C LEU ZA 193 -101.86 -40.43 78.68
N LEU ZA 194 -102.07 -41.68 78.24
CA LEU ZA 194 -101.56 -42.84 78.94
C LEU ZA 194 -100.54 -43.60 78.11
N ASP ZA 195 -100.89 -43.96 76.88
CA ASP ZA 195 -100.00 -44.72 76.01
C ASP ZA 195 -98.75 -43.95 75.59
N LEU ZA 196 -98.65 -42.67 75.94
CA LEU ZA 196 -97.47 -41.89 75.59
C LEU ZA 196 -96.28 -42.27 76.47
N TYR ZA 197 -96.54 -42.74 77.69
CA TYR ZA 197 -95.48 -43.08 78.63
C TYR ZA 197 -94.95 -44.48 78.32
N GLY ZA 198 -94.11 -45.00 79.20
CA GLY ZA 198 -93.55 -46.33 79.01
C GLY ZA 198 -94.36 -47.40 79.71
N GLN ZA 199 -95.04 -48.24 78.93
CA GLN ZA 199 -95.92 -49.25 79.51
C GLN ZA 199 -95.09 -50.44 79.97
N ILE ZA 200 -95.25 -50.82 81.23
CA ILE ZA 200 -94.43 -51.86 81.85
C ILE ZA 200 -95.36 -52.89 82.46
N GLU ZA 201 -95.35 -54.10 81.91
CA GLU ZA 201 -96.00 -55.23 82.56
C GLU ZA 201 -95.22 -55.63 83.79
N VAL ZA 202 -95.92 -56.20 84.77
CA VAL ZA 202 -95.32 -56.58 86.04
C VAL ZA 202 -96.22 -57.61 86.69
N SER ZA 203 -95.62 -58.53 87.44
CA SER ZA 203 -96.34 -59.62 88.11
C SER ZA 203 -96.33 -59.49 89.63
N ARG ZA 204 -95.19 -59.17 90.22
CA ARG ZA 204 -95.10 -59.04 91.67
C ARG ZA 204 -95.26 -57.58 92.07
N SER ZA 205 -95.30 -57.35 93.39
CA SER ZA 205 -95.62 -56.03 93.93
C SER ZA 205 -94.39 -55.13 94.07
N THR ZA 206 -93.19 -55.66 93.98
CA THR ZA 206 -91.97 -54.85 94.14
C THR ZA 206 -90.99 -55.22 93.05
N PHE ZA 207 -90.44 -54.20 92.40
CA PHE ZA 207 -89.54 -54.37 91.28
C PHE ZA 207 -88.24 -53.62 91.54
N THR ZA 208 -87.22 -53.94 90.75
CA THR ZA 208 -85.92 -53.30 90.89
C THR ZA 208 -85.20 -53.32 89.55
N TYR ZA 209 -84.17 -52.46 89.45
CA TYR ZA 209 -83.53 -52.22 88.15
C TYR ZA 209 -82.27 -51.39 88.36
N MET ZA 210 -81.29 -51.60 87.49
CA MET ZA 210 -80.04 -50.85 87.54
C MET ZA 210 -80.17 -49.50 86.84
N LYS ZA 211 -79.29 -48.57 87.23
CA LYS ZA 211 -79.29 -47.21 86.70
C LYS ZA 211 -77.85 -46.79 86.48
N ILE ZA 212 -77.41 -46.76 85.22
CA ILE ZA 212 -76.06 -46.35 84.90
C ILE ZA 212 -75.90 -44.87 85.24
N ALA ZA 213 -75.09 -44.56 86.24
CA ALA ZA 213 -74.92 -43.18 86.69
C ALA ZA 213 -74.09 -42.38 85.69
N ASP ZA 214 -72.85 -42.80 85.47
CA ASP ZA 214 -71.93 -42.09 84.60
C ASP ZA 214 -70.76 -43.00 84.28
N TYR ZA 215 -69.94 -42.57 83.34
CA TYR ZA 215 -68.72 -43.27 82.94
C TYR ZA 215 -67.55 -42.33 83.19
N GLY ZA 216 -66.86 -42.51 84.32
CA GLY ZA 216 -65.74 -41.67 84.69
C GLY ZA 216 -64.62 -41.66 83.67
N GLN ZA 217 -63.69 -40.71 83.80
CA GLN ZA 217 -62.56 -40.62 82.89
C GLN ZA 217 -61.56 -41.74 83.17
N LEU ZA 218 -61.17 -42.49 82.14
CA LEU ZA 218 -60.22 -43.58 82.29
C LEU ZA 218 -58.84 -43.21 81.78
N GLY ZA 219 -58.73 -42.76 80.53
CA GLY ZA 219 -57.40 -42.52 80.00
C GLY ZA 219 -57.23 -41.13 79.42
N GLU ZA 220 -56.28 -40.38 79.97
CA GLU ZA 220 -55.94 -39.07 79.45
C GLU ZA 220 -54.85 -39.22 78.39
N TYR ZA 221 -54.32 -38.10 77.90
CA TYR ZA 221 -53.31 -38.13 76.84
C TYR ZA 221 -51.93 -37.95 77.47
N THR ZA 222 -51.13 -39.00 77.41
CA THR ZA 222 -49.94 -39.07 78.23
C THR ZA 222 -48.70 -38.55 77.50
N CYS ZA 223 -47.64 -38.37 78.29
CA CYS ZA 223 -46.29 -38.09 77.81
C CYS ZA 223 -45.63 -39.40 77.38
N ASP ZA 224 -44.31 -39.39 77.24
CA ASP ZA 224 -43.67 -40.55 76.63
C ASP ZA 224 -42.58 -41.14 77.54
N ALA ZA 225 -42.08 -40.37 78.49
CA ALA ZA 225 -41.18 -40.95 79.47
C ALA ZA 225 -41.96 -41.64 80.57
N LYS ZA 226 -42.91 -42.50 80.18
CA LYS ZA 226 -43.69 -43.30 81.12
C LYS ZA 226 -44.00 -44.65 80.48
N CYS ZA 227 -43.16 -45.67 80.75
CA CYS ZA 227 -43.52 -47.02 80.34
C CYS ZA 227 -44.73 -47.52 81.12
N ASP ZA 228 -45.03 -46.87 82.25
CA ASP ZA 228 -46.18 -47.17 83.09
C ASP ZA 228 -47.42 -46.53 82.49
N ALA ZA 229 -48.48 -46.43 83.29
CA ALA ZA 229 -49.75 -45.89 82.84
C ALA ZA 229 -50.50 -45.27 84.01
N GLU ZA 230 -51.79 -45.01 83.84
CA GLU ZA 230 -52.55 -44.28 84.85
C GLU ZA 230 -53.91 -44.92 85.04
N PHE ZA 231 -54.36 -44.94 86.30
CA PHE ZA 231 -55.63 -45.55 86.67
C PHE ZA 231 -56.72 -44.47 86.73
N GLY ZA 232 -57.81 -44.68 86.00
CA GLY ZA 232 -58.97 -43.81 86.09
C GLY ZA 232 -60.06 -44.47 86.90
N GLU ZA 233 -60.81 -43.65 87.62
CA GLU ZA 233 -61.84 -44.21 88.47
C GLU ZA 233 -63.05 -44.64 87.63
N PRO ZA 234 -63.76 -45.68 88.05
CA PRO ZA 234 -64.92 -46.13 87.29
C PRO ZA 234 -66.18 -45.34 87.64
N GLY ZA 235 -67.29 -45.69 87.01
CA GLY ZA 235 -68.58 -45.08 87.26
C GLY ZA 235 -69.37 -45.81 88.32
N ASN ZA 236 -70.68 -45.90 88.11
CA ASN ZA 236 -71.58 -46.55 89.06
C ASN ZA 236 -72.59 -47.40 88.31
N ILE ZA 237 -73.35 -48.19 89.07
CA ILE ZA 237 -74.43 -48.99 88.52
C ILE ZA 237 -75.74 -48.60 89.21
N ARG ZA 238 -75.62 -48.07 90.43
CA ARG ZA 238 -76.71 -47.36 91.11
C ARG ZA 238 -78.05 -48.08 91.05
N HIS ZA 239 -78.15 -49.23 91.72
CA HIS ZA 239 -79.38 -49.99 91.70
C HIS ZA 239 -80.52 -49.23 92.37
N LEU ZA 240 -81.73 -49.44 91.85
CA LEU ZA 240 -82.94 -48.76 92.32
C LEU ZA 240 -84.07 -49.77 92.47
N GLU ZA 241 -85.06 -49.40 93.28
CA GLU ZA 241 -86.24 -50.22 93.52
C GLU ZA 241 -87.50 -49.39 93.33
N GLY ZA 242 -88.64 -50.08 93.34
CA GLY ZA 242 -89.92 -49.43 93.18
C GLY ZA 242 -91.04 -50.39 93.52
N LYS ZA 243 -92.21 -49.83 93.81
CA LYS ZA 243 -93.36 -50.61 94.23
C LYS ZA 243 -94.61 -50.17 93.46
N THR ZA 244 -95.73 -50.79 93.81
CA THR ZA 244 -97.04 -50.51 93.21
C THR ZA 244 -97.95 -49.86 94.25
N TYR ZA 245 -99.19 -49.58 93.84
CA TYR ZA 245 -100.15 -48.91 94.71
C TYR ZA 245 -101.55 -49.42 94.42
N ASP ZA 246 -102.37 -49.48 95.48
CA ASP ZA 246 -103.69 -50.09 95.45
C ASP ZA 246 -104.78 -49.04 95.23
N TYR ZA 247 -105.98 -49.53 94.91
CA TYR ZA 247 -107.13 -48.66 94.65
C TYR ZA 247 -108.38 -49.53 94.80
N ARG ZA 248 -109.15 -49.32 95.86
CA ARG ZA 248 -110.32 -50.17 96.11
C ARG ZA 248 -111.45 -49.33 96.70
N GLY ZA 249 -112.50 -50.00 97.13
CA GLY ZA 249 -113.68 -49.32 97.65
C GLY ZA 249 -114.87 -50.25 97.70
N VAL ZA 250 -115.94 -49.72 98.32
CA VAL ZA 250 -117.20 -50.45 98.49
C VAL ZA 250 -118.37 -49.48 98.36
N PHE ZA 251 -119.57 -50.05 98.33
CA PHE ZA 251 -120.81 -49.30 98.46
C PHE ZA 251 -121.87 -50.27 98.94
N CYS ZA 252 -122.98 -49.73 99.46
CA CYS ZA 252 -124.09 -50.56 99.87
C CYS ZA 252 -125.37 -50.04 99.24
N PHE ZA 253 -126.18 -50.97 98.76
CA PHE ZA 253 -127.51 -50.70 98.26
C PHE ZA 253 -128.53 -51.29 99.24
N ASN ZA 254 -129.77 -50.87 99.09
CA ASN ZA 254 -130.90 -51.38 99.86
C ASN ZA 254 -131.68 -52.28 98.92
N ARG ZA 255 -131.62 -53.58 99.17
CA ARG ZA 255 -132.27 -54.60 98.34
C ARG ZA 255 -133.69 -54.20 98.00
N LYS ZA 256 -134.39 -53.58 98.96
CA LYS ZA 256 -135.75 -53.11 98.71
C LYS ZA 256 -135.75 -52.02 97.65
N ASN ZA 257 -134.97 -50.97 97.85
CA ASN ZA 257 -134.85 -49.92 96.84
C ASN ZA 257 -134.34 -50.47 95.51
N LEU ZA 258 -133.36 -51.37 95.57
CA LEU ZA 258 -132.76 -51.89 94.33
C LEU ZA 258 -133.78 -52.67 93.51
N GLN ZA 259 -134.52 -53.57 94.16
CA GLN ZA 259 -135.42 -54.45 93.41
C GLN ZA 259 -136.59 -53.68 92.83
N GLU ZA 260 -137.44 -53.12 93.70
CA GLU ZA 260 -138.59 -52.33 93.25
C GLU ZA 260 -138.10 -50.89 93.05
N ALA ZA 261 -137.64 -50.61 91.84
CA ALA ZA 261 -137.09 -49.31 91.50
C ALA ZA 261 -137.64 -48.90 90.15
N ASN ZA 262 -137.32 -47.67 89.75
CA ASN ZA 262 -137.72 -47.21 88.43
C ASN ZA 262 -137.06 -48.05 87.35
N TYR ZA 263 -135.79 -48.39 87.54
CA TYR ZA 263 -134.98 -49.15 86.60
C TYR ZA 263 -133.66 -49.49 87.27
N ASP ZA 264 -132.71 -49.97 86.48
CA ASP ZA 264 -131.41 -50.42 86.99
C ASP ZA 264 -130.58 -49.27 87.55
N PHE ZA 265 -129.88 -49.53 88.64
CA PHE ZA 265 -128.81 -48.67 89.14
C PHE ZA 265 -127.43 -49.32 89.14
N LEU ZA 266 -127.36 -50.65 89.02
CA LEU ZA 266 -126.10 -51.36 89.23
C LEU ZA 266 -125.09 -51.05 88.13
N SER ZA 267 -125.47 -51.28 86.87
CA SER ZA 267 -124.55 -51.04 85.76
C SER ZA 267 -124.10 -49.59 85.73
N PHE ZA 268 -124.96 -48.67 86.14
CA PHE ZA 268 -124.54 -47.28 86.28
C PHE ZA 268 -123.39 -47.16 87.27
N MET ZA 269 -123.49 -47.89 88.39
CA MET ZA 269 -122.42 -47.86 89.38
C MET ZA 269 -121.16 -48.52 88.87
N ILE ZA 270 -121.28 -49.57 88.05
CA ILE ZA 270 -120.10 -50.25 87.51
C ILE ZA 270 -119.37 -49.35 86.52
N GLY ZA 271 -120.11 -48.69 85.64
CA GLY ZA 271 -119.51 -47.73 84.74
C GLY ZA 271 -118.89 -46.57 85.48
N ALA ZA 272 -119.56 -46.11 86.54
CA ALA ZA 272 -118.99 -45.07 87.39
C ALA ZA 272 -117.67 -45.53 87.99
N ALA ZA 273 -117.61 -46.79 88.44
CA ALA ZA 273 -116.37 -47.33 88.97
C ALA ZA 273 -115.26 -47.27 87.93
N GLN ZA 274 -115.53 -47.78 86.74
CA GLN ZA 274 -114.49 -47.83 85.71
C GLN ZA 274 -114.01 -46.44 85.32
N ARG ZA 275 -114.94 -45.50 85.12
CA ARG ZA 275 -114.55 -44.16 84.71
C ARG ZA 275 -113.80 -43.43 85.82
N SER ZA 276 -114.28 -43.52 87.06
CA SER ZA 276 -113.57 -42.91 88.17
C SER ZA 276 -112.18 -43.49 88.33
N HIS ZA 277 -112.05 -44.81 88.17
CA HIS ZA 277 -110.73 -45.43 88.27
C HIS ZA 277 -109.81 -44.87 87.20
N ARG ZA 278 -110.28 -44.80 85.94
CA ARG ZA 278 -109.43 -44.30 84.87
C ARG ZA 278 -109.03 -42.85 85.12
N ILE ZA 279 -109.99 -42.00 85.46
CA ILE ZA 279 -109.69 -40.57 85.59
C ILE ZA 279 -108.80 -40.30 86.80
N ASN ZA 280 -109.05 -41.01 87.91
CA ASN ZA 280 -108.20 -40.84 89.08
C ASN ZA 280 -106.80 -41.35 88.83
N ARG ZA 281 -106.68 -42.48 88.12
CA ARG ZA 281 -105.36 -42.98 87.76
C ARG ZA 281 -104.61 -41.97 86.92
N ASN ZA 282 -105.29 -41.37 85.93
CA ASN ZA 282 -104.63 -40.38 85.08
C ASN ZA 282 -104.20 -39.16 85.89
N GLN ZA 283 -105.10 -38.64 86.72
CA GLN ZA 283 -104.79 -37.43 87.48
C GLN ZA 283 -103.67 -37.68 88.49
N ALA ZA 284 -103.61 -38.89 89.06
CA ALA ZA 284 -102.52 -39.22 89.98
C ALA ZA 284 -101.21 -39.36 89.22
N LEU ZA 285 -101.24 -40.06 88.08
CA LEU ZA 285 -100.08 -40.13 87.23
C LEU ZA 285 -99.55 -38.75 86.88
N MET ZA 286 -100.46 -37.78 86.73
CA MET ZA 286 -100.04 -36.42 86.41
C MET ZA 286 -99.45 -35.73 87.64
N ILE ZA 287 -100.19 -35.71 88.75
CA ILE ZA 287 -99.88 -34.85 89.89
C ILE ZA 287 -99.84 -35.59 91.20
N GLY ZA 288 -100.14 -36.88 91.23
CA GLY ZA 288 -100.20 -37.60 92.49
C GLY ZA 288 -98.86 -37.63 93.20
N LYS ZA 289 -98.92 -37.62 94.53
CA LYS ZA 289 -97.73 -37.62 95.35
C LYS ZA 289 -97.20 -39.04 95.54
N GLY ZA 290 -95.98 -39.13 96.08
CA GLY ZA 290 -95.39 -40.43 96.33
C GLY ZA 290 -96.05 -41.19 97.46
N VAL ZA 291 -96.64 -40.47 98.42
CA VAL ZA 291 -97.27 -41.11 99.57
C VAL ZA 291 -98.47 -41.94 99.12
N ASN ZA 292 -98.35 -43.26 99.25
CA ASN ZA 292 -99.41 -44.22 98.92
C ASN ZA 292 -99.96 -44.04 97.50
N GLU ZA 293 -99.24 -43.32 96.65
CA GLU ZA 293 -99.63 -43.09 95.27
C GLU ZA 293 -98.37 -43.03 94.42
N PRO ZA 294 -98.47 -43.29 93.12
CA PRO ZA 294 -97.33 -43.03 92.24
C PRO ZA 294 -97.01 -41.55 92.19
N LYS ZA 295 -95.73 -41.23 92.29
CA LYS ZA 295 -95.30 -39.83 92.28
C LYS ZA 295 -95.54 -39.21 90.92
N GLY ZA 296 -96.24 -38.08 90.90
CA GLY ZA 296 -96.49 -37.38 89.66
C GLY ZA 296 -95.24 -36.66 89.19
N TRP ZA 297 -94.91 -36.81 87.90
CA TRP ZA 297 -93.70 -36.19 87.37
C TRP ZA 297 -93.76 -34.68 87.42
N LEU ZA 298 -94.97 -34.10 87.44
CA LEU ZA 298 -95.10 -32.66 87.50
C LEU ZA 298 -94.69 -32.11 88.85
N THR ZA 299 -94.82 -32.90 89.91
CA THR ZA 299 -94.60 -32.42 91.27
C THR ZA 299 -93.16 -32.59 91.76
N GLU ZA 300 -92.40 -33.52 91.18
CA GLU ZA 300 -91.05 -33.78 91.67
C GLU ZA 300 -90.14 -32.56 91.55
N ASN ZA 301 -90.47 -31.62 90.66
CA ASN ZA 301 -89.70 -30.38 90.48
C ASN ZA 301 -88.24 -30.65 90.16
N CYS ZA 302 -87.94 -31.79 89.53
CA CYS ZA 302 -86.59 -32.08 89.05
C CYS ZA 302 -86.49 -32.11 87.54
N PHE ZA 303 -87.60 -32.23 86.83
CA PHE ZA 303 -87.63 -31.88 85.43
C PHE ZA 303 -87.20 -30.41 85.29
N PRO ZA 304 -86.36 -30.07 84.33
CA PRO ZA 304 -86.01 -28.66 84.13
C PRO ZA 304 -87.23 -27.81 83.78
N VAL ZA 305 -87.58 -26.89 84.67
CA VAL ZA 305 -88.72 -25.99 84.47
C VAL ZA 305 -88.19 -24.58 84.31
N PHE ZA 306 -88.59 -23.92 83.22
CA PHE ZA 306 -88.19 -22.55 82.95
C PHE ZA 306 -89.39 -21.63 83.13
N GLN ZA 307 -89.12 -20.33 83.12
CA GLN ZA 307 -90.19 -19.35 83.21
C GLN ZA 307 -89.78 -18.13 82.39
N THR ZA 308 -90.77 -17.36 81.97
CA THR ZA 308 -90.55 -16.20 81.13
C THR ZA 308 -90.41 -14.95 81.98
N LEU ZA 309 -89.66 -13.97 81.47
CA LEU ZA 309 -89.58 -12.68 82.11
C LEU ZA 309 -90.91 -11.94 81.92
N PRO ZA 310 -91.36 -11.22 82.94
CA PRO ZA 310 -92.62 -10.49 82.78
C PRO ZA 310 -92.42 -9.18 82.03
N VAL ZA 311 -93.00 -9.08 80.83
CA VAL ZA 311 -92.94 -7.83 80.07
C VAL ZA 311 -93.54 -6.72 80.90
N ASP ZA 312 -92.81 -5.62 81.06
CA ASP ZA 312 -93.36 -4.49 81.77
C ASP ZA 312 -94.43 -3.82 80.92
N VAL ZA 313 -95.45 -3.30 81.61
CA VAL ZA 313 -96.45 -2.48 80.94
C VAL ZA 313 -96.43 -1.12 81.59
N ASN ZA 314 -95.58 -0.24 81.08
CA ASN ZA 314 -95.40 1.12 81.58
C ASN ZA 314 -95.52 1.18 83.11
N GLY ZA 315 -94.70 0.36 83.77
CA GLY ZA 315 -94.65 0.39 85.21
C GLY ZA 315 -94.96 -0.92 85.90
N THR ZA 316 -95.48 -1.90 85.16
CA THR ZA 316 -95.91 -3.17 85.76
C THR ZA 316 -95.32 -4.32 84.94
N SER ZA 317 -94.19 -4.87 85.43
CA SER ZA 317 -93.71 -6.11 84.87
C SER ZA 317 -94.80 -7.18 85.01
N THR ZA 318 -95.25 -7.71 83.87
CA THR ZA 318 -96.49 -8.45 83.86
C THR ZA 318 -96.30 -9.78 83.13
N PRO ZA 319 -96.79 -10.87 83.72
CA PRO ZA 319 -96.78 -12.18 83.06
C PRO ZA 319 -97.20 -12.15 81.60
N ALA ZA 320 -96.55 -12.95 80.77
CA ALA ZA 320 -96.94 -13.06 79.36
C ALA ZA 320 -96.27 -14.28 78.75
N PHE ZA 321 -97.08 -15.09 78.06
CA PHE ZA 321 -96.55 -16.23 77.30
C PHE ZA 321 -96.21 -15.83 75.88
N LEU ZA 322 -95.39 -14.77 75.75
CA LEU ZA 322 -94.96 -14.22 74.48
C LEU ZA 322 -94.45 -15.29 73.53
N ALA ZA 323 -94.97 -15.27 72.30
CA ALA ZA 323 -94.63 -16.26 71.28
C ALA ZA 323 -93.13 -16.45 71.13
N GLN ZA 324 -92.36 -15.41 71.40
CA GLN ZA 324 -90.90 -15.55 71.45
C GLN ZA 324 -90.50 -16.64 72.43
N ASP ZA 325 -91.09 -16.63 73.63
CA ASP ZA 325 -90.73 -17.59 74.65
C ASP ZA 325 -91.08 -19.01 74.23
N TRP ZA 326 -92.25 -19.19 73.63
CA TRP ZA 326 -92.67 -20.53 73.21
C TRP ZA 326 -91.75 -21.07 72.11
N ARG ZA 327 -91.54 -20.28 71.06
CA ARG ZA 327 -90.67 -20.73 69.97
C ARG ZA 327 -89.25 -20.97 70.46
N ARG ZA 328 -88.79 -20.16 71.41
CA ARG ZA 328 -87.46 -20.37 71.97
C ARG ZA 328 -87.40 -21.67 72.75
N PHE ZA 329 -88.43 -21.95 73.54
CA PHE ZA 329 -88.44 -23.16 74.35
C PHE ZA 329 -88.45 -24.41 73.47
N VAL ZA 330 -89.37 -24.46 72.51
CA VAL ZA 330 -89.51 -25.66 71.69
C VAL ZA 330 -88.24 -25.94 70.90
N THR ZA 331 -87.48 -24.90 70.56
CA THR ZA 331 -86.20 -25.07 69.89
C THR ZA 331 -85.02 -25.11 70.85
N SER ZA 332 -85.26 -25.03 72.16
CA SER ZA 332 -84.19 -25.19 73.15
C SER ZA 332 -84.40 -26.55 73.81
N PHE ZA 333 -83.86 -27.58 73.17
CA PHE ZA 333 -83.91 -28.94 73.66
C PHE ZA 333 -82.86 -29.75 72.91
N PRO ZA 334 -81.99 -30.48 73.62
CA PRO ZA 334 -80.94 -31.26 72.94
C PRO ZA 334 -81.54 -32.29 72.00
N ALA ZA 335 -81.37 -32.06 70.70
CA ALA ZA 335 -81.87 -32.97 69.68
C ALA ZA 335 -81.15 -34.32 69.72
N GLU ZA 336 -80.02 -34.41 70.42
CA GLU ZA 336 -79.32 -35.68 70.58
C GLU ZA 336 -80.11 -36.69 71.40
N TYR ZA 337 -81.14 -36.25 72.12
CA TYR ZA 337 -82.03 -37.17 72.82
C TYR ZA 337 -83.10 -37.76 71.90
N GLY ZA 338 -83.09 -37.40 70.62
CA GLY ZA 338 -84.16 -37.79 69.73
C GLY ZA 338 -85.32 -36.81 69.80
N GLU ZA 339 -86.38 -37.14 69.07
CA GLU ZA 339 -87.57 -36.31 69.07
C GLU ZA 339 -88.27 -36.39 70.43
N ALA ZA 340 -89.00 -35.32 70.77
CA ALA ZA 340 -89.68 -35.25 72.04
C ALA ZA 340 -90.93 -34.40 71.87
N ARG ZA 341 -92.08 -34.98 72.22
CA ARG ZA 341 -93.37 -34.35 71.96
C ARG ZA 341 -93.75 -33.41 73.11
N SER ZA 342 -94.53 -32.39 72.77
CA SER ZA 342 -94.99 -31.41 73.73
C SER ZA 342 -96.49 -31.59 73.99
N VAL ZA 343 -96.90 -31.18 75.19
CA VAL ZA 343 -98.28 -31.31 75.64
C VAL ZA 343 -98.70 -30.04 76.36
N MET ZA 344 -99.96 -29.65 76.17
CA MET ZA 344 -100.51 -28.45 76.80
C MET ZA 344 -102.02 -28.52 76.68
N HIS ZA 345 -102.68 -27.51 77.25
CA HIS ZA 345 -104.13 -27.43 77.22
C HIS ZA 345 -104.61 -26.80 75.92
N GLN ZA 346 -105.84 -27.14 75.54
CA GLN ZA 346 -106.42 -26.59 74.32
C GLN ZA 346 -106.57 -25.07 74.41
N ASN ZA 347 -106.91 -24.57 75.59
CA ASN ZA 347 -107.12 -23.13 75.77
C ASN ZA 347 -105.84 -22.35 75.49
N VAL ZA 348 -104.71 -22.81 76.02
CA VAL ZA 348 -103.46 -22.11 75.78
C VAL ZA 348 -103.06 -22.20 74.32
N PHE ZA 349 -103.36 -23.34 73.67
CA PHE ZA 349 -103.11 -23.46 72.24
C PHE ZA 349 -103.89 -22.41 71.45
N GLY ZA 350 -105.19 -22.31 71.72
CA GLY ZA 350 -105.99 -21.28 71.06
C GLY ZA 350 -105.49 -19.89 71.38
N TYR ZA 351 -104.99 -19.67 72.59
CA TYR ZA 351 -104.35 -18.42 72.93
C TYR ZA 351 -103.15 -18.14 72.04
N LEU ZA 352 -102.35 -19.17 71.77
CA LEU ZA 352 -101.25 -19.03 70.82
C LEU ZA 352 -101.76 -18.64 69.45
N ALA ZA 353 -102.88 -19.24 69.03
CA ALA ZA 353 -103.43 -18.95 67.71
C ALA ZA 353 -103.94 -17.51 67.57
N ALA ZA 354 -104.09 -16.78 68.68
CA ALA ZA 354 -104.73 -15.47 68.65
C ALA ZA 354 -103.75 -14.33 68.90
N MET ZA 355 -102.46 -14.54 68.67
CA MET ZA 355 -101.48 -13.53 68.98
C MET ZA 355 -101.36 -12.51 67.86
N VAL ZA 356 -101.27 -11.23 68.24
CA VAL ZA 356 -101.36 -10.11 67.31
C VAL ZA 356 -100.11 -9.26 67.42
N ASP ZA 357 -99.78 -8.59 66.32
CA ASP ZA 357 -98.61 -7.72 66.24
C ASP ZA 357 -98.98 -6.29 66.64
N ALA ZA 358 -97.99 -5.41 66.58
CA ALA ZA 358 -98.24 -3.99 66.82
C ALA ZA 358 -99.17 -3.40 65.76
N ASN ZA 359 -99.10 -3.91 64.53
CA ASN ZA 359 -100.00 -3.47 63.48
C ASN ZA 359 -101.44 -3.89 63.78
N GLY ZA 360 -101.68 -5.19 63.87
CA GLY ZA 360 -103.03 -5.68 64.03
C GLY ZA 360 -103.26 -6.99 63.29
N ARG ZA 361 -102.32 -7.33 62.43
CA ARG ZA 361 -102.43 -8.59 61.70
C ARG ZA 361 -102.22 -9.78 62.64
N PHE ZA 362 -102.79 -10.91 62.25
CA PHE ZA 362 -102.53 -12.13 62.98
C PHE ZA 362 -101.06 -12.53 62.83
N LEU ZA 363 -100.57 -13.27 63.80
CA LEU ZA 363 -99.22 -13.79 63.75
C LEU ZA 363 -99.15 -15.18 63.16
N PHE ZA 364 -100.30 -15.79 62.86
CA PHE ZA 364 -100.35 -17.17 62.40
C PHE ZA 364 -101.53 -17.31 61.46
N GLY ZA 365 -101.25 -17.71 60.22
CA GLY ZA 365 -102.31 -17.88 59.22
C GLY ZA 365 -103.08 -16.61 58.95
N ASP ZA 366 -102.40 -15.60 58.44
CA ASP ZA 366 -103.01 -14.29 58.21
C ASP ZA 366 -103.86 -14.34 56.95
N GLY ZA 367 -105.18 -14.24 57.11
CA GLY ZA 367 -106.06 -14.11 55.97
C GLY ZA 367 -107.04 -15.24 55.76
N ASP ZA 368 -107.22 -16.10 56.76
CA ASP ZA 368 -108.19 -17.19 56.65
C ASP ZA 368 -109.00 -17.40 57.91
N LEU ZA 369 -108.85 -16.55 58.93
CA LEU ZA 369 -109.69 -16.47 60.12
C LEU ZA 369 -109.70 -17.75 60.94
N THR ZA 370 -108.96 -18.77 60.51
CA THR ZA 370 -108.81 -20.01 61.27
C THR ZA 370 -107.38 -20.47 61.15
N PHE ZA 371 -106.72 -20.70 62.29
CA PHE ZA 371 -105.31 -21.06 62.26
C PHE ZA 371 -105.12 -22.50 61.79
N THR ZA 372 -105.93 -23.44 62.32
CA THR ZA 372 -105.94 -24.87 61.99
C THR ZA 372 -104.53 -25.37 61.69
N PRO ZA 373 -103.64 -25.33 62.68
CA PRO ZA 373 -102.20 -25.41 62.39
C PRO ZA 373 -101.68 -26.79 62.03
N ASP ZA 374 -102.56 -27.74 61.77
CA ASP ZA 374 -102.15 -29.15 61.56
C ASP ZA 374 -101.31 -29.61 62.73
N LEU ZA 375 -101.95 -29.86 63.86
CA LEU ZA 375 -101.20 -30.21 65.05
C LEU ZA 375 -100.55 -31.55 65.01
N VAL ZA 376 -99.91 -31.90 66.14
CA VAL ZA 376 -99.30 -33.20 66.25
C VAL ZA 376 -98.17 -33.37 65.29
N ARG ZA 377 -98.50 -33.44 64.01
CA ARG ZA 377 -97.41 -33.50 63.04
C ARG ZA 377 -96.20 -32.68 63.45
N GLU ZA 378 -96.38 -31.65 64.29
CA GLU ZA 378 -95.26 -31.00 64.96
C GLU ZA 378 -95.50 -31.01 66.48
N ARG ZA 379 -95.21 -32.14 67.10
CA ARG ZA 379 -94.90 -32.24 68.53
C ARG ZA 379 -96.00 -31.78 69.49
N ILE ZA 380 -97.18 -31.42 68.99
CA ILE ZA 380 -98.22 -30.82 69.82
C ILE ZA 380 -99.30 -31.87 70.08
N ARG ZA 381 -99.47 -32.28 71.33
CA ARG ZA 381 -100.54 -33.18 71.74
C ARG ZA 381 -101.37 -32.46 72.80
N ILE ZA 382 -102.60 -32.11 72.45
CA ILE ZA 382 -103.45 -31.29 73.31
C ILE ZA 382 -104.21 -32.19 74.27
N SER ZA 383 -104.16 -31.86 75.55
CA SER ZA 383 -104.97 -32.53 76.56
C SER ZA 383 -105.67 -31.48 77.39
N ASN ZA 384 -106.60 -31.93 78.23
CA ASN ZA 384 -107.34 -31.02 79.11
C ASN ZA 384 -107.19 -31.41 80.58
N CYS ZA 385 -106.32 -32.37 80.88
CA CYS ZA 385 -106.04 -32.71 82.28
C CYS ZA 385 -105.02 -31.76 82.89
N LEU ZA 386 -104.30 -31.01 82.07
CA LEU ZA 386 -103.26 -30.12 82.54
C LEU ZA 386 -103.89 -28.93 83.25
N PRO ZA 387 -103.11 -28.20 84.06
CA PRO ZA 387 -103.70 -27.14 84.87
C PRO ZA 387 -104.03 -25.86 84.10
N ASP ZA 388 -103.98 -25.92 82.76
CA ASP ZA 388 -104.52 -24.91 81.86
C ASP ZA 388 -104.33 -23.49 82.38
N PRO ZA 389 -103.09 -22.96 82.37
CA PRO ZA 389 -102.83 -21.64 82.97
C PRO ZA 389 -103.87 -20.59 82.66
N THR ZA 390 -104.50 -20.64 81.48
CA THR ZA 390 -105.67 -19.83 81.23
C THR ZA 390 -106.82 -20.35 82.10
N GLU ZA 391 -107.19 -19.60 83.13
CA GLU ZA 391 -108.33 -19.99 83.94
C GLU ZA 391 -109.59 -19.87 83.09
N GLY ZA 392 -110.14 -21.01 82.69
CA GLY ZA 392 -111.12 -21.00 81.63
C GLY ZA 392 -110.46 -20.46 80.38
N ASN ZA 393 -110.81 -19.24 80.01
CA ASN ZA 393 -110.09 -18.48 79.00
C ASN ZA 393 -109.90 -17.06 79.49
N THR ZA 394 -109.57 -16.92 80.77
CA THR ZA 394 -109.54 -15.62 81.41
C THR ZA 394 -108.30 -15.46 82.28
N LYS ZA 395 -107.15 -15.71 81.68
CA LYS ZA 395 -105.93 -15.51 82.42
C LYS ZA 395 -104.89 -14.76 81.60
N GLY ZA 396 -105.13 -14.56 80.32
CA GLY ZA 396 -104.13 -13.89 79.52
C GLY ZA 396 -104.28 -12.39 79.57
N GLY ZA 397 -105.04 -11.91 80.53
CA GLY ZA 397 -105.33 -10.49 80.56
C GLY ZA 397 -104.20 -9.59 80.92
N THR ZA 398 -103.59 -9.00 79.90
CA THR ZA 398 -102.54 -8.03 80.22
C THR ZA 398 -102.84 -7.15 81.43
N GLY ZA 399 -104.07 -6.65 81.58
CA GLY ZA 399 -104.41 -5.91 82.79
C GLY ZA 399 -104.52 -6.84 83.98
N GLN ZA 400 -105.51 -6.64 84.86
CA GLN ZA 400 -105.58 -7.47 86.06
C GLN ZA 400 -105.62 -8.96 85.75
N ASP ZA 401 -106.11 -9.32 84.56
CA ASP ZA 401 -106.32 -10.69 84.14
C ASP ZA 401 -105.02 -11.44 83.82
N ALA ZA 402 -103.84 -10.86 84.09
CA ALA ZA 402 -102.52 -11.45 83.90
C ALA ZA 402 -102.43 -12.92 84.30
N PHE ZA 403 -101.61 -13.71 83.58
CA PHE ZA 403 -101.79 -15.16 83.59
C PHE ZA 403 -101.47 -15.88 84.90
N ALA ZA 404 -100.76 -15.20 85.79
CA ALA ZA 404 -100.47 -15.70 87.17
C ALA ZA 404 -99.03 -15.95 87.49
N ALA ZA 405 -98.59 -15.33 88.57
CA ALA ZA 405 -97.25 -15.54 89.03
C ALA ZA 405 -96.98 -17.01 89.10
N GLY ZA 406 -95.89 -17.42 88.52
CA GLY ZA 406 -95.48 -18.81 88.52
C GLY ZA 406 -96.54 -19.89 88.29
N SER ZA 407 -97.20 -19.87 87.15
CA SER ZA 407 -98.14 -20.94 86.79
C SER ZA 407 -97.62 -21.77 85.61
N PHE ZA 408 -97.85 -23.08 85.69
CA PHE ZA 408 -97.37 -23.99 84.67
C PHE ZA 408 -98.06 -23.71 83.34
N VAL ZA 409 -97.29 -23.71 82.26
CA VAL ZA 409 -97.83 -23.39 80.94
C VAL ZA 409 -97.97 -24.64 80.08
N ALA ZA 410 -96.86 -25.34 79.85
CA ALA ZA 410 -96.86 -26.50 78.97
C ALA ZA 410 -95.68 -27.39 79.31
N ALA ZA 411 -95.58 -28.52 78.62
CA ALA ZA 411 -94.49 -29.45 78.82
C ALA ZA 411 -94.02 -29.98 77.48
N GLN ZA 412 -92.81 -30.55 77.46
CA GLN ZA 412 -92.29 -31.15 76.25
C GLN ZA 412 -91.20 -32.14 76.65
N ALA ZA 413 -91.42 -33.41 76.36
CA ALA ZA 413 -90.52 -34.46 76.82
C ALA ZA 413 -90.50 -35.61 75.82
N ALA ZA 414 -89.48 -36.45 75.95
CA ALA ZA 414 -89.42 -37.73 75.25
C ALA ZA 414 -89.97 -38.77 76.23
N TRP ZA 415 -91.29 -38.92 76.21
CA TRP ZA 415 -91.99 -39.66 77.25
C TRP ZA 415 -91.72 -41.15 77.22
N LYS ZA 416 -91.32 -41.70 76.07
CA LYS ZA 416 -91.04 -43.12 75.99
C LYS ZA 416 -89.87 -43.55 76.86
N THR ZA 417 -89.09 -42.60 77.38
CA THR ZA 417 -88.03 -42.92 78.33
C THR ZA 417 -87.99 -41.98 79.53
N ALA ZA 418 -88.87 -40.98 79.59
CA ALA ZA 418 -88.89 -40.05 80.71
C ALA ZA 418 -89.77 -40.50 81.86
N PHE ZA 419 -90.80 -41.29 81.57
CA PHE ZA 419 -91.74 -41.72 82.60
C PHE ZA 419 -92.34 -43.06 82.19
N TYR ZA 420 -92.64 -43.89 83.19
CA TYR ZA 420 -93.16 -45.22 82.97
C TYR ZA 420 -94.35 -45.47 83.88
N ALA ZA 421 -95.25 -46.33 83.43
CA ALA ZA 421 -96.41 -46.77 84.19
C ALA ZA 421 -96.42 -48.29 84.19
N VAL ZA 422 -96.47 -48.88 85.38
CA VAL ZA 422 -96.48 -50.33 85.57
C VAL ZA 422 -97.92 -50.77 85.83
N GLU ZA 423 -98.32 -51.84 85.17
CA GLU ZA 423 -99.69 -52.35 85.24
C GLU ZA 423 -99.65 -53.82 85.60
N LYS ZA 424 -100.27 -54.18 86.73
CA LYS ZA 424 -100.34 -55.58 87.15
C LYS ZA 424 -101.77 -56.08 87.31
N ARG ZA 425 -102.62 -55.34 88.03
CA ARG ZA 425 -103.93 -55.85 88.43
C ARG ZA 425 -105.04 -55.09 87.73
N PRO ZA 426 -105.88 -55.76 86.95
CA PRO ZA 426 -107.08 -55.10 86.42
C PRO ZA 426 -108.15 -54.94 87.49
N MET ZA 427 -109.32 -54.45 87.10
CA MET ZA 427 -110.41 -54.26 88.04
C MET ZA 427 -111.06 -55.59 88.40
N PHE ZA 428 -111.38 -55.75 89.67
CA PHE ZA 428 -112.12 -56.90 90.17
C PHE ZA 428 -113.27 -56.39 91.02
N PHE ZA 429 -114.39 -57.12 90.95
CA PHE ZA 429 -115.61 -56.78 91.69
C PHE ZA 429 -116.17 -58.05 92.31
N GLU ZA 430 -116.24 -58.08 93.63
CA GLU ZA 430 -116.77 -59.22 94.37
C GLU ZA 430 -118.01 -58.80 95.15
N GLN ZA 431 -118.94 -59.73 95.33
CA GLN ZA 431 -120.06 -59.52 96.23
C GLN ZA 431 -119.56 -59.71 97.66
N TYR ZA 432 -119.43 -58.61 98.40
CA TYR ZA 432 -118.82 -58.65 99.74
C TYR ZA 432 -119.79 -59.31 100.69
N GLU ZA 433 -119.74 -60.64 100.73
CA GLU ZA 433 -120.52 -61.39 101.69
C GLU ZA 433 -119.98 -61.15 103.10
N GLY ZA 434 -120.89 -60.96 104.05
CA GLY ZA 434 -120.56 -60.60 105.41
C GLY ZA 434 -121.00 -59.21 105.77
N GLY ZA 435 -121.11 -58.32 104.79
CA GLY ZA 435 -121.69 -57.01 105.01
C GLY ZA 435 -123.15 -56.99 104.62
N SER ZA 436 -123.51 -57.87 103.68
CA SER ZA 436 -124.91 -58.01 103.30
C SER ZA 436 -125.70 -58.58 104.48
N SER ZA 437 -126.90 -58.03 104.69
CA SER ZA 437 -127.71 -58.39 105.85
C SER ZA 437 -129.12 -58.80 105.46
N ALA ZA 438 -129.33 -59.20 104.21
CA ALA ZA 438 -130.65 -59.56 103.67
C ALA ZA 438 -131.59 -58.37 103.64
N TRP ZA 439 -131.07 -57.18 103.95
CA TRP ZA 439 -131.79 -55.93 103.75
C TRP ZA 439 -130.91 -54.98 102.95
N CYS ZA 440 -129.59 -55.21 103.02
CA CYS ZA 440 -128.61 -54.49 102.23
C CYS ZA 440 -127.86 -55.47 101.34
N VAL ZA 441 -127.10 -54.89 100.41
CA VAL ZA 441 -126.06 -55.60 99.68
C VAL ZA 441 -124.85 -54.68 99.58
N LYS ZA 442 -123.67 -55.26 99.74
CA LYS ZA 442 -122.44 -54.48 99.71
C LYS ZA 442 -121.49 -55.14 98.73
N TYR ZA 443 -121.10 -54.41 97.70
CA TYR ZA 443 -120.08 -54.89 96.79
C TYR ZA 443 -118.73 -54.31 97.16
N GLN ZA 444 -117.68 -55.03 96.81
CA GLN ZA 444 -116.30 -54.63 97.03
C GLN ZA 444 -115.58 -54.69 95.70
N PHE ZA 445 -114.63 -53.79 95.48
CA PHE ZA 445 -113.89 -53.82 94.23
C PHE ZA 445 -112.42 -53.52 94.51
N GLY ZA 446 -111.62 -53.53 93.45
CA GLY ZA 446 -110.25 -53.11 93.58
C GLY ZA 446 -109.47 -53.29 92.30
N ALA ZA 447 -108.29 -52.68 92.29
CA ALA ZA 447 -107.29 -52.75 91.22
C ALA ZA 447 -106.05 -52.02 91.70
N GLU ZA 448 -104.88 -52.43 91.19
CA GLU ZA 448 -103.64 -51.82 91.67
C GLU ZA 448 -102.59 -51.80 90.57
N ASP ZA 449 -101.82 -50.72 90.54
CA ASP ZA 449 -100.76 -50.47 89.56
C ASP ZA 449 -99.93 -49.29 90.06
N GLY ZA 450 -99.03 -48.78 89.23
CA GLY ZA 450 -98.20 -47.68 89.66
C GLY ZA 450 -97.52 -46.97 88.50
N GLY ZA 451 -96.65 -46.03 88.86
CA GLY ZA 451 -95.89 -45.27 87.87
C GLY ZA 451 -94.72 -44.57 88.53
N PHE ZA 452 -93.76 -44.14 87.69
CA PHE ZA 452 -92.53 -43.55 88.19
C PHE ZA 452 -91.79 -42.85 87.06
N VAL ZA 453 -91.03 -41.81 87.44
CA VAL ZA 453 -90.24 -41.07 86.47
C VAL ZA 453 -89.01 -41.87 86.08
N GLY ZA 454 -88.66 -41.85 84.78
CA GLY ZA 454 -87.47 -42.51 84.32
C GLY ZA 454 -86.21 -41.74 84.66
N CYS ZA 455 -86.02 -40.59 84.03
CA CYS ZA 455 -84.96 -39.65 84.43
C CYS ZA 455 -85.44 -38.28 84.02
N CYS ZA 456 -85.57 -37.37 84.99
CA CYS ZA 456 -86.14 -36.06 84.71
C CYS ZA 456 -85.10 -35.15 84.08
N GLU ZA 457 -84.46 -35.62 83.01
CA GLU ZA 457 -83.61 -34.80 82.17
C GLU ZA 457 -83.96 -34.97 80.70
N HIS ZA 458 -85.04 -35.69 80.40
CA HIS ZA 458 -85.53 -35.89 79.04
C HIS ZA 458 -86.79 -35.10 78.76
N GLY ZA 459 -86.97 -33.98 79.47
CA GLY ZA 459 -88.17 -33.19 79.32
C GLY ZA 459 -88.14 -31.88 80.07
N ARG ZA 460 -88.76 -30.86 79.50
CA ARG ZA 460 -88.74 -29.52 80.05
C ARG ZA 460 -90.16 -29.01 80.24
N ILE ZA 461 -90.30 -28.09 81.20
CA ILE ZA 461 -91.60 -27.59 81.66
C ILE ZA 461 -91.59 -26.07 81.57
N LEU ZA 462 -92.77 -25.49 81.40
CA LEU ZA 462 -92.93 -24.04 81.34
C LEU ZA 462 -93.66 -23.52 82.56
N GLN ZA 463 -93.35 -22.27 82.92
CA GLN ZA 463 -94.02 -21.57 84.01
C GLN ZA 463 -93.92 -20.09 83.74
N ILE ZA 464 -94.26 -19.28 84.74
CA ILE ZA 464 -94.20 -17.83 84.61
C ILE ZA 464 -93.25 -17.23 85.63
N MET AB 1 -96.31 -49.87 102.85
CA MET AB 1 -95.96 -51.28 102.94
C MET AB 1 -94.47 -51.45 103.25
N ASN AB 2 -93.92 -50.44 103.91
CA ASN AB 2 -92.52 -50.49 104.32
C ASN AB 2 -92.31 -51.62 105.32
N PHE AB 3 -91.41 -52.55 104.98
CA PHE AB 3 -91.13 -53.66 105.86
C PHE AB 3 -90.32 -53.17 107.08
N ASN AB 4 -90.28 -53.99 108.13
CA ASN AB 4 -89.61 -53.61 109.37
C ASN AB 4 -88.11 -53.76 109.19
N VAL AB 5 -87.52 -52.84 108.44
CA VAL AB 5 -86.16 -53.00 107.94
C VAL AB 5 -85.19 -52.65 109.05
N GLY AB 6 -85.67 -52.69 110.28
CA GLY AB 6 -84.83 -52.53 111.45
C GLY AB 6 -84.36 -53.82 112.08
N VAL AB 7 -85.14 -54.90 111.94
CA VAL AB 7 -84.74 -56.16 112.54
C VAL AB 7 -83.52 -56.75 111.85
N ASP AB 8 -83.37 -56.49 110.56
CA ASP AB 8 -82.11 -56.68 109.86
C ASP AB 8 -81.64 -55.30 109.43
N PHE AB 9 -80.37 -55.20 109.11
CA PHE AB 9 -79.74 -53.91 108.87
C PHE AB 9 -79.97 -52.97 110.06
N PRO AB 10 -79.69 -53.37 111.30
CA PRO AB 10 -79.97 -52.47 112.43
C PRO AB 10 -78.89 -51.41 112.54
N SER AB 11 -79.33 -50.16 112.65
CA SER AB 11 -78.40 -49.04 112.74
C SER AB 11 -78.16 -48.66 114.19
N PHE AB 12 -76.97 -48.10 114.44
CA PHE AB 12 -76.59 -47.67 115.78
C PHE AB 12 -75.77 -46.40 115.66
N ILE AB 13 -75.95 -45.52 116.65
CA ILE AB 13 -75.23 -44.24 116.64
C ILE AB 13 -73.75 -44.49 116.82
N ALA AB 14 -72.95 -43.97 115.90
CA ALA AB 14 -71.50 -44.10 115.96
C ALA AB 14 -70.83 -42.83 116.45
N TRP AB 15 -71.28 -41.67 115.98
CA TRP AB 15 -70.75 -40.38 116.40
C TRP AB 15 -71.87 -39.36 116.33
N ASP AB 16 -72.37 -38.95 117.49
CA ASP AB 16 -73.45 -37.97 117.57
C ASP AB 16 -72.91 -36.55 117.75
N GLY AB 17 -71.98 -36.16 116.87
CA GLY AB 17 -71.44 -34.82 116.91
C GLY AB 17 -70.35 -34.60 117.94
N GLU AB 18 -70.51 -35.16 119.14
CA GLU AB 18 -69.52 -34.91 120.19
C GLU AB 18 -69.23 -36.15 121.04
N GLU AB 19 -69.61 -37.34 120.59
CA GLU AB 19 -69.37 -38.54 121.39
C GLU AB 19 -69.42 -39.77 120.50
N SER AB 20 -68.44 -40.65 120.66
CA SER AB 20 -68.39 -41.91 119.92
C SER AB 20 -69.09 -43.03 120.70
N PHE AB 21 -69.34 -44.13 120.01
CA PHE AB 21 -70.03 -45.27 120.62
C PHE AB 21 -69.52 -46.57 120.01
N PRO AB 22 -68.77 -47.37 120.75
CA PRO AB 22 -68.34 -48.67 120.22
C PRO AB 22 -69.54 -49.56 119.92
N VAL AB 23 -69.50 -50.20 118.76
CA VAL AB 23 -70.61 -51.03 118.28
C VAL AB 23 -70.06 -52.42 117.95
N LYS AB 24 -70.78 -53.45 118.38
CA LYS AB 24 -70.38 -54.83 118.18
C LYS AB 24 -70.91 -55.33 116.85
N VAL AB 25 -70.01 -55.92 116.04
CA VAL AB 25 -70.35 -56.43 114.72
C VAL AB 25 -70.18 -57.94 114.62
N ASP AB 26 -69.83 -58.60 115.73
CA ASP AB 26 -69.61 -60.05 115.70
C ASP AB 26 -70.85 -60.79 115.20
N GLY AB 27 -72.03 -60.38 115.66
CA GLY AB 27 -73.26 -60.99 115.21
C GLY AB 27 -73.54 -60.83 113.73
N PHE AB 28 -72.75 -60.02 113.03
CA PHE AB 28 -72.96 -59.73 111.62
C PHE AB 28 -71.70 -60.08 110.83
N ASN AB 29 -71.83 -60.04 109.51
CA ASN AB 29 -70.70 -60.33 108.63
C ASN AB 29 -70.35 -59.18 107.70
N GLN AB 30 -71.23 -58.20 107.52
CA GLN AB 30 -70.97 -57.05 106.67
C GLN AB 30 -71.53 -55.81 107.33
N PHE AB 31 -70.82 -54.69 107.20
CA PHE AB 31 -71.27 -53.45 107.78
C PHE AB 31 -70.62 -52.29 107.03
N GLY AB 32 -71.39 -51.23 106.83
CA GLY AB 32 -70.92 -50.07 106.08
C GLY AB 32 -70.74 -48.84 106.94
N PHE AB 33 -71.08 -47.68 106.40
CA PHE AB 33 -70.99 -46.43 107.14
C PHE AB 33 -71.91 -45.40 106.50
N THR AB 34 -72.42 -44.49 107.32
CA THR AB 34 -73.34 -43.47 106.86
C THR AB 34 -72.99 -42.15 107.56
N PHE AB 35 -72.64 -41.16 106.75
CA PHE AB 35 -72.22 -39.84 107.23
C PHE AB 35 -73.23 -38.79 106.81
N LYS AB 36 -73.45 -37.81 107.68
CA LYS AB 36 -74.39 -36.73 107.40
C LYS AB 36 -73.87 -35.45 108.02
N THR AB 37 -74.17 -34.32 107.38
CA THR AB 37 -73.80 -33.02 107.90
C THR AB 37 -75.06 -32.30 108.35
N ILE AB 38 -74.92 -31.41 109.35
CA ILE AB 38 -76.04 -30.68 109.90
C ILE AB 38 -75.99 -29.19 109.61
N ALA AB 39 -74.85 -28.66 109.18
CA ALA AB 39 -74.70 -27.24 108.90
C ALA AB 39 -73.69 -27.08 107.77
N ALA AB 40 -73.19 -25.86 107.60
CA ALA AB 40 -72.18 -25.60 106.57
C ALA AB 40 -70.79 -25.93 107.11
N LEU AB 41 -69.98 -26.56 106.26
CA LEU AB 41 -68.62 -26.91 106.63
C LEU AB 41 -67.67 -25.74 106.35
N THR AB 42 -66.52 -25.76 107.01
CA THR AB 42 -65.51 -24.73 106.86
C THR AB 42 -64.28 -25.25 106.13
N ALA AB 43 -63.67 -26.31 106.63
CA ALA AB 43 -62.55 -26.97 105.98
C ALA AB 43 -62.83 -28.47 105.96
N ALA AB 44 -62.00 -29.21 105.23
CA ALA AB 44 -62.12 -30.65 105.22
C ALA AB 44 -61.91 -31.21 106.63
N THR AB 45 -62.51 -32.35 106.89
CA THR AB 45 -62.49 -32.94 108.21
C THR AB 45 -61.89 -34.35 108.13
N THR AB 46 -61.24 -34.78 109.19
CA THR AB 46 -60.57 -36.07 109.23
C THR AB 46 -61.03 -36.86 110.45
N PHE AB 47 -61.05 -38.18 110.30
CA PHE AB 47 -61.50 -39.10 111.34
C PHE AB 47 -60.58 -40.31 111.36
N ASN AB 48 -60.29 -40.80 112.55
CA ASN AB 48 -59.51 -42.01 112.75
C ASN AB 48 -60.41 -43.14 113.22
N ILE AB 49 -60.13 -44.34 112.73
CA ILE AB 49 -60.92 -45.52 113.04
C ILE AB 49 -60.23 -46.33 114.12
N PHE AB 50 -61.01 -46.81 115.09
CA PHE AB 50 -60.50 -47.63 116.18
C PHE AB 50 -61.33 -48.90 116.27
N TYR AB 51 -60.75 -49.94 116.85
CA TYR AB 51 -61.46 -51.16 117.11
C TYR AB 51 -61.14 -51.65 118.52
N HIS AB 52 -62.03 -52.48 119.05
CA HIS AB 52 -61.96 -52.94 120.42
C HIS AB 52 -62.17 -54.45 120.49
N GLU AB 53 -61.50 -55.06 121.44
CA GLU AB 53 -61.53 -56.49 121.73
C GLU AB 53 -62.31 -56.75 123.01
N PRO AB 54 -62.77 -57.99 123.23
CA PRO AB 54 -63.45 -58.30 124.48
C PRO AB 54 -62.54 -58.06 125.68
N SER AB 55 -62.97 -57.17 126.56
CA SER AB 55 -62.20 -56.90 127.77
C SER AB 55 -62.08 -58.16 128.62
N ASP AB 56 -60.90 -58.35 129.22
CA ASP AB 56 -60.70 -59.50 130.08
C ASP AB 56 -61.64 -59.48 131.28
N ALA AB 57 -62.06 -58.28 131.71
CA ALA AB 57 -62.98 -58.19 132.84
C ALA AB 57 -64.39 -58.65 132.46
N ASP AB 58 -64.79 -58.44 131.22
CA ASP AB 58 -66.13 -58.83 130.79
C ASP AB 58 -66.10 -59.24 129.31
N PRO AB 59 -66.52 -60.46 128.99
CA PRO AB 59 -66.46 -60.93 127.61
C PRO AB 59 -67.53 -60.36 126.69
N CYS AB 60 -68.26 -59.33 127.13
CA CYS AB 60 -69.27 -58.72 126.28
C CYS AB 60 -69.20 -57.19 126.33
N VAL AB 61 -68.06 -56.63 126.72
CA VAL AB 61 -67.88 -55.18 126.70
C VAL AB 61 -66.63 -54.86 125.89
N PRO AB 62 -66.57 -53.70 125.24
CA PRO AB 62 -65.39 -53.37 124.43
C PRO AB 62 -64.18 -53.09 125.31
N GLY AB 63 -63.01 -53.43 124.78
CA GLY AB 63 -61.76 -53.17 125.46
C GLY AB 63 -61.25 -51.77 125.17
N PRO AB 64 -59.97 -51.66 124.87
CA PRO AB 64 -59.38 -50.37 124.51
C PRO AB 64 -59.68 -50.04 123.04
N ALA AB 65 -59.15 -48.89 122.61
CA ALA AB 65 -59.37 -48.39 121.26
C ALA AB 65 -58.06 -48.55 120.48
N ILE AB 66 -57.95 -49.65 119.76
CA ILE AB 66 -56.77 -49.92 118.93
C ILE AB 66 -57.02 -49.32 117.55
N ARG AB 67 -56.03 -48.59 117.03
CA ARG AB 67 -56.15 -48.02 115.70
C ARG AB 67 -56.21 -49.13 114.66
N VAL AB 68 -56.97 -48.88 113.61
CA VAL AB 68 -57.21 -49.85 112.53
C VAL AB 68 -56.18 -49.60 111.44
N PRO AB 69 -55.43 -50.62 111.00
CA PRO AB 69 -54.48 -50.41 109.92
C PRO AB 69 -55.16 -50.42 108.56
N GLU AB 70 -54.67 -49.56 107.67
CA GLU AB 70 -55.23 -49.48 106.33
C GLU AB 70 -54.72 -50.64 105.49
N VAL AB 71 -55.62 -51.28 104.76
CA VAL AB 71 -55.25 -52.31 103.78
C VAL AB 71 -55.37 -51.71 102.39
N PRO AB 72 -54.32 -51.80 101.57
CA PRO AB 72 -54.39 -51.21 100.23
C PRO AB 72 -54.99 -52.16 99.21
N PHE AB 73 -55.82 -51.61 98.32
CA PHE AB 73 -56.31 -52.36 97.19
C PHE AB 73 -55.23 -52.39 96.12
N CYS AB 74 -55.58 -52.84 94.92
CA CYS AB 74 -54.77 -52.51 93.75
C CYS AB 74 -54.95 -51.02 93.45
N ASP AB 75 -54.29 -50.58 92.37
CA ASP AB 75 -54.33 -49.19 91.89
C ASP AB 75 -54.28 -48.16 93.01
N THR AB 76 -53.50 -48.43 94.05
CA THR AB 76 -53.37 -47.51 95.16
C THR AB 76 -52.26 -46.50 94.87
N VAL AB 77 -52.53 -45.23 95.17
CA VAL AB 77 -51.59 -44.17 94.87
C VAL AB 77 -51.01 -43.51 96.11
N LEU AB 78 -51.63 -43.66 97.28
CA LEU AB 78 -51.11 -43.06 98.49
C LEU AB 78 -51.48 -43.93 99.67
N LEU AB 79 -50.57 -44.00 100.64
CA LEU AB 79 -50.79 -44.72 101.89
C LEU AB 79 -50.53 -43.78 103.04
N SER AB 80 -51.37 -43.87 104.08
CA SER AB 80 -51.19 -43.05 105.26
C SER AB 80 -49.80 -43.26 105.84
N GLU AB 81 -49.15 -42.15 106.22
CA GLU AB 81 -47.77 -42.21 106.71
C GLU AB 81 -47.62 -43.16 107.89
N ASP AB 82 -48.68 -43.33 108.68
CA ASP AB 82 -48.65 -44.28 109.79
C ASP AB 82 -49.05 -45.68 109.38
N GLY AB 83 -49.68 -45.84 108.22
CA GLY AB 83 -50.20 -47.13 107.82
C GLY AB 83 -51.50 -47.52 108.48
N LEU AB 84 -52.09 -46.62 109.28
CA LEU AB 84 -53.35 -46.91 109.94
C LEU AB 84 -54.51 -46.36 109.12
N ALA AB 85 -55.62 -47.09 109.11
CA ALA AB 85 -56.78 -46.68 108.35
C ALA AB 85 -57.37 -45.40 108.95
N ALA AB 86 -57.97 -44.59 108.07
CA ALA AB 86 -58.60 -43.34 108.47
C ALA AB 86 -59.47 -42.86 107.31
N VAL AB 87 -60.41 -41.97 107.64
CA VAL AB 87 -61.32 -41.41 106.65
C VAL AB 87 -61.27 -39.90 106.74
N THR AB 88 -61.82 -39.25 105.72
CA THR AB 88 -61.88 -37.80 105.70
C THR AB 88 -63.03 -37.34 104.80
N LEU AB 89 -63.76 -36.34 105.28
CA LEU AB 89 -64.84 -35.74 104.53
C LEU AB 89 -64.35 -34.46 103.88
N PRO AB 90 -64.44 -34.34 102.56
CA PRO AB 90 -63.95 -33.13 101.90
C PRO AB 90 -64.82 -31.93 102.19
N GLU AB 91 -64.24 -30.75 102.00
CA GLU AB 91 -64.97 -29.51 102.16
C GLU AB 91 -66.04 -29.39 101.06
N THR AB 92 -66.97 -28.46 101.28
CA THR AB 92 -68.10 -28.21 100.36
C THR AB 92 -68.98 -29.45 100.23
N VAL AB 93 -69.51 -29.88 101.36
CA VAL AB 93 -70.54 -30.92 101.41
C VAL AB 93 -71.74 -30.29 102.11
N THR AB 94 -72.75 -29.93 101.33
CA THR AB 94 -73.94 -29.29 101.87
C THR AB 94 -74.69 -30.26 102.78
N PRO AB 95 -75.25 -29.76 103.90
CA PRO AB 95 -75.83 -30.67 104.91
C PRO AB 95 -77.18 -31.24 104.52
N ASP AB 96 -77.31 -31.66 103.26
CA ASP AB 96 -78.45 -32.44 102.78
C ASP AB 96 -77.96 -33.53 101.84
N SER AB 97 -76.84 -34.16 102.17
CA SER AB 97 -76.18 -35.11 101.28
C SER AB 97 -75.52 -36.18 102.14
N PHE AB 98 -76.13 -37.36 102.21
CA PHE AB 98 -75.55 -38.46 102.97
C PHE AB 98 -74.28 -38.96 102.29
N CYS AB 99 -73.44 -39.62 103.08
CA CYS AB 99 -72.16 -40.15 102.60
C CYS AB 99 -71.98 -41.57 103.10
N ALA AB 100 -71.37 -42.41 102.26
CA ALA AB 100 -71.21 -43.82 102.54
C ALA AB 100 -69.74 -44.22 102.48
N GLY AB 101 -69.39 -45.25 103.26
CA GLY AB 101 -68.03 -45.74 103.30
C GLY AB 101 -67.96 -47.10 103.93
N THR AB 102 -66.82 -47.77 103.75
CA THR AB 102 -66.63 -49.11 104.26
C THR AB 102 -65.17 -49.54 104.25
N VAL AB 103 -64.68 -50.06 105.38
CA VAL AB 103 -63.35 -50.68 105.44
C VAL AB 103 -63.50 -52.15 105.06
N PRO AB 104 -62.70 -52.67 104.13
CA PRO AB 104 -62.89 -54.05 103.67
C PRO AB 104 -62.25 -55.11 104.54
N CYS AB 105 -61.49 -54.74 105.57
CA CYS AB 105 -60.79 -55.70 106.41
C CYS AB 105 -61.15 -55.40 107.86
N MET AB 106 -61.93 -56.27 108.48
CA MET AB 106 -62.35 -56.10 109.86
C MET AB 106 -61.42 -56.84 110.80
N ASN AB 107 -61.43 -56.40 112.06
CA ASN AB 107 -60.61 -57.02 113.11
C ASN AB 107 -61.10 -56.59 114.48
N GLY AB 108 -61.29 -57.54 115.38
CA GLY AB 108 -61.83 -57.25 116.68
C GLY AB 108 -63.31 -57.61 116.78
N GLN AB 109 -63.97 -56.96 117.74
CA GLN AB 109 -65.39 -57.18 117.93
C GLN AB 109 -66.17 -55.87 117.92
N TRP AB 110 -65.52 -54.77 118.28
CA TRP AB 110 -66.18 -53.47 118.32
C TRP AB 110 -65.47 -52.50 117.38
N ILE AB 111 -66.27 -51.64 116.74
CA ILE AB 111 -65.75 -50.60 115.85
C ILE AB 111 -66.09 -49.24 116.46
N SER AB 112 -65.29 -48.24 116.10
CA SER AB 112 -65.52 -46.89 116.58
C SER AB 112 -64.83 -45.91 115.65
N ILE AB 113 -65.39 -44.70 115.58
CA ILE AB 113 -64.81 -43.60 114.81
C ILE AB 113 -64.60 -42.42 115.75
N ALA AB 114 -63.50 -41.71 115.55
CA ALA AB 114 -63.20 -40.54 116.37
C ALA AB 114 -62.75 -39.40 115.46
N PRO AB 115 -63.09 -38.17 115.81
CA PRO AB 115 -62.66 -37.03 114.98
C PRO AB 115 -61.16 -36.80 115.15
N ALA AB 116 -60.42 -36.89 114.05
CA ALA AB 116 -58.99 -36.66 114.09
C ALA AB 116 -58.71 -35.25 114.61
N THR AB 117 -57.65 -35.13 115.41
CA THR AB 117 -57.34 -33.89 116.09
C THR AB 117 -57.16 -32.75 115.10
N GLY AB 118 -57.45 -31.53 115.56
CA GLY AB 118 -57.39 -30.36 114.71
C GLY AB 118 -58.60 -30.20 113.81
N SER AB 119 -59.31 -31.30 113.57
CA SER AB 119 -60.50 -31.27 112.72
C SER AB 119 -61.72 -31.75 113.50
N GLU AB 120 -61.87 -31.26 114.74
CA GLU AB 120 -62.93 -31.71 115.61
C GLU AB 120 -64.00 -30.65 115.87
N THR AB 121 -63.70 -29.37 115.62
CA THR AB 121 -64.72 -28.34 115.76
C THR AB 121 -65.83 -28.52 114.75
N ASN AB 122 -65.47 -28.79 113.49
CA ASN AB 122 -66.47 -29.05 112.47
C ASN AB 122 -67.17 -30.39 112.70
N ALA AB 123 -66.50 -31.32 113.38
CA ALA AB 123 -67.10 -32.63 113.65
C ALA AB 123 -68.40 -32.50 114.43
N ALA AB 124 -68.56 -31.42 115.19
CA ALA AB 124 -69.81 -31.20 115.89
C ALA AB 124 -71.00 -31.20 114.93
N ASN AB 125 -70.81 -30.61 113.74
CA ASN AB 125 -71.86 -30.57 112.73
C ASN AB 125 -71.91 -31.83 111.89
N VAL AB 126 -71.23 -32.90 112.31
CA VAL AB 126 -71.18 -34.15 111.56
C VAL AB 126 -71.79 -35.25 112.41
N GLN AB 127 -72.59 -36.11 111.77
CA GLN AB 127 -73.21 -37.26 112.40
C GLN AB 127 -72.80 -38.51 111.65
N ILE AB 128 -72.51 -39.58 112.38
CA ILE AB 128 -72.07 -40.83 111.78
C ILE AB 128 -72.83 -41.97 112.43
N THR AB 129 -73.36 -42.88 111.61
CA THR AB 129 -73.96 -44.10 112.12
C THR AB 129 -73.64 -45.23 111.15
N VAL AB 130 -74.02 -46.45 111.53
CA VAL AB 130 -73.56 -47.64 110.82
C VAL AB 130 -74.67 -48.69 110.85
N THR AB 131 -74.85 -49.38 109.73
CA THR AB 131 -75.77 -50.50 109.61
C THR AB 131 -74.98 -51.77 109.35
N MET AB 132 -75.68 -52.91 109.43
CA MET AB 132 -75.06 -54.22 109.27
C MET AB 132 -75.89 -55.05 108.29
N LYS AB 133 -75.42 -56.27 108.01
CA LYS AB 133 -76.06 -57.07 106.96
C LYS AB 133 -76.36 -58.50 107.39
N GLY AB 134 -75.52 -59.10 108.24
CA GLY AB 134 -75.58 -60.53 108.48
C GLY AB 134 -76.50 -60.91 109.63
N ALA AB 135 -76.71 -62.23 109.76
CA ALA AB 135 -77.39 -62.78 110.92
C ALA AB 135 -76.47 -63.69 111.73
N THR AB 136 -75.94 -64.75 111.14
CA THR AB 136 -74.81 -65.53 111.67
C THR AB 136 -75.10 -66.14 113.04
N ARG AB 137 -76.28 -65.89 113.59
CA ARG AB 137 -76.65 -66.33 114.94
C ARG AB 137 -78.02 -65.77 115.31
N MET BB 1 -65.04 -59.09 103.49
CA MET BB 1 -65.57 -58.65 102.21
C MET BB 1 -66.89 -57.91 102.39
N ASN BB 2 -66.96 -57.09 103.43
CA ASN BB 2 -68.17 -56.33 103.73
C ASN BB 2 -68.44 -55.31 102.62
N PHE BB 3 -69.57 -55.49 101.92
CA PHE BB 3 -69.96 -54.53 100.89
C PHE BB 3 -70.21 -53.16 101.50
N ASN BB 4 -70.03 -52.13 100.69
CA ASN BB 4 -70.32 -50.77 101.14
C ASN BB 4 -71.83 -50.58 101.19
N VAL BB 5 -72.42 -50.91 102.33
CA VAL BB 5 -73.88 -50.89 102.47
C VAL BB 5 -74.33 -49.54 103.00
N GLY BB 6 -73.44 -48.54 102.96
CA GLY BB 6 -73.87 -47.17 103.18
C GLY BB 6 -74.90 -46.80 102.14
N VAL BB 7 -74.47 -46.65 100.89
CA VAL BB 7 -75.42 -46.74 99.79
C VAL BB 7 -76.00 -48.15 99.84
N ASP BB 8 -77.24 -48.30 99.36
CA ASP BB 8 -77.92 -49.59 99.50
C ASP BB 8 -78.12 -49.93 100.98
N PHE BB 9 -79.16 -49.35 101.60
CA PHE BB 9 -79.48 -49.31 103.03
C PHE BB 9 -78.64 -48.32 103.84
N PRO BB 10 -78.78 -47.00 103.59
CA PRO BB 10 -78.21 -46.01 104.52
C PRO BB 10 -79.02 -45.87 105.80
N SER BB 11 -78.61 -44.94 106.66
CA SER BB 11 -79.30 -44.71 107.91
C SER BB 11 -78.99 -43.31 108.40
N PHE BB 12 -79.72 -42.87 109.42
CA PHE BB 12 -79.57 -41.53 109.96
C PHE BB 12 -79.84 -41.54 111.45
N ILE BB 13 -79.53 -40.42 112.09
CA ILE BB 13 -79.79 -40.25 113.51
C ILE BB 13 -81.22 -39.74 113.69
N ALA BB 14 -82.01 -40.46 114.47
CA ALA BB 14 -83.39 -40.08 114.74
C ALA BB 14 -83.57 -39.46 116.12
N TRP BB 15 -82.97 -40.05 117.15
CA TRP BB 15 -83.12 -39.56 118.52
C TRP BB 15 -81.83 -39.88 119.26
N ASP BB 16 -81.05 -38.84 119.56
CA ASP BB 16 -79.77 -38.99 120.24
C ASP BB 16 -79.90 -39.07 121.75
N GLY BB 17 -81.08 -38.79 122.30
CA GLY BB 17 -81.26 -38.70 123.73
C GLY BB 17 -81.40 -37.29 124.25
N GLU BB 18 -81.27 -36.28 123.39
CA GLU BB 18 -81.38 -34.89 123.82
C GLU BB 18 -82.38 -34.13 122.96
N GLU BB 19 -82.49 -34.50 121.69
CA GLU BB 19 -83.40 -33.81 120.77
C GLU BB 19 -83.63 -34.70 119.55
N SER BB 20 -84.75 -34.44 118.88
CA SER BB 20 -85.10 -35.19 117.68
C SER BB 20 -84.46 -34.55 116.45
N PHE BB 21 -84.58 -35.26 115.33
CA PHE BB 21 -84.04 -34.81 114.06
C PHE BB 21 -84.90 -35.35 112.94
N PRO BB 22 -85.41 -34.50 112.05
CA PRO BB 22 -86.19 -35.00 110.90
C PRO BB 22 -85.28 -35.79 109.96
N VAL BB 23 -85.75 -36.96 109.53
CA VAL BB 23 -85.01 -37.81 108.60
C VAL BB 23 -85.89 -38.05 107.39
N LYS BB 24 -85.41 -37.62 106.22
CA LYS BB 24 -86.21 -37.68 105.01
C LYS BB 24 -86.41 -39.12 104.55
N VAL BB 25 -87.65 -39.43 104.17
CA VAL BB 25 -88.00 -40.76 103.68
C VAL BB 25 -88.59 -40.72 102.28
N ASP BB 26 -88.96 -39.54 101.78
CA ASP BB 26 -89.64 -39.45 100.49
C ASP BB 26 -88.80 -40.04 99.37
N GLY BB 27 -87.49 -39.82 99.41
CA GLY BB 27 -86.61 -40.41 98.41
C GLY BB 27 -86.55 -41.92 98.43
N PHE BB 28 -87.03 -42.54 99.50
CA PHE BB 28 -87.08 -43.99 99.64
C PHE BB 28 -88.54 -44.46 99.61
N ASN BB 29 -88.73 -45.78 99.65
CA ASN BB 29 -90.07 -46.34 99.75
C ASN BB 29 -90.25 -47.30 100.90
N GLN BB 30 -89.18 -47.72 101.57
CA GLN BB 30 -89.29 -48.54 102.78
C GLN BB 30 -88.38 -47.97 103.85
N PHE BB 31 -88.79 -48.09 105.11
CA PHE BB 31 -88.00 -47.56 106.22
C PHE BB 31 -88.49 -48.17 107.53
N GLY BB 32 -87.64 -48.05 108.55
CA GLY BB 32 -87.93 -48.61 109.85
C GLY BB 32 -87.04 -48.02 110.91
N PHE BB 33 -87.45 -48.21 112.17
CA PHE BB 33 -86.75 -47.70 113.34
C PHE BB 33 -86.02 -48.83 114.06
N THR BB 34 -84.84 -48.49 114.58
CA THR BB 34 -84.02 -49.37 115.41
C THR BB 34 -83.77 -48.67 116.72
N PHE BB 35 -84.14 -49.31 117.82
CA PHE BB 35 -83.96 -48.76 119.16
C PHE BB 35 -82.76 -49.42 119.84
N LYS BB 36 -82.14 -48.69 120.75
CA LYS BB 36 -81.01 -49.25 121.49
C LYS BB 36 -80.94 -48.57 122.85
N THR BB 37 -80.63 -49.35 123.88
CA THR BB 37 -80.56 -48.87 125.25
C THR BB 37 -79.11 -48.73 125.67
N ILE BB 38 -78.75 -47.55 126.17
CA ILE BB 38 -77.40 -47.37 126.72
C ILE BB 38 -77.26 -48.03 128.08
N ALA BB 39 -78.36 -48.33 128.74
CA ALA BB 39 -78.37 -48.99 130.05
C ALA BB 39 -79.80 -49.47 130.29
N ALA BB 40 -80.07 -49.95 131.50
CA ALA BB 40 -81.40 -50.37 131.87
C ALA BB 40 -82.25 -49.17 132.28
N LEU BB 41 -83.51 -49.18 131.86
CA LEU BB 41 -84.42 -48.09 132.18
C LEU BB 41 -85.02 -48.29 133.56
N THR BB 42 -85.93 -47.40 133.94
CA THR BB 42 -86.65 -47.50 135.21
C THR BB 42 -88.09 -47.98 135.02
N ALA BB 43 -88.74 -47.59 133.93
CA ALA BB 43 -90.10 -47.99 133.66
C ALA BB 43 -90.30 -48.02 132.15
N ALA BB 44 -91.48 -48.45 131.72
CA ALA BB 44 -91.80 -48.47 130.29
C ALA BB 44 -91.73 -47.07 129.72
N THR BB 45 -91.06 -46.93 128.58
CA THR BB 45 -90.83 -45.65 127.94
C THR BB 45 -91.61 -45.58 126.64
N THR BB 46 -92.45 -44.56 126.51
CA THR BB 46 -93.30 -44.40 125.33
C THR BB 46 -92.83 -43.24 124.47
N PHE BB 47 -93.02 -43.37 123.17
CA PHE BB 47 -92.56 -42.42 122.18
C PHE BB 47 -93.68 -42.11 121.20
N ASN BB 48 -93.79 -40.83 120.84
CA ASN BB 48 -94.73 -40.37 119.83
C ASN BB 48 -94.02 -40.20 118.50
N ILE BB 49 -94.75 -40.49 117.42
CA ILE BB 49 -94.22 -40.41 116.06
C ILE BB 49 -94.88 -39.23 115.35
N PHE BB 50 -94.08 -38.51 114.57
CA PHE BB 50 -94.58 -37.34 113.86
C PHE BB 50 -94.05 -37.37 112.43
N TYR BB 51 -94.83 -36.77 111.54
CA TYR BB 51 -94.42 -36.57 110.15
C TYR BB 51 -94.64 -35.11 109.78
N HIS BB 52 -93.91 -34.66 108.78
CA HIS BB 52 -93.94 -33.26 108.37
C HIS BB 52 -94.29 -33.15 106.89
N GLU BB 53 -94.37 -31.92 106.43
CA GLU BB 53 -94.65 -31.58 105.04
C GLU BB 53 -93.66 -30.51 104.60
N PRO BB 54 -93.41 -30.40 103.30
CA PRO BB 54 -92.46 -29.37 102.84
C PRO BB 54 -93.01 -27.98 103.12
N SER BB 55 -92.22 -27.17 103.82
CA SER BB 55 -92.63 -25.82 104.16
C SER BB 55 -92.91 -25.02 102.89
N ASP BB 56 -93.90 -24.13 102.99
CA ASP BB 56 -94.22 -23.26 101.86
C ASP BB 56 -93.04 -22.38 101.48
N ALA BB 57 -92.19 -22.04 102.45
CA ALA BB 57 -91.01 -21.23 102.15
C ALA BB 57 -90.03 -21.99 101.26
N ASP BB 58 -89.82 -23.28 101.53
CA ASP BB 58 -88.86 -24.05 100.77
C ASP BB 58 -89.29 -25.52 100.77
N PRO BB 59 -89.27 -26.19 99.62
CA PRO BB 59 -89.69 -27.59 99.55
C PRO BB 59 -88.68 -28.60 100.07
N CYS BB 60 -87.64 -28.15 100.77
CA CYS BB 60 -86.64 -29.06 101.33
C CYS BB 60 -86.32 -28.75 102.78
N VAL BB 61 -87.20 -28.03 103.47
CA VAL BB 61 -86.98 -27.65 104.87
C VAL BB 61 -88.11 -28.22 105.72
N PRO BB 62 -87.84 -28.75 106.91
CA PRO BB 62 -88.91 -29.29 107.75
C PRO BB 62 -89.92 -28.23 108.14
N GLY BB 63 -91.20 -28.58 108.02
CA GLY BB 63 -92.28 -27.74 108.45
C GLY BB 63 -92.77 -28.11 109.83
N PRO BB 64 -94.08 -28.03 110.05
CA PRO BB 64 -94.64 -28.42 111.34
C PRO BB 64 -94.58 -29.94 111.54
N ALA BB 65 -94.86 -30.35 112.77
CA ALA BB 65 -94.80 -31.76 113.16
C ALA BB 65 -96.22 -32.30 113.26
N ILE BB 66 -96.72 -32.87 112.16
CA ILE BB 66 -98.05 -33.46 112.14
C ILE BB 66 -97.99 -34.82 112.81
N ARG BB 67 -99.03 -35.14 113.58
CA ARG BB 67 -99.09 -36.38 114.34
C ARG BB 67 -99.62 -37.49 113.42
N VAL BB 68 -98.77 -38.45 113.11
CA VAL BB 68 -99.20 -39.57 112.26
C VAL BB 68 -100.21 -40.42 113.02
N PRO BB 69 -101.31 -40.84 112.39
CA PRO BB 69 -102.33 -41.61 113.10
C PRO BB 69 -102.06 -43.10 113.09
N GLU BB 70 -102.47 -43.76 114.18
CA GLU BB 70 -102.37 -45.20 114.26
C GLU BB 70 -103.27 -45.85 113.22
N VAL BB 71 -102.79 -46.95 112.63
CA VAL BB 71 -103.55 -47.71 111.65
C VAL BB 71 -103.62 -49.16 112.13
N PRO BB 72 -104.79 -49.66 112.50
CA PRO BB 72 -104.91 -51.06 112.90
C PRO BB 72 -105.03 -51.96 111.68
N PHE BB 73 -105.12 -53.26 111.94
CA PHE BB 73 -105.27 -54.24 110.88
C PHE BB 73 -106.10 -55.41 111.41
N CYS BB 74 -106.05 -56.54 110.68
CA CYS BB 74 -106.93 -57.67 110.93
C CYS BB 74 -106.95 -58.09 112.40
N ASP BB 75 -105.77 -58.34 112.98
CA ASP BB 75 -105.69 -58.86 114.33
C ASP BB 75 -105.45 -57.77 115.38
N THR BB 76 -105.71 -56.51 115.06
CA THR BB 76 -105.57 -55.43 116.02
C THR BB 76 -106.87 -55.26 116.78
N VAL BB 77 -106.83 -55.53 118.08
CA VAL BB 77 -108.03 -55.48 118.92
C VAL BB 77 -107.73 -54.60 120.13
N LEU BB 78 -106.71 -53.76 120.02
CA LEU BB 78 -106.26 -52.90 121.12
C LEU BB 78 -106.13 -51.45 120.65
N LEU BB 79 -107.15 -50.98 119.94
CA LEU BB 79 -107.16 -49.61 119.46
C LEU BB 79 -107.04 -48.65 120.64
N SER BB 80 -106.01 -47.81 120.62
CA SER BB 80 -105.69 -46.94 121.74
C SER BB 80 -106.37 -45.59 121.59
N GLU BB 81 -105.96 -44.62 122.40
CA GLU BB 81 -106.59 -43.31 122.41
C GLU BB 81 -106.33 -42.58 121.10
N ASP BB 82 -107.40 -41.97 120.57
CA ASP BB 82 -107.41 -41.08 119.40
C ASP BB 82 -106.59 -41.62 118.22
N GLY BB 83 -106.39 -42.94 118.16
CA GLY BB 83 -105.69 -43.60 117.08
C GLY BB 83 -104.42 -42.93 116.58
N LEU BB 84 -103.52 -42.56 117.49
CA LEU BB 84 -102.26 -41.96 117.11
C LEU BB 84 -101.16 -43.02 117.11
N ALA BB 85 -100.22 -42.87 116.19
CA ALA BB 85 -99.13 -43.83 116.03
C ALA BB 85 -98.08 -43.56 117.09
N ALA BB 86 -98.09 -44.35 118.16
CA ALA BB 86 -97.13 -44.23 119.24
C ALA BB 86 -96.66 -45.61 119.66
N VAL BB 87 -95.41 -45.70 120.09
CA VAL BB 87 -94.82 -46.97 120.49
C VAL BB 87 -94.37 -46.87 121.94
N THR BB 88 -94.00 -48.01 122.51
CA THR BB 88 -93.55 -48.06 123.89
C THR BB 88 -92.61 -49.24 124.07
N LEU BB 89 -91.37 -48.95 124.44
CA LEU BB 89 -90.45 -50.00 124.84
C LEU BB 89 -90.67 -50.33 126.31
N PRO BB 90 -90.88 -51.60 126.66
CA PRO BB 90 -91.18 -51.96 128.05
C PRO BB 90 -89.92 -51.91 128.90
N GLU BB 91 -90.08 -52.30 130.16
CA GLU BB 91 -88.93 -52.46 131.05
C GLU BB 91 -88.29 -53.82 130.76
N THR BB 92 -87.34 -54.24 131.61
CA THR BB 92 -86.60 -55.49 131.43
C THR BB 92 -85.93 -55.52 130.06
N VAL BB 93 -85.38 -54.38 129.65
CA VAL BB 93 -84.67 -54.26 128.38
C VAL BB 93 -83.21 -53.94 128.67
N THR BB 94 -82.32 -54.64 127.99
CA THR BB 94 -80.88 -54.55 128.23
C THR BB 94 -80.15 -54.06 126.99
N PRO BB 95 -78.93 -53.55 127.15
CA PRO BB 95 -78.08 -53.33 125.98
C PRO BB 95 -77.76 -54.63 125.29
N ASP BB 96 -76.98 -54.57 124.20
CA ASP BB 96 -76.57 -55.69 123.36
C ASP BB 96 -77.73 -56.61 122.97
N SER BB 97 -78.95 -56.08 123.00
CA SER BB 97 -80.14 -56.80 122.55
C SER BB 97 -81.15 -55.75 122.12
N PHE BB 98 -81.23 -55.50 120.81
CA PHE BB 98 -81.96 -54.36 120.28
C PHE BB 98 -83.40 -54.73 119.97
N CYS BB 99 -84.21 -53.70 119.71
CA CYS BB 99 -85.57 -53.86 119.23
C CYS BB 99 -85.75 -53.01 117.98
N ALA BB 100 -86.77 -53.34 117.20
CA ALA BB 100 -87.02 -52.65 115.94
C ALA BB 100 -88.51 -52.46 115.75
N GLY BB 101 -88.86 -51.62 114.78
CA GLY BB 101 -90.26 -51.37 114.48
C GLY BB 101 -90.40 -50.55 113.21
N THR BB 102 -91.64 -50.28 112.83
CA THR BB 102 -91.93 -49.35 111.74
C THR BB 102 -93.43 -49.11 111.68
N VAL BB 103 -93.80 -48.00 111.03
CA VAL BB 103 -95.19 -47.60 110.89
C VAL BB 103 -95.75 -48.22 109.61
N PRO BB 104 -96.90 -48.89 109.66
CA PRO BB 104 -97.41 -49.56 108.45
C PRO BB 104 -97.86 -48.60 107.36
N CYS BB 105 -98.40 -47.44 107.72
CA CYS BB 105 -98.93 -46.49 106.76
C CYS BB 105 -98.05 -45.24 106.73
N MET BB 106 -97.63 -44.84 105.55
CA MET BB 106 -96.74 -43.70 105.40
C MET BB 106 -97.52 -42.47 104.93
N ASN BB 107 -97.04 -41.30 105.34
CA ASN BB 107 -97.60 -40.02 104.93
C ASN BB 107 -96.62 -38.93 105.33
N GLY BB 108 -96.43 -37.96 104.46
CA GLY BB 108 -95.53 -36.87 104.71
C GLY BB 108 -94.23 -36.98 103.93
N GLN BB 109 -93.21 -36.31 104.43
CA GLN BB 109 -91.91 -36.26 103.77
C GLN BB 109 -90.78 -36.79 104.64
N TRP BB 110 -90.77 -36.46 105.93
CA TRP BB 110 -89.75 -36.96 106.85
C TRP BB 110 -90.40 -37.27 108.19
N ILE BB 111 -89.81 -38.23 108.89
CA ILE BB 111 -90.36 -38.75 110.13
C ILE BB 111 -89.51 -38.23 111.30
N SER BB 112 -90.13 -38.19 112.48
CA SER BB 112 -89.44 -37.78 113.69
C SER BB 112 -90.07 -38.50 114.87
N ILE BB 113 -89.27 -38.68 115.92
CA ILE BB 113 -89.70 -39.37 117.13
C ILE BB 113 -89.46 -38.45 118.32
N ALA BB 114 -90.43 -38.37 119.21
CA ALA BB 114 -90.29 -37.52 120.38
C ALA BB 114 -90.66 -38.29 121.63
N PRO BB 115 -90.01 -38.00 122.75
CA PRO BB 115 -90.38 -38.66 124.01
C PRO BB 115 -91.78 -38.27 124.44
N ALA BB 116 -92.70 -39.23 124.41
CA ALA BB 116 -94.06 -38.95 124.86
C ALA BB 116 -94.04 -38.55 126.33
N THR BB 117 -95.00 -37.72 126.71
CA THR BB 117 -95.00 -37.11 128.04
C THR BB 117 -94.93 -38.17 129.13
N GLY BB 118 -93.93 -38.05 130.00
CA GLY BB 118 -93.72 -38.95 131.10
C GLY BB 118 -92.48 -39.81 130.98
N SER BB 119 -91.95 -39.98 129.77
CA SER BB 119 -90.78 -40.82 129.55
C SER BB 119 -89.50 -40.04 129.29
N GLU BB 120 -89.56 -38.70 129.36
CA GLU BB 120 -88.44 -37.87 128.93
C GLU BB 120 -87.15 -38.21 129.67
N THR BB 121 -87.19 -38.17 131.00
CA THR BB 121 -86.00 -38.46 131.79
C THR BB 121 -85.45 -39.85 131.48
N ASN BB 122 -86.34 -40.84 131.36
CA ASN BB 122 -85.91 -42.18 131.02
C ASN BB 122 -85.45 -42.27 129.58
N ALA BB 123 -86.17 -41.62 128.66
CA ALA BB 123 -85.78 -41.63 127.26
C ALA BB 123 -84.43 -40.96 127.03
N ALA BB 124 -83.97 -40.16 127.98
CA ALA BB 124 -82.66 -39.52 127.87
C ALA BB 124 -81.52 -40.54 127.77
N ASN BB 125 -81.79 -41.82 127.96
CA ASN BB 125 -80.77 -42.86 127.90
C ASN BB 125 -81.10 -43.91 126.84
N VAL BB 126 -81.78 -43.51 125.78
CA VAL BB 126 -82.10 -44.39 124.67
C VAL BB 126 -81.65 -43.73 123.38
N GLN BB 127 -81.29 -44.54 122.38
CA GLN BB 127 -80.84 -44.05 121.10
C GLN BB 127 -81.68 -44.69 120.00
N ILE BB 128 -82.22 -43.85 119.12
CA ILE BB 128 -83.16 -44.28 118.09
C ILE BB 128 -82.58 -43.90 116.73
N THR BB 129 -82.53 -44.85 115.81
CA THR BB 129 -82.06 -44.58 114.46
C THR BB 129 -83.07 -45.11 113.45
N VAL BB 130 -82.91 -44.69 112.19
CA VAL BB 130 -83.82 -45.07 111.13
C VAL BB 130 -83.01 -45.63 109.96
N THR BB 131 -83.48 -46.75 109.41
CA THR BB 131 -82.86 -47.37 108.24
C THR BB 131 -83.85 -47.36 107.10
N MET BB 132 -83.36 -47.04 105.89
CA MET BB 132 -84.19 -46.97 104.71
C MET BB 132 -83.88 -48.14 103.77
N LYS BB 133 -84.67 -48.23 102.70
CA LYS BB 133 -84.53 -49.30 101.73
C LYS BB 133 -85.37 -48.96 100.50
N GLY BB 134 -84.83 -49.28 99.32
CA GLY BB 134 -85.58 -49.15 98.09
C GLY BB 134 -85.61 -47.77 97.49
N ALA BB 135 -84.61 -46.94 97.79
CA ALA BB 135 -84.57 -45.57 97.28
C ALA BB 135 -84.76 -45.55 95.76
N THR BB 136 -85.64 -44.66 95.31
CA THR BB 136 -85.89 -44.46 93.90
C THR BB 136 -85.65 -43.03 93.43
N ARG BB 137 -85.94 -42.04 94.27
CA ARG BB 137 -85.66 -40.63 93.98
C ARG BB 137 -86.47 -40.09 92.79
N MET CB 1 -142.25 -47.44 102.37
CA MET CB 1 -141.42 -47.15 101.21
C MET CB 1 -141.87 -45.89 100.49
N ASN CB 2 -142.03 -44.81 101.23
CA ASN CB 2 -142.40 -43.54 100.60
C ASN CB 2 -141.24 -43.05 99.74
N PHE CB 3 -141.49 -42.94 98.44
CA PHE CB 3 -140.47 -42.51 97.51
C PHE CB 3 -140.10 -41.05 97.76
N ASN CB 4 -139.02 -40.61 97.11
CA ASN CB 4 -138.62 -39.21 97.17
C ASN CB 4 -139.59 -38.41 96.33
N VAL CB 5 -140.75 -38.13 96.93
CA VAL CB 5 -141.80 -37.36 96.26
C VAL CB 5 -141.71 -35.88 96.59
N GLY CB 6 -140.64 -35.45 97.26
CA GLY CB 6 -140.31 -34.04 97.33
C GLY CB 6 -139.97 -33.55 95.94
N VAL CB 7 -138.85 -34.05 95.40
CA VAL CB 7 -138.59 -34.02 93.97
C VAL CB 7 -139.63 -34.95 93.36
N ASP CB 8 -139.81 -34.92 92.05
CA ASP CB 8 -140.93 -35.65 91.46
C ASP CB 8 -142.24 -35.08 91.98
N PHE CB 9 -142.64 -33.91 91.47
CA PHE CB 9 -143.83 -33.14 91.81
C PHE CB 9 -143.73 -32.42 93.15
N PRO CB 10 -142.83 -31.42 93.27
CA PRO CB 10 -142.78 -30.62 94.50
C PRO CB 10 -144.00 -29.72 94.67
N SER CB 11 -143.98 -28.89 95.71
CA SER CB 11 -145.10 -28.00 96.00
C SER CB 11 -144.59 -26.73 96.66
N PHE CB 12 -145.43 -25.70 96.66
CA PHE CB 12 -145.06 -24.40 97.21
C PHE CB 12 -146.28 -23.75 97.86
N ILE CB 13 -146.01 -22.74 98.68
CA ILE CB 13 -147.07 -21.98 99.32
C ILE CB 13 -147.77 -21.11 98.28
N ALA CB 14 -149.09 -21.25 98.19
CA ALA CB 14 -149.91 -20.37 97.36
C ALA CB 14 -150.54 -19.26 98.20
N TRP CB 15 -151.29 -19.62 99.23
CA TRP CB 15 -151.98 -18.67 100.10
C TRP CB 15 -151.94 -19.20 101.52
N ASP CB 16 -151.31 -18.44 102.42
CA ASP CB 16 -151.13 -18.90 103.79
C ASP CB 16 -152.39 -18.71 104.62
N GLY CB 17 -153.10 -17.61 104.41
CA GLY CB 17 -154.23 -17.25 105.25
C GLY CB 17 -154.25 -15.77 105.55
N GLU CB 18 -153.13 -15.10 105.29
CA GLU CB 18 -153.00 -13.66 105.46
C GLU CB 18 -152.75 -12.93 104.16
N GLU CB 19 -151.88 -13.46 103.31
CA GLU CB 19 -151.62 -12.92 101.98
C GLU CB 19 -151.08 -14.05 101.11
N SER CB 20 -150.55 -13.70 99.94
CA SER CB 20 -150.15 -14.72 98.98
C SER CB 20 -148.85 -14.32 98.31
N PHE CB 21 -148.11 -15.33 97.85
CA PHE CB 21 -146.87 -15.18 97.13
C PHE CB 21 -147.00 -15.74 95.72
N PRO CB 22 -146.47 -15.06 94.72
CA PRO CB 22 -146.45 -15.64 93.37
C PRO CB 22 -145.51 -16.84 93.30
N VAL CB 23 -145.87 -17.81 92.47
CA VAL CB 23 -145.14 -19.07 92.37
C VAL CB 23 -144.71 -19.27 90.93
N LYS CB 24 -143.43 -19.59 90.74
CA LYS CB 24 -142.90 -19.81 89.40
C LYS CB 24 -143.48 -21.07 88.79
N VAL CB 25 -143.68 -21.05 87.47
CA VAL CB 25 -144.27 -22.17 86.74
C VAL CB 25 -143.52 -22.50 85.46
N ASP CB 26 -142.41 -21.81 85.16
CA ASP CB 26 -141.78 -21.93 83.86
C ASP CB 26 -141.29 -23.36 83.60
N GLY CB 27 -140.42 -23.89 84.47
CA GLY CB 27 -139.89 -25.22 84.28
C GLY CB 27 -140.93 -26.31 84.37
N PHE CB 28 -142.07 -26.00 84.95
CA PHE CB 28 -143.15 -26.96 85.12
C PHE CB 28 -144.12 -26.82 83.94
N ASN CB 29 -144.70 -27.93 83.52
CA ASN CB 29 -145.63 -27.91 82.40
C ASN CB 29 -147.06 -28.30 82.77
N GLN CB 30 -147.28 -28.83 83.97
CA GLN CB 30 -148.63 -29.11 84.46
C GLN CB 30 -148.67 -28.77 85.94
N PHE CB 31 -149.76 -28.14 86.38
CA PHE CB 31 -149.87 -27.75 87.77
C PHE CB 31 -151.35 -27.57 88.14
N GLY CB 32 -151.61 -27.63 89.44
CA GLY CB 32 -152.96 -27.51 89.95
C GLY CB 32 -152.94 -26.95 91.37
N PHE CB 33 -154.10 -26.42 91.77
CA PHE CB 33 -154.28 -25.84 93.09
C PHE CB 33 -154.99 -26.84 94.00
N THR CB 34 -154.65 -26.79 95.28
CA THR CB 34 -155.28 -27.63 96.30
C THR CB 34 -155.59 -26.75 97.51
N PHE CB 35 -156.84 -26.75 97.94
CA PHE CB 35 -157.30 -25.92 99.04
C PHE CB 35 -157.48 -26.76 100.30
N LYS CB 36 -157.54 -26.09 101.44
CA LYS CB 36 -157.67 -26.75 102.72
C LYS CB 36 -158.41 -25.84 103.68
N THR CB 37 -159.38 -26.40 104.39
CA THR CB 37 -160.16 -25.68 105.39
C THR CB 37 -159.52 -25.85 106.76
N ILE CB 38 -159.42 -24.75 107.51
CA ILE CB 38 -158.97 -24.82 108.89
C ILE CB 38 -160.12 -24.72 109.88
N ALA CB 39 -161.27 -24.19 109.47
CA ALA CB 39 -162.44 -24.07 110.32
C ALA CB 39 -163.64 -23.78 109.44
N ALA CB 40 -164.83 -24.04 109.99
CA ALA CB 40 -166.06 -23.84 109.23
C ALA CB 40 -166.18 -22.40 108.73
N LEU CB 41 -166.54 -22.25 107.47
CA LEU CB 41 -166.64 -20.94 106.86
C LEU CB 41 -168.01 -20.33 107.16
N THR CB 42 -168.21 -19.09 106.69
CA THR CB 42 -169.48 -18.40 106.86
C THR CB 42 -170.32 -18.36 105.58
N ALA CB 43 -169.69 -18.51 104.42
CA ALA CB 43 -170.39 -18.51 103.14
C ALA CB 43 -169.50 -19.19 102.11
N ALA CB 44 -170.02 -19.35 100.90
CA ALA CB 44 -169.23 -19.91 99.82
C ALA CB 44 -168.14 -18.94 99.43
N THR CB 45 -166.89 -19.34 99.62
CA THR CB 45 -165.76 -18.43 99.41
C THR CB 45 -165.42 -18.34 97.92
N THR CB 46 -164.88 -17.19 97.52
CA THR CB 46 -164.48 -16.94 96.16
C THR CB 46 -163.01 -16.51 96.13
N PHE CB 47 -162.42 -16.52 94.94
CA PHE CB 47 -161.00 -16.23 94.79
C PHE CB 47 -160.73 -15.80 93.37
N ASN CB 48 -159.85 -14.82 93.21
CA ASN CB 48 -159.41 -14.34 91.91
C ASN CB 48 -158.03 -14.89 91.59
N ILE CB 49 -157.78 -15.10 90.31
CA ILE CB 49 -156.53 -15.67 89.84
C ILE CB 49 -155.76 -14.59 89.08
N PHE CB 50 -154.44 -14.62 89.22
CA PHE CB 50 -153.59 -13.62 88.59
C PHE CB 50 -152.31 -14.29 88.08
N TYR CB 51 -151.74 -13.72 87.03
CA TYR CB 51 -150.47 -14.16 86.50
C TYR CB 51 -149.54 -12.96 86.36
N HIS CB 52 -148.25 -13.23 86.46
CA HIS CB 52 -147.22 -12.21 86.39
C HIS CB 52 -146.30 -12.49 85.21
N GLU CB 53 -145.54 -11.46 84.83
CA GLU CB 53 -144.58 -11.53 83.75
C GLU CB 53 -143.18 -11.27 84.27
N PRO CB 54 -142.15 -11.77 83.61
CA PRO CB 54 -140.77 -11.47 84.03
C PRO CB 54 -140.50 -9.98 83.97
N SER CB 55 -140.22 -9.39 85.13
CA SER CB 55 -139.98 -7.95 85.19
C SER CB 55 -138.81 -7.56 84.29
N ASP CB 56 -138.91 -6.34 83.74
CA ASP CB 56 -137.84 -5.84 82.90
C ASP CB 56 -136.55 -5.66 83.69
N ALA CB 57 -136.66 -5.26 84.95
CA ALA CB 57 -135.47 -5.08 85.78
C ALA CB 57 -134.77 -6.39 86.07
N ASP CB 58 -135.51 -7.50 86.10
CA ASP CB 58 -134.91 -8.80 86.38
C ASP CB 58 -135.79 -9.90 85.79
N PRO CB 59 -135.24 -10.78 84.96
CA PRO CB 59 -136.08 -11.79 84.30
C PRO CB 59 -136.51 -12.93 85.21
N CYS CB 60 -135.99 -13.02 86.44
CA CYS CB 60 -136.35 -14.09 87.36
C CYS CB 60 -137.14 -13.60 88.56
N VAL CB 61 -137.70 -12.39 88.51
CA VAL CB 61 -138.59 -11.90 89.55
C VAL CB 61 -139.96 -11.66 88.93
N PRO CB 62 -141.05 -11.82 89.67
CA PRO CB 62 -142.37 -11.60 89.10
C PRO CB 62 -142.67 -10.13 88.89
N GLY CB 63 -143.40 -9.83 87.82
CA GLY CB 63 -143.83 -8.49 87.54
C GLY CB 63 -145.09 -8.14 88.30
N PRO CB 64 -145.97 -7.34 87.69
CA PRO CB 64 -147.23 -7.02 88.34
C PRO CB 64 -148.21 -8.18 88.30
N ALA CB 65 -149.41 -7.97 88.83
CA ALA CB 65 -150.44 -9.01 88.89
C ALA CB 65 -151.47 -8.74 87.79
N ILE CB 66 -151.51 -9.61 86.79
CA ILE CB 66 -152.46 -9.50 85.69
C ILE CB 66 -153.48 -10.63 85.84
N ARG CB 67 -154.75 -10.30 85.65
CA ARG CB 67 -155.83 -11.26 85.87
C ARG CB 67 -155.98 -12.15 84.64
N VAL CB 68 -155.83 -13.45 84.82
CA VAL CB 68 -155.89 -14.40 83.70
C VAL CB 68 -157.32 -14.55 83.23
N PRO CB 69 -157.57 -14.59 81.92
CA PRO CB 69 -158.94 -14.81 81.44
C PRO CB 69 -159.36 -16.26 81.53
N GLU CB 70 -160.66 -16.48 81.37
CA GLU CB 70 -161.26 -17.80 81.47
C GLU CB 70 -161.44 -18.41 80.08
N VAL CB 71 -161.63 -19.73 80.08
CA VAL CB 71 -161.74 -20.49 78.83
C VAL CB 71 -163.19 -20.90 78.63
N PRO CB 72 -163.71 -20.86 77.40
CA PRO CB 72 -165.10 -21.31 77.18
C PRO CB 72 -165.34 -22.75 77.57
N PHE CB 73 -164.34 -23.63 77.41
CA PHE CB 73 -164.46 -25.05 77.77
C PHE CB 73 -165.62 -25.69 77.01
N CYS CB 74 -165.43 -25.76 75.69
CA CYS CB 74 -166.51 -25.83 74.71
C CYS CB 74 -167.72 -26.66 75.15
N ASP CB 75 -167.50 -27.93 75.47
CA ASP CB 75 -168.61 -28.82 75.84
C ASP CB 75 -169.08 -28.45 77.24
N THR CB 76 -169.88 -27.39 77.31
CA THR CB 76 -170.33 -26.85 78.58
C THR CB 76 -171.62 -26.07 78.38
N VAL CB 77 -172.10 -25.48 79.48
CA VAL CB 77 -173.17 -24.49 79.46
C VAL CB 77 -172.65 -23.29 80.24
N LEU CB 78 -171.33 -23.10 80.19
CA LEU CB 78 -170.59 -22.18 81.04
C LEU CB 78 -171.30 -20.84 81.22
N LEU CB 79 -171.47 -20.46 82.49
CA LEU CB 79 -172.06 -19.17 82.85
C LEU CB 79 -170.98 -18.14 83.15
N SER CB 80 -170.08 -17.96 82.18
CA SER CB 80 -169.05 -16.93 82.30
C SER CB 80 -169.71 -15.57 82.42
N GLU CB 81 -169.46 -14.87 83.52
CA GLU CB 81 -170.26 -13.69 83.82
C GLU CB 81 -169.79 -12.47 83.02
N ASP CB 82 -168.66 -11.88 83.39
CA ASP CB 82 -167.95 -10.96 82.51
C ASP CB 82 -166.45 -11.15 82.63
N GLY CB 83 -166.00 -11.41 83.86
CA GLY CB 83 -164.64 -11.12 84.25
C GLY CB 83 -163.63 -12.14 83.76
N LEU CB 84 -162.37 -11.79 84.03
CA LEU CB 84 -161.26 -12.71 83.84
C LEU CB 84 -161.45 -13.94 84.75
N ALA CB 85 -160.66 -14.98 84.50
CA ALA CB 85 -160.83 -16.24 85.20
C ALA CB 85 -160.77 -16.05 86.72
N ALA CB 86 -161.57 -16.84 87.41
CA ALA CB 86 -161.60 -16.89 88.87
C ALA CB 86 -162.19 -18.23 89.28
N VAL CB 87 -162.15 -18.53 90.57
CA VAL CB 87 -162.62 -19.82 91.06
C VAL CB 87 -163.18 -19.66 92.46
N THR CB 88 -164.14 -20.52 92.81
CA THR CB 88 -164.81 -20.42 94.09
C THR CB 88 -165.04 -21.80 94.68
N LEU CB 89 -165.05 -21.85 96.01
CA LEU CB 89 -165.37 -23.05 96.76
C LEU CB 89 -166.69 -22.87 97.51
N PRO CB 90 -167.55 -23.88 97.51
CA PRO CB 90 -168.87 -23.73 98.13
C PRO CB 90 -168.77 -23.74 99.65
N GLU CB 91 -169.86 -23.30 100.28
CA GLU CB 91 -169.99 -23.39 101.72
C GLU CB 91 -170.16 -24.85 102.13
N THR CB 92 -170.22 -25.09 103.44
CA THR CB 92 -170.36 -26.43 104.02
C THR CB 92 -169.20 -27.33 103.62
N VAL CB 93 -168.00 -26.92 104.03
CA VAL CB 93 -166.78 -27.67 103.79
C VAL CB 93 -166.08 -27.90 105.12
N THR CB 94 -165.65 -29.13 105.35
CA THR CB 94 -164.96 -29.54 106.57
C THR CB 94 -163.45 -29.47 106.37
N PRO CB 95 -162.68 -29.31 107.44
CA PRO CB 95 -161.22 -29.40 107.31
C PRO CB 95 -160.74 -30.69 106.68
N ASP CB 96 -161.52 -31.75 106.74
CA ASP CB 96 -161.17 -33.02 106.07
C ASP CB 96 -161.78 -33.06 104.67
N SER CB 97 -161.41 -32.06 103.87
CA SER CB 97 -161.89 -31.93 102.49
C SER CB 97 -160.70 -31.94 101.56
N PHE CB 98 -160.70 -32.87 100.61
CA PHE CB 98 -159.67 -32.95 99.58
C PHE CB 98 -160.16 -32.25 98.32
N CYS CB 99 -160.20 -30.92 98.40
CA CYS CB 99 -160.74 -30.08 97.34
C CYS CB 99 -159.61 -29.44 96.56
N ALA CB 100 -159.74 -29.45 95.24
CA ALA CB 100 -158.66 -29.04 94.36
C ALA CB 100 -159.22 -28.66 93.00
N GLY CB 101 -158.36 -28.03 92.19
CA GLY CB 101 -158.76 -27.62 90.86
C GLY CB 101 -157.54 -27.24 90.05
N THR CB 102 -157.80 -26.62 88.89
CA THR CB 102 -156.73 -26.16 88.03
C THR CB 102 -157.28 -25.16 87.02
N VAL CB 103 -156.39 -24.34 86.48
CA VAL CB 103 -156.72 -23.46 85.37
C VAL CB 103 -156.35 -24.18 84.08
N PRO CB 104 -157.24 -24.22 83.09
CA PRO CB 104 -156.91 -24.96 81.86
C PRO CB 104 -155.85 -24.28 81.01
N CYS CB 105 -155.65 -22.97 81.16
CA CYS CB 105 -154.68 -22.26 80.33
C CYS CB 105 -153.94 -21.25 81.18
N MET CB 106 -152.61 -21.37 81.24
CA MET CB 106 -151.76 -20.37 81.87
C MET CB 106 -151.24 -19.40 80.82
N ASN CB 107 -150.92 -18.19 81.27
CA ASN CB 107 -150.44 -17.16 80.36
C ASN CB 107 -149.32 -16.31 80.95
N GLY CB 108 -148.68 -16.78 82.02
CA GLY CB 108 -147.58 -16.05 82.60
C GLY CB 108 -146.52 -16.96 83.20
N GLN CB 109 -145.62 -16.38 83.98
CA GLN CB 109 -144.55 -17.16 84.60
C GLN CB 109 -144.72 -17.31 86.11
N TRP CB 110 -145.65 -16.58 86.71
CA TRP CB 110 -145.88 -16.64 88.15
C TRP CB 110 -147.38 -16.60 88.39
N ILE CB 111 -147.90 -17.66 89.00
CA ILE CB 111 -149.32 -17.74 89.31
C ILE CB 111 -149.54 -17.21 90.72
N SER CB 112 -150.72 -16.64 90.95
CA SER CB 112 -151.06 -16.12 92.26
C SER CB 112 -152.57 -16.17 92.45
N ILE CB 113 -152.99 -16.33 93.70
CA ILE CB 113 -154.40 -16.36 94.07
C ILE CB 113 -154.64 -15.26 95.08
N ALA CB 114 -155.72 -14.50 94.89
CA ALA CB 114 -156.05 -13.40 95.77
C ALA CB 114 -157.47 -13.56 96.31
N PRO CB 115 -157.70 -13.18 97.57
CA PRO CB 115 -159.05 -13.29 98.13
C PRO CB 115 -160.00 -12.33 97.43
N ALA CB 116 -160.97 -12.89 96.71
CA ALA CB 116 -161.98 -12.08 96.06
C ALA CB 116 -162.73 -11.24 97.08
N THR CB 117 -162.94 -9.98 96.76
CA THR CB 117 -163.57 -9.04 97.69
C THR CB 117 -164.92 -9.58 98.17
N GLY CB 118 -165.20 -9.38 99.44
CA GLY CB 118 -166.35 -9.97 100.11
C GLY CB 118 -166.02 -11.30 100.75
N SER CB 119 -165.28 -12.15 100.03
CA SER CB 119 -164.80 -13.42 100.59
C SER CB 119 -163.45 -13.24 101.26
N GLU CB 120 -163.36 -12.27 102.17
CA GLU CB 120 -162.14 -11.96 102.88
C GLU CB 120 -162.10 -12.59 104.27
N THR CB 121 -163.19 -12.48 105.03
CA THR CB 121 -163.21 -13.06 106.37
C THR CB 121 -162.99 -14.57 106.32
N ASN CB 122 -163.70 -15.26 105.42
CA ASN CB 122 -163.50 -16.69 105.27
C ASN CB 122 -162.13 -17.02 104.70
N ALA CB 123 -161.52 -16.10 103.94
CA ALA CB 123 -160.20 -16.35 103.39
C ALA CB 123 -159.14 -16.49 104.49
N ALA CB 124 -159.38 -15.85 105.64
CA ALA CB 124 -158.48 -15.99 106.77
C ALA CB 124 -158.49 -17.41 107.35
N ASN CB 125 -159.35 -18.30 106.85
CA ASN CB 125 -159.38 -19.68 107.30
C ASN CB 125 -158.99 -20.69 106.24
N VAL CB 126 -158.95 -20.30 104.98
CA VAL CB 126 -158.56 -21.20 103.90
C VAL CB 126 -157.05 -21.17 103.73
N GLN CB 127 -156.49 -22.29 103.30
CA GLN CB 127 -155.06 -22.43 103.07
C GLN CB 127 -154.86 -23.12 101.73
N ILE CB 128 -154.17 -22.45 100.81
CA ILE CB 128 -154.07 -22.91 99.43
C ILE CB 128 -152.61 -23.20 99.11
N THR CB 129 -152.37 -24.30 98.38
CA THR CB 129 -151.04 -24.60 97.89
C THR CB 129 -151.15 -25.17 96.48
N VAL CB 130 -150.01 -25.45 95.86
CA VAL CB 130 -149.97 -25.81 94.45
C VAL CB 130 -149.09 -27.04 94.26
N THR CB 131 -149.52 -27.93 93.36
CA THR CB 131 -148.75 -29.08 92.95
C THR CB 131 -148.37 -28.96 91.49
N MET CB 132 -147.16 -29.43 91.15
CA MET CB 132 -146.65 -29.34 89.79
C MET CB 132 -146.31 -30.72 89.26
N LYS CB 133 -146.06 -30.77 87.95
CA LYS CB 133 -145.65 -31.97 87.21
C LYS CB 133 -144.39 -31.67 86.41
N GLY CB 134 -143.37 -31.15 87.11
CA GLY CB 134 -142.25 -30.46 86.48
C GLY CB 134 -141.52 -31.10 85.32
N ALA CB 135 -140.94 -30.25 84.47
CA ALA CB 135 -140.29 -30.67 83.23
C ALA CB 135 -139.00 -29.87 83.07
N THR CB 136 -138.41 -29.96 81.89
CA THR CB 136 -137.23 -29.16 81.51
C THR CB 136 -136.08 -29.21 82.52
N MET DB 1 -152.19 -27.87 78.36
CA MET DB 1 -152.94 -29.10 78.64
C MET DB 1 -152.58 -29.58 80.05
N ASN DB 2 -152.61 -28.65 81.00
CA ASN DB 2 -152.32 -28.97 82.40
C ASN DB 2 -153.53 -29.66 83.02
N PHE DB 3 -153.37 -30.93 83.36
CA PHE DB 3 -154.46 -31.68 83.98
C PHE DB 3 -154.62 -31.28 85.44
N ASN DB 4 -155.80 -31.54 85.99
CA ASN DB 4 -156.13 -31.14 87.36
C ASN DB 4 -155.40 -32.06 88.33
N VAL DB 5 -154.12 -31.78 88.52
CA VAL DB 5 -153.24 -32.65 89.30
C VAL DB 5 -153.44 -32.38 90.77
N GLY DB 6 -154.48 -31.61 91.11
CA GLY DB 6 -154.89 -31.46 92.49
C GLY DB 6 -155.15 -32.81 93.12
N VAL DB 7 -156.25 -33.47 92.71
CA VAL DB 7 -156.36 -34.89 92.98
C VAL DB 7 -155.20 -35.59 92.26
N ASP DB 8 -154.87 -36.81 92.72
CA ASP DB 8 -153.71 -37.49 92.18
C ASP DB 8 -152.45 -36.68 92.45
N PHE DB 9 -151.94 -36.74 93.68
CA PHE DB 9 -150.86 -35.95 94.29
C PHE DB 9 -151.26 -34.51 94.63
N PRO DB 10 -152.15 -34.31 95.61
CA PRO DB 10 -152.34 -32.98 96.19
C PRO DB 10 -151.20 -32.59 97.13
N SER DB 11 -151.35 -31.47 97.83
CA SER DB 11 -150.34 -31.02 98.77
C SER DB 11 -151.00 -30.21 99.87
N PHE DB 12 -150.24 -29.96 100.94
CA PHE DB 12 -150.70 -29.15 102.05
C PHE DB 12 -149.51 -28.40 102.64
N ILE DB 13 -149.80 -27.31 103.33
CA ILE DB 13 -148.75 -26.56 104.03
C ILE DB 13 -148.32 -27.33 105.26
N ALA DB 14 -147.01 -27.49 105.43
CA ALA DB 14 -146.45 -28.12 106.62
C ALA DB 14 -145.93 -27.11 107.63
N TRP DB 15 -145.13 -26.15 107.17
CA TRP DB 15 -144.57 -25.11 108.03
C TRP DB 15 -144.70 -23.78 107.28
N ASP DB 16 -145.63 -22.94 107.73
CA ASP DB 16 -145.91 -21.68 107.05
C ASP DB 16 -144.87 -20.61 107.30
N GLY DB 17 -143.89 -20.87 108.17
CA GLY DB 17 -142.97 -19.85 108.61
C GLY DB 17 -143.31 -19.24 109.96
N GLU DB 18 -144.46 -19.57 110.51
CA GLU DB 18 -144.88 -19.06 111.81
C GLU DB 18 -145.26 -20.16 112.80
N GLU DB 19 -145.86 -21.24 112.32
CA GLU DB 19 -146.21 -22.37 113.17
C GLU DB 19 -146.35 -23.60 112.30
N SER DB 20 -146.51 -24.75 112.95
CA SER DB 20 -146.62 -26.03 112.27
C SER DB 20 -148.08 -26.45 112.15
N PHE DB 21 -148.30 -27.50 111.35
CA PHE DB 21 -149.64 -28.04 111.13
C PHE DB 21 -149.58 -29.55 110.96
N PRO DB 22 -150.27 -30.31 111.80
CA PRO DB 22 -150.22 -31.77 111.70
C PRO DB 22 -151.01 -32.30 110.52
N VAL DB 23 -150.41 -32.30 109.34
CA VAL DB 23 -151.08 -32.82 108.14
C VAL DB 23 -151.08 -34.34 108.20
N LYS DB 24 -152.13 -34.93 107.65
CA LYS DB 24 -152.31 -36.39 107.69
C LYS DB 24 -151.82 -37.03 106.39
N VAL DB 25 -151.46 -38.31 106.50
CA VAL DB 25 -151.01 -39.10 105.36
C VAL DB 25 -151.70 -40.44 105.24
N ASP DB 26 -152.70 -40.72 106.09
CA ASP DB 26 -153.30 -42.05 106.12
C ASP DB 26 -153.95 -42.40 104.79
N GLY DB 27 -154.61 -41.44 104.15
CA GLY DB 27 -155.28 -41.68 102.89
C GLY DB 27 -154.33 -41.83 101.73
N PHE DB 28 -153.04 -41.90 102.02
CA PHE DB 28 -151.99 -41.99 101.03
C PHE DB 28 -151.01 -43.08 101.47
N ASN DB 29 -149.99 -43.34 100.65
CA ASN DB 29 -148.98 -44.32 100.99
C ASN DB 29 -147.55 -43.81 100.88
N GLN DB 30 -147.28 -42.79 100.06
CA GLN DB 30 -145.94 -42.25 99.91
C GLN DB 30 -146.02 -40.73 99.99
N PHE DB 31 -145.19 -40.14 100.84
CA PHE DB 31 -145.26 -38.70 101.06
C PHE DB 31 -143.85 -38.16 101.29
N GLY DB 32 -143.73 -36.83 101.15
CA GLY DB 32 -142.43 -36.18 101.25
C GLY DB 32 -142.59 -34.69 101.44
N PHE DB 33 -141.47 -34.05 101.77
CA PHE DB 33 -141.42 -32.63 102.11
C PHE DB 33 -140.68 -31.84 101.04
N THR DB 34 -141.11 -30.59 100.87
CA THR DB 34 -140.47 -29.63 99.98
C THR DB 34 -140.24 -28.33 100.73
N PHE DB 35 -139.02 -27.81 100.67
CA PHE DB 35 -138.61 -26.61 101.37
C PHE DB 35 -138.41 -25.48 100.36
N LYS DB 36 -138.64 -24.25 100.81
CA LYS DB 36 -138.41 -23.10 99.93
C LYS DB 36 -138.20 -21.86 100.78
N THR DB 37 -137.12 -21.15 100.52
CA THR DB 37 -136.81 -19.95 101.28
C THR DB 37 -137.48 -18.72 100.66
N ILE DB 38 -137.63 -17.68 101.47
CA ILE DB 38 -138.11 -16.40 100.98
C ILE DB 38 -136.98 -15.37 100.89
N ALA DB 39 -135.92 -15.52 101.67
CA ALA DB 39 -134.77 -14.63 101.62
C ALA DB 39 -133.52 -15.46 101.87
N ALA DB 40 -132.37 -14.80 101.81
CA ALA DB 40 -131.11 -15.48 102.09
C ALA DB 40 -131.01 -15.83 103.56
N LEU DB 41 -130.46 -17.01 103.85
CA LEU DB 41 -130.37 -17.50 105.22
C LEU DB 41 -129.08 -17.01 105.87
N THR DB 42 -129.20 -16.57 107.13
CA THR DB 42 -128.03 -16.09 107.85
C THR DB 42 -127.09 -17.24 108.21
N ALA DB 43 -127.62 -18.25 108.90
CA ALA DB 43 -126.85 -19.42 109.29
C ALA DB 43 -127.63 -20.68 108.94
N ALA DB 44 -126.89 -21.79 108.82
CA ALA DB 44 -127.52 -23.07 108.53
C ALA DB 44 -128.45 -23.48 109.67
N THR DB 45 -129.75 -23.48 109.40
CA THR DB 45 -130.75 -23.79 110.42
C THR DB 45 -131.28 -25.21 110.22
N THR DB 46 -132.06 -25.66 111.20
CA THR DB 46 -132.52 -27.04 111.21
C THR DB 46 -133.92 -27.10 111.79
N PHE DB 47 -134.61 -28.20 111.47
CA PHE DB 47 -135.97 -28.46 111.95
C PHE DB 47 -136.05 -29.85 112.55
N ASN DB 48 -136.86 -29.97 113.59
CA ASN DB 48 -137.25 -31.25 114.15
C ASN DB 48 -138.52 -31.75 113.46
N ILE DB 49 -138.68 -33.07 113.45
CA ILE DB 49 -139.80 -33.75 112.81
C ILE DB 49 -140.56 -34.51 113.89
N PHE DB 50 -141.87 -34.34 113.94
CA PHE DB 50 -142.71 -35.03 114.90
C PHE DB 50 -143.85 -35.73 114.16
N TYR DB 51 -144.35 -36.80 114.77
CA TYR DB 51 -145.55 -37.46 114.29
C TYR DB 51 -146.59 -37.51 115.40
N HIS DB 52 -147.83 -37.77 115.01
CA HIS DB 52 -148.96 -37.75 115.92
C HIS DB 52 -149.81 -38.99 115.73
N GLU DB 53 -150.54 -39.34 116.79
CA GLU DB 53 -151.48 -40.44 116.80
C GLU DB 53 -152.88 -39.91 117.06
N PRO DB 54 -153.92 -40.60 116.58
CA PRO DB 54 -155.29 -40.10 116.79
C PRO DB 54 -155.65 -40.08 118.27
N SER DB 55 -156.00 -38.90 118.76
CA SER DB 55 -156.42 -38.78 120.15
C SER DB 55 -157.66 -39.63 120.39
N ASP DB 56 -157.66 -40.36 121.50
CA ASP DB 56 -158.80 -41.22 121.83
C ASP DB 56 -160.08 -40.43 122.00
N ALA DB 57 -159.99 -39.13 122.32
CA ALA DB 57 -161.19 -38.30 122.42
C ALA DB 57 -161.92 -38.23 121.10
N ASP DB 58 -161.19 -38.19 119.99
CA ASP DB 58 -161.76 -38.17 118.66
C ASP DB 58 -160.77 -38.73 117.65
N PRO DB 59 -161.07 -39.85 117.00
CA PRO DB 59 -160.13 -40.40 116.03
C PRO DB 59 -160.16 -39.66 114.70
N CYS DB 60 -160.20 -38.34 114.77
CA CYS DB 60 -160.01 -37.47 113.61
C CYS DB 60 -159.11 -36.27 113.89
N VAL DB 61 -158.90 -35.92 115.15
CA VAL DB 61 -158.00 -34.82 115.53
C VAL DB 61 -156.63 -35.41 115.86
N PRO DB 62 -155.54 -34.80 115.40
CA PRO DB 62 -154.22 -35.30 115.75
C PRO DB 62 -153.94 -35.17 117.24
N GLY DB 63 -153.08 -36.06 117.75
CA GLY DB 63 -152.68 -36.02 119.13
C GLY DB 63 -151.52 -35.06 119.36
N PRO DB 64 -150.72 -35.32 120.38
CA PRO DB 64 -149.56 -34.46 120.64
C PRO DB 64 -148.42 -34.72 119.68
N ALA DB 65 -147.28 -34.05 119.87
CA ALA DB 65 -146.12 -34.21 119.01
C ALA DB 65 -145.23 -35.31 119.58
N ILE DB 66 -145.12 -36.42 118.86
CA ILE DB 66 -144.29 -37.54 119.26
C ILE DB 66 -143.08 -37.61 118.36
N ARG DB 67 -141.90 -37.82 118.95
CA ARG DB 67 -140.66 -37.78 118.20
C ARG DB 67 -140.54 -38.98 117.26
N VAL DB 68 -139.92 -38.74 116.12
CA VAL DB 68 -139.82 -39.74 115.05
C VAL DB 68 -138.52 -40.52 115.23
N PRO DB 69 -138.57 -41.85 115.25
CA PRO DB 69 -137.34 -42.66 115.35
C PRO DB 69 -136.66 -42.92 114.02
N GLU DB 70 -135.76 -42.03 113.59
CA GLU DB 70 -135.06 -42.18 112.33
C GLU DB 70 -134.38 -43.54 112.21
N VAL DB 71 -134.13 -43.99 110.98
CA VAL DB 71 -133.52 -45.29 110.73
C VAL DB 71 -132.39 -45.15 109.70
N PRO DB 72 -131.23 -45.75 109.94
CA PRO DB 72 -130.15 -45.69 108.96
C PRO DB 72 -130.19 -46.91 108.02
N PHE DB 73 -129.40 -46.82 106.95
CA PHE DB 73 -129.27 -47.95 106.03
C PHE DB 73 -127.93 -47.82 105.28
N CYS DB 74 -126.91 -48.54 105.78
CA CYS DB 74 -125.71 -48.86 105.01
C CYS DB 74 -124.79 -47.69 104.67
N ASP DB 75 -125.21 -46.46 104.91
CA ASP DB 75 -124.34 -45.33 104.61
C ASP DB 75 -124.35 -44.25 105.68
N THR DB 76 -125.16 -44.37 106.73
CA THR DB 76 -125.21 -43.39 107.80
C THR DB 76 -124.01 -43.64 108.70
N VAL DB 77 -122.83 -43.24 108.22
CA VAL DB 77 -121.60 -43.50 108.94
C VAL DB 77 -121.58 -42.77 110.27
N LEU DB 78 -122.29 -41.64 110.37
CA LEU DB 78 -122.41 -40.90 111.61
C LEU DB 78 -123.88 -40.83 112.00
N LEU DB 79 -124.14 -40.87 113.30
CA LEU DB 79 -125.49 -40.78 113.84
C LEU DB 79 -125.53 -39.71 114.90
N SER DB 80 -126.48 -38.78 114.78
CA SER DB 80 -126.82 -37.93 115.90
C SER DB 80 -127.08 -38.79 117.12
N GLU DB 81 -126.37 -38.49 118.22
CA GLU DB 81 -126.28 -39.39 119.37
C GLU DB 81 -127.63 -40.02 119.74
N ASP DB 82 -128.65 -39.20 119.95
CA ASP DB 82 -130.01 -39.71 120.08
C ASP DB 82 -130.59 -40.00 118.70
N GLY DB 83 -131.20 -41.17 118.57
CA GLY DB 83 -131.67 -41.65 117.27
C GLY DB 83 -132.91 -40.96 116.76
N LEU DB 84 -132.91 -39.63 116.75
CA LEU DB 84 -134.02 -38.83 116.25
C LEU DB 84 -133.63 -38.20 114.92
N ALA DB 85 -134.62 -37.69 114.21
CA ALA DB 85 -134.40 -37.10 112.88
C ALA DB 85 -134.64 -35.60 112.93
N ALA DB 86 -133.68 -34.84 112.40
CA ALA DB 86 -133.76 -33.39 112.44
C ALA DB 86 -133.11 -32.86 111.16
N VAL DB 87 -133.94 -32.52 110.17
CA VAL DB 87 -133.44 -31.97 108.93
C VAL DB 87 -132.82 -30.61 109.19
N THR DB 88 -131.71 -30.32 108.49
CA THR DB 88 -131.06 -29.03 108.57
C THR DB 88 -130.99 -28.39 107.20
N LEU DB 89 -131.02 -27.05 107.18
CA LEU DB 89 -130.89 -26.43 105.87
C LEU DB 89 -129.49 -25.87 105.68
N PRO DB 90 -128.89 -26.09 104.51
CA PRO DB 90 -127.56 -25.55 104.25
C PRO DB 90 -127.57 -24.03 104.26
N GLU DB 91 -126.54 -23.45 104.88
CA GLU DB 91 -126.44 -22.00 104.96
C GLU DB 91 -126.35 -21.35 103.59
N THR DB 92 -125.86 -22.06 102.59
CA THR DB 92 -125.69 -21.53 101.25
C THR DB 92 -126.99 -21.54 100.44
N VAL DB 93 -128.13 -21.68 101.09
CA VAL DB 93 -129.41 -21.72 100.38
C VAL DB 93 -129.79 -20.30 99.98
N THR DB 94 -130.55 -20.19 98.90
CA THR DB 94 -130.93 -18.91 98.32
C THR DB 94 -132.40 -18.98 97.92
N PRO DB 95 -133.07 -17.82 97.81
CA PRO DB 95 -134.43 -17.80 97.25
C PRO DB 95 -134.45 -18.38 95.85
N ASP DB 96 -135.66 -18.52 95.31
CA ASP DB 96 -135.93 -19.14 94.02
C ASP DB 96 -135.15 -20.44 93.82
N SER DB 97 -134.89 -21.14 94.92
CA SER DB 97 -134.20 -22.42 94.89
C SER DB 97 -134.87 -23.32 95.93
N PHE DB 98 -135.66 -24.28 95.47
CA PHE DB 98 -136.36 -25.16 96.39
C PHE DB 98 -135.46 -26.30 96.84
N CYS DB 99 -135.96 -27.06 97.80
CA CYS DB 99 -135.28 -28.24 98.29
C CYS DB 99 -136.34 -29.31 98.52
N ALA DB 100 -135.91 -30.56 98.72
CA ALA DB 100 -136.87 -31.64 98.81
C ALA DB 100 -136.26 -32.81 99.57
N GLY DB 101 -137.14 -33.65 100.13
CA GLY DB 101 -136.67 -34.82 100.86
C GLY DB 101 -137.84 -35.66 101.32
N THR DB 102 -137.50 -36.73 102.04
CA THR DB 102 -138.50 -37.65 102.57
C THR DB 102 -137.87 -38.50 103.66
N VAL DB 103 -138.71 -39.02 104.54
CA VAL DB 103 -138.29 -39.89 105.64
C VAL DB 103 -138.86 -41.29 105.38
N PRO DB 104 -138.06 -42.34 105.51
CA PRO DB 104 -138.51 -43.68 105.08
C PRO DB 104 -139.53 -44.32 106.02
N CYS DB 105 -139.36 -44.17 107.33
CA CYS DB 105 -140.20 -44.87 108.31
C CYS DB 105 -141.34 -43.94 108.72
N MET DB 106 -142.54 -44.26 108.24
CA MET DB 106 -143.73 -43.51 108.62
C MET DB 106 -144.19 -43.92 110.01
N ASN DB 107 -144.68 -42.95 110.78
CA ASN DB 107 -145.16 -43.19 112.13
C ASN DB 107 -146.42 -42.38 112.36
N GLY DB 108 -147.41 -42.99 113.02
CA GLY DB 108 -148.66 -42.30 113.25
C GLY DB 108 -149.39 -42.01 111.96
N GLN DB 109 -150.12 -40.90 111.96
CA GLN DB 109 -150.90 -40.49 110.79
C GLN DB 109 -150.58 -39.05 110.42
N TRP DB 110 -150.23 -38.24 111.41
CA TRP DB 110 -149.99 -36.82 111.24
C TRP DB 110 -148.50 -36.52 111.32
N ILE DB 111 -148.02 -35.67 110.42
CA ILE DB 111 -146.63 -35.25 110.39
C ILE DB 111 -146.56 -33.77 110.69
N SER DB 112 -145.49 -33.35 111.36
CA SER DB 112 -145.31 -31.95 111.72
C SER DB 112 -143.83 -31.62 111.69
N ILE DB 113 -143.51 -30.41 111.23
CA ILE DB 113 -142.14 -29.91 111.14
C ILE DB 113 -142.06 -28.65 111.98
N ALA DB 114 -141.07 -28.57 112.86
CA ALA DB 114 -140.96 -27.43 113.76
C ALA DB 114 -139.51 -26.98 113.89
N PRO DB 115 -139.25 -25.67 113.81
CA PRO DB 115 -137.86 -25.20 113.87
C PRO DB 115 -137.17 -25.60 115.16
N ALA DB 116 -136.03 -26.28 115.03
CA ALA DB 116 -135.28 -26.71 116.19
C ALA DB 116 -134.69 -25.51 116.93
N THR DB 117 -134.25 -25.77 118.16
CA THR DB 117 -133.78 -24.70 119.03
C THR DB 117 -132.64 -23.92 118.38
N GLY DB 118 -132.66 -22.60 118.59
CA GLY DB 118 -131.71 -21.71 117.96
C GLY DB 118 -131.87 -21.53 116.46
N SER DB 119 -132.72 -22.32 115.82
CA SER DB 119 -132.93 -22.27 114.38
C SER DB 119 -134.34 -21.78 114.04
N GLU DB 120 -134.83 -20.81 114.81
CA GLU DB 120 -136.17 -20.25 114.63
C GLU DB 120 -136.19 -18.90 113.94
N THR DB 121 -135.28 -17.99 114.32
CA THR DB 121 -135.32 -16.64 113.75
C THR DB 121 -135.07 -16.66 112.25
N ASN DB 122 -134.37 -17.67 111.75
CA ASN DB 122 -134.19 -17.83 110.31
C ASN DB 122 -135.26 -18.71 109.68
N ALA DB 123 -135.78 -19.68 110.44
CA ALA DB 123 -136.89 -20.50 109.94
C ALA DB 123 -138.13 -19.67 109.68
N ALA DB 124 -138.26 -18.50 110.33
CA ALA DB 124 -139.36 -17.60 110.02
C ALA DB 124 -139.28 -17.04 108.62
N ASN DB 125 -138.20 -17.31 107.89
CA ASN DB 125 -138.02 -16.86 106.52
C ASN DB 125 -137.89 -18.05 105.59
N VAL DB 126 -138.63 -19.12 105.87
CA VAL DB 126 -138.65 -20.31 105.03
C VAL DB 126 -140.01 -20.97 105.18
N GLN DB 127 -140.38 -21.76 104.17
CA GLN DB 127 -141.69 -22.41 104.12
C GLN DB 127 -141.50 -23.86 103.71
N ILE DB 128 -142.38 -24.72 104.21
CA ILE DB 128 -142.30 -26.16 103.96
C ILE DB 128 -143.68 -26.69 103.62
N THR DB 129 -143.78 -27.44 102.53
CA THR DB 129 -144.99 -28.10 102.10
C THR DB 129 -144.77 -29.60 102.06
N VAL DB 130 -145.85 -30.35 101.89
CA VAL DB 130 -145.81 -31.81 101.87
C VAL DB 130 -146.67 -32.32 100.71
N THR DB 131 -146.16 -33.34 100.02
CA THR DB 131 -146.87 -33.96 98.91
C THR DB 131 -147.05 -35.45 99.18
N MET DB 132 -148.17 -35.99 98.71
CA MET DB 132 -148.54 -37.38 98.91
C MET DB 132 -148.89 -38.02 97.57
N LYS DB 133 -149.04 -39.35 97.58
CA LYS DB 133 -149.26 -40.07 96.33
C LYS DB 133 -150.40 -41.10 96.36
N GLY DB 134 -150.68 -41.68 97.52
CA GLY DB 134 -151.48 -42.90 97.58
C GLY DB 134 -152.97 -42.65 97.42
N ALA DB 135 -153.60 -43.45 96.55
CA ALA DB 135 -155.04 -43.34 96.35
C ALA DB 135 -155.82 -43.91 97.53
N THR DB 136 -155.54 -45.18 97.86
CA THR DB 136 -156.20 -45.86 98.97
C THR DB 136 -157.72 -45.79 98.86
N MET EB 1 -41.37 -35.96 73.61
CA MET EB 1 -40.17 -36.71 73.27
C MET EB 1 -39.08 -35.79 72.75
N ASN EB 2 -38.94 -34.63 73.38
CA ASN EB 2 -37.90 -33.69 72.98
C ASN EB 2 -36.53 -34.30 73.16
N PHE EB 3 -35.79 -34.40 72.06
CA PHE EB 3 -34.48 -35.03 72.09
C PHE EB 3 -33.45 -34.11 72.73
N ASN EB 4 -32.35 -34.70 73.20
CA ASN EB 4 -31.26 -33.94 73.78
C ASN EB 4 -30.51 -33.20 72.69
N VAL EB 5 -30.89 -31.95 72.42
CA VAL EB 5 -30.32 -31.22 71.29
C VAL EB 5 -29.20 -30.33 71.79
N GLY EB 6 -28.59 -30.72 72.90
CA GLY EB 6 -27.30 -30.18 73.29
C GLY EB 6 -26.13 -31.01 72.82
N VAL EB 7 -26.38 -32.26 72.43
CA VAL EB 7 -25.36 -33.11 71.83
C VAL EB 7 -25.18 -32.81 70.36
N ASP EB 8 -26.04 -31.94 69.79
CA ASP EB 8 -25.93 -31.50 68.41
C ASP EB 8 -26.65 -30.17 68.32
N PHE EB 9 -26.09 -29.27 67.51
CA PHE EB 9 -26.56 -27.89 67.43
C PHE EB 9 -26.46 -27.18 68.78
N PRO EB 10 -25.28 -27.08 69.38
CA PRO EB 10 -25.15 -26.37 70.66
C PRO EB 10 -24.98 -24.88 70.44
N SER EB 11 -25.59 -24.09 71.34
CA SER EB 11 -25.52 -22.65 71.27
C SER EB 11 -24.66 -22.10 72.40
N PHE EB 12 -24.23 -20.84 72.22
CA PHE EB 12 -23.40 -20.15 73.20
C PHE EB 12 -23.76 -18.68 73.20
N ILE EB 13 -23.65 -18.05 74.37
CA ILE EB 13 -23.98 -16.64 74.50
C ILE EB 13 -22.93 -15.81 73.78
N ALA EB 14 -23.39 -14.88 72.94
CA ALA EB 14 -22.52 -14.00 72.17
C ALA EB 14 -22.58 -12.56 72.64
N TRP EB 15 -23.78 -12.02 72.85
CA TRP EB 15 -23.96 -10.63 73.29
C TRP EB 15 -25.14 -10.61 74.25
N ASP EB 16 -24.85 -10.53 75.54
CA ASP EB 16 -25.89 -10.49 76.57
C ASP EB 16 -26.18 -9.06 77.00
N GLY EB 17 -26.63 -8.26 76.05
CA GLY EB 17 -27.06 -6.90 76.34
C GLY EB 17 -25.94 -5.89 76.43
N GLU EB 18 -24.85 -6.22 77.14
CA GLU EB 18 -23.77 -5.26 77.31
C GLU EB 18 -22.37 -5.88 77.23
N GLU EB 19 -22.25 -7.17 76.93
CA GLU EB 19 -20.94 -7.83 76.91
C GLU EB 19 -20.85 -8.76 75.72
N SER EB 20 -19.76 -8.63 74.96
CA SER EB 20 -19.50 -9.52 73.84
C SER EB 20 -18.72 -10.74 74.30
N PHE EB 21 -18.82 -11.82 73.53
CA PHE EB 21 -18.16 -13.07 73.89
C PHE EB 21 -17.71 -13.83 72.65
N PRO EB 22 -16.41 -13.93 72.39
CA PRO EB 22 -15.93 -14.73 71.26
C PRO EB 22 -16.21 -16.20 71.48
N VAL EB 23 -16.87 -16.83 70.52
CA VAL EB 23 -17.24 -18.24 70.59
C VAL EB 23 -16.37 -19.02 69.62
N LYS EB 24 -16.01 -20.24 70.01
CA LYS EB 24 -15.12 -21.07 69.21
C LYS EB 24 -15.91 -21.73 68.09
N VAL EB 25 -15.56 -21.40 66.84
CA VAL EB 25 -16.18 -21.99 65.66
C VAL EB 25 -15.24 -22.98 64.97
N ASP EB 26 -14.16 -23.36 65.62
CA ASP EB 26 -13.13 -24.18 64.97
C ASP EB 26 -13.68 -25.52 64.53
N GLY EB 27 -14.14 -26.33 65.48
CA GLY EB 27 -14.64 -27.64 65.15
C GLY EB 27 -15.75 -27.60 64.14
N PHE EB 28 -16.85 -26.97 64.51
CA PHE EB 28 -18.01 -26.97 63.62
C PHE EB 28 -17.75 -26.27 62.31
N ASN EB 29 -18.50 -26.66 61.27
CA ASN EB 29 -18.32 -26.07 59.95
C ASN EB 29 -19.53 -25.28 59.46
N GLN EB 30 -20.60 -25.17 60.25
CA GLN EB 30 -21.70 -24.28 59.93
C GLN EB 30 -22.21 -23.64 61.22
N PHE EB 31 -22.64 -22.39 61.12
CA PHE EB 31 -23.15 -21.66 62.27
C PHE EB 31 -23.98 -20.48 61.77
N GLY EB 32 -25.04 -20.15 62.51
CA GLY EB 32 -25.92 -19.07 62.14
C GLY EB 32 -25.94 -17.93 63.14
N PHE EB 33 -27.13 -17.37 63.39
CA PHE EB 33 -27.27 -16.30 64.36
C PHE EB 33 -28.73 -16.20 64.78
N THR EB 34 -28.93 -15.81 66.04
CA THR EB 34 -30.27 -15.57 66.58
C THR EB 34 -30.25 -14.31 67.42
N PHE EB 35 -31.06 -13.33 67.01
CA PHE EB 35 -31.19 -12.05 67.68
C PHE EB 35 -32.54 -11.98 68.36
N LYS EB 36 -32.59 -11.33 69.53
CA LYS EB 36 -33.84 -11.22 70.27
C LYS EB 36 -33.85 -9.91 71.03
N THR EB 37 -34.89 -9.11 70.83
CA THR EB 37 -35.07 -7.89 71.59
C THR EB 37 -35.91 -8.18 72.83
N ILE EB 38 -35.61 -7.46 73.91
CA ILE EB 38 -36.30 -7.69 75.18
C ILE EB 38 -37.32 -6.61 75.50
N ALA EB 39 -37.25 -5.45 74.87
CA ALA EB 39 -38.18 -4.37 75.13
C ALA EB 39 -38.43 -3.62 73.83
N ALA EB 40 -39.07 -2.46 73.94
CA ALA EB 40 -39.31 -1.62 72.78
C ALA EB 40 -38.04 -0.87 72.39
N LEU EB 41 -37.84 -0.72 71.09
CA LEU EB 41 -36.66 -0.04 70.57
C LEU EB 41 -37.00 1.39 70.18
N THR EB 42 -35.96 2.16 69.86
CA THR EB 42 -36.10 3.55 69.47
C THR EB 42 -35.85 3.76 67.98
N ALA EB 43 -34.68 3.33 67.50
CA ALA EB 43 -34.34 3.40 66.09
C ALA EB 43 -33.70 2.08 65.68
N ALA EB 44 -33.35 1.98 64.40
CA ALA EB 44 -32.62 0.81 63.93
C ALA EB 44 -31.26 0.74 64.63
N THR EB 45 -30.75 -0.48 64.78
CA THR EB 45 -29.51 -0.70 65.50
C THR EB 45 -28.50 -1.34 64.58
N THR EB 46 -27.22 -1.09 64.85
CA THR EB 46 -26.14 -1.60 64.03
C THR EB 46 -25.14 -2.36 64.88
N PHE EB 47 -24.53 -3.37 64.28
CA PHE EB 47 -23.60 -4.25 64.96
C PHE EB 47 -22.46 -4.58 64.02
N ASN EB 48 -21.24 -4.50 64.53
CA ASN EB 48 -20.05 -4.85 63.78
C ASN EB 48 -19.59 -6.26 64.14
N ILE EB 49 -19.19 -7.01 63.11
CA ILE EB 49 -18.74 -8.39 63.28
C ILE EB 49 -17.22 -8.40 63.27
N PHE EB 50 -16.64 -9.18 64.19
CA PHE EB 50 -15.20 -9.32 64.31
C PHE EB 50 -14.85 -10.79 64.39
N TYR EB 51 -13.60 -11.09 64.08
CA TYR EB 51 -13.08 -12.44 64.25
C TYR EB 51 -11.75 -12.38 64.98
N HIS EB 52 -11.33 -13.54 65.48
CA HIS EB 52 -10.13 -13.65 66.29
C HIS EB 52 -9.30 -14.82 65.81
N GLU EB 53 -8.02 -14.72 66.02
CA GLU EB 53 -7.05 -15.76 65.70
C GLU EB 53 -6.56 -16.43 66.97
N PRO EB 54 -6.09 -17.68 66.86
CA PRO EB 54 -5.48 -18.34 68.02
C PRO EB 54 -4.30 -17.53 68.53
N SER EB 55 -4.38 -17.12 69.80
CA SER EB 55 -3.33 -16.32 70.39
C SER EB 55 -2.00 -17.05 70.34
N ASP EB 56 -0.93 -16.31 70.06
CA ASP EB 56 0.40 -16.90 70.04
C ASP EB 56 0.76 -17.53 71.38
N ALA EB 57 0.31 -16.90 72.48
CA ALA EB 57 0.59 -17.45 73.80
C ALA EB 57 -0.14 -18.77 74.01
N ASP EB 58 -1.43 -18.82 73.68
CA ASP EB 58 -2.20 -20.03 73.90
C ASP EB 58 -3.03 -20.36 72.66
N PRO EB 59 -2.88 -21.55 72.09
CA PRO EB 59 -3.64 -21.90 70.88
C PRO EB 59 -5.10 -22.23 71.14
N CYS EB 60 -5.59 -22.12 72.38
CA CYS EB 60 -6.99 -22.41 72.67
C CYS EB 60 -7.74 -21.18 73.19
N VAL EB 61 -7.15 -19.99 73.03
CA VAL EB 61 -7.81 -18.75 73.45
C VAL EB 61 -7.83 -17.81 72.25
N PRO EB 62 -8.85 -16.96 72.12
CA PRO EB 62 -8.89 -16.02 70.99
C PRO EB 62 -7.84 -14.94 71.14
N GLY EB 63 -7.39 -14.42 70.00
CA GLY EB 63 -6.48 -13.30 69.98
C GLY EB 63 -7.21 -11.99 70.07
N PRO EB 64 -6.82 -11.02 69.25
CA PRO EB 64 -7.51 -9.74 69.22
C PRO EB 64 -8.78 -9.84 68.37
N ALA EB 65 -9.47 -8.71 68.24
CA ALA EB 65 -10.68 -8.62 67.44
C ALA EB 65 -10.34 -7.96 66.11
N ILE EB 66 -10.65 -8.65 65.02
CA ILE EB 66 -10.37 -8.18 63.67
C ILE EB 66 -11.68 -8.15 62.89
N ARG EB 67 -11.96 -7.01 62.26
CA ARG EB 67 -13.19 -6.86 61.50
C ARG EB 67 -13.25 -7.87 60.35
N VAL EB 68 -14.46 -8.14 59.89
CA VAL EB 68 -14.73 -9.15 58.87
C VAL EB 68 -15.12 -8.43 57.59
N PRO EB 69 -14.51 -8.74 56.45
CA PRO EB 69 -14.84 -8.05 55.20
C PRO EB 69 -16.12 -8.60 54.58
N GLU EB 70 -16.95 -7.68 54.10
CA GLU EB 70 -18.21 -8.05 53.45
C GLU EB 70 -17.95 -8.60 52.06
N VAL EB 71 -18.68 -9.67 51.71
CA VAL EB 71 -18.59 -10.31 50.42
C VAL EB 71 -19.99 -10.36 49.81
N PRO EB 72 -20.16 -9.99 48.54
CA PRO EB 72 -21.50 -9.97 47.93
C PRO EB 72 -21.85 -11.19 47.10
N PHE EB 73 -23.15 -11.49 47.07
CA PHE EB 73 -23.76 -12.37 46.09
C PHE EB 73 -24.12 -11.53 44.86
N CYS EB 74 -25.08 -11.99 44.10
CA CYS EB 74 -25.50 -11.13 43.04
C CYS EB 74 -26.54 -10.21 43.56
N ASP EB 75 -27.21 -9.45 42.70
CA ASP EB 75 -28.37 -8.62 43.05
C ASP EB 75 -28.26 -7.74 44.25
N THR EB 76 -27.07 -7.30 44.53
CA THR EB 76 -26.84 -6.37 45.63
C THR EB 76 -26.76 -4.97 45.06
N VAL EB 77 -27.57 -4.06 45.62
CA VAL EB 77 -27.63 -2.68 45.13
C VAL EB 77 -26.71 -1.76 45.90
N LEU EB 78 -26.15 -2.20 47.01
CA LEU EB 78 -25.28 -1.36 47.81
C LEU EB 78 -24.36 -2.24 48.63
N LEU EB 79 -23.29 -1.64 49.13
CA LEU EB 79 -22.34 -2.30 50.00
C LEU EB 79 -22.06 -1.39 51.19
N SER EB 80 -21.56 -1.98 52.27
CA SER EB 80 -21.05 -1.17 53.37
C SER EB 80 -19.94 -0.28 52.86
N GLU EB 81 -20.02 1.01 53.21
CA GLU EB 81 -19.09 2.01 52.69
C GLU EB 81 -17.64 1.58 52.88
N ASP EB 82 -17.34 0.83 53.93
CA ASP EB 82 -15.98 0.36 54.16
C ASP EB 82 -15.70 -0.99 53.50
N GLY EB 83 -16.74 -1.76 53.21
CA GLY EB 83 -16.58 -3.10 52.71
C GLY EB 83 -16.54 -4.18 53.77
N LEU EB 84 -16.74 -3.82 55.03
CA LEU EB 84 -16.75 -4.77 56.12
C LEU EB 84 -18.18 -5.20 56.43
N ALA EB 85 -18.32 -6.42 56.92
CA ALA EB 85 -19.65 -6.93 57.24
C ALA EB 85 -20.19 -6.27 58.50
N ALA EB 86 -21.47 -5.93 58.46
CA ALA EB 86 -22.15 -5.33 59.60
C ALA EB 86 -23.64 -5.58 59.45
N VAL EB 87 -24.30 -5.78 60.59
CA VAL EB 87 -25.69 -6.23 60.62
C VAL EB 87 -26.53 -5.11 61.23
N THR EB 88 -27.62 -4.76 60.55
CA THR EB 88 -28.51 -3.70 61.01
C THR EB 88 -29.87 -4.28 61.33
N LEU EB 89 -30.17 -4.36 62.61
CA LEU EB 89 -31.50 -4.77 63.06
C LEU EB 89 -32.47 -3.61 62.83
N PRO EB 90 -33.48 -3.78 61.98
CA PRO EB 90 -34.36 -2.66 61.66
C PRO EB 90 -35.27 -2.30 62.83
N GLU EB 91 -35.79 -1.08 62.77
CA GLU EB 91 -36.79 -0.64 63.72
C GLU EB 91 -38.09 -1.43 63.52
N THR EB 92 -39.03 -1.25 64.45
CA THR EB 92 -40.33 -1.91 64.41
C THR EB 92 -40.17 -3.43 64.45
N VAL EB 93 -39.39 -3.90 65.41
CA VAL EB 93 -39.26 -5.32 65.71
C VAL EB 93 -39.71 -5.51 67.16
N THR EB 94 -40.93 -5.99 67.34
CA THR EB 94 -41.48 -6.20 68.66
C THR EB 94 -40.66 -7.22 69.44
N PRO EB 95 -40.53 -7.07 70.77
CA PRO EB 95 -39.67 -7.99 71.52
C PRO EB 95 -40.30 -9.35 71.78
N ASP EB 96 -40.99 -9.88 70.77
CA ASP EB 96 -41.37 -11.28 70.69
C ASP EB 96 -41.20 -11.77 69.26
N SER EB 97 -40.10 -11.41 68.63
CA SER EB 97 -39.86 -11.96 67.31
C SER EB 97 -38.38 -12.12 67.17
N PHE EB 98 -37.95 -13.35 66.97
CA PHE EB 98 -36.53 -13.62 66.87
C PHE EB 98 -36.05 -13.21 65.51
N CYS EB 99 -34.77 -12.88 65.39
CA CYS EB 99 -34.23 -12.53 64.11
C CYS EB 99 -33.02 -13.39 63.84
N ALA EB 100 -32.92 -13.93 62.64
CA ALA EB 100 -31.82 -14.82 62.33
C ALA EB 100 -30.84 -14.16 61.39
N GLY EB 101 -29.75 -14.85 61.09
CA GLY EB 101 -28.75 -14.32 60.18
C GLY EB 101 -27.57 -15.26 60.08
N THR EB 102 -26.74 -15.02 59.06
CA THR EB 102 -25.59 -15.88 58.81
C THR EB 102 -24.57 -15.23 57.88
N VAL EB 103 -23.31 -15.20 58.31
CA VAL EB 103 -22.22 -14.75 57.45
C VAL EB 103 -21.87 -15.90 56.51
N PRO EB 104 -21.73 -15.67 55.21
CA PRO EB 104 -21.57 -16.78 54.27
C PRO EB 104 -20.17 -17.37 54.24
N CYS EB 105 -19.15 -16.58 54.57
CA CYS EB 105 -17.76 -17.03 54.50
C CYS EB 105 -17.03 -16.55 55.75
N MET EB 106 -16.58 -17.49 56.56
CA MET EB 106 -15.93 -17.17 57.83
C MET EB 106 -14.42 -17.02 57.65
N ASN EB 107 -13.77 -16.59 58.71
CA ASN EB 107 -12.31 -16.48 58.75
C ASN EB 107 -11.85 -16.45 60.20
N GLY EB 108 -11.04 -17.43 60.58
CA GLY EB 108 -10.52 -17.51 61.93
C GLY EB 108 -11.14 -18.65 62.72
N GLN EB 109 -11.13 -18.49 64.04
CA GLN EB 109 -11.69 -19.50 64.93
C GLN EB 109 -12.67 -18.95 65.95
N TRP EB 110 -12.79 -17.63 66.10
CA TRP EB 110 -13.72 -17.03 67.04
C TRP EB 110 -14.44 -15.86 66.37
N ILE EB 111 -15.76 -15.84 66.50
CA ILE EB 111 -16.59 -14.75 65.99
C ILE EB 111 -17.07 -13.93 67.17
N SER EB 112 -17.28 -12.64 66.93
CA SER EB 112 -17.74 -11.73 67.97
C SER EB 112 -18.62 -10.66 67.35
N ILE EB 113 -19.64 -10.23 68.10
CA ILE EB 113 -20.53 -9.17 67.68
C ILE EB 113 -20.43 -8.03 68.67
N ALA EB 114 -20.26 -6.81 68.16
CA ALA EB 114 -20.14 -5.65 69.02
C ALA EB 114 -21.13 -4.58 68.59
N PRO EB 115 -21.67 -3.81 69.52
CA PRO EB 115 -22.59 -2.74 69.13
C PRO EB 115 -21.88 -1.65 68.36
N ALA EB 116 -22.23 -1.49 67.08
CA ALA EB 116 -21.64 -0.45 66.27
C ALA EB 116 -21.90 0.91 66.90
N THR EB 117 -20.94 1.82 66.75
CA THR EB 117 -20.98 3.10 67.44
C THR EB 117 -22.26 3.86 67.09
N GLY EB 118 -22.69 4.71 68.03
CA GLY EB 118 -23.90 5.47 67.88
C GLY EB 118 -25.19 4.72 68.12
N SER EB 119 -25.16 3.39 68.09
CA SER EB 119 -26.34 2.57 68.31
C SER EB 119 -26.08 1.54 69.40
N GLU EB 120 -25.46 1.98 70.50
CA GLU EB 120 -25.10 1.08 71.58
C GLU EB 120 -26.05 1.15 72.76
N THR EB 121 -26.78 2.26 72.93
CA THR EB 121 -27.77 2.33 74.00
C THR EB 121 -28.88 1.31 73.81
N ASN EB 122 -29.43 1.23 72.59
CA ASN EB 122 -30.45 0.24 72.30
C ASN EB 122 -29.90 -1.18 72.37
N ALA EB 123 -28.60 -1.35 72.15
CA ALA EB 123 -27.99 -2.67 72.22
C ALA EB 123 -28.19 -3.30 73.58
N ALA EB 124 -28.40 -2.49 74.62
CA ALA EB 124 -28.70 -3.03 75.94
C ALA EB 124 -29.92 -3.94 75.89
N ASN EB 125 -30.93 -3.57 75.12
CA ASN EB 125 -32.15 -4.37 75.02
C ASN EB 125 -32.05 -5.47 73.96
N VAL EB 126 -30.85 -5.79 73.48
CA VAL EB 126 -30.66 -6.81 72.46
C VAL EB 126 -29.88 -7.97 73.07
N GLN EB 127 -30.23 -9.18 72.66
CA GLN EB 127 -29.55 -10.40 73.08
C GLN EB 127 -29.27 -11.24 71.85
N ILE EB 128 -28.00 -11.55 71.62
CA ILE EB 128 -27.58 -12.24 70.41
C ILE EB 128 -26.83 -13.50 70.81
N THR EB 129 -27.16 -14.63 70.17
CA THR EB 129 -26.44 -15.86 70.39
C THR EB 129 -26.34 -16.63 69.09
N VAL EB 130 -25.63 -17.76 69.13
CA VAL EB 130 -25.24 -18.49 67.93
C VAL EB 130 -25.16 -19.97 68.25
N THR EB 131 -25.68 -20.78 67.35
CA THR EB 131 -25.56 -22.24 67.40
C THR EB 131 -24.75 -22.73 66.21
N MET EB 132 -24.34 -23.99 66.28
CA MET EB 132 -23.54 -24.62 65.26
C MET EB 132 -24.28 -25.80 64.65
N LYS EB 133 -23.70 -26.41 63.62
CA LYS EB 133 -24.43 -27.47 62.93
C LYS EB 133 -23.65 -28.76 62.77
N GLY EB 134 -22.35 -28.70 62.47
CA GLY EB 134 -21.59 -29.89 62.12
C GLY EB 134 -20.97 -30.57 63.32
N ALA EB 135 -20.25 -31.66 63.03
CA ALA EB 135 -19.42 -32.31 64.04
C ALA EB 135 -17.94 -32.25 63.66
N THR EB 136 -17.58 -32.83 62.51
CA THR EB 136 -16.25 -32.72 61.91
C THR EB 136 -15.14 -33.27 62.79
N ARG EB 137 -15.50 -33.75 63.98
CA ARG EB 137 -14.55 -34.26 64.97
C ARG EB 137 -15.28 -34.68 66.24
N MET FB 1 -20.00 -22.44 53.43
CA MET FB 1 -21.35 -22.61 52.90
C MET FB 1 -22.33 -22.89 54.03
N ASN FB 2 -22.23 -22.10 55.11
CA ASN FB 2 -23.09 -22.25 56.26
C ASN FB 2 -24.49 -21.73 55.94
N PHE FB 3 -25.47 -22.62 55.93
CA PHE FB 3 -26.85 -22.22 55.73
C PHE FB 3 -27.31 -21.28 56.85
N ASN FB 4 -28.33 -20.49 56.56
CA ASN FB 4 -28.89 -19.63 57.59
C ASN FB 4 -29.66 -20.47 58.58
N VAL FB 5 -28.98 -20.93 59.64
CA VAL FB 5 -29.55 -21.85 60.60
C VAL FB 5 -30.10 -21.13 61.83
N GLY FB 6 -30.32 -19.81 61.74
CA GLY FB 6 -31.10 -19.14 62.75
C GLY FB 6 -32.49 -19.72 62.77
N VAL FB 7 -33.25 -19.52 61.69
CA VAL FB 7 -34.41 -20.37 61.45
C VAL FB 7 -33.90 -21.80 61.29
N ASP FB 8 -34.80 -22.77 61.49
CA ASP FB 8 -34.35 -24.16 61.54
C ASP FB 8 -33.38 -24.36 62.69
N PHE FB 9 -33.93 -24.42 63.91
CA PHE FB 9 -33.26 -24.56 65.21
C PHE FB 9 -32.61 -23.27 65.71
N PRO FB 10 -33.40 -22.24 66.04
CA PRO FB 10 -32.86 -21.07 66.73
C PRO FB 10 -32.53 -21.34 68.19
N SER FB 11 -32.12 -20.29 68.91
CA SER FB 11 -31.78 -20.44 70.32
C SER FB 11 -32.00 -19.11 71.03
N PHE FB 12 -31.91 -19.13 72.35
CA PHE FB 12 -32.12 -17.95 73.17
C PHE FB 12 -31.26 -18.05 74.42
N ILE FB 13 -31.21 -16.95 75.17
CA ILE FB 13 -30.46 -16.89 76.42
C ILE FB 13 -31.33 -17.41 77.54
N ALA FB 14 -30.87 -18.46 78.22
CA ALA FB 14 -31.60 -19.03 79.34
C ALA FB 14 -31.11 -18.54 80.69
N TRP FB 15 -29.80 -18.40 80.87
CA TRP FB 15 -29.22 -17.97 82.15
C TRP FB 15 -27.87 -17.34 81.86
N ASP FB 16 -27.78 -16.02 82.05
CA ASP FB 16 -26.56 -15.28 81.78
C ASP FB 16 -25.57 -15.32 82.94
N GLY FB 17 -25.96 -15.87 84.08
CA GLY FB 17 -25.15 -15.79 85.28
C GLY FB 17 -25.56 -14.72 86.25
N GLU FB 18 -26.53 -13.89 85.88
CA GLU FB 18 -27.03 -12.82 86.73
C GLU FB 18 -28.54 -12.87 86.93
N GLU FB 19 -29.30 -13.27 85.90
CA GLU FB 19 -30.75 -13.29 85.98
C GLU FB 19 -31.29 -14.34 85.02
N SER FB 20 -32.40 -14.95 85.41
CA SER FB 20 -33.06 -15.94 84.57
C SER FB 20 -33.89 -15.25 83.49
N PHE FB 21 -34.37 -16.05 82.54
CA PHE FB 21 -35.16 -15.52 81.44
C PHE FB 21 -36.19 -16.53 80.97
N PRO FB 22 -37.48 -16.21 81.05
CA PRO FB 22 -38.51 -17.06 80.43
C PRO FB 22 -38.35 -17.03 78.91
N VAL FB 23 -38.13 -18.20 78.33
CA VAL FB 23 -37.81 -18.32 76.91
C VAL FB 23 -38.87 -19.22 76.27
N LYS FB 24 -39.74 -18.62 75.45
CA LYS FB 24 -40.90 -19.32 74.92
C LYS FB 24 -40.50 -20.53 74.09
N VAL FB 25 -41.09 -21.68 74.42
CA VAL FB 25 -40.90 -22.91 73.67
C VAL FB 25 -42.21 -23.42 73.07
N ASP FB 26 -43.32 -22.73 73.34
CA ASP FB 26 -44.62 -23.20 72.85
C ASP FB 26 -44.66 -23.22 71.32
N GLY FB 27 -43.99 -22.26 70.67
CA GLY FB 27 -43.95 -22.23 69.22
C GLY FB 27 -43.18 -23.38 68.60
N PHE FB 28 -42.46 -24.16 69.40
CA PHE FB 28 -41.68 -25.30 68.95
C PHE FB 28 -42.25 -26.57 69.57
N ASN FB 29 -41.71 -27.71 69.17
CA ASN FB 29 -42.15 -29.00 69.72
C ASN FB 29 -41.02 -29.81 70.34
N GLN FB 30 -39.77 -29.44 70.15
CA GLN FB 30 -38.64 -30.07 70.84
C GLN FB 30 -37.66 -29.00 71.28
N PHE FB 31 -36.87 -29.31 72.30
CA PHE FB 31 -35.92 -28.34 72.83
C PHE FB 31 -34.90 -29.06 73.71
N GLY FB 32 -33.86 -28.31 74.07
CA GLY FB 32 -32.81 -28.84 74.93
C GLY FB 32 -31.92 -27.71 75.41
N PHE FB 33 -31.05 -28.04 76.36
CA PHE FB 33 -30.19 -27.08 77.03
C PHE FB 33 -28.73 -27.33 76.68
N THR FB 34 -27.98 -26.23 76.59
CA THR FB 34 -26.53 -26.26 76.40
C THR FB 34 -25.89 -25.43 77.49
N PHE FB 35 -24.98 -26.03 78.24
CA PHE FB 35 -24.31 -25.37 79.35
C PHE FB 35 -22.84 -25.16 79.04
N LYS FB 36 -22.34 -23.99 79.42
CA LYS FB 36 -20.95 -23.61 79.22
C LYS FB 36 -20.46 -22.90 80.48
N THR FB 37 -19.18 -23.03 80.77
CA THR FB 37 -18.58 -22.40 81.94
C THR FB 37 -17.59 -21.34 81.50
N ILE FB 38 -17.62 -20.20 82.20
CA ILE FB 38 -16.70 -19.11 81.88
C ILE FB 38 -15.41 -19.17 82.68
N ALA FB 39 -15.39 -19.92 83.78
CA ALA FB 39 -14.20 -20.00 84.61
C ALA FB 39 -14.32 -21.25 85.49
N ALA FB 40 -13.17 -21.73 85.96
CA ALA FB 40 -13.14 -22.89 86.84
C ALA FB 40 -14.00 -22.66 88.08
N LEU FB 41 -14.78 -23.67 88.43
CA LEU FB 41 -15.71 -23.57 89.54
C LEU FB 41 -15.04 -23.98 90.84
N THR FB 42 -15.82 -24.00 91.93
CA THR FB 42 -15.32 -24.39 93.24
C THR FB 42 -15.94 -25.67 93.76
N ALA FB 43 -17.22 -25.93 93.44
CA ALA FB 43 -17.89 -27.13 93.89
C ALA FB 43 -18.99 -27.45 92.88
N ALA FB 44 -19.62 -28.61 93.06
CA ALA FB 44 -20.71 -29.00 92.19
C ALA FB 44 -21.83 -27.96 92.24
N THR FB 45 -22.36 -27.62 91.07
CA THR FB 45 -23.37 -26.58 90.94
C THR FB 45 -24.72 -27.23 90.63
N THR FB 46 -25.77 -26.70 91.24
CA THR FB 46 -27.11 -27.24 91.07
C THR FB 46 -28.03 -26.16 90.54
N PHE FB 47 -28.89 -26.52 89.60
CA PHE FB 47 -29.83 -25.62 88.98
C PHE FB 47 -31.23 -26.24 89.02
N ASN FB 48 -32.20 -25.45 89.48
CA ASN FB 48 -33.59 -25.86 89.48
C ASN FB 48 -34.28 -25.38 88.21
N ILE FB 49 -35.24 -26.18 87.75
CA ILE FB 49 -35.96 -25.93 86.50
C ILE FB 49 -37.39 -25.56 86.84
N PHE FB 50 -37.97 -24.66 86.04
CA PHE FB 50 -39.34 -24.21 86.22
C PHE FB 50 -39.99 -24.08 84.86
N TYR FB 51 -41.31 -24.26 84.82
CA TYR FB 51 -42.08 -24.04 83.61
C TYR FB 51 -43.22 -23.07 83.90
N HIS FB 52 -43.65 -22.36 82.86
CA HIS FB 52 -44.64 -21.30 83.03
C HIS FB 52 -45.89 -21.61 82.23
N GLU FB 53 -46.97 -20.92 82.61
CA GLU FB 53 -48.29 -21.03 82.02
C GLU FB 53 -48.77 -19.65 81.61
N PRO FB 54 -49.67 -19.55 80.63
CA PRO FB 54 -50.05 -18.23 80.12
C PRO FB 54 -50.83 -17.45 81.16
N SER FB 55 -50.38 -16.21 81.41
CA SER FB 55 -51.09 -15.34 82.35
C SER FB 55 -52.52 -15.14 81.87
N ASP FB 56 -53.46 -15.25 82.82
CA ASP FB 56 -54.86 -15.00 82.48
C ASP FB 56 -55.06 -13.58 81.96
N ALA FB 57 -54.23 -12.64 82.41
CA ALA FB 57 -54.34 -11.27 81.93
C ALA FB 57 -53.89 -11.15 80.47
N ASP FB 58 -52.87 -11.92 80.08
CA ASP FB 58 -52.35 -11.83 78.73
C ASP FB 58 -51.67 -13.14 78.34
N PRO FB 59 -52.02 -13.73 77.19
CA PRO FB 59 -51.35 -14.94 76.73
C PRO FB 59 -49.98 -14.73 76.11
N CYS FB 60 -49.38 -13.55 76.28
CA CYS FB 60 -48.01 -13.29 75.82
C CYS FB 60 -47.07 -12.93 76.94
N VAL FB 61 -47.51 -13.05 78.19
CA VAL FB 61 -46.66 -12.74 79.34
C VAL FB 61 -46.71 -13.93 80.30
N PRO FB 62 -45.58 -14.36 80.85
CA PRO FB 62 -45.59 -15.50 81.76
C PRO FB 62 -46.35 -15.20 83.05
N GLY FB 63 -46.87 -16.26 83.65
CA GLY FB 63 -47.51 -16.17 84.93
C GLY FB 63 -46.53 -16.56 86.03
N PRO FB 64 -46.92 -17.53 86.86
CA PRO FB 64 -46.00 -18.02 87.88
C PRO FB 64 -44.94 -18.93 87.28
N ALA FB 65 -44.08 -19.49 88.12
CA ALA FB 65 -43.03 -20.42 87.69
C ALA FB 65 -43.22 -21.72 88.46
N ILE FB 66 -43.99 -22.65 87.87
CA ILE FB 66 -44.26 -23.92 88.53
C ILE FB 66 -43.02 -24.78 88.49
N ARG FB 67 -42.72 -25.43 89.62
CA ARG FB 67 -41.57 -26.32 89.70
C ARG FB 67 -41.87 -27.60 88.94
N VAL FB 68 -41.18 -27.80 87.82
CA VAL FB 68 -41.46 -28.96 86.97
C VAL FB 68 -41.09 -30.24 87.72
N PRO FB 69 -41.94 -31.26 87.71
CA PRO FB 69 -41.62 -32.50 88.42
C PRO FB 69 -40.71 -33.39 87.59
N GLU FB 70 -39.74 -34.00 88.26
CA GLU FB 70 -38.83 -34.92 87.59
C GLU FB 70 -39.50 -36.27 87.41
N VAL FB 71 -39.32 -36.86 86.24
CA VAL FB 71 -39.91 -38.15 85.90
C VAL FB 71 -38.77 -39.14 85.63
N PRO FB 72 -38.79 -40.32 86.23
CA PRO FB 72 -37.74 -41.31 85.96
C PRO FB 72 -38.09 -42.22 84.79
N PHE FB 73 -37.20 -43.12 84.44
CA PHE FB 73 -37.44 -44.09 83.39
C PHE FB 73 -36.84 -45.43 83.81
N CYS FB 74 -36.67 -46.33 82.83
CA CYS FB 74 -36.34 -47.73 83.08
C CYS FB 74 -35.24 -47.91 84.11
N ASP FB 75 -34.06 -47.34 83.87
CA ASP FB 75 -32.90 -47.56 84.72
C ASP FB 75 -32.57 -46.33 85.58
N THR FB 76 -33.57 -45.53 85.93
CA THR FB 76 -33.35 -44.38 86.80
C THR FB 76 -33.43 -44.85 88.25
N VAL FB 77 -32.35 -44.71 88.99
CA VAL FB 77 -32.24 -45.27 90.33
C VAL FB 77 -31.80 -44.22 91.33
N LEU FB 78 -31.96 -42.94 90.98
CA LEU FB 78 -31.46 -41.84 91.77
C LEU FB 78 -32.54 -40.78 91.96
N LEU FB 79 -33.74 -41.22 92.32
CA LEU FB 79 -34.86 -40.30 92.51
C LEU FB 79 -34.54 -39.24 93.55
N SER FB 80 -34.80 -37.98 93.21
CA SER FB 80 -34.56 -36.86 94.09
C SER FB 80 -35.68 -36.74 95.11
N GLU FB 81 -35.76 -35.61 95.81
CA GLU FB 81 -36.78 -35.43 96.83
C GLU FB 81 -38.17 -35.32 96.19
N ASP FB 82 -38.82 -36.46 96.01
CA ASP FB 82 -40.17 -36.60 95.49
C ASP FB 82 -40.25 -36.33 94.00
N GLY FB 83 -39.17 -35.80 93.42
CA GLY FB 83 -39.13 -35.59 91.99
C GLY FB 83 -39.41 -34.16 91.58
N LEU FB 84 -38.35 -33.43 91.25
CA LEU FB 84 -38.47 -32.07 90.74
C LEU FB 84 -37.21 -31.80 89.92
N ALA FB 85 -37.39 -31.61 88.62
CA ALA FB 85 -36.27 -31.58 87.69
C ALA FB 85 -35.22 -30.56 88.10
N ALA FB 86 -34.04 -31.07 88.44
CA ALA FB 86 -32.89 -30.23 88.79
C ALA FB 86 -31.64 -30.88 88.23
N VAL FB 87 -30.77 -30.06 87.65
CA VAL FB 87 -29.53 -30.56 87.06
C VAL FB 87 -28.38 -30.17 87.97
N THR FB 88 -27.27 -30.87 87.79
CA THR FB 88 -26.06 -30.61 88.60
C THR FB 88 -24.85 -30.73 87.70
N LEU FB 89 -24.19 -29.61 87.44
CA LEU FB 89 -22.91 -29.63 86.77
C LEU FB 89 -21.82 -29.94 87.78
N PRO FB 90 -21.11 -31.06 87.64
CA PRO FB 90 -20.13 -31.44 88.65
C PRO FB 90 -18.91 -30.53 88.60
N GLU FB 91 -18.07 -30.68 89.63
CA GLU FB 91 -16.80 -29.97 89.67
C GLU FB 91 -15.85 -30.58 88.64
N THR FB 92 -14.65 -30.01 88.55
CA THR FB 92 -13.63 -30.42 87.59
C THR FB 92 -14.17 -30.34 86.16
N VAL FB 93 -14.74 -29.19 85.83
CA VAL FB 93 -15.22 -28.89 84.48
C VAL FB 93 -14.54 -27.61 84.02
N THR FB 94 -14.10 -27.60 82.77
CA THR FB 94 -13.29 -26.54 82.21
C THR FB 94 -14.02 -25.86 81.06
N PRO FB 95 -13.61 -24.64 80.69
CA PRO FB 95 -14.12 -24.04 79.45
C PRO FB 95 -13.71 -24.82 78.22
N ASP FB 96 -14.08 -24.31 77.04
CA ASP FB 96 -13.91 -24.99 75.74
C ASP FB 96 -14.41 -26.43 75.78
N SER FB 97 -15.35 -26.72 76.68
CA SER FB 97 -15.99 -28.02 76.75
C SER FB 97 -17.39 -27.82 77.33
N PHE FB 98 -18.38 -27.85 76.45
CA PHE FB 98 -19.77 -27.63 76.85
C PHE FB 98 -20.38 -28.92 77.38
N CYS FB 99 -21.64 -28.86 77.76
CA CYS FB 99 -22.40 -30.05 78.11
C CYS FB 99 -23.85 -29.88 77.72
N ALA FB 100 -24.54 -31.01 77.64
CA ALA FB 100 -25.90 -31.08 77.11
C ALA FB 100 -26.89 -31.39 78.22
N GLY FB 101 -28.13 -30.97 78.02
CA GLY FB 101 -29.20 -31.25 78.96
C GLY FB 101 -30.53 -31.35 78.26
N THR FB 102 -31.44 -32.10 78.85
CA THR FB 102 -32.76 -32.29 78.27
C THR FB 102 -33.76 -32.65 79.36
N VAL FB 103 -35.02 -32.33 79.11
CA VAL FB 103 -36.13 -32.72 79.98
C VAL FB 103 -36.97 -33.74 79.22
N PRO FB 104 -37.29 -34.88 79.82
CA PRO FB 104 -38.06 -35.91 79.10
C PRO FB 104 -39.45 -35.45 78.71
N CYS FB 105 -40.18 -34.85 79.65
CA CYS FB 105 -41.60 -34.54 79.49
C CYS FB 105 -41.80 -33.05 79.63
N MET FB 106 -42.19 -32.38 78.54
CA MET FB 106 -42.45 -30.95 78.60
C MET FB 106 -43.77 -30.68 79.30
N ASN FB 107 -43.94 -29.43 79.72
CA ASN FB 107 -45.19 -28.99 80.35
C ASN FB 107 -45.22 -27.47 80.38
N GLY FB 108 -46.40 -26.91 80.17
CA GLY FB 108 -46.58 -25.47 80.25
C GLY FB 108 -46.36 -24.74 78.94
N GLN FB 109 -45.83 -23.52 79.01
CA GLN FB 109 -45.55 -22.70 77.84
C GLN FB 109 -44.08 -22.52 77.57
N TRP FB 110 -43.26 -22.31 78.61
CA TRP FB 110 -41.84 -22.14 78.41
C TRP FB 110 -41.10 -22.51 79.69
N ILE FB 111 -39.78 -22.52 79.58
CA ILE FB 111 -38.91 -23.02 80.63
C ILE FB 111 -38.09 -21.86 81.19
N SER FB 112 -37.56 -22.06 82.39
CA SER FB 112 -36.68 -21.12 83.05
C SER FB 112 -35.79 -21.90 84.00
N ILE FB 113 -34.55 -21.43 84.14
CA ILE FB 113 -33.57 -22.09 84.99
C ILE FB 113 -33.12 -21.10 86.06
N ALA FB 114 -33.01 -21.58 87.30
CA ALA FB 114 -32.60 -20.74 88.41
C ALA FB 114 -31.50 -21.43 89.19
N PRO FB 115 -30.57 -20.68 89.76
CA PRO FB 115 -29.54 -21.30 90.60
C PRO FB 115 -30.13 -21.89 91.87
N ALA FB 116 -30.07 -23.22 91.99
CA ALA FB 116 -30.49 -23.85 93.23
C ALA FB 116 -29.65 -23.32 94.39
N THR FB 117 -30.30 -23.09 95.52
CA THR FB 117 -29.64 -22.50 96.67
C THR FB 117 -28.41 -23.30 97.07
N GLY FB 118 -27.26 -22.64 97.11
CA GLY FB 118 -25.98 -23.28 97.34
C GLY FB 118 -25.05 -23.21 96.17
N SER FB 119 -25.52 -22.82 94.99
CA SER FB 119 -24.68 -22.69 93.81
C SER FB 119 -24.72 -21.27 93.25
N GLU FB 120 -25.09 -20.29 94.07
CA GLU FB 120 -25.29 -18.93 93.58
C GLU FB 120 -23.98 -18.34 93.08
N THR FB 121 -22.97 -18.26 93.94
CA THR FB 121 -21.66 -17.79 93.50
C THR FB 121 -21.08 -18.69 92.42
N ASN FB 122 -21.45 -19.97 92.43
CA ASN FB 122 -21.06 -20.86 91.34
C ASN FB 122 -21.81 -20.50 90.06
N ALA FB 123 -23.11 -20.25 90.16
CA ALA FB 123 -23.89 -19.86 88.99
C ALA FB 123 -23.40 -18.54 88.41
N ALA FB 124 -22.76 -17.70 89.22
CA ALA FB 124 -22.24 -16.42 88.74
C ALA FB 124 -21.18 -16.59 87.66
N ASN FB 125 -20.67 -17.81 87.45
CA ASN FB 125 -19.62 -18.06 86.47
C ASN FB 125 -20.03 -19.15 85.47
N VAL FB 126 -21.31 -19.22 85.14
CA VAL FB 126 -21.81 -20.21 84.20
C VAL FB 126 -22.79 -19.54 83.25
N GLN FB 127 -22.90 -20.08 82.04
CA GLN FB 127 -23.85 -19.63 81.04
C GLN FB 127 -24.68 -20.82 80.59
N ILE FB 128 -25.98 -20.61 80.46
CA ILE FB 128 -26.91 -21.66 80.04
C ILE FB 128 -27.77 -21.11 78.91
N THR FB 129 -27.91 -21.88 77.84
CA THR FB 129 -28.74 -21.49 76.71
C THR FB 129 -29.69 -22.64 76.38
N VAL FB 130 -30.72 -22.32 75.61
CA VAL FB 130 -31.70 -23.30 75.17
C VAL FB 130 -31.79 -23.24 73.64
N THR FB 131 -31.80 -24.41 73.02
CA THR FB 131 -31.98 -24.52 71.57
C THR FB 131 -33.20 -25.37 71.29
N MET FB 132 -34.02 -24.93 70.35
CA MET FB 132 -35.27 -25.58 70.03
C MET FB 132 -35.13 -26.38 68.73
N LYS FB 133 -36.22 -27.05 68.35
CA LYS FB 133 -36.18 -28.03 67.29
C LYS FB 133 -37.61 -28.32 66.85
N GLY FB 134 -37.81 -28.45 65.54
CA GLY FB 134 -39.08 -28.93 65.03
C GLY FB 134 -40.19 -27.91 64.99
N ALA FB 135 -39.88 -26.62 64.98
CA ALA FB 135 -40.90 -25.57 65.01
C ALA FB 135 -41.94 -25.77 63.91
N THR FB 136 -43.22 -25.72 64.30
CA THR FB 136 -44.33 -25.75 63.35
C THR FB 136 -45.23 -24.54 63.45
N ARG FB 137 -45.20 -23.81 64.57
CA ARG FB 137 -46.01 -22.61 64.81
C ARG FB 137 -47.51 -22.91 64.81
N MET GB 1 -62.55 28.87 2.61
CA MET GB 1 -61.12 29.07 2.82
C MET GB 1 -60.67 28.31 4.05
N VAL GB 2 -59.66 28.84 4.74
CA VAL GB 2 -59.10 28.16 5.89
C VAL GB 2 -60.16 28.11 6.99
N LYS GB 3 -60.74 26.94 7.21
CA LYS GB 3 -61.74 26.75 8.25
C LYS GB 3 -61.02 26.02 9.39
N LEU GB 4 -60.48 26.80 10.30
CA LEU GB 4 -59.55 26.27 11.26
C LEU GB 4 -60.31 25.35 12.22
N ASN GB 5 -60.02 24.05 12.18
CA ASN GB 5 -60.80 23.05 12.90
C ASN GB 5 -60.15 22.68 14.23
N CYS GB 6 -60.98 22.26 15.19
CA CYS GB 6 -60.56 22.04 16.57
C CYS GB 6 -60.88 20.63 17.06
N ARG GB 7 -60.19 20.25 18.14
CA ARG GB 7 -60.50 19.08 18.94
C ARG GB 7 -59.97 19.32 20.34
N PRO GB 8 -60.41 18.53 21.34
CA PRO GB 8 -59.91 18.76 22.70
C PRO GB 8 -58.67 17.96 23.03
N LEU GB 9 -57.74 18.53 23.80
CA LEU GB 9 -56.59 17.78 24.30
C LEU GB 9 -56.93 17.04 25.58
N CYS GB 10 -57.61 17.73 26.49
CA CYS GB 10 -58.00 17.20 27.78
C CYS GB 10 -59.33 17.85 28.17
N GLN GB 11 -59.79 17.54 29.37
CA GLN GB 11 -60.99 18.14 29.91
C GLN GB 11 -61.02 17.83 31.40
N ALA GB 12 -62.09 18.28 32.07
CA ALA GB 12 -62.24 18.07 33.52
C ALA GB 12 -63.55 17.36 33.83
N PRO GB 13 -63.76 16.14 33.28
CA PRO GB 13 -65.04 15.45 33.49
C PRO GB 13 -65.38 15.33 34.97
N THR GB 14 -66.44 16.01 35.39
CA THR GB 14 -66.83 15.98 36.79
C THR GB 14 -67.61 14.70 37.07
N ALA GB 15 -68.20 14.61 38.25
CA ALA GB 15 -69.07 13.49 38.59
C ALA GB 15 -70.49 13.99 38.58
N SER GB 16 -71.27 13.53 37.59
CA SER GB 16 -72.69 13.82 37.61
C SER GB 16 -73.28 13.25 38.90
N ARG GB 17 -74.27 13.93 39.45
CA ARG GB 17 -74.81 13.46 40.71
C ARG GB 17 -75.70 12.26 40.42
N LEU GB 18 -76.33 11.70 41.44
CA LEU GB 18 -77.33 10.68 41.17
C LEU GB 18 -78.40 10.74 42.26
N VAL GB 19 -79.44 11.49 42.00
CA VAL GB 19 -80.59 11.55 42.89
C VAL GB 19 -81.60 10.53 42.42
N SER GB 20 -82.22 9.85 43.37
CA SER GB 20 -83.18 8.79 43.12
C SER GB 20 -84.41 9.09 43.96
N PRO GB 21 -85.55 8.48 43.63
CA PRO GB 21 -86.82 8.85 44.29
C PRO GB 21 -86.68 8.97 45.79
N PRO GB 22 -86.91 10.16 46.34
CA PRO GB 22 -87.06 10.27 47.79
C PRO GB 22 -88.35 9.60 48.21
N CYS GB 23 -88.42 9.20 49.47
CA CYS GB 23 -89.65 8.59 49.93
C CYS GB 23 -90.78 9.62 49.90
N PHE GB 24 -91.99 9.11 49.69
CA PHE GB 24 -93.18 9.94 49.66
C PHE GB 24 -93.70 10.04 51.08
N ILE GB 25 -94.04 11.25 51.52
CA ILE GB 25 -94.54 11.34 52.88
C ILE GB 25 -96.00 10.89 52.85
N CYS GB 26 -96.88 11.76 52.34
CA CYS GB 26 -98.23 11.39 51.92
C CYS GB 26 -98.96 12.62 51.40
N ARG GB 27 -99.85 12.45 50.43
CA ARG GB 27 -100.68 13.56 49.97
C ARG GB 27 -101.68 13.92 51.05
N GLY GB 28 -101.38 14.97 51.81
CA GLY GB 28 -102.25 15.40 52.90
C GLY GB 28 -101.62 15.21 54.26
N MET HB 1 -131.38 -41.12 106.77
CA MET HB 1 -131.65 -39.75 107.19
C MET HB 1 -132.46 -39.02 106.10
N VAL HB 2 -132.00 -37.86 105.66
CA VAL HB 2 -132.71 -37.03 104.69
C VAL HB 2 -131.73 -36.60 103.59
N LYS HB 3 -131.93 -37.14 102.39
CA LYS HB 3 -131.03 -36.86 101.26
C LYS HB 3 -131.00 -35.39 100.86
N LEU HB 4 -132.12 -34.69 101.03
CA LEU HB 4 -132.21 -33.23 100.86
C LEU HB 4 -131.70 -32.77 99.49
N ASN HB 5 -132.41 -33.19 98.43
CA ASN HB 5 -132.14 -32.70 97.08
C ASN HB 5 -132.73 -31.29 96.91
N CYS HB 6 -132.12 -30.51 96.01
CA CYS HB 6 -132.50 -29.10 95.89
C CYS HB 6 -133.09 -28.70 94.53
N ARG HB 7 -132.32 -28.89 93.44
CA ARG HB 7 -132.73 -28.46 92.10
C ARG HB 7 -133.04 -26.95 91.99
N PRO HB 8 -132.13 -26.03 92.37
CA PRO HB 8 -132.30 -24.59 92.08
C PRO HB 8 -132.92 -24.26 90.73
N LEU HB 9 -133.58 -23.11 90.66
CA LEU HB 9 -134.33 -22.74 89.47
C LEU HB 9 -133.68 -21.59 88.71
N CYS HB 10 -133.41 -20.47 89.39
CA CYS HB 10 -133.03 -19.21 88.75
C CYS HB 10 -132.12 -19.39 87.54
N GLN HB 11 -131.04 -20.17 87.71
CA GLN HB 11 -130.20 -20.61 86.60
C GLN HB 11 -129.30 -19.47 86.12
N ALA HB 12 -129.32 -18.34 86.82
CA ALA HB 12 -128.76 -17.07 86.39
C ALA HB 12 -127.39 -17.22 85.72
N PRO HB 13 -127.08 -16.39 84.73
CA PRO HB 13 -126.10 -16.79 83.70
C PRO HB 13 -124.63 -16.57 84.00
N THR HB 14 -123.82 -16.77 82.95
CA THR HB 14 -122.37 -16.84 83.02
C THR HB 14 -121.80 -15.59 82.35
N ALA HB 15 -120.50 -15.36 82.55
CA ALA HB 15 -119.86 -14.13 82.11
C ALA HB 15 -118.42 -14.32 81.61
N SER HB 16 -118.13 -15.43 80.92
CA SER HB 16 -116.80 -15.67 80.37
C SER HB 16 -116.29 -14.44 79.61
N ARG HB 17 -115.10 -13.95 80.01
CA ARG HB 17 -114.54 -12.71 79.47
C ARG HB 17 -113.62 -12.93 78.28
N LEU HB 18 -113.49 -14.16 77.78
CA LEU HB 18 -112.85 -14.48 76.51
C LEU HB 18 -111.66 -13.58 76.19
N VAL HB 19 -110.66 -13.54 77.08
CA VAL HB 19 -109.53 -12.64 76.88
C VAL HB 19 -108.62 -13.24 75.82
N SER HB 20 -107.67 -12.46 75.32
CA SER HB 20 -106.87 -12.86 74.17
C SER HB 20 -105.55 -12.10 74.21
N PRO HB 21 -104.52 -12.61 73.53
CA PRO HB 21 -103.18 -12.00 73.57
C PRO HB 21 -103.23 -10.49 73.36
N PRO HB 22 -102.62 -9.72 74.26
CA PRO HB 22 -102.50 -8.27 74.04
C PRO HB 22 -101.50 -7.95 72.94
N CYS HB 23 -101.19 -6.68 72.72
CA CYS HB 23 -100.30 -6.26 71.64
C CYS HB 23 -98.86 -6.48 72.07
N PHE HB 24 -98.01 -6.89 71.12
CA PHE HB 24 -96.61 -7.16 71.41
C PHE HB 24 -95.85 -5.91 71.85
N ILE HB 25 -95.55 -5.83 73.13
CA ILE HB 25 -94.72 -4.78 73.68
C ILE HB 25 -93.28 -5.28 73.74
N CYS HB 26 -92.34 -4.41 73.40
CA CYS HB 26 -90.93 -4.79 73.41
C CYS HB 26 -90.50 -5.31 74.78
N ARG HB 27 -89.73 -6.38 74.77
CA ARG HB 27 -89.11 -6.91 75.99
C ARG HB 27 -87.91 -6.05 76.34
N GLY HB 28 -88.02 -5.28 77.42
CA GLY HB 28 -86.96 -4.38 77.81
C GLY HB 28 -86.85 -3.15 76.93
N MET IB 1 -130.49 34.10 9.01
CA MET IB 1 -129.87 35.40 9.23
C MET IB 1 -128.35 35.30 9.22
N VAL IB 2 -127.72 35.87 10.25
CA VAL IB 2 -126.27 35.78 10.38
C VAL IB 2 -125.88 34.41 10.90
N LYS IB 3 -125.40 33.54 10.00
CA LYS IB 3 -124.95 32.20 10.35
C LYS IB 3 -123.56 32.25 10.98
N LEU IB 4 -123.47 32.80 12.19
CA LEU IB 4 -122.20 32.93 12.89
C LEU IB 4 -121.49 31.59 12.99
N ASN IB 5 -120.15 31.62 12.92
CA ASN IB 5 -119.37 30.39 12.92
C ASN IB 5 -118.53 30.28 14.18
N CYS IB 6 -117.81 31.36 14.54
CA CYS IB 6 -117.24 31.47 15.88
C CYS IB 6 -116.18 30.43 16.23
N ARG IB 7 -114.93 30.64 15.82
CA ARG IB 7 -113.89 29.63 15.96
C ARG IB 7 -112.52 30.29 16.13
N PRO IB 8 -111.67 29.77 17.04
CA PRO IB 8 -110.49 30.52 17.51
C PRO IB 8 -109.17 30.19 16.85
N LEU IB 9 -108.24 31.16 16.83
CA LEU IB 9 -106.88 30.89 16.38
C LEU IB 9 -106.07 30.17 17.44
N CYS IB 10 -105.85 30.83 18.58
CA CYS IB 10 -105.12 30.24 19.68
C CYS IB 10 -106.06 29.38 20.53
N GLN IB 11 -105.44 28.60 21.41
CA GLN IB 11 -106.13 27.92 22.49
C GLN IB 11 -105.08 27.45 23.49
N ALA IB 12 -105.30 27.73 24.76
CA ALA IB 12 -104.38 27.25 25.78
C ALA IB 12 -104.56 25.74 25.90
N PRO IB 13 -103.73 25.03 26.67
CA PRO IB 13 -104.03 23.62 26.90
C PRO IB 13 -105.03 23.46 28.04
N THR IB 14 -105.45 22.24 28.30
CA THR IB 14 -106.46 21.99 29.33
C THR IB 14 -105.76 21.70 30.65
N ALA IB 15 -105.09 22.73 31.17
CA ALA IB 15 -104.36 22.61 32.43
C ALA IB 15 -105.25 22.00 33.48
N SER IB 16 -104.91 20.78 33.92
CA SER IB 16 -105.74 20.02 34.83
C SER IB 16 -104.84 19.24 35.77
N ARG IB 17 -105.39 18.85 36.90
CA ARG IB 17 -104.67 18.20 37.96
C ARG IB 17 -105.08 16.73 38.02
N LEU IB 18 -104.54 16.00 38.98
CA LEU IB 18 -104.89 14.59 39.16
C LEU IB 18 -105.06 14.34 40.65
N VAL IB 19 -106.31 14.26 41.10
CA VAL IB 19 -106.56 13.82 42.47
C VAL IB 19 -106.31 12.32 42.51
N SER IB 20 -105.69 11.87 43.58
CA SER IB 20 -105.50 10.46 43.85
C SER IB 20 -105.91 10.22 45.28
N PRO IB 21 -106.49 9.06 45.58
CA PRO IB 21 -106.96 8.81 46.93
C PRO IB 21 -105.87 9.07 47.94
N PRO IB 22 -106.02 10.14 48.73
CA PRO IB 22 -104.93 10.69 49.52
C PRO IB 22 -104.81 10.08 50.90
N CYS IB 23 -104.00 10.72 51.74
CA CYS IB 23 -103.68 10.29 53.10
C CYS IB 23 -104.84 9.67 53.86
N PHE IB 24 -104.62 8.46 54.36
CA PHE IB 24 -105.62 7.67 55.08
C PHE IB 24 -105.26 7.70 56.56
N ILE IB 25 -105.81 8.67 57.28
CA ILE IB 25 -105.66 8.75 58.73
C ILE IB 25 -106.28 7.51 59.36
N CYS IB 26 -107.08 6.77 58.59
CA CYS IB 26 -107.71 5.54 59.09
C CYS IB 26 -108.52 5.82 60.36
N ARG IB 27 -109.84 5.83 60.21
CA ARG IB 27 -110.82 6.49 61.08
C ARG IB 27 -110.46 6.47 62.57
N GLY IB 28 -110.76 7.55 63.28
CA GLY IB 28 -110.44 7.63 64.69
C GLY IB 28 -111.63 8.13 65.47
N MET JB 1 -167.88 -3.94 59.24
CA MET JB 1 -167.38 -2.81 60.03
C MET JB 1 -166.24 -2.18 59.22
N VAL JB 2 -166.34 -0.89 58.88
CA VAL JB 2 -165.46 -0.23 57.90
C VAL JB 2 -163.98 -0.57 58.14
N LYS JB 3 -163.27 -0.92 57.07
CA LYS JB 3 -161.83 -1.12 57.19
C LYS JB 3 -161.09 0.20 56.96
N LEU JB 4 -159.75 0.16 56.98
CA LEU JB 4 -158.96 1.38 56.91
C LEU JB 4 -157.64 1.23 56.16
N ASN JB 5 -157.65 0.64 54.96
CA ASN JB 5 -156.42 0.52 54.16
C ASN JB 5 -155.72 1.86 54.04
N CYS JB 6 -154.38 1.87 54.06
CA CYS JB 6 -153.65 3.13 54.07
C CYS JB 6 -152.75 3.28 52.85
N ARG JB 7 -151.88 2.28 52.61
CA ARG JB 7 -150.83 2.30 51.59
C ARG JB 7 -150.31 3.71 51.41
N PRO JB 8 -149.70 4.31 52.43
CA PRO JB 8 -149.58 5.78 52.49
C PRO JB 8 -148.87 6.42 51.32
N LEU JB 9 -148.97 7.74 51.25
CA LEU JB 9 -148.42 8.46 50.10
C LEU JB 9 -146.91 8.70 50.06
N CYS JB 10 -146.49 9.92 50.37
CA CYS JB 10 -145.06 10.28 50.26
C CYS JB 10 -144.05 9.27 50.77
N GLN JB 11 -142.82 9.36 50.28
CA GLN JB 11 -141.77 8.44 50.74
C GLN JB 11 -140.49 9.15 51.17
N ALA JB 12 -140.14 9.06 52.45
CA ALA JB 12 -138.92 9.62 52.98
C ALA JB 12 -137.79 8.63 52.76
N PRO JB 13 -136.75 9.01 52.02
CA PRO JB 13 -135.57 8.15 51.94
C PRO JB 13 -134.98 7.95 53.33
N THR JB 14 -134.34 6.81 53.51
CA THR JB 14 -133.52 6.61 54.71
C THR JB 14 -132.21 7.35 54.45
N ALA JB 15 -131.19 7.16 55.29
CA ALA JB 15 -129.91 7.78 55.03
C ALA JB 15 -128.81 6.76 55.21
N SER JB 16 -128.61 6.29 56.44
CA SER JB 16 -127.61 5.23 56.76
C SER JB 16 -126.29 5.68 57.37
N ARG JB 17 -125.87 4.99 58.41
CA ARG JB 17 -124.59 5.26 59.05
C ARG JB 17 -123.61 4.10 58.93
N LEU JB 18 -123.57 3.44 57.77
CA LEU JB 18 -122.73 2.27 57.50
C LEU JB 18 -121.35 2.36 58.14
N VAL JB 19 -120.94 1.30 58.84
CA VAL JB 19 -119.91 1.35 59.88
C VAL JB 19 -118.50 1.18 59.34
N SER JB 20 -118.20 0.02 58.76
CA SER JB 20 -116.82 -0.30 58.43
C SER JB 20 -115.94 -0.18 59.67
N PRO JB 21 -115.89 -1.22 60.51
CA PRO JB 21 -115.31 -1.13 61.88
C PRO JB 21 -114.10 -0.21 61.98
N PRO JB 22 -114.07 0.65 63.00
CA PRO JB 22 -113.01 1.67 63.10
C PRO JB 22 -111.63 1.04 63.21
N CYS JB 23 -110.63 1.92 63.15
CA CYS JB 23 -109.23 1.51 63.11
C CYS JB 23 -108.64 1.50 64.51
N PHE JB 24 -108.09 0.34 64.89
CA PHE JB 24 -107.39 0.19 66.16
C PHE JB 24 -106.76 -1.20 66.25
N ILE JB 25 -105.83 -1.39 67.19
CA ILE JB 25 -105.47 -2.72 67.65
C ILE JB 25 -105.27 -2.69 69.17
N CYS JB 26 -105.20 -1.48 69.73
CA CYS JB 26 -104.76 -1.32 71.10
C CYS JB 26 -105.71 -2.04 72.07
N ARG JB 27 -105.14 -2.48 73.19
CA ARG JB 27 -105.87 -3.25 74.19
C ARG JB 27 -105.57 -2.70 75.58
N GLY JB 28 -104.55 -1.87 75.69
CA GLY JB 28 -104.16 -1.28 76.96
C GLY JB 28 -102.71 -0.84 76.96
N MET KB 1 -59.21 -45.00 103.95
CA MET KB 1 -59.94 -45.79 102.97
C MET KB 1 -61.33 -45.20 102.77
N VAL KB 2 -61.37 -43.89 102.54
CA VAL KB 2 -62.60 -43.12 102.45
C VAL KB 2 -63.62 -43.75 101.49
N LYS KB 3 -63.25 -43.95 100.23
CA LYS KB 3 -64.14 -44.48 99.17
C LYS KB 3 -65.54 -43.88 99.29
N LEU KB 4 -65.60 -42.58 99.60
CA LEU KB 4 -66.83 -41.99 100.11
C LEU KB 4 -67.82 -41.68 99.00
N ASN KB 5 -68.38 -42.71 98.38
CA ASN KB 5 -69.50 -42.51 97.47
C ASN KB 5 -70.65 -41.86 98.22
N CYS KB 6 -71.36 -40.96 97.53
CA CYS KB 6 -72.35 -40.16 98.21
C CYS KB 6 -73.30 -39.55 97.18
N ARG KB 7 -74.49 -39.19 97.66
CA ARG KB 7 -75.48 -38.49 96.87
C ARG KB 7 -76.26 -37.58 97.80
N PRO KB 8 -76.94 -36.56 97.26
CA PRO KB 8 -77.75 -35.70 98.13
C PRO KB 8 -79.17 -36.20 98.31
N LEU KB 9 -79.96 -35.47 99.10
CA LEU KB 9 -81.40 -35.62 99.07
C LEU KB 9 -81.96 -34.76 97.94
N CYS KB 10 -83.28 -34.61 97.91
CA CYS KB 10 -83.98 -33.92 96.84
C CYS KB 10 -83.24 -32.69 96.31
N GLN KB 11 -83.23 -32.54 94.99
CA GLN KB 11 -82.55 -31.46 94.30
C GLN KB 11 -83.40 -30.21 94.47
N ALA KB 12 -83.23 -29.22 93.62
CA ALA KB 12 -83.84 -27.93 93.91
C ALA KB 12 -84.21 -27.24 92.60
N PRO KB 13 -84.90 -26.08 92.62
CA PRO KB 13 -85.51 -25.59 91.37
C PRO KB 13 -84.59 -25.48 90.16
N THR KB 14 -85.23 -25.31 89.00
CA THR KB 14 -84.53 -25.31 87.71
C THR KB 14 -84.93 -24.10 86.90
N ALA KB 15 -85.49 -23.08 87.55
CA ALA KB 15 -86.03 -21.92 86.88
C ALA KB 15 -84.90 -21.10 86.28
N SER KB 16 -84.64 -21.32 85.00
CA SER KB 16 -83.68 -20.51 84.26
C SER KB 16 -84.46 -19.45 83.50
N ARG KB 17 -84.08 -18.19 83.71
CA ARG KB 17 -84.76 -17.08 83.06
C ARG KB 17 -84.78 -17.32 81.56
N LEU KB 18 -85.97 -17.56 80.99
CA LEU KB 18 -86.07 -17.86 79.57
C LEU KB 18 -86.03 -16.56 78.78
N VAL KB 19 -84.95 -15.82 78.90
CA VAL KB 19 -84.76 -14.59 78.13
C VAL KB 19 -84.70 -14.99 76.66
N SER KB 20 -84.99 -14.04 75.77
CA SER KB 20 -85.12 -14.35 74.36
C SER KB 20 -84.70 -13.11 73.56
N PRO KB 21 -84.32 -13.27 72.30
CA PRO KB 21 -83.90 -12.12 71.49
C PRO KB 21 -84.90 -11.00 71.57
N PRO KB 22 -84.47 -9.82 71.96
CA PRO KB 22 -85.38 -8.68 72.13
C PRO KB 22 -85.72 -8.10 70.76
N CYS KB 23 -86.45 -6.99 70.76
CA CYS KB 23 -86.69 -6.29 69.51
C CYS KB 23 -85.38 -5.70 69.00
N PHE KB 24 -85.22 -5.73 67.68
CA PHE KB 24 -84.09 -5.09 67.02
C PHE KB 24 -84.26 -3.57 67.12
N ILE KB 25 -83.32 -2.88 67.78
CA ILE KB 25 -83.59 -1.48 68.03
C ILE KB 25 -83.28 -0.66 66.78
N CYS KB 26 -82.00 -0.32 66.59
CA CYS KB 26 -81.41 0.25 65.37
C CYS KB 26 -79.91 0.42 65.55
N ARG KB 27 -79.08 -0.21 64.73
CA ARG KB 27 -77.68 0.24 64.75
C ARG KB 27 -77.61 1.64 64.14
N GLY KB 28 -77.41 2.65 64.99
CA GLY KB 28 -77.35 4.02 64.53
C GLY KB 28 -77.90 5.00 65.56
N MET LB 1 -23.38 -8.38 53.07
CA MET LB 1 -24.56 -9.15 52.68
C MET LB 1 -24.98 -10.10 53.78
N VAL LB 2 -25.45 -9.54 54.88
CA VAL LB 2 -25.90 -10.31 56.02
C VAL LB 2 -27.41 -10.17 56.16
N LYS LB 3 -28.16 -11.11 55.58
CA LYS LB 3 -29.61 -11.05 55.59
C LYS LB 3 -30.17 -11.16 57.00
N LEU LB 4 -31.37 -10.62 57.22
CA LEU LB 4 -32.08 -10.77 58.48
C LEU LB 4 -33.47 -11.33 58.19
N ASN LB 5 -34.11 -11.86 59.23
CA ASN LB 5 -35.44 -12.46 59.08
C ASN LB 5 -36.11 -12.46 60.44
N CYS LB 6 -37.35 -12.90 60.51
CA CYS LB 6 -38.04 -12.79 61.79
C CYS LB 6 -38.95 -13.93 62.22
N ARG LB 7 -40.24 -13.83 61.91
CA ARG LB 7 -41.21 -14.81 62.40
C ARG LB 7 -41.34 -14.54 63.89
N PRO LB 8 -42.50 -14.05 64.31
CA PRO LB 8 -42.61 -13.66 65.72
C PRO LB 8 -42.78 -14.86 66.63
N LEU LB 9 -43.02 -14.61 67.92
CA LEU LB 9 -43.05 -15.70 68.89
C LEU LB 9 -44.47 -15.95 69.39
N CYS LB 10 -45.14 -14.93 69.93
CA CYS LB 10 -46.56 -15.04 70.23
C CYS LB 10 -47.34 -14.12 69.30
N GLN LB 11 -48.50 -14.58 68.86
CA GLN LB 11 -49.26 -13.79 67.90
C GLN LB 11 -50.02 -12.67 68.60
N ALA LB 12 -50.95 -12.08 67.87
CA ALA LB 12 -51.63 -10.83 68.22
C ALA LB 12 -52.97 -10.85 67.50
N PRO LB 13 -53.95 -11.66 67.97
CA PRO LB 13 -55.18 -11.93 67.21
C PRO LB 13 -55.87 -10.71 66.60
N THR LB 14 -56.88 -10.93 65.75
CA THR LB 14 -57.27 -9.90 64.80
C THR LB 14 -58.76 -9.57 64.86
N ALA LB 15 -59.25 -9.41 66.09
CA ALA LB 15 -60.63 -8.99 66.32
C ALA LB 15 -60.87 -7.60 65.75
N SER LB 16 -62.04 -7.42 65.13
CA SER LB 16 -62.36 -6.21 64.40
C SER LB 16 -63.87 -6.12 64.23
N ARG LB 17 -64.41 -4.92 64.34
CA ARG LB 17 -65.84 -4.72 64.19
C ARG LB 17 -66.31 -5.15 62.81
N LEU LB 18 -67.57 -5.57 62.74
CA LEU LB 18 -68.15 -6.12 61.52
C LEU LB 18 -69.28 -5.24 61.02
N VAL LB 19 -69.02 -3.93 60.93
CA VAL LB 19 -70.04 -2.94 60.62
C VAL LB 19 -70.86 -3.35 59.40
N SER LB 20 -72.14 -2.98 59.42
CA SER LB 20 -73.11 -3.40 58.42
C SER LB 20 -73.95 -2.19 58.05
N PRO LB 21 -74.59 -2.21 56.88
CA PRO LB 21 -75.52 -1.13 56.51
C PRO LB 21 -76.51 -0.84 57.63
N PRO LB 22 -76.58 0.41 58.08
CA PRO LB 22 -77.48 0.74 59.20
C PRO LB 22 -78.93 0.80 58.78
N CYS LB 23 -79.79 1.23 59.71
CA CYS LB 23 -81.22 1.39 59.44
C CYS LB 23 -81.46 2.23 58.19
N PHE LB 24 -82.47 1.84 57.41
CA PHE LB 24 -82.83 2.58 56.21
C PHE LB 24 -83.15 4.04 56.55
N ILE LB 25 -82.54 4.96 55.80
CA ILE LB 25 -82.81 6.38 55.95
C ILE LB 25 -83.26 6.91 54.59
N CYS LB 26 -84.06 7.97 54.63
CA CYS LB 26 -84.55 8.63 53.44
C CYS LB 26 -83.90 9.99 53.28
N ARG LB 27 -83.59 10.34 52.04
CA ARG LB 27 -82.95 11.62 51.71
C ARG LB 27 -84.00 12.72 51.73
N GLY LB 28 -84.28 13.21 52.93
CA GLY LB 28 -85.25 14.28 53.11
C GLY LB 28 -85.80 14.36 54.52
#